data_2I2X
#
_entry.id   2I2X
#
_cell.length_a   101.750
_cell.length_b   172.850
_cell.length_c   190.540
_cell.angle_alpha   90.00
_cell.angle_beta   98.86
_cell.angle_gamma   90.00
#
_symmetry.space_group_name_H-M   'P 1 21 1'
#
loop_
_entity.id
_entity.type
_entity.pdbx_description
1 polymer 'Methyltransferase 1'
2 polymer 'Methyltransferase 1'
3 non-polymer 'ZINC ION'
4 non-polymer 'POTASSIUM ION'
5 non-polymer 5-HYDROXYBENZIMIDAZOLYLCOB(III)AMIDE
6 water water
#
loop_
_entity_poly.entity_id
_entity_poly.type
_entity_poly.pdbx_seq_one_letter_code
_entity_poly.pdbx_strand_id
1 'polypeptide(L)'
;MAAKRYTSMAYANADEMTFGVSKYPVKAGLDLEIGAGYTIPEINYAPRPEAGASKEKLIKEYERITTDVMERMVQVGFPA
IILETEHVQQMSNNPSWGAEVAHAQKTIMEKYHDEYGIKCALRHTIGDIRENREFLQLRGDKYSVFLEAFEQCAENGADL
LSVESMGGKEVFDYAVLRNDIPGLLYSIGCLGSIDMELIWTDISKIAKKTGTISAGDTDCAQANTAMFIGGGLLNKNLAH
TIAVIARAISAPRSLVAYEAGAVGPGKDCGYENIIVKAITGMPMTMEGKTSTCAHSDVMGNLVMQCCDCWSNESVEYHGE
FGGTTVQCWSETLAYDCALMNTALETKNDKVLRDLMMLSDRYRDPQAYMLAYDNAYRVGQSIVKDGDNIYLRAKNAAIEC
CNIIEEGAAGKLELSRFETKALADAKAALEALPDDMDKFMDDCLTKYKSEVKVFKPENYGF
;
A,C,E,G,I,K,M,O
2 'polypeptide(L)'
;MLDFTEASLKKVLTRYNVALEKALTPEEAAEELYPKDELIYPIAKAIFEGEEDDVVEGLQAAIEAGKDPIDLIDDALMVG
MGVVIRLYDEGVIFLPNVMMSADAMLEGIEYCKENSGATPKTKGTVVCHVAEGDVHDIGKNIVTALLRANGYNVVDLGRD
VPAEEVLAAVQKEKPIMLTGTALMTTTMYAFKEVNDMLLENGIKIPFACGGGAVNQDFVSQFALGVYGEEAADAPKIADA
IIAGTTDVTELREKFHKH
;
B,D,F,H,J,L,N,P
#
# COMPACT_ATOMS: atom_id res chain seq x y z
N ALA A 3 -6.43 -21.98 -47.47
CA ALA A 3 -7.92 -22.04 -47.49
C ALA A 3 -8.51 -20.77 -46.84
N LYS A 4 -8.46 -20.65 -45.51
CA LYS A 4 -9.10 -19.51 -44.83
C LYS A 4 -8.07 -18.56 -44.17
N ARG A 5 -7.82 -17.43 -44.80
CA ARG A 5 -6.63 -16.64 -44.49
C ARG A 5 -6.74 -15.71 -43.29
N TYR A 6 -5.64 -15.49 -42.58
CA TYR A 6 -5.64 -14.65 -41.39
C TYR A 6 -5.51 -13.19 -41.76
N THR A 7 -6.40 -12.36 -41.23
CA THR A 7 -6.38 -10.92 -41.50
C THR A 7 -6.46 -10.15 -40.21
N SER A 8 -6.34 -10.88 -39.10
CA SER A 8 -6.24 -10.23 -37.79
C SER A 8 -5.39 -11.10 -36.87
N MET A 9 -4.98 -10.52 -35.73
CA MET A 9 -4.14 -11.18 -34.72
C MET A 9 -5.01 -11.77 -33.61
N ALA A 10 -4.75 -13.02 -33.22
CA ALA A 10 -5.39 -13.67 -32.08
C ALA A 10 -5.19 -12.94 -30.76
N TYR A 11 -4.03 -12.32 -30.60
CA TYR A 11 -3.70 -11.63 -29.40
C TYR A 11 -3.77 -10.12 -29.65
N ALA A 12 -4.23 -9.34 -28.68
CA ALA A 12 -4.36 -7.90 -28.84
C ALA A 12 -3.01 -7.18 -28.86
N ASN A 13 -2.00 -7.73 -28.18
CA ASN A 13 -0.64 -7.18 -28.15
C ASN A 13 0.34 -8.27 -27.68
N ALA A 14 1.64 -8.03 -27.83
CA ALA A 14 2.69 -9.03 -27.51
C ALA A 14 2.70 -9.47 -26.05
N ASP A 15 2.34 -8.55 -25.16
CA ASP A 15 2.42 -8.80 -23.74
C ASP A 15 1.41 -9.82 -23.23
N GLU A 16 0.45 -10.19 -24.07
CA GLU A 16 -0.56 -11.20 -23.73
C GLU A 16 0.00 -12.61 -23.94
N MET A 17 1.05 -12.69 -24.74
CA MET A 17 1.69 -13.97 -25.02
C MET A 17 2.57 -14.49 -23.86
N THR A 18 2.48 -15.79 -23.63
CA THR A 18 3.26 -16.42 -22.61
C THR A 18 3.49 -17.88 -22.99
N PHE A 19 4.35 -18.56 -22.22
CA PHE A 19 4.59 -19.97 -22.47
C PHE A 19 3.54 -20.89 -21.79
N GLY A 20 3.32 -22.07 -22.35
CA GLY A 20 2.37 -23.04 -21.81
C GLY A 20 0.90 -22.67 -21.91
N VAL A 21 0.64 -21.46 -22.38
CA VAL A 21 -0.74 -21.15 -22.71
C VAL A 21 -0.95 -20.61 -24.12
N SER A 22 -1.96 -21.14 -24.74
CA SER A 22 -2.40 -20.52 -25.97
C SER A 22 -3.89 -20.31 -25.92
N LYS A 23 -4.34 -19.34 -26.73
CA LYS A 23 -5.75 -18.99 -26.80
C LYS A 23 -6.62 -20.19 -27.17
N TYR A 24 -6.13 -21.04 -28.08
CA TYR A 24 -6.90 -22.18 -28.56
C TYR A 24 -6.24 -23.52 -28.24
N PRO A 25 -6.41 -24.01 -26.99
CA PRO A 25 -5.67 -25.22 -26.62
C PRO A 25 -6.00 -26.45 -27.49
N VAL A 26 -5.13 -27.46 -27.47
CA VAL A 26 -5.35 -28.71 -28.22
C VAL A 26 -5.40 -29.89 -27.24
N LYS A 27 -6.49 -30.64 -27.28
CA LYS A 27 -6.69 -31.84 -26.47
C LYS A 27 -6.30 -33.05 -27.34
N ALA A 28 -5.58 -34.04 -26.78
CA ALA A 28 -5.07 -35.17 -27.61
C ALA A 28 -4.44 -36.29 -26.78
N GLY A 29 -4.31 -37.46 -27.38
CA GLY A 29 -3.65 -38.60 -26.77
C GLY A 29 -4.27 -39.03 -25.47
N LEU A 30 -3.40 -39.41 -24.54
CA LEU A 30 -3.83 -39.98 -23.29
C LEU A 30 -3.92 -38.90 -22.24
N ASP A 31 -5.07 -38.23 -22.21
CA ASP A 31 -5.36 -37.24 -21.16
C ASP A 31 -4.41 -36.01 -21.21
N LEU A 32 -3.81 -35.75 -22.37
CA LEU A 32 -2.90 -34.62 -22.55
C LEU A 32 -3.59 -33.35 -23.07
N GLU A 33 -3.11 -32.19 -22.63
CA GLU A 33 -3.61 -30.94 -23.17
C GLU A 33 -2.48 -29.97 -23.43
N ILE A 34 -2.56 -29.31 -24.58
CA ILE A 34 -1.47 -28.50 -25.09
C ILE A 34 -1.90 -27.05 -25.21
N GLY A 35 -1.12 -26.16 -24.60
CA GLY A 35 -1.44 -24.75 -24.51
C GLY A 35 -2.50 -24.50 -23.46
N ALA A 36 -2.65 -25.47 -22.55
CA ALA A 36 -3.68 -25.44 -21.51
C ALA A 36 -3.22 -24.98 -20.10
N GLY A 37 -2.12 -24.25 -19.99
CA GLY A 37 -1.67 -23.88 -18.64
C GLY A 37 -0.47 -24.71 -18.17
N TYR A 38 0.21 -25.43 -19.08
CA TYR A 38 1.48 -26.08 -18.75
C TYR A 38 2.33 -26.44 -19.98
N THR A 39 3.63 -26.22 -19.89
CA THR A 39 4.54 -26.63 -20.95
C THR A 39 4.77 -28.13 -20.90
N ILE A 40 5.05 -28.75 -22.05
CA ILE A 40 5.26 -30.19 -22.11
C ILE A 40 6.54 -30.54 -22.85
N PRO A 41 7.38 -31.43 -22.27
CA PRO A 41 8.56 -31.83 -23.02
C PRO A 41 8.19 -32.74 -24.19
N GLU A 42 8.91 -32.59 -25.30
CA GLU A 42 8.69 -33.39 -26.50
C GLU A 42 10.04 -33.98 -26.90
N ILE A 43 10.19 -35.29 -26.74
CA ILE A 43 11.48 -35.92 -27.01
C ILE A 43 11.54 -36.49 -28.43
N ASN A 44 12.69 -36.25 -29.07
CA ASN A 44 12.97 -36.71 -30.44
C ASN A 44 14.17 -37.64 -30.41
N TYR A 45 14.37 -38.38 -31.50
CA TYR A 45 15.31 -39.52 -31.54
C TYR A 45 15.42 -40.06 -32.96
N ALA A 46 16.57 -40.65 -33.29
CA ALA A 46 16.80 -41.35 -34.55
C ALA A 46 17.40 -42.72 -34.18
N PRO A 47 16.85 -43.81 -34.75
CA PRO A 47 17.44 -45.11 -34.52
C PRO A 47 18.87 -45.19 -35.10
N ARG A 48 19.63 -46.19 -34.67
CA ARG A 48 20.97 -46.38 -35.21
C ARG A 48 20.85 -46.94 -36.64
N PRO A 49 21.89 -46.76 -37.51
CA PRO A 49 21.85 -47.32 -38.88
C PRO A 49 21.45 -48.80 -38.92
N GLU A 50 22.01 -49.60 -37.99
CA GLU A 50 21.72 -51.03 -37.91
C GLU A 50 20.23 -51.32 -37.75
N ALA A 51 19.51 -50.45 -37.06
CA ALA A 51 18.08 -50.68 -36.84
C ALA A 51 17.26 -50.60 -38.14
N GLY A 52 17.82 -49.97 -39.16
CA GLY A 52 17.16 -49.90 -40.45
C GLY A 52 17.24 -51.15 -41.34
N ALA A 53 17.98 -52.17 -40.93
CA ALA A 53 18.05 -53.42 -41.71
C ALA A 53 16.65 -53.95 -42.08
N SER A 54 15.92 -54.42 -41.08
CA SER A 54 14.59 -54.97 -41.29
C SER A 54 13.57 -54.15 -40.50
N LYS A 55 12.31 -54.29 -40.90
CA LYS A 55 11.20 -53.72 -40.17
C LYS A 55 11.18 -54.10 -38.70
N GLU A 56 11.55 -55.34 -38.40
CA GLU A 56 11.41 -55.84 -37.05
C GLU A 56 12.47 -55.24 -36.09
N LYS A 57 13.68 -55.07 -36.62
CA LYS A 57 14.75 -54.41 -35.88
C LYS A 57 14.40 -52.93 -35.62
N LEU A 58 13.76 -52.29 -36.59
CA LEU A 58 13.29 -50.92 -36.48
C LEU A 58 12.22 -50.75 -35.39
N ILE A 59 11.17 -51.56 -35.48
CA ILE A 59 10.12 -51.63 -34.47
C ILE A 59 10.73 -51.87 -33.09
N LYS A 60 11.71 -52.77 -33.04
CA LYS A 60 12.40 -53.08 -31.80
C LYS A 60 13.12 -51.86 -31.19
N GLU A 61 13.90 -51.16 -32.01
CA GLU A 61 14.63 -49.98 -31.58
C GLU A 61 13.67 -48.93 -31.00
N TYR A 62 12.55 -48.70 -31.68
CA TYR A 62 11.55 -47.74 -31.22
C TYR A 62 10.87 -48.20 -29.94
N GLU A 63 10.71 -49.50 -29.78
CA GLU A 63 10.22 -50.02 -28.50
C GLU A 63 11.20 -49.72 -27.39
N ARG A 64 12.48 -49.82 -27.68
CA ARG A 64 13.47 -49.57 -26.64
C ARG A 64 13.45 -48.09 -26.27
N ILE A 65 13.31 -47.24 -27.29
CA ILE A 65 13.31 -45.79 -27.13
C ILE A 65 12.11 -45.42 -26.23
N THR A 66 10.95 -46.00 -26.56
CA THR A 66 9.70 -45.65 -25.91
C THR A 66 9.75 -46.10 -24.47
N THR A 67 10.15 -47.33 -24.24
CA THR A 67 10.29 -47.82 -22.90
C THR A 67 11.25 -46.95 -22.13
N ASP A 68 12.41 -46.62 -22.69
CA ASP A 68 13.41 -45.83 -21.95
C ASP A 68 12.93 -44.45 -21.49
N VAL A 69 12.22 -43.76 -22.37
CA VAL A 69 11.60 -42.49 -22.11
C VAL A 69 10.52 -42.59 -21.03
N MET A 70 9.56 -43.51 -21.19
CA MET A 70 8.46 -43.56 -20.21
C MET A 70 9.03 -43.91 -18.80
N GLU A 71 9.95 -44.84 -18.76
CA GLU A 71 10.55 -45.29 -17.53
C GLU A 71 11.19 -44.08 -16.85
N ARG A 72 12.00 -43.31 -17.57
CA ARG A 72 12.64 -42.17 -16.97
C ARG A 72 11.66 -41.17 -16.41
N MET A 73 10.61 -40.85 -17.17
CA MET A 73 9.67 -39.83 -16.78
C MET A 73 9.04 -40.19 -15.43
N VAL A 74 8.70 -41.47 -15.23
CA VAL A 74 8.00 -41.84 -14.00
C VAL A 74 9.00 -41.94 -12.84
N GLN A 75 10.26 -42.27 -13.15
CA GLN A 75 11.29 -42.33 -12.13
C GLN A 75 11.64 -40.96 -11.58
N VAL A 76 11.40 -39.90 -12.33
CA VAL A 76 11.82 -38.59 -11.85
C VAL A 76 10.58 -37.76 -11.46
N GLY A 77 9.40 -38.34 -11.64
CA GLY A 77 8.16 -37.71 -11.19
C GLY A 77 7.53 -36.74 -12.19
N PHE A 78 7.94 -36.81 -13.44
CA PHE A 78 7.40 -35.85 -14.44
C PHE A 78 5.97 -36.21 -14.81
N PRO A 79 5.07 -35.22 -14.83
CA PRO A 79 3.64 -35.51 -15.03
C PRO A 79 3.18 -35.67 -16.50
N ALA A 80 4.02 -35.29 -17.47
CA ALA A 80 3.60 -35.31 -18.90
C ALA A 80 4.76 -35.41 -19.89
N ILE A 81 4.48 -35.98 -21.05
CA ILE A 81 5.52 -36.11 -22.03
C ILE A 81 4.94 -36.38 -23.41
N ILE A 82 5.55 -35.83 -24.46
CA ILE A 82 5.17 -36.18 -25.83
C ILE A 82 6.36 -36.86 -26.50
N LEU A 83 6.13 -37.97 -27.19
CA LEU A 83 7.18 -38.58 -28.01
C LEU A 83 6.97 -38.19 -29.48
N GLU A 84 8.02 -37.71 -30.14
CA GLU A 84 7.93 -37.46 -31.54
C GLU A 84 8.82 -38.41 -32.35
N THR A 85 8.18 -39.19 -33.23
CA THR A 85 8.88 -40.05 -34.16
C THR A 85 8.95 -39.42 -35.55
N GLU A 86 10.14 -38.97 -35.94
CA GLU A 86 10.35 -38.49 -37.30
C GLU A 86 10.68 -39.65 -38.18
N HIS A 87 9.76 -40.05 -39.05
CA HIS A 87 9.98 -41.16 -39.98
C HIS A 87 11.36 -41.16 -40.61
N VAL A 88 12.11 -42.25 -40.48
CA VAL A 88 13.14 -42.57 -41.49
C VAL A 88 12.40 -42.82 -42.80
N GLN A 89 13.08 -42.62 -43.94
CA GLN A 89 12.37 -42.59 -45.23
C GLN A 89 11.56 -43.86 -45.47
N GLN A 90 12.11 -44.99 -45.03
CA GLN A 90 11.48 -46.27 -45.27
C GLN A 90 10.15 -46.43 -44.57
N MET A 91 9.95 -45.68 -43.49
CA MET A 91 8.69 -45.73 -42.75
C MET A 91 7.55 -45.01 -43.47
N SER A 92 7.92 -44.14 -44.40
CA SER A 92 6.95 -43.34 -45.11
C SER A 92 6.67 -43.94 -46.47
N ASN A 93 7.72 -44.43 -47.13
CA ASN A 93 7.63 -45.11 -48.43
C ASN A 93 6.87 -46.41 -48.37
N ASN A 94 6.88 -47.06 -47.21
CA ASN A 94 6.04 -48.22 -46.91
C ASN A 94 5.13 -47.84 -45.78
N PRO A 95 3.96 -47.26 -46.10
CA PRO A 95 3.06 -46.78 -45.04
C PRO A 95 2.88 -47.71 -43.81
N SER A 96 2.80 -49.01 -44.02
CA SER A 96 2.50 -49.93 -42.92
C SER A 96 3.68 -50.01 -41.90
N TRP A 97 4.89 -49.71 -42.37
CA TRP A 97 6.04 -49.60 -41.46
C TRP A 97 5.84 -48.52 -40.39
N GLY A 98 5.58 -47.31 -40.83
CA GLY A 98 5.25 -46.25 -39.91
C GLY A 98 4.06 -46.59 -39.03
N ALA A 99 3.04 -47.22 -39.61
CA ALA A 99 1.85 -47.60 -38.83
C ALA A 99 2.23 -48.53 -37.68
N GLU A 100 3.12 -49.48 -37.96
CA GLU A 100 3.42 -50.51 -37.01
C GLU A 100 4.36 -50.01 -35.93
N VAL A 101 5.27 -49.11 -36.29
CA VAL A 101 6.02 -48.42 -35.26
C VAL A 101 5.05 -47.62 -34.36
N ALA A 102 4.10 -46.94 -34.98
CA ALA A 102 3.13 -46.15 -34.23
C ALA A 102 2.43 -47.04 -33.24
N HIS A 103 2.08 -48.24 -33.69
CA HIS A 103 1.30 -49.14 -32.86
C HIS A 103 2.12 -49.68 -31.70
N ALA A 104 3.36 -50.04 -31.99
CA ALA A 104 4.22 -50.59 -30.97
C ALA A 104 4.51 -49.55 -29.90
N GLN A 105 4.73 -48.28 -30.31
CA GLN A 105 4.97 -47.16 -29.36
C GLN A 105 3.76 -46.89 -28.47
N LYS A 106 2.57 -46.75 -29.08
CA LYS A 106 1.35 -46.45 -28.31
C LYS A 106 1.00 -47.52 -27.29
N THR A 107 1.28 -48.78 -27.64
CA THR A 107 1.01 -49.91 -26.76
C THR A 107 1.77 -49.72 -25.43
N ILE A 108 3.06 -49.41 -25.52
CA ILE A 108 3.86 -49.17 -24.33
C ILE A 108 3.37 -47.94 -23.56
N MET A 109 3.06 -46.87 -24.30
CA MET A 109 2.60 -45.61 -23.71
C MET A 109 1.35 -45.84 -22.91
N GLU A 110 0.46 -46.69 -23.43
CA GLU A 110 -0.78 -47.09 -22.71
C GLU A 110 -0.49 -47.84 -21.44
N LYS A 111 0.42 -48.82 -21.51
CA LYS A 111 0.78 -49.54 -20.31
C LYS A 111 1.21 -48.57 -19.18
N TYR A 112 2.04 -47.55 -19.51
CA TYR A 112 2.51 -46.59 -18.52
C TYR A 112 1.42 -45.66 -18.05
N HIS A 113 0.60 -45.20 -18.99
CA HIS A 113 -0.51 -44.32 -18.63
C HIS A 113 -1.48 -45.05 -17.69
N ASP A 114 -1.78 -46.32 -17.97
CA ASP A 114 -2.67 -47.12 -17.13
C ASP A 114 -2.13 -47.32 -15.71
N GLU A 115 -0.86 -47.68 -15.59
CA GLU A 115 -0.22 -47.88 -14.29
C GLU A 115 -0.02 -46.64 -13.44
N TYR A 116 0.52 -45.58 -14.05
CA TYR A 116 0.94 -44.43 -13.28
C TYR A 116 0.10 -43.17 -13.46
N GLY A 117 -0.73 -43.13 -14.52
CA GLY A 117 -1.48 -41.91 -14.88
C GLY A 117 -0.67 -40.73 -15.44
N ILE A 118 0.53 -40.99 -15.97
CA ILE A 118 1.28 -40.00 -16.69
C ILE A 118 0.58 -39.66 -18.02
N LYS A 119 0.42 -38.37 -18.31
CA LYS A 119 -0.19 -37.91 -19.54
C LYS A 119 0.84 -37.94 -20.65
N CYS A 120 0.45 -38.44 -21.81
CA CYS A 120 1.35 -38.44 -22.96
C CYS A 120 0.62 -38.48 -24.30
N ALA A 121 1.33 -38.12 -25.36
CA ALA A 121 0.75 -38.12 -26.72
C ALA A 121 1.86 -38.48 -27.66
N LEU A 122 1.50 -39.07 -28.78
CA LEU A 122 2.48 -39.50 -29.74
C LEU A 122 2.39 -38.69 -31.06
N ARG A 123 3.50 -38.12 -31.48
CA ARG A 123 3.52 -37.39 -32.70
C ARG A 123 4.35 -38.16 -33.69
N HIS A 124 3.77 -38.36 -34.88
CA HIS A 124 4.47 -38.94 -35.99
C HIS A 124 4.61 -37.87 -37.04
N THR A 125 5.84 -37.72 -37.53
CA THR A 125 6.19 -36.79 -38.58
C THR A 125 6.57 -37.60 -39.82
N ILE A 126 5.62 -37.66 -40.77
CA ILE A 126 5.80 -38.39 -42.02
C ILE A 126 6.96 -37.74 -42.76
N GLY A 127 7.72 -38.53 -43.49
CA GLY A 127 8.70 -37.96 -44.42
C GLY A 127 8.11 -37.39 -45.73
N ASP A 128 8.61 -36.24 -46.18
CA ASP A 128 8.18 -35.72 -47.47
C ASP A 128 8.86 -36.52 -48.54
N ILE A 129 8.19 -37.59 -48.95
CA ILE A 129 8.74 -38.53 -49.90
C ILE A 129 8.53 -38.14 -51.38
N ARG A 130 7.85 -37.01 -51.63
CA ARG A 130 7.50 -36.58 -53.00
C ARG A 130 8.71 -36.05 -53.81
N GLU A 131 9.69 -36.93 -53.98
CA GLU A 131 10.95 -36.60 -54.66
C GLU A 131 11.66 -37.87 -55.19
N ASN A 132 12.36 -37.77 -56.32
CA ASN A 132 13.27 -38.82 -56.77
C ASN A 132 14.64 -38.25 -56.89
N ARG A 133 15.58 -39.05 -57.36
CA ARG A 133 16.97 -38.66 -57.52
C ARG A 133 17.20 -37.35 -58.33
N GLU A 134 16.44 -37.13 -59.40
CA GLU A 134 16.63 -35.91 -60.20
C GLU A 134 15.79 -34.71 -59.78
N PHE A 135 14.51 -34.89 -59.46
CA PHE A 135 13.66 -33.75 -59.06
C PHE A 135 12.52 -34.01 -58.10
N LEU A 136 11.98 -32.90 -57.60
CA LEU A 136 10.78 -32.90 -56.80
C LEU A 136 9.67 -33.44 -57.67
N GLN A 137 8.74 -34.12 -57.01
CA GLN A 137 7.56 -34.68 -57.64
C GLN A 137 6.40 -34.50 -56.71
N LEU A 138 6.10 -33.22 -56.45
CA LEU A 138 5.18 -32.85 -55.39
C LEU A 138 3.76 -33.29 -55.63
N ARG A 139 3.43 -33.54 -56.90
CA ARG A 139 2.09 -33.98 -57.29
C ARG A 139 2.12 -35.30 -58.05
N GLY A 140 3.26 -35.96 -58.07
CA GLY A 140 3.40 -37.25 -58.75
C GLY A 140 2.72 -38.48 -58.15
N ASP A 141 3.25 -39.64 -58.56
CA ASP A 141 2.74 -40.96 -58.21
C ASP A 141 2.94 -41.24 -56.74
N LYS A 142 3.90 -40.54 -56.16
CA LYS A 142 4.24 -40.76 -54.78
C LYS A 142 3.22 -40.03 -53.84
N TYR A 143 2.46 -39.09 -54.39
CA TYR A 143 1.51 -38.30 -53.58
C TYR A 143 0.56 -39.17 -52.76
N SER A 144 0.01 -40.20 -53.38
CA SER A 144 -1.02 -41.01 -52.73
C SER A 144 -0.39 -41.85 -51.62
N VAL A 145 0.87 -42.23 -51.84
CA VAL A 145 1.61 -42.97 -50.84
C VAL A 145 1.82 -42.06 -49.61
N PHE A 146 2.23 -40.82 -49.90
CA PHE A 146 2.41 -39.77 -48.91
C PHE A 146 1.21 -39.69 -47.97
N LEU A 147 0.02 -39.57 -48.56
CA LEU A 147 -1.24 -39.54 -47.80
C LEU A 147 -1.50 -40.81 -47.00
N GLU A 148 -1.21 -41.97 -47.59
CA GLU A 148 -1.39 -43.26 -46.93
C GLU A 148 -0.54 -43.33 -45.68
N ALA A 149 0.64 -42.70 -45.72
CA ALA A 149 1.48 -42.68 -44.53
C ALA A 149 0.77 -41.95 -43.38
N PHE A 150 0.21 -40.78 -43.68
CA PHE A 150 -0.48 -40.01 -42.65
C PHE A 150 -1.65 -40.83 -42.14
N GLU A 151 -2.45 -41.40 -43.01
CA GLU A 151 -3.64 -42.02 -42.46
C GLU A 151 -3.42 -43.37 -41.76
N GLN A 152 -2.42 -44.11 -42.20
CA GLN A 152 -2.09 -45.38 -41.59
C GLN A 152 -1.54 -45.17 -40.19
N CYS A 153 -0.65 -44.18 -40.04
CA CYS A 153 -0.08 -43.85 -38.72
C CYS A 153 -1.17 -43.32 -37.81
N ALA A 154 -2.10 -42.58 -38.41
CA ALA A 154 -3.19 -41.98 -37.64
C ALA A 154 -4.17 -43.04 -37.17
N GLU A 155 -4.22 -44.16 -37.88
CA GLU A 155 -5.15 -45.21 -37.55
C GLU A 155 -4.54 -46.18 -36.56
N ASN A 156 -3.25 -46.02 -36.29
CA ASN A 156 -2.50 -47.01 -35.54
C ASN A 156 -1.74 -46.48 -34.34
N GLY A 157 -2.15 -45.32 -33.82
CA GLY A 157 -1.59 -44.81 -32.57
C GLY A 157 -1.01 -43.40 -32.56
N ALA A 158 -0.71 -42.84 -33.74
CA ALA A 158 -0.25 -41.46 -33.79
C ALA A 158 -1.37 -40.50 -33.43
N ASP A 159 -1.05 -39.56 -32.53
CA ASP A 159 -1.99 -38.58 -32.01
C ASP A 159 -1.87 -37.26 -32.77
N LEU A 160 -0.64 -36.88 -33.11
CA LEU A 160 -0.40 -35.62 -33.83
C LEU A 160 0.26 -35.96 -35.14
N LEU A 161 -0.08 -35.20 -36.19
CA LEU A 161 0.46 -35.46 -37.52
C LEU A 161 1.21 -34.24 -38.02
N SER A 162 2.40 -34.44 -38.56
CA SER A 162 3.25 -33.36 -39.02
C SER A 162 4.05 -33.85 -40.21
N VAL A 163 4.70 -32.91 -40.90
CA VAL A 163 5.68 -33.22 -41.93
C VAL A 163 6.58 -32.01 -42.00
N GLU A 164 7.82 -32.20 -42.45
CA GLU A 164 8.67 -31.09 -42.82
C GLU A 164 8.67 -31.03 -44.36
N SER A 165 7.78 -30.23 -44.93
CA SER A 165 7.57 -30.31 -46.38
C SER A 165 8.55 -29.51 -47.24
N MET A 166 8.70 -29.91 -48.50
CA MET A 166 9.79 -29.47 -49.36
C MET A 166 9.40 -28.42 -50.42
N GLY A 167 8.16 -27.95 -50.41
CA GLY A 167 7.76 -26.92 -51.39
C GLY A 167 8.76 -25.76 -51.49
N GLY A 168 9.27 -25.52 -52.68
CA GLY A 168 10.18 -24.40 -52.91
C GLY A 168 11.64 -24.69 -52.56
N LYS A 169 11.93 -25.90 -52.10
CA LYS A 169 13.27 -26.28 -51.70
C LYS A 169 14.33 -26.08 -52.81
N GLU A 170 14.01 -26.48 -54.03
CA GLU A 170 14.95 -26.45 -55.15
C GLU A 170 15.37 -25.01 -55.52
N VAL A 171 14.42 -24.08 -55.54
CA VAL A 171 14.77 -22.70 -55.84
C VAL A 171 15.45 -22.01 -54.66
N PHE A 172 15.04 -22.36 -53.44
CA PHE A 172 15.72 -21.88 -52.23
C PHE A 172 17.20 -22.26 -52.21
N ASP A 173 17.50 -23.52 -52.49
CA ASP A 173 18.89 -24.01 -52.44
C ASP A 173 19.81 -23.26 -53.39
N TYR A 174 19.29 -22.97 -54.59
CA TYR A 174 19.94 -22.12 -55.56
C TYR A 174 20.07 -20.67 -55.04
N ALA A 175 18.95 -20.05 -54.63
CA ALA A 175 18.95 -18.66 -54.14
C ALA A 175 19.84 -18.40 -52.91
N VAL A 176 19.82 -19.32 -51.92
CA VAL A 176 20.55 -19.08 -50.68
C VAL A 176 22.08 -19.04 -50.84
N LEU A 177 22.59 -19.70 -51.87
CA LEU A 177 24.04 -19.64 -52.13
C LEU A 177 24.45 -18.35 -52.86
N ARG A 178 23.47 -17.48 -53.18
CA ARG A 178 23.73 -16.36 -54.08
C ARG A 178 23.24 -15.02 -53.62
N ASN A 179 22.82 -14.90 -52.36
CA ASN A 179 22.24 -13.64 -51.86
C ASN A 179 21.11 -13.16 -52.77
N ASP A 180 20.40 -14.11 -53.35
CA ASP A 180 19.27 -13.82 -54.19
C ASP A 180 18.04 -13.68 -53.28
N ILE A 181 17.86 -12.48 -52.74
CA ILE A 181 16.77 -12.20 -51.84
C ILE A 181 15.37 -12.41 -52.45
N PRO A 182 15.12 -11.84 -53.66
CA PRO A 182 13.87 -12.14 -54.37
C PRO A 182 13.64 -13.66 -54.54
N GLY A 183 14.69 -14.43 -54.83
CA GLY A 183 14.56 -15.87 -54.94
C GLY A 183 14.10 -16.48 -53.61
N LEU A 184 14.68 -15.98 -52.51
CA LEU A 184 14.19 -16.34 -51.19
C LEU A 184 12.70 -16.09 -51.04
N LEU A 185 12.25 -14.86 -51.37
CA LEU A 185 10.83 -14.49 -51.37
C LEU A 185 9.95 -15.42 -52.20
N TYR A 186 10.45 -15.81 -53.36
CA TYR A 186 9.67 -16.61 -54.26
C TYR A 186 9.60 -18.04 -53.77
N SER A 187 10.76 -18.65 -53.51
CA SER A 187 10.83 -20.04 -53.03
C SER A 187 10.04 -20.29 -51.77
N ILE A 188 10.25 -19.44 -50.78
CA ILE A 188 9.63 -19.66 -49.47
C ILE A 188 8.21 -19.09 -49.44
N GLY A 189 8.11 -17.80 -49.68
CA GLY A 189 6.82 -17.11 -49.64
C GLY A 189 5.82 -17.60 -50.69
N CYS A 190 6.25 -17.79 -51.93
CA CYS A 190 5.27 -18.11 -52.97
C CYS A 190 5.13 -19.61 -53.21
N LEU A 191 6.21 -20.24 -53.70
CA LEU A 191 6.12 -21.63 -54.03
C LEU A 191 5.76 -22.38 -52.75
N GLY A 192 6.51 -22.12 -51.67
CA GLY A 192 6.23 -22.74 -50.38
C GLY A 192 4.78 -22.66 -49.97
N SER A 193 4.20 -21.47 -50.03
CA SER A 193 2.81 -21.28 -49.61
C SER A 193 1.81 -22.09 -50.47
N ILE A 194 2.06 -22.17 -51.77
CA ILE A 194 1.16 -22.88 -52.67
C ILE A 194 1.17 -24.40 -52.32
N ASP A 195 2.36 -24.96 -52.10
CA ASP A 195 2.44 -26.40 -51.79
C ASP A 195 1.84 -26.67 -50.41
N MET A 196 2.05 -25.75 -49.48
CA MET A 196 1.55 -25.89 -48.13
C MET A 196 0.04 -26.03 -48.15
N GLU A 197 -0.64 -25.22 -48.96
CA GLU A 197 -2.09 -25.33 -49.03
C GLU A 197 -2.62 -26.66 -49.59
N LEU A 198 -1.93 -27.23 -50.57
CA LEU A 198 -2.31 -28.52 -51.15
C LEU A 198 -2.28 -29.57 -50.05
N ILE A 199 -1.09 -29.79 -49.51
CA ILE A 199 -0.89 -30.88 -48.57
C ILE A 199 -1.68 -30.77 -47.26
N TRP A 200 -1.76 -29.55 -46.72
CA TRP A 200 -2.44 -29.40 -45.42
C TRP A 200 -3.96 -29.53 -45.48
N THR A 201 -4.55 -29.28 -46.65
CA THR A 201 -5.94 -29.52 -46.86
C THR A 201 -6.19 -31.00 -46.79
N ASP A 202 -5.39 -31.78 -47.49
CA ASP A 202 -5.52 -33.21 -47.42
C ASP A 202 -5.17 -33.76 -46.04
N ILE A 203 -4.08 -33.27 -45.42
CA ILE A 203 -3.66 -33.78 -44.09
C ILE A 203 -4.77 -33.62 -43.05
N SER A 204 -5.36 -32.42 -43.01
CA SER A 204 -6.46 -32.11 -42.10
C SER A 204 -7.70 -32.98 -42.30
N LYS A 205 -8.09 -33.15 -43.56
CA LYS A 205 -9.15 -34.08 -43.95
C LYS A 205 -8.92 -35.48 -43.29
N ILE A 206 -7.69 -35.97 -43.38
CA ILE A 206 -7.34 -37.25 -42.79
C ILE A 206 -7.41 -37.23 -41.26
N ALA A 207 -6.93 -36.16 -40.64
CA ALA A 207 -6.99 -36.00 -39.20
C ALA A 207 -8.45 -36.06 -38.71
N LYS A 208 -9.31 -35.32 -39.40
CA LYS A 208 -10.70 -35.27 -39.06
C LYS A 208 -11.30 -36.69 -39.15
N LYS A 209 -11.01 -37.38 -40.26
CA LYS A 209 -11.59 -38.70 -40.53
C LYS A 209 -11.17 -39.74 -39.49
N THR A 210 -9.92 -39.63 -39.04
CA THR A 210 -9.36 -40.59 -38.07
C THR A 210 -9.43 -40.12 -36.62
N GLY A 211 -9.95 -38.93 -36.37
CA GLY A 211 -10.06 -38.39 -35.00
C GLY A 211 -8.71 -38.04 -34.39
N THR A 212 -7.72 -37.73 -35.23
CA THR A 212 -6.42 -37.31 -34.73
C THR A 212 -6.17 -35.82 -34.91
N ILE A 213 -4.93 -35.38 -34.70
CA ILE A 213 -4.69 -33.95 -34.79
C ILE A 213 -3.81 -33.53 -35.92
N SER A 214 -4.31 -32.60 -36.72
CA SER A 214 -3.53 -32.01 -37.79
C SER A 214 -2.66 -30.96 -37.10
N ALA A 215 -1.39 -31.28 -36.87
CA ALA A 215 -0.59 -30.48 -35.96
C ALA A 215 0.11 -29.26 -36.59
N GLY A 216 0.89 -29.46 -37.65
CA GLY A 216 1.54 -28.37 -38.38
C GLY A 216 2.89 -28.77 -38.94
N ASP A 217 3.50 -27.85 -39.68
CA ASP A 217 4.67 -28.05 -40.56
C ASP A 217 5.82 -27.18 -40.03
N THR A 218 6.85 -26.96 -40.83
CA THR A 218 8.04 -26.18 -40.43
C THR A 218 8.75 -25.86 -41.68
N ASP A 219 9.25 -24.63 -41.73
CA ASP A 219 10.12 -24.30 -42.83
C ASP A 219 11.55 -24.82 -42.75
N CYS A 220 11.74 -25.98 -42.13
CA CYS A 220 13.07 -26.56 -41.93
C CYS A 220 13.91 -26.62 -43.20
N ALA A 221 13.27 -27.03 -44.30
CA ALA A 221 13.94 -27.26 -45.57
C ALA A 221 14.48 -25.97 -46.18
N GLN A 222 14.05 -24.82 -45.67
CA GLN A 222 14.47 -23.52 -46.23
C GLN A 222 15.04 -22.65 -45.12
N ALA A 223 14.19 -22.04 -44.30
CA ALA A 223 14.70 -21.26 -43.17
C ALA A 223 15.81 -21.95 -42.26
N ASN A 224 15.64 -23.22 -41.86
CA ASN A 224 16.71 -23.81 -41.03
C ASN A 224 18.01 -24.02 -41.82
N THR A 225 17.88 -24.39 -43.11
CA THR A 225 19.04 -24.51 -43.98
C THR A 225 19.80 -23.17 -44.01
N ALA A 226 19.06 -22.08 -44.15
CA ALA A 226 19.72 -20.78 -44.15
C ALA A 226 20.45 -20.56 -42.81
N MET A 227 19.83 -20.95 -41.69
CA MET A 227 20.41 -20.74 -40.38
C MET A 227 21.65 -21.60 -40.16
N PHE A 228 21.61 -22.83 -40.66
CA PHE A 228 22.71 -23.73 -40.42
C PHE A 228 23.93 -23.35 -41.23
N ILE A 229 23.73 -22.99 -42.49
CA ILE A 229 24.77 -22.38 -43.31
C ILE A 229 25.30 -21.07 -42.68
N GLY A 230 24.41 -20.26 -42.11
CA GLY A 230 24.84 -19.04 -41.39
C GLY A 230 25.78 -19.39 -40.23
N GLY A 231 25.43 -20.47 -39.54
CA GLY A 231 26.31 -21.07 -38.53
C GLY A 231 26.59 -20.18 -37.36
N GLY A 232 27.77 -20.29 -36.77
CA GLY A 232 28.13 -19.49 -35.61
C GLY A 232 28.45 -18.04 -35.94
N LEU A 233 28.57 -17.21 -34.91
CA LEU A 233 28.97 -15.81 -35.08
C LEU A 233 30.19 -15.57 -35.95
N LEU A 234 31.12 -16.53 -36.02
CA LEU A 234 32.43 -16.35 -36.69
C LEU A 234 32.48 -17.02 -38.06
N ASN A 235 31.40 -17.69 -38.44
CA ASN A 235 31.30 -18.26 -39.76
C ASN A 235 31.31 -17.20 -40.87
N LYS A 236 31.60 -17.65 -42.08
CA LYS A 236 31.64 -16.78 -43.21
C LYS A 236 30.85 -17.38 -44.38
N ASN A 237 29.80 -18.14 -44.10
CA ASN A 237 29.06 -18.78 -45.19
C ASN A 237 27.73 -18.13 -45.60
N LEU A 238 27.15 -17.32 -44.71
CA LEU A 238 25.90 -16.62 -44.98
C LEU A 238 25.69 -15.57 -43.90
N ALA A 239 25.52 -14.32 -44.32
CA ALA A 239 25.38 -13.23 -43.37
C ALA A 239 24.14 -13.51 -42.55
N HIS A 240 24.26 -13.26 -41.25
CA HIS A 240 23.18 -13.53 -40.35
C HIS A 240 21.99 -12.64 -40.64
N THR A 241 22.27 -11.44 -41.17
CA THR A 241 21.21 -10.53 -41.56
C THR A 241 20.41 -11.05 -42.77
N ILE A 242 20.91 -12.06 -43.51
CA ILE A 242 20.13 -12.69 -44.57
C ILE A 242 19.37 -13.93 -44.06
N ALA A 243 19.97 -14.61 -43.08
CA ALA A 243 19.30 -15.72 -42.43
C ALA A 243 17.98 -15.28 -41.74
N VAL A 244 18.02 -14.15 -41.04
CA VAL A 244 16.84 -13.68 -40.36
C VAL A 244 15.74 -13.28 -41.37
N ILE A 245 16.13 -12.70 -42.52
CA ILE A 245 15.16 -12.39 -43.55
C ILE A 245 14.47 -13.67 -44.01
N ALA A 246 15.25 -14.69 -44.35
CA ALA A 246 14.68 -16.01 -44.68
C ALA A 246 13.71 -16.46 -43.61
N ARG A 247 14.03 -16.23 -42.34
CA ARG A 247 13.13 -16.58 -41.25
C ARG A 247 11.81 -15.83 -41.25
N ALA A 248 11.89 -14.53 -41.48
CA ALA A 248 10.71 -13.70 -41.52
C ALA A 248 9.73 -14.16 -42.61
N ILE A 249 10.23 -14.47 -43.79
CA ILE A 249 9.43 -14.98 -44.92
C ILE A 249 8.80 -16.35 -44.64
N SER A 250 9.45 -17.13 -43.76
CA SER A 250 9.00 -18.50 -43.51
C SER A 250 7.73 -18.45 -42.71
N ALA A 251 7.60 -17.37 -41.92
CA ALA A 251 6.41 -17.20 -41.06
C ALA A 251 5.07 -17.32 -41.82
N PRO A 252 4.83 -16.48 -42.86
CA PRO A 252 3.56 -16.68 -43.62
C PRO A 252 3.51 -17.96 -44.46
N ARG A 253 4.66 -18.48 -44.89
CA ARG A 253 4.65 -19.81 -45.48
C ARG A 253 4.09 -20.86 -44.49
N SER A 254 4.65 -20.90 -43.28
CA SER A 254 4.26 -21.92 -42.30
C SER A 254 2.85 -21.66 -41.78
N LEU A 255 2.45 -20.38 -41.76
CA LEU A 255 1.10 -20.03 -41.38
C LEU A 255 0.00 -20.75 -42.17
N VAL A 256 0.31 -21.14 -43.42
CA VAL A 256 -0.66 -21.77 -44.32
C VAL A 256 -1.26 -23.06 -43.76
N ALA A 257 -0.44 -23.90 -43.13
CA ALA A 257 -0.90 -25.12 -42.48
C ALA A 257 -2.16 -24.87 -41.62
N TYR A 258 -2.13 -23.78 -40.87
CA TYR A 258 -3.20 -23.46 -39.91
C TYR A 258 -4.41 -22.89 -40.66
N GLU A 259 -4.14 -22.01 -41.63
CA GLU A 259 -5.16 -21.51 -42.53
C GLU A 259 -5.89 -22.68 -43.14
N ALA A 260 -5.16 -23.75 -43.45
CA ALA A 260 -5.72 -24.86 -44.19
C ALA A 260 -6.17 -25.98 -43.30
N GLY A 261 -6.25 -25.72 -42.01
CA GLY A 261 -6.89 -26.68 -41.14
C GLY A 261 -6.12 -27.28 -40.00
N ALA A 262 -4.80 -27.06 -39.92
CA ALA A 262 -4.06 -27.54 -38.75
C ALA A 262 -4.40 -26.67 -37.55
N VAL A 263 -4.16 -27.16 -36.34
CA VAL A 263 -4.60 -26.51 -35.10
C VAL A 263 -3.45 -26.40 -34.11
N GLY A 264 -2.32 -26.97 -34.51
CA GLY A 264 -1.12 -26.99 -33.66
C GLY A 264 -1.09 -28.25 -32.81
N PRO A 265 0.02 -28.46 -32.07
CA PRO A 265 1.22 -27.64 -31.96
C PRO A 265 2.13 -27.78 -33.16
N GLY A 266 2.66 -26.67 -33.66
CA GLY A 266 3.61 -26.71 -34.76
C GLY A 266 4.88 -27.44 -34.40
N LYS A 267 5.57 -27.95 -35.41
CA LYS A 267 6.86 -28.59 -35.26
C LYS A 267 7.93 -27.77 -34.61
N ASP A 268 8.69 -28.44 -33.76
CA ASP A 268 9.79 -27.90 -32.98
C ASP A 268 10.79 -27.05 -33.75
N CYS A 269 11.21 -27.53 -34.90
CA CYS A 269 12.23 -26.80 -35.66
C CYS A 269 11.68 -25.58 -36.41
N GLY A 270 10.39 -25.33 -36.23
CA GLY A 270 9.73 -24.12 -36.72
C GLY A 270 10.03 -22.95 -35.80
N TYR A 271 11.25 -22.42 -35.85
CA TYR A 271 11.55 -21.27 -35.04
C TYR A 271 10.63 -20.09 -35.33
N GLU A 272 10.12 -20.01 -36.56
CA GLU A 272 9.18 -18.97 -36.92
C GLU A 272 7.81 -19.15 -36.23
N ASN A 273 7.64 -20.29 -35.51
CA ASN A 273 6.38 -20.55 -34.79
C ASN A 273 6.00 -19.43 -33.83
N ILE A 274 6.99 -18.68 -33.35
CA ILE A 274 6.64 -17.57 -32.45
C ILE A 274 5.75 -16.54 -33.21
N ILE A 275 6.16 -16.20 -34.43
CA ILE A 275 5.31 -15.34 -35.26
C ILE A 275 3.94 -16.01 -35.48
N VAL A 276 3.93 -17.31 -35.76
CA VAL A 276 2.70 -18.02 -36.09
C VAL A 276 1.71 -18.06 -34.93
N LYS A 277 2.25 -18.21 -33.72
CA LYS A 277 1.48 -18.21 -32.49
C LYS A 277 0.83 -16.87 -32.29
N ALA A 278 1.60 -15.79 -32.45
CA ALA A 278 1.04 -14.44 -32.36
C ALA A 278 -0.15 -14.20 -33.31
N ILE A 279 -0.09 -14.74 -34.53
CA ILE A 279 -1.19 -14.61 -35.43
C ILE A 279 -2.36 -15.53 -35.04
N THR A 280 -2.06 -16.82 -34.85
CA THR A 280 -3.11 -17.83 -34.75
C THR A 280 -3.67 -18.08 -33.34
N GLY A 281 -2.87 -17.79 -32.31
CA GLY A 281 -3.28 -18.13 -30.94
C GLY A 281 -3.25 -19.61 -30.69
N MET A 282 -2.55 -20.34 -31.58
CA MET A 282 -2.41 -21.79 -31.50
C MET A 282 -1.09 -22.16 -30.84
N PRO A 283 -1.05 -23.35 -30.19
CA PRO A 283 0.14 -23.76 -29.49
C PRO A 283 1.27 -24.20 -30.43
N MET A 284 2.51 -24.07 -29.95
CA MET A 284 3.70 -24.39 -30.77
C MET A 284 4.78 -25.07 -29.93
N THR A 285 5.43 -26.07 -30.51
CA THR A 285 6.66 -26.58 -29.95
C THR A 285 7.85 -25.73 -30.39
N MET A 286 8.83 -25.60 -29.50
CA MET A 286 10.08 -24.89 -29.85
C MET A 286 11.28 -25.76 -29.45
N GLU A 287 12.47 -25.35 -29.88
CA GLU A 287 13.72 -26.03 -29.52
C GLU A 287 14.83 -24.99 -29.46
N GLY A 288 15.73 -25.14 -28.49
CA GLY A 288 16.84 -24.22 -28.36
C GLY A 288 17.97 -24.84 -27.57
N LYS A 289 18.24 -24.25 -26.41
CA LYS A 289 19.37 -24.66 -25.59
C LYS A 289 19.43 -26.18 -25.31
N THR A 290 18.27 -26.84 -25.25
CA THR A 290 18.18 -28.25 -24.96
C THR A 290 17.95 -29.10 -26.23
N SER A 291 18.33 -28.54 -27.37
CA SER A 291 18.37 -29.33 -28.63
C SER A 291 19.79 -29.35 -29.20
N THR A 292 20.77 -29.01 -28.37
CA THR A 292 22.17 -28.96 -28.84
C THR A 292 22.74 -30.31 -29.31
N CYS A 293 22.13 -31.41 -28.87
CA CYS A 293 22.43 -32.75 -29.41
C CYS A 293 22.24 -32.82 -30.93
N ALA A 294 21.32 -32.01 -31.44
CA ALA A 294 21.11 -31.91 -32.88
C ALA A 294 21.92 -30.78 -33.53
N HIS A 295 21.99 -29.61 -32.91
CA HIS A 295 22.67 -28.47 -33.55
C HIS A 295 22.79 -27.30 -32.64
N SER A 296 23.74 -26.43 -32.97
CA SER A 296 23.98 -25.17 -32.29
C SER A 296 22.95 -24.13 -32.77
N ASP A 297 22.57 -23.22 -31.87
CA ASP A 297 21.80 -22.04 -32.26
C ASP A 297 22.10 -20.85 -31.39
N VAL A 298 21.56 -19.73 -31.79
CA VAL A 298 22.04 -18.47 -31.28
C VAL A 298 20.90 -17.81 -30.53
N MET A 299 19.90 -18.64 -30.16
CA MET A 299 18.74 -18.19 -29.39
C MET A 299 18.25 -19.24 -28.39
N GLY A 300 19.19 -19.81 -27.62
CA GLY A 300 18.96 -20.99 -26.79
C GLY A 300 17.81 -20.82 -25.81
N ASN A 301 17.71 -19.65 -25.18
CA ASN A 301 16.73 -19.38 -24.13
C ASN A 301 15.54 -18.60 -24.68
N LEU A 302 15.80 -17.69 -25.60
CA LEU A 302 14.74 -16.83 -26.10
C LEU A 302 13.55 -17.63 -26.65
N VAL A 303 13.79 -18.74 -27.33
CA VAL A 303 12.70 -19.50 -27.93
C VAL A 303 11.72 -20.15 -26.93
N MET A 304 12.04 -20.12 -25.64
CA MET A 304 11.17 -20.72 -24.63
C MET A 304 10.07 -19.72 -24.28
N GLN A 305 10.33 -18.46 -24.64
CA GLN A 305 9.57 -17.31 -24.14
C GLN A 305 8.05 -17.55 -24.21
N CYS A 306 7.61 -18.24 -25.26
CA CYS A 306 6.21 -18.55 -25.45
C CYS A 306 5.97 -19.95 -25.99
N CYS A 307 6.88 -20.89 -25.75
CA CYS A 307 6.66 -22.23 -26.24
C CYS A 307 5.51 -22.92 -25.51
N ASP A 308 4.91 -23.92 -26.12
CA ASP A 308 3.94 -24.77 -25.45
C ASP A 308 4.55 -26.14 -25.22
N CYS A 309 5.33 -26.60 -26.19
CA CYS A 309 6.13 -27.84 -26.03
C CYS A 309 7.58 -27.52 -26.29
N TRP A 310 8.47 -28.33 -25.72
CA TRP A 310 9.89 -28.01 -25.68
C TRP A 310 10.63 -29.27 -26.08
N SER A 311 11.38 -29.16 -27.18
CA SER A 311 12.01 -30.29 -27.82
C SER A 311 13.56 -30.26 -27.89
N ASN A 312 14.17 -31.45 -28.03
CA ASN A 312 15.63 -31.61 -28.21
C ASN A 312 15.99 -31.83 -29.67
N GLU A 313 14.99 -31.72 -30.55
CA GLU A 313 15.12 -31.75 -32.01
C GLU A 313 15.41 -33.15 -32.50
N SER A 314 16.56 -33.69 -32.10
CA SER A 314 16.94 -35.03 -32.46
C SER A 314 18.26 -35.45 -31.82
N VAL A 315 18.39 -36.73 -31.55
CA VAL A 315 19.62 -37.31 -31.08
C VAL A 315 19.59 -38.80 -31.48
N GLU A 316 20.76 -39.36 -31.79
CA GLU A 316 20.85 -40.79 -32.03
C GLU A 316 20.58 -41.58 -30.76
N TYR A 317 19.82 -42.66 -30.88
CA TYR A 317 19.62 -43.52 -29.75
C TYR A 317 20.90 -44.32 -29.44
N HIS A 318 21.60 -43.97 -28.37
CA HIS A 318 22.76 -44.74 -27.92
C HIS A 318 23.06 -44.53 -26.43
N GLY A 319 24.05 -45.25 -25.91
CA GLY A 319 24.41 -45.21 -24.48
C GLY A 319 25.22 -43.98 -24.09
N GLU A 320 24.90 -43.38 -22.94
CA GLU A 320 25.72 -42.31 -22.32
C GLU A 320 26.00 -42.76 -20.87
N PHE A 321 26.90 -42.11 -20.12
CA PHE A 321 27.10 -42.55 -18.74
C PHE A 321 25.79 -42.58 -17.93
N GLY A 322 24.84 -41.68 -18.27
CA GLY A 322 23.69 -41.39 -17.42
C GLY A 322 22.50 -42.21 -17.81
N GLY A 323 22.71 -43.04 -18.81
CA GLY A 323 21.63 -43.81 -19.33
C GLY A 323 21.50 -43.60 -20.82
N THR A 324 20.34 -43.91 -21.33
CA THR A 324 20.21 -43.85 -22.75
C THR A 324 19.95 -42.41 -23.18
N THR A 325 20.49 -42.07 -24.30
CA THR A 325 20.42 -40.74 -24.85
C THR A 325 19.03 -40.07 -24.77
N VAL A 326 17.98 -40.85 -25.01
CA VAL A 326 16.61 -40.35 -24.94
C VAL A 326 16.21 -40.07 -23.52
N GLN A 327 16.82 -40.80 -22.59
CA GLN A 327 16.61 -40.53 -21.17
C GLN A 327 17.32 -39.28 -20.71
N CYS A 328 18.58 -39.09 -21.07
CA CYS A 328 19.28 -37.91 -20.60
C CYS A 328 18.56 -36.64 -21.09
N TRP A 329 18.25 -36.58 -22.39
CA TRP A 329 17.66 -35.38 -22.96
C TRP A 329 16.21 -35.19 -22.54
N SER A 330 15.46 -36.27 -22.35
CA SER A 330 14.09 -36.09 -21.86
C SER A 330 14.06 -35.51 -20.46
N GLU A 331 14.99 -35.96 -19.61
CA GLU A 331 15.09 -35.42 -18.24
C GLU A 331 15.38 -33.90 -18.23
N THR A 332 16.34 -33.45 -19.03
CA THR A 332 16.61 -32.01 -19.16
C THR A 332 15.37 -31.24 -19.69
N LEU A 333 14.75 -31.73 -20.76
CA LEU A 333 13.55 -31.10 -21.28
C LEU A 333 12.48 -31.00 -20.21
N ALA A 334 12.22 -32.11 -19.54
CA ALA A 334 11.15 -32.12 -18.54
C ALA A 334 11.45 -31.16 -17.39
N TYR A 335 12.73 -31.02 -17.05
CA TYR A 335 13.07 -30.10 -16.00
C TYR A 335 12.91 -28.65 -16.47
N ASP A 336 13.30 -28.37 -17.72
CA ASP A 336 13.10 -27.04 -18.31
C ASP A 336 11.61 -26.74 -18.24
N CYS A 337 10.78 -27.72 -18.53
CA CYS A 337 9.34 -27.52 -18.43
C CYS A 337 8.92 -27.28 -16.98
N ALA A 338 9.52 -27.99 -16.03
CA ALA A 338 9.09 -27.86 -14.64
C ALA A 338 9.31 -26.41 -14.10
N LEU A 339 10.38 -25.78 -14.54
CA LEU A 339 10.70 -24.40 -14.19
C LEU A 339 9.62 -23.49 -14.73
N MET A 340 9.30 -23.70 -15.99
CA MET A 340 8.29 -22.88 -16.64
C MET A 340 6.98 -23.10 -15.90
N ASN A 341 6.62 -24.36 -15.60
CA ASN A 341 5.31 -24.61 -15.03
C ASN A 341 5.16 -24.04 -13.64
N THR A 342 6.27 -23.97 -12.89
CA THR A 342 6.31 -23.34 -11.56
C THR A 342 6.06 -21.82 -11.64
N ALA A 343 6.61 -21.20 -12.69
CA ALA A 343 6.39 -19.79 -13.01
C ALA A 343 4.90 -19.55 -13.23
N LEU A 344 4.29 -20.42 -14.01
CA LEU A 344 2.87 -20.28 -14.27
C LEU A 344 2.08 -20.39 -12.97
N GLU A 345 2.37 -21.42 -12.19
CA GLU A 345 1.59 -21.69 -11.00
C GLU A 345 1.68 -20.53 -9.99
N THR A 346 2.79 -19.81 -10.01
CA THR A 346 3.00 -18.76 -9.06
C THR A 346 2.83 -17.40 -9.69
N LYS A 347 2.31 -17.37 -10.93
CA LYS A 347 2.03 -16.10 -11.61
C LYS A 347 3.34 -15.33 -11.87
N ASN A 348 4.41 -16.04 -12.17
CA ASN A 348 5.66 -15.37 -12.43
C ASN A 348 6.09 -15.66 -13.82
N ASP A 349 5.20 -16.24 -14.63
CA ASP A 349 5.57 -16.56 -16.02
C ASP A 349 6.02 -15.37 -16.87
N LYS A 350 5.40 -14.20 -16.71
CA LYS A 350 5.74 -13.10 -17.61
C LYS A 350 7.15 -12.57 -17.42
N VAL A 351 7.64 -12.52 -16.17
CA VAL A 351 8.98 -12.03 -15.91
C VAL A 351 10.00 -13.07 -16.42
N LEU A 352 9.67 -14.35 -16.28
CA LEU A 352 10.57 -15.39 -16.72
C LEU A 352 10.61 -15.38 -18.22
N ARG A 353 9.44 -15.31 -18.86
CA ARG A 353 9.36 -15.01 -20.29
C ARG A 353 10.28 -13.83 -20.69
N ASP A 354 10.18 -12.69 -20.03
CA ASP A 354 11.12 -11.61 -20.36
C ASP A 354 12.59 -11.95 -20.19
N LEU A 355 12.91 -12.72 -19.15
CA LEU A 355 14.30 -13.06 -18.84
C LEU A 355 14.84 -13.95 -19.98
N MET A 356 14.06 -14.95 -20.38
CA MET A 356 14.44 -15.84 -21.47
C MET A 356 14.66 -15.04 -22.74
N MET A 357 13.77 -14.09 -22.99
CA MET A 357 13.82 -13.29 -24.20
C MET A 357 15.09 -12.44 -24.13
N LEU A 358 15.24 -11.67 -23.06
CA LEU A 358 16.36 -10.70 -22.95
C LEU A 358 17.75 -11.37 -23.03
N SER A 359 17.84 -12.58 -22.48
CA SER A 359 19.03 -13.45 -22.60
C SER A 359 19.68 -13.42 -23.98
N ASP A 360 18.85 -13.53 -25.00
CA ASP A 360 19.36 -13.73 -26.34
C ASP A 360 19.03 -12.60 -27.30
N ARG A 361 18.18 -11.65 -26.88
CA ARG A 361 17.78 -10.54 -27.75
C ARG A 361 18.98 -9.92 -28.52
N TYR A 362 20.15 -9.83 -27.87
CA TYR A 362 21.28 -9.11 -28.48
C TYR A 362 22.37 -10.03 -29.05
N ARG A 363 22.15 -11.32 -28.91
CA ARG A 363 23.10 -12.29 -29.39
C ARG A 363 23.33 -12.23 -30.89
N ASP A 364 22.28 -11.94 -31.68
CA ASP A 364 22.32 -12.09 -33.15
C ASP A 364 21.04 -11.50 -33.75
N PRO A 365 21.10 -11.00 -35.01
CA PRO A 365 19.84 -10.53 -35.59
C PRO A 365 18.80 -11.62 -35.72
N GLN A 366 19.23 -12.86 -35.87
CA GLN A 366 18.29 -14.00 -35.95
C GLN A 366 17.49 -14.13 -34.65
N ALA A 367 18.06 -13.70 -33.54
CA ALA A 367 17.39 -13.82 -32.27
C ALA A 367 16.56 -12.56 -32.02
N TYR A 368 17.18 -11.41 -32.27
CA TYR A 368 16.49 -10.13 -32.12
C TYR A 368 15.08 -10.10 -32.72
N MET A 369 14.93 -10.54 -33.96
CA MET A 369 13.64 -10.56 -34.65
C MET A 369 12.68 -11.54 -34.01
N LEU A 370 13.20 -12.61 -33.45
CA LEU A 370 12.33 -13.67 -32.95
C LEU A 370 11.82 -13.38 -31.56
N ALA A 371 12.38 -12.34 -30.92
CA ALA A 371 11.89 -11.85 -29.62
C ALA A 371 10.38 -11.51 -29.70
N TYR A 372 9.60 -12.01 -28.74
CA TYR A 372 8.15 -12.07 -28.89
C TYR A 372 7.52 -10.71 -29.23
N ASP A 373 8.07 -9.61 -28.75
CA ASP A 373 7.53 -8.31 -29.18
C ASP A 373 7.76 -8.03 -30.66
N ASN A 374 8.96 -8.33 -31.16
CA ASN A 374 9.29 -8.21 -32.57
C ASN A 374 8.57 -9.25 -33.44
N ALA A 375 8.49 -10.48 -32.93
CA ALA A 375 7.75 -11.51 -33.63
C ALA A 375 6.29 -11.05 -33.88
N TYR A 376 5.70 -10.43 -32.85
CA TYR A 376 4.32 -9.95 -32.91
C TYR A 376 4.19 -8.88 -34.01
N ARG A 377 5.16 -7.98 -34.04
CA ARG A 377 5.19 -6.90 -35.02
C ARG A 377 5.25 -7.48 -36.44
N VAL A 378 6.10 -8.49 -36.65
CA VAL A 378 6.18 -9.16 -37.94
C VAL A 378 4.85 -9.83 -38.22
N GLY A 379 4.25 -10.44 -37.20
CA GLY A 379 2.86 -10.87 -37.25
C GLY A 379 1.88 -9.83 -37.83
N GLN A 380 1.97 -8.58 -37.35
CA GLN A 380 1.04 -7.51 -37.78
C GLN A 380 1.23 -7.15 -39.26
N SER A 381 2.47 -7.27 -39.73
CA SER A 381 2.81 -6.87 -41.06
C SER A 381 2.28 -7.91 -42.04
N ILE A 382 2.14 -9.13 -41.55
CA ILE A 382 1.56 -10.20 -42.36
C ILE A 382 0.05 -10.05 -42.54
N VAL A 383 -0.68 -9.84 -41.43
CA VAL A 383 -2.13 -9.93 -41.49
C VAL A 383 -2.72 -8.74 -42.23
N LYS A 384 -1.98 -7.61 -42.22
CA LYS A 384 -2.45 -6.42 -42.92
C LYS A 384 -2.64 -6.63 -44.44
N ASP A 385 -2.10 -7.73 -44.98
CA ASP A 385 -2.34 -8.16 -46.39
C ASP A 385 -2.56 -9.68 -46.46
N GLY A 386 -3.19 -10.21 -45.42
CA GLY A 386 -3.33 -11.66 -45.23
C GLY A 386 -3.91 -12.48 -46.36
N ASP A 387 -4.68 -11.85 -47.25
CA ASP A 387 -5.30 -12.60 -48.37
C ASP A 387 -4.31 -12.85 -49.48
N ASN A 388 -3.24 -12.08 -49.50
CA ASN A 388 -2.25 -12.07 -50.54
C ASN A 388 -0.93 -12.74 -50.06
N ILE A 389 -0.64 -13.93 -50.59
CA ILE A 389 0.50 -14.71 -50.09
C ILE A 389 1.86 -14.13 -50.44
N TYR A 390 1.97 -13.47 -51.60
CA TYR A 390 3.22 -12.81 -51.94
C TYR A 390 3.41 -11.55 -51.10
N LEU A 391 2.41 -10.68 -51.16
CA LEU A 391 2.51 -9.40 -50.53
C LEU A 391 2.67 -9.51 -49.01
N ARG A 392 1.96 -10.44 -48.38
CA ARG A 392 2.13 -10.63 -46.92
C ARG A 392 3.56 -11.07 -46.58
N ALA A 393 4.13 -11.93 -47.41
CA ALA A 393 5.50 -12.39 -47.26
C ALA A 393 6.51 -11.25 -47.48
N LYS A 394 6.27 -10.45 -48.51
CA LYS A 394 7.14 -9.30 -48.73
C LYS A 394 7.08 -8.34 -47.53
N ASN A 395 5.87 -8.12 -46.98
CA ASN A 395 5.72 -7.22 -45.83
C ASN A 395 6.60 -7.70 -44.67
N ALA A 396 6.61 -9.01 -44.44
CA ALA A 396 7.31 -9.59 -43.32
C ALA A 396 8.79 -9.38 -43.50
N ALA A 397 9.28 -9.65 -44.70
CA ALA A 397 10.68 -9.46 -45.03
C ALA A 397 11.13 -8.01 -44.83
N ILE A 398 10.29 -7.05 -45.22
CA ILE A 398 10.65 -5.63 -45.12
C ILE A 398 10.53 -5.15 -43.67
N GLU A 399 9.50 -5.64 -42.98
CA GLU A 399 9.31 -5.35 -41.57
C GLU A 399 10.49 -5.89 -40.76
N CYS A 400 10.97 -7.06 -41.16
CA CYS A 400 12.12 -7.65 -40.53
C CYS A 400 13.32 -6.71 -40.64
N CYS A 401 13.60 -6.25 -41.86
CA CYS A 401 14.67 -5.27 -42.12
C CYS A 401 14.54 -4.03 -41.25
N ASN A 402 13.31 -3.51 -41.15
CA ASN A 402 13.03 -2.36 -40.26
C ASN A 402 13.39 -2.66 -38.83
N ILE A 403 12.97 -3.84 -38.37
CA ILE A 403 13.20 -4.27 -37.01
C ILE A 403 14.67 -4.37 -36.69
N ILE A 404 15.44 -5.06 -37.53
CA ILE A 404 16.90 -5.20 -37.31
C ILE A 404 17.58 -3.83 -37.33
N GLU A 405 17.14 -2.95 -38.23
CA GLU A 405 17.69 -1.60 -38.33
C GLU A 405 17.47 -0.81 -37.06
N GLU A 406 16.27 -0.89 -36.50
CA GLU A 406 16.00 -0.17 -35.26
C GLU A 406 16.87 -0.76 -34.17
N GLY A 407 16.96 -2.09 -34.16
CA GLY A 407 17.85 -2.81 -33.25
C GLY A 407 19.24 -2.27 -33.40
N ALA A 408 19.74 -2.23 -34.63
CA ALA A 408 21.13 -1.81 -34.86
C ALA A 408 21.42 -0.36 -34.42
N ALA A 409 20.41 0.49 -34.44
CA ALA A 409 20.56 1.86 -33.99
C ALA A 409 20.52 1.91 -32.46
N GLY A 410 19.98 0.88 -31.84
CA GLY A 410 20.02 0.73 -30.38
C GLY A 410 21.24 -0.06 -30.02
N LYS A 411 21.04 -1.16 -29.30
CA LYS A 411 22.16 -1.90 -28.69
C LYS A 411 22.61 -3.16 -29.43
N LEU A 412 21.84 -3.56 -30.45
CA LEU A 412 22.21 -4.69 -31.33
C LEU A 412 23.49 -4.29 -32.09
N GLU A 413 24.55 -5.05 -31.89
CA GLU A 413 25.86 -4.73 -32.41
C GLU A 413 26.13 -5.59 -33.65
N LEU A 414 25.92 -5.01 -34.83
CA LEU A 414 26.13 -5.72 -36.09
C LEU A 414 27.50 -5.39 -36.61
N SER A 415 28.15 -6.35 -37.27
CA SER A 415 29.36 -6.04 -38.01
C SER A 415 29.03 -5.20 -39.27
N ARG A 416 30.06 -4.55 -39.84
CA ARG A 416 29.89 -3.77 -41.07
C ARG A 416 29.35 -4.65 -42.17
N PHE A 417 29.85 -5.89 -42.23
CA PHE A 417 29.46 -6.83 -43.26
C PHE A 417 27.99 -7.20 -43.14
N GLU A 418 27.53 -7.42 -41.91
CA GLU A 418 26.13 -7.73 -41.65
C GLU A 418 25.24 -6.58 -42.04
N THR A 419 25.73 -5.37 -41.81
CA THR A 419 24.96 -4.14 -41.99
C THR A 419 24.70 -3.85 -43.47
N LYS A 420 25.77 -3.98 -44.27
CA LYS A 420 25.71 -3.77 -45.69
C LYS A 420 24.79 -4.79 -46.35
N ALA A 421 24.87 -6.05 -45.93
CA ALA A 421 24.07 -7.12 -46.49
C ALA A 421 22.57 -6.94 -46.17
N LEU A 422 22.24 -6.58 -44.93
CA LEU A 422 20.88 -6.13 -44.61
C LEU A 422 20.42 -5.02 -45.56
N ALA A 423 21.23 -3.96 -45.71
CA ALA A 423 20.90 -2.81 -46.57
C ALA A 423 20.70 -3.17 -48.05
N ASP A 424 21.54 -4.05 -48.57
CA ASP A 424 21.37 -4.54 -49.93
C ASP A 424 20.07 -5.31 -50.05
N ALA A 425 19.75 -6.13 -49.04
CA ALA A 425 18.52 -6.93 -49.09
C ALA A 425 17.28 -6.07 -48.98
N LYS A 426 17.34 -5.05 -48.13
CA LYS A 426 16.20 -4.15 -47.98
C LYS A 426 15.89 -3.44 -49.32
N ALA A 427 16.95 -2.92 -49.97
CA ALA A 427 16.79 -2.23 -51.26
C ALA A 427 16.22 -3.17 -52.34
N ALA A 428 16.69 -4.42 -52.37
CA ALA A 428 16.19 -5.41 -53.33
C ALA A 428 14.73 -5.76 -53.08
N LEU A 429 14.32 -5.84 -51.82
CA LEU A 429 12.91 -6.11 -51.51
C LEU A 429 12.04 -4.92 -51.82
N GLU A 430 12.61 -3.72 -51.66
CA GLU A 430 11.82 -2.52 -51.85
C GLU A 430 11.65 -2.20 -53.34
N ALA A 431 12.50 -2.77 -54.20
CA ALA A 431 12.41 -2.52 -55.65
C ALA A 431 11.39 -3.42 -56.32
N LEU A 432 10.88 -4.42 -55.61
CA LEU A 432 9.92 -5.37 -56.17
C LEU A 432 8.56 -4.72 -56.37
N PRO A 433 7.75 -5.24 -57.31
CA PRO A 433 6.40 -4.68 -57.51
C PRO A 433 5.42 -5.15 -56.44
N ASP A 434 4.39 -4.35 -56.15
CA ASP A 434 3.38 -4.81 -55.20
C ASP A 434 2.46 -5.88 -55.75
N ASP A 435 2.30 -5.92 -57.07
CA ASP A 435 1.41 -6.87 -57.75
C ASP A 435 1.99 -8.28 -57.82
N MET A 436 1.27 -9.23 -57.23
CA MET A 436 1.70 -10.63 -57.19
C MET A 436 1.95 -11.25 -58.55
N ASP A 437 0.97 -11.23 -59.45
CA ASP A 437 1.12 -11.84 -60.82
C ASP A 437 2.39 -11.43 -61.53
N LYS A 438 2.68 -10.13 -61.57
CA LYS A 438 3.95 -9.63 -62.08
C LYS A 438 5.16 -10.42 -61.52
N PHE A 439 5.26 -10.46 -60.20
CA PHE A 439 6.36 -11.12 -59.51
C PHE A 439 6.35 -12.60 -59.85
N MET A 440 5.18 -13.21 -59.74
CA MET A 440 5.08 -14.62 -60.05
C MET A 440 5.63 -14.87 -61.44
N ASP A 441 5.16 -14.07 -62.40
CA ASP A 441 5.59 -14.22 -63.80
C ASP A 441 7.06 -13.95 -64.01
N ASP A 442 7.59 -12.87 -63.44
CA ASP A 442 9.04 -12.59 -63.51
C ASP A 442 9.84 -13.79 -62.99
N CYS A 443 9.41 -14.35 -61.86
CA CYS A 443 10.17 -15.42 -61.20
C CYS A 443 10.06 -16.72 -61.95
N LEU A 444 8.84 -17.05 -62.39
CA LEU A 444 8.63 -18.26 -63.19
C LEU A 444 9.68 -18.33 -64.30
N THR A 445 9.80 -17.26 -65.07
CA THR A 445 10.69 -17.33 -66.22
C THR A 445 12.16 -17.26 -65.78
N LYS A 446 12.48 -16.39 -64.85
CA LYS A 446 13.86 -16.37 -64.29
C LYS A 446 14.35 -17.73 -63.74
N TYR A 447 13.59 -18.40 -62.87
CA TYR A 447 14.04 -19.71 -62.32
C TYR A 447 13.91 -20.92 -63.26
N LYS A 448 12.99 -20.83 -64.23
CA LYS A 448 12.99 -21.82 -65.32
C LYS A 448 14.34 -21.82 -66.05
N SER A 449 14.85 -20.64 -66.34
CA SER A 449 16.08 -20.50 -67.07
C SER A 449 17.30 -20.80 -66.16
N GLU A 450 17.30 -20.26 -64.94
CA GLU A 450 18.46 -20.39 -64.04
C GLU A 450 18.60 -21.70 -63.28
N VAL A 451 17.50 -22.41 -63.06
CA VAL A 451 17.52 -23.59 -62.21
C VAL A 451 16.95 -24.79 -62.93
N LYS A 452 17.80 -25.62 -63.51
CA LYS A 452 17.29 -26.69 -64.39
C LYS A 452 16.40 -27.72 -63.73
N VAL A 453 16.58 -27.97 -62.43
CA VAL A 453 15.78 -28.95 -61.68
C VAL A 453 14.38 -28.42 -61.33
N PHE A 454 14.11 -27.13 -61.56
CA PHE A 454 12.83 -26.48 -61.23
C PHE A 454 11.73 -26.95 -62.19
N LYS A 455 10.70 -27.58 -61.65
CA LYS A 455 9.61 -28.09 -62.47
C LYS A 455 8.35 -27.35 -62.07
N PRO A 456 7.96 -26.36 -62.88
CA PRO A 456 6.78 -25.54 -62.57
C PRO A 456 5.50 -26.35 -62.33
N GLU A 457 5.39 -27.54 -62.90
CA GLU A 457 4.19 -28.31 -62.66
C GLU A 457 4.03 -28.77 -61.19
N ASN A 458 5.14 -28.84 -60.47
CA ASN A 458 5.11 -29.15 -59.04
C ASN A 458 4.21 -28.16 -58.26
N TYR A 459 3.98 -26.99 -58.85
CA TYR A 459 3.23 -25.92 -58.21
C TYR A 459 1.95 -25.57 -58.97
N GLY A 460 1.51 -26.52 -59.81
CA GLY A 460 0.33 -26.37 -60.65
C GLY A 460 0.46 -25.32 -61.76
N PHE A 461 1.69 -24.89 -62.08
CA PHE A 461 1.91 -23.95 -63.20
C PHE A 461 2.19 -24.71 -64.51
N MET B 1 8.33 -4.46 -20.64
CA MET B 1 9.23 -5.66 -20.67
C MET B 1 10.67 -5.30 -20.31
N LEU B 2 11.44 -6.29 -19.89
CA LEU B 2 12.83 -6.06 -19.51
C LEU B 2 13.76 -5.68 -20.64
N ASP B 3 14.75 -4.85 -20.31
CA ASP B 3 15.85 -4.54 -21.21
C ASP B 3 17.13 -4.41 -20.39
N PHE B 4 18.26 -4.57 -21.05
CA PHE B 4 19.57 -4.37 -20.46
C PHE B 4 20.01 -2.90 -20.47
N THR B 5 20.85 -2.49 -19.52
CA THR B 5 21.71 -1.33 -19.70
C THR B 5 22.87 -1.75 -20.61
N GLU B 6 23.61 -0.80 -21.18
CA GLU B 6 24.79 -1.13 -21.98
C GLU B 6 25.83 -1.90 -21.16
N ALA B 7 26.10 -1.44 -19.96
CA ALA B 7 27.01 -2.11 -19.02
C ALA B 7 26.66 -3.58 -18.83
N SER B 8 25.36 -3.88 -18.63
CA SER B 8 24.85 -5.25 -18.45
C SER B 8 24.97 -6.10 -19.72
N LEU B 9 24.52 -5.58 -20.85
CA LEU B 9 24.65 -6.36 -22.08
C LEU B 9 26.11 -6.82 -22.26
N LYS B 10 27.03 -5.88 -22.09
CA LYS B 10 28.44 -6.18 -22.29
C LYS B 10 28.88 -7.32 -21.39
N LYS B 11 28.30 -7.47 -20.20
CA LYS B 11 28.67 -8.58 -19.31
C LYS B 11 28.11 -9.93 -19.73
N VAL B 12 26.93 -9.94 -20.33
CA VAL B 12 26.16 -11.17 -20.54
C VAL B 12 26.56 -11.96 -21.80
N LEU B 13 26.89 -11.27 -22.90
CA LEU B 13 27.36 -11.97 -24.07
C LEU B 13 28.42 -11.13 -24.80
N THR B 14 29.05 -11.69 -25.81
CA THR B 14 29.95 -10.95 -26.69
C THR B 14 29.76 -11.44 -28.11
N ARG B 15 29.37 -10.56 -29.04
CA ARG B 15 29.39 -10.92 -30.46
C ARG B 15 30.82 -10.81 -30.92
N TYR B 16 31.54 -11.91 -30.75
CA TYR B 16 32.99 -11.95 -30.96
C TYR B 16 33.40 -11.54 -32.37
N ASN B 17 32.47 -11.60 -33.31
CA ASN B 17 32.82 -11.38 -34.71
C ASN B 17 33.07 -9.91 -34.95
N VAL B 18 32.38 -9.08 -34.19
CA VAL B 18 32.43 -7.65 -34.44
C VAL B 18 33.85 -7.03 -34.33
N ALA B 19 34.57 -7.31 -33.23
CA ALA B 19 35.89 -6.73 -33.00
C ALA B 19 36.92 -7.26 -33.97
N LEU B 20 36.68 -8.48 -34.43
CA LEU B 20 37.60 -9.18 -35.34
C LEU B 20 37.52 -8.69 -36.77
N GLU B 21 36.45 -7.99 -37.12
CA GLU B 21 36.30 -7.54 -38.50
C GLU B 21 37.39 -6.51 -38.83
N LYS B 22 38.20 -6.79 -39.86
CA LYS B 22 39.15 -5.80 -40.42
C LYS B 22 38.45 -4.49 -40.84
N ALA B 23 39.22 -3.41 -40.95
CA ALA B 23 38.69 -2.07 -41.30
C ALA B 23 38.33 -1.87 -42.77
N LEU B 24 39.18 -2.32 -43.69
CA LEU B 24 38.92 -2.20 -45.12
C LEU B 24 37.61 -2.85 -45.51
N THR B 25 36.78 -2.14 -46.27
CA THR B 25 35.61 -2.77 -46.89
C THR B 25 36.11 -3.90 -47.81
N PRO B 26 35.25 -4.89 -48.10
CA PRO B 26 35.65 -5.85 -49.13
C PRO B 26 36.15 -5.15 -50.41
N GLU B 27 35.42 -4.13 -50.83
CA GLU B 27 35.75 -3.37 -52.03
C GLU B 27 37.22 -2.89 -52.01
N GLU B 28 37.61 -2.09 -51.03
CA GLU B 28 39.01 -1.63 -50.90
C GLU B 28 40.05 -2.75 -50.79
N ALA B 29 39.67 -3.87 -50.21
CA ALA B 29 40.60 -4.98 -50.00
C ALA B 29 40.89 -5.74 -51.30
N ALA B 30 39.86 -5.93 -52.14
CA ALA B 30 40.03 -6.48 -53.49
C ALA B 30 40.90 -5.55 -54.37
N GLU B 31 40.62 -4.24 -54.24
CA GLU B 31 41.39 -3.18 -54.89
C GLU B 31 42.90 -3.37 -54.73
N GLU B 32 43.36 -3.46 -53.49
CA GLU B 32 44.77 -3.76 -53.19
C GLU B 32 45.35 -4.99 -53.92
N LEU B 33 44.50 -5.96 -54.28
CA LEU B 33 44.96 -7.24 -54.82
C LEU B 33 44.79 -7.43 -56.34
N TYR B 34 43.98 -6.56 -56.96
CA TYR B 34 43.75 -6.58 -58.41
C TYR B 34 45.04 -6.40 -59.21
N PRO B 35 45.23 -7.21 -60.28
CA PRO B 35 46.34 -6.90 -61.19
C PRO B 35 46.11 -5.53 -61.85
N LYS B 36 47.10 -4.64 -61.76
CA LYS B 36 46.96 -3.28 -62.32
C LYS B 36 47.36 -3.24 -63.80
N ASP B 37 46.95 -4.28 -64.52
CA ASP B 37 47.32 -4.53 -65.92
C ASP B 37 46.41 -3.87 -66.96
N GLU B 38 45.72 -2.80 -66.59
CA GLU B 38 44.97 -1.97 -67.56
C GLU B 38 43.80 -2.70 -68.27
N LEU B 39 44.12 -3.72 -69.07
CA LEU B 39 43.12 -4.46 -69.82
C LEU B 39 42.56 -5.65 -69.00
N ILE B 40 43.37 -6.19 -68.11
CA ILE B 40 42.98 -7.34 -67.27
C ILE B 40 42.16 -6.91 -66.03
N TYR B 41 42.56 -5.79 -65.43
CA TYR B 41 41.83 -5.17 -64.31
C TYR B 41 40.28 -5.19 -64.38
N PRO B 42 39.66 -4.70 -65.48
CA PRO B 42 38.19 -4.66 -65.48
C PRO B 42 37.54 -6.05 -65.41
N ILE B 43 38.30 -7.07 -65.81
CA ILE B 43 37.83 -8.46 -65.78
C ILE B 43 38.00 -9.06 -64.37
N ALA B 44 39.04 -8.62 -63.67
CA ALA B 44 39.26 -9.07 -62.30
C ALA B 44 38.23 -8.42 -61.38
N LYS B 45 37.93 -7.14 -61.59
CA LYS B 45 36.90 -6.44 -60.84
C LYS B 45 35.52 -7.01 -61.15
N ALA B 46 35.33 -7.39 -62.41
CA ALA B 46 34.09 -8.03 -62.82
C ALA B 46 33.89 -9.37 -62.12
N ILE B 47 34.95 -10.17 -62.01
CA ILE B 47 34.84 -11.48 -61.35
C ILE B 47 34.50 -11.35 -59.86
N PHE B 48 35.27 -10.51 -59.15
CA PHE B 48 35.00 -10.24 -57.75
C PHE B 48 33.56 -9.81 -57.53
N GLU B 49 33.11 -8.83 -58.31
CA GLU B 49 31.76 -8.30 -58.20
C GLU B 49 30.70 -9.30 -58.65
N GLY B 50 31.15 -10.43 -59.20
CA GLY B 50 30.28 -11.50 -59.66
C GLY B 50 29.30 -11.02 -60.72
N GLU B 51 29.81 -10.24 -61.66
CA GLU B 51 28.99 -9.49 -62.60
C GLU B 51 29.29 -9.94 -64.04
N GLU B 52 28.56 -10.95 -64.52
CA GLU B 52 28.89 -11.62 -65.79
C GLU B 52 28.78 -10.74 -67.05
N ASP B 53 27.79 -9.84 -67.06
CA ASP B 53 27.63 -8.87 -68.15
C ASP B 53 28.89 -8.06 -68.41
N ASP B 54 29.62 -7.77 -67.36
CA ASP B 54 30.85 -6.98 -67.46
C ASP B 54 32.06 -7.88 -67.65
N VAL B 55 31.90 -9.18 -67.42
CA VAL B 55 32.99 -10.12 -67.65
C VAL B 55 33.21 -10.36 -69.13
N VAL B 56 32.12 -10.60 -69.86
CA VAL B 56 32.13 -10.75 -71.32
C VAL B 56 32.65 -9.47 -71.99
N GLU B 57 32.02 -8.33 -71.67
CA GLU B 57 32.42 -7.02 -72.18
C GLU B 57 33.90 -6.69 -71.95
N GLY B 58 34.41 -7.04 -70.77
CA GLY B 58 35.82 -6.87 -70.46
C GLY B 58 36.71 -7.82 -71.23
N LEU B 59 36.22 -9.03 -71.49
CA LEU B 59 36.97 -10.04 -72.25
C LEU B 59 37.03 -9.72 -73.74
N GLN B 60 35.91 -9.29 -74.30
CA GLN B 60 35.82 -8.91 -75.71
C GLN B 60 36.81 -7.80 -76.02
N ALA B 61 36.81 -6.76 -75.19
CA ALA B 61 37.73 -5.64 -75.32
C ALA B 61 39.19 -6.08 -75.23
N ALA B 62 39.45 -7.14 -74.47
CA ALA B 62 40.80 -7.67 -74.29
C ALA B 62 41.32 -8.40 -75.53
N ILE B 63 40.48 -9.26 -76.11
CA ILE B 63 40.84 -9.98 -77.34
C ILE B 63 40.84 -9.08 -78.58
N GLU B 64 40.28 -7.89 -78.44
CA GLU B 64 40.24 -6.90 -79.52
C GLU B 64 41.47 -5.99 -79.54
N ALA B 65 41.88 -5.53 -78.37
CA ALA B 65 43.05 -4.66 -78.23
C ALA B 65 44.35 -5.46 -78.06
N GLY B 66 44.21 -6.78 -77.93
CA GLY B 66 45.32 -7.71 -77.85
C GLY B 66 44.85 -9.00 -78.49
N LYS B 67 45.35 -10.14 -78.01
CA LYS B 67 44.97 -11.44 -78.56
C LYS B 67 44.39 -12.37 -77.48
N ASP B 68 44.79 -13.64 -77.49
CA ASP B 68 44.73 -14.54 -76.31
C ASP B 68 43.35 -15.06 -75.91
N PRO B 69 42.67 -15.77 -76.82
CA PRO B 69 41.35 -16.25 -76.41
C PRO B 69 41.40 -17.19 -75.21
N ILE B 70 42.17 -18.27 -75.34
CA ILE B 70 42.28 -19.31 -74.32
C ILE B 70 43.25 -18.95 -73.19
N ASP B 71 44.16 -18.01 -73.47
CA ASP B 71 45.20 -17.60 -72.52
C ASP B 71 44.64 -16.77 -71.35
N LEU B 72 43.56 -16.03 -71.62
CA LEU B 72 42.88 -15.19 -70.63
C LEU B 72 42.29 -15.99 -69.47
N ILE B 73 42.03 -17.28 -69.68
CA ILE B 73 41.56 -18.15 -68.61
C ILE B 73 42.49 -18.06 -67.41
N ASP B 74 43.79 -18.10 -67.65
CA ASP B 74 44.78 -18.13 -66.57
C ASP B 74 45.38 -16.76 -66.26
N ASP B 75 45.03 -15.77 -67.09
CA ASP B 75 45.60 -14.43 -67.01
C ASP B 75 44.57 -13.38 -66.57
N ALA B 76 43.31 -13.60 -66.92
CA ALA B 76 42.23 -12.70 -66.53
C ALA B 76 41.18 -13.33 -65.59
N LEU B 77 40.90 -14.62 -65.77
CA LEU B 77 39.85 -15.29 -65.00
C LEU B 77 40.35 -15.98 -63.72
N MET B 78 41.49 -16.67 -63.81
CA MET B 78 42.10 -17.33 -62.64
C MET B 78 42.74 -16.35 -61.68
N VAL B 79 43.11 -15.17 -62.18
CA VAL B 79 43.75 -14.17 -61.35
C VAL B 79 42.70 -13.42 -60.52
N GLY B 80 41.57 -13.10 -61.15
CA GLY B 80 40.45 -12.48 -60.48
C GLY B 80 39.87 -13.42 -59.42
N MET B 81 39.65 -14.67 -59.82
CA MET B 81 39.17 -15.71 -58.92
C MET B 81 40.12 -15.94 -57.73
N GLY B 82 41.42 -15.77 -57.94
CA GLY B 82 42.41 -15.96 -56.89
C GLY B 82 42.39 -14.84 -55.86
N VAL B 83 41.88 -13.68 -56.25
CA VAL B 83 41.64 -12.58 -55.34
C VAL B 83 40.45 -12.97 -54.45
N VAL B 84 39.42 -13.53 -55.09
CA VAL B 84 38.19 -13.92 -54.45
C VAL B 84 38.44 -14.98 -53.38
N ILE B 85 39.25 -15.98 -53.71
CA ILE B 85 39.60 -17.05 -52.76
C ILE B 85 40.48 -16.56 -51.60
N ARG B 86 41.38 -15.62 -51.88
CA ARG B 86 42.23 -15.07 -50.82
C ARG B 86 41.36 -14.34 -49.78
N LEU B 87 40.47 -13.48 -50.27
CA LEU B 87 39.57 -12.74 -49.41
C LEU B 87 38.58 -13.63 -48.68
N TYR B 88 38.05 -14.66 -49.35
CA TYR B 88 37.27 -15.67 -48.66
C TYR B 88 38.06 -16.30 -47.52
N ASP B 89 39.29 -16.73 -47.81
CA ASP B 89 40.19 -17.32 -46.79
C ASP B 89 40.48 -16.39 -45.63
N GLU B 90 40.73 -15.12 -45.93
CA GLU B 90 40.94 -14.11 -44.91
C GLU B 90 39.64 -13.71 -44.21
N GLY B 91 38.53 -14.25 -44.71
CA GLY B 91 37.19 -13.99 -44.17
C GLY B 91 36.64 -12.59 -44.42
N VAL B 92 37.12 -11.89 -45.45
CA VAL B 92 36.58 -10.55 -45.74
C VAL B 92 35.35 -10.58 -46.67
N ILE B 93 35.18 -11.65 -47.44
CA ILE B 93 33.93 -11.86 -48.15
C ILE B 93 33.44 -13.23 -47.72
N PHE B 94 32.18 -13.53 -48.04
CA PHE B 94 31.50 -14.77 -47.60
C PHE B 94 31.31 -15.75 -48.75
N LEU B 95 30.85 -16.96 -48.45
CA LEU B 95 30.56 -17.96 -49.46
C LEU B 95 29.72 -17.40 -50.64
N PRO B 96 28.52 -16.81 -50.36
CA PRO B 96 27.75 -16.44 -51.53
C PRO B 96 28.47 -15.50 -52.48
N ASN B 97 29.48 -14.81 -52.00
CA ASN B 97 30.26 -13.94 -52.87
C ASN B 97 31.17 -14.77 -53.76
N VAL B 98 31.68 -15.86 -53.20
CA VAL B 98 32.48 -16.82 -53.93
C VAL B 98 31.63 -17.48 -55.02
N MET B 99 30.40 -17.87 -54.68
CA MET B 99 29.52 -18.54 -55.62
C MET B 99 29.16 -17.69 -56.86
N MET B 100 28.81 -16.43 -56.63
CA MET B 100 28.45 -15.50 -57.68
C MET B 100 29.63 -15.23 -58.58
N SER B 101 30.81 -15.16 -58.00
CA SER B 101 32.06 -15.00 -58.73
C SER B 101 32.38 -16.23 -59.58
N ALA B 102 32.06 -17.42 -59.05
CA ALA B 102 32.29 -18.66 -59.77
C ALA B 102 31.31 -18.81 -60.94
N ASP B 103 30.07 -18.35 -60.73
CA ASP B 103 29.08 -18.23 -61.81
C ASP B 103 29.61 -17.30 -62.89
N ALA B 104 30.07 -16.13 -62.49
CA ALA B 104 30.61 -15.14 -63.41
C ALA B 104 31.83 -15.66 -64.16
N MET B 105 32.69 -16.39 -63.45
CA MET B 105 33.93 -16.91 -64.05
C MET B 105 33.67 -18.08 -64.99
N LEU B 106 32.81 -19.01 -64.58
CA LEU B 106 32.43 -20.13 -65.42
C LEU B 106 31.78 -19.68 -66.75
N GLU B 107 31.04 -18.56 -66.68
CA GLU B 107 30.40 -18.00 -67.87
C GLU B 107 31.41 -17.25 -68.73
N GLY B 108 32.59 -17.02 -68.14
CA GLY B 108 33.73 -16.46 -68.85
C GLY B 108 34.51 -17.57 -69.53
N ILE B 109 34.72 -18.67 -68.80
CA ILE B 109 35.45 -19.83 -69.35
C ILE B 109 34.78 -20.36 -70.63
N GLU B 110 33.45 -20.47 -70.64
CA GLU B 110 32.73 -20.93 -71.84
C GLU B 110 32.58 -19.86 -72.96
N TYR B 111 32.87 -18.60 -72.65
CA TYR B 111 32.97 -17.59 -73.70
C TYR B 111 34.36 -17.64 -74.36
N CYS B 112 35.34 -18.16 -73.61
CA CYS B 112 36.67 -18.44 -74.14
C CYS B 112 36.71 -19.74 -74.94
N LYS B 113 35.70 -20.59 -74.74
CA LYS B 113 35.47 -21.77 -75.57
C LYS B 113 35.12 -21.31 -76.99
N GLU B 114 34.36 -20.21 -77.06
CA GLU B 114 33.78 -19.71 -78.29
C GLU B 114 34.75 -18.96 -79.20
N ASN B 115 36.03 -18.91 -78.83
CA ASN B 115 37.08 -18.25 -79.63
C ASN B 115 38.40 -19.03 -79.59
N SER B 116 38.32 -20.33 -79.37
CA SER B 116 39.50 -21.13 -78.99
C SER B 116 40.00 -22.09 -80.06
N GLY B 117 39.25 -23.17 -80.28
CA GLY B 117 39.72 -24.30 -81.06
C GLY B 117 40.87 -25.06 -80.40
N ALA B 118 41.69 -24.33 -79.63
CA ALA B 118 42.95 -24.85 -79.06
C ALA B 118 42.82 -25.77 -77.84
N THR B 119 41.64 -25.81 -77.21
CA THR B 119 41.38 -26.57 -75.97
C THR B 119 42.02 -25.92 -74.74
N PRO B 120 41.25 -25.76 -73.64
CA PRO B 120 41.83 -25.22 -72.41
C PRO B 120 42.59 -26.30 -71.64
N LYS B 121 43.38 -25.91 -70.65
CA LYS B 121 44.16 -26.88 -69.88
C LYS B 121 43.98 -26.67 -68.38
N THR B 122 43.92 -27.78 -67.63
CA THR B 122 43.71 -27.77 -66.18
C THR B 122 44.75 -28.59 -65.44
N LYS B 123 44.74 -28.51 -64.10
CA LYS B 123 45.76 -29.15 -63.27
C LYS B 123 45.50 -30.63 -62.98
N GLY B 124 44.52 -31.20 -63.67
CA GLY B 124 44.06 -32.57 -63.43
C GLY B 124 42.54 -32.61 -63.39
N THR B 125 41.98 -33.81 -63.27
CA THR B 125 40.52 -33.98 -63.15
C THR B 125 40.14 -34.51 -61.76
N VAL B 126 39.11 -33.90 -61.17
CA VAL B 126 38.47 -34.44 -59.95
C VAL B 126 37.02 -34.82 -60.25
N VAL B 127 36.63 -36.00 -59.78
CA VAL B 127 35.23 -36.44 -59.79
C VAL B 127 34.69 -36.19 -58.38
N CYS B 128 33.48 -35.63 -58.32
CA CYS B 128 32.79 -35.35 -57.07
C CYS B 128 31.41 -35.98 -57.01
N HIS B 129 31.08 -36.59 -55.89
CA HIS B 129 29.76 -37.17 -55.70
C HIS B 129 29.28 -37.06 -54.26
N VAL B 130 27.97 -37.20 -54.09
CA VAL B 130 27.36 -37.37 -52.79
C VAL B 130 27.00 -38.86 -52.69
N ALA B 131 27.18 -39.43 -51.50
CA ALA B 131 26.88 -40.84 -51.22
C ALA B 131 25.49 -41.26 -51.67
N GLU B 132 25.32 -42.52 -52.05
CA GLU B 132 23.96 -42.95 -52.42
C GLU B 132 23.09 -43.03 -51.18
N GLY B 133 21.82 -42.65 -51.38
CA GLY B 133 20.84 -42.43 -50.31
C GLY B 133 20.84 -41.02 -49.78
N ASP B 134 21.80 -40.20 -50.20
CA ASP B 134 22.02 -38.88 -49.63
C ASP B 134 21.69 -37.75 -50.62
N VAL B 135 20.95 -36.75 -50.13
CA VAL B 135 20.39 -35.64 -50.93
C VAL B 135 21.05 -34.30 -50.56
N HIS B 136 21.93 -34.33 -49.57
CA HIS B 136 22.65 -33.15 -49.09
C HIS B 136 23.74 -32.69 -50.08
N ASP B 137 23.35 -31.70 -50.88
CA ASP B 137 24.10 -31.07 -51.97
C ASP B 137 25.24 -30.16 -51.56
N ILE B 138 24.99 -29.36 -50.52
CA ILE B 138 25.64 -28.06 -50.36
C ILE B 138 27.14 -28.15 -50.18
N GLY B 139 27.58 -28.99 -49.26
CA GLY B 139 29.00 -29.20 -49.03
C GLY B 139 29.71 -29.64 -50.30
N LYS B 140 29.07 -30.52 -51.05
CA LYS B 140 29.59 -30.99 -52.33
C LYS B 140 29.73 -29.85 -53.33
N ASN B 141 28.75 -28.94 -53.32
CA ASN B 141 28.77 -27.75 -54.17
C ASN B 141 29.87 -26.76 -53.79
N ILE B 142 30.19 -26.71 -52.50
CA ILE B 142 31.25 -25.83 -52.05
C ILE B 142 32.57 -26.43 -52.45
N VAL B 143 32.68 -27.75 -52.33
CA VAL B 143 33.89 -28.47 -52.73
C VAL B 143 34.10 -28.34 -54.24
N THR B 144 33.03 -28.58 -55.01
CA THR B 144 32.95 -28.30 -56.43
C THR B 144 33.56 -26.92 -56.75
N ALA B 145 33.00 -25.86 -56.15
CA ALA B 145 33.43 -24.49 -56.42
C ALA B 145 34.91 -24.28 -56.13
N LEU B 146 35.33 -24.59 -54.90
CA LEU B 146 36.72 -24.40 -54.49
C LEU B 146 37.73 -25.20 -55.32
N LEU B 147 37.28 -26.29 -55.93
CA LEU B 147 38.08 -27.05 -56.89
C LEU B 147 38.19 -26.32 -58.23
N ARG B 148 37.05 -25.82 -58.74
CA ARG B 148 37.03 -25.08 -60.00
C ARG B 148 37.72 -23.72 -59.85
N ALA B 149 37.86 -23.27 -58.61
CA ALA B 149 38.52 -22.01 -58.30
C ALA B 149 40.04 -22.15 -58.17
N ASN B 150 40.49 -23.34 -57.72
CA ASN B 150 41.92 -23.63 -57.58
C ASN B 150 42.55 -24.22 -58.86
N GLY B 151 41.84 -24.10 -59.98
CA GLY B 151 42.37 -24.48 -61.29
C GLY B 151 42.14 -25.91 -61.76
N TYR B 152 41.27 -26.64 -61.05
CA TYR B 152 40.98 -28.03 -61.41
C TYR B 152 39.67 -28.12 -62.20
N ASN B 153 39.53 -29.24 -62.90
CA ASN B 153 38.37 -29.53 -63.72
C ASN B 153 37.50 -30.59 -63.03
N VAL B 154 36.20 -30.30 -62.92
CA VAL B 154 35.32 -31.15 -62.10
C VAL B 154 34.09 -31.64 -62.83
N VAL B 155 34.04 -32.95 -63.04
CA VAL B 155 32.81 -33.60 -63.45
C VAL B 155 32.02 -33.83 -62.16
N ASP B 156 30.85 -33.19 -62.10
CA ASP B 156 29.97 -33.22 -60.93
C ASP B 156 28.90 -34.30 -61.10
N LEU B 157 29.08 -35.43 -60.41
CA LEU B 157 28.18 -36.59 -60.52
C LEU B 157 26.81 -36.45 -59.87
N GLY B 158 26.59 -35.39 -59.07
CA GLY B 158 25.27 -35.11 -58.51
C GLY B 158 25.01 -35.76 -57.15
N ARG B 159 23.72 -36.02 -56.88
CA ARG B 159 23.26 -36.42 -55.55
C ARG B 159 23.41 -37.90 -55.23
N ASP B 160 22.32 -38.61 -55.44
CA ASP B 160 22.08 -39.93 -54.89
C ASP B 160 22.82 -40.97 -55.74
N VAL B 161 24.16 -40.99 -55.64
CA VAL B 161 25.05 -41.64 -56.64
C VAL B 161 25.53 -43.06 -56.27
N PRO B 162 25.12 -44.08 -57.07
CA PRO B 162 25.14 -45.52 -56.75
C PRO B 162 26.45 -46.35 -56.72
N ALA B 163 27.61 -45.73 -56.93
CA ALA B 163 28.91 -46.45 -56.90
C ALA B 163 29.33 -47.10 -58.23
N GLU B 164 28.50 -48.01 -58.77
CA GLU B 164 28.68 -48.51 -60.16
C GLU B 164 28.97 -47.35 -61.10
N GLU B 165 28.34 -46.22 -60.76
CA GLU B 165 28.35 -45.01 -61.54
C GLU B 165 29.58 -44.17 -61.26
N VAL B 166 30.11 -44.32 -60.05
CA VAL B 166 31.33 -43.62 -59.63
C VAL B 166 32.49 -44.30 -60.35
N LEU B 167 32.46 -45.63 -60.33
CA LEU B 167 33.37 -46.48 -61.09
C LEU B 167 33.43 -46.01 -62.55
N ALA B 168 32.28 -46.02 -63.20
CA ALA B 168 32.15 -45.62 -64.61
C ALA B 168 32.71 -44.23 -64.89
N ALA B 169 32.47 -43.28 -63.99
CA ALA B 169 33.00 -41.94 -64.20
C ALA B 169 34.52 -41.91 -63.99
N VAL B 170 34.99 -42.56 -62.94
CA VAL B 170 36.42 -42.61 -62.64
C VAL B 170 37.20 -43.29 -63.76
N GLN B 171 36.58 -44.30 -64.37
CA GLN B 171 37.14 -44.96 -65.56
C GLN B 171 37.27 -43.99 -66.72
N LYS B 172 36.18 -43.32 -67.10
CA LYS B 172 36.17 -42.43 -68.28
C LYS B 172 37.10 -41.24 -68.16
N GLU B 173 37.09 -40.56 -67.02
CA GLU B 173 37.70 -39.24 -66.90
C GLU B 173 39.13 -39.32 -66.38
N LYS B 174 39.50 -40.53 -65.95
CA LYS B 174 40.78 -40.82 -65.32
C LYS B 174 41.21 -39.66 -64.44
N PRO B 175 40.46 -39.44 -63.35
CA PRO B 175 40.71 -38.30 -62.49
C PRO B 175 41.89 -38.57 -61.57
N ILE B 176 42.45 -37.51 -61.00
CA ILE B 176 43.55 -37.64 -60.06
C ILE B 176 43.02 -37.86 -58.64
N MET B 177 41.76 -37.49 -58.43
CA MET B 177 41.16 -37.47 -57.10
C MET B 177 39.65 -37.66 -57.12
N LEU B 178 39.17 -38.49 -56.21
CA LEU B 178 37.75 -38.71 -56.04
C LEU B 178 37.29 -38.08 -54.72
N THR B 179 36.28 -37.20 -54.78
CA THR B 179 35.65 -36.67 -53.55
C THR B 179 34.30 -37.32 -53.27
N GLY B 180 34.01 -37.50 -51.98
CA GLY B 180 32.71 -37.99 -51.52
C GLY B 180 32.19 -37.22 -50.32
N THR B 181 30.87 -37.03 -50.28
CA THR B 181 30.23 -36.27 -49.24
C THR B 181 29.06 -37.06 -48.68
N ALA B 182 29.13 -37.40 -47.40
CA ALA B 182 28.00 -38.03 -46.72
C ALA B 182 27.56 -37.22 -45.50
N LEU B 183 26.25 -37.17 -45.24
CA LEU B 183 25.72 -36.36 -44.15
C LEU B 183 24.93 -37.12 -43.10
N MET B 184 24.64 -38.38 -43.39
CA MET B 184 23.85 -39.19 -42.50
C MET B 184 24.60 -40.45 -42.10
N THR B 185 24.46 -40.85 -40.85
CA THR B 185 24.96 -42.15 -40.39
C THR B 185 24.44 -43.24 -41.32
N THR B 186 23.22 -43.02 -41.82
CA THR B 186 22.45 -43.95 -42.59
C THR B 186 22.97 -44.04 -44.03
N THR B 187 24.05 -43.33 -44.31
CA THR B 187 24.47 -42.99 -45.66
C THR B 187 26.00 -42.95 -45.82
N MET B 188 26.71 -42.68 -44.74
CA MET B 188 28.19 -42.62 -44.74
C MET B 188 28.81 -43.93 -45.20
N TYR B 189 28.06 -45.02 -45.03
CA TYR B 189 28.53 -46.35 -45.41
C TYR B 189 28.64 -46.60 -46.92
N ALA B 190 28.14 -45.66 -47.73
CA ALA B 190 28.28 -45.76 -49.18
C ALA B 190 29.72 -45.51 -49.61
N PHE B 191 30.56 -45.08 -48.66
CA PHE B 191 31.99 -44.94 -48.92
C PHE B 191 32.64 -46.33 -48.97
N LYS B 192 32.15 -47.24 -48.12
CA LYS B 192 32.47 -48.68 -48.15
C LYS B 192 32.36 -49.15 -49.59
N GLU B 193 31.12 -49.26 -50.07
CA GLU B 193 30.84 -49.71 -51.42
C GLU B 193 31.79 -49.12 -52.44
N VAL B 194 31.91 -47.79 -52.45
CA VAL B 194 32.80 -47.08 -53.38
C VAL B 194 34.26 -47.55 -53.27
N ASN B 195 34.81 -47.52 -52.07
CA ASN B 195 36.20 -47.92 -51.83
C ASN B 195 36.53 -49.34 -52.29
N ASP B 196 35.76 -50.31 -51.78
CA ASP B 196 35.91 -51.72 -52.14
C ASP B 196 35.80 -51.91 -53.64
N MET B 197 34.79 -51.30 -54.24
CA MET B 197 34.49 -51.45 -55.65
C MET B 197 35.46 -50.71 -56.58
N LEU B 198 36.43 -50.02 -56.00
CA LEU B 198 37.52 -49.43 -56.78
C LEU B 198 38.74 -50.34 -56.72
N LEU B 199 39.02 -50.85 -55.52
CA LEU B 199 40.05 -51.85 -55.30
C LEU B 199 39.73 -53.17 -56.00
N GLU B 200 38.46 -53.57 -55.97
CA GLU B 200 37.97 -54.75 -56.70
C GLU B 200 37.95 -54.51 -58.22
N ASN B 201 38.26 -53.29 -58.61
CA ASN B 201 38.44 -52.96 -60.01
C ASN B 201 39.83 -52.39 -60.25
N GLY B 202 40.69 -52.55 -59.24
CA GLY B 202 42.11 -52.20 -59.34
C GLY B 202 42.45 -50.75 -59.57
N ILE B 203 41.77 -49.86 -58.84
CA ILE B 203 42.09 -48.44 -58.95
C ILE B 203 42.66 -47.94 -57.62
N LYS B 204 43.63 -47.03 -57.70
CA LYS B 204 44.39 -46.60 -56.53
C LYS B 204 44.59 -45.07 -56.44
N ILE B 205 43.56 -44.32 -56.84
CA ILE B 205 43.56 -42.87 -56.65
C ILE B 205 43.03 -42.54 -55.24
N PRO B 206 43.48 -41.41 -54.65
CA PRO B 206 42.96 -41.07 -53.33
C PRO B 206 41.47 -40.73 -53.38
N PHE B 207 40.77 -41.12 -52.32
CA PHE B 207 39.34 -40.87 -52.18
C PHE B 207 39.13 -39.91 -51.01
N ALA B 208 39.05 -38.62 -51.28
CA ALA B 208 38.91 -37.64 -50.20
C ALA B 208 37.46 -37.49 -49.71
N CYS B 209 37.20 -37.99 -48.50
CA CYS B 209 35.87 -38.04 -47.92
C CYS B 209 35.60 -36.93 -46.91
N GLY B 210 34.37 -36.39 -46.95
CA GLY B 210 33.93 -35.36 -46.01
C GLY B 210 32.44 -35.36 -45.78
N GLY B 211 31.96 -34.37 -45.05
CA GLY B 211 30.55 -34.27 -44.68
C GLY B 211 30.29 -34.38 -43.18
N GLY B 212 29.15 -33.87 -42.74
CA GLY B 212 28.84 -33.75 -41.32
C GLY B 212 28.92 -35.07 -40.58
N ALA B 213 28.50 -36.15 -41.24
CA ALA B 213 28.39 -37.46 -40.60
C ALA B 213 29.72 -38.21 -40.50
N VAL B 214 30.79 -37.60 -41.01
CA VAL B 214 32.06 -38.29 -41.17
C VAL B 214 33.21 -37.67 -40.38
N ASN B 215 34.05 -38.55 -39.79
CA ASN B 215 35.30 -38.15 -39.13
C ASN B 215 36.50 -39.00 -39.54
N GLN B 216 37.66 -38.67 -38.97
CA GLN B 216 38.95 -39.24 -39.38
C GLN B 216 39.07 -40.76 -39.22
N ASP B 217 38.65 -41.26 -38.07
CA ASP B 217 38.67 -42.70 -37.78
C ASP B 217 37.76 -43.50 -38.71
N PHE B 218 36.63 -42.90 -39.09
CA PHE B 218 35.74 -43.53 -40.05
C PHE B 218 36.36 -43.70 -41.44
N VAL B 219 37.00 -42.66 -41.96
CA VAL B 219 37.57 -42.74 -43.32
C VAL B 219 38.84 -43.60 -43.37
N SER B 220 39.54 -43.69 -42.24
CA SER B 220 40.77 -44.48 -42.11
C SER B 220 40.54 -45.98 -42.23
N GLN B 221 39.34 -46.45 -41.88
CA GLN B 221 39.03 -47.89 -42.04
C GLN B 221 38.95 -48.38 -43.51
N PHE B 222 38.89 -47.43 -44.45
CA PHE B 222 38.96 -47.75 -45.89
C PHE B 222 40.34 -47.41 -46.43
N ALA B 223 40.84 -48.26 -47.32
CA ALA B 223 42.23 -48.18 -47.78
C ALA B 223 42.52 -46.92 -48.60
N LEU B 224 41.55 -46.50 -49.42
CA LEU B 224 41.73 -45.37 -50.33
C LEU B 224 41.37 -44.04 -49.69
N GLY B 225 40.83 -44.11 -48.47
CA GLY B 225 40.24 -42.97 -47.78
C GLY B 225 41.17 -41.88 -47.25
N VAL B 226 40.83 -40.64 -47.59
CA VAL B 226 41.43 -39.45 -47.00
C VAL B 226 40.33 -38.61 -46.34
N TYR B 227 40.61 -38.04 -45.17
CA TYR B 227 39.69 -37.12 -44.53
C TYR B 227 39.99 -35.68 -44.94
N GLY B 228 38.95 -34.85 -44.93
CA GLY B 228 39.08 -33.42 -45.00
C GLY B 228 37.80 -32.88 -44.40
N GLU B 229 37.91 -32.15 -43.29
CA GLU B 229 36.72 -31.66 -42.60
C GLU B 229 36.10 -30.40 -43.23
N GLU B 230 36.92 -29.42 -43.60
CA GLU B 230 36.42 -28.23 -44.30
C GLU B 230 36.48 -28.43 -45.82
N ALA B 231 35.71 -27.63 -46.56
CA ALA B 231 35.73 -27.65 -48.02
C ALA B 231 37.07 -27.19 -48.59
N ALA B 232 37.68 -26.21 -47.93
CA ALA B 232 39.01 -25.73 -48.30
C ALA B 232 40.02 -26.87 -48.41
N ASP B 233 39.81 -27.91 -47.59
CA ASP B 233 40.68 -29.09 -47.56
C ASP B 233 40.71 -29.85 -48.90
N ALA B 234 39.74 -29.61 -49.78
CA ALA B 234 39.63 -30.31 -51.06
C ALA B 234 40.74 -29.99 -52.08
N PRO B 235 40.96 -28.68 -52.40
CA PRO B 235 42.16 -28.34 -53.21
C PRO B 235 43.52 -28.68 -52.56
N LYS B 236 43.65 -28.41 -51.26
CA LYS B 236 44.87 -28.65 -50.48
C LYS B 236 45.32 -30.11 -50.55
N ILE B 237 44.35 -31.02 -50.54
CA ILE B 237 44.60 -32.46 -50.65
C ILE B 237 44.85 -32.88 -52.11
N ALA B 238 44.39 -32.06 -53.06
CA ALA B 238 44.60 -32.31 -54.48
C ALA B 238 45.92 -31.71 -54.96
N ASP B 239 46.40 -30.70 -54.25
CA ASP B 239 47.72 -30.10 -54.52
C ASP B 239 48.87 -31.08 -54.21
N ALA B 240 48.65 -31.94 -53.21
CA ALA B 240 49.63 -32.98 -52.83
C ALA B 240 49.69 -34.15 -53.84
N ILE B 241 48.60 -34.34 -54.59
CA ILE B 241 48.59 -35.29 -55.71
C ILE B 241 49.44 -34.72 -56.83
N ILE B 242 49.30 -33.41 -57.06
CA ILE B 242 50.10 -32.68 -58.04
C ILE B 242 51.56 -32.51 -57.53
N ALA B 243 51.74 -32.60 -56.21
CA ALA B 243 53.07 -32.65 -55.61
C ALA B 243 53.71 -34.03 -55.76
N GLY B 244 52.89 -35.02 -56.12
CA GLY B 244 53.36 -36.37 -56.38
C GLY B 244 53.22 -37.33 -55.22
N THR B 245 52.14 -37.21 -54.46
CA THR B 245 51.87 -38.14 -53.36
C THR B 245 50.58 -38.88 -53.66
N THR B 246 50.71 -40.18 -53.97
CA THR B 246 49.58 -41.03 -54.36
C THR B 246 49.31 -42.11 -53.30
N ASP B 247 50.26 -42.27 -52.40
CA ASP B 247 50.18 -43.25 -51.33
C ASP B 247 49.29 -42.71 -50.21
N VAL B 248 48.19 -43.42 -49.96
CA VAL B 248 47.19 -42.98 -48.98
C VAL B 248 47.81 -42.76 -47.60
N THR B 249 48.63 -43.71 -47.16
CA THR B 249 49.30 -43.64 -45.84
C THR B 249 50.27 -42.45 -45.75
N GLU B 250 50.89 -42.12 -46.89
CA GLU B 250 51.79 -40.97 -46.97
C GLU B 250 50.95 -39.69 -46.90
N LEU B 251 49.85 -39.69 -47.65
CA LEU B 251 48.93 -38.57 -47.68
C LEU B 251 48.28 -38.31 -46.33
N ARG B 252 47.80 -39.38 -45.69
CA ARG B 252 47.17 -39.33 -44.37
C ARG B 252 48.06 -38.65 -43.32
N GLU B 253 49.35 -38.97 -43.36
CA GLU B 253 50.33 -38.43 -42.41
C GLU B 253 50.33 -36.90 -42.36
N LYS B 254 50.21 -36.26 -43.52
CA LYS B 254 50.18 -34.79 -43.61
C LYS B 254 48.81 -34.21 -43.25
N PHE B 255 47.75 -34.98 -43.46
CA PHE B 255 46.37 -34.44 -43.40
C PHE B 255 45.45 -34.99 -42.31
N HIS B 256 45.80 -36.14 -41.74
CA HIS B 256 45.12 -36.65 -40.56
C HIS B 256 45.52 -35.84 -39.32
N LYS B 257 45.89 -36.52 -38.24
CA LYS B 257 46.36 -35.86 -37.01
C LYS B 257 45.46 -34.68 -36.56
N HIS B 258 44.15 -34.83 -36.69
CA HIS B 258 43.18 -33.76 -36.38
C HIS B 258 43.06 -33.51 -34.88
N ALA C 3 40.98 -27.22 10.30
CA ALA C 3 41.85 -26.55 11.32
C ALA C 3 41.17 -25.36 11.98
N LYS C 4 40.69 -24.41 11.19
CA LYS C 4 39.98 -23.27 11.79
C LYS C 4 38.48 -23.39 11.59
N ARG C 5 37.77 -23.76 12.64
CA ARG C 5 36.39 -24.24 12.50
C ARG C 5 35.36 -23.13 12.47
N TYR C 6 34.32 -23.30 11.64
CA TYR C 6 33.24 -22.32 11.56
C TYR C 6 32.30 -22.42 12.74
N THR C 7 32.01 -21.29 13.38
CA THR C 7 31.01 -21.26 14.46
C THR C 7 29.92 -20.20 14.25
N SER C 8 29.89 -19.63 13.06
CA SER C 8 28.77 -18.77 12.68
C SER C 8 28.57 -18.85 11.18
N MET C 9 27.50 -18.26 10.68
CA MET C 9 27.13 -18.34 9.27
C MET C 9 27.67 -17.12 8.55
N ALA C 10 28.08 -17.28 7.28
CA ALA C 10 28.50 -16.13 6.44
C ALA C 10 27.37 -15.19 6.06
N TYR C 11 26.14 -15.69 6.06
CA TYR C 11 24.98 -14.93 5.63
C TYR C 11 24.02 -14.82 6.82
N ALA C 12 23.37 -13.66 6.96
CA ALA C 12 22.45 -13.38 8.08
C ALA C 12 21.18 -14.20 8.03
N ASN C 13 20.77 -14.54 6.80
CA ASN C 13 19.61 -15.36 6.57
C ASN C 13 19.69 -15.97 5.17
N ALA C 14 18.93 -17.03 4.98
CA ALA C 14 18.85 -17.73 3.72
C ALA C 14 18.49 -16.79 2.53
N ASP C 15 17.68 -15.76 2.78
CA ASP C 15 17.20 -14.89 1.74
C ASP C 15 18.29 -14.04 1.10
N GLU C 16 19.46 -13.99 1.72
CA GLU C 16 20.54 -13.18 1.17
C GLU C 16 21.34 -13.95 0.14
N MET C 17 21.11 -15.26 0.08
CA MET C 17 21.86 -16.11 -0.84
C MET C 17 21.22 -16.06 -2.23
N THR C 18 22.08 -16.05 -3.23
CA THR C 18 21.62 -16.08 -4.59
C THR C 18 22.69 -16.67 -5.45
N PHE C 19 22.37 -16.93 -6.71
CA PHE C 19 23.33 -17.55 -7.60
C PHE C 19 24.34 -16.51 -8.17
N GLY C 20 25.57 -16.95 -8.45
CA GLY C 20 26.56 -16.12 -9.12
C GLY C 20 27.22 -15.07 -8.26
N VAL C 21 26.65 -14.83 -7.08
CA VAL C 21 27.38 -14.04 -6.11
C VAL C 21 27.68 -14.83 -4.87
N SER C 22 28.91 -14.71 -4.42
CA SER C 22 29.16 -15.17 -3.09
C SER C 22 29.96 -14.15 -2.28
N LYS C 23 30.01 -14.35 -0.98
CA LYS C 23 30.57 -13.34 -0.07
C LYS C 23 32.08 -13.13 -0.30
N TYR C 24 32.82 -14.22 -0.52
CA TYR C 24 34.24 -14.17 -0.85
C TYR C 24 34.56 -14.71 -2.23
N PRO C 25 34.53 -13.86 -3.26
CA PRO C 25 34.80 -14.34 -4.62
C PRO C 25 36.25 -14.85 -4.84
N VAL C 26 36.45 -15.63 -5.92
CA VAL C 26 37.76 -16.20 -6.25
C VAL C 26 38.17 -15.66 -7.64
N LYS C 27 39.36 -15.06 -7.70
CA LYS C 27 39.97 -14.58 -8.95
C LYS C 27 40.92 -15.68 -9.36
N ALA C 28 40.87 -16.06 -10.63
CA ALA C 28 41.73 -17.16 -11.10
C ALA C 28 41.78 -17.22 -12.61
N GLY C 29 42.73 -17.97 -13.13
CA GLY C 29 42.82 -18.29 -14.54
C GLY C 29 43.11 -17.07 -15.38
N LEU C 30 42.56 -17.09 -16.59
CA LEU C 30 42.70 -16.01 -17.54
C LEU C 30 41.53 -15.06 -17.39
N ASP C 31 41.68 -14.16 -16.44
CA ASP C 31 40.82 -13.03 -16.24
C ASP C 31 39.41 -13.38 -15.74
N LEU C 32 39.26 -14.53 -15.09
CA LEU C 32 37.97 -14.99 -14.60
C LEU C 32 37.80 -14.68 -13.11
N GLU C 33 36.55 -14.43 -12.74
CA GLU C 33 36.21 -14.23 -11.35
C GLU C 33 34.97 -15.08 -11.06
N ILE C 34 34.99 -15.72 -9.90
CA ILE C 34 33.97 -16.71 -9.50
C ILE C 34 33.27 -16.24 -8.23
N GLY C 35 31.93 -16.19 -8.27
CA GLY C 35 31.15 -15.61 -7.17
C GLY C 35 31.04 -14.09 -7.23
N ALA C 36 31.45 -13.53 -8.37
CA ALA C 36 31.62 -12.09 -8.55
C ALA C 36 30.48 -11.38 -9.32
N GLY C 37 29.30 -12.02 -9.35
CA GLY C 37 28.13 -11.43 -9.98
C GLY C 37 27.84 -12.01 -11.35
N TYR C 38 28.37 -13.19 -11.64
CA TYR C 38 28.00 -13.94 -12.84
C TYR C 38 28.27 -15.41 -12.61
N THR C 39 27.28 -16.25 -12.97
CA THR C 39 27.44 -17.71 -12.97
C THR C 39 28.29 -18.11 -14.17
N ILE C 40 29.00 -19.23 -14.07
CA ILE C 40 29.91 -19.70 -15.09
C ILE C 40 29.65 -21.18 -15.45
N PRO C 41 29.61 -21.53 -16.76
CA PRO C 41 29.50 -22.93 -17.12
C PRO C 41 30.82 -23.65 -16.87
N GLU C 42 30.74 -24.88 -16.35
CA GLU C 42 31.92 -25.68 -16.08
C GLU C 42 31.75 -27.03 -16.75
N ILE C 43 32.49 -27.28 -17.79
CA ILE C 43 32.29 -28.46 -18.62
C ILE C 43 33.23 -29.57 -18.20
N ASN C 44 32.65 -30.77 -18.05
CA ASN C 44 33.35 -32.02 -17.76
C ASN C 44 33.25 -33.01 -18.92
N TYR C 45 34.11 -34.03 -18.91
CA TYR C 45 34.36 -34.88 -20.10
C TYR C 45 35.26 -36.04 -19.73
N ALA C 46 35.04 -37.19 -20.33
CA ALA C 46 35.90 -38.32 -20.11
C ALA C 46 36.45 -38.77 -21.47
N PRO C 47 37.76 -39.06 -21.53
CA PRO C 47 38.33 -39.51 -22.81
C PRO C 47 37.82 -40.90 -23.17
N ARG C 48 37.85 -41.23 -24.45
CA ARG C 48 37.43 -42.57 -24.89
C ARG C 48 38.45 -43.59 -24.39
N PRO C 49 38.03 -44.83 -24.11
CA PRO C 49 38.93 -45.90 -23.62
C PRO C 49 40.30 -46.01 -24.35
N GLU C 50 40.30 -45.83 -25.66
CA GLU C 50 41.53 -45.98 -26.48
C GLU C 50 42.57 -44.92 -26.13
N ALA C 51 42.10 -43.70 -25.88
CA ALA C 51 42.98 -42.59 -25.61
C ALA C 51 43.84 -42.82 -24.37
N GLY C 52 43.40 -43.72 -23.49
CA GLY C 52 44.13 -44.04 -22.28
C GLY C 52 45.36 -44.91 -22.45
N ALA C 53 45.56 -45.45 -23.64
CA ALA C 53 46.65 -46.41 -23.89
C ALA C 53 48.05 -45.82 -23.66
N SER C 54 48.26 -44.57 -24.04
CA SER C 54 49.56 -43.90 -23.88
C SER C 54 49.35 -42.48 -23.43
N LYS C 55 50.41 -41.87 -22.90
CA LYS C 55 50.39 -40.47 -22.53
C LYS C 55 50.07 -39.58 -23.73
N GLU C 56 50.62 -39.88 -24.89
CA GLU C 56 50.43 -39.03 -26.07
C GLU C 56 49.02 -39.07 -26.60
N LYS C 57 48.42 -40.26 -26.53
CA LYS C 57 47.04 -40.45 -26.93
C LYS C 57 46.10 -39.66 -26.01
N LEU C 58 46.42 -39.65 -24.73
CA LEU C 58 45.66 -38.93 -23.72
C LEU C 58 45.79 -37.43 -23.90
N ILE C 59 47.01 -36.92 -24.07
CA ILE C 59 47.22 -35.50 -24.30
C ILE C 59 46.41 -35.06 -25.52
N LYS C 60 46.45 -35.86 -26.58
CA LYS C 60 45.78 -35.53 -27.83
C LYS C 60 44.26 -35.45 -27.66
N GLU C 61 43.69 -36.42 -26.94
CA GLU C 61 42.25 -36.48 -26.72
C GLU C 61 41.78 -35.20 -26.03
N TYR C 62 42.55 -34.78 -25.02
CA TYR C 62 42.22 -33.60 -24.24
C TYR C 62 42.42 -32.28 -24.99
N GLU C 63 43.31 -32.28 -25.97
CA GLU C 63 43.46 -31.14 -26.88
C GLU C 63 42.27 -31.03 -27.84
N ARG C 64 41.72 -32.16 -28.28
CA ARG C 64 40.47 -32.16 -29.03
C ARG C 64 39.29 -31.68 -28.17
N ILE C 65 39.28 -32.08 -26.91
CA ILE C 65 38.21 -31.69 -26.04
C ILE C 65 38.28 -30.16 -25.88
N THR C 66 39.47 -29.65 -25.54
CA THR C 66 39.63 -28.26 -25.18
C THR C 66 39.38 -27.35 -26.38
N THR C 67 39.85 -27.79 -27.54
CA THR C 67 39.67 -27.01 -28.77
C THR C 67 38.18 -26.97 -29.09
N ASP C 68 37.50 -28.11 -28.99
CA ASP C 68 36.08 -28.18 -29.32
C ASP C 68 35.21 -27.29 -28.44
N VAL C 69 35.57 -27.21 -27.16
CA VAL C 69 34.86 -26.41 -26.16
C VAL C 69 35.02 -24.91 -26.39
N MET C 70 36.27 -24.43 -26.46
CA MET C 70 36.57 -23.00 -26.69
C MET C 70 36.01 -22.57 -28.05
N GLU C 71 36.10 -23.43 -29.05
CA GLU C 71 35.54 -23.06 -30.33
C GLU C 71 34.06 -22.75 -30.17
N ARG C 72 33.35 -23.61 -29.44
CA ARG C 72 31.90 -23.50 -29.34
C ARG C 72 31.48 -22.25 -28.60
N MET C 73 32.20 -21.97 -27.51
CA MET C 73 31.96 -20.80 -26.68
C MET C 73 32.03 -19.52 -27.53
N VAL C 74 33.08 -19.37 -28.33
CA VAL C 74 33.21 -18.13 -29.10
C VAL C 74 32.22 -18.12 -30.27
N GLN C 75 31.81 -19.27 -30.78
CA GLN C 75 30.86 -19.24 -31.87
C GLN C 75 29.45 -18.84 -31.42
N VAL C 76 29.14 -19.02 -30.15
CA VAL C 76 27.79 -18.70 -29.65
C VAL C 76 27.82 -17.45 -28.74
N GLY C 77 28.99 -16.88 -28.55
CA GLY C 77 29.02 -15.57 -27.92
C GLY C 77 29.09 -15.62 -26.40
N PHE C 78 29.49 -16.74 -25.83
CA PHE C 78 29.55 -16.82 -24.38
C PHE C 78 30.79 -16.14 -23.80
N PRO C 79 30.63 -15.34 -22.74
CA PRO C 79 31.80 -14.60 -22.19
C PRO C 79 32.79 -15.41 -21.36
N ALA C 80 32.40 -16.57 -20.86
CA ALA C 80 33.24 -17.22 -19.83
C ALA C 80 33.00 -18.71 -19.78
N ILE C 81 34.06 -19.44 -19.46
CA ILE C 81 33.96 -20.88 -19.33
C ILE C 81 35.06 -21.52 -18.47
N ILE C 82 34.69 -22.55 -17.69
CA ILE C 82 35.65 -23.32 -16.94
C ILE C 82 35.70 -24.74 -17.51
N LEU C 83 36.91 -25.25 -17.71
CA LEU C 83 37.11 -26.65 -18.06
C LEU C 83 37.60 -27.44 -16.85
N GLU C 84 36.91 -28.55 -16.56
CA GLU C 84 37.33 -29.44 -15.49
C GLU C 84 37.78 -30.78 -16.04
N THR C 85 39.03 -31.12 -15.76
CA THR C 85 39.58 -32.38 -16.17
C THR C 85 39.64 -33.29 -14.94
N GLU C 86 38.73 -34.27 -14.89
CA GLU C 86 38.79 -35.31 -13.85
C GLU C 86 39.77 -36.37 -14.31
N HIS C 87 40.91 -36.46 -13.61
CA HIS C 87 41.99 -37.37 -13.95
C HIS C 87 41.46 -38.78 -14.05
N VAL C 88 41.89 -39.52 -15.08
CA VAL C 88 41.89 -41.00 -15.02
C VAL C 88 43.04 -41.42 -14.09
N GLN C 89 42.98 -42.62 -13.52
CA GLN C 89 43.96 -42.99 -12.48
C GLN C 89 45.39 -42.84 -12.96
N GLN C 90 45.65 -43.08 -14.25
CA GLN C 90 47.02 -43.05 -14.75
C GLN C 90 47.62 -41.63 -14.81
N MET C 91 46.76 -40.59 -14.83
CA MET C 91 47.23 -39.19 -14.77
C MET C 91 47.70 -38.78 -13.37
N SER C 92 47.18 -39.46 -12.36
CA SER C 92 47.59 -39.17 -10.97
C SER C 92 48.72 -40.07 -10.51
N ASN C 93 48.68 -41.34 -10.89
CA ASN C 93 49.71 -42.30 -10.51
C ASN C 93 51.03 -41.93 -11.15
N ASN C 94 50.97 -41.34 -12.36
CA ASN C 94 52.12 -40.69 -12.98
C ASN C 94 51.93 -39.17 -13.00
N PRO C 95 52.38 -38.48 -11.92
CA PRO C 95 52.22 -37.02 -11.81
C PRO C 95 52.48 -36.25 -13.11
N SER C 96 53.53 -36.60 -13.83
CA SER C 96 53.93 -35.79 -14.99
C SER C 96 52.92 -35.88 -16.15
N TRP C 97 52.08 -36.93 -16.14
CA TRP C 97 51.06 -37.16 -17.18
C TRP C 97 49.92 -36.14 -17.06
N GLY C 98 49.31 -36.06 -15.87
CA GLY C 98 48.33 -35.02 -15.57
C GLY C 98 48.90 -33.63 -15.83
N ALA C 99 50.18 -33.45 -15.48
CA ALA C 99 50.89 -32.19 -15.71
C ALA C 99 50.95 -31.78 -17.18
N GLU C 100 51.19 -32.76 -18.04
CA GLU C 100 51.39 -32.46 -19.42
C GLU C 100 50.06 -32.26 -20.12
N VAL C 101 49.02 -32.95 -19.64
CA VAL C 101 47.65 -32.66 -20.09
C VAL C 101 47.27 -31.23 -19.66
N ALA C 102 47.55 -30.87 -18.40
CA ALA C 102 47.26 -29.52 -17.94
C ALA C 102 47.96 -28.49 -18.84
N HIS C 103 49.21 -28.76 -19.20
CA HIS C 103 49.97 -27.79 -19.96
C HIS C 103 49.41 -27.63 -21.38
N ALA C 104 49.06 -28.75 -22.00
CA ALA C 104 48.49 -28.78 -23.35
C ALA C 104 47.13 -28.07 -23.39
N GLN C 105 46.28 -28.31 -22.38
CA GLN C 105 44.97 -27.62 -22.31
C GLN C 105 45.20 -26.13 -22.10
N LYS C 106 46.00 -25.76 -21.10
CA LYS C 106 46.19 -24.34 -20.88
C LYS C 106 46.66 -23.59 -22.14
N THR C 107 47.48 -24.24 -22.98
CA THR C 107 48.04 -23.61 -24.17
C THR C 107 46.94 -23.25 -25.18
N ILE C 108 45.97 -24.13 -25.37
CA ILE C 108 44.86 -23.85 -26.31
C ILE C 108 43.93 -22.77 -25.77
N MET C 109 43.69 -22.81 -24.46
CA MET C 109 42.93 -21.79 -23.76
C MET C 109 43.59 -20.40 -23.81
N GLU C 110 44.92 -20.34 -23.67
CA GLU C 110 45.64 -19.06 -23.75
C GLU C 110 45.52 -18.44 -25.14
N LYS C 111 45.55 -19.30 -26.15
CA LYS C 111 45.39 -18.91 -27.54
C LYS C 111 44.01 -18.27 -27.77
N TYR C 112 42.94 -18.96 -27.36
CA TYR C 112 41.60 -18.38 -27.46
C TYR C 112 41.41 -17.14 -26.57
N HIS C 113 42.05 -17.11 -25.41
CA HIS C 113 41.95 -15.92 -24.58
C HIS C 113 42.62 -14.72 -25.26
N ASP C 114 43.78 -14.93 -25.88
CA ASP C 114 44.47 -13.85 -26.60
C ASP C 114 43.70 -13.39 -27.82
N GLU C 115 43.02 -14.28 -28.53
CA GLU C 115 42.32 -13.87 -29.75
C GLU C 115 41.04 -13.14 -29.45
N TYR C 116 40.24 -13.69 -28.53
CA TYR C 116 38.86 -13.26 -28.34
C TYR C 116 38.59 -12.54 -27.05
N GLY C 117 39.45 -12.75 -26.04
CA GLY C 117 39.26 -12.13 -24.73
C GLY C 117 38.27 -12.88 -23.87
N ILE C 118 37.97 -14.13 -24.26
CA ILE C 118 37.07 -14.99 -23.53
C ILE C 118 37.70 -15.38 -22.18
N LYS C 119 36.94 -15.21 -21.09
CA LYS C 119 37.42 -15.45 -19.74
C LYS C 119 37.37 -16.96 -19.45
N CYS C 120 38.44 -17.53 -18.90
CA CYS C 120 38.38 -18.95 -18.57
C CYS C 120 39.39 -19.41 -17.52
N ALA C 121 39.14 -20.60 -16.98
CA ALA C 121 40.09 -21.20 -16.01
C ALA C 121 39.99 -22.70 -16.14
N LEU C 122 41.01 -23.39 -15.66
CA LEU C 122 41.11 -24.82 -15.75
C LEU C 122 41.17 -25.41 -14.35
N ARG C 123 40.34 -26.43 -14.13
CA ARG C 123 40.31 -27.18 -12.91
C ARG C 123 40.84 -28.57 -13.23
N HIS C 124 41.78 -29.05 -12.41
CA HIS C 124 42.20 -30.42 -12.46
C HIS C 124 41.82 -31.06 -11.16
N THR C 125 41.17 -32.21 -11.25
CA THR C 125 40.70 -32.96 -10.12
C THR C 125 41.48 -34.28 -10.10
N ILE C 126 42.46 -34.32 -9.19
CA ILE C 126 43.36 -35.43 -8.98
C ILE C 126 42.57 -36.65 -8.46
N GLY C 127 42.88 -37.85 -8.96
CA GLY C 127 42.28 -39.06 -8.42
C GLY C 127 42.84 -39.34 -7.03
N ASP C 128 41.97 -39.86 -6.16
CA ASP C 128 42.42 -40.28 -4.84
C ASP C 128 42.92 -41.69 -5.02
N ILE C 129 44.24 -41.78 -5.13
CA ILE C 129 44.96 -42.99 -5.50
C ILE C 129 45.49 -43.73 -4.28
N ARG C 130 45.16 -43.25 -3.09
CA ARG C 130 45.66 -43.79 -1.83
C ARG C 130 44.93 -45.06 -1.42
N GLU C 131 45.11 -46.12 -2.21
CA GLU C 131 44.39 -47.37 -2.02
C GLU C 131 45.07 -48.46 -2.86
N ASN C 132 45.02 -49.71 -2.40
CA ASN C 132 45.38 -50.83 -3.26
C ASN C 132 44.21 -51.77 -3.47
N ARG C 133 44.51 -52.93 -4.05
CA ARG C 133 43.50 -53.94 -4.33
C ARG C 133 42.79 -54.39 -3.06
N GLU C 134 43.54 -54.62 -1.97
CA GLU C 134 42.94 -55.04 -0.71
C GLU C 134 42.34 -53.93 0.14
N PHE C 135 43.02 -52.80 0.34
CA PHE C 135 42.43 -51.75 1.17
C PHE C 135 42.86 -50.32 0.92
N LEU C 136 42.12 -49.40 1.54
CA LEU C 136 42.53 -48.01 1.68
C LEU C 136 43.91 -47.91 2.34
N GLN C 137 44.71 -46.99 1.78
CA GLN C 137 46.05 -46.66 2.22
C GLN C 137 46.19 -45.15 2.25
N LEU C 138 45.39 -44.52 3.10
CA LEU C 138 45.29 -43.07 3.09
C LEU C 138 46.54 -42.35 3.50
N ARG C 139 47.44 -43.03 4.23
CA ARG C 139 48.67 -42.41 4.77
C ARG C 139 49.93 -43.17 4.40
N GLY C 140 49.86 -44.01 3.39
CA GLY C 140 50.98 -44.82 2.95
C GLY C 140 51.88 -44.28 1.86
N ASP C 141 52.34 -45.20 1.00
CA ASP C 141 53.36 -44.92 -0.01
C ASP C 141 52.86 -44.01 -1.10
N LYS C 142 51.57 -44.15 -1.43
CA LYS C 142 50.97 -43.39 -2.49
C LYS C 142 50.75 -41.92 -2.11
N TYR C 143 50.80 -41.62 -0.82
CA TYR C 143 50.51 -40.27 -0.34
C TYR C 143 51.41 -39.25 -0.98
N SER C 144 52.72 -39.51 -0.98
CA SER C 144 53.63 -38.53 -1.55
C SER C 144 53.39 -38.32 -3.05
N VAL C 145 52.93 -39.36 -3.76
CA VAL C 145 52.62 -39.30 -5.19
C VAL C 145 51.35 -38.47 -5.43
N PHE C 146 50.33 -38.73 -4.61
CA PHE C 146 49.12 -37.91 -4.48
C PHE C 146 49.44 -36.41 -4.46
N LEU C 147 50.27 -35.97 -3.52
CA LEU C 147 50.67 -34.57 -3.43
C LEU C 147 51.45 -34.05 -4.65
N GLU C 148 52.31 -34.89 -5.22
CA GLU C 148 53.07 -34.54 -6.42
C GLU C 148 52.15 -34.33 -7.61
N ALA C 149 51.04 -35.06 -7.66
CA ALA C 149 50.07 -34.88 -8.74
C ALA C 149 49.48 -33.46 -8.67
N PHE C 150 49.15 -33.01 -7.45
CA PHE C 150 48.63 -31.66 -7.25
C PHE C 150 49.61 -30.60 -7.68
N GLU C 151 50.83 -30.70 -7.18
CA GLU C 151 51.80 -29.65 -7.40
C GLU C 151 52.35 -29.58 -8.83
N GLN C 152 52.42 -30.73 -9.48
CA GLN C 152 52.77 -30.82 -10.90
C GLN C 152 51.74 -30.16 -11.82
N CYS C 153 50.46 -30.56 -11.68
CA CYS C 153 49.36 -29.91 -12.38
C CYS C 153 49.27 -28.39 -12.09
N ALA C 154 49.48 -28.02 -10.83
CA ALA C 154 49.50 -26.59 -10.43
C ALA C 154 50.66 -25.84 -11.05
N GLU C 155 51.76 -26.54 -11.30
CA GLU C 155 52.94 -25.91 -11.88
C GLU C 155 52.86 -25.78 -13.40
N ASN C 156 51.91 -26.50 -14.01
CA ASN C 156 51.85 -26.57 -15.45
C ASN C 156 50.51 -26.17 -16.04
N GLY C 157 49.74 -25.35 -15.34
CA GLY C 157 48.57 -24.80 -15.96
C GLY C 157 47.22 -24.90 -15.30
N ALA C 158 47.02 -25.87 -14.40
CA ALA C 158 45.78 -25.97 -13.65
C ALA C 158 45.59 -24.78 -12.73
N ASP C 159 44.42 -24.17 -12.77
CA ASP C 159 44.14 -23.02 -11.91
C ASP C 159 43.49 -23.38 -10.57
N LEU C 160 42.59 -24.37 -10.61
CA LEU C 160 41.83 -24.78 -9.45
C LEU C 160 42.17 -26.25 -9.24
N LEU C 161 42.37 -26.61 -7.97
CA LEU C 161 42.74 -27.96 -7.59
C LEU C 161 41.63 -28.58 -6.75
N SER C 162 41.16 -29.76 -7.15
CA SER C 162 40.14 -30.50 -6.39
C SER C 162 40.51 -31.98 -6.30
N VAL C 163 39.75 -32.72 -5.50
CA VAL C 163 39.83 -34.17 -5.37
C VAL C 163 38.48 -34.58 -4.80
N GLU C 164 38.05 -35.79 -5.13
CA GLU C 164 36.92 -36.44 -4.47
C GLU C 164 37.52 -37.51 -3.53
N SER C 165 37.87 -37.12 -2.31
CA SER C 165 38.63 -38.01 -1.42
C SER C 165 37.79 -39.18 -0.82
N MET C 166 38.51 -40.21 -0.35
CA MET C 166 37.88 -41.48 0.01
C MET C 166 37.75 -41.77 1.51
N GLY C 167 38.12 -40.81 2.37
CA GLY C 167 38.08 -41.05 3.82
C GLY C 167 36.73 -41.62 4.26
N GLY C 168 36.76 -42.71 5.04
CA GLY C 168 35.55 -43.34 5.57
C GLY C 168 34.70 -44.09 4.55
N LYS C 169 35.14 -44.11 3.29
CA LYS C 169 34.44 -44.83 2.26
C LYS C 169 34.14 -46.30 2.61
N GLU C 170 35.08 -46.97 3.30
CA GLU C 170 34.98 -48.43 3.52
C GLU C 170 33.89 -48.77 4.54
N VAL C 171 33.87 -48.02 5.65
CA VAL C 171 32.81 -48.15 6.64
C VAL C 171 31.47 -47.65 6.07
N PHE C 172 31.51 -46.58 5.28
CA PHE C 172 30.30 -46.15 4.54
C PHE C 172 29.68 -47.28 3.71
N ASP C 173 30.51 -47.96 2.93
CA ASP C 173 30.00 -49.01 2.04
C ASP C 173 29.25 -50.14 2.73
N TYR C 174 29.75 -50.50 3.93
CA TYR C 174 29.15 -51.51 4.75
C TYR C 174 27.86 -50.98 5.36
N ALA C 175 27.88 -49.77 5.90
CA ALA C 175 26.72 -49.19 6.58
C ALA C 175 25.53 -48.90 5.65
N VAL C 176 25.82 -48.32 4.48
CA VAL C 176 24.77 -47.84 3.61
C VAL C 176 23.88 -48.98 3.13
N LEU C 177 24.46 -50.16 3.01
CA LEU C 177 23.76 -51.36 2.59
C LEU C 177 22.90 -51.93 3.71
N ARG C 178 23.03 -51.39 4.92
CA ARG C 178 22.44 -52.04 6.11
C ARG C 178 21.60 -51.15 6.99
N ASN C 179 21.24 -49.96 6.52
CA ASN C 179 20.47 -49.00 7.33
C ASN C 179 21.13 -48.77 8.69
N ASP C 180 22.45 -48.74 8.67
CA ASP C 180 23.22 -48.51 9.86
C ASP C 180 23.51 -47.01 9.91
N ILE C 181 22.54 -46.28 10.45
CA ILE C 181 22.67 -44.81 10.62
C ILE C 181 23.89 -44.32 11.42
N PRO C 182 24.11 -44.86 12.66
CA PRO C 182 25.33 -44.46 13.36
C PRO C 182 26.57 -44.70 12.51
N GLY C 183 26.61 -45.78 11.73
CA GLY C 183 27.77 -46.07 10.83
C GLY C 183 27.94 -45.03 9.70
N LEU C 184 26.82 -44.51 9.20
CA LEU C 184 26.81 -43.36 8.35
C LEU C 184 27.46 -42.12 9.00
N LEU C 185 27.00 -41.82 10.22
CA LEU C 185 27.55 -40.73 11.04
C LEU C 185 29.06 -40.86 11.25
N TYR C 186 29.50 -42.07 11.58
CA TYR C 186 30.91 -42.26 11.89
C TYR C 186 31.74 -42.12 10.64
N SER C 187 31.42 -42.93 9.63
CA SER C 187 32.15 -42.91 8.35
C SER C 187 32.17 -41.54 7.69
N ILE C 188 31.02 -40.89 7.54
CA ILE C 188 30.99 -39.61 6.83
C ILE C 188 31.41 -38.51 7.73
N GLY C 189 30.67 -38.30 8.80
CA GLY C 189 30.99 -37.21 9.72
C GLY C 189 32.32 -37.26 10.48
N CYS C 190 32.86 -38.45 10.74
CA CYS C 190 34.05 -38.55 11.62
C CYS C 190 35.29 -38.94 10.87
N LEU C 191 35.31 -40.17 10.34
CA LEU C 191 36.46 -40.60 9.58
C LEU C 191 36.68 -39.62 8.42
N GLY C 192 35.60 -39.27 7.71
CA GLY C 192 35.70 -38.34 6.59
C GLY C 192 36.26 -37.01 7.04
N SER C 193 35.69 -36.44 8.08
CA SER C 193 36.21 -35.17 8.55
C SER C 193 37.71 -35.23 8.85
N ILE C 194 38.16 -36.30 9.53
CA ILE C 194 39.56 -36.44 9.93
C ILE C 194 40.47 -36.52 8.72
N ASP C 195 40.12 -37.38 7.76
CA ASP C 195 40.89 -37.48 6.53
C ASP C 195 40.95 -36.19 5.76
N MET C 196 39.82 -35.48 5.70
CA MET C 196 39.73 -34.23 4.96
C MET C 196 40.71 -33.22 5.50
N GLU C 197 40.85 -33.15 6.82
CA GLU C 197 41.78 -32.19 7.40
C GLU C 197 43.24 -32.48 7.05
N LEU C 198 43.58 -33.76 6.91
CA LEU C 198 44.95 -34.12 6.61
C LEU C 198 45.29 -33.67 5.19
N ILE C 199 44.50 -34.12 4.24
CA ILE C 199 44.77 -33.81 2.83
C ILE C 199 44.59 -32.33 2.48
N TRP C 200 43.55 -31.66 2.98
CA TRP C 200 43.30 -30.28 2.57
C TRP C 200 44.31 -29.29 3.12
N THR C 201 44.97 -29.72 4.20
CA THR C 201 46.01 -28.91 4.82
C THR C 201 47.18 -28.90 3.85
N ASP C 202 47.53 -30.07 3.32
CA ASP C 202 48.63 -30.18 2.35
C ASP C 202 48.31 -29.52 0.99
N ILE C 203 47.09 -29.76 0.46
CA ILE C 203 46.67 -29.23 -0.83
C ILE C 203 46.69 -27.72 -0.86
N SER C 204 46.20 -27.09 0.22
CA SER C 204 46.26 -25.65 0.35
C SER C 204 47.68 -25.09 0.41
N LYS C 205 48.59 -25.84 1.02
CA LYS C 205 49.99 -25.43 1.10
C LYS C 205 50.58 -25.39 -0.30
N ILE C 206 50.32 -26.46 -1.05
CA ILE C 206 50.69 -26.59 -2.45
C ILE C 206 50.10 -25.47 -3.32
N ALA C 207 48.83 -25.14 -3.08
CA ALA C 207 48.12 -24.12 -3.87
C ALA C 207 48.77 -22.77 -3.64
N LYS C 208 49.09 -22.50 -2.39
CA LYS C 208 49.79 -21.27 -1.97
C LYS C 208 51.20 -21.16 -2.57
N LYS C 209 51.96 -22.25 -2.51
CA LYS C 209 53.32 -22.26 -3.02
C LYS C 209 53.36 -22.02 -4.53
N THR C 210 52.38 -22.55 -5.27
CA THR C 210 52.36 -22.48 -6.73
C THR C 210 51.49 -21.34 -7.27
N GLY C 211 50.95 -20.51 -6.39
CA GLY C 211 50.10 -19.39 -6.80
C GLY C 211 48.82 -19.85 -7.49
N THR C 212 48.23 -20.97 -7.05
CA THR C 212 46.97 -21.43 -7.64
C THR C 212 45.90 -21.53 -6.57
N ILE C 213 44.74 -22.10 -6.91
CA ILE C 213 43.60 -22.04 -5.97
C ILE C 213 43.24 -23.38 -5.37
N SER C 214 43.07 -23.40 -4.05
CA SER C 214 42.64 -24.60 -3.36
C SER C 214 41.12 -24.59 -3.38
N ALA C 215 40.53 -25.32 -4.32
CA ALA C 215 39.10 -25.15 -4.66
C ALA C 215 38.15 -25.90 -3.71
N GLY C 216 38.25 -27.23 -3.64
CA GLY C 216 37.43 -27.97 -2.66
C GLY C 216 37.20 -29.42 -3.05
N ASP C 217 36.43 -30.13 -2.22
CA ASP C 217 36.26 -31.58 -2.31
C ASP C 217 34.75 -31.89 -2.54
N THR C 218 34.30 -33.13 -2.33
CA THR C 218 32.90 -33.53 -2.48
C THR C 218 32.73 -34.81 -1.73
N ASP C 219 31.59 -35.00 -1.06
CA ASP C 219 31.32 -36.29 -0.52
C ASP C 219 30.82 -37.32 -1.54
N CYS C 220 31.28 -37.22 -2.78
CA CYS C 220 30.77 -38.08 -3.83
C CYS C 220 30.90 -39.57 -3.48
N ALA C 221 32.03 -39.93 -2.85
CA ALA C 221 32.29 -41.33 -2.50
C ALA C 221 31.33 -41.89 -1.47
N GLN C 222 30.58 -41.04 -0.79
CA GLN C 222 29.68 -41.56 0.25
C GLN C 222 28.26 -41.11 -0.03
N ALA C 223 28.03 -39.80 0.07
CA ALA C 223 26.71 -39.22 -0.09
C ALA C 223 26.10 -39.47 -1.48
N ASN C 224 26.89 -39.28 -2.55
CA ASN C 224 26.41 -39.54 -3.91
C ASN C 224 26.12 -41.03 -4.12
N THR C 225 26.94 -41.90 -3.54
CA THR C 225 26.70 -43.34 -3.64
C THR C 225 25.34 -43.68 -3.02
N ALA C 226 25.07 -43.14 -1.83
CA ALA C 226 23.76 -43.32 -1.21
C ALA C 226 22.66 -42.85 -2.16
N MET C 227 22.81 -41.66 -2.73
CA MET C 227 21.89 -41.17 -3.74
C MET C 227 21.68 -42.13 -4.95
N PHE C 228 22.74 -42.71 -5.50
CA PHE C 228 22.55 -43.55 -6.68
C PHE C 228 21.91 -44.90 -6.39
N ILE C 229 22.26 -45.48 -5.24
CA ILE C 229 21.66 -46.70 -4.75
C ILE C 229 20.19 -46.40 -4.55
N GLY C 230 19.87 -45.23 -4.02
CA GLY C 230 18.48 -44.85 -3.85
C GLY C 230 17.73 -44.67 -5.17
N GLY C 231 18.45 -44.19 -6.19
CA GLY C 231 17.95 -44.08 -7.56
C GLY C 231 16.66 -43.31 -7.71
N GLY C 232 15.82 -43.73 -8.64
CA GLY C 232 14.55 -43.02 -8.89
C GLY C 232 13.49 -43.24 -7.83
N LEU C 233 12.37 -42.55 -7.99
CA LEU C 233 11.23 -42.67 -7.10
C LEU C 233 10.69 -44.07 -6.89
N LEU C 234 10.85 -44.93 -7.88
CA LEU C 234 10.30 -46.28 -7.84
C LEU C 234 11.33 -47.37 -7.44
N ASN C 235 12.58 -47.01 -7.18
CA ASN C 235 13.54 -48.04 -6.74
C ASN C 235 13.22 -48.56 -5.35
N LYS C 236 13.93 -49.61 -4.96
CA LYS C 236 13.66 -50.25 -3.70
C LYS C 236 14.97 -50.66 -3.08
N ASN C 237 16.03 -49.90 -3.34
CA ASN C 237 17.33 -50.26 -2.84
C ASN C 237 17.87 -49.43 -1.66
N LEU C 238 17.31 -48.25 -1.44
CA LEU C 238 17.68 -47.40 -0.30
C LEU C 238 16.62 -46.35 -0.14
N ALA C 239 16.01 -46.31 1.05
CA ALA C 239 14.98 -45.27 1.35
C ALA C 239 15.55 -43.88 1.09
N HIS C 240 14.81 -43.09 0.31
CA HIS C 240 15.27 -41.73 0.01
C HIS C 240 15.40 -40.88 1.31
N THR C 241 14.58 -41.17 2.32
CA THR C 241 14.70 -40.54 3.62
C THR C 241 16.01 -40.88 4.33
N ILE C 242 16.70 -41.93 3.91
CA ILE C 242 18.01 -42.22 4.46
C ILE C 242 19.13 -41.62 3.58
N ALA C 243 18.92 -41.61 2.28
CA ALA C 243 19.84 -40.92 1.41
C ALA C 243 19.97 -39.46 1.89
N VAL C 244 18.86 -38.82 2.22
CA VAL C 244 18.95 -37.40 2.51
C VAL C 244 19.73 -37.19 3.80
N ILE C 245 19.67 -38.14 4.73
CA ILE C 245 20.41 -38.02 5.98
C ILE C 245 21.91 -38.11 5.73
N ALA C 246 22.31 -38.99 4.82
CA ALA C 246 23.70 -39.06 4.40
C ALA C 246 24.16 -37.67 3.87
N ARG C 247 23.34 -37.05 3.04
CA ARG C 247 23.61 -35.73 2.53
C ARG C 247 23.81 -34.72 3.65
N ALA C 248 22.88 -34.67 4.60
CA ALA C 248 23.04 -33.78 5.76
C ALA C 248 24.42 -33.94 6.45
N ILE C 249 24.83 -35.18 6.68
CA ILE C 249 26.07 -35.46 7.38
C ILE C 249 27.27 -35.08 6.51
N SER C 250 27.11 -35.16 5.17
CA SER C 250 28.20 -34.87 4.24
C SER C 250 28.60 -33.41 4.31
N ALA C 251 27.71 -32.56 4.82
CA ALA C 251 27.98 -31.16 4.75
C ALA C 251 29.11 -30.71 5.70
N PRO C 252 29.06 -31.10 7.00
CA PRO C 252 30.20 -30.78 7.86
C PRO C 252 31.47 -31.53 7.46
N ARG C 253 31.37 -32.67 6.82
CA ARG C 253 32.56 -33.32 6.30
C ARG C 253 33.18 -32.47 5.18
N SER C 254 32.38 -32.09 4.18
CA SER C 254 32.91 -31.34 3.05
C SER C 254 33.34 -29.95 3.47
N LEU C 255 32.68 -29.44 4.49
CA LEU C 255 33.05 -28.18 5.11
C LEU C 255 34.52 -28.11 5.53
N VAL C 256 35.11 -29.25 5.96
CA VAL C 256 36.48 -29.26 6.47
C VAL C 256 37.50 -28.75 5.45
N ALA C 257 37.28 -29.01 4.17
CA ALA C 257 38.21 -28.52 3.14
C ALA C 257 38.50 -27.02 3.30
N TYR C 258 37.43 -26.29 3.57
CA TYR C 258 37.44 -24.84 3.65
C TYR C 258 37.96 -24.37 4.98
N GLU C 259 37.64 -25.10 6.03
CA GLU C 259 38.26 -24.89 7.33
C GLU C 259 39.77 -25.04 7.22
N ALA C 260 40.23 -25.85 6.27
CA ALA C 260 41.64 -26.20 6.16
C ALA C 260 42.38 -25.47 5.02
N GLY C 261 41.75 -24.48 4.39
CA GLY C 261 42.46 -23.59 3.49
C GLY C 261 41.87 -23.49 2.09
N ALA C 262 40.93 -24.37 1.74
CA ALA C 262 40.27 -24.23 0.46
C ALA C 262 39.36 -22.98 0.49
N VAL C 263 39.16 -22.35 -0.69
CA VAL C 263 38.42 -21.10 -0.85
C VAL C 263 37.30 -21.23 -1.91
N GLY C 264 37.12 -22.41 -2.47
CA GLY C 264 36.10 -22.60 -3.50
C GLY C 264 36.67 -22.31 -4.87
N PRO C 265 35.91 -22.59 -5.94
CA PRO C 265 34.56 -23.10 -5.95
C PRO C 265 34.57 -24.60 -5.60
N GLY C 266 33.61 -25.07 -4.81
CA GLY C 266 33.53 -26.50 -4.49
C GLY C 266 33.18 -27.34 -5.70
N LYS C 267 33.34 -28.63 -5.57
CA LYS C 267 33.17 -29.55 -6.69
C LYS C 267 31.71 -29.75 -7.09
N ASP C 268 31.46 -29.81 -8.38
CA ASP C 268 30.12 -29.90 -8.90
C ASP C 268 29.23 -30.93 -8.21
N CYS C 269 29.77 -32.14 -8.03
CA CYS C 269 28.98 -33.23 -7.51
C CYS C 269 28.78 -33.18 -5.97
N GLY C 270 29.30 -32.14 -5.34
CA GLY C 270 28.94 -31.78 -3.96
C GLY C 270 27.57 -31.15 -3.82
N TYR C 271 26.51 -31.95 -3.90
CA TYR C 271 25.18 -31.41 -3.72
C TYR C 271 25.05 -30.73 -2.34
N GLU C 272 25.81 -31.22 -1.35
CA GLU C 272 25.81 -30.60 -0.05
C GLU C 272 26.38 -29.16 -0.08
N ASN C 273 26.97 -28.75 -1.20
CA ASN C 273 27.62 -27.43 -1.30
C ASN C 273 26.73 -26.24 -0.96
N ILE C 274 25.41 -26.41 -1.08
CA ILE C 274 24.49 -25.36 -0.74
C ILE C 274 24.57 -25.13 0.77
N ILE C 275 24.61 -26.20 1.54
CA ILE C 275 24.81 -26.06 2.97
C ILE C 275 26.16 -25.41 3.23
N VAL C 276 27.22 -25.92 2.59
CA VAL C 276 28.57 -25.36 2.77
C VAL C 276 28.65 -23.87 2.39
N LYS C 277 27.97 -23.47 1.31
CA LYS C 277 27.98 -22.08 0.92
C LYS C 277 27.32 -21.20 1.98
N ALA C 278 26.24 -21.70 2.56
CA ALA C 278 25.53 -20.91 3.52
C ALA C 278 26.42 -20.69 4.73
N ILE C 279 27.35 -21.62 4.99
CA ILE C 279 28.24 -21.42 6.11
C ILE C 279 29.45 -20.50 5.76
N THR C 280 30.16 -20.85 4.69
CA THR C 280 31.45 -20.28 4.36
C THR C 280 31.33 -18.97 3.59
N GLY C 281 30.23 -18.82 2.83
CA GLY C 281 30.09 -17.65 1.97
C GLY C 281 31.03 -17.72 0.77
N MET C 282 31.58 -18.92 0.55
CA MET C 282 32.44 -19.18 -0.60
C MET C 282 31.65 -19.71 -1.81
N PRO C 283 32.20 -19.54 -3.02
CA PRO C 283 31.51 -20.10 -4.17
C PRO C 283 31.60 -21.62 -4.34
N MET C 284 30.64 -22.17 -5.08
CA MET C 284 30.47 -23.59 -5.23
C MET C 284 29.95 -23.88 -6.63
N THR C 285 30.43 -24.96 -7.23
CA THR C 285 29.85 -25.46 -8.47
C THR C 285 28.73 -26.44 -8.12
N MET C 286 27.66 -26.46 -8.92
CA MET C 286 26.55 -27.41 -8.73
C MET C 286 26.26 -28.17 -10.01
N GLU C 287 25.50 -29.25 -9.93
CA GLU C 287 25.07 -29.96 -11.11
C GLU C 287 23.65 -30.46 -10.91
N GLY C 288 22.90 -30.60 -11.99
CA GLY C 288 21.51 -31.03 -11.92
C GLY C 288 20.95 -31.35 -13.29
N LYS C 289 19.97 -30.58 -13.74
CA LYS C 289 19.24 -30.94 -14.97
C LYS C 289 20.14 -31.02 -16.23
N THR C 290 21.31 -30.38 -16.20
CA THR C 290 22.17 -30.37 -17.39
C THR C 290 23.41 -31.26 -17.15
N SER C 291 23.25 -32.22 -16.26
CA SER C 291 24.29 -33.21 -16.05
C SER C 291 23.71 -34.59 -16.25
N THR C 292 22.53 -34.67 -16.89
CA THR C 292 21.86 -35.98 -17.14
C THR C 292 22.68 -36.92 -18.02
N CYS C 293 23.60 -36.34 -18.80
CA CYS C 293 24.60 -37.11 -19.49
C CYS C 293 25.38 -38.04 -18.51
N ALA C 294 25.50 -37.64 -17.24
CA ALA C 294 26.21 -38.48 -16.25
C ALA C 294 25.28 -39.31 -15.41
N HIS C 295 24.16 -38.75 -14.97
CA HIS C 295 23.23 -39.49 -14.12
C HIS C 295 21.93 -38.73 -13.92
N SER C 296 20.91 -39.47 -13.54
CA SER C 296 19.62 -38.89 -13.18
C SER C 296 19.68 -38.35 -11.76
N ASP C 297 18.97 -37.25 -11.50
CA ASP C 297 18.73 -36.83 -10.14
C ASP C 297 17.36 -36.22 -9.98
N VAL C 298 17.06 -35.89 -8.74
CA VAL C 298 15.70 -35.57 -8.36
C VAL C 298 15.62 -34.09 -7.90
N MET C 299 16.70 -33.33 -8.21
CA MET C 299 16.80 -31.92 -7.87
C MET C 299 17.38 -31.06 -9.00
N GLY C 300 16.92 -31.36 -10.22
CA GLY C 300 17.47 -30.78 -11.43
C GLY C 300 17.55 -29.27 -11.47
N ASN C 301 16.49 -28.58 -11.08
CA ASN C 301 16.48 -27.13 -11.12
C ASN C 301 16.91 -26.53 -9.80
N LEU C 302 16.47 -27.12 -8.69
CA LEU C 302 16.75 -26.56 -7.36
C LEU C 302 18.21 -26.28 -7.12
N VAL C 303 19.12 -27.13 -7.60
CA VAL C 303 20.55 -26.97 -7.31
C VAL C 303 21.19 -25.69 -7.89
N MET C 304 20.53 -25.13 -8.91
CA MET C 304 20.92 -23.85 -9.53
C MET C 304 20.68 -22.65 -8.57
N GLN C 305 19.78 -22.84 -7.61
CA GLN C 305 19.27 -21.75 -6.76
C GLN C 305 20.34 -20.77 -6.26
N CYS C 306 21.50 -21.30 -5.82
CA CYS C 306 22.63 -20.50 -5.36
C CYS C 306 23.95 -20.98 -5.91
N CYS C 307 23.95 -21.52 -7.13
CA CYS C 307 25.18 -22.03 -7.72
C CYS C 307 26.04 -20.85 -8.16
N ASP C 308 27.35 -21.09 -8.30
CA ASP C 308 28.23 -20.06 -8.88
C ASP C 308 28.76 -20.57 -10.20
N CYS C 309 28.96 -21.89 -10.27
CA CYS C 309 29.34 -22.54 -11.51
C CYS C 309 28.38 -23.70 -11.71
N TRP C 310 28.18 -24.06 -12.99
CA TRP C 310 27.14 -24.96 -13.40
C TRP C 310 27.72 -26.02 -14.31
N SER C 311 27.63 -27.29 -13.88
CA SER C 311 28.40 -28.38 -14.48
C SER C 311 27.52 -29.48 -15.04
N ASN C 312 28.06 -30.21 -16.03
CA ASN C 312 27.39 -31.39 -16.61
C ASN C 312 27.91 -32.70 -16.04
N GLU C 313 28.81 -32.61 -15.03
CA GLU C 313 29.34 -33.75 -14.26
C GLU C 313 30.38 -34.54 -15.04
N SER C 314 29.95 -35.11 -16.17
CA SER C 314 30.79 -35.96 -16.99
C SER C 314 30.01 -36.44 -18.20
N VAL C 315 30.68 -36.64 -19.32
CA VAL C 315 30.11 -37.26 -20.51
C VAL C 315 31.29 -37.82 -21.31
N GLU C 316 31.16 -39.00 -21.91
CA GLU C 316 32.27 -39.45 -22.77
C GLU C 316 32.45 -38.47 -23.93
N TYR C 317 33.69 -38.26 -24.38
CA TYR C 317 33.96 -37.47 -25.55
C TYR C 317 33.66 -38.29 -26.80
N HIS C 318 32.60 -37.96 -27.53
CA HIS C 318 32.30 -38.61 -28.81
C HIS C 318 31.31 -37.77 -29.66
N GLY C 319 31.03 -38.21 -30.89
CA GLY C 319 30.16 -37.43 -31.81
C GLY C 319 28.67 -37.52 -31.53
N GLU C 320 27.97 -36.40 -31.77
CA GLU C 320 26.51 -36.34 -31.79
C GLU C 320 26.18 -35.62 -33.09
N PHE C 321 24.91 -35.57 -33.47
CA PHE C 321 24.56 -34.81 -34.68
C PHE C 321 25.00 -33.32 -34.57
N GLY C 322 24.98 -32.77 -33.35
CA GLY C 322 25.16 -31.32 -33.15
C GLY C 322 26.60 -30.92 -33.01
N GLY C 323 27.46 -31.92 -33.06
CA GLY C 323 28.88 -31.71 -32.88
C GLY C 323 29.38 -32.62 -31.78
N THR C 324 30.51 -32.24 -31.27
CA THR C 324 31.11 -33.02 -30.23
C THR C 324 30.32 -32.93 -28.91
N THR C 325 30.25 -34.05 -28.24
CA THR C 325 29.63 -34.17 -26.94
C THR C 325 29.92 -32.99 -25.98
N VAL C 326 31.17 -32.53 -25.97
CA VAL C 326 31.54 -31.49 -25.04
C VAL C 326 31.07 -30.14 -25.52
N GLN C 327 30.72 -30.05 -26.80
CA GLN C 327 30.22 -28.82 -27.37
C GLN C 327 28.74 -28.74 -27.09
N CYS C 328 28.02 -29.83 -27.33
CA CYS C 328 26.60 -29.89 -27.05
C CYS C 328 26.31 -29.51 -25.61
N TRP C 329 26.96 -30.16 -24.64
CA TRP C 329 26.66 -29.85 -23.22
C TRP C 329 27.21 -28.49 -22.74
N SER C 330 28.35 -28.04 -23.25
CA SER C 330 28.85 -26.77 -22.77
C SER C 330 27.94 -25.64 -23.25
N GLU C 331 27.42 -25.76 -24.48
CA GLU C 331 26.43 -24.80 -24.98
C GLU C 331 25.19 -24.77 -24.08
N THR C 332 24.66 -25.92 -23.68
CA THR C 332 23.50 -25.90 -22.76
C THR C 332 23.84 -25.29 -21.38
N LEU C 333 25.01 -25.62 -20.82
CA LEU C 333 25.37 -25.06 -19.51
C LEU C 333 25.50 -23.56 -19.60
N ALA C 334 26.10 -23.11 -20.70
CA ALA C 334 26.38 -21.71 -20.94
C ALA C 334 25.10 -20.92 -21.09
N TYR C 335 24.11 -21.50 -21.76
CA TYR C 335 22.83 -20.84 -21.88
C TYR C 335 22.11 -20.80 -20.53
N ASP C 336 22.19 -21.89 -19.75
CA ASP C 336 21.57 -21.87 -18.41
C ASP C 336 22.18 -20.74 -17.60
N CYS C 337 23.48 -20.56 -17.71
CA CYS C 337 24.16 -19.50 -17.03
C CYS C 337 23.76 -18.13 -17.61
N ALA C 338 23.53 -18.05 -18.93
CA ALA C 338 23.02 -16.77 -19.50
C ALA C 338 21.67 -16.31 -18.91
N LEU C 339 20.75 -17.27 -18.71
CA LEU C 339 19.44 -16.98 -18.11
C LEU C 339 19.68 -16.39 -16.72
N MET C 340 20.56 -17.04 -15.96
CA MET C 340 20.82 -16.63 -14.59
C MET C 340 21.50 -15.25 -14.58
N ASN C 341 22.45 -15.04 -15.48
CA ASN C 341 23.10 -13.75 -15.56
C ASN C 341 22.19 -12.61 -15.97
N THR C 342 21.22 -12.91 -16.87
CA THR C 342 20.21 -11.93 -17.23
C THR C 342 19.37 -11.61 -16.00
N ALA C 343 19.02 -12.61 -15.21
CA ALA C 343 18.30 -12.32 -13.95
C ALA C 343 19.13 -11.44 -13.00
N LEU C 344 20.41 -11.68 -12.86
CA LEU C 344 21.23 -10.85 -12.01
C LEU C 344 21.25 -9.43 -12.49
N GLU C 345 21.54 -9.24 -13.78
CA GLU C 345 21.71 -7.89 -14.36
C GLU C 345 20.46 -7.05 -14.26
N THR C 346 19.29 -7.70 -14.20
CA THR C 346 18.04 -6.99 -14.15
C THR C 346 17.39 -7.07 -12.79
N LYS C 347 18.14 -7.57 -11.79
CA LYS C 347 17.70 -7.67 -10.40
C LYS C 347 16.46 -8.52 -10.27
N ASN C 348 16.41 -9.60 -11.02
CA ASN C 348 15.34 -10.56 -10.86
C ASN C 348 15.87 -11.90 -10.43
N ASP C 349 17.10 -11.95 -9.94
CA ASP C 349 17.71 -13.21 -9.51
C ASP C 349 16.91 -13.91 -8.41
N LYS C 350 16.46 -13.16 -7.42
CA LYS C 350 15.76 -13.77 -6.27
C LYS C 350 14.49 -14.51 -6.62
N VAL C 351 13.71 -14.01 -7.58
CA VAL C 351 12.47 -14.71 -7.95
C VAL C 351 12.84 -15.99 -8.71
N LEU C 352 13.83 -15.86 -9.60
CA LEU C 352 14.28 -17.01 -10.38
C LEU C 352 14.87 -18.04 -9.44
N ARG C 353 15.67 -17.61 -8.46
CA ARG C 353 16.19 -18.54 -7.47
C ARG C 353 15.03 -19.26 -6.81
N ASP C 354 13.98 -18.52 -6.44
CA ASP C 354 12.86 -19.15 -5.77
C ASP C 354 12.10 -20.14 -6.67
N LEU C 355 11.99 -19.78 -7.94
CA LEU C 355 11.32 -20.60 -8.91
C LEU C 355 12.08 -21.92 -9.07
N MET C 356 13.41 -21.84 -9.12
CA MET C 356 14.24 -23.02 -9.24
C MET C 356 14.07 -23.92 -8.03
N MET C 357 14.08 -23.31 -6.86
CA MET C 357 13.99 -24.07 -5.64
C MET C 357 12.63 -24.79 -5.61
N LEU C 358 11.58 -24.03 -5.89
CA LEU C 358 10.19 -24.52 -5.75
C LEU C 358 9.86 -25.66 -6.74
N SER C 359 10.41 -25.58 -7.94
CA SER C 359 10.35 -26.63 -8.94
C SER C 359 10.49 -28.03 -8.30
N ASP C 360 11.45 -28.17 -7.38
CA ASP C 360 11.83 -29.49 -6.88
C ASP C 360 11.59 -29.67 -5.37
N ARG C 361 11.26 -28.60 -4.65
CA ARG C 361 11.11 -28.70 -3.21
C ARG C 361 10.34 -29.97 -2.80
N TYR C 362 9.32 -30.32 -3.59
CA TYR C 362 8.40 -31.39 -3.21
C TYR C 362 8.55 -32.70 -3.95
N ARG C 363 9.62 -32.80 -4.75
CA ARG C 363 9.85 -33.96 -5.60
C ARG C 363 10.31 -35.16 -4.78
N ASP C 364 11.08 -34.90 -3.70
CA ASP C 364 11.74 -35.96 -2.94
C ASP C 364 12.33 -35.33 -1.67
N PRO C 365 12.41 -36.10 -0.57
CA PRO C 365 13.05 -35.57 0.64
C PRO C 365 14.50 -35.08 0.37
N GLN C 366 15.17 -35.71 -0.60
CA GLN C 366 16.51 -35.28 -0.97
C GLN C 366 16.55 -33.86 -1.54
N ALA C 367 15.49 -33.45 -2.24
CA ALA C 367 15.47 -32.11 -2.79
C ALA C 367 15.04 -31.16 -1.70
N TYR C 368 13.97 -31.54 -1.01
CA TYR C 368 13.41 -30.75 0.08
C TYR C 368 14.47 -30.18 1.00
N MET C 369 15.38 -31.02 1.49
CA MET C 369 16.37 -30.59 2.44
C MET C 369 17.37 -29.61 1.82
N LEU C 370 17.58 -29.72 0.53
CA LEU C 370 18.63 -28.94 -0.12
C LEU C 370 18.14 -27.56 -0.55
N ALA C 371 16.82 -27.37 -0.53
CA ALA C 371 16.24 -26.06 -0.77
C ALA C 371 16.95 -25.03 0.12
N TYR C 372 17.36 -23.89 -0.45
CA TYR C 372 18.27 -22.94 0.24
C TYR C 372 17.85 -22.53 1.66
N ASP C 373 16.56 -22.35 1.94
CA ASP C 373 16.14 -22.04 3.31
C ASP C 373 16.42 -23.21 4.26
N ASN C 374 16.11 -24.45 3.84
CA ASN C 374 16.31 -25.62 4.67
C ASN C 374 17.82 -25.95 4.80
N ALA C 375 18.58 -25.72 3.73
CA ALA C 375 20.02 -25.89 3.75
C ALA C 375 20.72 -24.97 4.77
N TYR C 376 20.29 -23.69 4.77
CA TYR C 376 20.74 -22.69 5.74
C TYR C 376 20.43 -23.14 7.16
N ARG C 377 19.22 -23.70 7.36
CA ARG C 377 18.86 -24.27 8.63
C ARG C 377 19.86 -25.38 9.04
N VAL C 378 20.14 -26.30 8.12
CA VAL C 378 21.12 -27.31 8.43
C VAL C 378 22.43 -26.65 8.80
N GLY C 379 22.85 -25.66 8.03
CA GLY C 379 24.08 -24.92 8.31
C GLY C 379 24.10 -24.39 9.74
N GLN C 380 22.99 -23.76 10.17
CA GLN C 380 22.89 -23.22 11.52
C GLN C 380 23.10 -24.29 12.58
N SER C 381 22.68 -25.51 12.26
CA SER C 381 22.69 -26.58 13.23
C SER C 381 24.10 -27.15 13.37
N ILE C 382 24.93 -26.93 12.37
CA ILE C 382 26.29 -27.44 12.39
C ILE C 382 27.13 -26.47 13.16
N VAL C 383 27.03 -25.18 12.82
CA VAL C 383 27.92 -24.17 13.39
C VAL C 383 27.68 -23.92 14.87
N LYS C 384 26.50 -24.25 15.39
CA LYS C 384 26.29 -24.05 16.80
C LYS C 384 27.16 -25.01 17.66
N ASP C 385 27.74 -26.05 17.07
CA ASP C 385 28.75 -26.92 17.71
C ASP C 385 29.96 -27.08 16.79
N GLY C 386 30.34 -25.99 16.14
CA GLY C 386 31.27 -26.04 15.06
C GLY C 386 32.63 -26.62 15.35
N ASP C 387 33.06 -26.55 16.62
CA ASP C 387 34.40 -27.01 17.01
C ASP C 387 34.43 -28.53 17.15
N ASN C 388 33.25 -29.11 17.22
CA ASN C 388 33.10 -30.53 17.48
C ASN C 388 32.67 -31.33 16.22
N ILE C 389 33.65 -31.94 15.53
CA ILE C 389 33.36 -32.64 14.25
C ILE C 389 32.26 -33.70 14.34
N TYR C 390 32.09 -34.31 15.50
CA TYR C 390 31.07 -35.33 15.68
C TYR C 390 29.72 -34.71 15.98
N LEU C 391 29.71 -33.76 16.91
CA LEU C 391 28.43 -33.28 17.38
C LEU C 391 27.77 -32.39 16.33
N ARG C 392 28.59 -31.67 15.55
CA ARG C 392 28.06 -30.79 14.49
C ARG C 392 27.44 -31.65 13.42
N ALA C 393 28.10 -32.77 13.14
CA ALA C 393 27.55 -33.74 12.20
C ALA C 393 26.29 -34.37 12.75
N LYS C 394 26.26 -34.66 14.04
CA LYS C 394 25.06 -35.29 14.60
C LYS C 394 23.91 -34.28 14.59
N ASN C 395 24.23 -33.01 14.86
CA ASN C 395 23.26 -31.95 14.84
C ASN C 395 22.58 -31.88 13.47
N ALA C 396 23.41 -31.91 12.42
CA ALA C 396 22.98 -31.85 11.03
C ALA C 396 22.04 -32.98 10.70
N ALA C 397 22.42 -34.19 11.09
CA ALA C 397 21.61 -35.38 10.84
C ALA C 397 20.21 -35.28 11.47
N ILE C 398 20.16 -34.81 12.72
CA ILE C 398 18.87 -34.71 13.40
C ILE C 398 18.07 -33.53 12.84
N GLU C 399 18.76 -32.42 12.61
CA GLU C 399 18.10 -31.26 12.02
C GLU C 399 17.41 -31.64 10.68
N CYS C 400 18.16 -32.34 9.84
CA CYS C 400 17.63 -32.97 8.65
C CYS C 400 16.34 -33.72 8.89
N CYS C 401 16.33 -34.60 9.88
CA CYS C 401 15.15 -35.37 10.25
C CYS C 401 14.02 -34.46 10.64
N ASN C 402 14.31 -33.40 11.42
CA ASN C 402 13.25 -32.47 11.82
C ASN C 402 12.66 -31.75 10.63
N ILE C 403 13.55 -31.23 9.76
CA ILE C 403 13.16 -30.57 8.52
C ILE C 403 12.23 -31.45 7.68
N ILE C 404 12.63 -32.68 7.42
CA ILE C 404 11.78 -33.60 6.63
C ILE C 404 10.40 -33.85 7.27
N GLU C 405 10.39 -34.07 8.59
CA GLU C 405 9.12 -34.28 9.35
C GLU C 405 8.13 -33.12 9.19
N GLU C 406 8.65 -31.91 9.32
CA GLU C 406 7.85 -30.71 9.12
C GLU C 406 7.31 -30.64 7.69
N GLY C 407 8.18 -30.79 6.71
CA GLY C 407 7.76 -30.91 5.32
C GLY C 407 6.64 -31.93 5.17
N ALA C 408 6.82 -33.15 5.71
CA ALA C 408 5.83 -34.22 5.57
C ALA C 408 4.50 -33.87 6.23
N ALA C 409 4.56 -33.00 7.24
CA ALA C 409 3.35 -32.53 7.89
C ALA C 409 2.67 -31.46 7.03
N GLY C 410 3.39 -30.91 6.05
CA GLY C 410 2.77 -30.04 5.04
C GLY C 410 2.60 -30.78 3.72
N LYS C 411 3.16 -30.22 2.66
CA LYS C 411 2.92 -30.75 1.32
C LYS C 411 3.91 -31.84 0.81
N LEU C 412 5.01 -32.09 1.53
CA LEU C 412 5.96 -33.15 1.12
C LEU C 412 5.28 -34.48 1.29
N GLU C 413 5.11 -35.21 0.19
CA GLU C 413 4.31 -36.44 0.16
C GLU C 413 5.21 -37.66 0.23
N LEU C 414 5.42 -38.16 1.45
CA LEU C 414 6.30 -39.34 1.62
C LEU C 414 5.45 -40.58 1.63
N SER C 415 6.03 -41.70 1.21
CA SER C 415 5.38 -42.99 1.37
C SER C 415 5.48 -43.41 2.82
N ARG C 416 4.64 -44.36 3.19
CA ARG C 416 4.64 -44.95 4.53
C ARG C 416 6.02 -45.51 4.80
N PHE C 417 6.57 -46.23 3.84
CA PHE C 417 7.88 -46.79 4.01
C PHE C 417 8.94 -45.70 4.28
N GLU C 418 8.88 -44.63 3.51
CA GLU C 418 9.83 -43.54 3.69
C GLU C 418 9.71 -42.91 5.08
N THR C 419 8.46 -42.81 5.56
CA THR C 419 8.15 -42.17 6.82
C THR C 419 8.73 -43.01 7.98
N LYS C 420 8.61 -44.33 7.85
CA LYS C 420 9.08 -45.26 8.86
C LYS C 420 10.62 -45.26 8.96
N ALA C 421 11.26 -45.39 7.80
CA ALA C 421 12.72 -45.34 7.76
C ALA C 421 13.24 -44.07 8.41
N LEU C 422 12.56 -42.96 8.14
CA LEU C 422 12.91 -41.68 8.74
C LEU C 422 12.74 -41.71 10.25
N ALA C 423 11.67 -42.32 10.74
CA ALA C 423 11.40 -42.37 12.17
C ALA C 423 12.42 -43.29 12.89
N ASP C 424 12.71 -44.43 12.27
CA ASP C 424 13.76 -45.30 12.78
C ASP C 424 15.12 -44.57 12.91
N ALA C 425 15.51 -43.83 11.89
CA ALA C 425 16.81 -43.17 11.91
C ALA C 425 16.89 -42.03 12.92
N LYS C 426 15.81 -41.26 13.04
CA LYS C 426 15.78 -40.19 14.03
C LYS C 426 15.98 -40.78 15.43
N ALA C 427 15.24 -41.84 15.73
CA ALA C 427 15.42 -42.56 17.00
C ALA C 427 16.83 -43.09 17.17
N ALA C 428 17.43 -43.63 16.11
CA ALA C 428 18.82 -44.12 16.22
C ALA C 428 19.74 -42.98 16.57
N LEU C 429 19.56 -41.85 15.88
CA LEU C 429 20.39 -40.67 16.13
C LEU C 429 20.20 -40.05 17.52
N GLU C 430 18.96 -40.04 18.01
CA GLU C 430 18.67 -39.41 19.31
C GLU C 430 19.15 -40.26 20.49
N ALA C 431 19.32 -41.56 20.26
CA ALA C 431 19.86 -42.45 21.28
C ALA C 431 21.40 -42.36 21.45
N LEU C 432 22.09 -41.67 20.53
CA LEU C 432 23.56 -41.65 20.58
C LEU C 432 24.06 -40.73 21.71
N PRO C 433 25.28 -40.97 22.20
CA PRO C 433 25.83 -40.08 23.21
C PRO C 433 26.13 -38.70 22.67
N ASP C 434 26.03 -37.69 23.52
CA ASP C 434 26.52 -36.37 23.16
C ASP C 434 28.04 -36.30 23.11
N ASP C 435 28.72 -37.15 23.87
CA ASP C 435 30.16 -37.06 23.95
C ASP C 435 30.85 -37.75 22.76
N MET C 436 31.77 -37.02 22.14
CA MET C 436 32.46 -37.49 20.94
C MET C 436 33.35 -38.71 21.19
N ASP C 437 34.21 -38.62 22.23
CA ASP C 437 35.12 -39.71 22.59
C ASP C 437 34.38 -41.01 22.82
N LYS C 438 33.31 -40.92 23.63
CA LYS C 438 32.45 -42.04 23.86
C LYS C 438 32.06 -42.70 22.54
N PHE C 439 31.52 -41.90 21.60
CA PHE C 439 31.08 -42.35 20.27
C PHE C 439 32.23 -42.86 19.40
N MET C 440 33.34 -42.12 19.38
CA MET C 440 34.47 -42.54 18.55
C MET C 440 34.99 -43.91 18.98
N ASP C 441 35.19 -44.10 20.29
CA ASP C 441 35.63 -45.38 20.87
C ASP C 441 34.66 -46.53 20.64
N ASP C 442 33.37 -46.35 20.86
CA ASP C 442 32.43 -47.44 20.54
C ASP C 442 32.46 -47.88 19.05
N CYS C 443 32.51 -46.90 18.15
CA CYS C 443 32.54 -47.20 16.72
C CYS C 443 33.88 -47.83 16.31
N LEU C 444 34.99 -47.34 16.86
CA LEU C 444 36.28 -47.92 16.49
C LEU C 444 36.22 -49.43 16.71
N THR C 445 35.71 -49.85 17.86
CA THR C 445 35.74 -51.26 18.15
C THR C 445 34.62 -52.03 17.44
N LYS C 446 33.44 -51.43 17.36
CA LYS C 446 32.39 -51.95 16.47
C LYS C 446 32.87 -52.20 15.02
N TYR C 447 33.45 -51.21 14.36
CA TYR C 447 33.77 -51.41 12.92
C TYR C 447 35.05 -52.20 12.66
N LYS C 448 35.99 -52.12 13.59
CA LYS C 448 37.18 -52.99 13.55
C LYS C 448 36.69 -54.44 13.43
N SER C 449 35.70 -54.75 14.24
CA SER C 449 35.06 -56.05 14.26
C SER C 449 34.16 -56.34 13.04
N GLU C 450 33.29 -55.41 12.67
CA GLU C 450 32.32 -55.72 11.63
C GLU C 450 32.86 -55.58 10.20
N VAL C 451 33.96 -54.85 10.03
CA VAL C 451 34.47 -54.53 8.69
C VAL C 451 35.94 -54.82 8.71
N LYS C 452 36.32 -55.92 8.09
CA LYS C 452 37.68 -56.44 8.21
C LYS C 452 38.68 -55.66 7.35
N VAL C 453 38.17 -54.93 6.35
CA VAL C 453 39.00 -54.08 5.49
C VAL C 453 39.22 -52.70 6.11
N PHE C 454 38.61 -52.47 7.27
CA PHE C 454 38.76 -51.21 8.00
C PHE C 454 40.07 -51.21 8.79
N LYS C 455 40.94 -50.29 8.45
CA LYS C 455 42.26 -50.14 9.08
C LYS C 455 42.33 -48.80 9.80
N PRO C 456 42.29 -48.82 11.15
CA PRO C 456 42.34 -47.57 11.91
C PRO C 456 43.57 -46.70 11.65
N GLU C 457 44.71 -47.29 11.32
CA GLU C 457 45.89 -46.47 10.99
C GLU C 457 45.62 -45.46 9.86
N ASN C 458 44.68 -45.77 8.96
CA ASN C 458 44.31 -44.81 7.90
C ASN C 458 43.89 -43.43 8.45
N TYR C 459 43.38 -43.38 9.68
CA TYR C 459 42.92 -42.14 10.32
C TYR C 459 43.74 -41.72 11.55
N GLY C 460 44.98 -42.19 11.64
CA GLY C 460 45.87 -41.80 12.73
C GLY C 460 45.51 -42.45 14.05
N PHE C 461 44.77 -43.54 13.98
CA PHE C 461 44.36 -44.27 15.18
C PHE C 461 45.23 -45.50 15.39
N MET D 1 9.85 -15.97 0.25
CA MET D 1 10.03 -16.99 -0.84
C MET D 1 8.70 -17.59 -1.33
N LEU D 2 8.72 -18.10 -2.55
CA LEU D 2 7.54 -18.72 -3.17
C LEU D 2 7.16 -20.04 -2.58
N ASP D 3 5.86 -20.32 -2.54
CA ASP D 3 5.34 -21.67 -2.30
C ASP D 3 4.17 -22.01 -3.23
N PHE D 4 3.90 -23.32 -3.40
CA PHE D 4 2.73 -23.81 -4.14
C PHE D 4 1.42 -23.86 -3.32
N THR D 5 0.27 -23.73 -4.00
CA THR D 5 -0.98 -24.29 -3.48
C THR D 5 -0.92 -25.79 -3.65
N GLU D 6 -1.77 -26.51 -2.92
CA GLU D 6 -1.98 -27.96 -3.15
C GLU D 6 -2.30 -28.30 -4.62
N ALA D 7 -3.26 -27.59 -5.23
CA ALA D 7 -3.59 -27.83 -6.65
C ALA D 7 -2.42 -27.64 -7.62
N SER D 8 -1.62 -26.57 -7.42
CA SER D 8 -0.40 -26.32 -8.21
C SER D 8 0.61 -27.46 -8.12
N LEU D 9 0.98 -27.84 -6.90
CA LEU D 9 1.93 -28.90 -6.73
C LEU D 9 1.44 -30.12 -7.49
N LYS D 10 0.17 -30.47 -7.31
CA LYS D 10 -0.40 -31.66 -7.92
C LYS D 10 -0.23 -31.61 -9.45
N LYS D 11 -0.35 -30.42 -10.04
CA LYS D 11 -0.11 -30.21 -11.46
C LYS D 11 1.34 -30.28 -11.91
N VAL D 12 2.26 -29.85 -11.04
CA VAL D 12 3.68 -29.72 -11.41
C VAL D 12 4.48 -31.03 -11.40
N LEU D 13 4.25 -31.91 -10.45
CA LEU D 13 5.00 -33.16 -10.43
C LEU D 13 4.13 -34.19 -9.74
N THR D 14 4.53 -35.46 -9.79
CA THR D 14 3.85 -36.53 -9.10
C THR D 14 4.87 -37.54 -8.52
N ARG D 15 4.83 -37.77 -7.21
CA ARG D 15 5.64 -38.85 -6.62
C ARG D 15 4.92 -40.17 -6.86
N TYR D 16 5.08 -40.67 -8.10
CA TYR D 16 4.47 -41.92 -8.57
C TYR D 16 4.56 -43.07 -7.60
N ASN D 17 5.57 -43.07 -6.73
CA ASN D 17 5.76 -44.18 -5.79
C ASN D 17 4.71 -44.22 -4.69
N VAL D 18 4.23 -43.06 -4.27
CA VAL D 18 3.28 -42.96 -3.17
C VAL D 18 1.97 -43.76 -3.40
N ALA D 19 1.35 -43.60 -4.57
CA ALA D 19 0.07 -44.25 -4.84
C ALA D 19 0.16 -45.75 -5.13
N LEU D 20 1.36 -46.25 -5.48
CA LEU D 20 1.56 -47.68 -5.75
C LEU D 20 1.96 -48.50 -4.52
N GLU D 21 2.11 -47.84 -3.38
CA GLU D 21 2.47 -48.57 -2.14
C GLU D 21 1.27 -49.44 -1.65
N LYS D 22 1.53 -50.71 -1.33
CA LYS D 22 0.49 -51.60 -0.85
C LYS D 22 0.05 -51.19 0.54
N ALA D 23 -1.18 -51.54 0.92
CA ALA D 23 -1.76 -51.16 2.21
C ALA D 23 -1.03 -51.77 3.43
N LEU D 24 -0.66 -53.03 3.33
CA LEU D 24 -0.12 -53.74 4.47
C LEU D 24 1.26 -53.22 4.82
N THR D 25 1.57 -53.20 6.13
CA THR D 25 2.92 -52.85 6.59
C THR D 25 3.84 -54.04 6.33
N PRO D 26 5.16 -53.78 6.15
CA PRO D 26 6.04 -54.93 6.00
C PRO D 26 5.77 -56.03 7.04
N GLU D 27 5.54 -55.63 8.29
CA GLU D 27 5.32 -56.56 9.40
C GLU D 27 4.07 -57.42 9.16
N GLU D 28 2.97 -56.76 8.81
CA GLU D 28 1.73 -57.46 8.47
C GLU D 28 1.96 -58.41 7.29
N ALA D 29 2.65 -57.94 6.26
CA ALA D 29 2.93 -58.75 5.09
C ALA D 29 3.74 -59.98 5.47
N ALA D 30 4.76 -59.81 6.32
CA ALA D 30 5.58 -60.92 6.81
C ALA D 30 4.75 -61.95 7.60
N GLU D 31 3.86 -61.45 8.44
CA GLU D 31 2.91 -62.24 9.23
C GLU D 31 1.99 -63.14 8.40
N GLU D 32 1.68 -62.74 7.17
CA GLU D 32 0.84 -63.55 6.29
C GLU D 32 1.60 -64.71 5.71
N LEU D 33 2.94 -64.67 5.82
CA LEU D 33 3.79 -65.65 5.14
C LEU D 33 4.55 -66.58 6.07
N TYR D 34 4.76 -66.17 7.32
CA TYR D 34 5.47 -67.00 8.30
C TYR D 34 4.81 -68.38 8.46
N PRO D 35 5.62 -69.45 8.58
CA PRO D 35 5.04 -70.74 9.01
C PRO D 35 4.56 -70.67 10.47
N LYS D 36 3.41 -71.28 10.76
CA LYS D 36 2.86 -71.27 12.13
C LYS D 36 3.31 -72.49 12.94
N ASP D 37 4.52 -72.96 12.64
CA ASP D 37 5.11 -74.16 13.25
C ASP D 37 5.69 -74.00 14.68
N GLU D 38 5.39 -72.89 15.35
CA GLU D 38 5.78 -72.66 16.76
C GLU D 38 7.28 -72.72 16.98
N LEU D 39 7.92 -73.75 16.43
CA LEU D 39 9.35 -73.93 16.54
C LEU D 39 10.10 -73.17 15.44
N ILE D 40 9.68 -73.35 14.19
CA ILE D 40 10.28 -72.61 13.08
C ILE D 40 9.89 -71.12 13.11
N TYR D 41 8.67 -70.82 13.55
CA TYR D 41 8.18 -69.45 13.61
C TYR D 41 9.21 -68.41 14.13
N PRO D 42 9.54 -68.43 15.44
CA PRO D 42 10.34 -67.30 15.98
C PRO D 42 11.72 -67.15 15.32
N ILE D 43 12.09 -68.11 14.48
CA ILE D 43 13.33 -68.05 13.72
C ILE D 43 13.11 -67.25 12.44
N ALA D 44 12.09 -67.64 11.66
CA ALA D 44 11.72 -66.93 10.45
C ALA D 44 11.51 -65.45 10.73
N LYS D 45 10.72 -65.13 11.75
CA LYS D 45 10.51 -63.76 12.20
C LYS D 45 11.81 -63.04 12.57
N ALA D 46 12.75 -63.77 13.17
CA ALA D 46 14.03 -63.21 13.59
C ALA D 46 14.91 -62.85 12.40
N ILE D 47 14.89 -63.70 11.36
CA ILE D 47 15.61 -63.40 10.11
C ILE D 47 15.04 -62.12 9.49
N PHE D 48 13.72 -62.10 9.34
CA PHE D 48 13.04 -60.96 8.73
C PHE D 48 13.44 -59.66 9.40
N GLU D 49 13.73 -59.73 10.69
CA GLU D 49 14.05 -58.54 11.46
C GLU D 49 15.55 -58.19 11.46
N GLY D 50 16.37 -59.08 10.88
CA GLY D 50 17.83 -58.93 10.87
C GLY D 50 18.43 -58.95 12.28
N GLU D 51 17.78 -59.68 13.17
CA GLU D 51 18.11 -59.71 14.57
C GLU D 51 18.85 -61.01 14.88
N GLU D 52 20.19 -60.99 14.75
CA GLU D 52 21.00 -62.22 14.78
C GLU D 52 20.94 -63.03 16.10
N ASP D 53 20.92 -62.33 17.23
CA ASP D 53 20.83 -62.98 18.55
C ASP D 53 19.61 -63.90 18.65
N ASP D 54 18.47 -63.39 18.19
CA ASP D 54 17.19 -64.12 18.23
C ASP D 54 17.19 -65.30 17.26
N VAL D 55 18.03 -65.25 16.24
CA VAL D 55 18.20 -66.37 15.31
C VAL D 55 18.88 -67.53 16.03
N VAL D 56 19.96 -67.21 16.74
CA VAL D 56 20.69 -68.18 17.56
C VAL D 56 19.81 -68.71 18.68
N GLU D 57 19.27 -67.79 19.48
CA GLU D 57 18.34 -68.11 20.57
C GLU D 57 17.21 -69.03 20.09
N GLY D 58 16.65 -68.72 18.93
CA GLY D 58 15.62 -69.55 18.32
C GLY D 58 16.11 -70.87 17.76
N LEU D 59 17.41 -70.96 17.46
CA LEU D 59 17.98 -72.22 16.96
C LEU D 59 18.37 -73.18 18.08
N GLN D 60 18.80 -72.62 19.23
CA GLN D 60 19.12 -73.41 20.43
C GLN D 60 17.93 -74.17 20.99
N ALA D 61 16.76 -73.52 20.98
CA ALA D 61 15.55 -74.10 21.54
C ALA D 61 14.90 -75.14 20.62
N ALA D 62 15.21 -75.08 19.33
CA ALA D 62 14.61 -75.98 18.33
C ALA D 62 15.35 -77.32 18.21
N ILE D 63 16.63 -77.32 18.57
CA ILE D 63 17.42 -78.54 18.61
C ILE D 63 17.35 -79.21 19.99
N GLU D 64 16.59 -78.60 20.90
CA GLU D 64 16.40 -79.13 22.25
C GLU D 64 15.00 -79.67 22.45
N ALA D 65 14.02 -79.02 21.83
CA ALA D 65 12.64 -79.49 21.79
C ALA D 65 12.37 -80.33 20.52
N GLY D 66 13.46 -80.84 19.94
CA GLY D 66 13.45 -81.67 18.73
C GLY D 66 14.89 -81.90 18.32
N LYS D 67 15.12 -82.39 17.11
CA LYS D 67 16.48 -82.56 16.59
C LYS D 67 16.80 -81.61 15.42
N ASP D 68 17.05 -82.20 14.25
CA ASP D 68 17.38 -81.50 13.02
C ASP D 68 18.57 -80.54 13.19
N PRO D 69 19.79 -81.11 13.29
CA PRO D 69 20.95 -80.23 13.50
C PRO D 69 21.30 -79.38 12.28
N ILE D 70 21.53 -80.06 11.15
CA ILE D 70 21.91 -79.42 9.89
C ILE D 70 20.66 -79.04 9.08
N ASP D 71 19.54 -79.70 9.38
CA ASP D 71 18.29 -79.50 8.64
C ASP D 71 17.67 -78.12 8.87
N LEU D 72 17.83 -77.60 10.10
CA LEU D 72 17.33 -76.28 10.50
C LEU D 72 17.75 -75.14 9.54
N ILE D 73 18.81 -75.38 8.78
CA ILE D 73 19.24 -74.46 7.74
C ILE D 73 18.12 -74.34 6.71
N ASP D 74 17.68 -75.47 6.18
CA ASP D 74 16.63 -75.48 5.17
C ASP D 74 15.24 -75.31 5.76
N ASP D 75 15.00 -75.90 6.92
CA ASP D 75 13.67 -75.91 7.52
C ASP D 75 13.33 -74.59 8.19
N ALA D 76 14.33 -73.91 8.74
CA ALA D 76 14.12 -72.64 9.45
C ALA D 76 14.77 -71.41 8.81
N LEU D 77 16.06 -71.50 8.45
CA LEU D 77 16.75 -70.34 7.90
C LEU D 77 16.33 -70.01 6.47
N MET D 78 16.29 -71.01 5.61
CA MET D 78 15.92 -70.79 4.22
C MET D 78 14.41 -70.57 3.98
N VAL D 79 13.60 -70.84 5.01
CA VAL D 79 12.18 -70.54 4.97
C VAL D 79 11.98 -69.08 5.40
N GLY D 80 12.66 -68.69 6.48
CA GLY D 80 12.69 -67.29 6.92
C GLY D 80 13.17 -66.40 5.80
N MET D 81 14.23 -66.82 5.13
CA MET D 81 14.80 -66.13 4.01
C MET D 81 13.86 -66.03 2.80
N GLY D 82 13.06 -67.07 2.56
CA GLY D 82 12.15 -67.10 1.43
C GLY D 82 11.05 -66.07 1.58
N VAL D 83 10.81 -65.69 2.83
CA VAL D 83 9.89 -64.63 3.18
C VAL D 83 10.50 -63.28 2.78
N VAL D 84 11.75 -63.05 3.17
CA VAL D 84 12.45 -61.81 2.86
C VAL D 84 12.55 -61.57 1.36
N ILE D 85 12.95 -62.62 0.63
CA ILE D 85 13.10 -62.56 -0.83
C ILE D 85 11.80 -62.21 -1.54
N ARG D 86 10.70 -62.79 -1.04
CA ARG D 86 9.37 -62.60 -1.60
C ARG D 86 8.99 -61.13 -1.49
N LEU D 87 9.10 -60.62 -0.26
CA LEU D 87 8.74 -59.24 0.04
C LEU D 87 9.61 -58.22 -0.66
N TYR D 88 10.86 -58.58 -0.90
CA TYR D 88 11.73 -57.77 -1.71
C TYR D 88 11.31 -57.72 -3.18
N ASP D 89 10.88 -58.86 -3.71
CA ASP D 89 10.44 -58.86 -5.12
C ASP D 89 9.14 -58.11 -5.31
N GLU D 90 8.27 -58.19 -4.31
CA GLU D 90 7.00 -57.47 -4.30
C GLU D 90 7.22 -56.01 -3.91
N GLY D 91 8.43 -55.66 -3.50
CA GLY D 91 8.74 -54.26 -3.20
C GLY D 91 8.16 -53.71 -1.91
N VAL D 92 7.61 -54.59 -1.06
CA VAL D 92 7.17 -54.14 0.26
C VAL D 92 8.35 -53.92 1.21
N ILE D 93 9.46 -54.64 1.02
CA ILE D 93 10.74 -54.27 1.66
C ILE D 93 11.85 -53.87 0.68
N PHE D 94 12.91 -53.24 1.20
CA PHE D 94 14.02 -52.71 0.39
C PHE D 94 15.29 -53.53 0.57
N LEU D 95 16.31 -53.22 -0.24
CA LEU D 95 17.58 -53.94 -0.19
C LEU D 95 18.17 -54.03 1.22
N PRO D 96 18.41 -52.88 1.89
CA PRO D 96 19.05 -53.05 3.19
C PRO D 96 18.31 -54.02 4.12
N ASN D 97 16.98 -54.14 4.01
CA ASN D 97 16.22 -55.09 4.83
C ASN D 97 16.62 -56.54 4.51
N VAL D 98 16.90 -56.78 3.23
CA VAL D 98 17.44 -58.06 2.78
C VAL D 98 18.87 -58.29 3.30
N MET D 99 19.73 -57.29 3.21
CA MET D 99 21.11 -57.37 3.70
C MET D 99 21.15 -57.70 5.18
N MET D 100 20.46 -56.92 6.01
CA MET D 100 20.36 -57.20 7.44
C MET D 100 19.93 -58.65 7.68
N SER D 101 18.93 -59.09 6.91
CA SER D 101 18.41 -60.45 6.97
C SER D 101 19.43 -61.53 6.59
N ALA D 102 20.23 -61.28 5.56
CA ALA D 102 21.25 -62.24 5.12
C ALA D 102 22.41 -62.34 6.10
N ASP D 103 22.75 -61.23 6.73
CA ASP D 103 23.74 -61.21 7.81
C ASP D 103 23.28 -62.10 8.98
N ALA D 104 22.00 -62.00 9.34
CA ALA D 104 21.44 -62.71 10.48
C ALA D 104 21.32 -64.20 10.17
N MET D 105 21.10 -64.51 8.90
CA MET D 105 21.03 -65.89 8.43
C MET D 105 22.42 -66.52 8.40
N LEU D 106 23.40 -65.81 7.86
CA LEU D 106 24.76 -66.36 7.74
C LEU D 106 25.35 -66.76 9.08
N GLU D 107 25.03 -65.97 10.11
CA GLU D 107 25.44 -66.26 11.46
C GLU D 107 24.66 -67.43 12.05
N GLY D 108 23.49 -67.69 11.49
CA GLY D 108 22.64 -68.80 11.87
C GLY D 108 23.05 -70.08 11.18
N ILE D 109 23.67 -69.94 10.00
CA ILE D 109 24.23 -71.09 9.29
C ILE D 109 25.49 -71.55 9.98
N GLU D 110 26.42 -70.64 10.21
CA GLU D 110 27.71 -71.02 10.79
C GLU D 110 27.58 -71.50 12.25
N TYR D 111 26.42 -71.23 12.86
CA TYR D 111 26.10 -71.77 14.18
C TYR D 111 25.60 -73.21 14.06
N CYS D 112 25.00 -73.53 12.91
CA CYS D 112 24.68 -74.90 12.62
C CYS D 112 25.98 -75.65 12.27
N LYS D 113 26.87 -75.00 11.53
CA LYS D 113 28.19 -75.54 11.18
C LYS D 113 29.06 -75.92 12.40
N GLU D 114 28.55 -75.69 13.60
CA GLU D 114 29.29 -75.97 14.84
C GLU D 114 28.69 -77.14 15.62
N ASN D 115 27.52 -77.59 15.18
CA ASN D 115 26.79 -78.68 15.82
C ASN D 115 26.47 -79.77 14.80
N SER D 116 27.50 -80.19 14.08
CA SER D 116 27.30 -80.94 12.84
C SER D 116 28.44 -81.88 12.49
N GLY D 117 29.46 -81.32 11.81
CA GLY D 117 30.44 -82.11 11.06
C GLY D 117 29.85 -82.63 9.76
N ALA D 118 28.53 -82.53 9.63
CA ALA D 118 27.76 -83.15 8.53
C ALA D 118 27.96 -82.52 7.14
N THR D 119 28.49 -81.29 7.11
CA THR D 119 28.64 -80.46 5.90
C THR D 119 27.32 -80.17 5.15
N PRO D 120 26.88 -78.89 5.15
CA PRO D 120 25.59 -78.51 4.57
C PRO D 120 25.50 -78.72 3.06
N LYS D 121 24.28 -78.70 2.54
CA LYS D 121 24.02 -78.92 1.12
C LYS D 121 23.45 -77.67 0.47
N THR D 122 24.04 -77.28 -0.65
CA THR D 122 23.60 -76.09 -1.39
C THR D 122 23.09 -76.47 -2.79
N LYS D 123 22.39 -75.54 -3.44
CA LYS D 123 21.92 -75.74 -4.82
C LYS D 123 23.06 -75.69 -5.83
N GLY D 124 24.28 -75.39 -5.35
CA GLY D 124 25.46 -75.37 -6.21
C GLY D 124 26.32 -74.14 -5.96
N THR D 125 27.54 -74.17 -6.48
CA THR D 125 28.44 -73.04 -6.30
C THR D 125 28.33 -72.06 -7.47
N VAL D 126 28.45 -70.78 -7.14
CA VAL D 126 28.57 -69.69 -8.09
C VAL D 126 29.81 -68.88 -7.72
N VAL D 127 30.61 -68.59 -8.73
CA VAL D 127 31.76 -67.74 -8.56
C VAL D 127 31.38 -66.34 -9.05
N CYS D 128 31.70 -65.34 -8.24
CA CYS D 128 31.41 -63.96 -8.60
C CYS D 128 32.70 -63.17 -8.65
N HIS D 129 32.76 -62.17 -9.53
CA HIS D 129 33.89 -61.28 -9.58
C HIS D 129 33.54 -59.94 -10.21
N VAL D 130 34.39 -58.96 -9.94
CA VAL D 130 34.31 -57.68 -10.60
C VAL D 130 35.46 -57.66 -11.63
N ALA D 131 35.17 -57.22 -12.85
CA ALA D 131 36.19 -57.15 -13.90
C ALA D 131 37.45 -56.41 -13.39
N GLU D 132 38.63 -56.88 -13.77
CA GLU D 132 39.86 -56.22 -13.33
C GLU D 132 39.92 -54.78 -13.81
N GLY D 133 40.48 -53.92 -12.94
CA GLY D 133 40.57 -52.48 -13.17
C GLY D 133 39.41 -51.72 -12.54
N ASP D 134 38.44 -52.47 -12.05
CA ASP D 134 37.20 -51.94 -11.54
C ASP D 134 37.03 -52.19 -10.04
N VAL D 135 36.87 -51.10 -9.29
CA VAL D 135 36.65 -51.13 -7.84
C VAL D 135 35.16 -51.21 -7.47
N HIS D 136 34.27 -51.09 -8.46
CA HIS D 136 32.83 -51.00 -8.18
C HIS D 136 32.24 -52.32 -7.65
N ASP D 137 32.04 -52.33 -6.33
CA ASP D 137 31.73 -53.51 -5.47
C ASP D 137 30.26 -53.77 -5.39
N ILE D 138 29.50 -52.68 -5.28
CA ILE D 138 28.15 -52.71 -4.75
C ILE D 138 27.27 -53.70 -5.49
N GLY D 139 27.17 -53.54 -6.81
CA GLY D 139 26.37 -54.43 -7.64
C GLY D 139 26.73 -55.89 -7.51
N LYS D 140 28.02 -56.18 -7.37
CA LYS D 140 28.48 -57.53 -7.11
C LYS D 140 27.98 -58.03 -5.75
N ASN D 141 28.13 -57.19 -4.73
CA ASN D 141 27.69 -57.54 -3.37
C ASN D 141 26.22 -57.83 -3.32
N ILE D 142 25.44 -57.08 -4.09
CA ILE D 142 24.02 -57.31 -4.14
C ILE D 142 23.76 -58.59 -4.94
N VAL D 143 24.67 -58.96 -5.85
CA VAL D 143 24.52 -60.25 -6.55
C VAL D 143 24.94 -61.40 -5.62
N THR D 144 26.03 -61.16 -4.89
CA THR D 144 26.51 -62.04 -3.84
C THR D 144 25.44 -62.35 -2.78
N ALA D 145 24.84 -61.30 -2.23
CA ALA D 145 23.88 -61.42 -1.16
C ALA D 145 22.62 -62.14 -1.61
N LEU D 146 22.08 -61.76 -2.78
CA LEU D 146 20.88 -62.38 -3.33
C LEU D 146 21.06 -63.89 -3.58
N LEU D 147 22.17 -64.25 -4.22
CA LEU D 147 22.52 -65.66 -4.46
C LEU D 147 22.49 -66.50 -3.18
N ARG D 148 23.33 -66.13 -2.18
CA ARG D 148 23.37 -66.77 -0.86
C ARG D 148 21.98 -66.84 -0.23
N ALA D 149 21.28 -65.71 -0.24
CA ALA D 149 19.94 -65.62 0.29
C ALA D 149 18.92 -66.47 -0.47
N ASN D 150 19.24 -66.90 -1.68
CA ASN D 150 18.36 -67.81 -2.42
C ASN D 150 18.78 -69.28 -2.28
N GLY D 151 19.91 -69.51 -1.63
CA GLY D 151 20.35 -70.87 -1.30
C GLY D 151 21.49 -71.37 -2.16
N TYR D 152 22.49 -70.52 -2.40
CA TYR D 152 23.64 -70.87 -3.21
C TYR D 152 24.94 -70.58 -2.46
N ASN D 153 25.92 -71.44 -2.65
CA ASN D 153 27.24 -71.21 -2.11
C ASN D 153 27.95 -70.20 -3.00
N VAL D 154 28.53 -69.16 -2.40
CA VAL D 154 29.16 -68.12 -3.20
C VAL D 154 30.63 -67.89 -2.88
N VAL D 155 31.51 -68.26 -3.79
CA VAL D 155 32.90 -67.81 -3.68
C VAL D 155 33.03 -66.47 -4.41
N ASP D 156 33.13 -65.43 -3.60
CA ASP D 156 33.19 -64.05 -4.06
C ASP D 156 34.66 -63.71 -4.26
N LEU D 157 35.07 -63.52 -5.52
CA LEU D 157 36.47 -63.28 -5.85
C LEU D 157 36.96 -61.85 -5.61
N GLY D 158 36.08 -60.98 -5.12
CA GLY D 158 36.46 -59.61 -4.79
C GLY D 158 36.55 -58.67 -5.99
N ARG D 159 37.39 -57.65 -5.87
CA ARG D 159 37.34 -56.47 -6.74
C ARG D 159 38.16 -56.57 -8.03
N ASP D 160 39.32 -55.93 -8.05
CA ASP D 160 40.19 -55.84 -9.23
C ASP D 160 40.69 -57.24 -9.64
N VAL D 161 39.78 -58.08 -10.12
CA VAL D 161 40.05 -59.52 -10.32
C VAL D 161 40.57 -59.84 -11.71
N PRO D 162 41.84 -60.30 -11.80
CA PRO D 162 42.59 -60.46 -13.04
C PRO D 162 42.54 -61.81 -13.79
N ALA D 163 41.34 -62.25 -14.20
CA ALA D 163 41.17 -63.35 -15.17
C ALA D 163 41.85 -64.68 -14.83
N GLU D 164 43.19 -64.73 -14.87
CA GLU D 164 43.97 -65.91 -14.44
C GLU D 164 43.40 -66.47 -13.15
N GLU D 165 43.11 -65.54 -12.23
CA GLU D 165 42.51 -65.82 -10.93
C GLU D 165 41.08 -66.37 -11.02
N VAL D 166 40.35 -65.94 -12.06
CA VAL D 166 38.96 -66.41 -12.31
C VAL D 166 39.01 -67.83 -12.85
N LEU D 167 39.81 -68.02 -13.90
CA LEU D 167 40.04 -69.33 -14.50
C LEU D 167 40.31 -70.38 -13.42
N ALA D 168 41.34 -70.12 -12.61
CA ALA D 168 41.77 -70.98 -11.51
C ALA D 168 40.66 -71.34 -10.51
N ALA D 169 39.67 -70.47 -10.35
CA ALA D 169 38.62 -70.68 -9.35
C ALA D 169 37.41 -71.41 -9.91
N VAL D 170 37.21 -71.36 -11.23
CA VAL D 170 36.16 -72.15 -11.87
C VAL D 170 36.61 -73.60 -11.87
N GLN D 171 37.93 -73.78 -11.84
CA GLN D 171 38.53 -75.09 -11.68
C GLN D 171 38.33 -75.61 -10.25
N LYS D 172 38.87 -74.91 -9.24
CA LYS D 172 38.82 -75.35 -7.84
C LYS D 172 37.40 -75.68 -7.34
N GLU D 173 36.39 -75.03 -7.93
CA GLU D 173 35.06 -75.03 -7.36
C GLU D 173 33.97 -75.60 -8.25
N LYS D 174 34.31 -75.84 -9.52
CA LYS D 174 33.39 -76.39 -10.54
C LYS D 174 31.96 -75.86 -10.35
N PRO D 175 31.75 -74.55 -10.58
CA PRO D 175 30.47 -73.92 -10.28
C PRO D 175 29.44 -74.14 -11.38
N ILE D 176 28.16 -73.95 -11.06
CA ILE D 176 27.11 -74.04 -12.06
C ILE D 176 27.08 -72.76 -12.91
N MET D 177 27.59 -71.68 -12.33
CA MET D 177 27.51 -70.35 -12.92
C MET D 177 28.63 -69.44 -12.42
N LEU D 178 29.12 -68.60 -13.33
CA LEU D 178 30.06 -67.54 -13.03
C LEU D 178 29.33 -66.23 -13.29
N THR D 179 29.56 -65.23 -12.44
CA THR D 179 29.06 -63.87 -12.69
C THR D 179 30.19 -62.86 -12.82
N GLY D 180 29.91 -61.80 -13.57
CA GLY D 180 30.83 -60.69 -13.76
C GLY D 180 30.07 -59.38 -13.64
N THR D 181 30.78 -58.33 -13.24
CA THR D 181 30.24 -56.99 -13.11
C THR D 181 31.27 -55.97 -13.60
N ALA D 182 30.88 -55.13 -14.55
CA ALA D 182 31.71 -53.99 -14.97
C ALA D 182 30.92 -52.69 -14.96
N LEU D 183 31.59 -51.61 -14.58
CA LEU D 183 30.97 -50.29 -14.47
C LEU D 183 31.63 -49.16 -15.26
N MET D 184 32.86 -49.38 -15.73
CA MET D 184 33.60 -48.39 -16.53
C MET D 184 33.79 -48.91 -17.97
N THR D 185 33.72 -48.03 -18.96
CA THR D 185 34.01 -48.42 -20.36
C THR D 185 35.45 -48.94 -20.46
N THR D 186 36.28 -48.43 -19.56
CA THR D 186 37.70 -48.74 -19.46
C THR D 186 37.95 -50.14 -18.87
N THR D 187 36.88 -50.91 -18.71
CA THR D 187 36.86 -52.10 -17.86
C THR D 187 35.97 -53.25 -18.35
N MET D 188 34.91 -52.94 -19.09
CA MET D 188 33.95 -53.96 -19.52
C MET D 188 34.63 -55.08 -20.29
N TYR D 189 35.77 -54.73 -20.92
CA TYR D 189 36.50 -55.65 -21.79
C TYR D 189 37.42 -56.65 -21.06
N ALA D 190 37.29 -56.71 -19.73
CA ALA D 190 37.88 -57.80 -18.97
C ALA D 190 36.93 -59.01 -19.02
N PHE D 191 35.73 -58.79 -19.54
CA PHE D 191 34.76 -59.87 -19.81
C PHE D 191 35.20 -60.65 -21.04
N LYS D 192 36.06 -60.01 -21.85
CA LYS D 192 36.73 -60.63 -23.01
C LYS D 192 37.66 -61.73 -22.55
N GLU D 193 38.76 -61.32 -21.89
CA GLU D 193 39.75 -62.24 -21.34
C GLU D 193 39.09 -63.47 -20.73
N VAL D 194 38.13 -63.24 -19.83
CA VAL D 194 37.46 -64.31 -19.12
C VAL D 194 36.63 -65.23 -20.04
N ASN D 195 35.83 -64.65 -20.93
CA ASN D 195 35.05 -65.47 -21.86
C ASN D 195 35.94 -66.29 -22.78
N ASP D 196 36.99 -65.66 -23.28
CA ASP D 196 37.96 -66.32 -24.16
C ASP D 196 38.77 -67.40 -23.43
N MET D 197 39.19 -67.11 -22.21
CA MET D 197 40.02 -68.02 -21.43
C MET D 197 39.24 -69.15 -20.76
N LEU D 198 37.92 -69.02 -20.74
CA LEU D 198 37.08 -70.15 -20.34
C LEU D 198 36.87 -71.09 -21.52
N LEU D 199 36.80 -70.51 -22.71
CA LEU D 199 36.73 -71.26 -23.95
C LEU D 199 38.07 -71.94 -24.23
N GLU D 200 39.16 -71.17 -24.09
CA GLU D 200 40.53 -71.66 -24.31
C GLU D 200 41.03 -72.57 -23.19
N ASN D 201 40.10 -73.33 -22.60
CA ASN D 201 40.39 -74.30 -21.58
C ASN D 201 39.21 -75.26 -21.48
N GLY D 202 38.30 -75.13 -22.44
CA GLY D 202 37.16 -76.03 -22.58
C GLY D 202 36.19 -76.01 -21.43
N ILE D 203 35.66 -74.81 -21.11
CA ILE D 203 34.63 -74.66 -20.08
C ILE D 203 33.35 -74.07 -20.71
N LYS D 204 32.22 -74.70 -20.41
CA LYS D 204 30.92 -74.31 -20.99
C LYS D 204 29.84 -74.16 -19.90
N ILE D 205 29.86 -73.02 -19.21
CA ILE D 205 28.86 -72.65 -18.21
C ILE D 205 28.32 -71.23 -18.43
N PRO D 206 27.08 -70.95 -17.98
CA PRO D 206 26.52 -69.60 -18.08
C PRO D 206 27.37 -68.52 -17.39
N PHE D 207 27.58 -67.40 -18.08
CA PHE D 207 28.37 -66.28 -17.57
C PHE D 207 27.50 -65.03 -17.43
N ALA D 208 26.75 -64.97 -16.33
CA ALA D 208 25.85 -63.86 -16.03
C ALA D 208 26.59 -62.51 -15.91
N CYS D 209 26.44 -61.68 -16.93
CA CYS D 209 27.10 -60.38 -16.98
C CYS D 209 26.15 -59.23 -16.69
N GLY D 210 26.62 -58.29 -15.88
CA GLY D 210 25.82 -57.15 -15.47
C GLY D 210 26.73 -55.99 -15.15
N GLY D 211 26.13 -54.91 -14.68
CA GLY D 211 26.89 -53.71 -14.38
C GLY D 211 26.39 -52.55 -15.21
N GLY D 212 26.52 -51.36 -14.64
CA GLY D 212 26.09 -50.13 -15.26
C GLY D 212 26.60 -49.92 -16.67
N ALA D 213 27.90 -50.14 -16.88
CA ALA D 213 28.54 -49.95 -18.17
C ALA D 213 28.16 -51.04 -19.17
N VAL D 214 27.24 -51.92 -18.79
CA VAL D 214 27.01 -53.13 -19.57
C VAL D 214 25.55 -53.28 -19.97
N ASN D 215 25.33 -53.69 -21.21
CA ASN D 215 23.99 -53.91 -21.75
C ASN D 215 23.85 -55.22 -22.49
N GLN D 216 22.63 -55.53 -22.91
CA GLN D 216 22.30 -56.82 -23.54
C GLN D 216 23.05 -57.09 -24.86
N ASP D 217 23.33 -56.04 -25.63
CA ASP D 217 24.04 -56.17 -26.92
C ASP D 217 25.53 -56.43 -26.74
N PHE D 218 26.11 -55.89 -25.65
CA PHE D 218 27.55 -56.05 -25.38
C PHE D 218 27.93 -57.47 -24.99
N VAL D 219 27.07 -58.14 -24.24
CA VAL D 219 27.36 -59.48 -23.72
C VAL D 219 27.04 -60.58 -24.72
N SER D 220 26.34 -60.21 -25.80
CA SER D 220 25.93 -61.15 -26.83
C SER D 220 27.07 -61.55 -27.76
N GLN D 221 28.09 -60.70 -27.89
CA GLN D 221 29.26 -61.02 -28.70
C GLN D 221 30.17 -62.04 -28.02
N PHE D 222 29.67 -62.61 -26.92
CA PHE D 222 30.34 -63.68 -26.19
C PHE D 222 29.44 -64.90 -26.09
N ALA D 223 29.98 -66.06 -26.49
CA ALA D 223 29.24 -67.32 -26.52
C ALA D 223 28.64 -67.67 -25.16
N LEU D 224 29.41 -67.42 -24.09
CA LEU D 224 28.98 -67.72 -22.73
C LEU D 224 28.07 -66.64 -22.10
N GLY D 225 28.17 -65.41 -22.62
CA GLY D 225 27.48 -64.25 -22.06
C GLY D 225 25.96 -64.36 -21.91
N VAL D 226 25.48 -63.95 -20.73
CA VAL D 226 24.05 -63.82 -20.42
C VAL D 226 23.86 -62.53 -19.62
N TYR D 227 23.00 -61.64 -20.12
CA TYR D 227 22.79 -60.35 -19.47
C TYR D 227 21.76 -60.44 -18.36
N GLY D 228 22.07 -59.79 -17.24
CA GLY D 228 21.08 -59.54 -16.20
C GLY D 228 21.21 -58.08 -15.81
N GLU D 229 20.10 -57.35 -15.82
CA GLU D 229 20.19 -55.95 -15.43
C GLU D 229 19.95 -55.78 -13.93
N GLU D 230 18.93 -56.41 -13.39
CA GLU D 230 18.71 -56.37 -11.94
C GLU D 230 19.60 -57.40 -11.25
N ALA D 231 20.00 -57.11 -10.01
CA ALA D 231 20.74 -58.07 -9.21
C ALA D 231 19.83 -59.23 -8.88
N ALA D 232 18.53 -58.96 -8.80
CA ALA D 232 17.51 -59.98 -8.62
C ALA D 232 17.42 -60.94 -9.82
N ASP D 233 18.21 -60.67 -10.85
CA ASP D 233 18.24 -61.51 -12.03
C ASP D 233 19.29 -62.62 -11.92
N ALA D 234 20.21 -62.50 -10.97
CA ALA D 234 21.28 -63.49 -10.78
C ALA D 234 20.79 -64.86 -10.26
N PRO D 235 19.97 -64.87 -9.19
CA PRO D 235 19.43 -66.15 -8.75
C PRO D 235 18.37 -66.72 -9.70
N LYS D 236 17.66 -65.84 -10.39
CA LYS D 236 16.62 -66.24 -11.34
C LYS D 236 17.21 -67.00 -12.54
N ILE D 237 18.41 -66.61 -12.95
CA ILE D 237 19.14 -67.31 -14.02
C ILE D 237 19.84 -68.55 -13.48
N ALA D 238 20.25 -68.51 -12.20
CA ALA D 238 20.89 -69.65 -11.56
C ALA D 238 19.92 -70.82 -11.38
N ASP D 239 18.64 -70.49 -11.22
CA ASP D 239 17.57 -71.47 -11.10
C ASP D 239 17.24 -72.17 -12.44
N ALA D 240 17.57 -71.51 -13.55
CA ALA D 240 17.40 -72.08 -14.89
C ALA D 240 18.51 -73.09 -15.20
N ILE D 241 19.48 -73.20 -14.28
CA ILE D 241 20.54 -74.20 -14.36
C ILE D 241 20.16 -75.40 -13.48
N ILE D 242 19.30 -75.16 -12.50
CA ILE D 242 18.70 -76.24 -11.71
C ILE D 242 17.62 -76.92 -12.57
N ALA D 243 17.10 -76.19 -13.55
CA ALA D 243 16.09 -76.68 -14.49
C ALA D 243 16.69 -77.52 -15.62
N GLY D 244 17.99 -77.34 -15.87
CA GLY D 244 18.72 -78.16 -16.85
C GLY D 244 19.37 -77.42 -18.01
N THR D 245 19.02 -76.15 -18.21
CA THR D 245 19.51 -75.39 -19.36
C THR D 245 20.95 -74.91 -19.15
N THR D 246 21.88 -75.54 -19.87
CA THR D 246 23.29 -75.11 -19.89
C THR D 246 23.59 -74.36 -21.18
N ASP D 247 22.83 -74.68 -22.22
CA ASP D 247 22.91 -74.01 -23.52
C ASP D 247 22.61 -72.52 -23.38
N VAL D 248 23.59 -71.69 -23.77
CA VAL D 248 23.49 -70.23 -23.63
C VAL D 248 22.45 -69.62 -24.57
N THR D 249 22.41 -70.11 -25.81
CA THR D 249 21.44 -69.66 -26.83
C THR D 249 20.00 -69.82 -26.35
N GLU D 250 19.73 -70.93 -25.67
CA GLU D 250 18.41 -71.26 -25.13
C GLU D 250 18.07 -70.38 -23.90
N LEU D 251 19.11 -70.02 -23.14
CA LEU D 251 18.97 -69.12 -22.01
C LEU D 251 18.66 -67.71 -22.51
N ARG D 252 19.48 -67.24 -23.44
CA ARG D 252 19.29 -65.93 -24.08
C ARG D 252 17.86 -65.74 -24.54
N GLU D 253 17.28 -66.78 -25.13
CA GLU D 253 15.91 -66.72 -25.66
C GLU D 253 14.88 -66.50 -24.56
N LYS D 254 15.07 -67.12 -23.40
CA LYS D 254 14.12 -66.96 -22.29
C LYS D 254 14.56 -65.91 -21.25
N PHE D 255 15.54 -65.08 -21.60
CA PHE D 255 16.04 -64.04 -20.69
C PHE D 255 16.40 -62.67 -21.31
N HIS D 256 16.81 -62.67 -22.58
CA HIS D 256 17.14 -61.43 -23.30
C HIS D 256 15.90 -60.59 -23.63
N LYS D 257 15.74 -60.25 -24.91
CA LYS D 257 14.56 -59.53 -25.42
C LYS D 257 14.15 -58.32 -24.55
N HIS D 258 14.99 -57.29 -24.51
CA HIS D 258 14.71 -56.07 -23.73
C HIS D 258 14.01 -54.99 -24.57
N ALA E 3 -47.29 -2.59 24.72
CA ALA E 3 -48.30 -3.56 24.17
C ALA E 3 -47.63 -4.73 23.42
N LYS E 4 -46.41 -4.50 22.91
CA LYS E 4 -45.62 -5.52 22.19
C LYS E 4 -44.13 -5.40 22.57
N ARG E 5 -43.69 -6.27 23.48
CA ARG E 5 -42.37 -6.20 24.13
C ARG E 5 -41.16 -6.46 23.20
N TYR E 6 -39.96 -6.09 23.67
CA TYR E 6 -38.70 -6.47 23.04
C TYR E 6 -38.02 -7.65 23.79
N THR E 7 -37.80 -8.76 23.08
CA THR E 7 -37.04 -9.90 23.63
C THR E 7 -35.69 -10.11 22.93
N SER E 8 -35.29 -9.15 22.10
CA SER E 8 -33.96 -9.18 21.46
C SER E 8 -33.43 -7.77 21.12
N MET E 9 -32.10 -7.65 21.07
CA MET E 9 -31.43 -6.40 20.72
C MET E 9 -31.46 -6.23 19.19
N ALA E 10 -31.59 -4.99 18.73
CA ALA E 10 -31.59 -4.70 17.29
C ALA E 10 -30.17 -4.50 16.69
N TYR E 11 -29.15 -4.59 17.55
CA TYR E 11 -27.74 -4.57 17.13
C TYR E 11 -27.08 -5.85 17.64
N ALA E 12 -26.19 -6.43 16.83
CA ALA E 12 -25.52 -7.69 17.19
C ALA E 12 -24.59 -7.51 18.39
N ASN E 13 -23.72 -6.50 18.33
CA ASN E 13 -22.87 -6.13 19.45
C ASN E 13 -22.75 -4.60 19.65
N ALA E 14 -22.13 -4.19 20.74
CA ALA E 14 -22.01 -2.76 21.05
C ALA E 14 -21.27 -1.98 19.96
N ASP E 15 -20.33 -2.63 19.28
CA ASP E 15 -19.48 -1.96 18.28
C ASP E 15 -20.15 -1.53 16.97
N GLU E 16 -21.41 -1.90 16.77
CA GLU E 16 -22.13 -1.54 15.55
C GLU E 16 -22.78 -0.19 15.73
N MET E 17 -22.97 0.19 16.99
CA MET E 17 -23.58 1.47 17.35
C MET E 17 -22.67 2.67 17.04
N THR E 18 -23.30 3.73 16.55
CA THR E 18 -22.61 4.97 16.20
C THR E 18 -23.61 6.12 16.08
N PHE E 19 -23.11 7.34 16.17
CA PHE E 19 -23.96 8.52 16.07
C PHE E 19 -24.38 8.80 14.64
N GLY E 20 -25.52 9.45 14.47
CA GLY E 20 -25.97 9.89 13.16
C GLY E 20 -26.78 8.85 12.40
N VAL E 21 -26.48 7.58 12.66
CA VAL E 21 -27.20 6.45 12.07
C VAL E 21 -27.80 5.49 13.10
N SER E 22 -29.09 5.23 12.93
CA SER E 22 -29.78 4.16 13.63
C SER E 22 -30.38 3.18 12.62
N LYS E 23 -30.73 2.00 13.09
CA LYS E 23 -31.15 0.92 12.20
C LYS E 23 -32.56 1.15 11.60
N TYR E 24 -33.43 1.86 12.33
CA TYR E 24 -34.77 2.20 11.83
C TYR E 24 -34.94 3.72 11.76
N PRO E 25 -34.55 4.32 10.62
CA PRO E 25 -34.59 5.77 10.42
C PRO E 25 -36.03 6.32 10.34
N VAL E 26 -36.15 7.64 10.51
CA VAL E 26 -37.45 8.32 10.53
C VAL E 26 -37.46 9.56 9.62
N LYS E 27 -38.33 9.53 8.60
CA LYS E 27 -38.60 10.71 7.77
C LYS E 27 -39.61 11.58 8.53
N ALA E 28 -39.38 12.90 8.55
CA ALA E 28 -40.34 13.82 9.21
C ALA E 28 -40.16 15.27 8.77
N GLY E 29 -41.23 16.04 8.90
CA GLY E 29 -41.23 17.47 8.61
C GLY E 29 -40.69 17.83 7.25
N LEU E 30 -40.03 18.98 7.18
CA LEU E 30 -39.63 19.58 5.91
C LEU E 30 -38.33 19.03 5.36
N ASP E 31 -38.43 17.93 4.62
CA ASP E 31 -37.29 17.32 3.94
C ASP E 31 -36.18 16.90 4.89
N LEU E 32 -36.55 16.39 6.06
CA LEU E 32 -35.57 15.98 7.04
C LEU E 32 -35.59 14.47 7.22
N GLU E 33 -34.47 13.91 7.66
CA GLU E 33 -34.39 12.49 7.99
C GLU E 33 -33.48 12.22 9.18
N ILE E 34 -34.08 11.62 10.20
CA ILE E 34 -33.40 11.36 11.47
C ILE E 34 -32.90 9.92 11.46
N GLY E 35 -31.61 9.74 11.74
CA GLY E 35 -31.01 8.42 11.82
C GLY E 35 -30.50 7.93 10.47
N ALA E 36 -30.54 8.81 9.48
CA ALA E 36 -30.15 8.47 8.11
C ALA E 36 -28.75 9.01 7.72
N GLY E 37 -27.76 8.78 8.57
CA GLY E 37 -26.37 9.06 8.24
C GLY E 37 -25.87 10.47 8.49
N TYR E 38 -26.57 11.23 9.34
CA TYR E 38 -26.10 12.56 9.76
C TYR E 38 -26.83 13.08 10.99
N THR E 39 -26.06 13.59 11.96
CA THR E 39 -26.63 14.14 13.20
C THR E 39 -27.31 15.49 12.94
N ILE E 40 -28.27 15.85 13.81
CA ILE E 40 -29.09 17.07 13.67
C ILE E 40 -29.23 17.90 14.95
N PRO E 41 -29.01 19.22 14.87
CA PRO E 41 -29.13 20.01 16.11
C PRO E 41 -30.59 20.21 16.44
N GLU E 42 -30.94 20.06 17.70
CA GLU E 42 -32.31 20.31 18.17
C GLU E 42 -32.31 21.40 19.24
N ILE E 43 -32.73 22.61 18.87
CA ILE E 43 -32.75 23.74 19.80
C ILE E 43 -34.03 23.84 20.62
N ASN E 44 -33.87 23.82 21.95
CA ASN E 44 -34.92 24.08 22.94
C ASN E 44 -34.79 25.51 23.50
N TYR E 45 -35.86 25.97 24.14
CA TYR E 45 -36.03 27.37 24.52
C TYR E 45 -37.27 27.53 25.42
N ALA E 46 -37.37 28.69 26.08
CA ALA E 46 -38.46 29.03 26.99
C ALA E 46 -38.80 30.50 26.83
N PRO E 47 -40.10 30.86 26.77
CA PRO E 47 -40.44 32.27 26.57
C PRO E 47 -40.27 33.06 27.86
N ARG E 48 -39.98 34.36 27.77
CA ARG E 48 -39.86 35.21 28.97
C ARG E 48 -41.20 35.29 29.71
N PRO E 49 -41.18 35.29 31.07
CA PRO E 49 -42.39 35.28 31.91
C PRO E 49 -43.50 36.18 31.38
N GLU E 50 -43.13 37.40 31.00
CA GLU E 50 -44.07 38.42 30.47
C GLU E 50 -44.92 37.87 29.33
N ALA E 51 -44.28 37.20 28.38
CA ALA E 51 -44.96 36.61 27.22
C ALA E 51 -45.98 35.53 27.60
N GLY E 52 -45.90 35.05 28.84
CA GLY E 52 -46.86 34.07 29.38
C GLY E 52 -48.24 34.65 29.75
N ALA E 53 -48.43 35.94 29.48
CA ALA E 53 -49.70 36.65 29.73
C ALA E 53 -50.75 36.28 28.67
N SER E 54 -51.19 37.26 27.87
CA SER E 54 -52.08 36.98 26.75
C SER E 54 -51.54 35.87 25.83
N LYS E 55 -52.44 35.24 25.08
CA LYS E 55 -52.10 34.15 24.16
C LYS E 55 -51.33 34.70 22.97
N GLU E 56 -51.63 35.94 22.59
CA GLU E 56 -50.93 36.62 21.49
C GLU E 56 -49.45 36.86 21.84
N LYS E 57 -49.20 37.49 22.99
CA LYS E 57 -47.84 37.74 23.49
C LYS E 57 -46.94 36.49 23.50
N LEU E 58 -47.55 35.33 23.79
CA LEU E 58 -46.90 34.03 23.73
C LEU E 58 -46.58 33.67 22.28
N ILE E 59 -47.60 33.69 21.41
CA ILE E 59 -47.43 33.52 19.96
C ILE E 59 -46.29 34.35 19.37
N LYS E 60 -46.26 35.65 19.71
CA LYS E 60 -45.30 36.57 19.13
C LYS E 60 -43.90 36.18 19.59
N GLU E 61 -43.78 35.87 20.88
CA GLU E 61 -42.54 35.39 21.46
C GLU E 61 -42.03 34.16 20.70
N TYR E 62 -42.92 33.27 20.29
CA TYR E 62 -42.49 32.06 19.58
C TYR E 62 -42.07 32.34 18.14
N GLU E 63 -42.74 33.32 17.52
CA GLU E 63 -42.34 33.80 16.21
C GLU E 63 -40.94 34.44 16.24
N ARG E 64 -40.66 35.18 17.32
CA ARG E 64 -39.36 35.85 17.49
C ARG E 64 -38.25 34.81 17.61
N ILE E 65 -38.54 33.77 18.38
CA ILE E 65 -37.64 32.65 18.58
C ILE E 65 -37.34 31.93 17.25
N THR E 66 -38.39 31.53 16.54
CA THR E 66 -38.29 30.80 15.29
C THR E 66 -37.55 31.60 14.21
N THR E 67 -37.82 32.89 14.12
CA THR E 67 -37.11 33.72 13.16
C THR E 67 -35.61 33.71 13.53
N ASP E 68 -35.33 33.97 14.80
CA ASP E 68 -33.95 34.00 15.27
C ASP E 68 -33.17 32.70 14.96
N VAL E 69 -33.77 31.55 15.26
CA VAL E 69 -33.14 30.26 14.97
C VAL E 69 -32.86 30.07 13.48
N MET E 70 -33.91 30.14 12.64
CA MET E 70 -33.75 29.97 11.19
C MET E 70 -32.73 30.95 10.59
N GLU E 71 -32.81 32.21 11.01
CA GLU E 71 -31.83 33.21 10.55
C GLU E 71 -30.38 32.77 10.80
N ARG E 72 -30.09 32.31 12.01
CA ARG E 72 -28.71 31.98 12.37
C ARG E 72 -28.20 30.77 11.61
N MET E 73 -29.08 29.80 11.37
CA MET E 73 -28.70 28.59 10.65
C MET E 73 -28.26 28.89 9.21
N VAL E 74 -29.08 29.67 8.50
CA VAL E 74 -28.76 30.01 7.12
C VAL E 74 -27.57 30.95 7.03
N GLN E 75 -27.35 31.74 8.07
CA GLN E 75 -26.20 32.67 8.08
C GLN E 75 -24.83 32.00 8.25
N VAL E 76 -24.79 30.88 8.95
CA VAL E 76 -23.54 30.19 9.20
C VAL E 76 -23.45 28.94 8.31
N GLY E 77 -24.45 28.79 7.44
CA GLY E 77 -24.47 27.72 6.43
C GLY E 77 -24.88 26.31 6.83
N PHE E 78 -25.48 26.15 8.00
CA PHE E 78 -25.85 24.81 8.47
C PHE E 78 -27.00 24.25 7.65
N PRO E 79 -27.03 22.92 7.42
CA PRO E 79 -28.04 22.30 6.58
C PRO E 79 -29.31 21.85 7.29
N ALA E 80 -29.21 21.56 8.60
CA ALA E 80 -30.35 20.96 9.33
C ALA E 80 -30.63 21.60 10.69
N ILE E 81 -31.86 21.41 11.17
CA ILE E 81 -32.32 22.10 12.38
C ILE E 81 -33.70 21.59 12.82
N ILE E 82 -33.82 21.23 14.09
CA ILE E 82 -35.11 20.95 14.70
C ILE E 82 -35.37 21.99 15.79
N LEU E 83 -36.60 22.51 15.83
CA LEU E 83 -37.06 23.35 16.94
C LEU E 83 -38.01 22.56 17.83
N GLU E 84 -37.62 22.41 19.09
CA GLU E 84 -38.49 21.77 20.05
C GLU E 84 -39.14 22.81 20.93
N THR E 85 -40.48 22.79 20.94
CA THR E 85 -41.25 23.68 21.80
C THR E 85 -41.83 22.91 22.97
N GLU E 86 -41.29 23.16 24.15
CA GLU E 86 -41.80 22.57 25.36
C GLU E 86 -42.97 23.40 25.84
N HIS E 87 -44.17 22.82 25.74
CA HIS E 87 -45.38 23.49 26.16
C HIS E 87 -45.24 23.95 27.59
N VAL E 88 -45.39 25.26 27.82
CA VAL E 88 -45.76 25.78 29.14
C VAL E 88 -47.21 25.34 29.42
N GLN E 89 -47.53 25.13 30.70
CA GLN E 89 -48.81 24.51 31.11
C GLN E 89 -50.09 25.09 30.44
N GLN E 90 -50.08 26.39 30.15
CA GLN E 90 -51.24 27.06 29.55
C GLN E 90 -51.43 26.71 28.07
N MET E 91 -50.34 26.27 27.43
CA MET E 91 -50.38 25.81 26.04
C MET E 91 -50.96 24.40 25.93
N SER E 92 -50.95 23.70 27.05
CA SER E 92 -51.42 22.32 27.11
C SER E 92 -52.79 22.23 27.74
N ASN E 93 -53.10 23.15 28.67
CA ASN E 93 -54.43 23.21 29.28
C ASN E 93 -55.49 23.83 28.36
N ASN E 94 -55.05 24.77 27.51
CA ASN E 94 -55.89 25.22 26.40
C ASN E 94 -55.33 24.68 25.08
N PRO E 95 -55.70 23.45 24.70
CA PRO E 95 -55.04 22.80 23.57
C PRO E 95 -54.71 23.75 22.40
N SER E 96 -55.70 24.53 21.96
CA SER E 96 -55.57 25.42 20.80
C SER E 96 -54.51 26.55 20.92
N TRP E 97 -54.04 26.82 22.15
CA TRP E 97 -52.90 27.72 22.37
C TRP E 97 -51.64 27.12 21.75
N GLY E 98 -51.34 25.89 22.15
CA GLY E 98 -50.25 25.11 21.57
C GLY E 98 -50.31 25.07 20.06
N ALA E 99 -51.44 24.61 19.51
CA ALA E 99 -51.58 24.47 18.06
C ALA E 99 -51.32 25.77 17.29
N GLU E 100 -51.79 26.90 17.84
CA GLU E 100 -51.57 28.20 17.21
C GLU E 100 -50.11 28.63 17.29
N VAL E 101 -49.46 28.28 18.41
CA VAL E 101 -47.99 28.43 18.54
C VAL E 101 -47.30 27.60 17.47
N ALA E 102 -47.66 26.31 17.42
CA ALA E 102 -47.15 25.36 16.42
C ALA E 102 -47.40 25.82 15.00
N HIS E 103 -48.53 26.48 14.78
CA HIS E 103 -48.85 26.96 13.45
C HIS E 103 -47.97 28.14 13.11
N ALA E 104 -47.79 29.03 14.09
CA ALA E 104 -47.05 30.26 13.89
C ALA E 104 -45.59 29.97 13.51
N GLN E 105 -44.99 29.03 14.22
CA GLN E 105 -43.61 28.59 13.97
C GLN E 105 -43.47 27.94 12.61
N LYS E 106 -44.34 26.98 12.33
CA LYS E 106 -44.26 26.25 11.05
C LYS E 106 -44.46 27.18 9.86
N THR E 107 -45.27 28.22 10.01
CA THR E 107 -45.41 29.23 8.96
C THR E 107 -44.04 29.81 8.59
N ILE E 108 -43.23 30.12 9.60
CA ILE E 108 -41.94 30.80 9.39
C ILE E 108 -40.89 29.80 8.92
N MET E 109 -40.89 28.61 9.51
CA MET E 109 -40.01 27.53 9.07
C MET E 109 -40.22 27.16 7.60
N GLU E 110 -41.44 27.32 7.09
CA GLU E 110 -41.74 26.98 5.70
C GLU E 110 -41.18 28.03 4.75
N LYS E 111 -41.36 29.32 5.09
CA LYS E 111 -40.77 30.40 4.31
C LYS E 111 -39.26 30.22 4.15
N TYR E 112 -38.59 29.78 5.23
CA TYR E 112 -37.16 29.53 5.25
C TYR E 112 -36.74 28.25 4.53
N HIS E 113 -37.61 27.22 4.53
CA HIS E 113 -37.33 25.99 3.81
C HIS E 113 -37.47 26.23 2.33
N ASP E 114 -38.53 26.93 1.95
CA ASP E 114 -38.80 27.17 0.55
C ASP E 114 -37.72 28.02 -0.04
N GLU E 115 -37.27 29.00 0.72
CA GLU E 115 -36.42 30.06 0.16
C GLU E 115 -34.92 29.72 0.14
N TYR E 116 -34.47 28.86 1.06
CA TYR E 116 -33.06 28.47 1.13
C TYR E 116 -32.87 26.97 0.98
N GLY E 117 -33.91 26.21 1.32
CA GLY E 117 -33.86 24.75 1.15
C GLY E 117 -33.19 24.07 2.32
N ILE E 118 -33.27 24.72 3.48
CA ILE E 118 -32.75 24.16 4.73
C ILE E 118 -33.75 23.10 5.25
N LYS E 119 -33.21 21.96 5.64
CA LYS E 119 -34.00 20.84 6.16
C LYS E 119 -34.36 21.08 7.63
N CYS E 120 -35.60 20.80 8.02
CA CYS E 120 -36.02 20.99 9.41
C CYS E 120 -37.33 20.31 9.80
N ALA E 121 -37.61 20.32 11.11
CA ALA E 121 -38.85 19.76 11.69
C ALA E 121 -39.11 20.34 13.07
N LEU E 122 -40.38 20.30 13.49
CA LEU E 122 -40.82 20.96 14.73
C LEU E 122 -41.34 19.94 15.73
N ARG E 123 -40.64 19.84 16.85
CA ARG E 123 -41.05 18.96 17.93
C ARG E 123 -41.93 19.72 18.92
N HIS E 124 -43.12 19.17 19.18
CA HIS E 124 -43.93 19.69 20.27
C HIS E 124 -43.95 18.71 21.43
N THR E 125 -43.47 19.18 22.58
CA THR E 125 -43.49 18.38 23.81
C THR E 125 -44.59 18.90 24.72
N ILE E 126 -45.75 18.26 24.62
CA ILE E 126 -46.92 18.60 25.42
C ILE E 126 -46.60 18.41 26.90
N GLY E 127 -47.20 19.28 27.72
CA GLY E 127 -47.05 19.21 29.17
C GLY E 127 -47.99 18.16 29.71
N ASP E 128 -47.47 17.32 30.60
CA ASP E 128 -48.29 16.30 31.24
C ASP E 128 -49.17 17.00 32.27
N ILE E 129 -50.40 17.34 31.86
CA ILE E 129 -51.34 18.10 32.68
C ILE E 129 -52.33 17.21 33.47
N ARG E 130 -51.99 15.93 33.66
CA ARG E 130 -52.90 14.96 34.30
C ARG E 130 -52.71 14.95 35.83
N GLU E 131 -53.03 16.09 36.44
CA GLU E 131 -52.61 16.44 37.80
C GLU E 131 -53.48 17.56 38.34
N ASN E 132 -53.85 17.50 39.62
CA ASN E 132 -54.45 18.65 40.32
C ASN E 132 -53.55 19.15 41.45
N ARG E 133 -54.09 20.04 42.30
CA ARG E 133 -53.28 20.64 43.37
C ARG E 133 -52.68 19.64 44.38
N GLU E 134 -53.44 18.62 44.81
CA GLU E 134 -52.94 17.68 45.83
C GLU E 134 -52.48 16.28 45.38
N PHE E 135 -52.95 15.82 44.21
CA PHE E 135 -52.44 14.55 43.63
C PHE E 135 -52.54 14.40 42.10
N LEU E 136 -51.81 13.42 41.59
CA LEU E 136 -51.84 13.06 40.19
C LEU E 136 -53.22 12.53 39.77
N GLN E 137 -53.66 12.88 38.57
CA GLN E 137 -54.89 12.31 38.00
C GLN E 137 -54.69 11.79 36.59
N LEU E 138 -53.84 10.79 36.49
CA LEU E 138 -53.42 10.17 35.23
C LEU E 138 -54.57 9.69 34.33
N ARG E 139 -55.69 9.30 34.94
CA ARG E 139 -56.89 8.86 34.20
C ARG E 139 -58.11 9.75 34.50
N GLY E 140 -57.83 11.01 34.84
CA GLY E 140 -58.86 11.99 35.20
C GLY E 140 -59.60 12.56 34.01
N ASP E 141 -60.24 13.72 34.21
CA ASP E 141 -61.00 14.37 33.14
C ASP E 141 -60.05 15.12 32.23
N LYS E 142 -58.91 15.52 32.80
CA LYS E 142 -57.85 16.20 32.06
C LYS E 142 -57.29 15.37 30.90
N TYR E 143 -57.55 14.06 30.92
CA TYR E 143 -57.05 13.12 29.90
C TYR E 143 -57.53 13.49 28.49
N SER E 144 -58.85 13.61 28.32
CA SER E 144 -59.40 14.04 27.05
C SER E 144 -58.62 15.24 26.51
N VAL E 145 -58.42 16.25 27.37
CA VAL E 145 -57.72 17.49 27.02
C VAL E 145 -56.26 17.23 26.66
N PHE E 146 -55.64 16.32 27.42
CA PHE E 146 -54.25 15.90 27.18
C PHE E 146 -54.08 15.27 25.79
N LEU E 147 -55.06 14.49 25.34
CA LEU E 147 -55.09 13.92 23.98
C LEU E 147 -55.46 14.94 22.89
N GLU E 148 -56.29 15.92 23.23
CA GLU E 148 -56.63 17.04 22.34
C GLU E 148 -55.39 17.91 22.06
N ALA E 149 -54.52 18.05 23.05
CA ALA E 149 -53.27 18.81 22.92
C ALA E 149 -52.38 18.24 21.79
N PHE E 150 -51.96 17.00 21.95
CA PHE E 150 -51.24 16.24 20.93
C PHE E 150 -51.89 16.32 19.55
N GLU E 151 -53.20 16.07 19.44
CA GLU E 151 -53.82 16.03 18.11
C GLU E 151 -54.08 17.42 17.51
N GLN E 152 -54.33 18.41 18.34
CA GLN E 152 -54.46 19.79 17.85
C GLN E 152 -53.14 20.32 17.26
N CYS E 153 -52.06 20.26 18.03
CA CYS E 153 -50.71 20.62 17.57
C CYS E 153 -50.33 19.87 16.28
N ALA E 154 -50.57 18.56 16.29
CA ALA E 154 -50.29 17.68 15.17
C ALA E 154 -51.17 17.96 13.95
N GLU E 155 -52.30 18.63 14.16
CA GLU E 155 -53.15 19.07 13.04
C GLU E 155 -52.76 20.47 12.54
N ASN E 156 -51.67 21.01 13.06
CA ASN E 156 -51.37 22.44 12.87
C ASN E 156 -49.93 22.83 12.64
N GLY E 157 -49.02 21.86 12.51
CA GLY E 157 -47.62 22.19 12.23
C GLY E 157 -46.55 21.37 12.94
N ALA E 158 -46.87 20.83 14.11
CA ALA E 158 -45.92 19.98 14.84
C ALA E 158 -45.72 18.69 14.07
N ASP E 159 -44.47 18.26 13.96
CA ASP E 159 -44.11 17.08 13.19
C ASP E 159 -43.82 15.95 14.16
N LEU E 160 -43.24 16.31 15.31
CA LEU E 160 -42.82 15.33 16.31
C LEU E 160 -43.49 15.59 17.65
N LEU E 161 -43.99 14.51 18.26
CA LEU E 161 -44.84 14.61 19.44
C LEU E 161 -44.18 13.96 20.64
N SER E 162 -44.19 14.67 21.77
CA SER E 162 -43.58 14.17 23.01
C SER E 162 -44.24 14.68 24.32
N VAL E 163 -43.86 14.02 25.42
CA VAL E 163 -44.28 14.38 26.78
C VAL E 163 -43.25 13.81 27.77
N GLU E 164 -43.12 14.40 28.96
CA GLU E 164 -42.28 13.83 30.04
C GLU E 164 -43.15 13.26 31.18
N SER E 165 -43.79 12.12 30.90
CA SER E 165 -44.90 11.60 31.70
C SER E 165 -44.62 11.34 33.18
N MET E 166 -45.68 11.38 33.99
CA MET E 166 -45.52 11.49 35.45
C MET E 166 -45.71 10.18 36.22
N GLY E 167 -45.90 9.07 35.49
CA GLY E 167 -46.19 7.78 36.11
C GLY E 167 -45.12 7.32 37.09
N GLY E 168 -45.49 7.23 38.37
CA GLY E 168 -44.56 6.81 39.41
C GLY E 168 -43.86 7.95 40.12
N LYS E 169 -44.09 9.18 39.64
CA LYS E 169 -43.50 10.40 40.23
C LYS E 169 -43.64 10.46 41.75
N GLU E 170 -44.86 10.20 42.24
CA GLU E 170 -45.21 10.36 43.66
C GLU E 170 -44.47 9.39 44.59
N VAL E 171 -44.40 8.12 44.19
CA VAL E 171 -43.72 7.12 44.99
C VAL E 171 -42.23 7.36 44.83
N PHE E 172 -41.82 7.71 43.60
CA PHE E 172 -40.42 8.02 43.34
C PHE E 172 -39.89 9.13 44.26
N ASP E 173 -40.60 10.26 44.31
CA ASP E 173 -40.23 11.41 45.15
C ASP E 173 -39.98 11.04 46.61
N TYR E 174 -40.81 10.14 47.14
CA TYR E 174 -40.70 9.68 48.52
C TYR E 174 -39.45 8.83 48.74
N ALA E 175 -39.23 7.88 47.82
CA ALA E 175 -38.16 6.90 47.91
C ALA E 175 -36.78 7.50 47.66
N VAL E 176 -36.70 8.43 46.71
CA VAL E 176 -35.41 8.99 46.31
C VAL E 176 -34.73 9.69 47.50
N LEU E 177 -35.54 10.12 48.47
CA LEU E 177 -35.06 10.86 49.63
C LEU E 177 -34.59 9.96 50.78
N ARG E 178 -34.80 8.66 50.64
CA ARG E 178 -34.64 7.76 51.79
C ARG E 178 -33.79 6.52 51.52
N ASN E 179 -33.16 6.49 50.35
CA ASN E 179 -32.41 5.33 49.85
C ASN E 179 -33.27 4.07 49.80
N ASP E 180 -34.54 4.24 49.51
CA ASP E 180 -35.42 3.12 49.36
C ASP E 180 -35.28 2.67 47.92
N ILE E 181 -34.46 1.63 47.74
CA ILE E 181 -34.14 1.11 46.42
C ILE E 181 -35.29 0.34 45.77
N PRO E 182 -35.98 -0.56 46.52
CA PRO E 182 -37.23 -1.13 45.98
C PRO E 182 -38.26 -0.07 45.61
N GLY E 183 -38.33 1.01 46.40
CA GLY E 183 -39.20 2.15 46.12
C GLY E 183 -38.93 2.73 44.75
N LEU E 184 -37.64 2.94 44.46
CA LEU E 184 -37.17 3.23 43.12
C LEU E 184 -37.60 2.15 42.11
N LEU E 185 -37.39 0.89 42.43
CA LEU E 185 -37.72 -0.21 41.51
C LEU E 185 -39.21 -0.19 41.13
N TYR E 186 -40.05 -0.03 42.15
CA TYR E 186 -41.50 -0.03 42.00
C TYR E 186 -42.02 1.17 41.20
N SER E 187 -41.63 2.37 41.62
CA SER E 187 -42.10 3.61 41.03
C SER E 187 -41.73 3.76 39.56
N ILE E 188 -40.45 3.52 39.24
CA ILE E 188 -39.92 3.72 37.89
C ILE E 188 -40.26 2.55 36.98
N GLY E 189 -39.84 1.36 37.39
CA GLY E 189 -39.95 0.16 36.58
C GLY E 189 -41.36 -0.37 36.39
N CYS E 190 -42.15 -0.36 37.45
CA CYS E 190 -43.52 -0.89 37.38
C CYS E 190 -44.56 0.21 37.18
N LEU E 191 -44.73 1.07 38.19
CA LEU E 191 -45.69 2.16 38.11
C LEU E 191 -45.55 2.98 36.82
N GLY E 192 -44.33 3.47 36.58
CA GLY E 192 -43.97 4.24 35.38
C GLY E 192 -44.31 3.58 34.05
N SER E 193 -43.90 2.32 33.88
CA SER E 193 -44.27 1.52 32.70
C SER E 193 -45.78 1.46 32.46
N ILE E 194 -46.54 1.01 33.48
CA ILE E 194 -47.97 0.81 33.28
C ILE E 194 -48.60 2.05 32.67
N ASP E 195 -48.36 3.19 33.27
CA ASP E 195 -48.84 4.48 32.76
C ASP E 195 -48.30 4.78 31.35
N MET E 196 -47.00 4.59 31.15
CA MET E 196 -46.37 4.82 29.85
C MET E 196 -47.11 4.03 28.79
N GLU E 197 -47.40 2.77 29.11
CA GLU E 197 -48.12 1.90 28.19
C GLU E 197 -49.48 2.47 27.79
N LEU E 198 -50.22 3.03 28.75
CA LEU E 198 -51.51 3.62 28.46
C LEU E 198 -51.37 4.76 27.44
N ILE E 199 -50.60 5.78 27.81
CA ILE E 199 -50.57 7.03 27.05
C ILE E 199 -49.93 6.90 25.66
N TRP E 200 -48.97 5.98 25.54
CA TRP E 200 -48.22 5.84 24.29
C TRP E 200 -48.99 5.04 23.25
N THR E 201 -49.81 4.08 23.69
CA THR E 201 -50.74 3.40 22.81
C THR E 201 -51.67 4.46 22.21
N ASP E 202 -52.14 5.37 23.05
CA ASP E 202 -53.03 6.45 22.64
C ASP E 202 -52.36 7.47 21.69
N ILE E 203 -51.17 7.95 22.06
CA ILE E 203 -50.43 8.96 21.30
C ILE E 203 -50.08 8.50 19.87
N SER E 204 -49.66 7.25 19.74
CA SER E 204 -49.26 6.72 18.44
C SER E 204 -50.50 6.59 17.54
N LYS E 205 -51.61 6.19 18.15
CA LYS E 205 -52.90 6.09 17.45
C LYS E 205 -53.32 7.49 16.96
N ILE E 206 -52.74 8.51 17.58
CA ILE E 206 -52.92 9.89 17.17
C ILE E 206 -51.97 10.23 16.03
N ALA E 207 -50.71 9.78 16.18
CA ALA E 207 -49.66 10.03 15.19
C ALA E 207 -50.00 9.46 13.82
N LYS E 208 -50.53 8.25 13.79
CA LYS E 208 -51.01 7.64 12.53
C LYS E 208 -52.13 8.51 11.95
N LYS E 209 -53.21 8.67 12.74
CA LYS E 209 -54.33 9.55 12.41
C LYS E 209 -53.88 10.79 11.63
N THR E 210 -52.88 11.49 12.18
CA THR E 210 -52.49 12.83 11.72
C THR E 210 -51.24 12.89 10.82
N GLY E 211 -50.69 11.75 10.45
CA GLY E 211 -49.47 11.71 9.62
C GLY E 211 -48.38 12.58 10.24
N THR E 212 -48.00 12.23 11.47
CA THR E 212 -46.98 12.92 12.25
C THR E 212 -46.19 11.82 12.96
N ILE E 213 -45.37 12.18 13.95
CA ILE E 213 -44.52 11.17 14.57
C ILE E 213 -44.60 11.06 16.11
N SER E 214 -44.92 9.83 16.55
CA SER E 214 -44.90 9.44 17.93
C SER E 214 -43.44 9.24 18.32
N ALA E 215 -42.81 10.31 18.78
CA ALA E 215 -41.35 10.37 18.93
C ALA E 215 -40.83 9.66 20.20
N GLY E 216 -41.37 10.01 21.37
CA GLY E 216 -40.98 9.30 22.59
C GLY E 216 -40.97 10.12 23.87
N ASP E 217 -40.61 9.45 24.97
CA ASP E 217 -40.70 10.02 26.32
C ASP E 217 -39.33 10.29 26.94
N THR E 218 -39.36 10.60 28.23
CA THR E 218 -38.17 10.70 29.06
C THR E 218 -38.58 10.35 30.45
N ASP E 219 -37.76 9.58 31.13
CA ASP E 219 -37.93 9.42 32.55
C ASP E 219 -37.45 10.66 33.33
N CYS E 220 -37.73 11.84 32.82
CA CYS E 220 -37.22 13.09 33.41
C CYS E 220 -37.77 13.38 34.81
N ALA E 221 -39.00 12.90 35.05
CA ALA E 221 -39.72 13.08 36.30
C ALA E 221 -39.17 12.21 37.42
N GLN E 222 -38.30 11.26 37.03
CA GLN E 222 -37.69 10.36 38.00
C GLN E 222 -36.17 10.34 37.86
N ALA E 223 -35.70 9.67 36.82
CA ALA E 223 -34.27 9.54 36.55
C ALA E 223 -33.55 10.88 36.65
N ASN E 224 -33.97 11.88 35.87
CA ASN E 224 -33.24 13.14 35.91
C ASN E 224 -33.30 13.77 37.30
N THR E 225 -34.46 13.77 37.93
CA THR E 225 -34.58 14.27 39.31
C THR E 225 -33.53 13.63 40.22
N ALA E 226 -33.35 12.33 40.11
CA ALA E 226 -32.31 11.65 40.89
C ALA E 226 -30.93 12.29 40.60
N MET E 227 -30.58 12.43 39.32
CA MET E 227 -29.30 13.05 38.94
C MET E 227 -29.15 14.47 39.47
N PHE E 228 -30.20 15.30 39.35
CA PHE E 228 -30.12 16.68 39.84
C PHE E 228 -29.95 16.78 41.35
N ILE E 229 -30.58 15.87 42.09
CA ILE E 229 -30.37 15.81 43.54
C ILE E 229 -28.95 15.33 43.83
N GLY E 230 -28.50 14.31 43.09
CA GLY E 230 -27.11 13.86 43.16
C GLY E 230 -26.13 15.01 43.06
N GLY E 231 -26.39 15.93 42.12
CA GLY E 231 -25.60 17.15 41.95
C GLY E 231 -24.20 16.92 41.42
N GLY E 232 -23.31 17.86 41.70
CA GLY E 232 -21.93 17.69 41.29
C GLY E 232 -21.18 16.65 42.13
N LEU E 233 -19.90 16.49 41.82
CA LEU E 233 -19.04 15.55 42.51
C LEU E 233 -18.92 15.73 44.04
N LEU E 234 -19.02 16.97 44.52
CA LEU E 234 -18.79 17.25 45.93
C LEU E 234 -20.10 17.38 46.72
N ASN E 235 -21.22 17.14 46.04
CA ASN E 235 -22.52 17.23 46.69
C ASN E 235 -22.75 16.12 47.73
N LYS E 236 -23.73 16.32 48.59
CA LYS E 236 -23.94 15.40 49.71
C LYS E 236 -25.42 15.07 49.88
N ASN E 237 -26.14 15.01 48.78
CA ASN E 237 -27.59 14.88 48.82
C ASN E 237 -28.14 13.58 48.29
N LEU E 238 -27.38 12.92 47.43
CA LEU E 238 -27.73 11.60 46.94
C LEU E 238 -26.49 10.96 46.33
N ALA E 239 -26.21 9.74 46.79
CA ALA E 239 -25.07 8.95 46.34
C ALA E 239 -25.18 8.74 44.85
N HIS E 240 -24.14 9.15 44.14
CA HIS E 240 -24.10 8.99 42.69
C HIS E 240 -24.24 7.53 42.32
N THR E 241 -23.72 6.64 43.18
CA THR E 241 -23.88 5.20 42.95
C THR E 241 -25.32 4.73 43.02
N ILE E 242 -26.20 5.57 43.59
CA ILE E 242 -27.66 5.31 43.59
C ILE E 242 -28.37 5.98 42.40
N ALA E 243 -27.95 7.20 42.08
CA ALA E 243 -28.54 7.95 40.96
C ALA E 243 -28.45 7.15 39.67
N VAL E 244 -27.33 6.46 39.49
CA VAL E 244 -27.10 5.63 38.33
C VAL E 244 -28.05 4.42 38.29
N ILE E 245 -28.36 3.82 39.44
CA ILE E 245 -29.26 2.66 39.47
C ILE E 245 -30.65 3.11 39.05
N ALA E 246 -31.08 4.25 39.59
CA ALA E 246 -32.33 4.86 39.17
C ALA E 246 -32.38 4.95 37.64
N ARG E 247 -31.24 5.33 37.03
CA ARG E 247 -31.14 5.52 35.59
C ARG E 247 -31.26 4.19 34.87
N ALA E 248 -30.62 3.16 35.42
CA ALA E 248 -30.77 1.81 34.85
C ALA E 248 -32.24 1.47 34.82
N ILE E 249 -32.92 1.57 35.97
CA ILE E 249 -34.34 1.18 36.04
C ILE E 249 -35.18 2.00 35.07
N SER E 250 -34.71 3.22 34.77
CA SER E 250 -35.41 4.13 33.88
C SER E 250 -35.49 3.59 32.45
N ALA E 251 -34.50 2.79 32.06
CA ALA E 251 -34.40 2.28 30.69
C ALA E 251 -35.58 1.42 30.21
N PRO E 252 -35.90 0.30 30.90
CA PRO E 252 -37.11 -0.46 30.52
C PRO E 252 -38.41 0.34 30.58
N ARG E 253 -38.56 1.20 31.59
CA ARG E 253 -39.70 2.13 31.67
C ARG E 253 -39.84 2.92 30.36
N SER E 254 -38.73 3.50 29.93
CA SER E 254 -38.73 4.35 28.75
C SER E 254 -38.83 3.54 27.46
N LEU E 255 -38.36 2.31 27.52
CA LEU E 255 -38.50 1.38 26.41
C LEU E 255 -39.97 1.17 25.98
N VAL E 256 -40.87 1.27 26.96
CA VAL E 256 -42.31 1.01 26.75
C VAL E 256 -42.99 1.91 25.73
N ALA E 257 -42.58 3.17 25.68
CA ALA E 257 -43.08 4.12 24.66
C ALA E 257 -43.03 3.49 23.27
N TYR E 258 -41.88 2.90 22.96
CA TYR E 258 -41.60 2.36 21.63
C TYR E 258 -42.27 1.01 21.46
N GLU E 259 -42.32 0.24 22.56
CA GLU E 259 -43.12 -0.97 22.65
C GLU E 259 -44.59 -0.69 22.33
N ALA E 260 -45.01 0.56 22.43
CA ALA E 260 -46.42 0.95 22.27
C ALA E 260 -46.72 1.82 21.03
N GLY E 261 -45.83 1.78 20.04
CA GLY E 261 -46.07 2.53 18.81
C GLY E 261 -45.13 3.70 18.54
N ALA E 262 -44.35 4.11 19.55
CA ALA E 262 -43.32 5.14 19.34
C ALA E 262 -42.15 4.61 18.51
N VAL E 263 -41.46 5.52 17.81
CA VAL E 263 -40.42 5.19 16.82
C VAL E 263 -39.18 6.07 16.91
N GLY E 264 -39.16 7.02 17.85
CA GLY E 264 -38.07 7.98 17.91
C GLY E 264 -38.29 9.21 17.02
N PRO E 265 -37.39 10.21 17.10
CA PRO E 265 -36.25 10.20 18.01
C PRO E 265 -36.70 10.39 19.45
N GLY E 266 -36.08 9.66 20.38
CA GLY E 266 -36.30 9.85 21.80
C GLY E 266 -36.02 11.28 22.24
N LYS E 267 -36.45 11.59 23.46
CA LYS E 267 -36.40 12.94 23.98
C LYS E 267 -35.05 13.25 24.54
N ASP E 268 -34.61 14.48 24.25
CA ASP E 268 -33.28 14.97 24.63
C ASP E 268 -32.85 14.60 26.05
N CYS E 269 -33.77 14.75 27.02
CA CYS E 269 -33.38 14.59 28.43
C CYS E 269 -33.37 13.13 28.93
N GLY E 270 -33.71 12.21 28.03
CA GLY E 270 -33.58 10.78 28.28
C GLY E 270 -32.17 10.23 28.16
N TYR E 271 -31.33 10.54 29.13
CA TYR E 271 -29.99 9.95 29.15
C TYR E 271 -30.02 8.43 28.96
N GLU E 272 -31.16 7.80 29.28
CA GLU E 272 -31.32 6.34 29.16
C GLU E 272 -31.56 5.88 27.72
N ASN E 273 -31.68 6.82 26.78
CA ASN E 273 -31.76 6.51 25.35
C ASN E 273 -30.58 5.72 24.75
N ILE E 274 -29.36 5.90 25.25
CA ILE E 274 -28.26 5.03 24.78
C ILE E 274 -28.62 3.54 25.01
N ILE E 275 -29.11 3.24 26.21
CA ILE E 275 -29.58 1.91 26.56
C ILE E 275 -30.73 1.54 25.64
N VAL E 276 -31.73 2.43 25.59
CA VAL E 276 -32.93 2.19 24.78
C VAL E 276 -32.59 1.95 23.32
N LYS E 277 -31.66 2.73 22.78
CA LYS E 277 -31.26 2.62 21.37
C LYS E 277 -30.67 1.25 20.99
N ALA E 278 -29.86 0.71 21.89
CA ALA E 278 -29.22 -0.60 21.75
C ALA E 278 -30.23 -1.76 21.68
N ILE E 279 -31.46 -1.49 22.11
CA ILE E 279 -32.51 -2.50 22.08
C ILE E 279 -33.39 -2.32 20.85
N THR E 280 -33.78 -1.06 20.61
CA THR E 280 -34.80 -0.71 19.65
C THR E 280 -34.30 -0.58 18.21
N GLY E 281 -33.09 -0.06 18.06
CA GLY E 281 -32.54 0.28 16.74
C GLY E 281 -33.09 1.62 16.27
N MET E 282 -33.85 2.25 17.16
CA MET E 282 -34.54 3.52 16.90
C MET E 282 -33.70 4.76 17.27
N PRO E 283 -33.85 5.85 16.50
CA PRO E 283 -33.04 7.06 16.69
C PRO E 283 -33.35 7.75 18.01
N MET E 284 -32.36 8.45 18.56
CA MET E 284 -32.52 9.16 19.86
C MET E 284 -31.81 10.52 19.88
N THR E 285 -32.46 11.51 20.48
CA THR E 285 -31.82 12.81 20.71
C THR E 285 -31.20 12.78 22.11
N MET E 286 -30.01 13.37 22.25
CA MET E 286 -29.37 13.44 23.56
C MET E 286 -29.04 14.89 23.91
N GLU E 287 -28.53 15.09 25.13
CA GLU E 287 -28.10 16.40 25.57
C GLU E 287 -26.88 16.27 26.46
N GLY E 288 -26.01 17.28 26.49
CA GLY E 288 -24.77 17.17 27.25
C GLY E 288 -24.02 18.45 27.38
N LYS E 289 -22.76 18.44 26.99
CA LYS E 289 -21.90 19.63 27.15
C LYS E 289 -22.49 20.92 26.61
N THR E 290 -23.42 20.80 25.66
CA THR E 290 -24.06 21.98 25.04
C THR E 290 -25.50 22.18 25.56
N SER E 291 -25.79 21.62 26.74
CA SER E 291 -27.06 21.80 27.47
C SER E 291 -26.81 22.47 28.85
N THR E 292 -25.62 23.03 29.03
CA THR E 292 -25.21 23.69 30.28
C THR E 292 -26.01 24.96 30.57
N CYS E 293 -26.57 25.54 29.51
CA CYS E 293 -27.55 26.59 29.66
C CYS E 293 -28.77 26.17 30.50
N ALA E 294 -29.07 24.86 30.53
CA ALA E 294 -30.19 24.36 31.35
C ALA E 294 -29.74 23.73 32.66
N HIS E 295 -28.65 22.96 32.63
CA HIS E 295 -28.16 22.27 33.83
C HIS E 295 -26.79 21.65 33.60
N SER E 296 -26.15 21.27 34.70
CA SER E 296 -24.84 20.64 34.65
C SER E 296 -25.00 19.13 34.65
N ASP E 297 -24.05 18.45 34.01
CA ASP E 297 -23.99 17.00 34.07
C ASP E 297 -22.56 16.47 33.97
N VAL E 298 -22.45 15.17 34.19
CA VAL E 298 -21.21 14.54 34.47
C VAL E 298 -20.81 13.64 33.29
N MET E 299 -21.59 13.72 32.21
CA MET E 299 -21.33 12.94 30.98
C MET E 299 -21.48 13.79 29.70
N GLY E 300 -20.99 15.03 29.75
CA GLY E 300 -21.17 15.99 28.65
C GLY E 300 -20.75 15.56 27.24
N ASN E 301 -19.72 14.73 27.14
CA ASN E 301 -19.26 14.23 25.83
C ASN E 301 -19.87 12.86 25.54
N LEU E 302 -19.73 11.97 26.52
CA LEU E 302 -20.15 10.60 26.37
C LEU E 302 -21.47 10.43 25.62
N VAL E 303 -22.44 11.30 25.94
CA VAL E 303 -23.82 11.21 25.40
C VAL E 303 -23.96 11.43 23.90
N MET E 304 -22.91 11.92 23.24
CA MET E 304 -22.93 12.13 21.80
C MET E 304 -22.63 10.82 21.06
N GLN E 305 -21.78 9.98 21.68
CA GLN E 305 -21.34 8.67 21.16
C GLN E 305 -22.28 7.97 20.15
N CYS E 306 -23.58 8.06 20.40
CA CYS E 306 -24.57 7.42 19.52
C CYS E 306 -25.89 8.20 19.45
N CYS E 307 -25.80 9.52 19.66
CA CYS E 307 -26.94 10.40 19.45
C CYS E 307 -27.28 10.48 17.96
N ASP E 308 -28.51 10.90 17.66
CA ASP E 308 -28.96 11.16 16.30
C ASP E 308 -29.39 12.63 16.23
N CYS E 309 -29.76 13.20 17.37
CA CYS E 309 -29.94 14.65 17.47
C CYS E 309 -29.33 15.13 18.76
N TRP E 310 -29.06 16.43 18.83
CA TRP E 310 -28.18 17.00 19.86
C TRP E 310 -28.84 18.26 20.37
N SER E 311 -29.12 18.30 21.67
CA SER E 311 -30.01 19.32 22.23
C SER E 311 -29.40 20.12 23.37
N ASN E 312 -29.86 21.36 23.53
CA ASN E 312 -29.42 22.23 24.65
C ASN E 312 -30.39 22.18 25.84
N GLU E 313 -31.41 21.33 25.74
CA GLU E 313 -32.37 21.10 26.81
C GLU E 313 -33.38 22.25 27.01
N SER E 314 -32.87 23.44 27.32
CA SER E 314 -33.70 24.63 27.50
C SER E 314 -32.79 25.82 27.83
N VAL E 315 -33.26 27.02 27.49
CA VAL E 315 -32.64 28.28 27.90
C VAL E 315 -33.70 29.34 27.74
N GLU E 316 -33.74 30.33 28.64
CA GLU E 316 -34.70 31.42 28.50
C GLU E 316 -34.30 32.27 27.30
N TYR E 317 -35.29 32.65 26.51
CA TYR E 317 -35.05 33.48 25.35
C TYR E 317 -34.74 34.90 25.83
N HIS E 318 -33.46 35.28 25.77
CA HIS E 318 -33.05 36.67 25.98
C HIS E 318 -31.81 37.03 25.18
N GLY E 319 -31.38 38.28 25.32
CA GLY E 319 -30.21 38.80 24.62
C GLY E 319 -28.91 38.41 25.30
N GLU E 320 -27.92 38.08 24.49
CA GLU E 320 -26.54 37.86 24.90
C GLU E 320 -25.70 38.80 24.05
N PHE E 321 -24.45 39.01 24.39
CA PHE E 321 -23.59 39.84 23.54
C PHE E 321 -23.65 39.44 22.05
N GLY E 322 -23.53 38.13 21.78
CA GLY E 322 -23.46 37.60 20.41
C GLY E 322 -24.78 37.47 19.67
N GLY E 323 -25.86 37.91 20.31
CA GLY E 323 -27.18 37.86 19.71
C GLY E 323 -28.16 37.22 20.67
N THR E 324 -29.31 36.85 20.16
CA THR E 324 -30.31 36.19 20.98
C THR E 324 -29.86 34.83 21.54
N THR E 325 -30.32 34.54 22.74
CA THR E 325 -29.91 33.33 23.42
C THR E 325 -30.04 32.04 22.59
N VAL E 326 -31.11 31.91 21.81
CA VAL E 326 -31.38 30.70 21.04
C VAL E 326 -30.50 30.66 19.80
N GLN E 327 -30.00 31.83 19.41
CA GLN E 327 -29.09 31.90 18.27
C GLN E 327 -27.71 31.42 18.66
N CYS E 328 -27.26 31.80 19.86
CA CYS E 328 -25.96 31.42 20.38
C CYS E 328 -25.88 29.92 20.53
N TRP E 329 -26.86 29.36 21.25
CA TRP E 329 -26.85 27.94 21.56
C TRP E 329 -27.12 27.05 20.35
N SER E 330 -27.92 27.48 19.38
CA SER E 330 -28.09 26.61 18.20
C SER E 330 -26.82 26.56 17.33
N GLU E 331 -26.11 27.68 17.23
CA GLU E 331 -24.82 27.71 16.54
C GLU E 331 -23.89 26.64 17.13
N THR E 332 -23.70 26.66 18.45
CA THR E 332 -22.83 25.68 19.09
C THR E 332 -23.31 24.25 18.83
N LEU E 333 -24.63 24.06 18.84
CA LEU E 333 -25.24 22.75 18.58
C LEU E 333 -24.96 22.27 17.16
N ALA E 334 -25.21 23.14 16.18
CA ALA E 334 -25.02 22.82 14.77
C ALA E 334 -23.55 22.59 14.40
N TYR E 335 -22.63 23.22 15.14
CA TYR E 335 -21.20 22.96 14.98
C TYR E 335 -20.81 21.61 15.56
N ASP E 336 -21.31 21.28 16.76
CA ASP E 336 -21.11 19.93 17.31
C ASP E 336 -21.57 18.88 16.30
N CYS E 337 -22.70 19.14 15.65
CA CYS E 337 -23.20 18.22 14.65
C CYS E 337 -22.37 18.22 13.38
N ALA E 338 -21.91 19.39 12.98
CA ALA E 338 -21.06 19.53 11.81
C ALA E 338 -19.78 18.69 11.95
N LEU E 339 -19.21 18.66 13.16
CA LEU E 339 -18.02 17.85 13.42
C LEU E 339 -18.33 16.36 13.29
N MET E 340 -19.33 15.90 14.04
CA MET E 340 -19.79 14.53 13.97
C MET E 340 -20.07 14.11 12.51
N ASN E 341 -20.77 14.95 11.76
CA ASN E 341 -21.12 14.57 10.38
C ASN E 341 -19.89 14.38 9.50
N THR E 342 -18.93 15.28 9.67
CA THR E 342 -17.65 15.22 8.97
C THR E 342 -16.99 13.89 9.27
N ALA E 343 -17.21 13.37 10.48
CA ALA E 343 -16.63 12.10 10.88
C ALA E 343 -17.25 10.95 10.07
N LEU E 344 -18.58 10.92 10.05
CA LEU E 344 -19.33 9.95 9.27
C LEU E 344 -18.92 10.00 7.81
N GLU E 345 -18.95 11.20 7.22
CA GLU E 345 -18.56 11.39 5.81
C GLU E 345 -17.18 10.89 5.46
N THR E 346 -16.30 10.79 6.43
CA THR E 346 -14.94 10.36 6.16
C THR E 346 -14.65 9.00 6.79
N LYS E 347 -15.71 8.31 7.21
CA LYS E 347 -15.60 7.00 7.88
C LYS E 347 -14.67 7.07 9.10
N ASN E 348 -14.87 8.10 9.93
CA ASN E 348 -14.10 8.22 11.18
C ASN E 348 -15.00 8.30 12.42
N ASP E 349 -16.28 7.99 12.23
CA ASP E 349 -17.27 8.09 13.29
C ASP E 349 -16.98 7.17 14.49
N LYS E 350 -16.58 5.93 14.24
CA LYS E 350 -16.36 5.01 15.36
C LYS E 350 -15.22 5.46 16.28
N VAL E 351 -14.13 5.95 15.70
CA VAL E 351 -13.03 6.46 16.51
C VAL E 351 -13.48 7.68 17.32
N LEU E 352 -14.19 8.59 16.67
CA LEU E 352 -14.69 9.78 17.34
C LEU E 352 -15.57 9.36 18.50
N ARG E 353 -16.42 8.36 18.26
CA ARG E 353 -17.36 7.85 19.23
C ARG E 353 -16.63 7.33 20.47
N ASP E 354 -15.54 6.59 20.29
CA ASP E 354 -14.81 6.03 21.42
C ASP E 354 -14.20 7.16 22.25
N LEU E 355 -13.64 8.13 21.55
CA LEU E 355 -13.13 9.36 22.12
C LEU E 355 -14.19 10.05 23.02
N MET E 356 -15.34 10.40 22.45
CA MET E 356 -16.47 10.98 23.23
C MET E 356 -16.77 10.15 24.48
N MET E 357 -17.08 8.88 24.27
CA MET E 357 -17.30 7.94 25.36
C MET E 357 -16.14 7.97 26.36
N LEU E 358 -14.94 7.70 25.90
CA LEU E 358 -13.80 7.55 26.81
C LEU E 358 -13.58 8.78 27.68
N SER E 359 -13.94 9.94 27.12
CA SER E 359 -13.80 11.23 27.76
C SER E 359 -14.40 11.24 29.18
N ASP E 360 -15.58 10.62 29.33
CA ASP E 360 -16.41 10.65 30.57
C ASP E 360 -16.64 9.29 31.25
N ARG E 361 -16.17 8.21 30.62
CA ARG E 361 -16.31 6.87 31.18
C ARG E 361 -16.00 6.83 32.66
N TYR E 362 -14.85 7.39 33.02
CA TYR E 362 -14.34 7.28 34.38
C TYR E 362 -14.73 8.48 35.25
N ARG E 363 -15.49 9.42 34.68
CA ARG E 363 -15.88 10.64 35.40
C ARG E 363 -16.80 10.38 36.62
N ASP E 364 -17.69 9.40 36.50
CA ASP E 364 -18.72 9.19 37.52
C ASP E 364 -19.46 7.89 37.22
N PRO E 365 -19.94 7.20 38.26
CA PRO E 365 -20.67 5.96 37.94
C PRO E 365 -21.81 6.18 36.97
N GLN E 366 -22.42 7.37 37.02
CA GLN E 366 -23.56 7.68 36.13
C GLN E 366 -23.16 7.68 34.67
N ALA E 367 -21.94 8.15 34.39
CA ALA E 367 -21.38 8.14 33.04
C ALA E 367 -20.87 6.76 32.65
N TYR E 368 -20.11 6.14 33.56
CA TYR E 368 -19.54 4.79 33.36
C TYR E 368 -20.55 3.80 32.86
N MET E 369 -21.77 3.87 33.37
CA MET E 369 -22.80 2.91 33.00
C MET E 369 -23.38 3.23 31.62
N LEU E 370 -23.28 4.48 31.18
CA LEU E 370 -23.92 4.89 29.94
C LEU E 370 -23.01 4.83 28.71
N ALA E 371 -21.74 4.45 28.90
CA ALA E 371 -20.84 4.16 27.78
C ALA E 371 -21.48 3.06 26.95
N TYR E 372 -21.49 3.24 25.63
CA TYR E 372 -22.27 2.35 24.76
C TYR E 372 -22.06 0.86 25.06
N ASP E 373 -20.82 0.46 25.37
CA ASP E 373 -20.59 -0.96 25.64
C ASP E 373 -21.32 -1.43 26.89
N ASN E 374 -21.08 -0.73 27.99
CA ASN E 374 -21.77 -1.00 29.24
C ASN E 374 -23.26 -0.76 29.09
N ALA E 375 -23.63 0.20 28.23
CA ALA E 375 -25.05 0.47 27.97
C ALA E 375 -25.66 -0.72 27.25
N TYR E 376 -24.96 -1.22 26.24
CA TYR E 376 -25.40 -2.39 25.47
C TYR E 376 -25.72 -3.59 26.39
N ARG E 377 -24.87 -3.77 27.40
CA ARG E 377 -24.91 -4.88 28.35
C ARG E 377 -26.13 -4.81 29.28
N VAL E 378 -26.54 -3.59 29.61
CA VAL E 378 -27.77 -3.36 30.40
C VAL E 378 -28.97 -3.72 29.53
N GLY E 379 -28.91 -3.33 28.26
CA GLY E 379 -29.91 -3.74 27.29
C GLY E 379 -30.11 -5.25 27.28
N GLN E 380 -29.01 -6.01 27.30
CA GLN E 380 -29.10 -7.48 27.31
C GLN E 380 -29.79 -8.03 28.57
N SER E 381 -29.59 -7.32 29.70
CA SER E 381 -30.16 -7.73 30.97
C SER E 381 -31.66 -7.45 31.01
N ILE E 382 -32.13 -6.63 30.07
CA ILE E 382 -33.55 -6.28 29.97
C ILE E 382 -34.30 -7.18 28.98
N VAL E 383 -33.73 -7.39 27.79
CA VAL E 383 -34.39 -8.19 26.74
C VAL E 383 -34.50 -9.69 27.07
N LYS E 384 -33.62 -10.17 27.94
CA LYS E 384 -33.57 -11.60 28.30
C LYS E 384 -34.79 -12.05 29.13
N ASP E 385 -35.37 -11.11 29.88
CA ASP E 385 -36.65 -11.29 30.55
C ASP E 385 -37.66 -10.28 29.97
N GLY E 386 -37.61 -10.14 28.64
CA GLY E 386 -38.33 -9.11 27.88
C GLY E 386 -39.81 -8.87 28.16
N ASP E 387 -40.54 -9.89 28.60
CA ASP E 387 -42.01 -9.78 28.78
C ASP E 387 -42.50 -9.41 30.18
N ASN E 388 -41.60 -9.48 31.15
CA ASN E 388 -41.92 -9.21 32.52
C ASN E 388 -41.40 -7.82 32.85
N ILE E 389 -42.30 -6.86 33.03
CA ILE E 389 -41.87 -5.47 33.23
C ILE E 389 -41.07 -5.29 34.52
N TYR E 390 -41.43 -6.04 35.56
CA TYR E 390 -40.71 -6.00 36.82
C TYR E 390 -39.31 -6.65 36.76
N LEU E 391 -39.28 -7.93 36.38
CA LEU E 391 -38.02 -8.65 36.32
C LEU E 391 -36.99 -7.96 35.43
N ARG E 392 -37.39 -7.52 34.23
CA ARG E 392 -36.44 -6.87 33.31
C ARG E 392 -35.79 -5.63 33.93
N ALA E 393 -36.61 -4.85 34.65
CA ALA E 393 -36.14 -3.70 35.40
C ALA E 393 -35.19 -4.14 36.50
N LYS E 394 -35.53 -5.26 37.16
CA LYS E 394 -34.69 -5.80 38.25
C LYS E 394 -33.30 -6.24 37.76
N ASN E 395 -33.24 -6.99 36.67
CA ASN E 395 -31.94 -7.34 36.07
C ASN E 395 -31.21 -6.07 35.62
N ALA E 396 -31.93 -5.12 35.05
CA ALA E 396 -31.33 -3.87 34.66
C ALA E 396 -30.53 -3.29 35.84
N ALA E 397 -31.19 -3.19 37.00
CA ALA E 397 -30.61 -2.61 38.22
C ALA E 397 -29.48 -3.45 38.85
N ILE E 398 -29.64 -4.77 38.79
CA ILE E 398 -28.65 -5.72 39.27
C ILE E 398 -27.46 -5.71 38.29
N GLU E 399 -27.75 -5.63 37.00
CA GLU E 399 -26.69 -5.58 36.00
C GLU E 399 -25.86 -4.34 36.25
N CYS E 400 -26.56 -3.21 36.38
CA CYS E 400 -25.94 -1.94 36.69
C CYS E 400 -24.92 -2.06 37.83
N CYS E 401 -25.35 -2.68 38.93
CA CYS E 401 -24.47 -2.93 40.07
C CYS E 401 -23.21 -3.71 39.68
N ASN E 402 -23.41 -4.82 38.99
CA ASN E 402 -22.28 -5.61 38.50
C ASN E 402 -21.35 -4.79 37.62
N ILE E 403 -21.92 -4.09 36.65
CA ILE E 403 -21.12 -3.23 35.78
C ILE E 403 -20.22 -2.29 36.60
N ILE E 404 -20.83 -1.50 37.49
CA ILE E 404 -20.14 -0.53 38.31
C ILE E 404 -19.08 -1.20 39.20
N GLU E 405 -19.41 -2.38 39.73
CA GLU E 405 -18.45 -3.14 40.55
C GLU E 405 -17.22 -3.53 39.77
N GLU E 406 -17.40 -3.87 38.50
CA GLU E 406 -16.30 -4.25 37.63
C GLU E 406 -15.42 -3.07 37.26
N GLY E 407 -16.04 -1.91 37.04
CA GLY E 407 -15.29 -0.68 36.84
C GLY E 407 -14.41 -0.33 38.04
N ALA E 408 -14.92 -0.58 39.25
CA ALA E 408 -14.19 -0.25 40.48
C ALA E 408 -12.87 -1.01 40.60
N ALA E 409 -12.89 -2.32 40.32
CA ALA E 409 -11.65 -3.12 40.22
C ALA E 409 -10.83 -2.71 38.99
N GLY E 410 -11.41 -1.87 38.15
CA GLY E 410 -10.71 -1.32 37.01
C GLY E 410 -10.12 0.01 37.42
N LYS E 411 -10.51 1.07 36.73
CA LYS E 411 -9.95 2.39 37.03
C LYS E 411 -11.01 3.38 37.52
N LEU E 412 -12.27 2.94 37.54
CA LEU E 412 -13.33 3.79 38.12
C LEU E 412 -13.12 3.95 39.62
N GLU E 413 -12.64 5.13 39.99
CA GLU E 413 -12.32 5.50 41.36
C GLU E 413 -13.57 5.99 42.12
N LEU E 414 -14.16 5.15 42.97
CA LEU E 414 -15.30 5.56 43.81
C LEU E 414 -14.84 5.92 45.21
N SER E 415 -15.59 6.79 45.87
CA SER E 415 -15.35 7.06 47.28
C SER E 415 -15.90 5.89 48.08
N ARG E 416 -15.44 5.77 49.33
CA ARG E 416 -15.88 4.70 50.22
C ARG E 416 -17.37 4.80 50.44
N PHE E 417 -17.88 6.03 50.55
CA PHE E 417 -19.32 6.28 50.69
C PHE E 417 -20.15 5.79 49.50
N GLU E 418 -19.60 5.96 48.28
CA GLU E 418 -20.27 5.49 47.06
C GLU E 418 -20.24 3.96 46.96
N THR E 419 -19.07 3.40 47.27
CA THR E 419 -18.89 1.96 47.28
C THR E 419 -19.90 1.31 48.23
N LYS E 420 -20.02 1.85 49.44
CA LYS E 420 -20.94 1.37 50.47
C LYS E 420 -22.43 1.42 50.06
N ALA E 421 -22.86 2.53 49.46
CA ALA E 421 -24.25 2.71 49.04
C ALA E 421 -24.61 1.76 47.90
N LEU E 422 -23.58 1.42 47.12
CA LEU E 422 -23.77 0.49 46.03
C LEU E 422 -24.04 -0.90 46.60
N ALA E 423 -23.30 -1.27 47.65
CA ALA E 423 -23.44 -2.59 48.28
C ALA E 423 -24.75 -2.75 49.05
N ASP E 424 -25.25 -1.66 49.64
CA ASP E 424 -26.56 -1.68 50.30
C ASP E 424 -27.65 -1.83 49.25
N ALA E 425 -27.59 -1.04 48.18
CA ALA E 425 -28.51 -1.17 47.06
C ALA E 425 -28.47 -2.58 46.43
N LYS E 426 -27.26 -3.14 46.28
CA LYS E 426 -27.11 -4.47 45.66
C LYS E 426 -27.84 -5.52 46.48
N ALA E 427 -27.44 -5.65 47.76
CA ALA E 427 -28.04 -6.59 48.70
C ALA E 427 -29.57 -6.49 48.74
N ALA E 428 -30.07 -5.26 48.78
CA ALA E 428 -31.51 -4.98 48.81
C ALA E 428 -32.24 -5.36 47.51
N LEU E 429 -31.52 -5.42 46.41
CA LEU E 429 -32.13 -5.85 45.15
C LEU E 429 -32.16 -7.37 45.02
N GLU E 430 -31.15 -8.04 45.58
CA GLU E 430 -30.96 -9.49 45.42
C GLU E 430 -31.84 -10.25 46.40
N ALA E 431 -32.22 -9.55 47.48
CA ALA E 431 -33.14 -10.09 48.48
C ALA E 431 -34.61 -9.95 48.08
N LEU E 432 -34.86 -9.31 46.94
CA LEU E 432 -36.21 -9.17 46.40
C LEU E 432 -36.61 -10.45 45.67
N PRO E 433 -37.91 -10.81 45.72
CA PRO E 433 -38.43 -12.02 45.06
C PRO E 433 -38.37 -11.98 43.52
N ASP E 434 -38.36 -13.16 42.89
CA ASP E 434 -38.39 -13.28 41.43
C ASP E 434 -39.80 -13.12 40.82
N ASP E 435 -40.82 -13.49 41.58
CA ASP E 435 -42.21 -13.37 41.13
C ASP E 435 -42.70 -11.91 41.13
N MET E 436 -43.43 -11.53 40.07
CA MET E 436 -43.87 -10.13 39.90
C MET E 436 -45.08 -9.75 40.76
N ASP E 437 -46.06 -10.64 40.84
CA ASP E 437 -47.29 -10.40 41.58
C ASP E 437 -47.04 -10.19 43.08
N LYS E 438 -46.09 -10.97 43.61
CA LYS E 438 -45.61 -10.86 45.01
C LYS E 438 -45.13 -9.42 45.34
N PHE E 439 -44.16 -8.95 44.55
CA PHE E 439 -43.59 -7.60 44.66
C PHE E 439 -44.65 -6.53 44.43
N MET E 440 -45.51 -6.71 43.42
CA MET E 440 -46.54 -5.71 43.11
C MET E 440 -47.41 -5.52 44.33
N ASP E 441 -47.85 -6.64 44.89
CA ASP E 441 -48.68 -6.68 46.09
C ASP E 441 -47.91 -6.15 47.31
N ASP E 442 -46.75 -6.76 47.60
CA ASP E 442 -45.85 -6.30 48.67
C ASP E 442 -45.65 -4.78 48.71
N CYS E 443 -45.37 -4.21 47.53
CA CYS E 443 -45.24 -2.77 47.37
C CYS E 443 -46.57 -2.01 47.55
N LEU E 444 -47.65 -2.54 46.96
CA LEU E 444 -48.94 -1.85 46.98
C LEU E 444 -49.33 -1.41 48.39
N THR E 445 -49.29 -2.33 49.34
CA THR E 445 -49.72 -2.03 50.71
C THR E 445 -48.64 -1.30 51.54
N LYS E 446 -47.37 -1.40 51.13
CA LYS E 446 -46.28 -0.65 51.76
C LYS E 446 -46.38 0.84 51.48
N TYR E 447 -46.44 1.17 50.19
CA TYR E 447 -46.53 2.57 49.76
C TYR E 447 -47.95 3.15 49.93
N LYS E 448 -48.96 2.28 49.94
CA LYS E 448 -50.34 2.70 50.22
C LYS E 448 -50.44 3.22 51.66
N SER E 449 -49.72 2.56 52.56
CA SER E 449 -49.66 2.93 53.98
C SER E 449 -48.58 3.97 54.31
N GLU E 450 -47.53 4.04 53.49
CA GLU E 450 -46.40 4.95 53.70
C GLU E 450 -46.49 6.27 52.93
N VAL E 451 -47.11 6.25 51.73
CA VAL E 451 -47.25 7.46 50.91
C VAL E 451 -48.71 7.82 50.76
N LYS E 452 -49.17 8.81 51.51
CA LYS E 452 -50.59 9.12 51.59
C LYS E 452 -51.11 9.96 50.41
N VAL E 453 -50.21 10.44 49.56
CA VAL E 453 -50.63 11.15 48.34
C VAL E 453 -50.83 10.18 47.17
N PHE E 454 -50.51 8.90 47.41
CA PHE E 454 -50.50 7.85 46.39
C PHE E 454 -51.91 7.27 46.12
N LYS E 455 -52.37 7.39 44.88
CA LYS E 455 -53.69 6.92 44.49
C LYS E 455 -53.59 5.73 43.54
N PRO E 456 -53.92 4.52 44.03
CA PRO E 456 -53.66 3.28 43.29
C PRO E 456 -54.47 3.12 41.99
N GLU E 457 -55.58 3.84 41.86
CA GLU E 457 -56.36 3.80 40.63
C GLU E 457 -55.76 4.68 39.52
N ASN E 458 -54.71 5.43 39.87
CA ASN E 458 -53.94 6.14 38.84
C ASN E 458 -53.29 5.14 37.87
N TYR E 459 -52.85 4.00 38.39
CA TYR E 459 -52.24 2.94 37.58
C TYR E 459 -53.20 1.75 37.40
N GLY E 460 -54.49 2.08 37.27
CA GLY E 460 -55.57 1.12 36.96
C GLY E 460 -55.85 0.02 37.97
N PHE E 461 -55.24 0.11 39.15
CA PHE E 461 -55.48 -0.89 40.19
C PHE E 461 -56.85 -0.66 40.84
N MET F 1 -12.66 -0.51 20.46
CA MET F 1 -12.99 0.55 21.46
C MET F 1 -11.77 0.95 22.29
N LEU F 2 -11.68 2.24 22.63
CA LEU F 2 -10.49 2.76 23.27
C LEU F 2 -10.58 2.64 24.76
N ASP F 3 -9.42 2.72 25.42
CA ASP F 3 -9.34 2.88 26.88
C ASP F 3 -8.09 3.69 27.28
N PHE F 4 -8.08 4.21 28.50
CA PHE F 4 -6.96 5.01 29.00
C PHE F 4 -5.91 4.12 29.64
N THR F 5 -4.67 4.57 29.70
CA THR F 5 -3.72 3.99 30.66
C THR F 5 -4.09 4.54 32.03
N GLU F 6 -3.39 4.15 33.08
CA GLU F 6 -3.66 4.74 34.39
C GLU F 6 -3.23 6.22 34.39
N ALA F 7 -2.05 6.49 33.85
CA ALA F 7 -1.47 7.85 33.76
C ALA F 7 -2.33 8.82 32.94
N SER F 8 -2.79 8.38 31.76
CA SER F 8 -3.73 9.14 30.94
C SER F 8 -4.97 9.66 31.68
N LEU F 9 -5.64 8.80 32.46
CA LEU F 9 -6.85 9.15 33.17
C LEU F 9 -6.61 10.22 34.26
N LYS F 10 -5.52 10.04 35.00
CA LYS F 10 -5.13 10.99 36.03
C LYS F 10 -4.92 12.38 35.39
N LYS F 11 -4.41 12.43 34.16
CA LYS F 11 -4.27 13.69 33.43
C LYS F 11 -5.60 14.25 32.94
N VAL F 12 -6.55 13.39 32.61
CA VAL F 12 -7.75 13.88 31.92
C VAL F 12 -8.83 14.43 32.84
N LEU F 13 -9.00 13.80 34.01
CA LEU F 13 -9.99 14.25 34.97
C LEU F 13 -9.58 13.86 36.38
N THR F 14 -10.26 14.43 37.37
CA THR F 14 -10.00 14.17 38.78
C THR F 14 -11.36 14.12 39.46
N ARG F 15 -11.66 13.00 40.12
CA ARG F 15 -12.85 12.95 40.98
C ARG F 15 -12.46 13.51 42.34
N TYR F 16 -12.59 14.82 42.49
CA TYR F 16 -12.08 15.54 43.68
C TYR F 16 -12.62 15.00 45.00
N ASN F 17 -13.88 14.55 44.99
CA ASN F 17 -14.48 14.00 46.19
C ASN F 17 -13.69 12.85 46.81
N VAL F 18 -13.07 12.01 45.98
CA VAL F 18 -12.38 10.82 46.49
C VAL F 18 -11.28 11.25 47.47
N ALA F 19 -10.37 12.11 46.98
CA ALA F 19 -9.26 12.62 47.76
C ALA F 19 -9.72 13.35 49.03
N LEU F 20 -10.88 14.01 48.95
CA LEU F 20 -11.42 14.78 50.09
C LEU F 20 -11.94 13.96 51.25
N GLU F 21 -12.61 12.85 50.94
CA GLU F 21 -13.25 12.02 51.96
C GLU F 21 -12.36 11.81 53.19
N LYS F 22 -12.97 12.02 54.37
CA LYS F 22 -12.28 11.92 55.66
C LYS F 22 -11.98 10.47 56.01
N ALA F 23 -10.86 10.26 56.71
CA ALA F 23 -10.33 8.94 57.06
C ALA F 23 -11.32 8.02 57.78
N LEU F 24 -12.02 8.57 58.77
CA LEU F 24 -12.93 7.78 59.59
C LEU F 24 -14.17 7.42 58.80
N THR F 25 -14.78 6.30 59.14
CA THR F 25 -16.06 5.90 58.58
C THR F 25 -17.17 6.67 59.28
N PRO F 26 -18.29 6.94 58.57
CA PRO F 26 -19.48 7.53 59.21
C PRO F 26 -19.70 7.04 60.66
N GLU F 27 -19.81 5.71 60.81
CA GLU F 27 -20.08 5.08 62.11
C GLU F 27 -19.05 5.45 63.16
N GLU F 28 -17.77 5.38 62.79
CA GLU F 28 -16.66 5.73 63.68
C GLU F 28 -16.68 7.21 64.11
N ALA F 29 -17.17 8.08 63.24
CA ALA F 29 -17.20 9.52 63.48
C ALA F 29 -18.41 9.92 64.33
N ALA F 30 -19.53 9.21 64.12
CA ALA F 30 -20.70 9.30 65.00
C ALA F 30 -20.36 8.79 66.41
N GLU F 31 -19.48 7.78 66.47
CA GLU F 31 -19.05 7.16 67.72
C GLU F 31 -18.35 8.16 68.64
N GLU F 32 -17.54 9.05 68.07
CA GLU F 32 -16.83 10.07 68.84
C GLU F 32 -17.78 11.12 69.39
N LEU F 33 -18.89 11.33 68.69
CA LEU F 33 -19.84 12.40 69.02
C LEU F 33 -20.96 12.00 69.99
N TYR F 34 -21.23 10.70 70.09
CA TYR F 34 -22.32 10.20 70.93
C TYR F 34 -22.20 10.63 72.39
N PRO F 35 -23.35 10.96 73.03
CA PRO F 35 -23.35 11.15 74.47
C PRO F 35 -22.99 9.82 75.14
N LYS F 36 -22.18 9.90 76.20
CA LYS F 36 -21.63 8.71 76.83
C LYS F 36 -22.39 8.27 78.09
N ASP F 37 -23.67 8.62 78.17
CA ASP F 37 -24.49 8.34 79.35
C ASP F 37 -24.62 6.86 79.64
N GLU F 38 -25.01 6.09 78.61
CA GLU F 38 -25.30 4.65 78.74
C GLU F 38 -26.80 4.33 78.62
N LEU F 39 -27.65 5.21 79.16
CA LEU F 39 -29.09 5.14 78.91
C LEU F 39 -29.45 5.90 77.63
N ILE F 40 -28.71 6.96 77.33
CA ILE F 40 -28.95 7.80 76.15
C ILE F 40 -28.19 7.25 74.93
N TYR F 41 -26.94 6.85 75.14
CA TYR F 41 -26.13 6.25 74.09
C TYR F 41 -26.91 5.42 73.04
N PRO F 42 -27.62 4.34 73.46
CA PRO F 42 -28.25 3.46 72.45
C PRO F 42 -29.33 4.15 71.63
N ILE F 43 -29.89 5.23 72.18
CA ILE F 43 -30.92 6.00 71.48
C ILE F 43 -30.26 6.90 70.45
N ALA F 44 -29.24 7.63 70.89
CA ALA F 44 -28.43 8.48 70.01
C ALA F 44 -27.93 7.74 68.77
N LYS F 45 -27.48 6.49 68.98
CA LYS F 45 -27.01 5.62 67.90
C LYS F 45 -28.15 5.17 67.01
N ALA F 46 -29.28 4.82 67.62
CA ALA F 46 -30.46 4.38 66.87
C ALA F 46 -30.99 5.47 65.93
N ILE F 47 -30.94 6.73 66.38
CA ILE F 47 -31.34 7.88 65.53
C ILE F 47 -30.43 7.97 64.29
N PHE F 48 -29.12 7.94 64.52
CA PHE F 48 -28.11 8.01 63.46
C PHE F 48 -28.30 6.90 62.42
N GLU F 49 -28.70 5.72 62.88
CA GLU F 49 -28.94 4.57 62.01
C GLU F 49 -30.30 4.62 61.33
N GLY F 50 -31.14 5.57 61.75
CA GLY F 50 -32.51 5.69 61.24
C GLY F 50 -33.36 4.46 61.53
N GLU F 51 -33.14 3.85 62.70
CA GLU F 51 -33.82 2.60 63.06
C GLU F 51 -34.89 2.82 64.15
N GLU F 52 -36.13 3.01 63.69
CA GLU F 52 -37.26 3.42 64.54
C GLU F 52 -37.64 2.45 65.66
N ASP F 53 -37.55 1.14 65.38
CA ASP F 53 -37.80 0.12 66.39
C ASP F 53 -36.78 0.22 67.53
N ASP F 54 -35.53 0.57 67.22
CA ASP F 54 -34.46 0.69 68.22
C ASP F 54 -34.48 2.02 68.97
N VAL F 55 -35.16 3.01 68.40
CA VAL F 55 -35.40 4.30 69.06
C VAL F 55 -36.46 4.14 70.16
N VAL F 56 -37.62 3.61 69.78
CA VAL F 56 -38.74 3.32 70.68
C VAL F 56 -38.30 2.38 71.81
N GLU F 57 -37.69 1.25 71.44
CA GLU F 57 -37.16 0.29 72.40
C GLU F 57 -36.10 0.91 73.29
N GLY F 58 -35.30 1.80 72.72
CA GLY F 58 -34.27 2.51 73.47
C GLY F 58 -34.86 3.55 74.42
N LEU F 59 -36.03 4.06 74.06
CA LEU F 59 -36.80 4.96 74.92
C LEU F 59 -37.52 4.21 76.05
N GLN F 60 -38.07 3.02 75.75
CA GLN F 60 -38.71 2.13 76.74
C GLN F 60 -37.79 1.91 77.93
N ALA F 61 -36.60 1.39 77.64
CA ALA F 61 -35.55 1.11 78.64
C ALA F 61 -35.15 2.34 79.46
N ALA F 62 -35.24 3.52 78.84
CA ALA F 62 -34.88 4.77 79.50
C ALA F 62 -35.93 5.21 80.53
N ILE F 63 -37.21 5.13 80.19
CA ILE F 63 -38.30 5.37 81.15
C ILE F 63 -38.22 4.37 82.31
N GLU F 64 -37.93 3.10 82.01
CA GLU F 64 -37.98 2.01 82.99
C GLU F 64 -36.86 1.99 84.03
N ALA F 65 -35.80 2.76 83.79
CA ALA F 65 -34.63 2.76 84.68
C ALA F 65 -34.36 4.15 85.24
N GLY F 66 -35.25 5.07 84.95
CA GLY F 66 -35.12 6.44 85.40
C GLY F 66 -36.47 7.10 85.21
N LYS F 67 -36.47 8.31 84.65
CA LYS F 67 -37.72 9.00 84.35
C LYS F 67 -37.60 9.77 83.03
N ASP F 68 -38.28 10.93 82.99
CA ASP F 68 -38.24 11.90 81.89
C ASP F 68 -38.93 11.36 80.64
N PRO F 69 -40.27 11.38 80.60
CA PRO F 69 -40.85 10.98 79.33
C PRO F 69 -40.72 12.09 78.26
N ILE F 70 -40.96 13.33 78.69
CA ILE F 70 -41.01 14.48 77.80
C ILE F 70 -39.64 15.18 77.70
N ASP F 71 -38.69 14.77 78.53
CA ASP F 71 -37.35 15.36 78.54
C ASP F 71 -36.38 14.61 77.64
N LEU F 72 -36.62 13.31 77.50
CA LEU F 72 -35.85 12.47 76.58
C LEU F 72 -35.82 13.05 75.16
N ILE F 73 -36.86 13.79 74.79
CA ILE F 73 -36.93 14.46 73.50
C ILE F 73 -35.71 15.34 73.25
N ASP F 74 -35.33 16.15 74.25
CA ASP F 74 -34.16 17.01 74.17
C ASP F 74 -32.90 16.26 74.60
N ASP F 75 -33.02 15.52 75.69
CA ASP F 75 -31.87 14.85 76.30
C ASP F 75 -31.32 13.70 75.45
N ALA F 76 -32.16 13.12 74.58
CA ALA F 76 -31.77 11.94 73.79
C ALA F 76 -32.03 12.05 72.29
N LEU F 77 -33.27 12.35 71.89
CA LEU F 77 -33.62 12.41 70.47
C LEU F 77 -32.99 13.61 69.75
N MET F 78 -32.93 14.74 70.46
CA MET F 78 -32.36 15.98 69.91
C MET F 78 -30.85 15.92 69.86
N VAL F 79 -30.24 15.22 70.81
CA VAL F 79 -28.79 15.01 70.81
C VAL F 79 -28.42 14.02 69.70
N GLY F 80 -29.20 12.96 69.55
CA GLY F 80 -29.05 12.01 68.45
C GLY F 80 -29.06 12.71 67.11
N MET F 81 -30.05 13.58 66.93
CA MET F 81 -30.17 14.42 65.76
C MET F 81 -29.03 15.45 65.67
N GLY F 82 -28.56 15.92 66.82
CA GLY F 82 -27.43 16.85 66.87
C GLY F 82 -26.17 16.24 66.27
N VAL F 83 -26.00 14.94 66.49
CA VAL F 83 -24.90 14.19 65.90
C VAL F 83 -25.11 14.15 64.38
N VAL F 84 -26.34 13.78 63.99
CA VAL F 84 -26.72 13.66 62.57
C VAL F 84 -26.50 14.96 61.78
N ILE F 85 -27.19 16.03 62.16
CA ILE F 85 -27.04 17.34 61.52
C ILE F 85 -25.57 17.79 61.47
N ARG F 86 -24.85 17.55 62.56
CA ARG F 86 -23.42 17.91 62.67
C ARG F 86 -22.60 17.27 61.55
N LEU F 87 -22.78 15.95 61.39
CA LEU F 87 -22.03 15.18 60.41
C LEU F 87 -22.45 15.49 58.99
N TYR F 88 -23.76 15.68 58.78
CA TYR F 88 -24.26 16.06 57.46
C TYR F 88 -23.58 17.37 57.03
N ASP F 89 -23.44 18.29 57.98
CA ASP F 89 -22.75 19.54 57.73
C ASP F 89 -21.27 19.35 57.39
N GLU F 90 -20.61 18.41 58.07
CA GLU F 90 -19.21 18.10 57.81
C GLU F 90 -19.08 17.27 56.52
N GLY F 91 -20.23 16.88 55.99
CA GLY F 91 -20.31 16.10 54.77
C GLY F 91 -20.01 14.64 54.97
N VAL F 92 -19.88 14.16 56.22
CA VAL F 92 -19.57 12.73 56.42
C VAL F 92 -20.78 11.81 56.22
N ILE F 93 -21.99 12.37 56.23
CA ILE F 93 -23.19 11.64 55.81
C ILE F 93 -23.97 12.44 54.75
N PHE F 94 -25.00 11.84 54.17
CA PHE F 94 -25.75 12.44 53.07
C PHE F 94 -27.19 12.76 53.48
N LEU F 95 -27.93 13.36 52.56
CA LEU F 95 -29.33 13.78 52.77
C LEU F 95 -30.25 12.63 53.22
N PRO F 96 -30.24 11.48 52.50
CA PRO F 96 -31.09 10.35 52.90
C PRO F 96 -30.76 9.76 54.27
N ASN F 97 -29.50 9.86 54.69
CA ASN F 97 -29.13 9.57 56.07
C ASN F 97 -29.80 10.48 57.09
N VAL F 98 -30.09 11.70 56.67
CA VAL F 98 -30.70 12.71 57.54
C VAL F 98 -32.21 12.53 57.57
N MET F 99 -32.80 12.23 56.40
CA MET F 99 -34.23 11.93 56.30
C MET F 99 -34.59 10.69 57.11
N MET F 100 -33.81 9.61 56.94
CA MET F 100 -34.03 8.36 57.66
C MET F 100 -33.93 8.57 59.17
N SER F 101 -32.99 9.43 59.57
CA SER F 101 -32.77 9.77 60.97
C SER F 101 -33.89 10.65 61.55
N ALA F 102 -34.39 11.57 60.72
CA ALA F 102 -35.50 12.43 61.12
C ALA F 102 -36.77 11.63 61.27
N ASP F 103 -37.03 10.71 60.33
CA ASP F 103 -38.19 9.81 60.40
C ASP F 103 -38.19 8.98 61.66
N ALA F 104 -37.01 8.52 62.08
CA ALA F 104 -36.85 7.75 63.29
C ALA F 104 -36.90 8.62 64.55
N MET F 105 -36.77 9.94 64.38
CA MET F 105 -36.91 10.88 65.48
C MET F 105 -38.35 11.35 65.63
N LEU F 106 -38.99 11.73 64.51
CA LEU F 106 -40.42 12.09 64.49
C LEU F 106 -41.33 10.98 65.03
N GLU F 107 -40.93 9.73 64.80
CA GLU F 107 -41.68 8.58 65.27
C GLU F 107 -41.32 8.25 66.72
N GLY F 108 -40.16 8.73 67.16
CA GLY F 108 -39.73 8.59 68.56
C GLY F 108 -40.26 9.71 69.45
N ILE F 109 -40.56 10.85 68.84
CA ILE F 109 -41.20 11.96 69.55
C ILE F 109 -42.66 11.64 69.86
N GLU F 110 -43.42 11.20 68.84
CA GLU F 110 -44.86 10.95 69.02
C GLU F 110 -45.18 9.71 69.88
N TYR F 111 -44.17 8.92 70.20
CA TYR F 111 -44.32 7.85 71.20
C TYR F 111 -44.30 8.43 72.62
N CYS F 112 -43.50 9.48 72.81
CA CYS F 112 -43.43 10.21 74.08
C CYS F 112 -44.71 11.01 74.36
N LYS F 113 -45.48 11.31 73.31
CA LYS F 113 -46.80 11.95 73.41
C LYS F 113 -47.84 11.05 74.06
N GLU F 114 -47.68 9.74 73.86
CA GLU F 114 -48.57 8.76 74.47
C GLU F 114 -48.29 8.61 75.96
N ASN F 115 -47.03 8.80 76.34
CA ASN F 115 -46.62 8.78 77.75
C ASN F 115 -46.51 10.18 78.37
N SER F 116 -47.20 11.16 77.78
CA SER F 116 -47.03 12.57 78.17
C SER F 116 -48.13 13.12 79.08
N GLY F 117 -49.03 13.92 78.51
CA GLY F 117 -49.93 14.77 79.30
C GLY F 117 -49.26 16.10 79.61
N ALA F 118 -47.97 16.21 79.28
CA ALA F 118 -47.18 17.40 79.57
C ALA F 118 -47.25 18.43 78.44
N THR F 119 -47.38 17.94 77.21
CA THR F 119 -47.35 18.78 75.99
C THR F 119 -45.93 19.32 75.72
N PRO F 120 -45.37 19.06 74.52
CA PRO F 120 -43.97 19.42 74.24
C PRO F 120 -43.76 20.92 74.02
N LYS F 121 -42.50 21.37 74.17
CA LYS F 121 -42.13 22.76 73.96
C LYS F 121 -41.03 22.84 72.91
N THR F 122 -41.36 23.44 71.77
CA THR F 122 -40.39 23.66 70.68
C THR F 122 -39.84 25.08 70.78
N LYS F 123 -38.75 25.34 70.04
CA LYS F 123 -38.09 26.66 70.03
C LYS F 123 -38.78 27.71 69.13
N GLY F 124 -40.08 27.55 68.90
CA GLY F 124 -40.86 28.47 68.05
C GLY F 124 -41.43 27.75 66.84
N THR F 125 -42.56 28.24 66.33
CA THR F 125 -43.19 27.65 65.14
C THR F 125 -42.72 28.35 63.87
N VAL F 126 -42.60 27.56 62.80
CA VAL F 126 -42.26 28.06 61.48
C VAL F 126 -43.27 27.53 60.47
N VAL F 127 -43.60 28.37 59.50
CA VAL F 127 -44.48 28.02 58.41
C VAL F 127 -43.69 28.00 57.10
N CYS F 128 -43.89 26.95 56.32
CA CYS F 128 -43.19 26.80 55.05
C CYS F 128 -44.19 26.58 53.95
N HIS F 129 -44.02 27.29 52.85
CA HIS F 129 -44.84 27.07 51.68
C HIS F 129 -43.99 27.06 50.41
N VAL F 130 -44.53 26.41 49.38
CA VAL F 130 -43.99 26.56 48.04
C VAL F 130 -44.87 27.63 47.41
N ALA F 131 -44.25 28.52 46.63
CA ALA F 131 -44.97 29.54 45.87
C ALA F 131 -46.08 28.90 45.03
N GLU F 132 -47.18 29.62 44.84
CA GLU F 132 -48.26 29.11 44.00
C GLU F 132 -47.92 29.17 42.50
N GLY F 133 -48.19 28.07 41.82
CA GLY F 133 -47.82 27.85 40.42
C GLY F 133 -46.69 26.84 40.33
N ASP F 134 -46.33 26.29 41.49
CA ASP F 134 -45.07 25.56 41.69
C ASP F 134 -45.25 24.22 42.44
N VAL F 135 -44.89 23.12 41.80
CA VAL F 135 -45.03 21.77 42.37
C VAL F 135 -43.70 21.21 42.91
N HIS F 136 -42.67 22.06 42.97
CA HIS F 136 -41.32 21.63 43.37
C HIS F 136 -41.20 21.48 44.88
N ASP F 137 -41.58 20.30 45.35
CA ASP F 137 -41.57 19.95 46.77
C ASP F 137 -40.17 20.01 47.34
N ILE F 138 -39.30 19.20 46.72
CA ILE F 138 -38.06 18.76 47.34
C ILE F 138 -37.27 19.84 48.09
N GLY F 139 -37.22 21.05 47.55
CA GLY F 139 -36.57 22.18 48.23
C GLY F 139 -37.18 22.46 49.61
N LYS F 140 -38.48 22.72 49.62
CA LYS F 140 -39.25 22.82 50.86
C LYS F 140 -38.95 21.62 51.77
N ASN F 141 -39.18 20.42 51.24
CA ASN F 141 -39.04 19.17 51.99
C ASN F 141 -37.72 18.98 52.73
N ILE F 142 -36.64 19.47 52.16
CA ILE F 142 -35.34 19.43 52.81
C ILE F 142 -35.27 20.50 53.92
N VAL F 143 -35.76 21.70 53.60
CA VAL F 143 -35.96 22.77 54.59
C VAL F 143 -36.92 22.31 55.72
N THR F 144 -38.06 21.73 55.33
CA THR F 144 -39.00 21.02 56.23
C THR F 144 -38.23 20.20 57.26
N ALA F 145 -37.42 19.27 56.76
CA ALA F 145 -36.71 18.29 57.57
C ALA F 145 -35.60 18.90 58.46
N LEU F 146 -34.81 19.81 57.90
CA LEU F 146 -33.75 20.50 58.66
C LEU F 146 -34.28 21.27 59.87
N LEU F 147 -35.46 21.88 59.69
CA LEU F 147 -36.12 22.63 60.75
C LEU F 147 -36.67 21.73 61.85
N ARG F 148 -37.40 20.69 61.47
CA ARG F 148 -37.88 19.69 62.43
C ARG F 148 -36.70 19.06 63.17
N ALA F 149 -35.62 18.81 62.43
CA ALA F 149 -34.41 18.21 62.97
C ALA F 149 -33.62 19.17 63.88
N ASN F 150 -33.74 20.47 63.65
CA ASN F 150 -33.03 21.47 64.44
C ASN F 150 -33.81 21.95 65.67
N GLY F 151 -34.90 21.26 65.99
CA GLY F 151 -35.68 21.54 67.20
C GLY F 151 -36.78 22.56 67.01
N TYR F 152 -37.34 22.59 65.80
CA TYR F 152 -38.42 23.53 65.47
C TYR F 152 -39.73 22.79 65.16
N ASN F 153 -40.84 23.49 65.35
CA ASN F 153 -42.13 22.95 64.93
C ASN F 153 -42.55 23.53 63.60
N VAL F 154 -42.74 22.64 62.63
CA VAL F 154 -43.02 23.03 61.27
C VAL F 154 -44.41 22.60 60.85
N VAL F 155 -45.24 23.58 60.54
CA VAL F 155 -46.50 23.29 59.87
C VAL F 155 -46.23 23.49 58.38
N ASP F 156 -46.20 22.36 57.67
CA ASP F 156 -46.00 22.33 56.23
C ASP F 156 -47.25 22.87 55.54
N LEU F 157 -47.07 23.83 54.63
CA LEU F 157 -48.21 24.42 53.90
C LEU F 157 -48.50 23.80 52.54
N GLY F 158 -47.57 22.98 52.05
CA GLY F 158 -47.76 22.22 50.81
C GLY F 158 -47.17 22.89 49.59
N ARG F 159 -47.67 22.49 48.42
CA ARG F 159 -47.13 22.92 47.13
C ARG F 159 -47.79 24.22 46.63
N ASP F 160 -48.83 24.08 45.80
CA ASP F 160 -49.48 25.20 45.12
C ASP F 160 -50.26 26.10 46.09
N VAL F 161 -49.54 26.74 47.02
CA VAL F 161 -50.17 27.52 48.10
C VAL F 161 -50.36 29.01 47.74
N PRO F 162 -51.63 29.45 47.58
CA PRO F 162 -52.01 30.73 46.99
C PRO F 162 -52.13 31.94 47.93
N ALA F 163 -51.06 32.24 48.68
CA ALA F 163 -50.93 33.48 49.47
C ALA F 163 -51.95 33.70 50.61
N GLU F 164 -53.24 33.84 50.28
CA GLU F 164 -54.30 33.95 51.30
C GLU F 164 -54.24 32.78 52.26
N GLU F 165 -54.01 31.59 51.69
CA GLU F 165 -53.90 30.35 52.43
C GLU F 165 -52.68 30.35 53.35
N VAL F 166 -51.65 31.10 52.95
CA VAL F 166 -50.44 31.31 53.76
C VAL F 166 -50.71 32.36 54.85
N LEU F 167 -51.37 33.45 54.45
CA LEU F 167 -51.75 34.53 55.37
C LEU F 167 -52.64 34.00 56.50
N ALA F 168 -53.69 33.30 56.11
CA ALA F 168 -54.62 32.66 57.05
C ALA F 168 -54.02 31.42 57.73
N ALA F 169 -52.70 31.45 57.93
CA ALA F 169 -51.97 30.40 58.63
C ALA F 169 -50.84 31.01 59.48
N VAL F 170 -50.43 32.23 59.11
CA VAL F 170 -49.52 33.03 59.94
C VAL F 170 -50.32 33.66 61.10
N GLN F 171 -51.63 33.79 60.91
CA GLN F 171 -52.53 34.22 61.98
C GLN F 171 -52.70 33.13 63.03
N LYS F 172 -53.11 31.94 62.58
CA LYS F 172 -53.50 30.83 63.46
C LYS F 172 -52.34 30.20 64.24
N GLU F 173 -51.10 30.43 63.78
CA GLU F 173 -49.95 29.73 64.33
C GLU F 173 -48.90 30.65 64.93
N LYS F 174 -49.07 31.95 64.75
CA LYS F 174 -48.13 32.95 65.24
C LYS F 174 -46.68 32.45 65.19
N PRO F 175 -46.17 32.20 63.96
CA PRO F 175 -44.81 31.67 63.76
C PRO F 175 -43.70 32.72 63.85
N ILE F 176 -42.52 32.34 64.38
CA ILE F 176 -41.36 33.23 64.44
C ILE F 176 -40.72 33.45 63.06
N MET F 177 -41.04 32.56 62.11
CA MET F 177 -40.55 32.62 60.74
C MET F 177 -41.46 31.97 59.69
N LEU F 178 -41.36 32.47 58.46
CA LEU F 178 -42.05 31.91 57.32
C LEU F 178 -41.03 31.65 56.20
N THR F 179 -41.07 30.46 55.60
CA THR F 179 -40.20 30.16 54.45
C THR F 179 -40.94 29.88 53.14
N GLY F 180 -40.34 30.39 52.08
CA GLY F 180 -40.87 30.21 50.74
C GLY F 180 -39.83 29.52 49.87
N THR F 181 -40.33 28.73 48.93
CA THR F 181 -39.51 28.01 47.99
C THR F 181 -40.09 28.24 46.59
N ALA F 182 -39.26 28.77 45.69
CA ALA F 182 -39.65 28.96 44.28
C ALA F 182 -38.55 28.49 43.31
N LEU F 183 -38.96 27.82 42.24
CA LEU F 183 -38.02 27.16 41.33
C LEU F 183 -38.21 27.51 39.87
N MET F 184 -39.38 28.02 39.50
CA MET F 184 -39.60 28.52 38.14
C MET F 184 -39.54 30.04 38.14
N THR F 185 -39.06 30.62 37.04
CA THR F 185 -39.10 32.08 36.86
C THR F 185 -40.56 32.56 36.79
N THR F 186 -41.43 31.64 36.37
CA THR F 186 -42.86 31.90 36.25
C THR F 186 -43.57 31.88 37.62
N THR F 187 -42.80 31.60 38.68
CA THR F 187 -43.37 31.42 40.00
C THR F 187 -42.65 32.25 41.08
N MET F 188 -41.55 32.89 40.70
CA MET F 188 -40.80 33.75 41.61
C MET F 188 -41.67 34.83 42.23
N TYR F 189 -42.65 35.31 41.46
CA TYR F 189 -43.50 36.44 41.86
C TYR F 189 -44.76 36.05 42.61
N ALA F 190 -44.78 34.85 43.19
CA ALA F 190 -45.73 34.51 44.22
C ALA F 190 -45.12 34.85 45.58
N PHE F 191 -43.91 35.40 45.57
CA PHE F 191 -43.23 35.90 46.77
C PHE F 191 -43.68 37.34 47.09
N LYS F 192 -44.02 38.08 46.04
CA LYS F 192 -44.61 39.41 46.12
C LYS F 192 -45.91 39.42 46.95
N GLU F 193 -46.91 38.70 46.45
CA GLU F 193 -48.26 38.65 47.06
C GLU F 193 -48.31 38.13 48.49
N VAL F 194 -47.21 37.54 48.95
CA VAL F 194 -47.06 37.12 50.34
C VAL F 194 -46.46 38.27 51.15
N ASN F 195 -45.39 38.87 50.65
CA ASN F 195 -44.78 40.03 51.30
C ASN F 195 -45.75 41.21 51.37
N ASP F 196 -46.42 41.48 50.24
CA ASP F 196 -47.34 42.61 50.12
C ASP F 196 -48.62 42.43 50.93
N MET F 197 -48.97 41.19 51.22
CA MET F 197 -50.20 40.87 51.94
C MET F 197 -49.94 40.61 53.43
N LEU F 198 -48.70 40.83 53.86
CA LEU F 198 -48.32 40.73 55.27
C LEU F 198 -47.96 42.10 55.82
N LEU F 199 -47.56 43.00 54.92
CA LEU F 199 -47.37 44.41 55.25
C LEU F 199 -48.72 45.12 55.28
N GLU F 200 -49.58 44.81 54.30
CA GLU F 200 -50.97 45.30 54.25
C GLU F 200 -51.92 44.42 55.08
N ASN F 201 -51.36 43.84 56.14
CA ASN F 201 -52.10 43.11 57.16
C ASN F 201 -51.46 43.41 58.51
N GLY F 202 -50.29 44.04 58.45
CA GLY F 202 -49.53 44.43 59.63
C GLY F 202 -48.88 43.27 60.33
N ILE F 203 -48.03 42.54 59.61
CA ILE F 203 -47.21 41.47 60.19
C ILE F 203 -45.75 41.68 59.79
N LYS F 204 -44.85 41.63 60.78
CA LYS F 204 -43.41 41.83 60.55
C LYS F 204 -42.53 40.72 61.17
N ILE F 205 -42.37 39.63 60.43
CA ILE F 205 -41.49 38.52 60.79
C ILE F 205 -40.63 38.16 59.56
N PRO F 206 -39.35 37.79 59.78
CA PRO F 206 -38.44 37.51 58.65
C PRO F 206 -38.98 36.43 57.71
N PHE F 207 -38.89 36.69 56.40
CA PHE F 207 -39.42 35.81 55.36
C PHE F 207 -38.28 35.13 54.58
N ALA F 208 -37.84 33.98 55.09
CA ALA F 208 -36.72 33.24 54.51
C ALA F 208 -37.06 32.62 53.15
N CYS F 209 -36.44 33.14 52.10
CA CYS F 209 -36.77 32.78 50.72
C CYS F 209 -35.67 32.02 50.02
N GLY F 210 -36.05 30.94 49.34
CA GLY F 210 -35.09 30.14 48.60
C GLY F 210 -35.64 29.51 47.34
N GLY F 211 -34.82 28.68 46.71
CA GLY F 211 -35.21 27.98 45.49
C GLY F 211 -34.30 28.34 44.34
N GLY F 212 -34.21 27.43 43.37
CA GLY F 212 -33.26 27.53 42.27
C GLY F 212 -33.43 28.73 41.34
N ALA F 213 -34.62 29.33 41.36
CA ALA F 213 -34.91 30.52 40.56
C ALA F 213 -34.66 31.80 41.35
N VAL F 214 -34.27 31.63 42.61
CA VAL F 214 -34.13 32.74 43.55
C VAL F 214 -32.67 32.97 43.95
N ASN F 215 -32.23 34.22 43.78
CA ASN F 215 -30.91 34.65 44.27
C ASN F 215 -31.07 35.84 45.23
N GLN F 216 -29.96 36.31 45.81
CA GLN F 216 -30.00 37.38 46.81
C GLN F 216 -30.64 38.70 46.33
N ASP F 217 -30.25 39.16 45.15
CA ASP F 217 -30.79 40.41 44.60
C ASP F 217 -32.33 40.41 44.52
N PHE F 218 -32.90 39.26 44.18
CA PHE F 218 -34.35 39.13 44.03
C PHE F 218 -35.12 39.28 45.34
N VAL F 219 -34.60 38.72 46.43
CA VAL F 219 -35.30 38.74 47.73
C VAL F 219 -35.29 40.13 48.38
N SER F 220 -34.36 40.99 47.95
CA SER F 220 -34.15 42.31 48.53
C SER F 220 -35.28 43.32 48.27
N GLN F 221 -35.83 43.32 47.05
CA GLN F 221 -36.97 44.20 46.70
C GLN F 221 -38.25 43.88 47.50
N PHE F 222 -38.10 42.98 48.48
CA PHE F 222 -39.15 42.67 49.46
C PHE F 222 -38.62 42.98 50.87
N ALA F 223 -39.33 43.87 51.57
CA ALA F 223 -38.93 44.36 52.89
C ALA F 223 -38.72 43.25 53.93
N LEU F 224 -39.64 42.29 53.96
CA LEU F 224 -39.61 41.17 54.93
C LEU F 224 -38.49 40.15 54.66
N GLY F 225 -38.05 40.11 53.40
CA GLY F 225 -37.23 39.01 52.85
C GLY F 225 -35.79 38.81 53.30
N VAL F 226 -35.44 37.54 53.52
CA VAL F 226 -34.07 37.11 53.82
C VAL F 226 -33.76 35.85 52.99
N TYR F 227 -32.61 35.85 52.31
CA TYR F 227 -32.26 34.80 51.35
C TYR F 227 -31.42 33.67 51.93
N GLY F 228 -31.87 32.43 51.70
CA GLY F 228 -31.09 31.24 52.01
C GLY F 228 -30.79 30.50 50.72
N GLU F 229 -29.51 30.27 50.46
CA GLU F 229 -29.12 29.59 49.22
C GLU F 229 -29.09 28.07 49.39
N GLU F 230 -28.82 27.64 50.62
CA GLU F 230 -28.83 26.22 50.99
C GLU F 230 -30.05 25.97 51.88
N ALA F 231 -30.49 24.72 51.95
CA ALA F 231 -31.55 24.33 52.88
C ALA F 231 -31.07 24.48 54.32
N ALA F 232 -29.78 24.20 54.53
CA ALA F 232 -29.14 24.31 55.83
C ALA F 232 -29.17 25.74 56.38
N ASP F 233 -29.43 26.69 55.50
CA ASP F 233 -29.48 28.11 55.86
C ASP F 233 -30.82 28.51 56.49
N ALA F 234 -31.75 27.56 56.54
CA ALA F 234 -33.09 27.83 57.12
C ALA F 234 -33.16 27.71 58.65
N PRO F 235 -32.57 26.64 59.24
CA PRO F 235 -32.47 26.62 60.71
C PRO F 235 -31.51 27.69 61.25
N LYS F 236 -30.45 27.94 60.49
CA LYS F 236 -29.40 28.91 60.82
C LYS F 236 -30.00 30.31 61.02
N ILE F 237 -30.87 30.69 60.09
CA ILE F 237 -31.58 31.96 60.17
C ILE F 237 -32.67 31.92 61.25
N ALA F 238 -33.24 30.74 61.51
CA ALA F 238 -34.27 30.56 62.53
C ALA F 238 -33.75 30.80 63.96
N ASP F 239 -32.46 30.52 64.18
CA ASP F 239 -31.83 30.70 65.49
C ASP F 239 -31.29 32.12 65.73
N ALA F 240 -31.41 32.99 64.73
CA ALA F 240 -31.06 34.39 64.87
C ALA F 240 -32.20 35.19 65.49
N ILE F 241 -33.40 34.60 65.46
CA ILE F 241 -34.61 35.19 66.07
C ILE F 241 -34.65 34.82 67.56
N ILE F 242 -34.17 33.62 67.87
CA ILE F 242 -34.02 33.18 69.26
C ILE F 242 -32.74 33.80 69.85
N ALA F 243 -31.91 34.39 68.97
CA ALA F 243 -30.81 35.26 69.38
C ALA F 243 -31.32 36.68 69.56
N GLY F 244 -32.45 36.99 68.92
CA GLY F 244 -33.15 38.26 69.11
C GLY F 244 -32.94 39.28 68.00
N THR F 245 -33.38 38.95 66.78
CA THR F 245 -33.26 39.84 65.62
C THR F 245 -34.48 39.75 64.71
N THR F 246 -35.54 40.48 65.06
CA THR F 246 -36.72 40.62 64.18
C THR F 246 -36.44 41.67 63.10
N ASP F 247 -35.34 42.39 63.28
CA ASP F 247 -34.89 43.43 62.34
C ASP F 247 -34.29 42.78 61.09
N VAL F 248 -34.97 42.94 59.95
CA VAL F 248 -34.59 42.30 58.69
C VAL F 248 -33.28 42.82 58.09
N THR F 249 -33.09 44.15 58.11
CA THR F 249 -31.86 44.77 57.58
C THR F 249 -30.64 44.47 58.47
N GLU F 250 -30.90 44.05 59.71
CA GLU F 250 -29.86 43.59 60.62
C GLU F 250 -29.52 42.12 60.37
N LEU F 251 -30.53 41.35 59.96
CA LEU F 251 -30.34 39.96 59.54
C LEU F 251 -29.57 39.88 58.21
N ARG F 252 -30.00 40.70 57.24
CA ARG F 252 -29.37 40.81 55.92
C ARG F 252 -27.91 41.27 55.99
N GLU F 253 -27.59 42.04 57.02
CA GLU F 253 -26.23 42.51 57.23
C GLU F 253 -25.30 41.35 57.61
N LYS F 254 -25.86 40.28 58.18
CA LYS F 254 -25.10 39.12 58.64
C LYS F 254 -25.20 37.88 57.73
N PHE F 255 -26.37 37.67 57.13
CA PHE F 255 -26.64 36.45 56.34
C PHE F 255 -26.54 36.61 54.81
N HIS F 256 -26.74 37.83 54.31
CA HIS F 256 -26.62 38.14 52.88
C HIS F 256 -25.15 38.17 52.44
N LYS F 257 -24.72 39.29 51.87
CA LYS F 257 -23.34 39.52 51.44
C LYS F 257 -22.71 38.33 50.70
N HIS F 258 -23.47 37.75 49.77
CA HIS F 258 -23.02 36.64 48.93
C HIS F 258 -22.00 37.07 47.88
N ALA G 3 11.56 43.58 17.63
CA ALA G 3 13.04 43.68 17.79
C ALA G 3 13.82 42.56 17.04
N LYS G 4 13.48 41.28 17.27
CA LYS G 4 14.21 40.16 16.65
C LYS G 4 13.31 39.21 15.85
N ARG G 5 13.54 39.13 14.55
CA ARG G 5 12.49 38.68 13.61
C ARG G 5 12.55 37.23 13.10
N TYR G 6 11.39 36.70 12.74
CA TYR G 6 11.28 35.31 12.28
C TYR G 6 11.57 35.10 10.79
N THR G 7 12.64 34.38 10.52
CA THR G 7 13.02 34.05 9.13
C THR G 7 12.86 32.56 8.85
N SER G 8 12.31 31.81 9.81
CA SER G 8 12.07 30.37 9.68
C SER G 8 10.88 29.87 10.51
N MET G 9 10.39 28.69 10.14
CA MET G 9 9.28 28.05 10.81
C MET G 9 9.78 27.16 11.96
N ALA G 10 8.99 27.15 13.04
CA ALA G 10 9.28 26.33 14.22
C ALA G 10 8.97 24.86 13.96
N TYR G 11 8.10 24.60 12.97
CA TYR G 11 7.71 23.25 12.57
C TYR G 11 8.12 22.99 11.12
N ALA G 12 8.66 21.81 10.85
CA ALA G 12 9.11 21.44 9.49
C ALA G 12 7.94 21.31 8.50
N ASN G 13 6.75 20.96 8.97
CA ASN G 13 5.53 20.96 8.13
C ASN G 13 4.23 21.09 8.93
N ALA G 14 3.14 21.46 8.24
CA ALA G 14 1.81 21.62 8.86
C ALA G 14 1.36 20.41 9.69
N ASP G 15 1.66 19.21 9.21
CA ASP G 15 1.24 17.98 9.85
C ASP G 15 1.86 17.72 11.22
N GLU G 16 2.93 18.44 11.58
CA GLU G 16 3.54 18.30 12.92
C GLU G 16 2.76 19.10 13.95
N MET G 17 1.90 19.98 13.48
CA MET G 17 1.16 20.82 14.40
C MET G 17 -0.05 20.10 14.97
N THR G 18 -0.40 20.44 16.21
CA THR G 18 -1.57 19.87 16.82
C THR G 18 -1.98 20.65 18.07
N PHE G 19 -3.15 20.34 18.60
CA PHE G 19 -3.69 21.06 19.75
C PHE G 19 -3.09 20.59 21.08
N GLY G 20 -3.01 21.52 22.02
CA GLY G 20 -2.56 21.21 23.38
C GLY G 20 -1.08 20.98 23.53
N VAL G 21 -0.38 20.92 22.38
CA VAL G 21 1.08 20.87 22.33
C VAL G 21 1.65 22.03 21.51
N SER G 22 2.68 22.66 22.04
CA SER G 22 3.51 23.49 21.23
C SER G 22 4.98 23.23 21.55
N LYS G 23 5.85 23.82 20.74
CA LYS G 23 7.28 23.59 20.86
C LYS G 23 7.84 24.21 22.15
N TYR G 24 7.34 25.40 22.51
CA TYR G 24 7.79 26.12 23.71
C TYR G 24 6.66 26.33 24.71
N PRO G 25 6.35 25.31 25.53
CA PRO G 25 5.25 25.45 26.47
C PRO G 25 5.52 26.58 27.45
N VAL G 26 4.46 27.03 28.12
CA VAL G 26 4.54 28.10 29.09
C VAL G 26 4.06 27.55 30.44
N LYS G 27 4.87 27.76 31.48
CA LYS G 27 4.56 27.42 32.85
C LYS G 27 4.14 28.70 33.55
N ALA G 28 3.03 28.64 34.29
CA ALA G 28 2.49 29.87 34.91
C ALA G 28 1.47 29.56 35.99
N GLY G 29 1.19 30.57 36.81
CA GLY G 29 0.12 30.49 37.79
C GLY G 29 0.32 29.39 38.78
N LEU G 30 -0.78 28.75 39.15
CA LEU G 30 -0.78 27.69 40.14
C LEU G 30 -0.66 26.32 39.47
N ASP G 31 0.59 25.90 39.25
CA ASP G 31 0.92 24.56 38.76
C ASP G 31 0.34 24.32 37.36
N LEU G 32 0.15 25.40 36.58
CA LEU G 32 -0.37 25.24 35.23
C LEU G 32 0.76 25.15 34.22
N GLU G 33 0.51 24.41 33.16
CA GLU G 33 1.41 24.33 32.01
C GLU G 33 0.59 24.46 30.71
N ILE G 34 1.03 25.33 29.79
CA ILE G 34 0.29 25.64 28.58
C ILE G 34 1.05 25.17 27.35
N GLY G 35 0.40 24.36 26.51
CA GLY G 35 1.05 23.75 25.32
C GLY G 35 1.89 22.53 25.71
N ALA G 36 1.64 22.03 26.92
CA ALA G 36 2.43 20.96 27.54
C ALA G 36 1.77 19.61 27.43
N GLY G 37 0.94 19.42 26.41
CA GLY G 37 0.32 18.11 26.20
C GLY G 37 -1.13 18.00 26.64
N TYR G 38 -1.74 19.14 26.99
CA TYR G 38 -3.17 19.17 27.26
C TYR G 38 -3.77 20.55 26.99
N THR G 39 -5.01 20.56 26.50
CA THR G 39 -5.72 21.80 26.20
C THR G 39 -6.41 22.28 27.46
N ILE G 40 -6.64 23.58 27.54
CA ILE G 40 -7.11 24.22 28.76
C ILE G 40 -8.27 25.17 28.44
N PRO G 41 -9.40 25.09 29.19
CA PRO G 41 -10.40 26.10 28.95
C PRO G 41 -9.96 27.47 29.50
N GLU G 42 -10.24 28.53 28.73
CA GLU G 42 -10.04 29.90 29.16
C GLU G 42 -11.38 30.66 29.18
N ILE G 43 -11.90 30.89 30.39
CA ILE G 43 -13.19 31.55 30.55
C ILE G 43 -13.07 33.07 30.65
N ASN G 44 -13.81 33.75 29.77
CA ASN G 44 -13.99 35.21 29.80
C ASN G 44 -15.39 35.60 30.27
N TYR G 45 -15.52 36.89 30.63
CA TYR G 45 -16.75 37.44 31.21
C TYR G 45 -16.70 38.96 31.22
N ALA G 46 -17.88 39.57 31.15
CA ALA G 46 -18.04 41.02 31.34
C ALA G 46 -19.00 41.27 32.50
N PRO G 47 -18.60 42.11 33.47
CA PRO G 47 -19.51 42.44 34.57
C PRO G 47 -20.70 43.28 34.10
N ARG G 48 -21.76 43.31 34.91
CA ARG G 48 -22.96 44.07 34.60
C ARG G 48 -22.72 45.58 34.70
N PRO G 49 -23.49 46.38 33.93
CA PRO G 49 -23.29 47.85 33.95
C PRO G 49 -23.30 48.43 35.36
N GLU G 50 -24.25 47.99 36.21
CA GLU G 50 -24.34 48.37 37.64
C GLU G 50 -22.99 48.38 38.32
N ALA G 51 -22.44 47.18 38.52
CA ALA G 51 -21.16 47.00 39.23
C ALA G 51 -20.02 47.89 38.70
N GLY G 52 -20.22 48.51 37.54
CA GLY G 52 -19.27 49.46 36.96
C GLY G 52 -19.08 50.70 37.81
N ALA G 53 -20.04 50.96 38.70
CA ALA G 53 -20.07 52.13 39.59
C ALA G 53 -18.77 52.32 40.42
N SER G 54 -18.70 51.61 41.55
CA SER G 54 -17.58 51.76 42.48
C SER G 54 -16.59 50.60 42.41
N LYS G 55 -15.30 50.94 42.57
CA LYS G 55 -14.20 49.97 42.61
C LYS G 55 -14.58 48.80 43.52
N GLU G 56 -15.11 49.12 44.70
CA GLU G 56 -15.65 48.13 45.64
C GLU G 56 -16.64 47.16 44.96
N LYS G 57 -17.57 47.72 44.18
CA LYS G 57 -18.66 46.95 43.54
C LYS G 57 -18.19 46.05 42.40
N LEU G 58 -17.15 46.50 41.69
CA LEU G 58 -16.53 45.76 40.61
C LEU G 58 -15.76 44.58 41.17
N ILE G 59 -15.03 44.79 42.26
CA ILE G 59 -14.31 43.71 42.95
C ILE G 59 -15.28 42.60 43.38
N LYS G 60 -16.36 42.96 44.07
CA LYS G 60 -17.38 42.01 44.50
C LYS G 60 -18.00 41.22 43.32
N GLU G 61 -18.22 41.88 42.19
CA GLU G 61 -18.73 41.23 40.99
C GLU G 61 -17.75 40.16 40.55
N TYR G 62 -16.48 40.54 40.35
CA TYR G 62 -15.45 39.60 39.91
C TYR G 62 -15.23 38.45 40.88
N GLU G 63 -15.41 38.67 42.18
CA GLU G 63 -15.28 37.61 43.18
C GLU G 63 -16.31 36.53 42.92
N ARG G 64 -17.55 36.96 42.63
CA ARG G 64 -18.65 36.04 42.31
C ARG G 64 -18.40 35.25 41.02
N ILE G 65 -17.91 35.93 39.99
CA ILE G 65 -17.50 35.28 38.75
C ILE G 65 -16.45 34.22 39.08
N THR G 66 -15.37 34.65 39.72
CA THR G 66 -14.25 33.78 40.03
C THR G 66 -14.71 32.61 40.88
N THR G 67 -15.48 32.89 41.92
CA THR G 67 -16.00 31.84 42.79
C THR G 67 -16.83 30.86 41.98
N ASP G 68 -17.72 31.39 41.14
CA ASP G 68 -18.64 30.55 40.40
C ASP G 68 -17.91 29.60 39.47
N VAL G 69 -16.86 30.09 38.82
CA VAL G 69 -16.08 29.29 37.88
C VAL G 69 -15.40 28.14 38.60
N MET G 70 -14.54 28.50 39.56
CA MET G 70 -13.79 27.52 40.33
C MET G 70 -14.71 26.42 40.89
N GLU G 71 -15.87 26.80 41.43
CA GLU G 71 -16.81 25.82 41.99
C GLU G 71 -17.31 24.84 40.93
N ARG G 72 -17.69 25.38 39.77
CA ARG G 72 -18.18 24.57 38.68
C ARG G 72 -17.13 23.55 38.23
N MET G 73 -15.89 24.00 38.09
CA MET G 73 -14.81 23.10 37.64
C MET G 73 -14.61 21.93 38.59
N VAL G 74 -14.52 22.20 39.89
CA VAL G 74 -14.33 21.11 40.83
C VAL G 74 -15.58 20.20 40.97
N GLN G 75 -16.78 20.76 40.76
CA GLN G 75 -18.02 19.94 40.69
C GLN G 75 -18.14 18.99 39.48
N VAL G 76 -17.38 19.25 38.41
CA VAL G 76 -17.51 18.41 37.23
C VAL G 76 -16.20 17.67 36.91
N GLY G 77 -15.19 17.87 37.75
CA GLY G 77 -13.98 17.06 37.69
C GLY G 77 -12.96 17.51 36.69
N PHE G 78 -13.02 18.77 36.27
CA PHE G 78 -12.03 19.24 35.32
C PHE G 78 -10.76 19.59 36.10
N PRO G 79 -9.58 19.30 35.55
CA PRO G 79 -8.35 19.54 36.28
C PRO G 79 -7.68 20.88 36.06
N ALA G 80 -8.19 21.72 35.17
CA ALA G 80 -7.44 22.93 34.80
C ALA G 80 -8.31 23.99 34.21
N ILE G 81 -7.99 25.24 34.51
CA ILE G 81 -8.83 26.34 34.06
C ILE G 81 -8.09 27.65 34.08
N ILE G 82 -8.32 28.44 33.05
CA ILE G 82 -7.77 29.80 33.01
C ILE G 82 -8.87 30.81 32.99
N LEU G 83 -8.71 31.83 33.84
CA LEU G 83 -9.61 32.97 33.87
C LEU G 83 -9.00 34.18 33.17
N GLU G 84 -9.72 34.71 32.19
CA GLU G 84 -9.32 35.97 31.59
C GLU G 84 -10.24 37.09 32.07
N THR G 85 -9.62 38.17 32.54
CA THR G 85 -10.31 39.39 32.89
C THR G 85 -9.93 40.46 31.85
N GLU G 86 -10.85 40.72 30.91
CA GLU G 86 -10.69 41.87 30.03
C GLU G 86 -11.11 43.09 30.82
N HIS G 87 -10.19 44.05 30.92
CA HIS G 87 -10.44 45.26 31.69
C HIS G 87 -11.58 46.06 31.09
N VAL G 88 -12.50 46.49 31.94
CA VAL G 88 -13.35 47.61 31.57
C VAL G 88 -12.43 48.85 31.61
N GLN G 89 -12.73 49.86 30.79
CA GLN G 89 -11.80 50.98 30.58
C GLN G 89 -11.35 51.68 31.86
N GLN G 90 -12.21 51.68 32.88
CA GLN G 90 -11.85 52.32 34.15
C GLN G 90 -10.94 51.43 35.01
N MET G 91 -10.69 50.20 34.56
CA MET G 91 -9.75 49.31 35.24
C MET G 91 -8.32 49.50 34.71
N SER G 92 -8.19 50.03 33.50
CA SER G 92 -6.90 50.44 32.95
C SER G 92 -6.61 51.94 33.22
N ASN G 93 -7.63 52.79 33.12
CA ASN G 93 -7.46 54.21 33.44
C ASN G 93 -7.11 54.47 34.89
N ASN G 94 -7.45 53.51 35.75
CA ASN G 94 -7.11 53.53 37.17
C ASN G 94 -6.37 52.25 37.49
N PRO G 95 -5.04 52.24 37.32
CA PRO G 95 -4.26 51.02 37.46
C PRO G 95 -4.60 50.23 38.73
N SER G 96 -4.78 50.92 39.85
CA SER G 96 -5.01 50.27 41.14
C SER G 96 -6.28 49.44 41.13
N TRP G 97 -7.26 49.89 40.35
CA TRP G 97 -8.52 49.16 40.12
C TRP G 97 -8.18 47.80 39.46
N GLY G 98 -7.48 47.86 38.32
CA GLY G 98 -6.97 46.66 37.66
C GLY G 98 -6.31 45.69 38.63
N ALA G 99 -5.39 46.21 39.44
CA ALA G 99 -4.61 45.42 40.41
C ALA G 99 -5.43 44.77 41.54
N GLU G 100 -6.31 45.54 42.15
CA GLU G 100 -7.04 45.03 43.31
C GLU G 100 -8.10 43.99 42.91
N VAL G 101 -8.54 44.06 41.67
CA VAL G 101 -9.40 43.02 41.10
C VAL G 101 -8.60 41.73 40.85
N ALA G 102 -7.37 41.88 40.38
CA ALA G 102 -6.53 40.73 40.14
C ALA G 102 -6.22 40.02 41.45
N HIS G 103 -5.96 40.81 42.50
CA HIS G 103 -5.64 40.28 43.82
C HIS G 103 -6.83 39.56 44.40
N ALA G 104 -8.01 40.10 44.16
CA ALA G 104 -9.22 39.51 44.69
C ALA G 104 -9.55 38.22 43.91
N GLN G 105 -9.32 38.22 42.60
CA GLN G 105 -9.46 36.98 41.83
C GLN G 105 -8.42 35.95 42.29
N LYS G 106 -7.14 36.28 42.16
CA LYS G 106 -6.10 35.35 42.63
C LYS G 106 -6.38 34.71 44.00
N THR G 107 -6.84 35.51 44.98
CA THR G 107 -7.08 35.00 46.34
C THR G 107 -8.07 33.83 46.35
N ILE G 108 -9.11 33.91 45.51
CA ILE G 108 -10.10 32.82 45.41
C ILE G 108 -9.52 31.57 44.74
N MET G 109 -8.75 31.80 43.68
CA MET G 109 -8.09 30.74 42.94
C MET G 109 -7.11 29.96 43.80
N GLU G 110 -6.39 30.65 44.69
CA GLU G 110 -5.47 29.99 45.59
C GLU G 110 -6.16 29.10 46.62
N LYS G 111 -7.29 29.57 47.16
CA LYS G 111 -8.06 28.78 48.10
C LYS G 111 -8.50 27.48 47.46
N TYR G 112 -8.91 27.53 46.18
CA TYR G 112 -9.35 26.33 45.47
C TYR G 112 -8.20 25.40 45.15
N HIS G 113 -7.08 25.98 44.74
CA HIS G 113 -5.89 25.22 44.41
C HIS G 113 -5.41 24.42 45.62
N ASP G 114 -5.15 25.12 46.73
CA ASP G 114 -4.74 24.49 48.00
C ASP G 114 -5.71 23.41 48.52
N GLU G 115 -7.00 23.55 48.22
CA GLU G 115 -8.01 22.58 48.61
C GLU G 115 -8.11 21.36 47.67
N TYR G 116 -8.09 21.62 46.37
CA TYR G 116 -8.43 20.60 45.37
C TYR G 116 -7.28 20.13 44.51
N GLY G 117 -6.28 20.98 44.30
CA GLY G 117 -5.19 20.69 43.39
C GLY G 117 -5.55 20.99 41.95
N ILE G 118 -6.67 21.71 41.73
CA ILE G 118 -7.02 22.17 40.39
C ILE G 118 -5.97 23.18 39.89
N LYS G 119 -5.50 22.99 38.66
CA LYS G 119 -4.47 23.84 38.08
C LYS G 119 -5.16 25.03 37.45
N CYS G 120 -4.60 26.21 37.67
CA CYS G 120 -5.22 27.41 37.11
C CYS G 120 -4.24 28.56 36.97
N ALA G 121 -4.64 29.54 36.14
CA ALA G 121 -3.91 30.80 36.02
C ALA G 121 -4.83 31.94 35.60
N LEU G 122 -4.36 33.16 35.85
CA LEU G 122 -5.19 34.31 35.63
C LEU G 122 -4.53 35.17 34.60
N ARG G 123 -5.28 35.50 33.57
CA ARG G 123 -4.85 36.47 32.62
C ARG G 123 -5.63 37.75 32.84
N HIS G 124 -4.91 38.86 32.83
CA HIS G 124 -5.51 40.18 32.74
C HIS G 124 -5.19 40.76 31.39
N THR G 125 -6.23 41.20 30.69
CA THR G 125 -6.04 41.83 29.41
C THR G 125 -6.33 43.32 29.52
N ILE G 126 -5.25 44.09 29.66
CA ILE G 126 -5.32 45.54 29.83
C ILE G 126 -5.96 46.19 28.59
N GLY G 127 -6.79 47.22 28.83
CA GLY G 127 -7.46 47.94 27.75
C GLY G 127 -6.52 48.95 27.13
N ASP G 128 -6.55 49.08 25.81
CA ASP G 128 -5.73 50.08 25.13
C ASP G 128 -6.35 51.47 25.28
N ILE G 129 -5.99 52.14 26.37
CA ILE G 129 -6.54 53.44 26.71
C ILE G 129 -5.85 54.65 26.04
N ARG G 130 -4.84 54.40 25.20
CA ARG G 130 -4.03 55.47 24.59
C ARG G 130 -4.83 56.20 23.49
N GLU G 131 -5.92 56.86 23.89
CA GLU G 131 -6.85 57.49 22.96
C GLU G 131 -7.73 58.51 23.69
N ASN G 132 -8.04 59.63 23.02
CA ASN G 132 -9.09 60.53 23.52
C ASN G 132 -10.28 60.56 22.56
N ARG G 133 -11.25 61.42 22.85
CA ARG G 133 -12.46 61.58 22.06
C ARG G 133 -12.18 61.77 20.56
N GLU G 134 -11.17 62.57 20.21
CA GLU G 134 -10.91 62.88 18.81
C GLU G 134 -9.98 61.91 18.10
N PHE G 135 -8.77 61.72 18.61
CA PHE G 135 -7.80 60.84 17.92
C PHE G 135 -6.98 59.90 18.81
N LEU G 136 -6.13 59.08 18.19
CA LEU G 136 -5.26 58.16 18.91
C LEU G 136 -4.05 58.87 19.55
N GLN G 137 -3.71 58.46 20.77
CA GLN G 137 -2.59 59.05 21.50
C GLN G 137 -1.57 57.99 21.88
N LEU G 138 -1.09 57.27 20.87
CA LEU G 138 -0.34 56.01 21.05
C LEU G 138 0.97 56.16 21.84
N ARG G 139 1.59 57.35 21.75
CA ARG G 139 2.83 57.67 22.46
C ARG G 139 2.66 58.81 23.45
N GLY G 140 1.40 59.15 23.74
CA GLY G 140 1.05 60.28 24.62
C GLY G 140 1.16 60.08 26.13
N ASP G 141 0.37 60.87 26.86
CA ASP G 141 0.35 60.86 28.31
C ASP G 141 -0.21 59.58 28.87
N LYS G 142 -1.17 59.02 28.15
CA LYS G 142 -1.82 57.80 28.59
C LYS G 142 -0.98 56.56 28.32
N TYR G 143 0.21 56.76 27.74
CA TYR G 143 1.15 55.67 27.48
C TYR G 143 1.75 55.18 28.78
N SER G 144 2.06 56.10 29.68
CA SER G 144 2.63 55.73 30.97
C SER G 144 1.59 54.97 31.80
N VAL G 145 0.34 55.42 31.78
CA VAL G 145 -0.72 54.78 32.57
C VAL G 145 -1.00 53.34 32.07
N PHE G 146 -1.07 53.22 30.74
CA PHE G 146 -1.09 51.96 30.04
C PHE G 146 -0.12 50.96 30.67
N LEU G 147 1.14 51.38 30.80
CA LEU G 147 2.22 50.54 31.35
C LEU G 147 2.04 50.26 32.82
N GLU G 148 1.57 51.25 33.57
CA GLU G 148 1.32 51.06 34.98
C GLU G 148 0.29 49.98 35.18
N ALA G 149 -0.74 49.98 34.34
CA ALA G 149 -1.76 48.92 34.37
C ALA G 149 -1.13 47.51 34.31
N PHE G 150 -0.31 47.25 33.29
CA PHE G 150 0.43 46.01 33.24
C PHE G 150 1.22 45.78 34.53
N GLU G 151 2.10 46.71 34.92
CA GLU G 151 2.94 46.45 36.11
C GLU G 151 2.15 46.24 37.40
N GLN G 152 1.12 47.04 37.59
CA GLN G 152 0.28 46.92 38.76
C GLN G 152 -0.45 45.58 38.88
N CYS G 153 -1.02 45.11 37.77
CA CYS G 153 -1.70 43.81 37.72
C CYS G 153 -0.70 42.69 37.90
N ALA G 154 0.44 42.79 37.21
CA ALA G 154 1.48 41.76 37.30
C ALA G 154 2.01 41.63 38.72
N GLU G 155 2.03 42.73 39.46
CA GLU G 155 2.47 42.72 40.87
C GLU G 155 1.44 42.12 41.83
N ASN G 156 0.17 42.07 41.42
CA ASN G 156 -0.91 41.67 42.32
C ASN G 156 -1.78 40.46 41.88
N GLY G 157 -1.23 39.57 41.07
CA GLY G 157 -1.90 38.29 40.83
C GLY G 157 -2.20 37.83 39.41
N ALA G 158 -2.04 38.71 38.43
CA ALA G 158 -2.24 38.29 37.05
C ALA G 158 -1.04 37.48 36.59
N ASP G 159 -1.28 36.30 36.02
CA ASP G 159 -0.16 35.46 35.61
C ASP G 159 0.26 35.74 34.17
N LEU G 160 -0.73 36.07 33.34
CA LEU G 160 -0.53 36.32 31.93
C LEU G 160 -0.98 37.72 31.59
N LEU G 161 -0.29 38.35 30.65
CA LEU G 161 -0.53 39.77 30.36
C LEU G 161 -0.80 39.96 28.88
N SER G 162 -1.95 40.56 28.57
CA SER G 162 -2.36 40.76 27.18
C SER G 162 -3.01 42.12 27.00
N VAL G 163 -3.17 42.49 25.73
CA VAL G 163 -3.88 43.71 25.32
C VAL G 163 -4.35 43.50 23.89
N GLU G 164 -5.50 44.08 23.55
CA GLU G 164 -5.96 44.21 22.17
C GLU G 164 -5.68 45.63 21.70
N SER G 165 -4.58 45.80 20.97
CA SER G 165 -3.98 47.11 20.73
C SER G 165 -4.43 47.77 19.40
N MET G 166 -4.20 49.07 19.27
CA MET G 166 -4.91 49.87 18.25
C MET G 166 -4.11 50.45 17.08
N GLY G 167 -2.81 50.15 16.99
CA GLY G 167 -1.99 50.64 15.89
C GLY G 167 -2.63 50.40 14.54
N GLY G 168 -2.76 51.47 13.75
CA GLY G 168 -3.34 51.38 12.40
C GLY G 168 -4.86 51.34 12.39
N LYS G 169 -5.47 51.52 13.56
CA LYS G 169 -6.92 51.45 13.72
C LYS G 169 -7.61 52.49 12.87
N GLU G 170 -7.13 53.73 12.98
CA GLU G 170 -7.77 54.85 12.32
C GLU G 170 -7.74 54.71 10.81
N VAL G 171 -6.60 54.28 10.25
CA VAL G 171 -6.46 54.18 8.80
C VAL G 171 -7.22 52.96 8.28
N PHE G 172 -7.21 51.90 9.08
CA PHE G 172 -7.98 50.70 8.79
C PHE G 172 -9.48 51.03 8.66
N ASP G 173 -10.02 51.70 9.68
CA ASP G 173 -11.44 52.05 9.72
C ASP G 173 -11.91 52.77 8.45
N TYR G 174 -11.06 53.67 7.93
CA TYR G 174 -11.34 54.37 6.68
C TYR G 174 -11.29 53.44 5.47
N ALA G 175 -10.23 52.63 5.39
CA ALA G 175 -9.93 51.79 4.22
C ALA G 175 -10.88 50.60 4.04
N VAL G 176 -11.32 50.03 5.16
CA VAL G 176 -12.06 48.76 5.15
C VAL G 176 -13.44 48.92 4.52
N LEU G 177 -13.98 50.13 4.67
CA LEU G 177 -15.26 50.53 4.13
C LEU G 177 -15.16 50.92 2.66
N ARG G 178 -13.94 50.95 2.13
CA ARG G 178 -13.71 51.44 0.77
C ARG G 178 -12.92 50.47 -0.09
N ASN G 179 -12.76 49.24 0.40
CA ASN G 179 -11.99 48.23 -0.30
C ASN G 179 -10.59 48.73 -0.66
N ASP G 180 -10.07 49.63 0.16
CA ASP G 180 -8.72 50.15 -0.02
C ASP G 180 -7.72 49.09 0.46
N ILE G 181 -7.52 48.07 -0.37
CA ILE G 181 -6.67 46.94 -0.04
C ILE G 181 -5.29 47.42 0.37
N PRO G 182 -4.69 48.34 -0.42
CA PRO G 182 -3.38 48.85 0.00
C PRO G 182 -3.40 49.52 1.38
N GLY G 183 -4.51 50.19 1.69
CA GLY G 183 -4.76 50.78 3.01
C GLY G 183 -4.88 49.72 4.09
N LEU G 184 -5.56 48.61 3.75
CA LEU G 184 -5.57 47.45 4.62
C LEU G 184 -4.13 47.08 4.94
N LEU G 185 -3.27 47.06 3.90
CA LEU G 185 -1.87 46.65 4.00
C LEU G 185 -1.03 47.62 4.85
N TYR G 186 -1.24 48.92 4.66
CA TYR G 186 -0.45 49.92 5.37
C TYR G 186 -0.85 49.97 6.84
N SER G 187 -2.16 50.01 7.09
CA SER G 187 -2.72 50.14 8.43
C SER G 187 -2.39 48.92 9.29
N ILE G 188 -2.72 47.74 8.78
CA ILE G 188 -2.48 46.53 9.54
C ILE G 188 -0.98 46.19 9.62
N GLY G 189 -0.41 45.81 8.48
CA GLY G 189 0.95 45.29 8.42
C GLY G 189 2.06 46.26 8.75
N CYS G 190 1.86 47.54 8.49
CA CYS G 190 2.92 48.53 8.67
C CYS G 190 2.75 49.31 9.95
N LEU G 191 1.74 50.18 9.99
CA LEU G 191 1.46 50.97 11.17
C LEU G 191 1.36 50.00 12.34
N GLY G 192 0.45 49.04 12.24
CA GLY G 192 0.24 48.03 13.29
C GLY G 192 1.55 47.45 13.79
N SER G 193 2.32 46.87 12.87
CA SER G 193 3.66 46.36 13.18
C SER G 193 4.48 47.33 14.02
N ILE G 194 4.51 48.61 13.63
CA ILE G 194 5.38 49.58 14.30
C ILE G 194 4.94 49.75 15.75
N ASP G 195 3.65 50.05 15.94
CA ASP G 195 3.07 50.20 17.28
C ASP G 195 3.27 48.91 18.08
N MET G 196 3.05 47.77 17.42
CA MET G 196 3.20 46.48 18.09
C MET G 196 4.59 46.32 18.72
N GLU G 197 5.61 46.73 17.97
CA GLU G 197 6.97 46.60 18.41
C GLU G 197 7.27 47.50 19.64
N LEU G 198 6.76 48.72 19.60
CA LEU G 198 6.87 49.65 20.70
C LEU G 198 6.34 49.01 21.98
N ILE G 199 5.04 48.70 21.95
CA ILE G 199 4.31 48.32 23.16
C ILE G 199 4.78 46.97 23.73
N TRP G 200 5.07 46.02 22.86
CA TRP G 200 5.48 44.69 23.32
C TRP G 200 6.93 44.58 23.76
N THR G 201 7.80 45.49 23.31
CA THR G 201 9.13 45.64 23.91
C THR G 201 8.98 46.04 25.39
N ASP G 202 8.02 46.92 25.70
CA ASP G 202 7.84 47.39 27.09
C ASP G 202 7.06 46.43 27.98
N ILE G 203 5.95 45.88 27.46
CA ILE G 203 5.16 44.87 28.20
C ILE G 203 6.00 43.64 28.58
N SER G 204 6.75 43.11 27.61
CA SER G 204 7.75 42.06 27.88
C SER G 204 8.67 42.41 29.05
N LYS G 205 9.29 43.58 28.98
CA LYS G 205 10.19 44.07 30.02
C LYS G 205 9.53 44.03 31.40
N ILE G 206 8.27 44.46 31.48
CA ILE G 206 7.48 44.41 32.70
C ILE G 206 7.25 42.98 33.20
N ALA G 207 6.83 42.07 32.30
CA ALA G 207 6.67 40.64 32.60
C ALA G 207 7.95 40.04 33.18
N LYS G 208 9.07 40.31 32.50
CA LYS G 208 10.37 39.84 32.97
C LYS G 208 10.68 40.40 34.34
N LYS G 209 10.42 41.69 34.56
CA LYS G 209 10.70 42.34 35.83
C LYS G 209 9.85 41.76 36.99
N THR G 210 8.61 41.40 36.66
CA THR G 210 7.63 40.96 37.67
C THR G 210 7.55 39.45 37.84
N GLY G 211 8.27 38.71 37.00
CA GLY G 211 8.28 37.23 37.03
C GLY G 211 6.99 36.61 36.52
N THR G 212 6.35 37.28 35.56
CA THR G 212 5.08 36.84 34.99
C THR G 212 5.21 36.67 33.48
N ILE G 213 4.10 36.44 32.78
CA ILE G 213 4.18 36.06 31.38
C ILE G 213 3.62 37.04 30.35
N SER G 214 4.53 37.51 29.49
CA SER G 214 4.20 38.33 28.35
C SER G 214 3.52 37.42 27.35
N ALA G 215 2.19 37.47 27.32
CA ALA G 215 1.39 36.47 26.61
C ALA G 215 1.17 36.77 25.14
N GLY G 216 0.66 37.96 24.80
CA GLY G 216 0.42 38.25 23.39
C GLY G 216 -0.78 39.12 23.09
N ASP G 217 -0.92 39.50 21.81
CA ASP G 217 -1.87 40.50 21.33
C ASP G 217 -3.02 39.88 20.48
N THR G 218 -3.68 40.72 19.68
CA THR G 218 -4.77 40.30 18.80
C THR G 218 -4.99 41.39 17.80
N ASP G 219 -5.30 41.04 16.56
CA ASP G 219 -5.69 42.06 15.58
C ASP G 219 -7.16 42.48 15.67
N CYS G 220 -7.75 42.33 16.85
CA CYS G 220 -9.20 42.56 17.06
C CYS G 220 -9.76 43.87 16.49
N ALA G 221 -8.93 44.92 16.52
CA ALA G 221 -9.34 46.26 16.12
C ALA G 221 -9.32 46.42 14.61
N GLN G 222 -8.71 45.45 13.93
CA GLN G 222 -8.65 45.46 12.48
C GLN G 222 -9.30 44.21 11.85
N ALA G 223 -8.64 43.07 11.92
CA ALA G 223 -9.16 41.85 11.29
C ALA G 223 -10.52 41.37 11.83
N ASN G 224 -10.74 41.47 13.13
CA ASN G 224 -12.03 41.07 13.69
C ASN G 224 -13.14 42.00 13.25
N THR G 225 -12.84 43.30 13.26
CA THR G 225 -13.76 44.32 12.75
C THR G 225 -14.14 43.99 11.32
N ALA G 226 -13.15 43.72 10.49
CA ALA G 226 -13.41 43.27 9.13
C ALA G 226 -14.38 42.06 9.08
N MET G 227 -14.12 41.05 9.90
CA MET G 227 -14.97 39.83 9.95
C MET G 227 -16.43 40.15 10.33
N PHE G 228 -16.60 41.12 11.22
CA PHE G 228 -17.92 41.51 11.69
C PHE G 228 -18.71 42.28 10.64
N ILE G 229 -18.07 43.27 10.01
CA ILE G 229 -18.64 43.97 8.86
C ILE G 229 -19.01 42.97 7.77
N GLY G 230 -18.18 41.94 7.59
CA GLY G 230 -18.49 40.82 6.70
C GLY G 230 -19.71 40.04 7.19
N GLY G 231 -19.83 39.90 8.51
CA GLY G 231 -20.98 39.26 9.15
C GLY G 231 -21.23 37.86 8.63
N GLY G 232 -22.48 37.43 8.63
CA GLY G 232 -22.81 36.09 8.14
C GLY G 232 -22.68 35.90 6.63
N LEU G 233 -23.01 34.70 6.17
CA LEU G 233 -22.96 34.34 4.76
C LEU G 233 -23.86 35.18 3.86
N LEU G 234 -24.95 35.70 4.41
CA LEU G 234 -25.93 36.42 3.60
C LEU G 234 -25.71 37.94 3.63
N ASN G 235 -24.78 38.39 4.47
CA ASN G 235 -24.51 39.83 4.57
C ASN G 235 -24.06 40.44 3.24
N LYS G 236 -24.04 41.76 3.19
CA LYS G 236 -23.66 42.49 1.98
C LYS G 236 -22.91 43.75 2.35
N ASN G 237 -21.96 43.62 3.27
CA ASN G 237 -21.27 44.78 3.86
C ASN G 237 -19.75 44.76 3.75
N LEU G 238 -19.19 43.56 3.59
CA LEU G 238 -17.82 43.38 3.19
C LEU G 238 -17.74 42.01 2.54
N ALA G 239 -17.09 41.94 1.40
CA ALA G 239 -16.86 40.67 0.73
C ALA G 239 -16.00 39.84 1.66
N HIS G 240 -16.45 38.62 1.92
CA HIS G 240 -15.73 37.71 2.79
C HIS G 240 -14.34 37.41 2.25
N THR G 241 -14.20 37.48 0.92
CA THR G 241 -12.90 37.31 0.26
C THR G 241 -11.97 38.49 0.49
N ILE G 242 -12.51 39.62 0.96
CA ILE G 242 -11.66 40.74 1.36
C ILE G 242 -11.31 40.65 2.83
N ALA G 243 -12.29 40.28 3.65
CA ALA G 243 -12.07 40.02 5.06
C ALA G 243 -10.88 39.08 5.27
N VAL G 244 -10.83 38.00 4.51
CA VAL G 244 -9.78 36.98 4.65
C VAL G 244 -8.41 37.59 4.38
N ILE G 245 -8.32 38.44 3.36
CA ILE G 245 -7.07 39.16 3.05
C ILE G 245 -6.59 39.98 4.26
N ALA G 246 -7.50 40.70 4.90
CA ALA G 246 -7.18 41.39 6.15
C ALA G 246 -6.57 40.41 7.18
N ARG G 247 -7.21 39.26 7.39
CA ARG G 247 -6.68 38.26 8.34
C ARG G 247 -5.26 37.84 8.00
N ALA G 248 -5.01 37.51 6.73
CA ALA G 248 -3.65 37.13 6.30
C ALA G 248 -2.65 38.21 6.69
N ILE G 249 -3.01 39.47 6.47
CA ILE G 249 -2.13 40.59 6.78
C ILE G 249 -1.94 40.74 8.29
N SER G 250 -2.97 40.36 9.04
CA SER G 250 -2.95 40.46 10.50
C SER G 250 -1.91 39.57 11.14
N ALA G 251 -1.50 38.50 10.44
CA ALA G 251 -0.62 37.52 11.07
C ALA G 251 0.80 38.05 11.36
N PRO G 252 1.48 38.69 10.37
CA PRO G 252 2.80 39.29 10.64
C PRO G 252 2.73 40.46 11.63
N ARG G 253 1.61 41.21 11.61
CA ARG G 253 1.35 42.25 12.63
C ARG G 253 1.38 41.62 14.03
N SER G 254 0.55 40.59 14.26
CA SER G 254 0.48 39.98 15.58
C SER G 254 1.76 39.21 15.90
N LEU G 255 2.42 38.70 14.85
CA LEU G 255 3.71 38.04 14.99
C LEU G 255 4.67 38.89 15.82
N VAL G 256 4.52 40.20 15.74
CA VAL G 256 5.48 41.13 16.35
C VAL G 256 5.58 41.03 17.88
N ALA G 257 4.46 40.71 18.52
CA ALA G 257 4.43 40.56 19.97
C ALA G 257 5.52 39.60 20.37
N TYR G 258 5.63 38.51 19.63
CA TYR G 258 6.51 37.43 20.02
C TYR G 258 7.97 37.77 19.62
N GLU G 259 8.11 38.44 18.45
CA GLU G 259 9.39 39.03 18.03
C GLU G 259 9.90 40.00 19.08
N ALA G 260 8.98 40.68 19.76
CA ALA G 260 9.38 41.63 20.79
C ALA G 260 9.43 41.05 22.20
N GLY G 261 9.26 39.72 22.34
CA GLY G 261 9.46 39.07 23.64
C GLY G 261 8.29 38.34 24.28
N ALA G 262 7.12 38.36 23.64
CA ALA G 262 5.98 37.58 24.10
C ALA G 262 6.18 36.08 23.88
N VAL G 263 5.69 35.28 24.82
CA VAL G 263 5.90 33.83 24.74
C VAL G 263 4.63 33.00 24.51
N GLY G 264 3.46 33.60 24.66
CA GLY G 264 2.18 32.89 24.53
C GLY G 264 1.58 32.70 25.91
N PRO G 265 0.34 32.21 25.99
CA PRO G 265 -0.57 31.97 24.88
C PRO G 265 -1.16 33.27 24.34
N GLY G 266 -1.33 33.34 23.02
CA GLY G 266 -1.92 34.50 22.38
C GLY G 266 -3.39 34.62 22.70
N LYS G 267 -3.91 35.83 22.57
CA LYS G 267 -5.28 36.12 22.91
C LYS G 267 -6.25 35.38 22.02
N ASP G 268 -7.34 34.91 22.63
CA ASP G 268 -8.37 34.14 21.96
C ASP G 268 -8.95 34.72 20.65
N CYS G 269 -9.12 36.04 20.57
CA CYS G 269 -9.77 36.62 19.38
C CYS G 269 -8.82 36.77 18.20
N GLY G 270 -7.57 36.34 18.40
CA GLY G 270 -6.56 36.31 17.34
C GLY G 270 -6.72 35.07 16.47
N TYR G 271 -7.72 35.07 15.60
CA TYR G 271 -7.92 33.93 14.68
C TYR G 271 -6.66 33.66 13.87
N GLU G 272 -5.86 34.70 13.64
CA GLU G 272 -4.60 34.55 12.94
C GLU G 272 -3.55 33.75 13.74
N ASN G 273 -3.84 33.50 15.02
CA ASN G 273 -2.92 32.72 15.88
C ASN G 273 -2.45 31.38 15.30
N ILE G 274 -3.29 30.74 14.48
CA ILE G 274 -2.90 29.50 13.84
C ILE G 274 -1.65 29.73 12.96
N ILE G 275 -1.65 30.85 12.24
CA ILE G 275 -0.47 31.27 11.48
C ILE G 275 0.72 31.61 12.39
N VAL G 276 0.47 32.34 13.48
CA VAL G 276 1.59 32.71 14.37
C VAL G 276 2.26 31.48 15.00
N LYS G 277 1.45 30.50 15.38
CA LYS G 277 1.96 29.27 15.99
C LYS G 277 2.84 28.51 15.02
N ALA G 278 2.36 28.40 13.79
CA ALA G 278 3.09 27.70 12.75
C ALA G 278 4.50 28.25 12.60
N ILE G 279 4.62 29.58 12.76
CA ILE G 279 5.90 30.29 12.71
C ILE G 279 6.69 30.21 14.03
N THR G 280 6.04 30.45 15.16
CA THR G 280 6.77 30.60 16.43
C THR G 280 6.94 29.30 17.23
N GLY G 281 5.95 28.41 17.14
CA GLY G 281 5.90 27.19 17.96
C GLY G 281 5.46 27.47 19.39
N MET G 282 4.81 28.62 19.58
CA MET G 282 4.37 29.05 20.91
C MET G 282 2.88 28.76 21.05
N PRO G 283 2.38 28.58 22.30
CA PRO G 283 0.99 28.17 22.48
C PRO G 283 0.02 29.31 22.14
N MET G 284 -1.20 28.99 21.72
CA MET G 284 -2.21 30.02 21.43
C MET G 284 -3.64 29.67 21.93
N THR G 285 -4.37 30.65 22.48
CA THR G 285 -5.78 30.45 22.82
C THR G 285 -6.58 30.74 21.57
N MET G 286 -7.68 30.01 21.35
CA MET G 286 -8.55 30.26 20.19
C MET G 286 -9.99 30.33 20.62
N GLU G 287 -10.86 30.76 19.71
CA GLU G 287 -12.29 30.79 19.99
C GLU G 287 -13.11 30.45 18.74
N GLY G 288 -14.18 29.68 18.92
CA GLY G 288 -15.07 29.31 17.83
C GLY G 288 -16.49 29.00 18.27
N LYS G 289 -16.87 27.73 18.15
CA LYS G 289 -18.25 27.28 18.37
C LYS G 289 -18.74 27.58 19.78
N THR G 290 -17.82 27.58 20.74
CA THR G 290 -18.17 27.85 22.13
C THR G 290 -17.89 29.31 22.53
N SER G 291 -17.77 30.21 21.55
CA SER G 291 -17.78 31.65 21.85
C SER G 291 -19.00 32.37 21.24
N THR G 292 -20.10 31.64 21.04
CA THR G 292 -21.30 32.20 20.44
C THR G 292 -22.04 33.17 21.36
N CYS G 293 -21.77 33.06 22.66
CA CYS G 293 -22.26 34.04 23.62
C CYS G 293 -21.76 35.44 23.27
N ALA G 294 -20.55 35.51 22.72
CA ALA G 294 -19.91 36.78 22.31
C ALA G 294 -20.23 37.18 20.87
N HIS G 295 -20.01 36.27 19.91
CA HIS G 295 -20.34 36.55 18.52
C HIS G 295 -20.53 35.29 17.70
N SER G 296 -20.91 35.47 16.44
CA SER G 296 -21.02 34.40 15.47
C SER G 296 -19.75 34.40 14.62
N ASP G 297 -19.21 33.21 14.35
CA ASP G 297 -18.15 33.10 13.35
C ASP G 297 -18.39 31.94 12.42
N VAL G 298 -17.55 31.83 11.42
CA VAL G 298 -17.79 30.90 10.34
C VAL G 298 -16.71 29.80 10.33
N MET G 299 -16.04 29.63 11.46
CA MET G 299 -15.01 28.61 11.60
C MET G 299 -15.04 28.01 13.00
N GLY G 300 -16.24 27.59 13.42
CA GLY G 300 -16.49 27.15 14.79
C GLY G 300 -15.61 26.06 15.34
N ASN G 301 -15.39 25.00 14.55
CA ASN G 301 -14.56 23.86 14.94
C ASN G 301 -13.13 23.96 14.48
N LEU G 302 -12.95 24.46 13.25
CA LEU G 302 -11.65 24.53 12.58
C LEU G 302 -10.61 25.21 13.47
N VAL G 303 -11.04 26.23 14.22
CA VAL G 303 -10.14 26.98 15.10
C VAL G 303 -9.59 26.15 16.27
N MET G 304 -10.24 25.04 16.58
CA MET G 304 -9.78 24.14 17.64
C MET G 304 -8.56 23.35 17.18
N GLN G 305 -8.40 23.24 15.86
CA GLN G 305 -7.46 22.31 15.23
C GLN G 305 -6.06 22.26 15.83
N CYS G 306 -5.57 23.41 16.33
CA CYS G 306 -4.23 23.51 17.00
C CYS G 306 -4.17 24.46 18.20
N CYS G 307 -5.34 24.72 18.80
CA CYS G 307 -5.44 25.55 19.98
C CYS G 307 -4.73 24.92 21.17
N ASP G 308 -4.21 25.74 22.06
CA ASP G 308 -3.69 25.24 23.33
C ASP G 308 -4.67 25.59 24.47
N CYS G 309 -5.36 26.72 24.30
CA CYS G 309 -6.43 27.13 25.18
C CYS G 309 -7.66 27.42 24.32
N TRP G 310 -8.84 27.33 24.92
CA TRP G 310 -10.08 27.36 24.19
C TRP G 310 -11.04 28.24 25.00
N SER G 311 -11.55 29.30 24.36
CA SER G 311 -12.22 30.41 25.06
C SER G 311 -13.64 30.71 24.58
N ASN G 312 -14.44 31.28 25.48
CA ASN G 312 -15.79 31.71 25.16
C ASN G 312 -15.87 33.18 24.74
N GLU G 313 -14.70 33.80 24.52
CA GLU G 313 -14.53 35.21 24.11
C GLU G 313 -15.06 36.23 25.12
N SER G 314 -16.32 36.06 25.53
CA SER G 314 -16.99 36.96 26.49
C SER G 314 -18.47 36.63 26.61
N VAL G 315 -19.05 36.94 27.77
CA VAL G 315 -20.48 36.82 28.05
C VAL G 315 -20.81 37.62 29.31
N GLU G 316 -21.94 38.31 29.34
CA GLU G 316 -22.32 39.08 30.54
C GLU G 316 -22.57 38.14 31.70
N TYR G 317 -22.04 38.48 32.87
CA TYR G 317 -22.34 37.76 34.09
C TYR G 317 -23.78 37.98 34.49
N HIS G 318 -24.67 37.04 34.17
CA HIS G 318 -26.04 37.04 34.69
C HIS G 318 -26.53 35.61 34.89
N GLY G 319 -27.81 35.45 35.17
CA GLY G 319 -28.35 34.12 35.49
C GLY G 319 -28.94 33.37 34.30
N GLU G 320 -28.75 32.06 34.31
CA GLU G 320 -29.38 31.18 33.33
C GLU G 320 -30.00 30.07 34.13
N PHE G 321 -30.80 29.22 33.49
CA PHE G 321 -31.42 28.08 34.17
C PHE G 321 -30.35 27.17 34.78
N GLY G 322 -29.34 26.84 33.97
CA GLY G 322 -28.24 25.94 34.39
C GLY G 322 -27.30 26.49 35.43
N GLY G 323 -27.52 27.74 35.82
CA GLY G 323 -26.66 28.37 36.81
C GLY G 323 -26.13 29.67 36.25
N THR G 324 -25.05 30.14 36.86
CA THR G 324 -24.46 31.38 36.39
C THR G 324 -23.80 31.24 35.03
N THR G 325 -23.92 32.30 34.23
CA THR G 325 -23.51 32.30 32.85
C THR G 325 -22.06 31.78 32.63
N VAL G 326 -21.14 32.23 33.48
CA VAL G 326 -19.75 31.81 33.41
C VAL G 326 -19.58 30.33 33.76
N GLN G 327 -20.52 29.79 34.54
CA GLN G 327 -20.56 28.37 34.83
C GLN G 327 -20.94 27.59 33.59
N CYS G 328 -21.99 28.03 32.90
CA CYS G 328 -22.53 27.27 31.78
C CYS G 328 -21.46 27.11 30.72
N TRP G 329 -20.78 28.20 30.44
CA TRP G 329 -19.80 28.25 29.37
C TRP G 329 -18.47 27.61 29.75
N SER G 330 -18.01 27.78 30.98
CA SER G 330 -16.76 27.14 31.37
C SER G 330 -16.87 25.61 31.38
N GLU G 331 -18.05 25.09 31.75
CA GLU G 331 -18.37 23.65 31.64
C GLU G 331 -18.32 23.11 30.18
N THR G 332 -18.92 23.85 29.25
CA THR G 332 -18.85 23.51 27.84
C THR G 332 -17.42 23.62 27.33
N LEU G 333 -16.71 24.68 27.71
CA LEU G 333 -15.33 24.83 27.25
C LEU G 333 -14.46 23.68 27.74
N ALA G 334 -14.69 23.29 29.00
CA ALA G 334 -13.86 22.29 29.67
C ALA G 334 -14.16 20.92 29.12
N TYR G 335 -15.40 20.74 28.68
CA TYR G 335 -15.76 19.51 28.01
C TYR G 335 -15.10 19.40 26.64
N ASP G 336 -15.11 20.49 25.87
CA ASP G 336 -14.41 20.50 24.57
C ASP G 336 -12.95 20.09 24.74
N CYS G 337 -12.29 20.62 25.77
CA CYS G 337 -10.89 20.33 26.03
C CYS G 337 -10.67 18.89 26.45
N ALA G 338 -11.67 18.35 27.18
CA ALA G 338 -11.66 16.95 27.58
C ALA G 338 -11.71 16.02 26.36
N LEU G 339 -12.52 16.38 25.35
CA LEU G 339 -12.52 15.64 24.10
C LEU G 339 -11.11 15.69 23.52
N MET G 340 -10.51 16.88 23.47
CA MET G 340 -9.20 16.99 22.85
C MET G 340 -8.15 16.25 23.69
N ASN G 341 -8.25 16.35 25.01
CA ASN G 341 -7.26 15.65 25.81
C ASN G 341 -7.39 14.12 25.70
N THR G 342 -8.61 13.63 25.51
CA THR G 342 -8.79 12.21 25.32
C THR G 342 -8.10 11.76 24.04
N ALA G 343 -8.21 12.56 22.98
CA ALA G 343 -7.56 12.24 21.70
C ALA G 343 -6.04 12.25 21.83
N LEU G 344 -5.51 13.22 22.58
CA LEU G 344 -4.07 13.33 22.79
C LEU G 344 -3.53 12.16 23.56
N GLU G 345 -4.19 11.79 24.66
CA GLU G 345 -3.75 10.70 25.51
C GLU G 345 -3.76 9.36 24.79
N THR G 346 -4.62 9.23 23.79
CA THR G 346 -4.76 7.97 23.08
C THR G 346 -4.16 8.04 21.68
N LYS G 347 -3.31 9.05 21.45
CA LYS G 347 -2.68 9.24 20.13
C LYS G 347 -3.67 9.25 18.97
N ASN G 348 -4.85 9.82 19.17
CA ASN G 348 -5.77 10.06 18.04
C ASN G 348 -5.93 11.54 17.73
N ASP G 349 -5.07 12.39 18.27
CA ASP G 349 -5.21 13.82 18.09
C ASP G 349 -5.20 14.25 16.62
N LYS G 350 -4.24 13.76 15.85
CA LYS G 350 -4.13 14.19 14.45
C LYS G 350 -5.40 13.93 13.60
N VAL G 351 -6.13 12.87 13.91
CA VAL G 351 -7.37 12.61 13.17
C VAL G 351 -8.50 13.57 13.62
N LEU G 352 -8.59 13.81 14.93
CA LEU G 352 -9.58 14.74 15.45
C LEU G 352 -9.28 16.14 14.91
N ARG G 353 -8.01 16.51 14.96
CA ARG G 353 -7.49 17.74 14.34
C ARG G 353 -7.96 17.91 12.89
N ASP G 354 -7.72 16.90 12.06
CA ASP G 354 -8.15 16.96 10.67
C ASP G 354 -9.66 17.08 10.53
N LEU G 355 -10.39 16.41 11.42
CA LEU G 355 -11.87 16.48 11.45
C LEU G 355 -12.38 17.89 11.69
N MET G 356 -11.90 18.52 12.75
CA MET G 356 -12.25 19.90 13.05
C MET G 356 -11.97 20.80 11.86
N MET G 357 -10.72 20.79 11.38
CA MET G 357 -10.37 21.58 10.21
C MET G 357 -11.34 21.32 9.07
N LEU G 358 -11.47 20.06 8.66
CA LEU G 358 -12.28 19.72 7.49
C LEU G 358 -13.75 20.12 7.61
N SER G 359 -14.32 20.01 8.81
CA SER G 359 -15.68 20.44 9.07
C SER G 359 -15.94 21.86 8.55
N ASP G 360 -14.97 22.74 8.70
CA ASP G 360 -15.16 24.13 8.34
C ASP G 360 -14.37 24.60 7.11
N ARG G 361 -13.42 23.78 6.62
CA ARG G 361 -12.52 24.22 5.55
C ARG G 361 -13.24 24.96 4.41
N TYR G 362 -14.42 24.47 4.02
CA TYR G 362 -15.10 24.95 2.81
C TYR G 362 -16.28 25.88 3.10
N ARG G 363 -16.49 26.20 4.37
CA ARG G 363 -17.63 27.02 4.79
C ARG G 363 -17.52 28.45 4.25
N ASP G 364 -16.29 28.93 4.12
CA ASP G 364 -16.01 30.32 3.78
C ASP G 364 -14.51 30.49 3.51
N PRO G 365 -14.13 31.50 2.70
CA PRO G 365 -12.69 31.79 2.51
C PRO G 365 -12.00 32.16 3.82
N GLN G 366 -12.73 32.84 4.71
CA GLN G 366 -12.22 33.24 6.03
C GLN G 366 -11.81 32.02 6.83
N ALA G 367 -12.41 30.88 6.52
CA ALA G 367 -12.06 29.60 7.15
C ALA G 367 -11.00 28.84 6.36
N TYR G 368 -11.23 28.70 5.05
CA TYR G 368 -10.29 28.02 4.14
C TYR G 368 -8.84 28.39 4.43
N MET G 369 -8.56 29.68 4.48
CA MET G 369 -7.19 30.13 4.64
C MET G 369 -6.62 29.71 5.99
N LEU G 370 -7.48 29.69 7.00
CA LEU G 370 -7.03 29.48 8.37
C LEU G 370 -6.84 28.01 8.71
N ALA G 371 -7.18 27.13 7.75
CA ALA G 371 -6.92 25.69 7.90
C ALA G 371 -5.42 25.50 8.04
N TYR G 372 -5.04 24.71 9.05
CA TYR G 372 -3.64 24.63 9.45
C TYR G 372 -2.62 24.45 8.31
N ASP G 373 -2.94 23.66 7.29
CA ASP G 373 -2.04 23.53 6.13
C ASP G 373 -1.84 24.84 5.36
N ASN G 374 -2.93 25.56 5.17
CA ASN G 374 -2.92 26.81 4.42
C ASN G 374 -2.34 27.94 5.28
N ALA G 375 -2.52 27.79 6.59
CA ALA G 375 -2.03 28.75 7.58
C ALA G 375 -0.51 28.64 7.62
N TYR G 376 -0.03 27.39 7.58
CA TYR G 376 1.38 27.10 7.58
C TYR G 376 2.00 27.74 6.32
N ARG G 377 1.36 27.50 5.18
CA ARG G 377 1.80 28.09 3.90
C ARG G 377 1.87 29.61 3.97
N VAL G 378 0.89 30.26 4.62
CA VAL G 378 0.96 31.70 4.79
C VAL G 378 2.18 32.04 5.63
N GLY G 379 2.42 31.21 6.65
CA GLY G 379 3.58 31.38 7.52
C GLY G 379 4.85 31.41 6.69
N GLN G 380 4.94 30.45 5.78
CA GLN G 380 6.10 30.33 4.89
C GLN G 380 6.36 31.62 4.12
N SER G 381 5.30 32.19 3.52
CA SER G 381 5.47 33.40 2.71
C SER G 381 5.84 34.59 3.58
N ILE G 382 5.52 34.52 4.87
CA ILE G 382 5.92 35.58 5.79
C ILE G 382 7.42 35.51 6.05
N VAL G 383 7.88 34.37 6.55
CA VAL G 383 9.24 34.24 7.05
C VAL G 383 10.28 34.38 5.93
N LYS G 384 9.89 34.09 4.68
CA LYS G 384 10.83 34.21 3.56
C LYS G 384 11.29 35.66 3.31
N ASP G 385 10.54 36.62 3.85
CA ASP G 385 10.99 38.03 3.94
C ASP G 385 10.82 38.58 5.34
N GLY G 386 10.99 37.71 6.33
CA GLY G 386 10.69 38.01 7.73
C GLY G 386 11.30 39.28 8.26
N ASP G 387 12.39 39.70 7.65
CA ASP G 387 13.11 40.91 8.09
C ASP G 387 12.39 42.23 7.76
N ASN G 388 11.48 42.16 6.79
CA ASN G 388 10.92 43.33 6.15
C ASN G 388 9.43 43.40 6.45
N ILE G 389 9.06 44.21 7.43
CA ILE G 389 7.67 44.21 7.91
C ILE G 389 6.64 44.46 6.80
N TYR G 390 6.92 45.38 5.89
CA TYR G 390 6.04 45.60 4.76
C TYR G 390 5.98 44.41 3.81
N LEU G 391 7.15 43.92 3.41
CA LEU G 391 7.20 42.87 2.37
C LEU G 391 6.67 41.52 2.84
N ARG G 392 6.87 41.19 4.11
CA ARG G 392 6.33 39.96 4.65
C ARG G 392 4.79 40.04 4.69
N ALA G 393 4.27 41.22 5.06
CA ALA G 393 2.83 41.44 5.10
C ALA G 393 2.22 41.33 3.71
N LYS G 394 2.89 41.92 2.71
CA LYS G 394 2.43 41.87 1.32
C LYS G 394 2.48 40.45 0.77
N ASN G 395 3.54 39.72 1.12
CA ASN G 395 3.63 38.29 0.80
C ASN G 395 2.45 37.52 1.40
N ALA G 396 2.09 37.81 2.64
CA ALA G 396 0.94 37.18 3.29
C ALA G 396 -0.31 37.42 2.45
N ALA G 397 -0.48 38.66 1.99
CA ALA G 397 -1.67 39.08 1.26
C ALA G 397 -1.85 38.34 -0.05
N ILE G 398 -0.77 38.29 -0.83
CA ILE G 398 -0.76 37.62 -2.12
C ILE G 398 -0.84 36.09 -1.94
N GLU G 399 -0.02 35.54 -1.06
CA GLU G 399 -0.10 34.11 -0.75
C GLU G 399 -1.55 33.72 -0.45
N CYS G 400 -2.22 34.52 0.37
CA CYS G 400 -3.63 34.32 0.72
C CYS G 400 -4.55 34.30 -0.51
N CYS G 401 -4.28 35.21 -1.45
CA CYS G 401 -5.00 35.29 -2.70
C CYS G 401 -4.87 33.98 -3.48
N ASN G 402 -3.62 33.53 -3.65
CA ASN G 402 -3.38 32.29 -4.38
C ASN G 402 -4.09 31.10 -3.72
N ILE G 403 -3.91 30.97 -2.41
CA ILE G 403 -4.57 29.93 -1.61
C ILE G 403 -6.06 29.90 -1.94
N ILE G 404 -6.73 31.04 -1.75
CA ILE G 404 -8.15 31.12 -2.06
C ILE G 404 -8.44 30.73 -3.51
N GLU G 405 -7.70 31.32 -4.45
CA GLU G 405 -7.85 31.02 -5.89
C GLU G 405 -7.84 29.53 -6.17
N GLU G 406 -6.91 28.84 -5.53
CA GLU G 406 -6.73 27.40 -5.73
C GLU G 406 -7.89 26.62 -5.10
N GLY G 407 -8.30 27.06 -3.92
CA GLY G 407 -9.50 26.54 -3.27
C GLY G 407 -10.70 26.72 -4.18
N ALA G 408 -10.80 27.89 -4.79
CA ALA G 408 -11.94 28.23 -5.67
C ALA G 408 -11.93 27.36 -6.92
N ALA G 409 -10.74 27.04 -7.40
CA ALA G 409 -10.62 26.07 -8.48
C ALA G 409 -11.10 24.71 -8.01
N GLY G 410 -10.81 24.37 -6.74
CA GLY G 410 -11.19 23.09 -6.13
C GLY G 410 -12.66 22.98 -5.74
N LYS G 411 -12.90 22.69 -4.46
CA LYS G 411 -14.26 22.50 -3.92
C LYS G 411 -14.78 23.68 -3.08
N LEU G 412 -13.95 24.72 -2.89
CA LEU G 412 -14.42 25.99 -2.28
C LEU G 412 -15.43 26.66 -3.21
N GLU G 413 -16.63 26.93 -2.69
CA GLU G 413 -17.72 27.41 -3.50
C GLU G 413 -17.98 28.89 -3.30
N LEU G 414 -17.43 29.71 -4.21
CA LEU G 414 -17.47 31.17 -4.09
C LEU G 414 -18.51 31.79 -5.02
N SER G 415 -19.18 32.85 -4.56
CA SER G 415 -20.06 33.64 -5.42
C SER G 415 -19.22 34.37 -6.49
N ARG G 416 -19.91 34.84 -7.55
CA ARG G 416 -19.29 35.71 -8.56
C ARG G 416 -18.71 36.97 -7.92
N PHE G 417 -19.49 37.61 -7.05
CA PHE G 417 -19.07 38.83 -6.40
C PHE G 417 -17.78 38.61 -5.61
N GLU G 418 -17.78 37.61 -4.73
CA GLU G 418 -16.60 37.21 -3.94
C GLU G 418 -15.37 36.96 -4.82
N THR G 419 -15.57 36.30 -5.96
CA THR G 419 -14.49 35.95 -6.88
C THR G 419 -13.89 37.22 -7.50
N LYS G 420 -14.76 38.07 -8.04
CA LYS G 420 -14.38 39.36 -8.61
C LYS G 420 -13.60 40.18 -7.59
N ALA G 421 -14.23 40.44 -6.44
CA ALA G 421 -13.62 41.22 -5.36
C ALA G 421 -12.22 40.73 -4.99
N LEU G 422 -12.00 39.43 -5.19
CA LEU G 422 -10.71 38.78 -4.97
C LEU G 422 -9.70 39.09 -6.08
N ALA G 423 -10.16 39.01 -7.33
CA ALA G 423 -9.30 39.36 -8.47
C ALA G 423 -8.81 40.82 -8.39
N ASP G 424 -9.70 41.74 -7.95
CA ASP G 424 -9.34 43.15 -7.77
C ASP G 424 -8.26 43.34 -6.73
N ALA G 425 -8.38 42.63 -5.61
CA ALA G 425 -7.41 42.74 -4.53
C ALA G 425 -6.02 42.22 -4.93
N LYS G 426 -6.01 41.11 -5.67
CA LYS G 426 -4.77 40.50 -6.14
C LYS G 426 -4.10 41.47 -7.12
N ALA G 427 -4.82 41.87 -8.16
CA ALA G 427 -4.30 42.86 -9.11
C ALA G 427 -3.75 44.07 -8.37
N ALA G 428 -4.55 44.62 -7.46
CA ALA G 428 -4.17 45.79 -6.66
C ALA G 428 -2.87 45.57 -5.86
N LEU G 429 -2.73 44.38 -5.26
CA LEU G 429 -1.53 44.11 -4.45
C LEU G 429 -0.27 43.91 -5.30
N GLU G 430 -0.46 43.38 -6.50
CA GLU G 430 0.65 43.03 -7.40
C GLU G 430 1.17 44.28 -8.11
N ALA G 431 0.32 45.29 -8.21
CA ALA G 431 0.72 46.56 -8.81
C ALA G 431 1.66 47.36 -7.90
N LEU G 432 1.66 47.03 -6.61
CA LEU G 432 2.47 47.75 -5.61
C LEU G 432 3.97 47.51 -5.77
N PRO G 433 4.79 48.49 -5.33
CA PRO G 433 6.24 48.33 -5.44
C PRO G 433 6.74 47.32 -4.43
N ASP G 434 7.86 46.67 -4.75
CA ASP G 434 8.49 45.71 -3.85
C ASP G 434 9.36 46.39 -2.78
N ASP G 435 9.61 47.69 -2.95
CA ASP G 435 10.46 48.46 -2.03
C ASP G 435 9.64 49.06 -0.88
N MET G 436 10.18 48.99 0.34
CA MET G 436 9.44 49.42 1.55
C MET G 436 9.23 50.94 1.64
N ASP G 437 10.31 51.70 1.47
CA ASP G 437 10.33 53.17 1.69
C ASP G 437 9.42 53.95 0.75
N LYS G 438 9.40 53.53 -0.51
CA LYS G 438 8.48 54.05 -1.53
C LYS G 438 7.01 53.90 -1.07
N PHE G 439 6.62 52.66 -0.73
CA PHE G 439 5.26 52.39 -0.23
C PHE G 439 4.98 53.19 1.01
N MET G 440 5.91 53.17 1.96
CA MET G 440 5.73 53.93 3.19
C MET G 440 5.50 55.41 2.88
N ASP G 441 6.46 56.06 2.23
CA ASP G 441 6.31 57.47 1.88
C ASP G 441 4.99 57.75 1.15
N ASP G 442 4.72 57.02 0.06
CA ASP G 442 3.45 57.19 -0.69
C ASP G 442 2.26 57.26 0.26
N CYS G 443 2.06 56.18 1.01
CA CYS G 443 0.98 56.03 1.98
C CYS G 443 0.95 57.13 3.03
N LEU G 444 2.13 57.57 3.46
CA LEU G 444 2.22 58.64 4.44
C LEU G 444 1.50 59.92 3.95
N THR G 445 1.79 60.36 2.73
CA THR G 445 1.11 61.56 2.24
C THR G 445 -0.29 61.23 1.68
N LYS G 446 -0.53 59.96 1.38
CA LYS G 446 -1.87 59.55 0.93
C LYS G 446 -2.90 59.70 2.05
N TYR G 447 -2.62 59.07 3.19
CA TYR G 447 -3.57 59.05 4.32
C TYR G 447 -3.48 60.29 5.22
N LYS G 448 -2.37 61.02 5.12
CA LYS G 448 -2.26 62.34 5.74
C LYS G 448 -3.33 63.26 5.16
N SER G 449 -3.58 63.12 3.85
CA SER G 449 -4.58 63.93 3.13
C SER G 449 -5.99 63.35 3.27
N GLU G 450 -6.11 62.05 3.02
CA GLU G 450 -7.42 61.36 3.00
C GLU G 450 -8.06 61.11 4.38
N VAL G 451 -7.23 60.91 5.39
CA VAL G 451 -7.71 60.63 6.76
C VAL G 451 -7.30 61.73 7.73
N LYS G 452 -8.22 62.65 7.99
CA LYS G 452 -7.95 63.81 8.87
C LYS G 452 -7.39 63.40 10.24
N VAL G 453 -8.02 62.43 10.88
CA VAL G 453 -7.68 62.01 12.25
C VAL G 453 -6.32 61.27 12.37
N PHE G 454 -5.72 60.93 11.24
CA PHE G 454 -4.45 60.22 11.20
C PHE G 454 -3.29 61.12 11.64
N LYS G 455 -2.62 60.75 12.72
CA LYS G 455 -1.52 61.55 13.29
C LYS G 455 -0.17 60.83 13.23
N PRO G 456 0.66 61.11 12.20
CA PRO G 456 1.91 60.38 11.98
C PRO G 456 2.87 60.28 13.19
N GLU G 457 2.79 61.23 14.12
CA GLU G 457 3.62 61.18 15.33
C GLU G 457 3.28 59.97 16.21
N ASN G 458 2.10 59.40 16.00
CA ASN G 458 1.71 58.17 16.70
C ASN G 458 2.60 56.95 16.36
N TYR G 459 3.17 56.97 15.16
CA TYR G 459 3.99 55.87 14.65
C TYR G 459 5.41 56.33 14.39
N GLY G 460 5.90 57.26 15.22
CA GLY G 460 7.29 57.69 15.22
C GLY G 460 7.79 58.52 14.06
N PHE G 461 6.92 58.79 13.08
CA PHE G 461 7.29 59.68 11.98
C PHE G 461 7.22 61.13 12.46
N MET H 1 -3.60 14.11 5.79
CA MET H 1 -4.80 14.85 6.27
C MET H 1 -6.05 14.53 5.44
N LEU H 2 -7.22 14.66 6.06
CA LEU H 2 -8.48 14.30 5.40
C LEU H 2 -9.03 15.42 4.51
N ASP H 3 -10.07 15.08 3.75
CA ASP H 3 -10.78 15.96 2.82
C ASP H 3 -12.06 15.25 2.38
N PHE H 4 -12.98 16.02 1.80
CA PHE H 4 -14.31 15.54 1.41
C PHE H 4 -14.32 15.02 0.00
N THR H 5 -15.33 14.20 -0.33
CA THR H 5 -15.74 13.99 -1.73
C THR H 5 -16.66 15.15 -2.11
N GLU H 6 -17.03 15.29 -3.38
CA GLU H 6 -17.99 16.36 -3.73
C GLU H 6 -19.38 16.09 -3.10
N ALA H 7 -19.79 14.82 -3.05
CA ALA H 7 -21.06 14.43 -2.42
C ALA H 7 -21.12 14.77 -0.91
N SER H 8 -20.02 14.51 -0.20
CA SER H 8 -19.94 14.75 1.24
C SER H 8 -20.07 16.22 1.64
N LEU H 9 -19.41 17.11 0.90
CA LEU H 9 -19.48 18.55 1.16
C LEU H 9 -20.91 19.08 1.09
N LYS H 10 -21.63 18.66 0.05
CA LYS H 10 -23.04 19.01 -0.15
C LYS H 10 -23.86 18.66 1.11
N LYS H 11 -23.59 17.47 1.67
CA LYS H 11 -24.31 16.93 2.82
C LYS H 11 -23.93 17.59 4.17
N VAL H 12 -22.76 18.21 4.24
CA VAL H 12 -22.26 18.79 5.50
C VAL H 12 -22.61 20.29 5.68
N LEU H 13 -22.41 21.09 4.64
CA LEU H 13 -22.75 22.52 4.72
C LEU H 13 -23.28 23.07 3.39
N THR H 14 -23.84 24.28 3.45
CA THR H 14 -24.38 24.94 2.25
C THR H 14 -24.14 26.43 2.33
N ARG H 15 -23.37 26.94 1.38
CA ARG H 15 -23.15 28.38 1.30
C ARG H 15 -24.36 28.93 0.56
N TYR H 16 -25.34 29.34 1.37
CA TYR H 16 -26.67 29.69 0.90
C TYR H 16 -26.64 30.91 -0.01
N ASN H 17 -25.62 31.75 0.17
CA ASN H 17 -25.44 32.97 -0.62
C ASN H 17 -25.17 32.75 -2.11
N VAL H 18 -24.43 31.67 -2.41
CA VAL H 18 -24.07 31.31 -3.78
C VAL H 18 -25.30 31.04 -4.66
N ALA H 19 -26.26 30.30 -4.10
CA ALA H 19 -27.48 29.92 -4.81
C ALA H 19 -28.43 31.09 -5.07
N LEU H 20 -28.31 32.16 -4.28
CA LEU H 20 -29.22 33.32 -4.35
C LEU H 20 -28.71 34.44 -5.23
N GLU H 21 -27.39 34.47 -5.46
CA GLU H 21 -26.75 35.51 -6.27
C GLU H 21 -27.36 35.60 -7.67
N LYS H 22 -27.75 36.82 -8.04
CA LYS H 22 -28.50 37.10 -9.26
C LYS H 22 -27.67 36.84 -10.52
N ALA H 23 -28.35 36.55 -11.63
CA ALA H 23 -27.70 36.25 -12.91
C ALA H 23 -26.76 37.37 -13.39
N LEU H 24 -27.29 38.58 -13.49
CA LEU H 24 -26.55 39.72 -14.04
C LEU H 24 -25.37 40.13 -13.16
N THR H 25 -24.34 40.71 -13.76
CA THR H 25 -23.22 41.29 -12.99
C THR H 25 -23.61 42.69 -12.52
N PRO H 26 -22.94 43.21 -11.46
CA PRO H 26 -23.13 44.60 -11.05
C PRO H 26 -23.22 45.49 -12.27
N GLU H 27 -22.17 45.42 -13.10
CA GLU H 27 -22.03 46.22 -14.32
C GLU H 27 -23.25 46.14 -15.23
N GLU H 28 -23.71 44.91 -15.46
CA GLU H 28 -24.83 44.63 -16.36
C GLU H 28 -26.15 45.16 -15.79
N ALA H 29 -26.36 44.96 -14.49
CA ALA H 29 -27.57 45.41 -13.80
C ALA H 29 -27.63 46.94 -13.64
N ALA H 30 -26.46 47.58 -13.59
CA ALA H 30 -26.35 49.04 -13.57
C ALA H 30 -26.68 49.66 -14.93
N GLU H 31 -26.27 48.98 -16.01
CA GLU H 31 -26.58 49.40 -17.37
C GLU H 31 -28.09 49.63 -17.59
N GLU H 32 -28.90 48.65 -17.17
CA GLU H 32 -30.36 48.68 -17.34
C GLU H 32 -31.05 49.85 -16.66
N LEU H 33 -30.48 50.31 -15.55
CA LEU H 33 -31.10 51.34 -14.71
C LEU H 33 -30.61 52.75 -15.07
N TYR H 34 -29.48 52.82 -15.78
CA TYR H 34 -28.84 54.10 -16.16
C TYR H 34 -29.78 55.07 -16.92
N PRO H 35 -29.62 56.39 -16.67
CA PRO H 35 -30.29 57.38 -17.50
C PRO H 35 -29.88 57.25 -18.98
N LYS H 36 -30.88 57.20 -19.85
CA LYS H 36 -30.68 57.12 -21.31
C LYS H 36 -30.16 58.43 -21.91
N ASP H 37 -29.86 59.38 -21.04
CA ASP H 37 -29.63 60.79 -21.38
C ASP H 37 -28.48 61.13 -22.36
N GLU H 38 -27.37 60.38 -22.31
CA GLU H 38 -26.17 60.64 -23.16
C GLU H 38 -25.22 61.70 -22.57
N LEU H 39 -25.79 62.73 -21.92
CA LEU H 39 -25.02 63.73 -21.18
C LEU H 39 -24.95 63.38 -19.70
N ILE H 40 -26.08 62.90 -19.16
CA ILE H 40 -26.16 62.41 -17.77
C ILE H 40 -25.57 60.99 -17.63
N TYR H 41 -25.62 60.22 -18.72
CA TYR H 41 -25.06 58.86 -18.75
C TYR H 41 -23.60 58.74 -18.26
N PRO H 42 -22.65 59.54 -18.82
CA PRO H 42 -21.23 59.40 -18.41
C PRO H 42 -20.95 59.82 -16.97
N ILE H 43 -21.87 60.59 -16.38
CA ILE H 43 -21.76 61.02 -14.99
C ILE H 43 -22.23 59.90 -14.07
N ALA H 44 -23.43 59.38 -14.37
CA ALA H 44 -24.09 58.31 -13.62
C ALA H 44 -23.27 57.01 -13.54
N LYS H 45 -22.49 56.75 -14.58
CA LYS H 45 -21.61 55.58 -14.66
C LYS H 45 -20.38 55.77 -13.76
N ALA H 46 -19.79 56.96 -13.82
CA ALA H 46 -18.60 57.29 -13.03
C ALA H 46 -18.91 57.34 -11.53
N ILE H 47 -20.13 57.75 -11.18
CA ILE H 47 -20.58 57.72 -9.79
C ILE H 47 -20.66 56.26 -9.31
N PHE H 48 -21.34 55.41 -10.07
CA PHE H 48 -21.45 53.98 -9.74
C PHE H 48 -20.09 53.31 -9.66
N GLU H 49 -19.20 53.67 -10.58
CA GLU H 49 -17.83 53.17 -10.57
C GLU H 49 -17.00 53.77 -9.43
N GLY H 50 -17.58 54.72 -8.70
CA GLY H 50 -16.88 55.43 -7.62
C GLY H 50 -15.67 56.20 -8.10
N GLU H 51 -15.69 56.59 -9.38
CA GLU H 51 -14.56 57.25 -10.01
C GLU H 51 -14.76 58.76 -10.05
N GLU H 52 -14.08 59.46 -9.14
CA GLU H 52 -14.33 60.89 -8.89
C GLU H 52 -13.75 61.84 -9.96
N ASP H 53 -12.58 61.51 -10.50
CA ASP H 53 -12.00 62.31 -11.56
C ASP H 53 -12.77 62.12 -12.86
N ASP H 54 -13.50 61.01 -12.97
CA ASP H 54 -14.43 60.78 -14.07
C ASP H 54 -15.81 61.36 -13.79
N VAL H 55 -16.03 61.84 -12.57
CA VAL H 55 -17.27 62.54 -12.23
C VAL H 55 -17.15 64.02 -12.58
N VAL H 56 -16.08 64.65 -12.10
CA VAL H 56 -15.79 66.07 -12.35
C VAL H 56 -15.65 66.35 -13.86
N GLU H 57 -14.92 65.47 -14.54
CA GLU H 57 -14.72 65.56 -15.99
C GLU H 57 -16.02 65.35 -16.76
N GLY H 58 -16.90 64.51 -16.22
CA GLY H 58 -18.26 64.32 -16.74
C GLY H 58 -19.13 65.53 -16.49
N LEU H 59 -18.76 66.33 -15.50
CA LEU H 59 -19.47 67.56 -15.17
C LEU H 59 -19.01 68.75 -16.02
N GLN H 60 -17.71 68.81 -16.32
CA GLN H 60 -17.10 69.92 -17.06
C GLN H 60 -17.68 70.16 -18.45
N ALA H 61 -17.93 69.08 -19.19
CA ALA H 61 -18.45 69.15 -20.55
C ALA H 61 -19.98 69.20 -20.62
N ALA H 62 -20.63 69.23 -19.45
CA ALA H 62 -22.09 69.34 -19.34
C ALA H 62 -22.58 70.76 -19.07
N ILE H 63 -21.69 71.62 -18.53
CA ILE H 63 -21.99 73.05 -18.35
C ILE H 63 -21.49 73.91 -19.53
N GLU H 64 -20.87 73.26 -20.51
CA GLU H 64 -20.44 73.94 -21.73
C GLU H 64 -21.28 73.52 -22.93
N ALA H 65 -21.70 72.27 -22.97
CA ALA H 65 -22.66 71.78 -23.96
C ALA H 65 -24.09 71.83 -23.40
N GLY H 66 -24.22 72.49 -22.25
CA GLY H 66 -25.49 72.72 -21.59
C GLY H 66 -25.31 73.81 -20.55
N LYS H 67 -26.13 73.78 -19.50
CA LYS H 67 -26.04 74.77 -18.43
C LYS H 67 -26.11 74.11 -17.05
N ASP H 68 -27.10 74.48 -16.24
CA ASP H 68 -27.36 73.89 -14.92
C ASP H 68 -26.12 73.82 -14.00
N PRO H 69 -25.68 74.97 -13.46
CA PRO H 69 -24.54 74.93 -12.55
C PRO H 69 -24.92 74.30 -11.19
N ILE H 70 -26.22 74.28 -10.91
CA ILE H 70 -26.77 73.90 -9.61
C ILE H 70 -27.73 72.69 -9.74
N ASP H 71 -28.36 72.54 -10.90
CA ASP H 71 -29.38 71.50 -11.14
C ASP H 71 -28.80 70.12 -11.40
N LEU H 72 -27.52 70.05 -11.78
CA LEU H 72 -26.83 68.79 -12.08
C LEU H 72 -26.69 67.87 -10.86
N ILE H 73 -26.86 68.45 -9.67
CA ILE H 73 -26.81 67.70 -8.43
C ILE H 73 -28.03 66.77 -8.30
N ASP H 74 -29.21 67.26 -8.67
CA ASP H 74 -30.43 66.45 -8.61
C ASP H 74 -30.66 65.63 -9.88
N ASP H 75 -30.03 66.06 -10.97
CA ASP H 75 -30.25 65.46 -12.28
C ASP H 75 -29.18 64.43 -12.66
N ALA H 76 -27.93 64.72 -12.31
CA ALA H 76 -26.79 63.87 -12.69
C ALA H 76 -26.11 63.17 -11.51
N LEU H 77 -26.21 63.74 -10.32
CA LEU H 77 -25.56 63.17 -9.14
C LEU H 77 -26.53 62.40 -8.25
N MET H 78 -27.80 62.77 -8.30
CA MET H 78 -28.82 62.10 -7.49
C MET H 78 -29.45 60.90 -8.20
N VAL H 79 -29.49 60.97 -9.53
CA VAL H 79 -29.96 59.86 -10.38
C VAL H 79 -28.89 58.75 -10.41
N GLY H 80 -27.64 59.15 -10.67
CA GLY H 80 -26.50 58.23 -10.65
C GLY H 80 -26.26 57.59 -9.29
N MET H 81 -26.57 58.33 -8.23
CA MET H 81 -26.46 57.81 -6.87
C MET H 81 -27.60 56.87 -6.56
N GLY H 82 -28.75 57.13 -7.18
CA GLY H 82 -29.95 56.33 -6.96
C GLY H 82 -29.86 54.93 -7.53
N VAL H 83 -29.02 54.76 -8.54
CA VAL H 83 -28.71 53.46 -9.14
C VAL H 83 -27.97 52.62 -8.10
N VAL H 84 -26.99 53.25 -7.46
CA VAL H 84 -26.14 52.62 -6.44
C VAL H 84 -26.95 52.17 -5.21
N ILE H 85 -27.80 53.04 -4.69
CA ILE H 85 -28.64 52.73 -3.53
C ILE H 85 -29.68 51.66 -3.87
N ARG H 86 -30.19 51.71 -5.09
CA ARG H 86 -31.16 50.73 -5.59
C ARG H 86 -30.53 49.35 -5.71
N LEU H 87 -29.34 49.29 -6.27
CA LEU H 87 -28.59 48.04 -6.44
C LEU H 87 -28.07 47.51 -5.09
N TYR H 88 -27.93 48.41 -4.12
CA TYR H 88 -27.55 48.02 -2.77
C TYR H 88 -28.67 47.28 -2.04
N ASP H 89 -29.91 47.72 -2.26
CA ASP H 89 -31.07 47.12 -1.60
C ASP H 89 -31.40 45.72 -2.13
N GLU H 90 -31.15 45.53 -3.42
CA GLU H 90 -31.34 44.23 -4.07
C GLU H 90 -30.22 43.28 -3.65
N GLY H 91 -29.05 43.83 -3.36
CA GLY H 91 -27.92 43.03 -2.86
C GLY H 91 -26.94 42.63 -3.93
N VAL H 92 -26.98 43.32 -5.07
CA VAL H 92 -26.02 43.04 -6.15
C VAL H 92 -24.68 43.77 -5.94
N ILE H 93 -24.71 44.89 -5.21
CA ILE H 93 -23.47 45.51 -4.72
C ILE H 93 -23.44 45.57 -3.19
N PHE H 94 -22.23 45.66 -2.65
CA PHE H 94 -21.99 45.66 -1.22
C PHE H 94 -21.77 47.08 -0.72
N LEU H 95 -21.93 47.26 0.57
CA LEU H 95 -21.61 48.53 1.24
C LEU H 95 -20.38 49.28 0.65
N PRO H 96 -19.18 48.66 0.67
CA PRO H 96 -18.01 49.45 0.20
C PRO H 96 -18.14 50.05 -1.22
N ASN H 97 -19.01 49.48 -2.04
CA ASN H 97 -19.30 50.01 -3.36
C ASN H 97 -20.14 51.29 -3.24
N VAL H 98 -21.17 51.22 -2.38
CA VAL H 98 -21.96 52.39 -1.99
C VAL H 98 -21.02 53.46 -1.45
N MET H 99 -20.20 53.09 -0.48
CA MET H 99 -19.24 54.01 0.13
C MET H 99 -18.37 54.74 -0.90
N MET H 100 -17.75 53.96 -1.79
CA MET H 100 -16.93 54.50 -2.88
C MET H 100 -17.73 55.44 -3.77
N SER H 101 -18.96 55.04 -4.09
CA SER H 101 -19.88 55.87 -4.86
C SER H 101 -20.27 57.16 -4.11
N ALA H 102 -20.44 57.05 -2.79
CA ALA H 102 -20.74 58.21 -1.93
C ALA H 102 -19.58 59.19 -1.85
N ASP H 103 -18.34 58.68 -1.90
CA ASP H 103 -17.14 59.52 -1.89
C ASP H 103 -17.01 60.34 -3.17
N ALA H 104 -17.40 59.74 -4.29
CA ALA H 104 -17.42 60.40 -5.59
C ALA H 104 -18.65 61.30 -5.76
N MET H 105 -19.73 61.01 -5.01
CA MET H 105 -20.89 61.89 -5.00
C MET H 105 -20.58 63.16 -4.20
N LEU H 106 -19.81 63.00 -3.13
CA LEU H 106 -19.38 64.13 -2.32
C LEU H 106 -18.40 65.04 -3.07
N GLU H 107 -17.48 64.45 -3.83
CA GLU H 107 -16.50 65.21 -4.59
C GLU H 107 -17.12 65.85 -5.86
N GLY H 108 -18.33 65.43 -6.18
CA GLY H 108 -19.09 65.96 -7.33
C GLY H 108 -20.08 67.05 -6.95
N ILE H 109 -20.43 67.09 -5.66
CA ILE H 109 -21.30 68.15 -5.12
C ILE H 109 -20.53 69.45 -4.88
N GLU H 110 -19.34 69.37 -4.27
CA GLU H 110 -18.59 70.60 -3.90
C GLU H 110 -17.81 71.26 -5.05
N TYR H 111 -17.82 70.62 -6.21
CA TYR H 111 -17.36 71.24 -7.45
C TYR H 111 -18.47 72.14 -8.03
N CYS H 112 -19.72 71.79 -7.70
CA CYS H 112 -20.88 72.63 -7.97
C CYS H 112 -21.00 73.78 -6.94
N LYS H 113 -20.30 73.64 -5.81
CA LYS H 113 -20.22 74.69 -4.78
C LYS H 113 -19.43 75.91 -5.25
N GLU H 114 -18.45 75.67 -6.11
CA GLU H 114 -17.62 76.75 -6.67
C GLU H 114 -18.29 77.43 -7.85
N ASN H 115 -19.31 76.77 -8.41
CA ASN H 115 -19.98 77.25 -9.64
C ASN H 115 -21.50 77.48 -9.54
N SER H 116 -22.08 77.33 -8.34
CA SER H 116 -23.52 77.55 -8.17
C SER H 116 -23.86 78.99 -7.78
N GLY H 117 -23.18 79.50 -6.73
CA GLY H 117 -23.45 80.83 -6.19
C GLY H 117 -24.90 81.06 -5.79
N ALA H 118 -25.62 79.98 -5.52
CA ALA H 118 -27.06 80.02 -5.23
C ALA H 118 -27.46 79.12 -4.06
N THR H 119 -26.48 78.41 -3.49
CA THR H 119 -26.67 77.47 -2.36
C THR H 119 -27.55 76.25 -2.70
N PRO H 120 -26.98 75.03 -2.61
CA PRO H 120 -27.69 73.78 -2.91
C PRO H 120 -28.85 73.42 -1.97
N LYS H 121 -29.96 72.94 -2.55
CA LYS H 121 -31.16 72.57 -1.78
C LYS H 121 -31.13 71.09 -1.38
N THR H 122 -31.47 70.82 -0.12
CA THR H 122 -31.56 69.47 0.40
C THR H 122 -32.98 69.17 0.88
N LYS H 123 -33.29 67.88 1.05
CA LYS H 123 -34.64 67.45 1.45
C LYS H 123 -34.80 67.34 2.97
N GLY H 124 -34.11 68.24 3.69
CA GLY H 124 -34.13 68.27 5.15
C GLY H 124 -32.81 67.79 5.75
N THR H 125 -32.36 68.49 6.80
CA THR H 125 -31.12 68.12 7.49
C THR H 125 -31.42 67.01 8.51
N VAL H 126 -30.37 66.26 8.87
CA VAL H 126 -30.42 65.22 9.91
C VAL H 126 -29.17 65.29 10.82
N VAL H 127 -29.41 65.27 12.14
CA VAL H 127 -28.31 65.25 13.10
C VAL H 127 -27.98 63.83 13.52
N CYS H 128 -26.72 63.47 13.33
CA CYS H 128 -26.25 62.13 13.62
C CYS H 128 -25.21 62.11 14.72
N HIS H 129 -25.32 61.15 15.61
CA HIS H 129 -24.38 61.01 16.72
C HIS H 129 -24.26 59.58 17.22
N VAL H 130 -23.09 59.29 17.80
CA VAL H 130 -22.87 58.07 18.55
C VAL H 130 -23.06 58.42 20.03
N ALA H 131 -23.73 57.53 20.77
CA ALA H 131 -23.96 57.72 22.19
C ALA H 131 -22.65 57.97 22.95
N GLU H 132 -22.74 58.63 24.10
CA GLU H 132 -21.54 58.93 24.88
C GLU H 132 -21.03 57.70 25.63
N GLY H 133 -19.71 57.67 25.84
CA GLY H 133 -19.03 56.50 26.40
C GLY H 133 -18.67 55.48 25.32
N ASP H 134 -19.20 55.70 24.10
CA ASP H 134 -19.13 54.74 23.01
C ASP H 134 -18.28 55.25 21.83
N VAL H 135 -17.48 54.36 21.24
CA VAL H 135 -16.57 54.73 20.15
C VAL H 135 -16.89 54.01 18.82
N HIS H 136 -18.06 53.38 18.75
CA HIS H 136 -18.43 52.57 17.59
C HIS H 136 -18.94 53.39 16.40
N ASP H 137 -17.98 53.95 15.68
CA ASP H 137 -18.19 54.75 14.47
C ASP H 137 -19.05 54.05 13.43
N ILE H 138 -18.69 52.80 13.13
CA ILE H 138 -19.04 52.15 11.88
C ILE H 138 -20.52 52.16 11.52
N GLY H 139 -21.39 51.82 12.46
CA GLY H 139 -22.84 51.93 12.24
C GLY H 139 -23.28 53.33 11.82
N LYS H 140 -22.91 54.33 12.63
CA LYS H 140 -23.22 55.73 12.34
C LYS H 140 -22.75 56.12 10.93
N ASN H 141 -21.47 55.93 10.65
CA ASN H 141 -20.88 56.25 9.34
C ASN H 141 -21.65 55.66 8.15
N ILE H 142 -22.19 54.46 8.34
CA ILE H 142 -22.98 53.75 7.31
C ILE H 142 -24.34 54.44 7.14
N VAL H 143 -24.97 54.79 8.26
CA VAL H 143 -26.16 55.65 8.25
C VAL H 143 -25.84 57.02 7.63
N THR H 144 -24.78 57.66 8.13
CA THR H 144 -24.34 58.97 7.66
C THR H 144 -24.27 59.04 6.14
N ALA H 145 -23.51 58.13 5.54
CA ALA H 145 -23.31 58.11 4.09
C ALA H 145 -24.58 57.70 3.34
N LEU H 146 -25.35 56.78 3.91
CA LEU H 146 -26.65 56.37 3.37
C LEU H 146 -27.64 57.53 3.26
N LEU H 147 -27.63 58.41 4.27
CA LEU H 147 -28.46 59.62 4.24
C LEU H 147 -27.90 60.68 3.29
N ARG H 148 -26.57 60.82 3.27
CA ARG H 148 -25.90 61.75 2.35
C ARG H 148 -26.13 61.38 0.89
N ALA H 149 -26.33 60.09 0.63
CA ALA H 149 -26.59 59.57 -0.73
C ALA H 149 -28.08 59.52 -1.10
N ASN H 150 -28.95 59.52 -0.08
CA ASN H 150 -30.40 59.46 -0.27
C ASN H 150 -30.99 60.84 -0.58
N GLY H 151 -30.16 61.88 -0.44
CA GLY H 151 -30.54 63.27 -0.75
C GLY H 151 -30.49 64.20 0.45
N TYR H 152 -30.22 63.62 1.62
CA TYR H 152 -30.33 64.34 2.89
C TYR H 152 -29.03 64.99 3.31
N ASN H 153 -29.13 66.21 3.83
CA ASN H 153 -27.99 66.91 4.41
C ASN H 153 -27.74 66.36 5.81
N VAL H 154 -26.47 66.12 6.13
CA VAL H 154 -26.08 65.40 7.35
C VAL H 154 -25.01 66.14 8.17
N VAL H 155 -25.38 66.52 9.39
CA VAL H 155 -24.38 66.99 10.34
C VAL H 155 -23.95 65.85 11.27
N ASP H 156 -22.64 65.56 11.26
CA ASP H 156 -22.05 64.50 12.08
C ASP H 156 -21.44 65.11 13.34
N LEU H 157 -21.58 64.39 14.45
CA LEU H 157 -21.14 64.90 15.75
C LEU H 157 -19.96 64.14 16.31
N GLY H 158 -19.34 63.28 15.50
CA GLY H 158 -18.23 62.47 15.96
C GLY H 158 -18.71 61.32 16.83
N ARG H 159 -17.98 61.06 17.90
CA ARG H 159 -18.17 59.85 18.71
C ARG H 159 -18.77 60.06 20.10
N ASP H 160 -17.93 60.49 21.03
CA ASP H 160 -18.25 60.52 22.46
C ASP H 160 -19.11 61.74 22.86
N VAL H 161 -20.26 61.89 22.20
CA VAL H 161 -21.09 63.13 22.30
C VAL H 161 -21.96 63.19 23.57
N PRO H 162 -21.65 64.13 24.51
CA PRO H 162 -22.23 64.16 25.87
C PRO H 162 -23.56 64.92 26.04
N ALA H 163 -24.57 64.56 25.25
CA ALA H 163 -25.95 65.11 25.34
C ALA H 163 -26.08 66.61 25.03
N GLU H 164 -25.55 67.48 25.91
CA GLU H 164 -25.68 68.95 25.77
C GLU H 164 -25.29 69.46 24.39
N GLU H 165 -24.38 68.73 23.77
CA GLU H 165 -23.83 69.06 22.46
C GLU H 165 -24.80 68.68 21.35
N VAL H 166 -25.64 67.68 21.60
CA VAL H 166 -26.69 67.25 20.68
C VAL H 166 -27.84 68.25 20.72
N LEU H 167 -28.30 68.56 21.94
CA LEU H 167 -29.28 69.62 22.21
C LEU H 167 -28.87 70.91 21.51
N ALA H 168 -27.69 71.43 21.87
CA ALA H 168 -27.17 72.68 21.30
C ALA H 168 -26.68 72.54 19.86
N ALA H 169 -27.34 71.67 19.09
CA ALA H 169 -27.05 71.47 17.67
C ALA H 169 -28.31 71.11 16.88
N VAL H 170 -29.31 70.59 17.59
CA VAL H 170 -30.65 70.42 17.03
C VAL H 170 -31.32 71.81 16.99
N GLN H 171 -30.95 72.64 17.97
CA GLN H 171 -31.32 74.04 18.00
C GLN H 171 -30.70 74.78 16.82
N LYS H 172 -29.43 74.46 16.54
CA LYS H 172 -28.64 75.14 15.50
C LYS H 172 -29.02 74.78 14.05
N GLU H 173 -29.35 73.52 13.82
CA GLU H 173 -29.58 73.05 12.45
C GLU H 173 -31.04 72.76 12.14
N LYS H 174 -31.90 72.90 13.16
CA LYS H 174 -33.34 72.61 13.05
C LYS H 174 -33.64 71.41 12.14
N PRO H 175 -33.17 70.21 12.54
CA PRO H 175 -33.26 69.05 11.66
C PRO H 175 -34.60 68.32 11.77
N ILE H 176 -34.95 67.60 10.71
CA ILE H 176 -36.19 66.81 10.67
C ILE H 176 -36.08 65.51 11.47
N MET H 177 -34.83 65.05 11.68
CA MET H 177 -34.54 63.79 12.37
C MET H 177 -33.20 63.83 13.13
N LEU H 178 -33.15 63.08 14.22
CA LEU H 178 -31.93 62.88 14.99
C LEU H 178 -31.63 61.39 15.05
N THR H 179 -30.39 60.99 14.76
CA THR H 179 -30.00 59.58 14.86
C THR H 179 -29.02 59.34 16.00
N GLY H 180 -29.12 58.16 16.59
CA GLY H 180 -28.19 57.73 17.62
C GLY H 180 -27.79 56.28 17.43
N THR H 181 -26.52 55.99 17.70
CA THR H 181 -26.00 54.61 17.68
C THR H 181 -25.39 54.29 19.03
N ALA H 182 -25.69 53.10 19.56
CA ALA H 182 -25.04 52.62 20.78
C ALA H 182 -24.81 51.11 20.74
N LEU H 183 -23.62 50.67 21.14
CA LEU H 183 -23.20 49.28 20.98
C LEU H 183 -22.83 48.51 22.26
N MET H 184 -22.87 49.20 23.41
CA MET H 184 -22.51 48.56 24.67
C MET H 184 -23.67 48.66 25.67
N THR H 185 -23.81 47.65 26.53
CA THR H 185 -24.85 47.66 27.58
C THR H 185 -24.49 48.67 28.66
N THR H 186 -23.34 49.30 28.46
CA THR H 186 -22.77 50.20 29.44
C THR H 186 -22.83 51.62 28.85
N THR H 187 -23.74 51.78 27.87
CA THR H 187 -23.79 52.98 27.00
C THR H 187 -25.18 53.29 26.39
N MET H 188 -26.05 52.27 26.30
CA MET H 188 -27.40 52.44 25.71
C MET H 188 -28.17 53.55 26.38
N TYR H 189 -27.72 53.91 27.58
CA TYR H 189 -28.41 54.87 28.44
C TYR H 189 -27.99 56.34 28.23
N ALA H 190 -27.16 56.59 27.22
CA ALA H 190 -26.98 57.94 26.70
C ALA H 190 -28.16 58.29 25.76
N PHE H 191 -29.01 57.30 25.50
CA PHE H 191 -30.27 57.49 24.77
C PHE H 191 -31.34 58.11 25.69
N LYS H 192 -31.22 57.83 26.99
CA LYS H 192 -32.06 58.46 28.02
C LYS H 192 -31.97 59.97 27.95
N GLU H 193 -30.81 60.49 28.34
CA GLU H 193 -30.56 61.93 28.49
C GLU H 193 -30.87 62.74 27.24
N VAL H 194 -30.58 62.19 26.07
CA VAL H 194 -30.86 62.89 24.82
C VAL H 194 -32.36 62.96 24.58
N ASN H 195 -33.08 61.86 24.80
CA ASN H 195 -34.55 61.87 24.74
C ASN H 195 -35.19 62.79 25.79
N ASP H 196 -34.76 62.64 27.06
CA ASP H 196 -35.26 63.45 28.18
C ASP H 196 -34.96 64.95 28.04
N MET H 197 -33.69 65.27 27.79
CA MET H 197 -33.21 66.65 27.70
C MET H 197 -33.61 67.33 26.37
N LEU H 198 -34.39 66.62 25.53
CA LEU H 198 -34.93 67.23 24.31
C LEU H 198 -36.39 67.69 24.43
N LEU H 199 -37.13 67.07 25.35
CA LEU H 199 -38.51 67.48 25.64
C LEU H 199 -38.60 68.40 26.87
N GLU H 200 -37.60 68.30 27.75
CA GLU H 200 -37.36 69.30 28.79
C GLU H 200 -36.77 70.55 28.13
N ASN H 201 -37.12 70.71 26.86
CA ASN H 201 -36.61 71.77 26.01
C ASN H 201 -37.53 71.90 24.81
N GLY H 202 -38.53 71.02 24.75
CA GLY H 202 -39.64 71.11 23.81
C GLY H 202 -39.37 71.00 22.31
N ILE H 203 -38.68 69.93 21.92
CA ILE H 203 -38.52 69.58 20.50
C ILE H 203 -39.04 68.15 20.27
N LYS H 204 -39.96 68.00 19.32
CA LYS H 204 -40.58 66.71 19.00
C LYS H 204 -40.27 66.29 17.55
N ILE H 205 -38.99 66.01 17.31
CA ILE H 205 -38.54 65.40 16.07
C ILE H 205 -38.14 63.95 16.35
N PRO H 206 -38.39 63.02 15.39
CA PRO H 206 -38.08 61.60 15.60
C PRO H 206 -36.59 61.32 15.87
N PHE H 207 -36.35 60.53 16.92
CA PHE H 207 -35.01 60.10 17.30
C PHE H 207 -34.81 58.65 16.83
N ALA H 208 -34.25 58.52 15.62
CA ALA H 208 -33.96 57.22 14.99
C ALA H 208 -32.77 56.54 15.66
N CYS H 209 -33.05 55.42 16.31
CA CYS H 209 -32.13 54.85 17.30
C CYS H 209 -31.70 53.43 16.97
N GLY H 210 -30.45 53.28 16.56
CA GLY H 210 -29.93 51.96 16.21
C GLY H 210 -28.78 51.51 17.09
N GLY H 211 -28.22 50.35 16.76
CA GLY H 211 -27.05 49.83 17.45
C GLY H 211 -27.14 48.36 17.78
N GLY H 212 -25.96 47.75 17.96
CA GLY H 212 -25.83 46.35 18.32
C GLY H 212 -26.45 46.01 19.67
N ALA H 213 -26.36 46.93 20.61
CA ALA H 213 -26.97 46.74 21.93
C ALA H 213 -28.44 47.18 21.96
N VAL H 214 -28.90 47.79 20.88
CA VAL H 214 -30.24 48.39 20.82
C VAL H 214 -31.25 47.45 20.13
N ASN H 215 -32.41 47.29 20.77
CA ASN H 215 -33.51 46.55 20.15
C ASN H 215 -34.83 47.33 20.14
N GLN H 216 -35.91 46.68 19.71
CA GLN H 216 -37.24 47.29 19.66
C GLN H 216 -37.80 47.57 21.07
N ASP H 217 -37.59 46.61 21.96
CA ASP H 217 -38.03 46.72 23.36
C ASP H 217 -37.40 47.92 24.07
N PHE H 218 -36.13 48.20 23.75
CA PHE H 218 -35.37 49.24 24.44
C PHE H 218 -35.74 50.65 24.01
N VAL H 219 -36.06 50.84 22.74
CA VAL H 219 -36.40 52.18 22.21
C VAL H 219 -37.90 52.49 22.27
N SER H 220 -38.70 51.49 22.62
CA SER H 220 -40.15 51.68 22.82
C SER H 220 -40.46 52.54 24.05
N GLN H 221 -39.71 52.29 25.13
CA GLN H 221 -39.89 53.02 26.39
C GLN H 221 -39.58 54.52 26.29
N PHE H 222 -38.80 54.93 25.30
CA PHE H 222 -38.45 56.34 25.12
C PHE H 222 -39.50 57.08 24.29
N ALA H 223 -39.91 58.25 24.80
CA ALA H 223 -41.02 59.01 24.24
C ALA H 223 -40.84 59.38 22.76
N LEU H 224 -39.62 59.75 22.38
CA LEU H 224 -39.31 60.14 21.00
C LEU H 224 -38.61 59.04 20.18
N GLY H 225 -38.62 57.81 20.69
CA GLY H 225 -37.88 56.71 20.09
C GLY H 225 -38.41 56.15 18.78
N VAL H 226 -37.49 55.90 17.85
CA VAL H 226 -37.76 55.15 16.61
C VAL H 226 -36.63 54.12 16.45
N TYR H 227 -36.97 52.89 16.06
CA TYR H 227 -35.96 51.82 15.95
C TYR H 227 -35.55 51.44 14.51
N GLY H 228 -34.25 51.49 14.25
CA GLY H 228 -33.66 50.96 13.02
C GLY H 228 -32.65 49.86 13.32
N GLU H 229 -32.89 48.68 12.77
CA GLU H 229 -31.95 47.56 12.92
C GLU H 229 -30.88 47.61 11.83
N GLU H 230 -31.20 48.31 10.74
CA GLU H 230 -30.36 48.39 9.57
C GLU H 230 -30.02 49.84 9.27
N ALA H 231 -28.79 50.09 8.83
CA ALA H 231 -28.38 51.42 8.39
C ALA H 231 -29.20 51.86 7.20
N ALA H 232 -29.74 50.88 6.47
CA ALA H 232 -30.67 51.10 5.38
C ALA H 232 -32.07 51.52 5.86
N ASP H 233 -32.33 51.36 7.16
CA ASP H 233 -33.60 51.79 7.74
C ASP H 233 -33.55 53.23 8.23
N ALA H 234 -32.39 53.87 8.10
CA ALA H 234 -32.20 55.24 8.54
C ALA H 234 -32.67 56.31 7.53
N PRO H 235 -32.48 56.09 6.21
CA PRO H 235 -33.12 56.99 5.26
C PRO H 235 -34.56 56.57 4.89
N LYS H 236 -34.91 55.32 5.19
CA LYS H 236 -36.27 54.80 4.96
C LYS H 236 -37.25 55.30 6.04
N ILE H 237 -36.71 55.88 7.10
CA ILE H 237 -37.52 56.50 8.16
C ILE H 237 -37.62 58.03 8.01
N ALA H 238 -36.54 58.66 7.54
CA ALA H 238 -36.50 60.10 7.24
C ALA H 238 -37.36 60.46 6.01
N ASP H 239 -37.69 59.43 5.22
CA ASP H 239 -38.63 59.55 4.10
C ASP H 239 -40.06 59.77 4.60
N ALA H 240 -40.47 58.98 5.59
CA ALA H 240 -41.82 59.07 6.17
C ALA H 240 -42.06 60.35 7.00
N ILE H 241 -41.00 61.13 7.20
CA ILE H 241 -41.09 62.42 7.91
C ILE H 241 -41.43 63.56 6.95
N ILE H 242 -40.92 63.48 5.71
CA ILE H 242 -41.28 64.42 4.64
C ILE H 242 -42.62 64.02 4.01
N ALA H 243 -43.27 63.02 4.59
CA ALA H 243 -44.58 62.54 4.15
C ALA H 243 -45.69 62.68 5.21
N GLY H 244 -45.62 63.76 6.00
CA GLY H 244 -46.71 64.14 6.91
C GLY H 244 -46.62 63.66 8.35
N THR H 245 -45.92 62.56 8.60
CA THR H 245 -45.84 61.97 9.94
C THR H 245 -44.64 62.48 10.74
N THR H 246 -44.92 63.27 11.77
CA THR H 246 -43.91 63.68 12.74
C THR H 246 -44.34 63.12 14.11
N ASP H 247 -45.36 62.27 14.09
CA ASP H 247 -45.92 61.65 15.28
C ASP H 247 -45.10 60.42 15.67
N VAL H 248 -45.02 60.15 16.98
CA VAL H 248 -44.22 59.05 17.52
C VAL H 248 -44.92 57.68 17.49
N THR H 249 -46.13 57.61 18.03
CA THR H 249 -46.89 56.35 18.11
C THR H 249 -47.43 55.92 16.74
N GLU H 250 -47.45 56.88 15.81
CA GLU H 250 -47.90 56.62 14.43
C GLU H 250 -46.77 56.03 13.57
N LEU H 251 -45.56 56.54 13.75
CA LEU H 251 -44.37 55.97 13.09
C LEU H 251 -44.04 54.58 13.67
N ARG H 252 -44.21 54.45 14.98
CA ARG H 252 -44.05 53.16 15.68
C ARG H 252 -45.04 52.11 15.20
N GLU H 253 -46.24 52.55 14.84
CA GLU H 253 -47.29 51.65 14.36
C GLU H 253 -46.84 50.95 13.06
N LYS H 254 -46.12 51.68 12.22
CA LYS H 254 -45.68 51.17 10.93
C LYS H 254 -44.34 50.42 10.99
N PHE H 255 -43.40 50.95 11.77
CA PHE H 255 -42.01 50.46 11.75
C PHE H 255 -41.60 49.42 12.81
N HIS H 256 -42.24 49.47 13.99
CA HIS H 256 -41.98 48.52 15.09
C HIS H 256 -42.47 47.08 14.76
N LYS H 257 -43.17 46.45 15.72
CA LYS H 257 -43.75 45.10 15.55
C LYS H 257 -42.76 44.00 15.10
N HIS H 258 -41.53 44.08 15.61
CA HIS H 258 -40.45 43.15 15.24
C HIS H 258 -40.65 41.75 15.81
N ALA I 3 -17.75 -40.43 -19.51
CA ALA I 3 -16.60 -41.09 -20.19
C ALA I 3 -15.27 -40.77 -19.48
N LYS I 4 -14.67 -39.64 -19.85
CA LYS I 4 -13.41 -39.18 -19.24
C LYS I 4 -13.73 -38.08 -18.22
N ARG I 5 -13.59 -38.39 -16.93
CA ARG I 5 -14.13 -37.56 -15.84
C ARG I 5 -13.18 -36.48 -15.31
N TYR I 6 -13.74 -35.42 -14.72
CA TYR I 6 -12.98 -34.28 -14.24
C TYR I 6 -12.48 -34.46 -12.81
N THR I 7 -11.18 -34.23 -12.59
CA THR I 7 -10.60 -34.34 -11.26
C THR I 7 -9.80 -33.11 -10.81
N SER I 8 -9.86 -32.03 -11.59
CA SER I 8 -9.31 -30.73 -11.18
C SER I 8 -10.03 -29.59 -11.87
N MET I 9 -9.77 -28.37 -11.43
CA MET I 9 -10.43 -27.23 -12.00
C MET I 9 -9.63 -26.67 -13.17
N ALA I 10 -10.36 -26.25 -14.21
CA ALA I 10 -9.75 -25.57 -15.35
C ALA I 10 -9.28 -24.15 -15.02
N TYR I 11 -9.86 -23.51 -14.02
CA TYR I 11 -9.38 -22.20 -13.58
C TYR I 11 -8.71 -22.30 -12.20
N ALA I 12 -7.68 -21.50 -11.97
CA ALA I 12 -6.88 -21.61 -10.76
C ALA I 12 -7.63 -21.08 -9.53
N ASN I 13 -8.65 -20.26 -9.76
CA ASN I 13 -9.51 -19.69 -8.71
C ASN I 13 -10.65 -18.90 -9.35
N ALA I 14 -11.57 -18.43 -8.51
CA ALA I 14 -12.84 -17.90 -8.99
C ALA I 14 -12.61 -16.60 -9.78
N ASP I 15 -11.66 -15.81 -9.29
CA ASP I 15 -11.31 -14.50 -9.84
C ASP I 15 -10.82 -14.48 -11.29
N GLU I 16 -10.49 -15.64 -11.84
CA GLU I 16 -9.92 -15.70 -13.17
C GLU I 16 -11.01 -15.74 -14.21
N MET I 17 -12.22 -16.03 -13.74
CA MET I 17 -13.37 -16.24 -14.59
C MET I 17 -14.02 -14.91 -14.95
N THR I 18 -14.53 -14.84 -16.16
CA THR I 18 -15.21 -13.66 -16.63
C THR I 18 -16.09 -14.00 -17.84
N PHE I 19 -16.94 -13.05 -18.22
CA PHE I 19 -17.84 -13.24 -19.35
C PHE I 19 -17.14 -13.08 -20.69
N GLY I 20 -17.62 -13.81 -21.69
CA GLY I 20 -17.10 -13.72 -23.06
C GLY I 20 -15.74 -14.36 -23.34
N VAL I 21 -14.99 -14.71 -22.28
CA VAL I 21 -13.78 -15.49 -22.46
C VAL I 21 -13.89 -16.79 -21.70
N SER I 22 -13.70 -17.89 -22.42
CA SER I 22 -13.46 -19.17 -21.80
C SER I 22 -12.10 -19.74 -22.20
N LYS I 23 -11.62 -20.71 -21.42
CA LYS I 23 -10.32 -21.32 -21.61
C LYS I 23 -10.25 -22.08 -22.91
N TYR I 24 -11.31 -22.85 -23.22
CA TYR I 24 -11.41 -23.61 -24.49
C TYR I 24 -12.47 -23.09 -25.49
N PRO I 25 -12.12 -22.06 -26.27
CA PRO I 25 -13.08 -21.37 -27.14
C PRO I 25 -13.65 -22.29 -28.21
N VAL I 26 -14.83 -21.93 -28.76
CA VAL I 26 -15.49 -22.76 -29.82
C VAL I 26 -15.66 -21.99 -31.14
N LYS I 27 -15.24 -22.62 -32.24
CA LYS I 27 -15.36 -22.01 -33.57
C LYS I 27 -16.52 -22.68 -34.28
N ALA I 28 -17.49 -21.89 -34.76
CA ALA I 28 -18.64 -22.47 -35.48
C ALA I 28 -19.30 -21.53 -36.48
N GLY I 29 -20.15 -22.12 -37.33
CA GLY I 29 -21.03 -21.39 -38.23
C GLY I 29 -20.30 -20.42 -39.10
N LEU I 30 -20.87 -19.25 -39.28
CA LEU I 30 -20.32 -18.30 -40.24
C LEU I 30 -19.39 -17.33 -39.53
N ASP I 31 -18.15 -17.79 -39.38
CA ASP I 31 -17.11 -16.91 -38.90
C ASP I 31 -17.34 -16.46 -37.46
N LEU I 32 -17.96 -17.32 -36.67
CA LEU I 32 -18.24 -17.03 -35.29
C LEU I 32 -17.30 -17.78 -34.31
N GLU I 33 -16.89 -17.10 -33.24
CA GLU I 33 -16.12 -17.72 -32.15
C GLU I 33 -16.78 -17.46 -30.81
N ILE I 34 -17.00 -18.54 -30.03
CA ILE I 34 -17.69 -18.45 -28.73
C ILE I 34 -16.65 -18.62 -27.63
N GLY I 35 -16.64 -17.71 -26.67
CA GLY I 35 -15.64 -17.75 -25.61
C GLY I 35 -14.28 -17.19 -26.03
N ALA I 36 -14.26 -16.39 -27.10
CA ALA I 36 -13.01 -15.85 -27.63
C ALA I 36 -12.80 -14.35 -27.48
N GLY I 37 -13.33 -13.75 -26.44
CA GLY I 37 -13.13 -12.32 -26.27
C GLY I 37 -14.37 -11.48 -26.44
N TYR I 38 -15.49 -12.08 -26.87
CA TYR I 38 -16.74 -11.31 -26.94
C TYR I 38 -17.98 -12.16 -26.62
N THR I 39 -18.93 -11.53 -25.94
CA THR I 39 -20.20 -12.18 -25.66
C THR I 39 -21.13 -12.01 -26.84
N ILE I 40 -22.03 -12.97 -27.03
CA ILE I 40 -22.87 -13.10 -28.22
C ILE I 40 -24.34 -13.36 -27.81
N PRO I 41 -25.28 -12.56 -28.34
CA PRO I 41 -26.70 -12.83 -28.05
C PRO I 41 -27.23 -14.08 -28.74
N GLU I 42 -28.06 -14.85 -28.06
CA GLU I 42 -28.67 -16.07 -28.61
C GLU I 42 -30.21 -15.97 -28.54
N ILE I 43 -30.86 -15.72 -29.67
CA ILE I 43 -32.30 -15.49 -29.68
C ILE I 43 -33.07 -16.83 -29.77
N ASN I 44 -34.10 -16.97 -28.94
CA ASN I 44 -34.97 -18.13 -28.92
C ASN I 44 -36.39 -17.75 -29.26
N TYR I 45 -37.16 -18.69 -29.79
CA TYR I 45 -38.51 -18.36 -30.30
C TYR I 45 -39.35 -19.63 -30.46
N ALA I 46 -40.65 -19.48 -30.28
CA ALA I 46 -41.60 -20.57 -30.54
C ALA I 46 -42.61 -20.14 -31.61
N PRO I 47 -42.99 -21.09 -32.48
CA PRO I 47 -43.95 -20.80 -33.56
C PRO I 47 -45.33 -20.70 -32.95
N ARG I 48 -46.20 -19.95 -33.61
CA ARG I 48 -47.61 -19.89 -33.23
C ARG I 48 -48.23 -21.28 -33.43
N PRO I 49 -49.29 -21.61 -32.66
CA PRO I 49 -49.96 -22.92 -32.81
C PRO I 49 -50.37 -23.26 -34.26
N GLU I 50 -50.85 -22.26 -35.01
CA GLU I 50 -51.23 -22.44 -36.41
C GLU I 50 -50.10 -22.98 -37.29
N ALA I 51 -48.86 -22.59 -37.03
CA ALA I 51 -47.72 -23.00 -37.88
C ALA I 51 -47.38 -24.49 -37.77
N GLY I 52 -47.81 -25.15 -36.70
CA GLY I 52 -47.53 -26.56 -36.50
C GLY I 52 -48.44 -27.45 -37.33
N ALA I 53 -49.42 -26.83 -37.99
CA ALA I 53 -50.40 -27.53 -38.80
C ALA I 53 -49.70 -28.44 -39.81
N SER I 54 -48.92 -27.86 -40.72
CA SER I 54 -48.16 -28.63 -41.70
C SER I 54 -46.69 -28.23 -41.65
N LYS I 55 -45.83 -29.07 -42.21
CA LYS I 55 -44.38 -28.83 -42.22
C LYS I 55 -44.04 -27.56 -43.02
N GLU I 56 -44.80 -27.29 -44.07
CA GLU I 56 -44.57 -26.16 -44.96
C GLU I 56 -44.83 -24.85 -44.22
N LYS I 57 -45.88 -24.84 -43.41
CA LYS I 57 -46.21 -23.72 -42.53
C LYS I 57 -45.17 -23.48 -41.45
N LEU I 58 -44.57 -24.56 -40.96
CA LEU I 58 -43.53 -24.50 -39.95
C LEU I 58 -42.27 -23.87 -40.54
N ILE I 59 -41.97 -24.23 -41.78
CA ILE I 59 -40.77 -23.72 -42.42
C ILE I 59 -40.94 -22.23 -42.65
N LYS I 60 -42.17 -21.86 -43.04
CA LYS I 60 -42.53 -20.49 -43.32
C LYS I 60 -42.31 -19.67 -42.06
N GLU I 61 -42.92 -20.11 -40.96
CA GLU I 61 -42.82 -19.45 -39.67
C GLU I 61 -41.34 -19.20 -39.31
N TYR I 62 -40.53 -20.23 -39.42
CA TYR I 62 -39.12 -20.13 -39.11
C TYR I 62 -38.36 -19.23 -40.07
N GLU I 63 -38.75 -19.21 -41.34
CA GLU I 63 -38.19 -18.24 -42.28
C GLU I 63 -38.46 -16.77 -41.87
N ARG I 64 -39.70 -16.47 -41.55
CA ARG I 64 -40.03 -15.15 -41.00
C ARG I 64 -39.16 -14.83 -39.77
N ILE I 65 -39.20 -15.72 -38.79
CA ILE I 65 -38.40 -15.56 -37.58
C ILE I 65 -36.96 -15.19 -37.94
N THR I 66 -36.30 -16.04 -38.72
CA THR I 66 -34.89 -15.86 -39.08
C THR I 66 -34.65 -14.52 -39.77
N THR I 67 -35.49 -14.21 -40.78
CA THR I 67 -35.43 -12.96 -41.50
C THR I 67 -35.60 -11.73 -40.57
N ASP I 68 -36.58 -11.77 -39.69
CA ASP I 68 -36.76 -10.63 -38.80
C ASP I 68 -35.59 -10.37 -37.90
N VAL I 69 -34.96 -11.45 -37.40
CA VAL I 69 -33.81 -11.33 -36.49
C VAL I 69 -32.60 -10.76 -37.22
N MET I 70 -32.21 -11.41 -38.32
CA MET I 70 -31.01 -10.96 -39.06
C MET I 70 -31.16 -9.46 -39.44
N GLU I 71 -32.35 -9.11 -39.95
CA GLU I 71 -32.68 -7.75 -40.34
C GLU I 71 -32.46 -6.76 -39.19
N ARG I 72 -32.97 -7.07 -37.99
CA ARG I 72 -32.85 -6.22 -36.84
C ARG I 72 -31.41 -6.01 -36.45
N MET I 73 -30.63 -7.11 -36.44
CA MET I 73 -29.23 -7.04 -36.09
C MET I 73 -28.45 -6.05 -36.97
N VAL I 74 -28.70 -6.05 -38.28
CA VAL I 74 -27.93 -5.17 -39.16
C VAL I 74 -28.44 -3.73 -39.14
N GLN I 75 -29.73 -3.55 -38.81
CA GLN I 75 -30.30 -2.19 -38.68
C GLN I 75 -29.75 -1.41 -37.46
N VAL I 76 -29.20 -2.12 -36.47
CA VAL I 76 -28.79 -1.49 -35.23
C VAL I 76 -27.28 -1.65 -35.05
N GLY I 77 -26.65 -2.42 -35.94
CA GLY I 77 -25.21 -2.43 -36.00
C GLY I 77 -24.51 -3.50 -35.14
N PHE I 78 -25.27 -4.49 -34.72
CA PHE I 78 -24.69 -5.57 -33.95
C PHE I 78 -23.78 -6.44 -34.79
N PRO I 79 -22.61 -6.82 -34.24
CA PRO I 79 -21.66 -7.59 -35.05
C PRO I 79 -21.94 -9.09 -35.14
N ALA I 80 -22.74 -9.64 -34.22
CA ALA I 80 -22.85 -11.11 -34.11
C ALA I 80 -24.15 -11.55 -33.48
N ILE I 81 -24.61 -12.74 -33.85
CA ILE I 81 -25.85 -13.30 -33.32
C ILE I 81 -25.90 -14.81 -33.47
N ILE I 82 -26.51 -15.49 -32.51
CA ILE I 82 -26.80 -16.91 -32.62
C ILE I 82 -28.32 -17.11 -32.62
N LEU I 83 -28.82 -18.05 -33.42
CA LEU I 83 -30.25 -18.36 -33.35
C LEU I 83 -30.38 -19.76 -32.85
N GLU I 84 -31.30 -19.97 -31.91
CA GLU I 84 -31.55 -21.32 -31.44
C GLU I 84 -32.97 -21.71 -31.73
N THR I 85 -33.13 -22.92 -32.25
CA THR I 85 -34.42 -23.44 -32.63
C THR I 85 -34.68 -24.66 -31.77
N GLU I 86 -35.57 -24.51 -30.80
CA GLU I 86 -35.92 -25.65 -29.96
C GLU I 86 -37.02 -26.40 -30.70
N HIS I 87 -36.71 -27.62 -31.12
CA HIS I 87 -37.64 -28.42 -31.90
C HIS I 87 -38.97 -28.54 -31.19
N VAL I 88 -40.05 -28.39 -31.93
CA VAL I 88 -41.31 -28.88 -31.43
C VAL I 88 -41.26 -30.42 -31.62
N GLN I 89 -41.93 -31.19 -30.77
CA GLN I 89 -41.93 -32.66 -30.89
C GLN I 89 -41.94 -33.21 -32.33
N GLN I 90 -42.68 -32.60 -33.25
CA GLN I 90 -42.81 -33.20 -34.60
C GLN I 90 -41.59 -32.95 -35.51
N MET I 91 -40.75 -31.99 -35.12
CA MET I 91 -39.49 -31.75 -35.83
C MET I 91 -38.42 -32.78 -35.48
N SER I 92 -38.56 -33.39 -34.31
CA SER I 92 -37.64 -34.45 -33.87
C SER I 92 -38.17 -35.85 -34.22
N ASN I 93 -39.49 -36.05 -34.17
CA ASN I 93 -40.10 -37.34 -34.50
C ASN I 93 -40.04 -37.64 -35.99
N ASN I 94 -40.09 -36.59 -36.78
CA ASN I 94 -39.97 -36.68 -38.22
C ASN I 94 -38.69 -35.89 -38.52
N PRO I 95 -37.53 -36.56 -38.46
CA PRO I 95 -36.22 -35.90 -38.45
C PRO I 95 -35.99 -34.92 -39.60
N SER I 96 -36.56 -35.22 -40.77
CA SER I 96 -36.35 -34.35 -41.93
C SER I 96 -37.08 -33.01 -41.83
N TRP I 97 -38.11 -32.93 -40.99
CA TRP I 97 -38.77 -31.67 -40.69
C TRP I 97 -37.77 -30.73 -40.05
N GLY I 98 -37.21 -31.15 -38.92
CA GLY I 98 -36.15 -30.40 -38.25
C GLY I 98 -35.05 -30.03 -39.22
N ALA I 99 -34.75 -30.95 -40.13
CA ALA I 99 -33.66 -30.75 -41.07
C ALA I 99 -33.96 -29.67 -42.10
N GLU I 100 -35.16 -29.72 -42.65
CA GLU I 100 -35.59 -28.75 -43.64
C GLU I 100 -35.64 -27.34 -43.04
N VAL I 101 -36.07 -27.25 -41.78
CA VAL I 101 -36.05 -25.99 -41.05
C VAL I 101 -34.61 -25.49 -40.92
N ALA I 102 -33.72 -26.31 -40.36
CA ALA I 102 -32.31 -25.98 -40.31
C ALA I 102 -31.81 -25.36 -41.63
N HIS I 103 -32.20 -25.97 -42.74
CA HIS I 103 -31.71 -25.57 -44.05
C HIS I 103 -32.30 -24.23 -44.48
N ALA I 104 -33.60 -24.07 -44.26
CA ALA I 104 -34.25 -22.81 -44.62
C ALA I 104 -33.63 -21.66 -43.83
N GLN I 105 -33.55 -21.82 -42.51
CA GLN I 105 -32.88 -20.85 -41.64
C GLN I 105 -31.44 -20.56 -42.08
N LYS I 106 -30.63 -21.60 -42.26
CA LYS I 106 -29.24 -21.36 -42.66
C LYS I 106 -29.13 -20.57 -43.97
N THR I 107 -29.96 -20.90 -44.95
CA THR I 107 -29.97 -20.19 -46.23
C THR I 107 -30.07 -18.69 -46.02
N ILE I 108 -31.04 -18.26 -45.22
CA ILE I 108 -31.20 -16.85 -44.90
C ILE I 108 -29.97 -16.27 -44.19
N MET I 109 -29.42 -17.01 -43.22
CA MET I 109 -28.24 -16.49 -42.50
C MET I 109 -27.04 -16.30 -43.42
N GLU I 110 -26.83 -17.25 -44.32
CA GLU I 110 -25.73 -17.11 -45.27
C GLU I 110 -25.88 -15.83 -46.11
N LYS I 111 -27.12 -15.51 -46.47
CA LYS I 111 -27.38 -14.38 -47.32
C LYS I 111 -27.03 -13.07 -46.58
N TYR I 112 -27.48 -12.92 -45.35
CA TYR I 112 -27.09 -11.76 -44.54
C TYR I 112 -25.59 -11.69 -44.28
N HIS I 113 -25.00 -12.86 -43.98
CA HIS I 113 -23.55 -12.98 -43.79
C HIS I 113 -22.77 -12.53 -45.03
N ASP I 114 -23.20 -12.97 -46.22
CA ASP I 114 -22.50 -12.61 -47.45
C ASP I 114 -22.66 -11.13 -47.81
N GLU I 115 -23.80 -10.54 -47.49
CA GLU I 115 -24.01 -9.12 -47.74
C GLU I 115 -23.37 -8.18 -46.73
N TYR I 116 -23.42 -8.57 -45.46
CA TYR I 116 -23.16 -7.64 -44.39
C TYR I 116 -21.91 -7.96 -43.59
N GLY I 117 -21.47 -9.23 -43.61
CA GLY I 117 -20.29 -9.65 -42.84
C GLY I 117 -20.63 -10.01 -41.39
N ILE I 118 -21.92 -9.96 -41.04
CA ILE I 118 -22.36 -10.28 -39.70
C ILE I 118 -22.03 -11.74 -39.33
N LYS I 119 -21.39 -11.91 -38.17
CA LYS I 119 -21.01 -13.22 -37.64
C LYS I 119 -22.20 -13.94 -37.02
N CYS I 120 -22.41 -15.22 -37.36
CA CYS I 120 -23.55 -15.94 -36.80
C CYS I 120 -23.44 -17.45 -36.86
N ALA I 121 -24.28 -18.11 -36.09
CA ALA I 121 -24.32 -19.57 -36.03
C ALA I 121 -25.70 -19.97 -35.63
N LEU I 122 -26.05 -21.22 -35.94
CA LEU I 122 -27.38 -21.77 -35.66
C LEU I 122 -27.27 -22.98 -34.70
N ARG I 123 -28.11 -22.97 -33.67
CA ARG I 123 -28.18 -24.06 -32.73
C ARG I 123 -29.51 -24.72 -32.86
N HIS I 124 -29.50 -26.04 -33.05
CA HIS I 124 -30.74 -26.81 -33.02
C HIS I 124 -30.74 -27.68 -31.80
N THR I 125 -31.82 -27.56 -31.05
CA THR I 125 -32.04 -28.34 -29.87
C THR I 125 -33.19 -29.35 -30.10
N ILE I 126 -32.78 -30.58 -30.37
CA ILE I 126 -33.67 -31.74 -30.62
C ILE I 126 -34.50 -32.05 -29.38
N GLY I 127 -35.75 -32.42 -29.60
CA GLY I 127 -36.62 -32.81 -28.47
C GLY I 127 -36.32 -34.23 -28.03
N ASP I 128 -36.19 -34.44 -26.73
CA ASP I 128 -36.03 -35.79 -26.17
C ASP I 128 -37.36 -36.51 -26.35
N ILE I 129 -37.44 -37.31 -27.41
CA ILE I 129 -38.68 -37.96 -27.85
C ILE I 129 -38.80 -39.40 -27.34
N ARG I 130 -37.84 -39.80 -26.49
CA ARG I 130 -37.67 -41.17 -26.03
C ARG I 130 -38.68 -41.53 -24.94
N GLU I 131 -39.95 -41.63 -25.33
CA GLU I 131 -41.06 -41.71 -24.36
C GLU I 131 -42.38 -42.01 -25.10
N ASN I 132 -43.23 -42.83 -24.50
CA ASN I 132 -44.60 -42.99 -25.00
C ASN I 132 -45.56 -42.44 -23.98
N ARG I 133 -46.83 -42.78 -24.09
CA ARG I 133 -47.86 -42.21 -23.22
C ARG I 133 -47.78 -42.75 -21.78
N GLU I 134 -47.31 -43.98 -21.59
CA GLU I 134 -47.17 -44.52 -20.21
C GLU I 134 -45.83 -44.23 -19.51
N PHE I 135 -44.72 -44.68 -20.08
CA PHE I 135 -43.41 -44.45 -19.43
C PHE I 135 -42.31 -43.86 -20.31
N LEU I 136 -41.21 -43.47 -19.66
CA LEU I 136 -39.98 -43.12 -20.35
C LEU I 136 -39.45 -44.36 -21.04
N GLN I 137 -38.84 -44.18 -22.22
CA GLN I 137 -38.22 -45.26 -22.99
C GLN I 137 -36.86 -44.82 -23.54
N LEU I 138 -35.98 -44.47 -22.64
CA LEU I 138 -34.71 -43.82 -22.95
C LEU I 138 -33.81 -44.64 -23.86
N ARG I 139 -34.07 -45.93 -23.95
CA ARG I 139 -33.22 -46.86 -24.68
C ARG I 139 -34.08 -47.75 -25.57
N GLY I 140 -35.23 -47.23 -25.99
CA GLY I 140 -36.21 -47.99 -26.78
C GLY I 140 -36.20 -47.73 -28.27
N ASP I 141 -37.36 -47.94 -28.89
CA ASP I 141 -37.52 -47.91 -30.35
C ASP I 141 -37.19 -46.58 -30.96
N LYS I 142 -37.29 -45.52 -30.16
CA LYS I 142 -37.15 -44.15 -30.63
C LYS I 142 -35.70 -43.65 -30.60
N TYR I 143 -34.80 -44.39 -29.93
CA TYR I 143 -33.43 -43.95 -29.76
C TYR I 143 -32.77 -43.64 -31.10
N SER I 144 -33.01 -44.51 -32.09
CA SER I 144 -32.43 -44.35 -33.44
C SER I 144 -32.96 -43.11 -34.18
N VAL I 145 -34.24 -42.81 -33.95
CA VAL I 145 -34.92 -41.66 -34.55
C VAL I 145 -34.35 -40.34 -33.98
N PHE I 146 -34.23 -40.32 -32.65
CA PHE I 146 -33.52 -39.33 -31.86
C PHE I 146 -32.17 -38.99 -32.49
N LEU I 147 -31.33 -40.01 -32.72
CA LEU I 147 -30.01 -39.81 -33.35
C LEU I 147 -30.12 -39.31 -34.80
N GLU I 148 -31.08 -39.84 -35.55
CA GLU I 148 -31.30 -39.40 -36.93
C GLU I 148 -31.61 -37.91 -37.03
N ALA I 149 -32.36 -37.39 -36.04
CA ALA I 149 -32.67 -35.96 -35.95
C ALA I 149 -31.41 -35.11 -35.74
N PHE I 150 -30.56 -35.51 -34.80
CA PHE I 150 -29.23 -34.89 -34.64
C PHE I 150 -28.46 -34.87 -35.97
N GLU I 151 -28.23 -36.02 -36.60
CA GLU I 151 -27.40 -35.97 -37.79
C GLU I 151 -28.09 -35.32 -38.97
N GLN I 152 -29.40 -35.43 -39.03
CA GLN I 152 -30.17 -34.74 -40.06
C GLN I 152 -30.04 -33.21 -39.99
N CYS I 153 -30.17 -32.66 -38.78
CA CYS I 153 -30.06 -31.23 -38.57
C CYS I 153 -28.63 -30.79 -38.79
N ALA I 154 -27.68 -31.56 -38.25
CA ALA I 154 -26.24 -31.30 -38.40
C ALA I 154 -25.79 -31.24 -39.86
N GLU I 155 -26.40 -32.07 -40.70
CA GLU I 155 -26.05 -32.14 -42.10
C GLU I 155 -26.72 -31.07 -42.93
N ASN I 156 -27.66 -30.32 -42.33
CA ASN I 156 -28.50 -29.38 -43.10
C ASN I 156 -28.50 -27.94 -42.61
N GLY I 157 -27.47 -27.55 -41.88
CA GLY I 157 -27.33 -26.16 -41.49
C GLY I 157 -27.11 -25.85 -40.01
N ALA I 158 -27.50 -26.76 -39.12
CA ALA I 158 -27.24 -26.54 -37.70
C ALA I 158 -25.74 -26.65 -37.39
N ASP I 159 -25.22 -25.65 -36.66
CA ASP I 159 -23.82 -25.58 -36.26
C ASP I 159 -23.64 -26.12 -34.85
N LEU I 160 -24.63 -25.87 -34.00
CA LEU I 160 -24.56 -26.29 -32.63
C LEU I 160 -25.68 -27.30 -32.33
N LEU I 161 -25.31 -28.42 -31.70
CA LEU I 161 -26.28 -29.44 -31.30
C LEU I 161 -26.50 -29.51 -29.79
N SER I 162 -27.78 -29.48 -29.41
CA SER I 162 -28.16 -29.57 -28.01
C SER I 162 -29.45 -30.36 -27.86
N VAL I 163 -29.76 -30.69 -26.60
CA VAL I 163 -30.98 -31.36 -26.22
C VAL I 163 -31.18 -31.08 -24.71
N GLU I 164 -32.42 -31.13 -24.25
CA GLU I 164 -32.78 -31.10 -22.83
C GLU I 164 -33.29 -32.47 -22.44
N SER I 165 -32.40 -33.31 -21.93
CA SER I 165 -32.67 -34.75 -21.80
C SER I 165 -33.42 -35.09 -20.53
N MET I 166 -33.98 -36.30 -20.47
CA MET I 166 -34.99 -36.66 -19.49
C MET I 166 -34.58 -37.63 -18.38
N GLY I 167 -33.31 -38.02 -18.37
CA GLY I 167 -32.84 -38.97 -17.39
C GLY I 167 -33.15 -38.62 -15.95
N GLY I 168 -33.87 -39.51 -15.27
CA GLY I 168 -34.18 -39.38 -13.84
C GLY I 168 -35.33 -38.43 -13.60
N LYS I 169 -36.00 -38.03 -14.70
CA LYS I 169 -37.13 -37.11 -14.62
C LYS I 169 -38.31 -37.70 -13.85
N GLU I 170 -38.53 -39.01 -14.00
CA GLU I 170 -39.65 -39.68 -13.31
C GLU I 170 -39.48 -39.76 -11.80
N VAL I 171 -38.30 -40.16 -11.33
CA VAL I 171 -38.04 -40.22 -9.88
C VAL I 171 -38.05 -38.80 -9.29
N PHE I 172 -37.41 -37.85 -10.00
CA PHE I 172 -37.39 -36.44 -9.58
C PHE I 172 -38.78 -35.90 -9.35
N ASP I 173 -39.66 -36.03 -10.35
CA ASP I 173 -41.04 -35.53 -10.24
C ASP I 173 -41.72 -36.06 -8.98
N TYR I 174 -41.31 -37.25 -8.54
CA TYR I 174 -41.85 -37.85 -7.35
C TYR I 174 -41.25 -37.23 -6.09
N ALA I 175 -39.94 -37.23 -6.05
CA ALA I 175 -39.16 -36.69 -4.94
C ALA I 175 -39.33 -35.21 -4.65
N VAL I 176 -39.47 -34.41 -5.71
CA VAL I 176 -39.44 -32.94 -5.56
C VAL I 176 -40.68 -32.48 -4.84
N LEU I 177 -41.76 -33.25 -5.01
CA LEU I 177 -43.04 -32.93 -4.40
C LEU I 177 -43.13 -33.33 -2.92
N ARG I 178 -42.11 -34.03 -2.41
CA ARG I 178 -42.18 -34.61 -1.07
C ARG I 178 -40.99 -34.30 -0.16
N ASN I 179 -40.12 -33.38 -0.57
CA ASN I 179 -38.89 -33.10 0.21
C ASN I 179 -37.96 -34.31 0.38
N ASP I 180 -37.88 -35.15 -0.66
CA ASP I 180 -37.08 -36.38 -0.60
C ASP I 180 -35.66 -36.11 -1.13
N ILE I 181 -34.79 -35.67 -0.24
CA ILE I 181 -33.47 -35.22 -0.63
C ILE I 181 -32.60 -36.37 -1.19
N PRO I 182 -32.55 -37.54 -0.51
CA PRO I 182 -31.91 -38.66 -1.20
C PRO I 182 -32.52 -38.95 -2.57
N GLY I 183 -33.83 -38.75 -2.73
CA GLY I 183 -34.46 -38.93 -4.05
C GLY I 183 -33.97 -37.93 -5.10
N LEU I 184 -33.62 -36.74 -4.64
CA LEU I 184 -33.04 -35.73 -5.52
C LEU I 184 -31.64 -36.14 -5.95
N LEU I 185 -30.83 -36.59 -4.99
CA LEU I 185 -29.48 -37.09 -5.26
C LEU I 185 -29.50 -38.24 -6.24
N TYR I 186 -30.41 -39.19 -6.02
CA TYR I 186 -30.50 -40.36 -6.86
C TYR I 186 -30.92 -40.04 -8.29
N SER I 187 -32.05 -39.34 -8.45
CA SER I 187 -32.61 -39.05 -9.79
C SER I 187 -31.78 -38.08 -10.63
N ILE I 188 -31.35 -36.98 -10.02
CA ILE I 188 -30.54 -35.99 -10.73
C ILE I 188 -29.11 -36.52 -10.84
N GLY I 189 -28.48 -36.78 -9.69
CA GLY I 189 -27.05 -37.13 -9.62
C GLY I 189 -26.62 -38.48 -10.20
N CYS I 190 -27.47 -39.50 -10.04
CA CYS I 190 -27.11 -40.84 -10.50
C CYS I 190 -27.75 -41.16 -11.85
N LEU I 191 -29.07 -41.36 -11.83
CA LEU I 191 -29.84 -41.71 -13.01
C LEU I 191 -29.51 -40.74 -14.10
N GLY I 192 -29.56 -39.45 -13.74
CA GLY I 192 -29.22 -38.36 -14.65
C GLY I 192 -27.88 -38.53 -15.32
N SER I 193 -26.83 -38.75 -14.53
CA SER I 193 -25.49 -38.92 -15.07
C SER I 193 -25.39 -40.11 -16.00
N ILE I 194 -26.03 -41.22 -15.61
CA ILE I 194 -25.96 -42.44 -16.41
C ILE I 194 -26.52 -42.21 -17.82
N ASP I 195 -27.77 -41.75 -17.93
CA ASP I 195 -28.35 -41.43 -19.22
C ASP I 195 -27.52 -40.34 -19.96
N MET I 196 -27.04 -39.35 -19.20
CA MET I 196 -26.19 -38.32 -19.79
C MET I 196 -25.01 -38.92 -20.55
N GLU I 197 -24.36 -39.91 -19.96
CA GLU I 197 -23.21 -40.55 -20.62
C GLU I 197 -23.65 -41.24 -21.91
N LEU I 198 -24.79 -41.91 -21.85
CA LEU I 198 -25.27 -42.68 -22.98
C LEU I 198 -25.50 -41.77 -24.18
N ILE I 199 -26.35 -40.76 -24.03
CA ILE I 199 -26.74 -39.96 -25.19
C ILE I 199 -25.62 -39.05 -25.74
N TRP I 200 -24.82 -38.48 -24.85
CA TRP I 200 -23.79 -37.53 -25.25
C TRP I 200 -22.60 -38.21 -25.91
N THR I 201 -22.41 -39.49 -25.63
CA THR I 201 -21.42 -40.26 -26.37
C THR I 201 -21.82 -40.29 -27.86
N ASP I 202 -23.08 -40.62 -28.10
CA ASP I 202 -23.58 -40.75 -29.45
C ASP I 202 -23.68 -39.41 -30.15
N ILE I 203 -24.02 -38.36 -29.39
CA ILE I 203 -24.18 -37.02 -29.99
C ILE I 203 -22.83 -36.47 -30.47
N SER I 204 -21.81 -36.62 -29.64
CA SER I 204 -20.47 -36.17 -29.99
C SER I 204 -19.98 -36.87 -31.25
N LYS I 205 -20.29 -38.15 -31.34
CA LYS I 205 -19.87 -39.00 -32.45
C LYS I 205 -20.49 -38.47 -33.74
N ILE I 206 -21.78 -38.15 -33.68
CA ILE I 206 -22.49 -37.53 -34.80
C ILE I 206 -21.90 -36.16 -35.20
N ALA I 207 -21.63 -35.33 -34.19
CA ALA I 207 -21.08 -33.99 -34.39
C ALA I 207 -19.72 -34.03 -35.14
N LYS I 208 -18.86 -34.94 -34.73
CA LYS I 208 -17.51 -35.06 -35.28
C LYS I 208 -17.59 -35.55 -36.72
N LYS I 209 -18.46 -36.52 -36.93
CA LYS I 209 -18.71 -37.08 -38.24
C LYS I 209 -19.24 -36.00 -39.18
N THR I 210 -20.19 -35.18 -38.72
CA THR I 210 -20.80 -34.14 -39.55
C THR I 210 -20.05 -32.81 -39.54
N GLY I 211 -18.90 -32.75 -38.86
CA GLY I 211 -18.14 -31.51 -38.72
C GLY I 211 -18.97 -30.36 -38.14
N THR I 212 -19.69 -30.63 -37.05
CA THR I 212 -20.48 -29.62 -36.33
C THR I 212 -20.19 -29.70 -34.83
N ILE I 213 -20.91 -28.96 -34.02
CA ILE I 213 -20.55 -28.89 -32.62
C ILE I 213 -21.48 -29.61 -31.65
N SER I 214 -20.85 -30.44 -30.80
CA SER I 214 -21.52 -31.07 -29.68
C SER I 214 -21.47 -30.05 -28.54
N ALA I 215 -22.57 -29.34 -28.33
CA ALA I 215 -22.58 -28.13 -27.49
C ALA I 215 -22.90 -28.41 -26.04
N GLY I 216 -24.05 -29.04 -25.78
CA GLY I 216 -24.36 -29.46 -24.42
C GLY I 216 -25.86 -29.54 -24.11
N ASP I 217 -26.12 -29.99 -22.88
CA ASP I 217 -27.44 -30.28 -22.34
C ASP I 217 -27.78 -29.19 -21.27
N THR I 218 -28.79 -29.48 -20.44
CA THR I 218 -29.30 -28.62 -19.35
C THR I 218 -30.06 -29.50 -18.38
N ASP I 219 -29.93 -29.29 -17.08
CA ASP I 219 -30.83 -30.03 -16.16
C ASP I 219 -32.28 -29.51 -16.09
N CYS I 220 -32.75 -28.90 -17.17
CA CYS I 220 -34.02 -28.18 -17.13
C CYS I 220 -35.18 -28.97 -16.53
N ALA I 221 -35.33 -30.22 -16.98
CA ALA I 221 -36.39 -31.13 -16.52
C ALA I 221 -36.33 -31.42 -15.03
N GLN I 222 -35.19 -31.20 -14.38
CA GLN I 222 -35.09 -31.44 -12.93
C GLN I 222 -34.87 -30.15 -12.13
N ALA I 223 -33.67 -29.61 -12.19
CA ALA I 223 -33.35 -28.32 -11.53
C ALA I 223 -34.33 -27.17 -11.83
N ASN I 224 -34.68 -26.99 -13.09
CA ASN I 224 -35.54 -25.88 -13.41
C ASN I 224 -36.96 -26.12 -12.97
N THR I 225 -37.50 -27.33 -13.19
CA THR I 225 -38.80 -27.70 -12.63
C THR I 225 -38.85 -27.37 -11.13
N ALA I 226 -37.78 -27.67 -10.40
CA ALA I 226 -37.72 -27.37 -8.97
C ALA I 226 -37.79 -25.88 -8.72
N MET I 227 -37.04 -25.12 -9.51
CA MET I 227 -37.05 -23.67 -9.41
C MET I 227 -38.44 -23.07 -9.68
N PHE I 228 -39.14 -23.60 -10.68
CA PHE I 228 -40.45 -23.06 -11.06
C PHE I 228 -41.53 -23.37 -10.03
N ILE I 229 -41.47 -24.57 -9.46
CA ILE I 229 -42.36 -24.95 -8.36
C ILE I 229 -42.09 -24.01 -7.19
N GLY I 230 -40.82 -23.79 -6.88
CA GLY I 230 -40.41 -22.80 -5.88
C GLY I 230 -40.94 -21.40 -6.14
N GLY I 231 -41.11 -21.06 -7.42
CA GLY I 231 -41.60 -19.73 -7.85
C GLY I 231 -40.95 -18.50 -7.23
N GLY I 232 -41.78 -17.50 -6.95
CA GLY I 232 -41.28 -16.25 -6.43
C GLY I 232 -41.04 -16.29 -4.94
N LEU I 233 -40.55 -15.17 -4.41
CA LEU I 233 -40.27 -15.06 -2.98
C LEU I 233 -41.46 -15.42 -2.07
N LEU I 234 -42.69 -15.29 -2.60
CA LEU I 234 -43.89 -15.42 -1.76
C LEU I 234 -44.64 -16.74 -1.86
N ASN I 235 -44.24 -17.59 -2.81
CA ASN I 235 -44.85 -18.89 -3.01
C ASN I 235 -44.65 -19.80 -1.81
N LYS I 236 -45.46 -20.85 -1.74
CA LYS I 236 -45.40 -21.81 -0.64
C LYS I 236 -45.42 -23.27 -1.16
N ASN I 237 -44.74 -23.49 -2.28
CA ASN I 237 -44.77 -24.79 -2.95
C ASN I 237 -43.47 -25.59 -2.94
N LEU I 238 -42.34 -24.90 -2.78
CA LEU I 238 -41.04 -25.55 -2.55
C LEU I 238 -40.10 -24.57 -1.90
N ALA I 239 -39.53 -24.98 -0.75
CA ALA I 239 -38.55 -24.17 -0.06
C ALA I 239 -37.43 -23.80 -1.05
N HIS I 240 -37.15 -22.51 -1.11
CA HIS I 240 -36.08 -22.03 -1.98
C HIS I 240 -34.74 -22.67 -1.59
N THR I 241 -34.62 -23.06 -0.32
CA THR I 241 -33.43 -23.76 0.14
C THR I 241 -33.35 -25.19 -0.35
N ILE I 242 -34.47 -25.78 -0.76
CA ILE I 242 -34.39 -27.10 -1.37
C ILE I 242 -34.09 -26.97 -2.85
N ALA I 243 -34.73 -26.01 -3.51
CA ALA I 243 -34.47 -25.73 -4.93
C ALA I 243 -32.99 -25.53 -5.21
N VAL I 244 -32.31 -24.83 -4.30
CA VAL I 244 -30.88 -24.59 -4.50
C VAL I 244 -30.08 -25.87 -4.34
N ILE I 245 -30.55 -26.79 -3.51
CA ILE I 245 -29.86 -28.08 -3.41
C ILE I 245 -29.98 -28.87 -4.71
N ALA I 246 -31.14 -28.77 -5.35
CA ALA I 246 -31.35 -29.45 -6.62
C ALA I 246 -30.36 -28.90 -7.65
N ARG I 247 -30.17 -27.58 -7.63
CA ARG I 247 -29.27 -26.94 -8.55
C ARG I 247 -27.85 -27.48 -8.37
N ALA I 248 -27.40 -27.54 -7.11
CA ALA I 248 -26.07 -28.10 -6.78
C ALA I 248 -25.88 -29.51 -7.33
N ILE I 249 -26.86 -30.38 -7.13
CA ILE I 249 -26.78 -31.75 -7.66
C ILE I 249 -26.74 -31.73 -9.19
N SER I 250 -27.38 -30.75 -9.82
CA SER I 250 -27.48 -30.75 -11.28
C SER I 250 -26.15 -30.49 -12.00
N ALA I 251 -25.29 -29.68 -11.39
CA ALA I 251 -24.00 -29.37 -11.99
C ALA I 251 -23.22 -30.62 -12.46
N PRO I 252 -22.93 -31.59 -11.56
CA PRO I 252 -22.20 -32.77 -12.03
C PRO I 252 -23.01 -33.67 -12.96
N ARG I 253 -24.34 -33.51 -13.02
CA ARG I 253 -25.13 -34.29 -13.96
C ARG I 253 -24.88 -33.69 -15.33
N SER I 254 -24.88 -32.36 -15.39
CA SER I 254 -24.72 -31.67 -16.66
C SER I 254 -23.27 -31.73 -17.11
N LEU I 255 -22.37 -31.88 -16.13
CA LEU I 255 -20.94 -32.05 -16.36
C LEU I 255 -20.67 -33.22 -17.28
N VAL I 256 -21.45 -34.28 -17.09
CA VAL I 256 -21.29 -35.50 -17.88
C VAL I 256 -21.22 -35.23 -19.37
N ALA I 257 -22.05 -34.33 -19.88
CA ALA I 257 -22.06 -34.06 -21.33
C ALA I 257 -20.68 -33.77 -21.85
N TYR I 258 -19.94 -32.98 -21.07
CA TYR I 258 -18.63 -32.50 -21.45
C TYR I 258 -17.59 -33.60 -21.24
N GLU I 259 -17.77 -34.37 -20.18
CA GLU I 259 -16.97 -35.58 -19.96
C GLU I 259 -17.15 -36.51 -21.14
N ALA I 260 -18.35 -36.54 -21.73
CA ALA I 260 -18.64 -37.45 -22.87
C ALA I 260 -18.40 -36.88 -24.29
N GLY I 261 -17.81 -35.69 -24.40
CA GLY I 261 -17.38 -35.20 -25.71
C GLY I 261 -17.97 -33.88 -26.22
N ALA I 262 -18.86 -33.28 -25.43
CA ALA I 262 -19.38 -31.95 -25.72
C ALA I 262 -18.35 -30.88 -25.34
N VAL I 263 -18.40 -29.73 -26.01
CA VAL I 263 -17.37 -28.69 -25.84
C VAL I 263 -17.96 -27.31 -25.54
N GLY I 264 -19.28 -27.22 -25.41
CA GLY I 264 -19.94 -25.94 -25.25
C GLY I 264 -20.33 -25.33 -26.60
N PRO I 265 -21.02 -24.17 -26.56
CA PRO I 265 -21.47 -23.54 -25.32
C PRO I 265 -22.67 -24.29 -24.71
N GLY I 266 -22.75 -24.35 -23.39
CA GLY I 266 -23.92 -24.95 -22.70
C GLY I 266 -25.24 -24.26 -23.02
N LYS I 267 -26.34 -24.99 -22.84
CA LYS I 267 -27.70 -24.45 -23.01
C LYS I 267 -28.08 -23.36 -22.01
N ASP I 268 -28.72 -22.34 -22.53
CA ASP I 268 -29.18 -21.18 -21.75
C ASP I 268 -29.82 -21.53 -20.39
N CYS I 269 -30.77 -22.45 -20.37
CA CYS I 269 -31.51 -22.67 -19.12
C CYS I 269 -30.76 -23.55 -18.12
N GLY I 270 -29.51 -23.90 -18.44
CA GLY I 270 -28.64 -24.61 -17.51
C GLY I 270 -28.05 -23.59 -16.57
N TYR I 271 -28.85 -23.11 -15.63
CA TYR I 271 -28.30 -22.17 -14.63
C TYR I 271 -27.02 -22.73 -13.96
N GLU I 272 -26.88 -24.05 -13.90
CA GLU I 272 -25.74 -24.70 -13.25
C GLU I 272 -24.43 -24.54 -14.06
N ASN I 273 -24.59 -24.15 -15.33
CA ASN I 273 -23.49 -23.91 -16.26
C ASN I 273 -22.39 -23.07 -15.64
N ILE I 274 -22.72 -22.20 -14.70
CA ILE I 274 -21.65 -21.44 -14.06
C ILE I 274 -20.68 -22.40 -13.35
N ILE I 275 -21.24 -23.38 -12.62
CA ILE I 275 -20.42 -24.36 -11.92
C ILE I 275 -19.65 -25.19 -12.93
N VAL I 276 -20.32 -25.54 -14.02
CA VAL I 276 -19.73 -26.35 -15.07
C VAL I 276 -18.60 -25.62 -15.78
N LYS I 277 -18.76 -24.32 -16.00
CA LYS I 277 -17.71 -23.52 -16.64
C LYS I 277 -16.45 -23.52 -15.78
N ALA I 278 -16.65 -23.30 -14.48
CA ALA I 278 -15.57 -23.30 -13.52
C ALA I 278 -14.72 -24.57 -13.61
N ILE I 279 -15.36 -25.74 -13.69
CA ILE I 279 -14.63 -26.98 -13.82
C ILE I 279 -14.02 -27.13 -15.22
N THR I 280 -14.83 -26.90 -16.26
CA THR I 280 -14.43 -27.29 -17.61
C THR I 280 -13.64 -26.26 -18.39
N GLY I 281 -13.79 -24.97 -18.04
CA GLY I 281 -13.24 -23.87 -18.85
C GLY I 281 -13.88 -23.74 -20.25
N MET I 282 -15.04 -24.35 -20.41
CA MET I 282 -15.76 -24.34 -21.68
C MET I 282 -16.82 -23.23 -21.71
N PRO I 283 -17.14 -22.67 -22.89
CA PRO I 283 -18.15 -21.59 -22.92
C PRO I 283 -19.56 -22.06 -22.56
N MET I 284 -20.39 -21.15 -22.05
CA MET I 284 -21.79 -21.45 -21.69
C MET I 284 -22.74 -20.30 -22.08
N THR I 285 -23.95 -20.63 -22.54
CA THR I 285 -25.03 -19.65 -22.61
C THR I 285 -25.74 -19.55 -21.26
N MET I 286 -26.19 -18.36 -20.89
CA MET I 286 -27.04 -18.19 -19.70
C MET I 286 -28.29 -17.42 -20.07
N GLU I 287 -29.22 -17.32 -19.12
CA GLU I 287 -30.45 -16.56 -19.28
C GLU I 287 -30.81 -15.99 -17.93
N GLY I 288 -31.33 -14.77 -17.95
CA GLY I 288 -31.62 -14.05 -16.72
C GLY I 288 -32.64 -12.99 -16.95
N LYS I 289 -32.30 -11.75 -16.62
CA LYS I 289 -33.22 -10.62 -16.70
C LYS I 289 -33.83 -10.42 -18.08
N THR I 290 -33.17 -10.91 -19.12
CA THR I 290 -33.67 -10.70 -20.47
C THR I 290 -34.30 -11.99 -21.07
N SER I 291 -34.74 -12.88 -20.18
CA SER I 291 -35.59 -13.99 -20.57
C SER I 291 -36.94 -13.96 -19.86
N THR I 292 -37.38 -12.79 -19.44
CA THR I 292 -38.67 -12.68 -18.76
C THR I 292 -39.88 -12.95 -19.67
N CYS I 293 -39.71 -12.77 -20.97
CA CYS I 293 -40.68 -13.30 -21.93
C CYS I 293 -41.04 -14.79 -21.65
N ALA I 294 -40.08 -15.58 -21.17
CA ALA I 294 -40.33 -17.00 -20.85
C ALA I 294 -40.68 -17.27 -19.39
N HIS I 295 -40.00 -16.60 -18.47
CA HIS I 295 -40.21 -16.87 -17.05
C HIS I 295 -39.47 -15.87 -16.15
N SER I 296 -39.90 -15.85 -14.89
CA SER I 296 -39.32 -15.03 -13.85
C SER I 296 -38.20 -15.82 -13.19
N ASP I 297 -37.11 -15.14 -12.84
CA ASP I 297 -36.14 -15.78 -11.96
C ASP I 297 -35.55 -14.79 -10.98
N VAL I 298 -34.69 -15.30 -10.12
CA VAL I 298 -34.29 -14.55 -8.97
C VAL I 298 -32.79 -14.22 -9.05
N MET I 299 -32.21 -14.47 -10.22
CA MET I 299 -30.78 -14.24 -10.44
C MET I 299 -30.49 -13.51 -11.78
N GLY I 300 -31.40 -12.61 -12.13
CA GLY I 300 -31.44 -11.96 -13.43
C GLY I 300 -30.22 -11.24 -13.95
N ASN I 301 -29.45 -10.60 -13.05
CA ASN I 301 -28.16 -10.02 -13.45
C ASN I 301 -26.99 -10.98 -13.17
N LEU I 302 -27.08 -11.69 -12.04
CA LEU I 302 -25.97 -12.51 -11.59
C LEU I 302 -25.48 -13.51 -12.66
N VAL I 303 -26.40 -14.04 -13.47
CA VAL I 303 -26.07 -15.07 -14.46
C VAL I 303 -25.20 -14.59 -15.64
N MET I 304 -25.11 -13.28 -15.83
CA MET I 304 -24.28 -12.67 -16.86
C MET I 304 -22.82 -12.69 -16.44
N GLN I 305 -22.57 -12.88 -15.14
CA GLN I 305 -21.20 -12.76 -14.56
C GLN I 305 -20.11 -13.47 -15.35
N CYS I 306 -20.36 -14.70 -15.78
CA CYS I 306 -19.40 -15.40 -16.63
C CYS I 306 -20.02 -16.03 -17.86
N CYS I 307 -21.11 -15.47 -18.37
CA CYS I 307 -21.77 -16.05 -19.56
C CYS I 307 -20.90 -15.84 -20.78
N ASP I 308 -21.01 -16.72 -21.76
CA ASP I 308 -20.39 -16.48 -23.06
C ASP I 308 -21.44 -16.15 -24.11
N CYS I 309 -22.63 -16.72 -23.95
CA CYS I 309 -23.76 -16.33 -24.77
C CYS I 309 -24.86 -15.94 -23.83
N TRP I 310 -25.85 -15.18 -24.34
CA TRP I 310 -26.86 -14.57 -23.50
C TRP I 310 -28.24 -14.69 -24.17
N SER I 311 -29.12 -15.44 -23.54
CA SER I 311 -30.35 -15.88 -24.16
C SER I 311 -31.63 -15.42 -23.48
N ASN I 312 -32.68 -15.24 -24.32
CA ASN I 312 -34.04 -14.86 -23.87
C ASN I 312 -34.91 -16.10 -23.60
N GLU I 313 -34.27 -17.28 -23.53
CA GLU I 313 -34.95 -18.56 -23.30
C GLU I 313 -36.03 -18.95 -24.33
N SER I 314 -37.09 -18.15 -24.45
CA SER I 314 -38.19 -18.44 -25.38
C SER I 314 -39.26 -17.37 -25.41
N VAL I 315 -39.85 -17.14 -26.58
CA VAL I 315 -40.96 -16.22 -26.75
C VAL I 315 -41.80 -16.65 -27.94
N GLU I 316 -43.13 -16.57 -27.84
CA GLU I 316 -43.96 -16.85 -29.02
C GLU I 316 -43.68 -15.81 -30.11
N TYR I 317 -43.57 -16.26 -31.35
CA TYR I 317 -43.47 -15.35 -32.49
C TYR I 317 -44.80 -14.66 -32.76
N HIS I 318 -44.88 -13.35 -32.47
CA HIS I 318 -46.08 -12.54 -32.74
C HIS I 318 -45.78 -11.04 -32.67
N GLY I 319 -46.74 -10.21 -33.04
CA GLY I 319 -46.50 -8.77 -33.17
C GLY I 319 -46.45 -8.04 -31.85
N GLU I 320 -45.57 -7.03 -31.79
CA GLU I 320 -45.50 -6.06 -30.70
C GLU I 320 -45.44 -4.72 -31.42
N PHE I 321 -45.72 -3.65 -30.69
CA PHE I 321 -45.59 -2.29 -31.23
C PHE I 321 -44.22 -2.05 -31.87
N GLY I 322 -43.16 -2.46 -31.18
CA GLY I 322 -41.79 -2.17 -31.64
C GLY I 322 -41.31 -3.03 -32.78
N GLY I 323 -42.14 -4.00 -33.14
CA GLY I 323 -41.80 -4.95 -34.19
C GLY I 323 -42.19 -6.34 -33.75
N THR I 324 -41.70 -7.31 -34.48
CA THR I 324 -41.89 -8.67 -34.11
C THR I 324 -41.15 -9.05 -32.83
N THR I 325 -41.79 -9.93 -32.09
CA THR I 325 -41.33 -10.38 -30.80
C THR I 325 -39.81 -10.70 -30.77
N VAL I 326 -39.33 -11.42 -31.76
CA VAL I 326 -37.93 -11.82 -31.75
C VAL I 326 -37.00 -10.65 -32.09
N GLN I 327 -37.54 -9.62 -32.75
CA GLN I 327 -36.74 -8.43 -33.00
C GLN I 327 -36.57 -7.65 -31.72
N CYS I 328 -37.63 -7.54 -30.92
CA CYS I 328 -37.60 -6.78 -29.70
C CYS I 328 -36.56 -7.37 -28.75
N TRP I 329 -36.67 -8.68 -28.51
CA TRP I 329 -35.79 -9.37 -27.55
C TRP I 329 -34.34 -9.50 -28.04
N SER I 330 -34.12 -9.71 -29.33
CA SER I 330 -32.75 -9.83 -29.78
C SER I 330 -32.05 -8.49 -29.63
N GLU I 331 -32.74 -7.39 -29.93
CA GLU I 331 -32.16 -6.06 -29.72
C GLU I 331 -31.69 -5.87 -28.29
N THR I 332 -32.52 -6.27 -27.33
CA THR I 332 -32.19 -6.11 -25.92
C THR I 332 -31.01 -7.00 -25.56
N LEU I 333 -31.01 -8.23 -26.08
CA LEU I 333 -29.96 -9.17 -25.79
C LEU I 333 -28.64 -8.66 -26.37
N ALA I 334 -28.70 -8.21 -27.61
CA ALA I 334 -27.52 -7.74 -28.33
C ALA I 334 -27.00 -6.50 -27.62
N TYR I 335 -27.90 -5.68 -27.06
CA TYR I 335 -27.42 -4.56 -26.26
C TYR I 335 -26.74 -5.00 -24.98
N ASP I 336 -27.32 -5.97 -24.27
CA ASP I 336 -26.66 -6.44 -23.03
C ASP I 336 -25.24 -6.90 -23.37
N CYS I 337 -25.10 -7.59 -24.50
CA CYS I 337 -23.79 -8.02 -24.97
C CYS I 337 -22.84 -6.84 -25.29
N ALA I 338 -23.35 -5.81 -25.95
CA ALA I 338 -22.54 -4.61 -26.22
C ALA I 338 -21.96 -3.98 -24.95
N LEU I 339 -22.73 -3.95 -23.88
CA LEU I 339 -22.26 -3.43 -22.59
C LEU I 339 -21.06 -4.26 -22.11
N MET I 340 -21.26 -5.58 -22.07
CA MET I 340 -20.26 -6.55 -21.67
C MET I 340 -19.01 -6.47 -22.54
N ASN I 341 -19.19 -6.28 -23.85
CA ASN I 341 -18.06 -6.24 -24.77
C ASN I 341 -17.29 -4.94 -24.70
N THR I 342 -17.99 -3.88 -24.32
CA THR I 342 -17.35 -2.61 -24.00
C THR I 342 -16.50 -2.78 -22.72
N ALA I 343 -17.02 -3.56 -21.76
CA ALA I 343 -16.30 -3.82 -20.52
C ALA I 343 -15.01 -4.57 -20.87
N LEU I 344 -15.15 -5.66 -21.59
CA LEU I 344 -14.00 -6.41 -22.09
C LEU I 344 -12.99 -5.52 -22.79
N GLU I 345 -13.42 -4.66 -23.72
CA GLU I 345 -12.44 -3.98 -24.58
C GLU I 345 -11.66 -2.90 -23.83
N THR I 346 -12.25 -2.37 -22.77
CA THR I 346 -11.63 -1.34 -21.94
C THR I 346 -11.10 -1.91 -20.59
N LYS I 347 -10.95 -3.23 -20.52
CA LYS I 347 -10.39 -3.94 -19.36
C LYS I 347 -11.15 -3.64 -18.05
N ASN I 348 -12.45 -3.44 -18.16
CA ASN I 348 -13.33 -3.17 -17.03
C ASN I 348 -14.31 -4.33 -16.75
N ASP I 349 -14.01 -5.50 -17.31
CA ASP I 349 -14.93 -6.62 -17.27
C ASP I 349 -15.10 -7.23 -15.89
N LYS I 350 -14.01 -7.38 -15.16
CA LYS I 350 -14.07 -7.90 -13.79
C LYS I 350 -14.95 -7.10 -12.79
N VAL I 351 -14.85 -5.78 -12.79
CA VAL I 351 -15.76 -4.96 -11.97
C VAL I 351 -17.22 -5.08 -12.45
N LEU I 352 -17.45 -5.22 -13.75
CA LEU I 352 -18.81 -5.38 -14.20
C LEU I 352 -19.33 -6.75 -13.74
N ARG I 353 -18.48 -7.77 -13.84
CA ARG I 353 -18.80 -9.13 -13.41
C ARG I 353 -19.22 -9.09 -11.97
N ASP I 354 -18.40 -8.44 -11.15
CA ASP I 354 -18.71 -8.27 -9.74
C ASP I 354 -20.01 -7.53 -9.48
N LEU I 355 -20.28 -6.47 -10.23
CA LEU I 355 -21.52 -5.72 -10.08
C LEU I 355 -22.75 -6.59 -10.36
N MET I 356 -22.70 -7.35 -11.45
CA MET I 356 -23.80 -8.20 -11.88
C MET I 356 -24.07 -9.26 -10.86
N MET I 357 -23.00 -9.84 -10.32
CA MET I 357 -23.07 -10.88 -9.30
C MET I 357 -23.66 -10.34 -8.02
N LEU I 358 -23.16 -9.19 -7.57
CA LEU I 358 -23.65 -8.59 -6.31
C LEU I 358 -25.12 -8.11 -6.36
N SER I 359 -25.58 -7.74 -7.55
CA SER I 359 -26.98 -7.36 -7.77
C SER I 359 -27.93 -8.35 -7.09
N ASP I 360 -27.58 -9.64 -7.15
CA ASP I 360 -28.48 -10.72 -6.79
C ASP I 360 -27.92 -11.70 -5.76
N ARG I 361 -26.63 -11.63 -5.44
CA ARG I 361 -26.01 -12.54 -4.45
C ARG I 361 -26.94 -12.76 -3.25
N TYR I 362 -27.66 -11.71 -2.86
CA TYR I 362 -28.47 -11.80 -1.64
C TYR I 362 -29.97 -11.83 -1.90
N ARG I 363 -30.38 -12.05 -3.15
CA ARG I 363 -31.79 -12.02 -3.50
C ARG I 363 -32.52 -13.26 -2.98
N ASP I 364 -31.81 -14.40 -2.96
CA ASP I 364 -32.37 -15.72 -2.72
C ASP I 364 -31.23 -16.70 -2.54
N PRO I 365 -31.43 -17.74 -1.70
CA PRO I 365 -30.43 -18.82 -1.64
C PRO I 365 -30.06 -19.35 -3.02
N GLN I 366 -31.04 -19.38 -3.94
CA GLN I 366 -30.77 -19.87 -5.31
C GLN I 366 -29.76 -19.02 -6.07
N ALA I 367 -29.77 -17.71 -5.85
CA ALA I 367 -28.78 -16.84 -6.45
C ALA I 367 -27.46 -16.90 -5.68
N TYR I 368 -27.53 -16.75 -4.36
CA TYR I 368 -26.35 -16.85 -3.53
C TYR I 368 -25.34 -17.93 -3.95
N MET I 369 -25.82 -19.17 -4.07
CA MET I 369 -24.95 -20.29 -4.43
C MET I 369 -24.31 -20.14 -5.81
N LEU I 370 -25.02 -19.46 -6.70
CA LEU I 370 -24.67 -19.41 -8.11
C LEU I 370 -23.68 -18.30 -8.42
N ALA I 371 -23.50 -17.35 -7.49
CA ALA I 371 -22.44 -16.35 -7.56
C ALA I 371 -21.09 -17.01 -7.94
N TYR I 372 -20.34 -16.39 -8.83
CA TYR I 372 -19.21 -17.11 -9.43
C TYR I 372 -18.21 -17.66 -8.39
N ASP I 373 -17.97 -16.94 -7.30
CA ASP I 373 -17.07 -17.45 -6.24
C ASP I 373 -17.59 -18.70 -5.55
N ASN I 374 -18.87 -18.71 -5.15
CA ASN I 374 -19.50 -19.87 -4.50
C ASN I 374 -19.63 -21.03 -5.47
N ALA I 375 -19.96 -20.70 -6.71
CA ALA I 375 -20.07 -21.68 -7.79
C ALA I 375 -18.75 -22.43 -7.95
N TYR I 376 -17.65 -21.69 -7.93
CA TYR I 376 -16.33 -22.26 -8.07
C TYR I 376 -16.08 -23.27 -6.93
N ARG I 377 -16.39 -22.82 -5.70
CA ARG I 377 -16.29 -23.63 -4.51
C ARG I 377 -17.09 -24.95 -4.64
N VAL I 378 -18.30 -24.86 -5.21
CA VAL I 378 -19.09 -26.06 -5.47
C VAL I 378 -18.40 -26.96 -6.47
N GLY I 379 -17.68 -26.37 -7.43
CA GLY I 379 -16.90 -27.15 -8.41
C GLY I 379 -15.74 -27.92 -7.78
N GLN I 380 -15.03 -27.29 -6.85
CA GLN I 380 -13.96 -27.95 -6.11
C GLN I 380 -14.50 -29.19 -5.45
N SER I 381 -15.66 -29.06 -4.80
CA SER I 381 -16.29 -30.19 -4.14
C SER I 381 -16.70 -31.32 -5.10
N ILE I 382 -17.02 -31.02 -6.36
CA ILE I 382 -17.29 -32.07 -7.34
C ILE I 382 -16.00 -32.84 -7.72
N VAL I 383 -14.97 -32.09 -8.07
CA VAL I 383 -13.76 -32.69 -8.66
C VAL I 383 -12.91 -33.48 -7.67
N LYS I 384 -13.04 -33.20 -6.37
CA LYS I 384 -12.27 -33.96 -5.37
C LYS I 384 -12.73 -35.42 -5.31
N ASP I 385 -13.93 -35.70 -5.82
CA ASP I 385 -14.36 -37.07 -6.00
C ASP I 385 -14.87 -37.30 -7.41
N GLY I 386 -14.28 -36.54 -8.33
CA GLY I 386 -14.65 -36.51 -9.74
C GLY I 386 -14.98 -37.80 -10.46
N ASP I 387 -14.42 -38.90 -9.99
CA ASP I 387 -14.57 -40.20 -10.66
C ASP I 387 -15.87 -40.93 -10.32
N ASN I 388 -16.42 -40.55 -9.17
CA ASN I 388 -17.56 -41.21 -8.58
C ASN I 388 -18.80 -40.32 -8.72
N ILE I 389 -19.68 -40.71 -9.63
CA ILE I 389 -20.82 -39.88 -9.99
C ILE I 389 -21.77 -39.65 -8.81
N TYR I 390 -21.92 -40.66 -7.96
CA TYR I 390 -22.69 -40.51 -6.73
C TYR I 390 -22.03 -39.58 -5.71
N LEU I 391 -20.78 -39.87 -5.38
CA LEU I 391 -20.08 -39.13 -4.34
C LEU I 391 -19.74 -37.66 -4.71
N ARG I 392 -19.40 -37.40 -5.97
CA ARG I 392 -19.25 -36.02 -6.44
C ARG I 392 -20.56 -35.23 -6.32
N ALA I 393 -21.69 -35.86 -6.62
CA ALA I 393 -22.98 -35.19 -6.50
C ALA I 393 -23.34 -34.96 -5.04
N LYS I 394 -23.03 -35.93 -4.19
CA LYS I 394 -23.25 -35.79 -2.77
C LYS I 394 -22.39 -34.65 -2.19
N ASN I 395 -21.13 -34.61 -2.58
CA ASN I 395 -20.20 -33.55 -2.21
C ASN I 395 -20.79 -32.16 -2.51
N ALA I 396 -21.36 -32.03 -3.70
CA ALA I 396 -21.93 -30.76 -4.20
C ALA I 396 -23.14 -30.32 -3.37
N ALA I 397 -24.04 -31.27 -3.09
CA ALA I 397 -25.21 -31.03 -2.23
C ALA I 397 -24.81 -30.55 -0.83
N ILE I 398 -23.89 -31.26 -0.18
CA ILE I 398 -23.47 -30.85 1.17
C ILE I 398 -22.68 -29.53 1.10
N GLU I 399 -21.84 -29.38 0.08
CA GLU I 399 -21.10 -28.14 -0.07
C GLU I 399 -22.06 -26.98 -0.20
N CYS I 400 -23.12 -27.16 -1.00
CA CYS I 400 -24.19 -26.15 -1.16
C CYS I 400 -24.75 -25.76 0.20
N CYS I 401 -25.16 -26.76 0.99
CA CYS I 401 -25.66 -26.53 2.33
C CYS I 401 -24.73 -25.67 3.14
N ASN I 402 -23.44 -26.01 3.15
CA ASN I 402 -22.49 -25.22 3.91
C ASN I 402 -22.37 -23.78 3.39
N ILE I 403 -22.37 -23.64 2.06
CA ILE I 403 -22.31 -22.31 1.42
C ILE I 403 -23.48 -21.43 1.87
N ILE I 404 -24.68 -21.99 1.85
CA ILE I 404 -25.85 -21.24 2.23
C ILE I 404 -25.81 -20.90 3.74
N GLU I 405 -25.44 -21.90 4.55
CA GLU I 405 -25.30 -21.65 5.97
C GLU I 405 -24.29 -20.57 6.25
N GLU I 406 -23.20 -20.55 5.49
CA GLU I 406 -22.24 -19.49 5.70
C GLU I 406 -22.88 -18.13 5.40
N GLY I 407 -23.60 -18.06 4.28
CA GLY I 407 -24.27 -16.83 3.89
C GLY I 407 -25.34 -16.38 4.85
N ALA I 408 -26.13 -17.32 5.36
CA ALA I 408 -27.17 -17.01 6.34
C ALA I 408 -26.59 -16.40 7.63
N ALA I 409 -25.48 -16.95 8.10
CA ALA I 409 -24.78 -16.36 9.26
C ALA I 409 -24.23 -14.97 8.93
N GLY I 410 -24.14 -14.64 7.63
CA GLY I 410 -23.69 -13.34 7.15
C GLY I 410 -24.89 -12.47 6.86
N LYS I 411 -24.98 -11.95 5.62
CA LYS I 411 -26.08 -11.04 5.21
C LYS I 411 -27.24 -11.68 4.42
N LEU I 412 -27.11 -12.96 4.09
CA LEU I 412 -28.21 -13.64 3.43
C LEU I 412 -29.33 -13.88 4.43
N GLU I 413 -30.50 -13.32 4.14
CA GLU I 413 -31.59 -13.25 5.08
C GLU I 413 -32.64 -14.31 4.75
N LEU I 414 -32.58 -15.44 5.45
CA LEU I 414 -33.52 -16.54 5.22
C LEU I 414 -34.71 -16.43 6.14
N SER I 415 -35.83 -17.05 5.76
CA SER I 415 -36.94 -17.21 6.69
C SER I 415 -36.59 -18.30 7.72
N ARG I 416 -37.40 -18.42 8.76
CA ARG I 416 -37.25 -19.56 9.69
C ARG I 416 -37.53 -20.87 8.94
N PHE I 417 -38.55 -20.85 8.09
CA PHE I 417 -38.95 -22.03 7.35
C PHE I 417 -37.83 -22.52 6.40
N GLU I 418 -37.16 -21.55 5.75
CA GLU I 418 -36.05 -21.83 4.85
C GLU I 418 -34.83 -22.37 5.59
N THR I 419 -34.51 -21.79 6.75
CA THR I 419 -33.44 -22.32 7.60
C THR I 419 -33.74 -23.78 7.98
N LYS I 420 -34.98 -24.05 8.33
CA LYS I 420 -35.35 -25.38 8.79
C LYS I 420 -35.26 -26.44 7.69
N ALA I 421 -35.85 -26.16 6.52
CA ALA I 421 -35.79 -27.11 5.42
C ALA I 421 -34.31 -27.38 5.06
N LEU I 422 -33.48 -26.35 5.16
CA LEU I 422 -32.06 -26.47 4.87
C LEU I 422 -31.33 -27.40 5.85
N ALA I 423 -31.51 -27.17 7.14
CA ALA I 423 -30.93 -28.05 8.16
C ALA I 423 -31.46 -29.49 8.07
N ASP I 424 -32.75 -29.63 7.76
CA ASP I 424 -33.32 -30.95 7.53
C ASP I 424 -32.63 -31.65 6.37
N ALA I 425 -32.41 -30.92 5.29
CA ALA I 425 -31.85 -31.51 4.09
C ALA I 425 -30.37 -31.85 4.26
N LYS I 426 -29.66 -31.01 5.02
CA LYS I 426 -28.25 -31.26 5.35
C LYS I 426 -28.14 -32.55 6.17
N ALA I 427 -29.00 -32.72 7.18
CA ALA I 427 -29.03 -33.96 7.97
C ALA I 427 -29.27 -35.21 7.11
N ALA I 428 -30.29 -35.18 6.25
CA ALA I 428 -30.54 -36.32 5.35
C ALA I 428 -29.29 -36.66 4.53
N LEU I 429 -28.61 -35.66 3.98
CA LEU I 429 -27.44 -35.91 3.17
C LEU I 429 -26.26 -36.49 3.96
N GLU I 430 -26.04 -35.99 5.18
CA GLU I 430 -24.91 -36.49 5.99
C GLU I 430 -25.14 -37.94 6.46
N ALA I 431 -26.39 -38.27 6.75
CA ALA I 431 -26.75 -39.61 7.13
C ALA I 431 -26.49 -40.64 6.03
N LEU I 432 -26.23 -40.19 4.80
CA LEU I 432 -26.10 -41.16 3.70
C LEU I 432 -24.71 -41.87 3.62
N PRO I 433 -24.67 -43.12 3.08
CA PRO I 433 -23.42 -43.90 2.93
C PRO I 433 -22.44 -43.32 1.91
N ASP I 434 -21.14 -43.52 2.13
CA ASP I 434 -20.17 -43.01 1.16
C ASP I 434 -19.96 -43.96 -0.01
N ASP I 435 -20.51 -45.16 0.14
CA ASP I 435 -20.37 -46.14 -0.92
C ASP I 435 -21.54 -46.12 -1.91
N MET I 436 -21.20 -45.91 -3.18
CA MET I 436 -22.19 -45.77 -4.24
C MET I 436 -23.09 -46.99 -4.35
N ASP I 437 -22.49 -48.17 -4.52
CA ASP I 437 -23.24 -49.43 -4.66
C ASP I 437 -24.33 -49.58 -3.58
N LYS I 438 -24.01 -49.18 -2.36
CA LYS I 438 -24.96 -49.27 -1.25
C LYS I 438 -26.13 -48.33 -1.50
N PHE I 439 -25.82 -47.09 -1.83
CA PHE I 439 -26.82 -46.07 -2.12
C PHE I 439 -27.64 -46.43 -3.35
N MET I 440 -26.98 -46.90 -4.40
CA MET I 440 -27.63 -47.25 -5.64
C MET I 440 -28.63 -48.38 -5.47
N ASP I 441 -28.31 -49.29 -4.54
CA ASP I 441 -29.08 -50.50 -4.29
C ASP I 441 -30.33 -50.24 -3.47
N ASP I 442 -30.17 -49.47 -2.39
CA ASP I 442 -31.31 -49.04 -1.57
C ASP I 442 -32.31 -48.27 -2.41
N CYS I 443 -31.80 -47.32 -3.19
CA CYS I 443 -32.62 -46.50 -4.07
C CYS I 443 -33.35 -47.31 -5.15
N LEU I 444 -32.64 -48.25 -5.78
CA LEU I 444 -33.25 -49.09 -6.81
C LEU I 444 -34.53 -49.74 -6.26
N THR I 445 -34.42 -50.35 -5.08
CA THR I 445 -35.53 -51.09 -4.52
C THR I 445 -36.57 -50.13 -3.95
N LYS I 446 -36.12 -49.06 -3.28
CA LYS I 446 -37.03 -48.06 -2.75
C LYS I 446 -37.92 -47.43 -3.81
N TYR I 447 -37.32 -46.95 -4.91
CA TYR I 447 -38.12 -46.24 -5.93
C TYR I 447 -38.78 -47.20 -6.92
N LYS I 448 -38.27 -48.42 -7.01
CA LYS I 448 -38.98 -49.49 -7.72
C LYS I 448 -40.35 -49.63 -7.02
N SER I 449 -40.32 -49.59 -5.69
CA SER I 449 -41.51 -49.76 -4.91
C SER I 449 -42.39 -48.50 -4.94
N GLU I 450 -41.80 -47.32 -4.71
CA GLU I 450 -42.61 -46.12 -4.49
C GLU I 450 -43.07 -45.42 -5.77
N VAL I 451 -42.45 -45.73 -6.89
CA VAL I 451 -42.73 -45.05 -8.15
C VAL I 451 -43.02 -46.04 -9.26
N LYS I 452 -44.29 -46.24 -9.57
CA LYS I 452 -44.73 -47.28 -10.50
C LYS I 452 -44.22 -47.11 -11.92
N VAL I 453 -44.02 -45.86 -12.34
CA VAL I 453 -43.57 -45.56 -13.70
C VAL I 453 -42.05 -45.72 -13.88
N PHE I 454 -41.33 -46.00 -12.80
CA PHE I 454 -39.87 -46.15 -12.84
C PHE I 454 -39.48 -47.49 -13.48
N LYS I 455 -38.87 -47.43 -14.67
CA LYS I 455 -38.43 -48.63 -15.41
C LYS I 455 -36.90 -48.81 -15.40
N PRO I 456 -36.36 -49.63 -14.47
CA PRO I 456 -34.90 -49.72 -14.34
C PRO I 456 -34.13 -49.93 -15.64
N GLU I 457 -34.70 -50.64 -16.61
CA GLU I 457 -33.99 -50.91 -17.86
C GLU I 457 -33.57 -49.63 -18.63
N ASN I 458 -34.29 -48.53 -18.41
CA ASN I 458 -33.97 -47.21 -18.97
C ASN I 458 -32.58 -46.70 -18.61
N TYR I 459 -31.94 -47.35 -17.65
CA TYR I 459 -30.62 -46.95 -17.18
C TYR I 459 -29.63 -48.13 -17.23
N GLY I 460 -30.04 -49.17 -17.95
CA GLY I 460 -29.28 -50.41 -18.07
C GLY I 460 -29.26 -51.22 -16.79
N PHE I 461 -30.37 -51.22 -16.06
CA PHE I 461 -30.47 -52.04 -14.85
C PHE I 461 -31.44 -53.17 -15.09
N MET J 1 -13.19 -8.44 -5.79
CA MET J 1 -14.63 -8.81 -5.72
C MET J 1 -15.34 -7.95 -4.69
N LEU J 2 -16.53 -7.48 -5.03
CA LEU J 2 -17.23 -6.48 -4.24
C LEU J 2 -18.17 -7.11 -3.27
N ASP J 3 -18.58 -6.32 -2.28
CA ASP J 3 -19.62 -6.73 -1.34
C ASP J 3 -20.39 -5.51 -0.85
N PHE J 4 -21.61 -5.74 -0.39
CA PHE J 4 -22.42 -4.69 0.21
C PHE J 4 -22.07 -4.46 1.69
N THR J 5 -22.24 -3.23 2.17
CA THR J 5 -22.46 -3.00 3.59
C THR J 5 -23.89 -3.45 3.83
N GLU J 6 -24.24 -3.74 5.08
CA GLU J 6 -25.61 -4.12 5.44
C GLU J 6 -26.61 -2.99 5.11
N ALA J 7 -26.19 -1.74 5.24
CA ALA J 7 -27.05 -0.61 4.90
C ALA J 7 -27.36 -0.59 3.38
N SER J 8 -26.34 -0.83 2.55
CA SER J 8 -26.54 -0.86 1.10
C SER J 8 -27.45 -2.01 0.68
N LEU J 9 -27.20 -3.21 1.21
CA LEU J 9 -28.00 -4.38 0.88
C LEU J 9 -29.45 -4.02 1.07
N LYS J 10 -29.74 -3.43 2.23
CA LYS J 10 -31.09 -3.04 2.61
C LYS J 10 -31.72 -2.13 1.56
N LYS J 11 -30.92 -1.25 0.95
CA LYS J 11 -31.42 -0.35 -0.13
C LYS J 11 -31.76 -1.02 -1.47
N VAL J 12 -31.03 -2.09 -1.83
CA VAL J 12 -31.01 -2.62 -3.22
C VAL J 12 -32.13 -3.62 -3.55
N LEU J 13 -32.48 -4.47 -2.57
CA LEU J 13 -33.52 -5.47 -2.71
C LEU J 13 -34.13 -5.78 -1.35
N THR J 14 -35.23 -6.53 -1.33
CA THR J 14 -35.93 -6.92 -0.12
C THR J 14 -36.50 -8.32 -0.27
N ARG J 15 -36.12 -9.25 0.60
CA ARG J 15 -36.78 -10.55 0.61
C ARG J 15 -38.08 -10.41 1.40
N TYR J 16 -39.10 -9.94 0.69
CA TYR J 16 -40.40 -9.60 1.24
C TYR J 16 -41.01 -10.67 2.14
N ASN J 17 -40.70 -11.93 1.89
CA ASN J 17 -41.28 -13.02 2.65
C ASN J 17 -40.82 -13.08 4.11
N VAL J 18 -39.62 -12.56 4.35
CA VAL J 18 -38.97 -12.65 5.66
C VAL J 18 -39.74 -11.89 6.75
N ALA J 19 -40.10 -10.64 6.46
CA ALA J 19 -40.94 -9.85 7.36
C ALA J 19 -42.36 -10.41 7.56
N LEU J 20 -42.88 -11.19 6.62
CA LEU J 20 -44.26 -11.70 6.67
C LEU J 20 -44.41 -13.04 7.39
N GLU J 21 -43.29 -13.71 7.64
CA GLU J 21 -43.34 -15.00 8.32
C GLU J 21 -43.89 -14.86 9.74
N LYS J 22 -44.94 -15.62 10.05
CA LYS J 22 -45.53 -15.68 11.42
C LYS J 22 -44.53 -16.25 12.44
N ALA J 23 -44.68 -15.83 13.71
CA ALA J 23 -43.67 -16.16 14.73
C ALA J 23 -43.70 -17.63 15.16
N LEU J 24 -44.90 -18.15 15.41
CA LEU J 24 -45.07 -19.54 15.85
C LEU J 24 -44.51 -20.54 14.85
N THR J 25 -43.79 -21.55 15.35
CA THR J 25 -43.29 -22.62 14.49
C THR J 25 -44.45 -23.43 13.94
N PRO J 26 -44.23 -24.09 12.79
CA PRO J 26 -45.30 -24.94 12.28
C PRO J 26 -45.77 -25.97 13.32
N GLU J 27 -44.81 -26.50 14.09
CA GLU J 27 -45.07 -27.45 15.19
C GLU J 27 -45.97 -26.84 16.26
N GLU J 28 -45.66 -25.61 16.68
CA GLU J 28 -46.48 -24.88 17.65
C GLU J 28 -47.84 -24.49 17.09
N ALA J 29 -47.91 -24.20 15.80
CA ALA J 29 -49.18 -23.84 15.17
C ALA J 29 -50.07 -25.07 15.03
N ALA J 30 -49.44 -26.22 14.78
CA ALA J 30 -50.17 -27.48 14.71
C ALA J 30 -50.66 -27.88 16.11
N GLU J 31 -49.81 -27.63 17.11
CA GLU J 31 -50.12 -27.88 18.51
C GLU J 31 -51.42 -27.22 18.96
N GLU J 32 -51.66 -25.99 18.51
CA GLU J 32 -52.91 -25.31 18.79
C GLU J 32 -54.14 -25.95 18.15
N LEU J 33 -53.95 -26.71 17.08
CA LEU J 33 -55.09 -27.12 16.25
C LEU J 33 -55.45 -28.59 16.32
N TYR J 34 -54.62 -29.36 17.04
CA TYR J 34 -54.89 -30.79 17.21
C TYR J 34 -56.12 -31.00 18.09
N PRO J 35 -56.88 -32.07 17.81
CA PRO J 35 -57.87 -32.54 18.78
C PRO J 35 -57.14 -33.15 19.99
N LYS J 36 -57.49 -32.70 21.20
CA LYS J 36 -56.84 -33.21 22.42
C LYS J 36 -57.39 -34.56 22.91
N ASP J 37 -58.09 -35.26 22.01
CA ASP J 37 -58.70 -36.59 22.25
C ASP J 37 -57.76 -37.74 22.72
N GLU J 38 -56.47 -37.46 22.92
CA GLU J 38 -55.52 -38.42 23.56
C GLU J 38 -55.38 -39.75 22.82
N LEU J 39 -56.49 -40.19 22.24
CA LEU J 39 -56.59 -41.40 21.44
C LEU J 39 -56.45 -41.02 19.97
N ILE J 40 -56.95 -39.83 19.62
CA ILE J 40 -56.93 -39.31 18.26
C ILE J 40 -55.73 -38.39 18.02
N TYR J 41 -55.40 -37.60 19.03
CA TYR J 41 -54.22 -36.72 19.05
C TYR J 41 -52.93 -37.28 18.40
N PRO J 42 -52.49 -38.49 18.80
CA PRO J 42 -51.25 -38.98 18.18
C PRO J 42 -51.38 -39.33 16.69
N ILE J 43 -52.62 -39.52 16.22
CA ILE J 43 -52.89 -39.80 14.82
C ILE J 43 -52.76 -38.52 13.98
N ALA J 44 -53.46 -37.47 14.40
CA ALA J 44 -53.35 -36.15 13.80
C ALA J 44 -51.89 -35.70 13.74
N LYS J 45 -51.17 -35.86 14.85
CA LYS J 45 -49.77 -35.47 14.97
C LYS J 45 -48.84 -36.32 14.10
N ALA J 46 -49.18 -37.59 13.92
CA ALA J 46 -48.43 -38.42 12.98
C ALA J 46 -48.73 -38.03 11.53
N ILE J 47 -49.95 -37.54 11.27
CA ILE J 47 -50.31 -37.02 9.95
C ILE J 47 -49.53 -35.75 9.61
N PHE J 48 -49.50 -34.80 10.54
CA PHE J 48 -48.72 -33.58 10.36
C PHE J 48 -47.26 -33.86 10.07
N GLU J 49 -46.64 -34.75 10.86
CA GLU J 49 -45.24 -35.08 10.72
C GLU J 49 -44.98 -35.98 9.50
N GLY J 50 -46.05 -36.54 8.95
CA GLY J 50 -45.99 -37.36 7.73
C GLY J 50 -45.38 -38.74 7.96
N GLU J 51 -45.52 -39.24 9.18
CA GLU J 51 -44.95 -40.52 9.58
C GLU J 51 -45.97 -41.65 9.47
N GLU J 52 -45.99 -42.34 8.33
CA GLU J 52 -46.99 -43.40 8.09
C GLU J 52 -47.00 -44.50 9.14
N ASP J 53 -45.82 -44.87 9.66
CA ASP J 53 -45.70 -45.86 10.72
C ASP J 53 -46.42 -45.43 12.01
N ASP J 54 -46.20 -44.20 12.45
CA ASP J 54 -46.91 -43.67 13.62
C ASP J 54 -48.42 -43.59 13.40
N VAL J 55 -48.82 -43.38 12.14
CA VAL J 55 -50.24 -43.31 11.78
C VAL J 55 -50.92 -44.66 12.04
N VAL J 56 -50.30 -45.74 11.55
CA VAL J 56 -50.82 -47.11 11.67
C VAL J 56 -50.80 -47.57 13.14
N GLU J 57 -49.64 -47.42 13.78
CA GLU J 57 -49.44 -47.71 15.21
C GLU J 57 -50.39 -46.92 16.13
N GLY J 58 -50.79 -45.73 15.67
CA GLY J 58 -51.77 -44.92 16.38
C GLY J 58 -53.19 -45.36 16.09
N LEU J 59 -53.40 -45.93 14.91
CA LEU J 59 -54.71 -46.46 14.52
C LEU J 59 -55.02 -47.81 15.14
N GLN J 60 -53.98 -48.60 15.43
CA GLN J 60 -54.11 -49.87 16.14
C GLN J 60 -54.54 -49.65 17.59
N ALA J 61 -53.76 -48.82 18.29
CA ALA J 61 -54.08 -48.43 19.67
C ALA J 61 -55.50 -47.88 19.80
N ALA J 62 -56.07 -47.41 18.70
CA ALA J 62 -57.37 -46.77 18.70
C ALA J 62 -58.53 -47.77 18.54
N ILE J 63 -58.43 -48.67 17.57
CA ILE J 63 -59.47 -49.68 17.37
C ILE J 63 -59.42 -50.76 18.45
N GLU J 64 -58.32 -50.80 19.21
CA GLU J 64 -58.16 -51.79 20.27
C GLU J 64 -58.60 -51.30 21.65
N ALA J 65 -58.51 -50.00 21.88
CA ALA J 65 -58.93 -49.42 23.16
C ALA J 65 -60.33 -48.82 23.06
N GLY J 66 -61.04 -49.15 21.98
CA GLY J 66 -62.38 -48.66 21.73
C GLY J 66 -62.91 -49.27 20.46
N LYS J 67 -63.47 -48.44 19.58
CA LYS J 67 -64.09 -48.93 18.34
C LYS J 67 -63.76 -48.09 17.09
N ASP J 68 -64.69 -48.13 16.13
CA ASP J 68 -64.68 -47.35 14.89
C ASP J 68 -63.62 -47.78 13.89
N PRO J 69 -63.95 -48.76 13.05
CA PRO J 69 -62.99 -49.12 12.01
C PRO J 69 -63.08 -48.14 10.83
N ILE J 70 -64.28 -48.02 10.25
CA ILE J 70 -64.56 -47.13 9.11
C ILE J 70 -64.70 -45.65 9.54
N ASP J 71 -64.85 -45.43 10.84
CA ASP J 71 -65.13 -44.10 11.37
C ASP J 71 -63.87 -43.34 11.76
N LEU J 72 -62.77 -44.09 11.96
CA LEU J 72 -61.48 -43.48 12.27
C LEU J 72 -60.94 -42.65 11.10
N ILE J 73 -61.44 -42.96 9.90
CA ILE J 73 -61.17 -42.19 8.70
C ILE J 73 -61.59 -40.73 8.88
N ASP J 74 -62.84 -40.51 9.28
CA ASP J 74 -63.38 -39.17 9.43
C ASP J 74 -62.98 -38.53 10.75
N ASP J 75 -62.84 -39.34 11.80
CA ASP J 75 -62.65 -38.82 13.16
C ASP J 75 -61.18 -38.59 13.53
N ALA J 76 -60.28 -39.33 12.87
CA ALA J 76 -58.86 -39.21 13.17
C ALA J 76 -58.02 -38.71 11.97
N LEU J 77 -58.18 -39.37 10.83
CA LEU J 77 -57.32 -39.12 9.67
C LEU J 77 -57.68 -37.81 8.94
N MET J 78 -58.96 -37.66 8.61
CA MET J 78 -59.45 -36.44 7.94
C MET J 78 -59.37 -35.19 8.82
N VAL J 79 -59.57 -35.37 10.12
CA VAL J 79 -59.43 -34.28 11.08
C VAL J 79 -57.96 -33.88 11.22
N GLY J 80 -57.07 -34.87 11.22
CA GLY J 80 -55.64 -34.61 11.25
C GLY J 80 -55.15 -33.90 9.98
N MET J 81 -55.71 -34.34 8.85
CA MET J 81 -55.36 -33.80 7.54
C MET J 81 -55.95 -32.40 7.36
N GLY J 82 -57.05 -32.13 8.06
CA GLY J 82 -57.68 -30.82 8.05
C GLY J 82 -56.82 -29.76 8.71
N VAL J 83 -56.03 -30.18 9.71
CA VAL J 83 -55.03 -29.30 10.33
C VAL J 83 -53.97 -28.94 9.29
N VAL J 84 -53.57 -29.93 8.47
CA VAL J 84 -52.53 -29.76 7.46
C VAL J 84 -53.02 -28.78 6.38
N ILE J 85 -54.20 -29.06 5.82
CA ILE J 85 -54.82 -28.21 4.79
C ILE J 85 -54.92 -26.74 5.23
N ARG J 86 -55.25 -26.56 6.51
CA ARG J 86 -55.41 -25.24 7.09
C ARG J 86 -54.06 -24.48 7.13
N LEU J 87 -53.03 -25.13 7.67
CA LEU J 87 -51.71 -24.52 7.82
C LEU J 87 -51.01 -24.20 6.48
N TYR J 88 -51.31 -25.01 5.46
CA TYR J 88 -50.90 -24.72 4.11
C TYR J 88 -51.57 -23.46 3.58
N ASP J 89 -52.89 -23.37 3.75
CA ASP J 89 -53.66 -22.18 3.34
C ASP J 89 -53.18 -20.88 3.95
N GLU J 90 -52.70 -20.94 5.19
CA GLU J 90 -52.18 -19.75 5.86
C GLU J 90 -50.70 -19.55 5.54
N GLY J 91 -50.11 -20.56 4.93
CA GLY J 91 -48.74 -20.46 4.46
C GLY J 91 -47.72 -20.78 5.55
N VAL J 92 -48.15 -21.42 6.64
CA VAL J 92 -47.17 -21.78 7.68
C VAL J 92 -46.38 -23.02 7.25
N ILE J 93 -47.02 -23.92 6.53
CA ILE J 93 -46.33 -25.03 5.87
C ILE J 93 -46.40 -24.89 4.35
N PHE J 94 -45.55 -25.65 3.65
CA PHE J 94 -45.42 -25.64 2.18
C PHE J 94 -46.05 -26.91 1.57
N LEU J 95 -46.27 -26.89 0.25
CA LEU J 95 -46.75 -28.07 -0.49
C LEU J 95 -46.14 -29.44 -0.08
N PRO J 96 -44.80 -29.59 -0.10
CA PRO J 96 -44.28 -30.95 0.18
C PRO J 96 -44.71 -31.54 1.53
N ASN J 97 -44.88 -30.69 2.55
CA ASN J 97 -45.37 -31.11 3.84
C ASN J 97 -46.78 -31.71 3.74
N VAL J 98 -47.62 -31.09 2.90
CA VAL J 98 -48.99 -31.54 2.63
C VAL J 98 -48.97 -32.91 1.95
N MET J 99 -48.07 -33.07 0.99
CA MET J 99 -47.88 -34.33 0.28
C MET J 99 -47.48 -35.47 1.21
N MET J 100 -46.49 -35.23 2.08
CA MET J 100 -46.03 -36.24 3.03
C MET J 100 -47.19 -36.66 3.93
N SER J 101 -47.93 -35.66 4.42
CA SER J 101 -49.12 -35.91 5.22
C SER J 101 -50.16 -36.71 4.42
N ALA J 102 -50.46 -36.24 3.20
CA ALA J 102 -51.43 -36.94 2.34
C ALA J 102 -51.03 -38.39 2.14
N ASP J 103 -49.75 -38.62 1.89
CA ASP J 103 -49.20 -39.96 1.71
C ASP J 103 -49.40 -40.83 2.96
N ALA J 104 -49.13 -40.23 4.13
CA ALA J 104 -49.25 -40.88 5.41
C ALA J 104 -50.72 -41.15 5.78
N MET J 105 -51.61 -40.38 5.17
CA MET J 105 -53.02 -40.54 5.43
C MET J 105 -53.66 -41.60 4.54
N LEU J 106 -53.35 -41.58 3.24
CA LEU J 106 -53.89 -42.59 2.33
C LEU J 106 -53.59 -44.00 2.85
N GLU J 107 -52.44 -44.12 3.52
CA GLU J 107 -51.94 -45.38 4.08
C GLU J 107 -52.72 -45.75 5.34
N GLY J 108 -53.15 -44.74 6.07
CA GLY J 108 -54.06 -44.92 7.20
C GLY J 108 -55.41 -45.40 6.73
N ILE J 109 -55.94 -44.75 5.69
CA ILE J 109 -57.19 -45.15 5.06
C ILE J 109 -57.20 -46.63 4.65
N GLU J 110 -56.21 -47.04 3.85
CA GLU J 110 -56.21 -48.40 3.31
C GLU J 110 -55.80 -49.45 4.34
N TYR J 111 -55.31 -49.01 5.50
CA TYR J 111 -55.13 -49.91 6.64
C TYR J 111 -56.49 -50.18 7.30
N CYS J 112 -57.32 -49.14 7.38
CA CYS J 112 -58.67 -49.28 7.92
C CYS J 112 -59.56 -50.14 7.02
N LYS J 113 -59.27 -50.14 5.71
CA LYS J 113 -60.01 -50.95 4.74
C LYS J 113 -59.87 -52.47 4.99
N GLU J 114 -58.71 -52.88 5.52
CA GLU J 114 -58.46 -54.29 5.82
C GLU J 114 -59.32 -54.81 6.95
N ASN J 115 -59.77 -53.90 7.81
CA ASN J 115 -60.58 -54.25 8.97
C ASN J 115 -62.00 -53.70 8.87
N SER J 116 -62.53 -53.66 7.66
CA SER J 116 -63.85 -53.08 7.42
C SER J 116 -64.79 -54.01 6.67
N GLY J 117 -64.56 -54.13 5.34
CA GLY J 117 -65.53 -54.74 4.43
C GLY J 117 -66.89 -54.06 4.48
N ALA J 118 -66.88 -52.73 4.58
CA ALA J 118 -68.12 -51.94 4.69
C ALA J 118 -68.15 -50.80 3.68
N THR J 119 -66.97 -50.50 3.12
CA THR J 119 -66.75 -49.39 2.18
C THR J 119 -66.93 -47.99 2.79
N PRO J 120 -65.86 -47.18 2.81
CA PRO J 120 -65.98 -45.79 3.25
C PRO J 120 -66.61 -44.95 2.15
N LYS J 121 -67.53 -44.07 2.54
CA LYS J 121 -68.20 -43.22 1.57
C LYS J 121 -67.46 -41.88 1.50
N THR J 122 -66.89 -41.56 0.34
CA THR J 122 -66.18 -40.28 0.12
C THR J 122 -67.14 -39.10 -0.08
N LYS J 123 -66.60 -37.88 -0.09
CA LYS J 123 -67.39 -36.66 -0.28
C LYS J 123 -67.99 -36.55 -1.68
N GLY J 124 -67.55 -37.43 -2.58
CA GLY J 124 -67.99 -37.46 -3.98
C GLY J 124 -66.82 -37.80 -4.87
N THR J 125 -67.06 -37.90 -6.16
CA THR J 125 -65.99 -38.24 -7.11
C THR J 125 -65.65 -37.08 -8.06
N VAL J 126 -64.35 -36.86 -8.25
CA VAL J 126 -63.84 -35.86 -9.17
C VAL J 126 -63.01 -36.55 -10.27
N VAL J 127 -63.26 -36.15 -11.50
CA VAL J 127 -62.46 -36.62 -12.64
C VAL J 127 -61.40 -35.56 -12.99
N CYS J 128 -60.16 -36.00 -13.08
CA CYS J 128 -59.02 -35.14 -13.42
C CYS J 128 -58.32 -35.67 -14.65
N HIS J 129 -57.97 -34.77 -15.57
CA HIS J 129 -57.15 -35.14 -16.73
C HIS J 129 -56.23 -33.99 -17.13
N VAL J 130 -55.16 -34.33 -17.84
CA VAL J 130 -54.36 -33.34 -18.55
C VAL J 130 -54.88 -33.33 -19.98
N ALA J 131 -55.04 -32.15 -20.56
CA ALA J 131 -55.59 -32.01 -21.91
C ALA J 131 -54.76 -32.78 -22.95
N GLU J 132 -55.39 -33.20 -24.04
CA GLU J 132 -54.69 -33.98 -25.07
C GLU J 132 -53.65 -33.19 -25.87
N GLY J 133 -52.47 -33.79 -25.99
CA GLY J 133 -51.31 -33.14 -26.59
C GLY J 133 -50.34 -32.65 -25.54
N ASP J 134 -50.75 -32.78 -24.28
CA ASP J 134 -50.02 -32.22 -23.13
C ASP J 134 -49.47 -33.30 -22.18
N VAL J 135 -48.20 -33.17 -21.79
CA VAL J 135 -47.51 -34.12 -20.92
C VAL J 135 -47.17 -33.51 -19.55
N HIS J 136 -47.61 -32.28 -19.33
CA HIS J 136 -47.34 -31.59 -18.06
C HIS J 136 -48.25 -32.13 -16.93
N ASP J 137 -47.69 -33.09 -16.20
CA ASP J 137 -48.35 -33.84 -15.12
C ASP J 137 -48.44 -33.06 -13.84
N ILE J 138 -47.36 -32.38 -13.51
CA ILE J 138 -47.11 -31.94 -12.14
C ILE J 138 -48.23 -31.08 -11.58
N GLY J 139 -48.72 -30.16 -12.40
CA GLY J 139 -49.88 -29.36 -12.04
C GLY J 139 -51.02 -30.25 -11.58
N LYS J 140 -51.47 -31.13 -12.48
CA LYS J 140 -52.60 -32.02 -12.23
C LYS J 140 -52.35 -32.91 -11.01
N ASN J 141 -51.11 -33.39 -10.88
CA ASN J 141 -50.71 -34.20 -9.74
C ASN J 141 -50.84 -33.52 -8.38
N ILE J 142 -50.41 -32.28 -8.30
CA ILE J 142 -50.62 -31.46 -7.10
C ILE J 142 -52.13 -31.27 -6.82
N VAL J 143 -52.94 -31.23 -7.88
CA VAL J 143 -54.40 -31.10 -7.76
C VAL J 143 -55.03 -32.41 -7.29
N THR J 144 -54.68 -33.49 -7.99
CA THR J 144 -55.05 -34.85 -7.61
C THR J 144 -54.82 -35.10 -6.11
N ALA J 145 -53.57 -34.91 -5.67
CA ALA J 145 -53.18 -35.12 -4.27
C ALA J 145 -53.95 -34.25 -3.27
N LEU J 146 -54.32 -33.05 -3.71
CA LEU J 146 -55.00 -32.07 -2.88
C LEU J 146 -56.51 -32.36 -2.79
N LEU J 147 -57.07 -32.98 -3.82
CA LEU J 147 -58.45 -33.42 -3.81
C LEU J 147 -58.63 -34.61 -2.87
N ARG J 148 -57.69 -35.57 -2.96
CA ARG J 148 -57.64 -36.74 -2.07
C ARG J 148 -57.38 -36.40 -0.59
N ALA J 149 -56.57 -35.39 -0.35
CA ALA J 149 -56.32 -34.86 0.99
C ALA J 149 -57.52 -34.15 1.61
N ASN J 150 -58.48 -33.73 0.79
CA ASN J 150 -59.70 -33.11 1.27
C ASN J 150 -60.89 -34.09 1.29
N GLY J 151 -60.56 -35.39 1.23
CA GLY J 151 -61.55 -36.48 1.34
C GLY J 151 -62.42 -36.69 0.13
N TYR J 152 -61.80 -36.68 -1.05
CA TYR J 152 -62.52 -36.85 -2.30
C TYR J 152 -62.04 -38.10 -3.01
N ASN J 153 -62.95 -38.76 -3.71
CA ASN J 153 -62.53 -39.84 -4.58
C ASN J 153 -62.10 -39.26 -5.93
N VAL J 154 -60.88 -39.60 -6.34
CA VAL J 154 -60.30 -39.02 -7.54
C VAL J 154 -59.99 -40.11 -8.56
N VAL J 155 -60.61 -39.98 -9.73
CA VAL J 155 -60.27 -40.84 -10.85
C VAL J 155 -59.31 -40.07 -11.77
N ASP J 156 -58.03 -40.42 -11.66
CA ASP J 156 -56.93 -39.81 -12.39
C ASP J 156 -56.87 -40.42 -13.78
N LEU J 157 -57.25 -39.64 -14.78
CA LEU J 157 -57.22 -40.10 -16.17
C LEU J 157 -55.84 -40.02 -16.84
N GLY J 158 -54.86 -39.44 -16.13
CA GLY J 158 -53.47 -39.44 -16.60
C GLY J 158 -53.03 -38.26 -17.45
N ARG J 159 -52.23 -38.56 -18.47
CA ARG J 159 -51.58 -37.55 -19.30
C ARG J 159 -52.33 -37.15 -20.57
N ASP J 160 -51.85 -37.62 -21.71
CA ASP J 160 -52.36 -37.21 -23.01
C ASP J 160 -53.74 -37.81 -23.27
N VAL J 161 -54.78 -37.15 -22.73
CA VAL J 161 -56.14 -37.72 -22.71
C VAL J 161 -57.06 -37.12 -23.77
N PRO J 162 -57.48 -37.94 -24.76
CA PRO J 162 -58.14 -37.43 -25.96
C PRO J 162 -59.65 -37.14 -25.88
N ALA J 163 -60.14 -36.66 -24.74
CA ALA J 163 -61.53 -36.20 -24.59
C ALA J 163 -62.62 -37.28 -24.64
N GLU J 164 -62.60 -38.13 -25.67
CA GLU J 164 -63.48 -39.30 -25.74
C GLU J 164 -63.36 -40.11 -24.47
N GLU J 165 -62.11 -40.27 -24.03
CA GLU J 165 -61.77 -41.00 -22.82
C GLU J 165 -62.23 -40.28 -21.55
N VAL J 166 -62.34 -38.95 -21.63
CA VAL J 166 -62.83 -38.13 -20.52
C VAL J 166 -64.36 -38.23 -20.45
N LEU J 167 -65.00 -38.22 -21.61
CA LEU J 167 -66.45 -38.38 -21.75
C LEU J 167 -66.91 -39.77 -21.28
N ALA J 168 -66.24 -40.81 -21.78
CA ALA J 168 -66.51 -42.20 -21.38
C ALA J 168 -65.95 -42.52 -19.99
N ALA J 169 -65.74 -41.48 -19.18
CA ALA J 169 -65.27 -41.65 -17.81
C ALA J 169 -66.24 -40.96 -16.87
N VAL J 170 -66.71 -39.79 -17.30
CA VAL J 170 -67.73 -39.01 -16.58
C VAL J 170 -69.06 -39.79 -16.59
N GLN J 171 -69.30 -40.54 -17.66
CA GLN J 171 -70.48 -41.38 -17.78
C GLN J 171 -70.45 -42.54 -16.79
N LYS J 172 -69.27 -43.09 -16.53
CA LYS J 172 -69.14 -44.24 -15.63
C LYS J 172 -69.11 -43.84 -14.17
N GLU J 173 -68.30 -42.83 -13.85
CA GLU J 173 -68.04 -42.44 -12.46
C GLU J 173 -69.06 -41.44 -11.91
N LYS J 174 -69.79 -40.79 -12.81
CA LYS J 174 -70.83 -39.78 -12.48
C LYS J 174 -70.38 -38.68 -11.49
N PRO J 175 -69.27 -37.97 -11.80
CA PRO J 175 -68.62 -37.14 -10.79
C PRO J 175 -69.38 -35.84 -10.47
N ILE J 176 -69.09 -35.26 -9.31
CA ILE J 176 -69.60 -33.95 -8.93
C ILE J 176 -68.92 -32.84 -9.74
N MET J 177 -67.67 -33.09 -10.14
CA MET J 177 -66.81 -32.11 -10.81
C MET J 177 -65.73 -32.76 -11.67
N LEU J 178 -65.17 -31.98 -12.58
CA LEU J 178 -64.16 -32.43 -13.49
C LEU J 178 -63.04 -31.39 -13.57
N THR J 179 -61.77 -31.81 -13.52
CA THR J 179 -60.65 -30.85 -13.66
C THR J 179 -59.92 -30.99 -14.97
N GLY J 180 -59.38 -29.88 -15.42
CA GLY J 180 -58.52 -29.84 -16.60
C GLY J 180 -57.29 -29.02 -16.33
N THR J 181 -56.17 -29.46 -16.91
CA THR J 181 -54.89 -28.80 -16.79
C THR J 181 -54.28 -28.68 -18.19
N ALA J 182 -53.90 -27.47 -18.57
CA ALA J 182 -53.28 -27.19 -19.88
C ALA J 182 -52.14 -26.18 -19.76
N LEU J 183 -50.96 -26.54 -20.29
CA LEU J 183 -49.78 -25.70 -20.11
C LEU J 183 -49.21 -25.08 -21.38
N MET J 184 -49.70 -25.55 -22.52
CA MET J 184 -49.20 -25.08 -23.79
C MET J 184 -50.33 -24.39 -24.56
N THR J 185 -49.97 -23.36 -25.33
CA THR J 185 -50.88 -22.67 -26.24
C THR J 185 -51.44 -23.66 -27.25
N THR J 186 -50.64 -24.70 -27.48
CA THR J 186 -50.88 -25.75 -28.44
C THR J 186 -51.92 -26.78 -27.93
N THR J 187 -52.41 -26.55 -26.71
CA THR J 187 -53.12 -27.56 -25.93
C THR J 187 -54.41 -27.06 -25.29
N MET J 188 -54.43 -25.78 -24.90
CA MET J 188 -55.53 -25.17 -24.15
C MET J 188 -56.92 -25.52 -24.68
N TYR J 189 -57.01 -25.76 -25.98
CA TYR J 189 -58.30 -25.91 -26.64
C TYR J 189 -58.93 -27.29 -26.54
N ALA J 190 -58.14 -28.29 -26.12
CA ALA J 190 -58.67 -29.60 -25.79
C ALA J 190 -59.76 -29.41 -24.73
N PHE J 191 -59.72 -28.25 -24.06
CA PHE J 191 -60.70 -27.86 -23.05
C PHE J 191 -62.05 -27.59 -23.69
N LYS J 192 -62.02 -26.96 -24.86
CA LYS J 192 -63.21 -26.69 -25.67
C LYS J 192 -63.89 -28.01 -26.04
N GLU J 193 -63.10 -28.96 -26.55
CA GLU J 193 -63.61 -30.26 -26.96
C GLU J 193 -64.33 -30.95 -25.82
N VAL J 194 -63.68 -31.03 -24.67
CA VAL J 194 -64.26 -31.60 -23.46
C VAL J 194 -65.54 -30.85 -23.08
N ASN J 195 -65.49 -29.52 -23.09
CA ASN J 195 -66.68 -28.71 -22.79
C ASN J 195 -67.82 -28.93 -23.78
N ASP J 196 -67.52 -28.85 -25.08
CA ASP J 196 -68.53 -28.97 -26.14
C ASP J 196 -69.21 -30.33 -26.14
N MET J 197 -68.44 -31.36 -25.81
CA MET J 197 -68.88 -32.76 -25.85
C MET J 197 -69.85 -33.16 -24.73
N LEU J 198 -69.63 -32.62 -23.53
CA LEU J 198 -70.48 -32.91 -22.36
C LEU J 198 -71.86 -32.26 -22.45
N LEU J 199 -71.90 -31.05 -23.00
CA LEU J 199 -73.14 -30.30 -23.19
C LEU J 199 -74.02 -30.92 -24.27
N GLU J 200 -73.39 -31.46 -25.31
CA GLU J 200 -74.11 -32.21 -26.36
C GLU J 200 -74.67 -33.53 -25.84
N ASN J 201 -73.91 -34.20 -24.96
CA ASN J 201 -74.36 -35.41 -24.28
C ASN J 201 -75.12 -35.14 -22.97
N GLY J 202 -75.60 -33.91 -22.84
CA GLY J 202 -76.48 -33.50 -21.76
C GLY J 202 -75.94 -33.55 -20.35
N ILE J 203 -74.66 -33.23 -20.18
CA ILE J 203 -74.03 -33.19 -18.84
C ILE J 203 -73.73 -31.73 -18.44
N LYS J 204 -74.14 -31.36 -17.22
CA LYS J 204 -73.96 -30.00 -16.70
C LYS J 204 -73.24 -30.03 -15.36
N ILE J 205 -72.03 -30.58 -15.36
CA ILE J 205 -71.18 -30.46 -14.18
C ILE J 205 -70.07 -29.42 -14.40
N PRO J 206 -69.70 -28.69 -13.33
CA PRO J 206 -68.60 -27.73 -13.33
C PRO J 206 -67.26 -28.34 -13.71
N PHE J 207 -66.51 -27.58 -14.50
CA PHE J 207 -65.26 -28.01 -15.10
C PHE J 207 -64.13 -27.08 -14.66
N ALA J 208 -63.40 -27.52 -13.64
CA ALA J 208 -62.32 -26.73 -13.04
C ALA J 208 -61.08 -26.71 -13.92
N CYS J 209 -60.73 -25.53 -14.43
CA CYS J 209 -59.68 -25.38 -15.43
C CYS J 209 -58.50 -24.54 -14.94
N GLY J 210 -57.33 -25.16 -14.94
CA GLY J 210 -56.11 -24.48 -14.53
C GLY J 210 -54.94 -24.80 -15.43
N GLY J 211 -53.75 -24.45 -14.97
CA GLY J 211 -52.54 -24.66 -15.75
C GLY J 211 -51.93 -23.36 -16.23
N GLY J 212 -50.61 -23.33 -16.28
CA GLY J 212 -49.85 -22.15 -16.68
C GLY J 212 -50.37 -21.33 -17.85
N ALA J 213 -50.79 -22.00 -18.92
CA ALA J 213 -51.23 -21.32 -20.14
C ALA J 213 -52.72 -20.88 -20.12
N VAL J 214 -53.35 -21.01 -18.97
CA VAL J 214 -54.79 -20.81 -18.84
C VAL J 214 -55.11 -19.66 -17.89
N ASN J 215 -55.95 -18.75 -18.35
CA ASN J 215 -56.41 -17.65 -17.51
C ASN J 215 -57.94 -17.63 -17.38
N GLN J 216 -58.44 -16.78 -16.49
CA GLN J 216 -59.86 -16.64 -16.22
C GLN J 216 -60.74 -16.30 -17.44
N ASP J 217 -60.33 -15.30 -18.23
CA ASP J 217 -61.07 -14.92 -19.44
C ASP J 217 -61.17 -16.07 -20.42
N PHE J 218 -60.13 -16.91 -20.47
CA PHE J 218 -60.10 -18.06 -21.37
C PHE J 218 -61.12 -19.14 -20.99
N VAL J 219 -61.23 -19.47 -19.70
CA VAL J 219 -62.18 -20.52 -19.28
C VAL J 219 -63.63 -19.99 -19.25
N SER J 220 -63.76 -18.67 -19.17
CA SER J 220 -65.06 -18.02 -19.08
C SER J 220 -65.85 -18.09 -20.38
N GLN J 221 -65.19 -18.47 -21.47
CA GLN J 221 -65.88 -18.61 -22.75
C GLN J 221 -66.51 -20.01 -22.95
N PHE J 222 -66.39 -20.88 -21.95
CA PHE J 222 -66.98 -22.21 -21.96
C PHE J 222 -68.02 -22.26 -20.84
N ALA J 223 -69.26 -22.63 -21.18
CA ALA J 223 -70.38 -22.59 -20.22
C ALA J 223 -70.23 -23.48 -18.96
N LEU J 224 -69.34 -24.47 -19.03
CA LEU J 224 -69.09 -25.33 -17.87
C LEU J 224 -67.87 -24.88 -17.07
N GLY J 225 -67.10 -23.97 -17.66
CA GLY J 225 -65.80 -23.58 -17.14
C GLY J 225 -65.80 -22.76 -15.86
N VAL J 226 -64.99 -23.19 -14.90
CA VAL J 226 -64.63 -22.39 -13.73
C VAL J 226 -63.09 -22.36 -13.66
N TYR J 227 -62.52 -21.20 -13.43
CA TYR J 227 -61.07 -21.08 -13.38
C TYR J 227 -60.56 -21.15 -11.95
N GLY J 228 -59.57 -22.00 -11.73
CA GLY J 228 -58.84 -22.03 -10.47
C GLY J 228 -57.40 -21.78 -10.82
N GLU J 229 -56.76 -20.86 -10.12
CA GLU J 229 -55.36 -20.58 -10.41
C GLU J 229 -54.39 -21.38 -9.52
N GLU J 230 -54.54 -21.24 -8.22
CA GLU J 230 -53.75 -22.02 -7.26
C GLU J 230 -54.37 -23.41 -7.20
N ALA J 231 -53.56 -24.43 -6.93
CA ALA J 231 -54.04 -25.82 -6.91
C ALA J 231 -55.07 -26.08 -5.80
N ALA J 232 -54.92 -25.37 -4.68
CA ALA J 232 -55.88 -25.42 -3.58
C ALA J 232 -57.25 -24.82 -3.93
N ASP J 233 -57.34 -24.13 -5.07
CA ASP J 233 -58.63 -23.65 -5.55
C ASP J 233 -59.53 -24.77 -6.05
N ALA J 234 -58.95 -25.91 -6.40
CA ALA J 234 -59.71 -27.07 -6.86
C ALA J 234 -60.55 -27.78 -5.78
N PRO J 235 -59.95 -28.14 -4.62
CA PRO J 235 -60.79 -28.67 -3.53
C PRO J 235 -61.78 -27.62 -3.00
N LYS J 236 -61.33 -26.36 -2.97
CA LYS J 236 -62.11 -25.24 -2.50
C LYS J 236 -63.37 -25.00 -3.38
N ILE J 237 -63.27 -25.31 -4.67
CA ILE J 237 -64.41 -25.21 -5.60
C ILE J 237 -65.29 -26.48 -5.57
N ALA J 238 -64.68 -27.62 -5.24
CA ALA J 238 -65.41 -28.89 -5.08
C ALA J 238 -66.29 -28.88 -3.84
N ASP J 239 -65.82 -28.19 -2.81
CA ASP J 239 -66.54 -28.05 -1.55
C ASP J 239 -67.79 -27.20 -1.70
N ALA J 240 -67.75 -26.26 -2.64
CA ALA J 240 -68.90 -25.42 -2.96
C ALA J 240 -70.01 -26.22 -3.64
N ILE J 241 -69.65 -27.21 -4.44
CA ILE J 241 -70.62 -28.11 -5.07
C ILE J 241 -71.31 -28.98 -4.01
N ILE J 242 -70.50 -29.61 -3.16
CA ILE J 242 -70.94 -30.45 -2.02
C ILE J 242 -71.86 -29.70 -1.06
N ALA J 243 -71.64 -28.39 -0.95
CA ALA J 243 -72.50 -27.51 -0.16
C ALA J 243 -73.73 -26.99 -0.94
N GLY J 244 -73.85 -27.35 -2.22
CA GLY J 244 -75.07 -27.06 -2.99
C GLY J 244 -75.04 -26.16 -4.23
N THR J 245 -73.87 -25.59 -4.54
CA THR J 245 -73.72 -24.69 -5.69
C THR J 245 -73.32 -25.44 -6.97
N THR J 246 -74.30 -26.03 -7.63
CA THR J 246 -74.07 -26.74 -8.88
C THR J 246 -73.97 -25.77 -10.04
N ASP J 247 -74.56 -24.58 -9.87
CA ASP J 247 -74.64 -23.58 -10.92
C ASP J 247 -73.30 -22.88 -11.17
N VAL J 248 -72.88 -22.86 -12.44
CA VAL J 248 -71.55 -22.37 -12.84
C VAL J 248 -71.39 -20.86 -12.73
N THR J 249 -72.43 -20.10 -13.05
CA THR J 249 -72.43 -18.64 -12.88
C THR J 249 -72.22 -18.27 -11.40
N GLU J 250 -72.97 -18.93 -10.52
CA GLU J 250 -72.86 -18.73 -9.07
C GLU J 250 -71.47 -19.09 -8.53
N LEU J 251 -70.85 -20.14 -9.10
CA LEU J 251 -69.49 -20.53 -8.73
C LEU J 251 -68.45 -19.55 -9.26
N ARG J 252 -68.72 -18.97 -10.41
CA ARG J 252 -67.85 -17.93 -10.97
C ARG J 252 -67.90 -16.68 -10.11
N GLU J 253 -69.07 -16.39 -9.56
CA GLU J 253 -69.28 -15.26 -8.68
C GLU J 253 -68.47 -15.37 -7.39
N LYS J 254 -68.38 -16.58 -6.86
CA LYS J 254 -67.63 -16.82 -5.63
C LYS J 254 -66.13 -17.07 -5.88
N PHE J 255 -65.73 -17.31 -7.13
CA PHE J 255 -64.34 -17.70 -7.42
C PHE J 255 -63.57 -16.84 -8.42
N HIS J 256 -64.25 -16.20 -9.36
CA HIS J 256 -63.59 -15.38 -10.37
C HIS J 256 -63.10 -14.05 -9.79
N LYS J 257 -63.37 -12.97 -10.51
CA LYS J 257 -62.81 -11.64 -10.20
C LYS J 257 -61.33 -11.70 -9.82
N HIS J 258 -60.49 -11.53 -10.83
CA HIS J 258 -59.06 -11.33 -10.67
C HIS J 258 -58.77 -9.91 -11.18
N ALA K 3 -41.39 30.97 -18.03
CA ALA K 3 -41.19 32.26 -17.32
C ALA K 3 -39.74 32.46 -16.81
N LYS K 4 -39.27 31.62 -15.87
CA LYS K 4 -37.91 31.82 -15.34
C LYS K 4 -36.86 31.05 -16.15
N ARG K 5 -36.02 31.75 -16.92
CA ARG K 5 -35.14 31.08 -17.89
C ARG K 5 -33.75 30.72 -17.39
N TYR K 6 -33.19 29.64 -17.91
CA TYR K 6 -31.91 29.16 -17.43
C TYR K 6 -30.77 29.88 -18.14
N THR K 7 -29.80 30.34 -17.34
CA THR K 7 -28.64 31.02 -17.90
C THR K 7 -27.30 30.44 -17.40
N SER K 8 -27.37 29.30 -16.72
CA SER K 8 -26.15 28.60 -16.27
C SER K 8 -26.40 27.09 -16.06
N MET K 9 -25.31 26.30 -16.05
CA MET K 9 -25.39 24.85 -15.88
C MET K 9 -25.48 24.47 -14.39
N ALA K 10 -26.44 23.60 -14.04
CA ALA K 10 -26.59 23.15 -12.66
C ALA K 10 -25.39 22.35 -12.17
N TYR K 11 -24.82 21.54 -13.07
CA TYR K 11 -23.62 20.76 -12.78
C TYR K 11 -22.42 21.55 -13.27
N ALA K 12 -21.33 21.46 -12.52
CA ALA K 12 -20.12 22.21 -12.83
C ALA K 12 -19.40 21.65 -14.06
N ASN K 13 -19.50 20.34 -14.27
CA ASN K 13 -18.95 19.68 -15.47
C ASN K 13 -19.68 18.36 -15.78
N ALA K 14 -19.46 17.86 -16.99
CA ALA K 14 -20.07 16.62 -17.44
C ALA K 14 -19.79 15.50 -16.45
N ASP K 15 -18.53 15.40 -16.04
CA ASP K 15 -18.12 14.37 -15.08
C ASP K 15 -18.87 14.33 -13.74
N GLU K 16 -19.57 15.41 -13.35
CA GLU K 16 -20.36 15.35 -12.12
C GLU K 16 -21.65 14.54 -12.26
N MET K 17 -22.10 14.32 -13.49
CA MET K 17 -23.37 13.68 -13.73
C MET K 17 -23.30 12.17 -13.58
N THR K 18 -24.33 11.58 -12.99
CA THR K 18 -24.40 10.13 -12.93
C THR K 18 -25.85 9.71 -12.86
N PHE K 19 -26.11 8.42 -13.00
CA PHE K 19 -27.47 7.92 -12.90
C PHE K 19 -27.94 7.77 -11.43
N GLY K 20 -29.26 7.85 -11.22
CA GLY K 20 -29.83 7.65 -9.89
C GLY K 20 -29.73 8.84 -8.95
N VAL K 21 -28.84 9.76 -9.24
CA VAL K 21 -28.75 10.97 -8.46
C VAL K 21 -28.89 12.19 -9.35
N SER K 22 -29.62 13.15 -8.82
CA SER K 22 -29.63 14.42 -9.45
C SER K 22 -29.60 15.46 -8.36
N LYS K 23 -29.20 16.67 -8.74
CA LYS K 23 -29.02 17.78 -7.84
C LYS K 23 -30.28 18.13 -7.05
N TYR K 24 -31.45 18.07 -7.69
CA TYR K 24 -32.70 18.42 -7.05
C TYR K 24 -33.69 17.28 -7.02
N PRO K 25 -33.53 16.37 -6.03
CA PRO K 25 -34.42 15.21 -5.85
C PRO K 25 -35.89 15.60 -5.74
N VAL K 26 -36.76 14.60 -5.93
CA VAL K 26 -38.20 14.81 -5.97
C VAL K 26 -38.91 13.69 -5.18
N LYS K 27 -39.68 14.10 -4.16
CA LYS K 27 -40.46 13.18 -3.33
C LYS K 27 -41.87 13.06 -3.89
N ALA K 28 -42.37 11.83 -3.98
CA ALA K 28 -43.70 11.61 -4.56
C ALA K 28 -44.29 10.28 -4.12
N GLY K 29 -45.60 10.18 -4.33
CA GLY K 29 -46.36 8.96 -4.11
C GLY K 29 -46.13 8.32 -2.78
N LEU K 30 -45.91 7.01 -2.80
CA LEU K 30 -45.82 6.23 -1.58
C LEU K 30 -44.36 5.93 -1.19
N ASP K 31 -43.78 6.90 -0.52
CA ASP K 31 -42.48 6.77 0.12
C ASP K 31 -41.35 6.75 -0.89
N LEU K 32 -41.63 7.30 -2.07
CA LEU K 32 -40.67 7.30 -3.17
C LEU K 32 -39.90 8.61 -3.32
N GLU K 33 -38.62 8.47 -3.65
CA GLU K 33 -37.79 9.64 -3.96
C GLU K 33 -37.05 9.42 -5.26
N ILE K 34 -37.12 10.43 -6.12
CA ILE K 34 -36.54 10.36 -7.45
C ILE K 34 -35.28 11.23 -7.52
N GLY K 35 -34.16 10.63 -7.91
CA GLY K 35 -32.90 11.34 -8.08
C GLY K 35 -32.14 11.42 -6.78
N ALA K 36 -32.35 10.41 -5.93
CA ALA K 36 -31.89 10.44 -4.54
C ALA K 36 -30.97 9.30 -4.17
N GLY K 37 -30.24 8.77 -5.16
CA GLY K 37 -29.24 7.71 -4.92
C GLY K 37 -29.73 6.30 -5.19
N TYR K 38 -30.88 6.18 -5.86
CA TYR K 38 -31.31 4.92 -6.44
C TYR K 38 -32.14 5.15 -7.72
N THR K 39 -31.89 4.33 -8.73
CA THR K 39 -32.67 4.38 -9.96
C THR K 39 -33.95 3.59 -9.76
N ILE K 40 -35.00 3.97 -10.49
CA ILE K 40 -36.33 3.38 -10.33
C ILE K 40 -36.89 2.96 -11.69
N PRO K 41 -37.44 1.74 -11.80
CA PRO K 41 -38.12 1.31 -13.02
C PRO K 41 -39.52 1.94 -13.19
N GLU K 42 -39.84 2.36 -14.42
CA GLU K 42 -41.14 2.94 -14.74
C GLU K 42 -41.80 2.08 -15.81
N ILE K 43 -42.77 1.25 -15.41
CA ILE K 43 -43.52 0.42 -16.36
C ILE K 43 -44.63 1.20 -17.09
N ASN K 44 -44.72 0.92 -18.39
CA ASN K 44 -45.68 1.53 -19.31
C ASN K 44 -46.44 0.43 -20.01
N TYR K 45 -47.64 0.75 -20.51
CA TYR K 45 -48.58 -0.25 -21.00
C TYR K 45 -49.72 0.47 -21.75
N ALA K 46 -50.25 -0.21 -22.77
CA ALA K 46 -51.45 0.20 -23.48
C ALA K 46 -52.51 -0.88 -23.31
N PRO K 47 -53.74 -0.48 -22.96
CA PRO K 47 -54.79 -1.46 -22.88
C PRO K 47 -55.14 -2.00 -24.26
N ARG K 48 -55.67 -3.21 -24.29
CA ARG K 48 -56.18 -3.85 -25.50
C ARG K 48 -57.34 -3.06 -26.08
N PRO K 49 -57.58 -3.15 -27.40
CA PRO K 49 -58.68 -2.33 -27.96
C PRO K 49 -60.06 -2.62 -27.33
N GLU K 50 -60.40 -3.88 -27.08
CA GLU K 50 -61.70 -4.25 -26.49
C GLU K 50 -61.96 -3.49 -25.20
N ALA K 51 -60.90 -3.18 -24.46
CA ALA K 51 -61.08 -2.53 -23.17
C ALA K 51 -61.51 -1.08 -23.33
N GLY K 52 -61.31 -0.52 -24.52
CA GLY K 52 -61.70 0.86 -24.81
C GLY K 52 -63.20 1.08 -24.97
N ALA K 53 -63.97 -0.01 -25.02
CA ALA K 53 -65.42 0.02 -25.23
C ALA K 53 -66.12 0.90 -24.18
N SER K 54 -66.19 0.40 -22.96
CA SER K 54 -66.78 1.18 -21.87
C SER K 54 -65.70 1.65 -20.91
N LYS K 55 -66.07 2.62 -20.07
CA LYS K 55 -65.24 3.06 -18.95
C LYS K 55 -64.96 1.91 -17.96
N GLU K 56 -65.95 1.04 -17.77
CA GLU K 56 -65.84 -0.07 -16.82
C GLU K 56 -64.81 -1.12 -17.28
N LYS K 57 -64.81 -1.42 -18.57
CA LYS K 57 -63.82 -2.33 -19.17
C LYS K 57 -62.38 -1.76 -19.12
N LEU K 58 -62.26 -0.45 -19.30
CA LEU K 58 -60.99 0.24 -19.14
C LEU K 58 -60.42 0.21 -17.71
N ILE K 59 -61.21 0.63 -16.72
CA ILE K 59 -60.83 0.54 -15.30
C ILE K 59 -60.37 -0.87 -14.94
N LYS K 60 -61.19 -1.84 -15.34
CA LYS K 60 -60.90 -3.25 -15.11
C LYS K 60 -59.51 -3.62 -15.69
N GLU K 61 -59.30 -3.34 -16.98
CA GLU K 61 -58.01 -3.63 -17.61
C GLU K 61 -56.85 -2.99 -16.84
N TYR K 62 -57.02 -1.74 -16.41
CA TYR K 62 -55.96 -1.04 -15.69
C TYR K 62 -55.71 -1.63 -14.32
N GLU K 63 -56.76 -2.15 -13.68
CA GLU K 63 -56.66 -2.89 -12.43
C GLU K 63 -55.79 -4.13 -12.55
N ARG K 64 -56.07 -4.93 -13.58
CA ARG K 64 -55.28 -6.13 -13.85
C ARG K 64 -53.80 -5.78 -14.11
N ILE K 65 -53.57 -4.75 -14.93
CA ILE K 65 -52.22 -4.27 -15.20
C ILE K 65 -51.56 -3.93 -13.87
N THR K 66 -52.29 -3.21 -13.02
CA THR K 66 -51.70 -2.69 -11.79
C THR K 66 -51.36 -3.81 -10.80
N THR K 67 -52.27 -4.79 -10.76
CA THR K 67 -52.13 -5.94 -9.88
C THR K 67 -50.96 -6.75 -10.38
N ASP K 68 -50.95 -7.01 -11.69
CA ASP K 68 -49.89 -7.81 -12.28
C ASP K 68 -48.50 -7.22 -11.96
N VAL K 69 -48.35 -5.90 -12.01
CA VAL K 69 -47.07 -5.25 -11.81
C VAL K 69 -46.54 -5.36 -10.36
N MET K 70 -47.39 -4.94 -9.41
CA MET K 70 -47.06 -4.99 -7.99
C MET K 70 -46.75 -6.40 -7.53
N GLU K 71 -47.55 -7.37 -7.97
CA GLU K 71 -47.36 -8.78 -7.63
C GLU K 71 -46.03 -9.30 -8.12
N ARG K 72 -45.64 -8.90 -9.32
CA ARG K 72 -44.36 -9.29 -9.84
C ARG K 72 -43.20 -8.68 -9.06
N MET K 73 -43.30 -7.38 -8.81
CA MET K 73 -42.28 -6.64 -8.09
C MET K 73 -41.92 -7.27 -6.74
N VAL K 74 -42.95 -7.64 -5.98
CA VAL K 74 -42.71 -8.21 -4.66
C VAL K 74 -42.24 -9.67 -4.72
N GLN K 75 -42.66 -10.42 -5.75
CA GLN K 75 -42.20 -11.80 -5.93
C GLN K 75 -40.72 -11.94 -6.23
N VAL K 76 -40.09 -10.84 -6.67
CA VAL K 76 -38.70 -10.88 -7.08
C VAL K 76 -37.84 -10.02 -6.17
N GLY K 77 -38.47 -9.31 -5.24
CA GLY K 77 -37.73 -8.61 -4.19
C GLY K 77 -37.27 -7.21 -4.56
N PHE K 78 -37.95 -6.62 -5.54
CA PHE K 78 -37.66 -5.27 -5.97
C PHE K 78 -38.23 -4.22 -4.99
N PRO K 79 -37.41 -3.22 -4.60
CA PRO K 79 -37.82 -2.22 -3.58
C PRO K 79 -38.69 -1.07 -4.04
N ALA K 80 -38.67 -0.75 -5.34
CA ALA K 80 -39.38 0.45 -5.83
C ALA K 80 -39.89 0.28 -7.23
N ILE K 81 -40.93 1.06 -7.57
CA ILE K 81 -41.52 0.99 -8.92
C ILE K 81 -42.48 2.14 -9.19
N ILE K 82 -42.42 2.67 -10.42
CA ILE K 82 -43.39 3.64 -10.88
C ILE K 82 -44.23 3.01 -11.99
N LEU K 83 -45.54 3.19 -11.91
CA LEU K 83 -46.45 2.86 -13.01
C LEU K 83 -46.81 4.13 -13.75
N GLU K 84 -46.61 4.13 -15.07
CA GLU K 84 -47.05 5.27 -15.89
C GLU K 84 -48.26 4.86 -16.69
N THR K 85 -49.33 5.65 -16.56
CA THR K 85 -50.50 5.46 -17.38
C THR K 85 -50.53 6.53 -18.43
N GLU K 86 -50.35 6.14 -19.69
CA GLU K 86 -50.58 7.05 -20.81
C GLU K 86 -52.05 7.03 -21.24
N HIS K 87 -52.77 8.11 -20.97
CA HIS K 87 -54.19 8.20 -21.32
C HIS K 87 -54.48 7.83 -22.75
N VAL K 88 -55.45 6.96 -22.95
CA VAL K 88 -56.06 6.84 -24.26
C VAL K 88 -56.94 8.08 -24.37
N GLN K 89 -57.22 8.52 -25.58
CA GLN K 89 -57.94 9.78 -25.81
C GLN K 89 -59.22 9.93 -24.96
N GLN K 90 -60.02 8.88 -24.88
CA GLN K 90 -61.30 8.99 -24.17
C GLN K 90 -61.14 9.27 -22.67
N MET K 91 -59.97 8.95 -22.11
CA MET K 91 -59.63 9.23 -20.71
C MET K 91 -59.30 10.69 -20.49
N SER K 92 -58.84 11.35 -21.54
CA SER K 92 -58.53 12.78 -21.50
C SER K 92 -59.72 13.66 -21.95
N ASN K 93 -60.45 13.23 -22.98
CA ASN K 93 -61.69 13.91 -23.41
C ASN K 93 -62.81 13.77 -22.36
N ASN K 94 -62.71 12.77 -21.50
CA ASN K 94 -63.67 12.61 -20.42
C ASN K 94 -62.91 12.59 -19.11
N PRO K 95 -62.57 13.78 -18.58
CA PRO K 95 -61.60 13.88 -17.49
C PRO K 95 -61.84 12.91 -16.33
N SER K 96 -63.10 12.60 -16.04
CA SER K 96 -63.43 11.71 -14.92
C SER K 96 -63.12 10.22 -15.17
N TRP K 97 -63.03 9.81 -16.43
CA TRP K 97 -62.55 8.47 -16.75
C TRP K 97 -61.11 8.33 -16.27
N GLY K 98 -60.25 9.24 -16.76
CA GLY K 98 -58.86 9.30 -16.33
C GLY K 98 -58.73 9.24 -14.82
N ALA K 99 -59.54 10.03 -14.14
CA ALA K 99 -59.49 10.14 -12.68
C ALA K 99 -59.86 8.83 -12.01
N GLU K 100 -60.84 8.13 -12.57
CA GLU K 100 -61.32 6.91 -11.93
C GLU K 100 -60.29 5.80 -12.12
N VAL K 101 -59.69 5.76 -13.31
CA VAL K 101 -58.60 4.85 -13.58
C VAL K 101 -57.46 5.08 -12.57
N ALA K 102 -57.13 6.36 -12.35
CA ALA K 102 -56.08 6.73 -11.41
C ALA K 102 -56.40 6.24 -10.01
N HIS K 103 -57.68 6.36 -9.63
CA HIS K 103 -58.14 5.95 -8.29
C HIS K 103 -58.06 4.43 -8.09
N ALA K 104 -58.61 3.67 -9.03
CA ALA K 104 -58.54 2.22 -9.03
C ALA K 104 -57.08 1.72 -8.94
N GLN K 105 -56.22 2.31 -9.75
CA GLN K 105 -54.80 2.02 -9.70
C GLN K 105 -54.17 2.33 -8.35
N LYS K 106 -54.35 3.55 -7.86
CA LYS K 106 -53.77 3.97 -6.60
C LYS K 106 -54.20 3.06 -5.46
N THR K 107 -55.49 2.73 -5.42
CA THR K 107 -56.03 1.86 -4.37
C THR K 107 -55.26 0.57 -4.29
N ILE K 108 -55.09 -0.07 -5.45
CA ILE K 108 -54.31 -1.30 -5.53
C ILE K 108 -52.88 -1.04 -5.07
N MET K 109 -52.28 0.07 -5.51
CA MET K 109 -50.93 0.41 -5.04
C MET K 109 -50.79 0.57 -3.52
N GLU K 110 -51.74 1.25 -2.90
CA GLU K 110 -51.75 1.41 -1.44
C GLU K 110 -51.80 0.05 -0.73
N LYS K 111 -52.58 -0.89 -1.28
CA LYS K 111 -52.69 -2.22 -0.67
C LYS K 111 -51.31 -2.88 -0.61
N TYR K 112 -50.62 -2.90 -1.75
CA TYR K 112 -49.28 -3.49 -1.82
C TYR K 112 -48.31 -2.76 -0.90
N HIS K 113 -48.40 -1.42 -0.87
CA HIS K 113 -47.52 -0.59 -0.03
C HIS K 113 -47.72 -0.90 1.45
N ASP K 114 -48.99 -1.00 1.84
CA ASP K 114 -49.31 -1.28 3.23
C ASP K 114 -48.83 -2.66 3.72
N GLU K 115 -48.95 -3.68 2.87
CA GLU K 115 -48.53 -5.05 3.22
C GLU K 115 -47.00 -5.27 3.16
N TYR K 116 -46.36 -4.71 2.13
CA TYR K 116 -44.99 -5.08 1.80
C TYR K 116 -43.95 -3.97 2.04
N GLY K 117 -44.39 -2.72 2.00
CA GLY K 117 -43.51 -1.61 2.21
C GLY K 117 -42.78 -1.22 0.94
N ILE K 118 -43.23 -1.76 -0.19
CA ILE K 118 -42.68 -1.39 -1.50
C ILE K 118 -42.93 0.09 -1.79
N LYS K 119 -41.88 0.82 -2.14
CA LYS K 119 -42.05 2.21 -2.54
C LYS K 119 -42.66 2.27 -3.96
N CYS K 120 -43.62 3.15 -4.18
CA CYS K 120 -44.14 3.34 -5.54
C CYS K 120 -44.76 4.68 -5.75
N ALA K 121 -44.96 5.03 -7.02
CA ALA K 121 -45.62 6.28 -7.41
C ALA K 121 -46.34 6.05 -8.72
N LEU K 122 -47.37 6.85 -8.97
CA LEU K 122 -48.17 6.72 -10.19
C LEU K 122 -48.09 7.96 -11.08
N ARG K 123 -47.84 7.75 -12.36
CA ARG K 123 -47.78 8.85 -13.31
C ARG K 123 -48.93 8.78 -14.30
N HIS K 124 -49.67 9.87 -14.42
CA HIS K 124 -50.66 9.95 -15.47
C HIS K 124 -50.15 10.91 -16.53
N THR K 125 -50.20 10.43 -17.76
CA THR K 125 -49.80 11.24 -18.90
C THR K 125 -51.04 11.53 -19.76
N ILE K 126 -51.58 12.72 -19.49
CA ILE K 126 -52.74 13.26 -20.17
C ILE K 126 -52.48 13.41 -21.68
N GLY K 127 -53.41 12.91 -22.48
CA GLY K 127 -53.36 13.12 -23.92
C GLY K 127 -53.60 14.58 -24.31
N ASP K 128 -52.72 15.13 -25.13
CA ASP K 128 -52.95 16.43 -25.69
C ASP K 128 -54.06 16.32 -26.72
N ILE K 129 -55.28 16.59 -26.25
CA ILE K 129 -56.51 16.48 -27.02
C ILE K 129 -56.86 17.80 -27.76
N ARG K 130 -55.93 18.74 -27.79
CA ARG K 130 -56.22 20.12 -28.26
C ARG K 130 -56.15 20.26 -29.78
N GLU K 131 -57.01 19.50 -30.46
CA GLU K 131 -56.92 19.34 -31.89
C GLU K 131 -58.27 18.85 -32.35
N ASN K 132 -58.57 19.00 -33.64
CA ASN K 132 -59.70 18.31 -34.25
C ASN K 132 -59.30 17.65 -35.56
N ARG K 133 -60.27 17.08 -36.26
CA ARG K 133 -60.01 16.45 -37.54
C ARG K 133 -59.21 17.37 -38.48
N GLU K 134 -59.61 18.64 -38.61
CA GLU K 134 -58.98 19.51 -39.61
C GLU K 134 -57.66 20.18 -39.21
N PHE K 135 -57.62 20.76 -38.00
CA PHE K 135 -56.39 21.39 -37.47
C PHE K 135 -56.16 21.43 -35.95
N LEU K 136 -54.96 21.85 -35.55
CA LEU K 136 -54.59 22.05 -34.16
C LEU K 136 -55.43 23.14 -33.53
N GLN K 137 -55.69 23.00 -32.23
CA GLN K 137 -56.51 23.97 -31.48
C GLN K 137 -55.99 24.19 -30.08
N LEU K 138 -54.78 24.73 -30.02
CA LEU K 138 -54.02 24.80 -28.80
C LEU K 138 -54.61 25.70 -27.71
N ARG K 139 -55.43 26.69 -28.08
CA ARG K 139 -55.98 27.65 -27.11
C ARG K 139 -57.54 27.72 -27.11
N GLY K 140 -58.16 26.83 -27.89
CA GLY K 140 -59.61 26.75 -28.04
C GLY K 140 -60.38 26.07 -26.92
N ASP K 141 -61.53 25.49 -27.27
CA ASP K 141 -62.50 24.98 -26.28
C ASP K 141 -61.94 23.87 -25.42
N LYS K 142 -61.09 23.03 -26.02
CA LYS K 142 -60.64 21.82 -25.36
C LYS K 142 -59.58 22.11 -24.28
N TYR K 143 -59.05 23.33 -24.28
CA TYR K 143 -58.01 23.72 -23.32
C TYR K 143 -58.45 23.53 -21.87
N SER K 144 -59.70 23.85 -21.58
CA SER K 144 -60.20 23.72 -20.21
C SER K 144 -60.45 22.24 -19.85
N VAL K 145 -60.87 21.45 -20.84
CA VAL K 145 -61.05 20.00 -20.66
C VAL K 145 -59.67 19.37 -20.38
N PHE K 146 -58.69 19.79 -21.18
CA PHE K 146 -57.30 19.45 -21.03
C PHE K 146 -56.85 19.60 -19.57
N LEU K 147 -57.02 20.80 -19.02
CA LEU K 147 -56.59 21.07 -17.65
C LEU K 147 -57.45 20.37 -16.61
N GLU K 148 -58.73 20.16 -16.92
CA GLU K 148 -59.58 19.30 -16.09
C GLU K 148 -59.00 17.88 -15.96
N ALA K 149 -58.62 17.28 -17.09
CA ALA K 149 -57.96 15.97 -17.06
C ALA K 149 -56.83 15.99 -16.04
N PHE K 150 -56.00 17.04 -16.08
CA PHE K 150 -54.88 17.16 -15.15
C PHE K 150 -55.31 17.10 -13.68
N GLU K 151 -56.17 18.04 -13.25
CA GLU K 151 -56.51 18.09 -11.81
C GLU K 151 -57.46 16.99 -11.35
N GLN K 152 -58.35 16.56 -12.25
CA GLN K 152 -59.17 15.39 -11.95
C GLN K 152 -58.26 14.20 -11.58
N CYS K 153 -57.26 13.93 -12.42
CA CYS K 153 -56.29 12.85 -12.12
C CYS K 153 -55.45 13.17 -10.88
N ALA K 154 -55.04 14.43 -10.72
CA ALA K 154 -54.19 14.80 -9.58
C ALA K 154 -54.94 14.69 -8.25
N GLU K 155 -56.25 14.82 -8.30
CA GLU K 155 -57.07 14.73 -7.12
C GLU K 155 -57.43 13.29 -6.76
N ASN K 156 -57.22 12.37 -7.71
CA ASN K 156 -57.66 10.99 -7.54
C ASN K 156 -56.59 9.92 -7.64
N GLY K 157 -55.34 10.26 -7.26
CA GLY K 157 -54.29 9.26 -7.14
C GLY K 157 -53.00 9.45 -7.93
N ALA K 158 -53.04 10.22 -9.01
CA ALA K 158 -51.84 10.50 -9.79
C ALA K 158 -50.83 11.33 -9.00
N ASP K 159 -49.59 10.86 -8.93
CA ASP K 159 -48.56 11.57 -8.18
C ASP K 159 -47.74 12.49 -9.09
N LEU K 160 -47.54 12.05 -10.33
CA LEU K 160 -46.74 12.76 -11.30
C LEU K 160 -47.61 13.09 -12.50
N LEU K 161 -47.44 14.30 -13.03
CA LEU K 161 -48.28 14.77 -14.11
C LEU K 161 -47.42 15.09 -15.29
N SER K 162 -47.80 14.49 -16.42
CA SER K 162 -47.09 14.70 -17.68
C SER K 162 -48.01 14.81 -18.90
N VAL K 163 -47.40 15.23 -20.01
CA VAL K 163 -48.07 15.21 -21.30
C VAL K 163 -46.96 15.23 -22.35
N GLU K 164 -47.28 14.68 -23.51
CA GLU K 164 -46.47 14.81 -24.71
C GLU K 164 -47.17 15.84 -25.57
N SER K 165 -46.74 17.09 -25.51
CA SER K 165 -47.54 18.16 -26.11
C SER K 165 -47.23 18.42 -27.61
N MET K 166 -48.15 19.08 -28.31
CA MET K 166 -48.12 19.14 -29.77
C MET K 166 -47.78 20.49 -30.36
N GLY K 167 -47.25 21.41 -29.58
CA GLY K 167 -46.89 22.71 -30.12
C GLY K 167 -45.87 22.59 -31.24
N GLY K 168 -46.25 23.06 -32.43
CA GLY K 168 -45.33 23.10 -33.59
C GLY K 168 -45.37 21.84 -34.44
N LYS K 169 -46.24 20.91 -34.07
CA LYS K 169 -46.34 19.63 -34.74
C LYS K 169 -46.68 19.80 -36.23
N GLU K 170 -47.52 20.79 -36.52
CA GLU K 170 -47.99 21.01 -37.89
C GLU K 170 -46.91 21.51 -38.88
N VAL K 171 -46.08 22.47 -38.46
CA VAL K 171 -44.98 22.97 -39.30
C VAL K 171 -43.81 21.95 -39.39
N PHE K 172 -43.55 21.26 -38.27
CA PHE K 172 -42.55 20.24 -38.25
C PHE K 172 -42.87 19.09 -39.21
N ASP K 173 -44.11 18.59 -39.19
CA ASP K 173 -44.46 17.49 -40.07
C ASP K 173 -44.18 17.85 -41.50
N TYR K 174 -44.29 19.14 -41.81
CA TYR K 174 -44.01 19.62 -43.15
C TYR K 174 -42.50 19.71 -43.42
N ALA K 175 -41.80 20.41 -42.53
CA ALA K 175 -40.36 20.61 -42.61
C ALA K 175 -39.49 19.32 -42.58
N VAL K 176 -39.97 18.26 -41.92
CA VAL K 176 -39.18 17.06 -41.70
C VAL K 176 -39.17 16.17 -42.93
N LEU K 177 -40.17 16.32 -43.77
CA LEU K 177 -40.20 15.57 -45.01
C LEU K 177 -39.41 16.28 -46.10
N ARG K 178 -38.79 17.42 -45.77
CA ARG K 178 -38.26 18.30 -46.80
C ARG K 178 -36.88 18.83 -46.51
N ASN K 179 -36.22 18.29 -45.48
CA ASN K 179 -34.89 18.74 -45.07
C ASN K 179 -34.87 20.24 -44.82
N ASP K 180 -35.98 20.77 -44.34
CA ASP K 180 -36.07 22.19 -44.13
C ASP K 180 -35.60 22.52 -42.71
N ILE K 181 -34.32 22.82 -42.58
CA ILE K 181 -33.73 23.00 -41.25
C ILE K 181 -34.25 24.28 -40.56
N PRO K 182 -34.39 25.40 -41.32
CA PRO K 182 -35.08 26.54 -40.70
C PRO K 182 -36.46 26.17 -40.16
N GLY K 183 -37.23 25.39 -40.90
CA GLY K 183 -38.53 24.87 -40.44
C GLY K 183 -38.47 24.09 -39.13
N LEU K 184 -37.42 23.29 -38.96
CA LEU K 184 -37.24 22.56 -37.71
C LEU K 184 -36.92 23.52 -36.57
N LEU K 185 -36.06 24.50 -36.85
CA LEU K 185 -35.71 25.52 -35.87
C LEU K 185 -36.96 26.26 -35.39
N TYR K 186 -37.79 26.70 -36.33
CA TYR K 186 -38.99 27.43 -36.02
C TYR K 186 -40.02 26.60 -35.25
N SER K 187 -40.34 25.41 -35.79
CA SER K 187 -41.42 24.61 -35.26
C SER K 187 -41.12 24.02 -33.88
N ILE K 188 -39.89 23.58 -33.65
CA ILE K 188 -39.53 22.99 -32.34
C ILE K 188 -39.01 24.05 -31.37
N GLY K 189 -38.01 24.81 -31.81
CA GLY K 189 -37.37 25.84 -30.99
C GLY K 189 -38.29 27.00 -30.65
N CYS K 190 -39.10 27.46 -31.59
CA CYS K 190 -39.94 28.64 -31.36
C CYS K 190 -41.40 28.32 -31.05
N LEU K 191 -42.15 27.76 -32.01
CA LEU K 191 -43.55 27.42 -31.77
C LEU K 191 -43.65 26.51 -30.52
N GLY K 192 -42.89 25.42 -30.52
CA GLY K 192 -42.78 24.54 -29.36
C GLY K 192 -42.59 25.23 -28.00
N SER K 193 -41.56 26.06 -27.91
CA SER K 193 -41.20 26.73 -26.66
C SER K 193 -42.31 27.63 -26.17
N ILE K 194 -43.09 28.16 -27.10
CA ILE K 194 -44.18 29.07 -26.79
C ILE K 194 -45.35 28.29 -26.17
N ASP K 195 -45.80 27.24 -26.86
CA ASP K 195 -46.89 26.47 -26.34
C ASP K 195 -46.51 25.77 -25.04
N MET K 196 -45.24 25.37 -24.95
CA MET K 196 -44.73 24.76 -23.72
C MET K 196 -44.83 25.69 -22.50
N GLU K 197 -44.65 26.99 -22.70
CA GLU K 197 -44.79 27.97 -21.62
C GLU K 197 -46.25 28.20 -21.18
N LEU K 198 -47.18 28.17 -22.13
CA LEU K 198 -48.58 28.25 -21.76
C LEU K 198 -48.95 27.10 -20.81
N ILE K 199 -48.82 25.88 -21.29
CA ILE K 199 -49.43 24.74 -20.63
C ILE K 199 -48.70 24.33 -19.34
N TRP K 200 -47.38 24.49 -19.31
CA TRP K 200 -46.61 24.17 -18.10
C TRP K 200 -46.82 25.16 -16.97
N THR K 201 -47.03 26.44 -17.32
CA THR K 201 -47.47 27.42 -16.33
C THR K 201 -48.77 26.96 -15.68
N ASP K 202 -49.73 26.49 -16.48
CA ASP K 202 -51.02 26.02 -15.95
C ASP K 202 -50.96 24.70 -15.20
N ILE K 203 -50.14 23.75 -15.68
CA ILE K 203 -50.04 22.43 -15.08
C ILE K 203 -49.34 22.55 -13.74
N SER K 204 -48.32 23.40 -13.66
CA SER K 204 -47.55 23.62 -12.44
C SER K 204 -48.40 24.28 -11.35
N LYS K 205 -49.39 25.04 -11.79
CA LYS K 205 -50.37 25.65 -10.91
C LYS K 205 -51.20 24.53 -10.31
N ILE K 206 -51.67 23.64 -11.17
CA ILE K 206 -52.51 22.52 -10.78
C ILE K 206 -51.78 21.53 -9.88
N ALA K 207 -50.49 21.32 -10.12
CA ALA K 207 -49.71 20.42 -9.28
C ALA K 207 -49.50 20.98 -7.87
N LYS K 208 -49.18 22.26 -7.80
CA LYS K 208 -48.99 22.92 -6.51
C LYS K 208 -50.28 22.90 -5.66
N LYS K 209 -51.40 23.23 -6.30
CA LYS K 209 -52.71 23.27 -5.63
C LYS K 209 -53.20 21.91 -5.13
N THR K 210 -52.88 20.83 -5.85
CA THR K 210 -53.42 19.49 -5.55
C THR K 210 -52.46 18.66 -4.75
N GLY K 211 -51.29 19.23 -4.43
CA GLY K 211 -50.22 18.50 -3.75
C GLY K 211 -49.50 17.44 -4.59
N THR K 212 -49.50 17.60 -5.90
CA THR K 212 -48.89 16.62 -6.80
C THR K 212 -47.62 17.16 -7.47
N ILE K 213 -47.08 16.39 -8.43
CA ILE K 213 -45.86 16.78 -9.10
C ILE K 213 -46.06 17.17 -10.56
N SER K 214 -45.64 18.40 -10.85
CA SER K 214 -45.50 18.85 -12.22
C SER K 214 -44.20 18.22 -12.73
N ALA K 215 -44.34 17.11 -13.46
CA ALA K 215 -43.19 16.24 -13.76
C ALA K 215 -42.39 16.67 -14.99
N GLY K 216 -43.04 16.72 -16.16
CA GLY K 216 -42.43 17.25 -17.36
C GLY K 216 -42.97 16.68 -18.65
N ASP K 217 -42.39 17.16 -19.76
CA ASP K 217 -42.89 16.93 -21.12
C ASP K 217 -41.90 16.05 -21.94
N THR K 218 -42.10 16.00 -23.26
CA THR K 218 -41.24 15.28 -24.22
C THR K 218 -41.45 15.90 -25.57
N ASP K 219 -40.38 16.06 -26.35
CA ASP K 219 -40.57 16.45 -27.74
C ASP K 219 -40.90 15.28 -28.68
N CYS K 220 -41.56 14.27 -28.12
CA CYS K 220 -41.96 13.09 -28.87
C CYS K 220 -42.62 13.37 -30.22
N ALA K 221 -43.57 14.30 -30.26
CA ALA K 221 -44.30 14.64 -31.49
C ALA K 221 -43.45 15.21 -32.63
N GLN K 222 -42.23 15.65 -32.32
CA GLN K 222 -41.32 16.27 -33.29
C GLN K 222 -39.98 15.51 -33.35
N ALA K 223 -39.15 15.61 -32.31
CA ALA K 223 -37.88 14.86 -32.26
C ALA K 223 -38.01 13.34 -32.47
N ASN K 224 -38.97 12.69 -31.81
CA ASN K 224 -39.07 11.24 -31.96
C ASN K 224 -39.63 10.81 -33.32
N THR K 225 -40.53 11.61 -33.90
CA THR K 225 -41.04 11.37 -35.26
C THR K 225 -39.88 11.37 -36.24
N ALA K 226 -39.00 12.35 -36.08
CA ALA K 226 -37.77 12.45 -36.86
C ALA K 226 -36.93 11.20 -36.73
N MET K 227 -36.69 10.75 -35.49
CA MET K 227 -35.92 9.52 -35.24
C MET K 227 -36.56 8.32 -35.92
N PHE K 228 -37.86 8.13 -35.74
CA PHE K 228 -38.54 7.00 -36.40
C PHE K 228 -38.50 7.03 -37.92
N ILE K 229 -38.65 8.21 -38.51
CA ILE K 229 -38.51 8.29 -39.95
C ILE K 229 -37.09 7.86 -40.29
N GLY K 230 -36.13 8.34 -39.50
CA GLY K 230 -34.74 7.92 -39.66
C GLY K 230 -34.56 6.42 -39.62
N GLY K 231 -35.29 5.75 -38.72
CA GLY K 231 -35.27 4.29 -38.57
C GLY K 231 -33.89 3.72 -38.35
N GLY K 232 -33.65 2.51 -38.87
CA GLY K 232 -32.38 1.83 -38.67
C GLY K 232 -31.24 2.40 -39.51
N LEU K 233 -30.05 1.87 -39.29
CA LEU K 233 -28.87 2.24 -40.00
C LEU K 233 -29.06 2.20 -41.52
N LEU K 234 -29.81 1.20 -42.00
CA LEU K 234 -29.94 0.98 -43.43
C LEU K 234 -31.13 1.66 -44.08
N ASN K 235 -31.90 2.41 -43.28
CA ASN K 235 -33.07 3.11 -43.80
C ASN K 235 -32.66 4.31 -44.65
N LYS K 236 -33.60 4.81 -45.45
CA LYS K 236 -33.30 5.85 -46.42
C LYS K 236 -34.42 6.90 -46.50
N ASN K 237 -35.00 7.24 -45.36
CA ASN K 237 -36.14 8.16 -45.29
C ASN K 237 -35.85 9.49 -44.58
N LEU K 238 -34.78 9.52 -43.78
CA LEU K 238 -34.27 10.74 -43.17
C LEU K 238 -32.82 10.50 -42.75
N ALA K 239 -31.93 11.40 -43.16
CA ALA K 239 -30.52 11.34 -42.80
C ALA K 239 -30.40 11.42 -41.29
N HIS K 240 -29.61 10.52 -40.69
CA HIS K 240 -29.52 10.50 -39.23
C HIS K 240 -28.79 11.72 -38.72
N THR K 241 -28.03 12.38 -39.60
CA THR K 241 -27.41 13.68 -39.25
C THR K 241 -28.42 14.82 -39.17
N ILE K 242 -29.57 14.68 -39.83
CA ILE K 242 -30.66 15.62 -39.60
C ILE K 242 -31.49 15.28 -38.34
N ALA K 243 -31.82 14.00 -38.17
CA ALA K 243 -32.46 13.55 -36.96
C ALA K 243 -31.76 14.09 -35.70
N VAL K 244 -30.44 13.98 -35.62
CA VAL K 244 -29.70 14.53 -34.45
C VAL K 244 -29.86 16.06 -34.26
N ILE K 245 -29.88 16.81 -35.37
CA ILE K 245 -30.12 18.24 -35.26
C ILE K 245 -31.51 18.51 -34.66
N ALA K 246 -32.51 17.72 -35.05
CA ALA K 246 -33.84 17.89 -34.51
C ALA K 246 -33.84 17.58 -33.01
N ARG K 247 -33.04 16.59 -32.59
CA ARG K 247 -32.92 16.28 -31.17
C ARG K 247 -32.31 17.48 -30.41
N ALA K 248 -31.23 18.05 -30.93
CA ALA K 248 -30.57 19.13 -30.20
C ALA K 248 -31.50 20.32 -30.06
N ILE K 249 -32.30 20.58 -31.10
CA ILE K 249 -33.24 21.70 -31.04
C ILE K 249 -34.34 21.42 -30.02
N SER K 250 -34.61 20.14 -29.78
CA SER K 250 -35.74 19.79 -28.93
C SER K 250 -35.37 20.02 -27.48
N ALA K 251 -34.08 20.11 -27.20
CA ALA K 251 -33.66 20.29 -25.80
C ALA K 251 -34.18 21.63 -25.21
N PRO K 252 -33.82 22.79 -25.81
CA PRO K 252 -34.34 24.03 -25.25
C PRO K 252 -35.87 24.15 -25.27
N ARG K 253 -36.54 23.44 -26.16
CA ARG K 253 -37.99 23.42 -26.16
C ARG K 253 -38.46 22.70 -24.91
N SER K 254 -37.89 21.52 -24.65
CA SER K 254 -38.37 20.70 -23.51
C SER K 254 -37.91 21.32 -22.19
N LEU K 255 -36.84 22.10 -22.25
CA LEU K 255 -36.35 22.86 -21.09
C LEU K 255 -37.40 23.80 -20.50
N VAL K 256 -38.32 24.25 -21.36
CA VAL K 256 -39.35 25.22 -20.96
C VAL K 256 -40.21 24.69 -19.81
N ALA K 257 -40.58 23.42 -19.86
CA ALA K 257 -41.43 22.85 -18.83
C ALA K 257 -40.89 23.16 -17.44
N TYR K 258 -39.57 23.10 -17.31
CA TYR K 258 -38.85 23.31 -16.06
C TYR K 258 -38.69 24.80 -15.72
N GLU K 259 -38.45 25.63 -16.73
CA GLU K 259 -38.44 27.06 -16.53
C GLU K 259 -39.81 27.56 -16.02
N ALA K 260 -40.87 26.86 -16.47
CA ALA K 260 -42.25 27.24 -16.19
C ALA K 260 -42.84 26.51 -15.00
N GLY K 261 -42.03 25.76 -14.25
CA GLY K 261 -42.44 25.18 -12.96
C GLY K 261 -42.35 23.68 -12.77
N ALA K 262 -42.10 22.91 -13.83
CA ALA K 262 -41.97 21.46 -13.71
C ALA K 262 -40.69 21.12 -12.97
N VAL K 263 -40.66 19.97 -12.30
CA VAL K 263 -39.54 19.67 -11.42
C VAL K 263 -38.83 18.33 -11.69
N GLY K 264 -39.36 17.55 -12.64
CA GLY K 264 -38.87 16.19 -12.87
C GLY K 264 -39.69 15.14 -12.12
N PRO K 265 -39.59 13.86 -12.53
CA PRO K 265 -38.71 13.42 -13.63
C PRO K 265 -39.34 13.68 -14.99
N GLY K 266 -38.53 14.07 -15.98
CA GLY K 266 -38.99 14.19 -17.37
C GLY K 266 -39.51 12.89 -17.95
N LYS K 267 -40.29 12.98 -19.03
CA LYS K 267 -40.88 11.83 -19.66
C LYS K 267 -39.88 10.90 -20.33
N ASP K 268 -40.08 9.60 -20.15
CA ASP K 268 -39.23 8.56 -20.74
C ASP K 268 -38.73 8.80 -22.15
N CYS K 269 -39.62 9.15 -23.07
CA CYS K 269 -39.22 9.25 -24.47
C CYS K 269 -38.64 10.63 -24.85
N GLY K 270 -38.36 11.46 -23.84
CA GLY K 270 -37.54 12.64 -24.02
C GLY K 270 -36.07 12.26 -24.00
N TYR K 271 -35.55 11.72 -25.10
CA TYR K 271 -34.12 11.39 -25.19
C TYR K 271 -33.24 12.62 -24.90
N GLU K 272 -33.76 13.79 -25.19
CA GLU K 272 -33.04 15.03 -24.98
C GLU K 272 -32.93 15.37 -23.47
N ASN K 273 -33.69 14.65 -22.65
CA ASN K 273 -33.62 14.76 -21.18
C ASN K 273 -32.20 14.74 -20.64
N ILE K 274 -31.31 14.04 -21.32
CA ILE K 274 -29.92 14.10 -20.89
C ILE K 274 -29.40 15.57 -20.91
N ILE K 275 -29.70 16.30 -21.97
CA ILE K 275 -29.30 17.71 -22.04
C ILE K 275 -30.07 18.52 -20.99
N VAL K 276 -31.36 18.25 -20.84
CA VAL K 276 -32.15 18.98 -19.85
C VAL K 276 -31.59 18.73 -18.45
N LYS K 277 -31.24 17.49 -18.14
CA LYS K 277 -30.65 17.18 -16.85
C LYS K 277 -29.38 18.01 -16.61
N ALA K 278 -28.50 18.10 -17.62
CA ALA K 278 -27.23 18.79 -17.43
C ALA K 278 -27.44 20.25 -17.04
N ILE K 279 -28.52 20.84 -17.55
CA ILE K 279 -28.81 22.24 -17.32
C ILE K 279 -29.56 22.40 -16.00
N THR K 280 -30.63 21.64 -15.81
CA THR K 280 -31.55 21.89 -14.70
C THR K 280 -31.12 21.22 -13.39
N GLY K 281 -30.34 20.15 -13.47
CA GLY K 281 -29.99 19.34 -12.30
C GLY K 281 -31.18 18.52 -11.78
N MET K 282 -32.26 18.51 -12.57
CA MET K 282 -33.47 17.79 -12.20
C MET K 282 -33.51 16.35 -12.74
N PRO K 283 -34.24 15.46 -12.05
CA PRO K 283 -34.30 14.05 -12.45
C PRO K 283 -35.04 13.87 -13.75
N MET K 284 -34.76 12.75 -14.43
CA MET K 284 -35.29 12.48 -15.77
C MET K 284 -35.53 10.98 -15.97
N THR K 285 -36.68 10.61 -16.53
CA THR K 285 -36.83 9.23 -17.02
C THR K 285 -36.19 9.10 -18.40
N MET K 286 -35.59 7.93 -18.68
CA MET K 286 -35.12 7.58 -20.02
C MET K 286 -35.68 6.20 -20.47
N GLU K 287 -35.46 5.87 -21.75
CA GLU K 287 -35.81 4.56 -22.31
C GLU K 287 -34.83 4.16 -23.40
N GLY K 288 -34.46 2.88 -23.41
CA GLY K 288 -33.44 2.43 -24.33
C GLY K 288 -33.60 0.98 -24.65
N LYS K 289 -32.59 0.20 -24.26
CA LYS K 289 -32.51 -1.21 -24.66
C LYS K 289 -33.71 -2.02 -24.20
N THR K 290 -34.37 -1.54 -23.16
CA THR K 290 -35.49 -2.24 -22.56
C THR K 290 -36.86 -1.58 -22.86
N SER K 291 -36.93 -0.84 -23.97
CA SER K 291 -38.21 -0.35 -24.48
C SER K 291 -38.43 -0.84 -25.91
N THR K 292 -37.67 -1.85 -26.30
CA THR K 292 -37.81 -2.46 -27.63
C THR K 292 -39.17 -3.07 -27.87
N CYS K 293 -39.94 -3.27 -26.80
CA CYS K 293 -41.34 -3.65 -26.98
C CYS K 293 -42.11 -2.53 -27.70
N ALA K 294 -41.64 -1.30 -27.60
CA ALA K 294 -42.24 -0.16 -28.32
C ALA K 294 -41.56 0.23 -29.63
N HIS K 295 -40.23 0.23 -29.64
CA HIS K 295 -39.53 0.65 -30.85
C HIS K 295 -38.07 0.35 -30.74
N SER K 296 -37.43 0.33 -31.89
CA SER K 296 -36.00 0.18 -31.98
C SER K 296 -35.35 1.57 -31.80
N ASP K 297 -34.17 1.64 -31.18
CA ASP K 297 -33.39 2.87 -31.24
C ASP K 297 -31.92 2.52 -31.30
N VAL K 298 -31.08 3.54 -31.44
CA VAL K 298 -29.69 3.33 -31.77
C VAL K 298 -28.73 3.79 -30.62
N MET K 299 -29.29 3.97 -29.43
CA MET K 299 -28.57 4.36 -28.20
C MET K 299 -29.07 3.55 -26.95
N GLY K 300 -29.37 2.28 -27.15
CA GLY K 300 -30.00 1.45 -26.12
C GLY K 300 -29.35 1.41 -24.74
N ASN K 301 -28.02 1.46 -24.66
CA ASN K 301 -27.34 1.50 -23.36
C ASN K 301 -27.03 2.92 -22.94
N LEU K 302 -26.54 3.71 -23.90
CA LEU K 302 -26.07 5.06 -23.62
C LEU K 302 -27.06 5.95 -22.83
N VAL K 303 -28.37 5.78 -23.03
CA VAL K 303 -29.38 6.57 -22.31
C VAL K 303 -29.52 6.26 -20.80
N MET K 304 -29.00 5.11 -20.36
CA MET K 304 -28.94 4.81 -18.92
C MET K 304 -27.88 5.67 -18.20
N GLN K 305 -26.92 6.21 -18.98
CA GLN K 305 -25.73 6.90 -18.42
C GLN K 305 -26.01 7.84 -17.23
N CYS K 306 -27.06 8.66 -17.31
CA CYS K 306 -27.45 9.48 -16.18
C CYS K 306 -28.97 9.44 -15.92
N CYS K 307 -29.64 8.31 -16.20
CA CYS K 307 -31.08 8.25 -15.96
C CYS K 307 -31.37 8.21 -14.46
N ASP K 308 -32.56 8.67 -14.08
CA ASP K 308 -33.05 8.56 -12.72
C ASP K 308 -34.11 7.47 -12.68
N CYS K 309 -34.91 7.40 -13.76
CA CYS K 309 -35.92 6.37 -13.95
C CYS K 309 -35.69 5.69 -15.30
N TRP K 310 -36.27 4.52 -15.48
CA TRP K 310 -35.92 3.64 -16.60
C TRP K 310 -37.18 2.95 -17.13
N SER K 311 -37.52 3.23 -18.39
CA SER K 311 -38.85 2.86 -18.90
C SER K 311 -38.90 1.97 -20.14
N ASN K 312 -39.97 1.18 -20.23
CA ASN K 312 -40.17 0.32 -21.40
C ASN K 312 -40.97 1.02 -22.49
N GLU K 313 -41.21 2.32 -22.32
CA GLU K 313 -42.00 3.14 -23.27
C GLU K 313 -43.45 2.73 -23.42
N SER K 314 -43.70 1.50 -23.84
CA SER K 314 -45.08 1.03 -24.01
C SER K 314 -45.07 -0.38 -24.56
N VAL K 315 -46.06 -1.16 -24.16
CA VAL K 315 -46.32 -2.48 -24.73
C VAL K 315 -47.81 -2.78 -24.55
N GLU K 316 -48.42 -3.47 -25.51
CA GLU K 316 -49.80 -3.90 -25.29
C GLU K 316 -49.88 -4.89 -24.14
N TYR K 317 -50.87 -4.75 -23.28
CA TYR K 317 -51.11 -5.74 -22.23
C TYR K 317 -51.73 -7.04 -22.75
N HIS K 318 -50.92 -8.10 -22.81
CA HIS K 318 -51.33 -9.43 -23.26
C HIS K 318 -50.37 -10.51 -22.69
N GLY K 319 -50.66 -11.78 -22.95
CA GLY K 319 -49.92 -12.86 -22.37
C GLY K 319 -48.63 -13.17 -23.10
N GLU K 320 -47.60 -13.53 -22.34
CA GLU K 320 -46.39 -14.10 -22.88
C GLU K 320 -46.26 -15.41 -22.13
N PHE K 321 -45.36 -16.29 -22.57
CA PHE K 321 -45.07 -17.54 -21.84
C PHE K 321 -44.74 -17.29 -20.35
N GLY K 322 -44.00 -16.21 -20.05
CA GLY K 322 -43.52 -15.94 -18.68
C GLY K 322 -44.45 -15.08 -17.86
N GLY K 323 -45.65 -14.87 -18.39
CA GLY K 323 -46.65 -14.09 -17.69
C GLY K 323 -47.13 -12.97 -18.55
N THR K 324 -47.73 -12.00 -17.90
CA THR K 324 -48.30 -10.88 -18.59
C THR K 324 -47.22 -9.90 -19.05
N THR K 325 -47.48 -9.32 -20.20
CA THR K 325 -46.53 -8.47 -20.83
C THR K 325 -45.88 -7.43 -19.90
N VAL K 326 -46.66 -6.84 -19.00
CA VAL K 326 -46.17 -5.77 -18.12
C VAL K 326 -45.36 -6.35 -16.96
N GLN K 327 -45.49 -7.66 -16.73
CA GLN K 327 -44.69 -8.30 -15.70
C GLN K 327 -43.30 -8.66 -16.26
N CYS K 328 -43.27 -9.06 -17.55
CA CYS K 328 -42.06 -9.45 -18.20
C CYS K 328 -41.14 -8.26 -18.30
N TRP K 329 -41.68 -7.14 -18.81
CA TRP K 329 -40.92 -5.91 -19.01
C TRP K 329 -40.56 -5.18 -17.72
N SER K 330 -41.48 -5.20 -16.75
CA SER K 330 -41.19 -4.56 -15.47
C SER K 330 -40.05 -5.27 -14.78
N GLU K 331 -40.04 -6.60 -14.83
CA GLU K 331 -38.97 -7.35 -14.22
C GLU K 331 -37.61 -7.04 -14.88
N THR K 332 -37.60 -6.90 -16.21
CA THR K 332 -36.36 -6.56 -16.90
C THR K 332 -35.87 -5.14 -16.50
N LEU K 333 -36.78 -4.17 -16.55
CA LEU K 333 -36.47 -2.81 -16.14
C LEU K 333 -35.91 -2.77 -14.72
N ALA K 334 -36.57 -3.49 -13.81
CA ALA K 334 -36.17 -3.47 -12.39
C ALA K 334 -34.78 -4.07 -12.19
N TYR K 335 -34.48 -5.11 -12.96
CA TYR K 335 -33.15 -5.72 -12.96
C TYR K 335 -32.06 -4.77 -13.46
N ASP K 336 -32.33 -4.01 -14.51
CA ASP K 336 -31.40 -2.97 -14.99
C ASP K 336 -31.12 -1.95 -13.88
N CYS K 337 -32.17 -1.55 -13.16
CA CYS K 337 -32.02 -0.63 -12.06
C CYS K 337 -31.21 -1.24 -10.88
N ALA K 338 -31.37 -2.55 -10.62
CA ALA K 338 -30.60 -3.17 -9.52
C ALA K 338 -29.10 -3.13 -9.82
N LEU K 339 -28.76 -3.33 -11.09
CA LEU K 339 -27.40 -3.26 -11.53
C LEU K 339 -26.82 -1.87 -11.27
N MET K 340 -27.54 -0.84 -11.70
CA MET K 340 -27.13 0.53 -11.47
C MET K 340 -27.00 0.86 -9.96
N ASN K 341 -27.98 0.40 -9.16
CA ASN K 341 -27.99 0.71 -7.74
C ASN K 341 -26.90 -0.01 -6.99
N THR K 342 -26.54 -1.19 -7.49
CA THR K 342 -25.39 -1.93 -6.99
C THR K 342 -24.12 -1.14 -7.30
N ALA K 343 -24.03 -0.60 -8.52
CA ALA K 343 -22.94 0.31 -8.89
C ALA K 343 -22.86 1.50 -7.91
N LEU K 344 -24.01 2.13 -7.70
CA LEU K 344 -24.11 3.29 -6.81
C LEU K 344 -23.68 3.00 -5.38
N GLU K 345 -24.13 1.85 -4.85
CA GLU K 345 -23.84 1.51 -3.44
C GLU K 345 -22.35 1.19 -3.23
N THR K 346 -21.66 0.78 -4.29
CA THR K 346 -20.25 0.40 -4.19
C THR K 346 -19.31 1.50 -4.71
N LYS K 347 -19.84 2.72 -4.86
CA LYS K 347 -19.09 3.83 -5.46
C LYS K 347 -18.48 3.37 -6.78
N ASN K 348 -19.31 2.78 -7.63
CA ASN K 348 -18.82 2.27 -8.92
C ASN K 348 -19.62 2.79 -10.09
N ASP K 349 -20.54 3.70 -9.80
CA ASP K 349 -21.44 4.23 -10.81
C ASP K 349 -20.72 4.88 -12.02
N LYS K 350 -19.72 5.71 -11.77
CA LYS K 350 -19.05 6.46 -12.83
C LYS K 350 -18.41 5.59 -13.91
N VAL K 351 -17.71 4.51 -13.53
CA VAL K 351 -17.24 3.57 -14.58
C VAL K 351 -18.41 2.88 -15.34
N LEU K 352 -19.50 2.52 -14.64
CA LEU K 352 -20.62 1.89 -15.34
C LEU K 352 -21.29 2.90 -16.26
N ARG K 353 -21.41 4.14 -15.80
CA ARG K 353 -21.89 5.24 -16.62
C ARG K 353 -21.03 5.35 -17.89
N ASP K 354 -19.71 5.32 -17.76
CA ASP K 354 -18.89 5.47 -18.95
C ASP K 354 -19.03 4.27 -19.89
N LEU K 355 -19.24 3.08 -19.32
CA LEU K 355 -19.41 1.87 -20.12
C LEU K 355 -20.70 1.94 -20.95
N MET K 356 -21.80 2.34 -20.31
CA MET K 356 -23.09 2.49 -21.00
C MET K 356 -22.96 3.47 -22.18
N MET K 357 -22.33 4.62 -21.91
CA MET K 357 -22.14 5.66 -22.90
C MET K 357 -21.30 5.15 -24.05
N LEU K 358 -20.18 4.52 -23.73
CA LEU K 358 -19.18 4.13 -24.72
C LEU K 358 -19.65 3.03 -25.68
N SER K 359 -20.54 2.17 -25.18
CA SER K 359 -21.27 1.16 -25.96
C SER K 359 -21.88 1.75 -27.22
N ASP K 360 -22.52 2.90 -27.10
CA ASP K 360 -23.24 3.46 -28.23
C ASP K 360 -22.67 4.77 -28.76
N ARG K 361 -21.62 5.30 -28.13
CA ARG K 361 -21.11 6.62 -28.55
C ARG K 361 -20.92 6.71 -30.09
N TYR K 362 -20.41 5.64 -30.68
CA TYR K 362 -20.04 5.62 -32.09
C TYR K 362 -21.04 4.86 -33.00
N ARG K 363 -22.16 4.44 -32.43
CA ARG K 363 -23.19 3.67 -33.18
C ARG K 363 -23.84 4.52 -34.26
N ASP K 364 -24.04 5.81 -33.99
CA ASP K 364 -24.84 6.66 -34.83
C ASP K 364 -24.69 8.07 -34.30
N PRO K 365 -24.72 9.11 -35.19
CA PRO K 365 -24.68 10.50 -34.78
C PRO K 365 -25.75 10.81 -33.73
N GLN K 366 -26.90 10.16 -33.84
CA GLN K 366 -27.97 10.40 -32.81
C GLN K 366 -27.56 9.96 -31.40
N ALA K 367 -26.64 9.01 -31.32
CA ALA K 367 -26.11 8.55 -30.06
C ALA K 367 -24.95 9.44 -29.65
N TYR K 368 -24.07 9.73 -30.60
CA TYR K 368 -22.89 10.51 -30.32
C TYR K 368 -23.17 11.84 -29.59
N MET K 369 -24.14 12.60 -30.07
CA MET K 369 -24.50 13.88 -29.47
C MET K 369 -25.02 13.70 -28.04
N LEU K 370 -25.69 12.59 -27.81
CA LEU K 370 -26.39 12.33 -26.55
C LEU K 370 -25.51 11.76 -25.43
N ALA K 371 -24.28 11.36 -25.78
CA ALA K 371 -23.27 11.01 -24.79
C ALA K 371 -23.17 12.18 -23.83
N TYR K 372 -23.12 11.88 -22.53
CA TYR K 372 -23.33 12.91 -21.54
C TYR K 372 -22.35 14.11 -21.64
N ASP K 373 -21.10 13.86 -22.02
CA ASP K 373 -20.12 14.94 -22.19
C ASP K 373 -20.50 15.88 -23.35
N ASN K 374 -20.99 15.30 -24.45
CA ASN K 374 -21.51 16.10 -25.58
C ASN K 374 -22.86 16.73 -25.24
N ALA K 375 -23.67 16.03 -24.48
CA ALA K 375 -24.95 16.57 -24.04
C ALA K 375 -24.72 17.83 -23.20
N TYR K 376 -23.78 17.74 -22.27
CA TYR K 376 -23.41 18.88 -21.44
C TYR K 376 -22.96 20.06 -22.31
N ARG K 377 -22.10 19.78 -23.27
CA ARG K 377 -21.64 20.77 -24.21
C ARG K 377 -22.79 21.49 -24.95
N VAL K 378 -23.80 20.73 -25.41
CA VAL K 378 -24.97 21.35 -26.02
C VAL K 378 -25.64 22.25 -24.99
N GLY K 379 -25.70 21.77 -23.74
CA GLY K 379 -26.34 22.53 -22.66
C GLY K 379 -25.71 23.89 -22.44
N GLN K 380 -24.39 23.95 -22.50
CA GLN K 380 -23.65 25.21 -22.39
C GLN K 380 -24.03 26.17 -23.50
N SER K 381 -24.16 25.66 -24.73
CA SER K 381 -24.53 26.51 -25.87
C SER K 381 -25.95 27.07 -25.72
N ILE K 382 -26.81 26.31 -25.04
CA ILE K 382 -28.16 26.76 -24.75
C ILE K 382 -28.15 27.90 -23.73
N VAL K 383 -27.45 27.70 -22.62
CA VAL K 383 -27.54 28.61 -21.48
C VAL K 383 -26.86 29.96 -21.72
N LYS K 384 -25.79 29.99 -22.53
CA LYS K 384 -25.11 31.25 -22.85
C LYS K 384 -26.05 32.31 -23.50
N ASP K 385 -27.15 31.87 -24.09
CA ASP K 385 -28.18 32.81 -24.57
C ASP K 385 -29.57 32.38 -24.10
N GLY K 386 -29.65 31.92 -22.85
CA GLY K 386 -30.83 31.28 -22.30
C GLY K 386 -32.11 32.09 -22.26
N ASP K 387 -31.98 33.41 -22.35
CA ASP K 387 -33.14 34.29 -22.30
C ASP K 387 -33.86 34.40 -23.62
N ASN K 388 -33.18 33.98 -24.68
CA ASN K 388 -33.69 34.13 -26.04
C ASN K 388 -34.05 32.76 -26.59
N ILE K 389 -35.36 32.47 -26.72
CA ILE K 389 -35.79 31.11 -27.14
C ILE K 389 -35.37 30.73 -28.55
N TYR K 390 -35.21 31.72 -29.42
CA TYR K 390 -34.75 31.45 -30.78
C TYR K 390 -33.26 31.19 -30.81
N LEU K 391 -32.50 32.17 -30.36
CA LEU K 391 -31.06 32.09 -30.44
C LEU K 391 -30.52 30.90 -29.64
N ARG K 392 -31.13 30.59 -28.50
CA ARG K 392 -30.71 29.42 -27.72
C ARG K 392 -30.91 28.11 -28.51
N ALA K 393 -32.00 28.02 -29.26
CA ALA K 393 -32.25 26.86 -30.14
C ALA K 393 -31.29 26.82 -31.34
N LYS K 394 -30.94 27.98 -31.89
CA LYS K 394 -30.04 28.00 -33.04
C LYS K 394 -28.64 27.65 -32.56
N ASN K 395 -28.31 28.10 -31.34
CA ASN K 395 -27.07 27.72 -30.65
C ASN K 395 -26.91 26.20 -30.52
N ALA K 396 -27.94 25.52 -30.02
CA ALA K 396 -27.90 24.08 -29.78
C ALA K 396 -27.76 23.36 -31.10
N ALA K 397 -28.48 23.85 -32.11
CA ALA K 397 -28.43 23.27 -33.44
C ALA K 397 -27.01 23.28 -34.06
N ILE K 398 -26.32 24.42 -33.94
CA ILE K 398 -24.98 24.57 -34.51
C ILE K 398 -23.97 23.85 -33.65
N GLU K 399 -24.13 23.95 -32.34
CA GLU K 399 -23.23 23.22 -31.48
C GLU K 399 -23.31 21.74 -31.87
N CYS K 400 -24.52 21.25 -32.09
CA CYS K 400 -24.73 19.86 -32.53
C CYS K 400 -23.92 19.57 -33.80
N CYS K 401 -24.04 20.45 -34.78
CA CYS K 401 -23.27 20.31 -36.00
C CYS K 401 -21.77 20.23 -35.71
N ASN K 402 -21.22 21.09 -34.85
CA ASN K 402 -19.77 21.06 -34.56
C ASN K 402 -19.33 19.81 -33.81
N ILE K 403 -20.21 19.33 -32.93
CA ILE K 403 -19.97 18.10 -32.19
C ILE K 403 -19.92 16.91 -33.11
N ILE K 404 -20.84 16.84 -34.09
CA ILE K 404 -20.78 15.74 -35.07
C ILE K 404 -19.55 15.80 -36.01
N GLU K 405 -19.17 16.99 -36.42
CA GLU K 405 -17.97 17.20 -37.25
C GLU K 405 -16.75 16.67 -36.54
N GLU K 406 -16.55 17.14 -35.30
CA GLU K 406 -15.43 16.70 -34.45
C GLU K 406 -15.36 15.19 -34.30
N GLY K 407 -16.51 14.58 -34.01
CA GLY K 407 -16.63 13.12 -33.96
C GLY K 407 -16.26 12.41 -35.26
N ALA K 408 -16.73 12.95 -36.38
CA ALA K 408 -16.40 12.42 -37.71
C ALA K 408 -14.89 12.47 -38.00
N ALA K 409 -14.22 13.51 -37.52
CA ALA K 409 -12.77 13.62 -37.69
C ALA K 409 -12.02 12.59 -36.82
N GLY K 410 -12.67 12.05 -35.79
CA GLY K 410 -12.12 10.99 -34.99
C GLY K 410 -12.70 9.67 -35.45
N LYS K 411 -13.33 8.92 -34.54
CA LYS K 411 -13.77 7.57 -34.82
C LYS K 411 -15.24 7.39 -35.23
N LEU K 412 -16.03 8.46 -35.14
CA LEU K 412 -17.41 8.43 -35.67
C LEU K 412 -17.40 8.30 -37.18
N GLU K 413 -17.91 7.18 -37.67
CA GLU K 413 -17.82 6.83 -39.07
C GLU K 413 -19.15 7.18 -39.75
N LEU K 414 -19.23 8.36 -40.33
CA LEU K 414 -20.44 8.73 -41.05
C LEU K 414 -20.42 8.22 -42.49
N SER K 415 -21.57 7.99 -43.07
CA SER K 415 -21.61 7.72 -44.53
C SER K 415 -21.37 9.03 -45.26
N ARG K 416 -20.96 8.94 -46.52
CA ARG K 416 -20.88 10.14 -47.37
C ARG K 416 -22.19 10.92 -47.40
N PHE K 417 -23.32 10.22 -47.49
CA PHE K 417 -24.62 10.88 -47.55
C PHE K 417 -24.95 11.65 -46.26
N GLU K 418 -24.65 11.03 -45.11
CA GLU K 418 -24.81 11.66 -43.82
C GLU K 418 -23.92 12.90 -43.67
N THR K 419 -22.71 12.83 -44.23
CA THR K 419 -21.74 13.92 -44.10
C THR K 419 -22.26 15.13 -44.87
N LYS K 420 -22.77 14.88 -46.08
CA LYS K 420 -23.33 15.93 -46.91
C LYS K 420 -24.59 16.59 -46.33
N ALA K 421 -25.50 15.80 -45.80
CA ALA K 421 -26.72 16.39 -45.23
C ALA K 421 -26.40 17.24 -44.01
N LEU K 422 -25.34 16.84 -43.28
CA LEU K 422 -24.85 17.60 -42.15
C LEU K 422 -24.28 18.92 -42.63
N ALA K 423 -23.42 18.86 -43.62
CA ALA K 423 -22.82 20.08 -44.19
C ALA K 423 -23.91 21.03 -44.74
N ASP K 424 -24.94 20.49 -45.41
CA ASP K 424 -26.02 21.37 -45.90
C ASP K 424 -26.73 22.06 -44.75
N ALA K 425 -27.09 21.25 -43.74
CA ALA K 425 -27.83 21.74 -42.58
C ALA K 425 -27.04 22.80 -41.79
N LYS K 426 -25.72 22.61 -41.70
CA LYS K 426 -24.90 23.57 -40.98
C LYS K 426 -24.85 24.90 -41.74
N ALA K 427 -24.67 24.84 -43.06
CA ALA K 427 -24.72 26.03 -43.89
C ALA K 427 -26.07 26.75 -43.75
N ALA K 428 -27.19 26.02 -43.79
CA ALA K 428 -28.49 26.65 -43.61
C ALA K 428 -28.61 27.37 -42.27
N LEU K 429 -28.04 26.79 -41.21
CA LEU K 429 -28.10 27.37 -39.88
C LEU K 429 -27.23 28.61 -39.73
N GLU K 430 -26.02 28.58 -40.30
CA GLU K 430 -25.12 29.76 -40.32
C GLU K 430 -25.74 30.97 -41.03
N ALA K 431 -26.42 30.72 -42.15
CA ALA K 431 -26.99 31.79 -43.01
C ALA K 431 -28.16 32.54 -42.34
N LEU K 432 -28.62 32.04 -41.19
CA LEU K 432 -29.66 32.69 -40.41
C LEU K 432 -29.12 33.84 -39.53
N PRO K 433 -29.88 34.96 -39.43
CA PRO K 433 -29.48 36.08 -38.55
C PRO K 433 -29.63 35.68 -37.06
N ASP K 434 -28.88 36.33 -36.17
CA ASP K 434 -29.07 36.17 -34.72
C ASP K 434 -30.41 36.74 -34.23
N ASP K 435 -30.94 37.70 -34.97
CA ASP K 435 -32.15 38.43 -34.59
C ASP K 435 -33.47 37.66 -34.60
N MET K 436 -34.04 37.43 -33.42
CA MET K 436 -35.28 36.65 -33.27
C MET K 436 -36.48 37.19 -34.05
N ASP K 437 -36.73 38.50 -33.97
CA ASP K 437 -37.93 39.10 -34.58
C ASP K 437 -37.98 38.89 -36.08
N LYS K 438 -36.84 39.08 -36.71
CA LYS K 438 -36.72 38.97 -38.15
C LYS K 438 -36.98 37.51 -38.55
N PHE K 439 -36.40 36.59 -37.77
CA PHE K 439 -36.62 35.18 -38.02
C PHE K 439 -38.09 34.78 -37.80
N MET K 440 -38.64 35.22 -36.66
CA MET K 440 -40.05 34.95 -36.31
C MET K 440 -41.02 35.47 -37.38
N ASP K 441 -40.78 36.69 -37.84
CA ASP K 441 -41.60 37.24 -38.91
C ASP K 441 -41.44 36.53 -40.27
N ASP K 442 -40.21 36.21 -40.68
CA ASP K 442 -40.04 35.49 -41.95
C ASP K 442 -40.75 34.13 -41.95
N CYS K 443 -40.55 33.37 -40.88
CA CYS K 443 -41.21 32.07 -40.71
C CYS K 443 -42.73 32.18 -40.61
N LEU K 444 -43.22 33.13 -39.81
CA LEU K 444 -44.67 33.31 -39.70
C LEU K 444 -45.29 33.43 -41.10
N THR K 445 -44.72 34.30 -41.94
CA THR K 445 -45.29 34.54 -43.27
C THR K 445 -45.07 33.34 -44.20
N LYS K 446 -43.86 32.79 -44.21
CA LYS K 446 -43.54 31.66 -45.06
C LYS K 446 -44.48 30.49 -44.79
N TYR K 447 -44.54 30.07 -43.52
CA TYR K 447 -45.28 28.84 -43.15
C TYR K 447 -46.80 29.01 -43.19
N LYS K 448 -47.25 30.24 -42.96
CA LYS K 448 -48.68 30.60 -43.08
C LYS K 448 -49.10 30.28 -44.52
N SER K 449 -48.21 30.56 -45.48
CA SER K 449 -48.46 30.27 -46.89
C SER K 449 -48.26 28.80 -47.27
N GLU K 450 -47.10 28.24 -46.93
CA GLU K 450 -46.74 26.87 -47.34
C GLU K 450 -47.48 25.76 -46.57
N VAL K 451 -48.02 26.08 -45.40
CA VAL K 451 -48.69 25.08 -44.57
C VAL K 451 -50.11 25.51 -44.25
N LYS K 452 -51.07 24.99 -45.01
CA LYS K 452 -52.46 25.43 -44.89
C LYS K 452 -53.11 25.21 -43.50
N VAL K 453 -52.78 24.11 -42.85
CA VAL K 453 -53.26 23.86 -41.50
C VAL K 453 -52.54 24.69 -40.41
N PHE K 454 -51.57 25.55 -40.77
CA PHE K 454 -50.87 26.39 -39.77
C PHE K 454 -51.68 27.62 -39.36
N LYS K 455 -52.12 27.62 -38.09
CA LYS K 455 -52.94 28.68 -37.51
C LYS K 455 -52.19 29.41 -36.38
N PRO K 456 -51.71 30.64 -36.66
CA PRO K 456 -50.91 31.46 -35.73
C PRO K 456 -51.53 31.77 -34.39
N GLU K 457 -52.85 31.84 -34.32
CA GLU K 457 -53.49 32.09 -33.04
C GLU K 457 -53.23 30.96 -32.02
N ASN K 458 -52.92 29.76 -32.52
CA ASN K 458 -52.51 28.65 -31.66
C ASN K 458 -51.28 29.02 -30.84
N TYR K 459 -50.59 30.09 -31.24
CA TYR K 459 -49.36 30.52 -30.57
C TYR K 459 -49.46 31.95 -30.07
N GLY K 460 -50.70 32.46 -30.03
CA GLY K 460 -51.00 33.81 -29.58
C GLY K 460 -50.51 34.86 -30.56
N PHE K 461 -50.58 34.54 -31.85
CA PHE K 461 -50.12 35.44 -32.89
C PHE K 461 -51.30 36.02 -33.69
N MET L 1 -12.97 9.67 -18.13
CA MET L 1 -14.05 9.11 -18.98
C MET L 1 -13.45 8.12 -19.99
N LEU L 2 -14.17 7.04 -20.29
CA LEU L 2 -13.62 5.96 -21.14
C LEU L 2 -13.66 6.23 -22.62
N ASP L 3 -12.67 5.71 -23.33
CA ASP L 3 -12.73 5.66 -24.77
C ASP L 3 -12.22 4.35 -25.36
N PHE L 4 -12.63 4.04 -26.59
CA PHE L 4 -12.15 2.88 -27.36
C PHE L 4 -10.88 3.22 -28.14
N THR L 5 -10.03 2.21 -28.36
CA THR L 5 -9.00 2.27 -29.42
C THR L 5 -9.75 1.93 -30.70
N GLU L 6 -9.12 2.16 -31.85
CA GLU L 6 -9.77 1.86 -33.14
C GLU L 6 -10.04 0.38 -33.29
N ALA L 7 -9.07 -0.43 -32.88
CA ALA L 7 -9.18 -1.89 -32.96
C ALA L 7 -10.39 -2.36 -32.18
N SER L 8 -10.66 -1.70 -31.06
CA SER L 8 -11.72 -2.12 -30.17
C SER L 8 -13.07 -1.78 -30.76
N LEU L 9 -13.26 -0.52 -31.17
CA LEU L 9 -14.52 -0.11 -31.81
C LEU L 9 -14.90 -1.09 -32.92
N LYS L 10 -13.91 -1.46 -33.71
CA LYS L 10 -14.11 -2.33 -34.85
C LYS L 10 -14.81 -3.60 -34.40
N LYS L 11 -14.42 -4.08 -33.22
CA LYS L 11 -14.93 -5.34 -32.69
C LYS L 11 -16.31 -5.23 -32.10
N VAL L 12 -16.65 -4.05 -31.56
CA VAL L 12 -17.89 -3.86 -30.76
C VAL L 12 -19.18 -3.64 -31.55
N LEU L 13 -19.11 -2.88 -32.64
CA LEU L 13 -20.28 -2.59 -33.47
C LEU L 13 -19.83 -2.38 -34.90
N THR L 14 -20.77 -2.48 -35.85
CA THR L 14 -20.48 -2.17 -37.23
C THR L 14 -21.59 -1.27 -37.76
N ARG L 15 -21.22 -0.12 -38.32
CA ARG L 15 -22.20 0.74 -38.97
C ARG L 15 -22.36 0.21 -40.39
N TYR L 16 -23.21 -0.79 -40.53
CA TYR L 16 -23.38 -1.55 -41.76
C TYR L 16 -23.63 -0.69 -43.02
N ASN L 17 -24.32 0.43 -42.83
CA ASN L 17 -24.58 1.37 -43.93
C ASN L 17 -23.32 1.93 -44.59
N VAL L 18 -22.21 2.00 -43.86
CA VAL L 18 -21.02 2.65 -44.40
C VAL L 18 -20.43 1.90 -45.60
N ALA L 19 -20.09 0.63 -45.42
CA ALA L 19 -19.53 -0.18 -46.51
C ALA L 19 -20.45 -0.35 -47.73
N LEU L 20 -21.77 -0.39 -47.51
CA LEU L 20 -22.71 -0.64 -48.59
C LEU L 20 -22.92 0.54 -49.53
N GLU L 21 -22.52 1.74 -49.09
CA GLU L 21 -22.78 2.96 -49.86
C GLU L 21 -22.05 2.92 -51.20
N LYS L 22 -22.79 3.19 -52.27
CA LYS L 22 -22.23 3.23 -53.63
C LYS L 22 -21.28 4.42 -53.78
N ALA L 23 -20.27 4.26 -54.64
CA ALA L 23 -19.18 5.23 -54.80
C ALA L 23 -19.59 6.60 -55.38
N LEU L 24 -20.49 6.59 -56.37
CA LEU L 24 -20.94 7.83 -57.04
C LEU L 24 -21.72 8.74 -56.09
N THR L 25 -21.50 10.05 -56.19
CA THR L 25 -22.36 11.01 -55.47
C THR L 25 -23.76 10.98 -56.09
N PRO L 26 -24.79 11.34 -55.30
CA PRO L 26 -26.11 11.45 -55.91
C PRO L 26 -26.09 12.29 -57.20
N GLU L 27 -25.21 13.30 -57.25
CA GLU L 27 -25.15 14.22 -58.38
C GLU L 27 -24.65 13.52 -59.64
N GLU L 28 -23.64 12.67 -59.48
CA GLU L 28 -23.05 11.94 -60.60
C GLU L 28 -23.98 10.84 -61.08
N ALA L 29 -24.75 10.28 -60.17
CA ALA L 29 -25.61 9.15 -60.49
C ALA L 29 -26.77 9.64 -61.35
N ALA L 30 -27.32 10.78 -60.95
CA ALA L 30 -28.33 11.49 -61.73
C ALA L 30 -27.83 11.81 -63.14
N GLU L 31 -26.55 12.18 -63.23
CA GLU L 31 -25.93 12.65 -64.46
C GLU L 31 -25.97 11.57 -65.55
N GLU L 32 -25.53 10.36 -65.19
CA GLU L 32 -25.65 9.16 -66.02
C GLU L 32 -27.08 8.90 -66.52
N LEU L 33 -28.08 9.37 -65.77
CA LEU L 33 -29.48 9.01 -66.01
C LEU L 33 -30.32 10.09 -66.71
N TYR L 34 -29.83 11.33 -66.72
CA TYR L 34 -30.55 12.47 -67.32
C TYR L 34 -30.77 12.29 -68.83
N PRO L 35 -32.01 12.55 -69.30
CA PRO L 35 -32.28 12.69 -70.73
C PRO L 35 -31.38 13.74 -71.37
N LYS L 36 -30.62 13.32 -72.39
CA LYS L 36 -29.62 14.16 -73.04
C LYS L 36 -30.20 15.25 -73.97
N ASP L 37 -31.52 15.21 -74.13
CA ASP L 37 -32.30 16.04 -75.07
C ASP L 37 -32.15 17.58 -75.00
N GLU L 38 -31.15 18.09 -74.27
CA GLU L 38 -30.73 19.50 -74.34
C GLU L 38 -31.78 20.52 -73.88
N LEU L 39 -32.97 20.46 -74.50
CA LEU L 39 -34.12 21.28 -74.09
C LEU L 39 -34.76 20.67 -72.84
N ILE L 40 -34.86 19.34 -72.81
CA ILE L 40 -35.46 18.61 -71.69
C ILE L 40 -34.50 18.53 -70.50
N TYR L 41 -33.21 18.58 -70.79
CA TYR L 41 -32.16 18.49 -69.76
C TYR L 41 -32.34 19.42 -68.54
N PRO L 42 -32.33 20.76 -68.73
CA PRO L 42 -32.33 21.63 -67.54
C PRO L 42 -33.54 21.41 -66.62
N ILE L 43 -34.60 20.80 -67.17
CA ILE L 43 -35.83 20.50 -66.43
C ILE L 43 -35.69 19.23 -65.58
N ALA L 44 -35.13 18.17 -66.18
CA ALA L 44 -34.84 16.94 -65.45
C ALA L 44 -33.92 17.22 -64.27
N LYS L 45 -32.87 18.00 -64.52
CA LYS L 45 -31.89 18.38 -63.49
C LYS L 45 -32.50 19.25 -62.40
N ALA L 46 -33.33 20.23 -62.81
CA ALA L 46 -34.04 21.07 -61.84
C ALA L 46 -34.93 20.23 -60.94
N ILE L 47 -35.72 19.32 -61.52
CA ILE L 47 -36.58 18.41 -60.75
C ILE L 47 -35.75 17.61 -59.74
N PHE L 48 -34.60 17.11 -60.17
CA PHE L 48 -33.68 16.38 -59.27
C PHE L 48 -33.23 17.25 -58.09
N GLU L 49 -32.88 18.50 -58.36
CA GLU L 49 -32.44 19.45 -57.33
C GLU L 49 -33.59 20.00 -56.47
N GLY L 50 -34.83 19.64 -56.81
CA GLY L 50 -36.02 20.15 -56.12
C GLY L 50 -36.17 21.65 -56.25
N GLU L 51 -35.72 22.18 -57.39
CA GLU L 51 -35.64 23.62 -57.62
C GLU L 51 -36.82 24.08 -58.48
N GLU L 52 -37.90 24.45 -57.81
CA GLU L 52 -39.19 24.79 -58.43
C GLU L 52 -39.12 25.97 -59.43
N ASP L 53 -38.39 27.02 -59.07
CA ASP L 53 -38.20 28.18 -59.95
C ASP L 53 -37.51 27.79 -61.26
N ASP L 54 -36.47 26.97 -61.17
CA ASP L 54 -35.74 26.50 -62.35
C ASP L 54 -36.53 25.48 -63.16
N VAL L 55 -37.54 24.87 -62.56
CA VAL L 55 -38.47 23.99 -63.29
C VAL L 55 -39.36 24.83 -64.22
N VAL L 56 -39.92 25.91 -63.66
CA VAL L 56 -40.71 26.90 -64.42
C VAL L 56 -39.88 27.55 -65.53
N GLU L 57 -38.72 28.10 -65.15
CA GLU L 57 -37.83 28.79 -66.09
C GLU L 57 -37.43 27.93 -67.30
N GLY L 58 -37.10 26.68 -67.05
CA GLY L 58 -36.69 25.74 -68.09
C GLY L 58 -37.85 25.23 -68.93
N LEU L 59 -39.05 25.24 -68.36
CA LEU L 59 -40.26 24.90 -69.11
C LEU L 59 -40.59 25.97 -70.17
N GLN L 60 -40.38 27.25 -69.82
CA GLN L 60 -40.60 28.37 -70.74
C GLN L 60 -39.73 28.30 -71.99
N ALA L 61 -38.43 28.11 -71.79
CA ALA L 61 -37.47 27.95 -72.89
C ALA L 61 -37.84 26.78 -73.81
N ALA L 62 -38.61 25.82 -73.29
CA ALA L 62 -39.06 24.64 -74.05
C ALA L 62 -40.27 24.94 -74.95
N ILE L 63 -41.27 25.64 -74.39
CA ILE L 63 -42.38 26.13 -75.21
C ILE L 63 -42.02 27.41 -76.00
N GLU L 64 -40.73 27.73 -76.06
CA GLU L 64 -40.24 28.78 -76.93
C GLU L 64 -39.57 28.19 -78.15
N ALA L 65 -38.31 27.75 -78.00
CA ALA L 65 -37.56 27.11 -79.09
C ALA L 65 -38.24 25.83 -79.61
N GLY L 66 -39.38 25.49 -79.01
CA GLY L 66 -40.27 24.42 -79.47
C GLY L 66 -41.66 24.72 -78.94
N LYS L 67 -42.47 23.69 -78.80
CA LYS L 67 -43.83 23.84 -78.23
C LYS L 67 -44.05 22.84 -77.08
N ASP L 68 -45.24 22.24 -77.06
CA ASP L 68 -45.64 21.13 -76.17
C ASP L 68 -46.22 21.57 -74.81
N PRO L 69 -47.33 22.30 -74.83
CA PRO L 69 -47.91 22.74 -73.55
C PRO L 69 -48.23 21.56 -72.62
N ILE L 70 -48.96 20.58 -73.14
CA ILE L 70 -49.43 19.45 -72.33
C ILE L 70 -48.49 18.23 -72.37
N ASP L 71 -47.82 18.02 -73.50
CA ASP L 71 -46.91 16.89 -73.67
C ASP L 71 -45.70 16.92 -72.74
N LEU L 72 -45.19 18.12 -72.46
CA LEU L 72 -43.98 18.30 -71.65
C LEU L 72 -44.05 17.63 -70.27
N ILE L 73 -45.28 17.40 -69.79
CA ILE L 73 -45.52 16.71 -68.52
C ILE L 73 -44.95 15.28 -68.53
N ASP L 74 -45.16 14.55 -69.63
CA ASP L 74 -44.71 13.17 -69.73
C ASP L 74 -43.29 13.03 -70.30
N ASP L 75 -42.74 14.15 -70.76
CA ASP L 75 -41.45 14.16 -71.47
C ASP L 75 -40.32 14.85 -70.69
N ALA L 76 -40.67 15.81 -69.84
CA ALA L 76 -39.68 16.55 -69.04
C ALA L 76 -39.88 16.40 -67.52
N LEU L 77 -41.13 16.53 -67.07
CA LEU L 77 -41.45 16.41 -65.66
C LEU L 77 -41.48 14.96 -65.19
N MET L 78 -42.24 14.11 -65.89
CA MET L 78 -42.35 12.69 -65.57
C MET L 78 -41.07 11.90 -65.90
N VAL L 79 -40.21 12.47 -66.73
CA VAL L 79 -38.92 11.84 -67.04
C VAL L 79 -37.85 12.24 -66.00
N GLY L 80 -37.85 13.52 -65.61
CA GLY L 80 -36.98 14.02 -64.53
C GLY L 80 -37.30 13.31 -63.22
N MET L 81 -38.59 13.20 -62.93
CA MET L 81 -39.09 12.50 -61.76
C MET L 81 -38.71 11.02 -61.77
N GLY L 82 -38.82 10.38 -62.92
CA GLY L 82 -38.46 8.96 -63.06
C GLY L 82 -37.03 8.63 -62.64
N VAL L 83 -36.14 9.62 -62.78
CA VAL L 83 -34.76 9.54 -62.31
C VAL L 83 -34.73 9.54 -60.79
N VAL L 84 -35.48 10.48 -60.22
CA VAL L 84 -35.63 10.63 -58.78
C VAL L 84 -36.20 9.35 -58.16
N ILE L 85 -37.18 8.74 -58.82
CA ILE L 85 -37.81 7.52 -58.29
C ILE L 85 -36.84 6.32 -58.35
N ARG L 86 -36.17 6.19 -59.49
CA ARG L 86 -35.15 5.18 -59.69
C ARG L 86 -34.10 5.28 -58.57
N LEU L 87 -33.53 6.46 -58.41
CA LEU L 87 -32.43 6.66 -57.47
C LEU L 87 -32.86 6.39 -56.05
N TYR L 88 -34.11 6.75 -55.74
CA TYR L 88 -34.69 6.46 -54.43
C TYR L 88 -34.80 4.96 -54.19
N ASP L 89 -35.23 4.23 -55.21
CA ASP L 89 -35.28 2.78 -55.12
C ASP L 89 -33.90 2.17 -54.89
N GLU L 90 -32.88 2.75 -55.52
CA GLU L 90 -31.51 2.27 -55.39
C GLU L 90 -30.86 2.62 -54.05
N GLY L 91 -31.44 3.59 -53.35
CA GLY L 91 -30.98 3.97 -52.04
C GLY L 91 -29.92 5.02 -52.09
N VAL L 92 -29.77 5.69 -53.24
CA VAL L 92 -28.76 6.76 -53.34
C VAL L 92 -29.29 8.14 -52.94
N ILE L 93 -30.59 8.36 -53.07
CA ILE L 93 -31.22 9.51 -52.43
C ILE L 93 -32.22 9.00 -51.38
N PHE L 94 -32.60 9.86 -50.44
CA PHE L 94 -33.56 9.53 -49.39
C PHE L 94 -34.92 10.21 -49.68
N LEU L 95 -35.91 9.90 -48.85
CA LEU L 95 -37.26 10.44 -48.96
C LEU L 95 -37.35 11.97 -49.14
N PRO L 96 -36.72 12.77 -48.24
CA PRO L 96 -36.91 14.20 -48.47
C PRO L 96 -36.48 14.68 -49.84
N ASN L 97 -35.40 14.14 -50.38
CA ASN L 97 -34.98 14.51 -51.72
C ASN L 97 -36.15 14.32 -52.70
N VAL L 98 -36.81 13.18 -52.62
CA VAL L 98 -38.03 12.85 -53.38
C VAL L 98 -39.17 13.85 -53.16
N MET L 99 -39.56 14.08 -51.91
CA MET L 99 -40.59 15.08 -51.60
C MET L 99 -40.30 16.46 -52.18
N MET L 100 -39.05 16.90 -52.08
CA MET L 100 -38.60 18.18 -52.66
C MET L 100 -38.80 18.21 -54.17
N SER L 101 -38.38 17.12 -54.82
CA SER L 101 -38.58 16.87 -56.25
C SER L 101 -40.07 16.79 -56.63
N ALA L 102 -40.89 16.28 -55.72
CA ALA L 102 -42.31 16.14 -55.96
C ALA L 102 -43.02 17.51 -55.90
N ASP L 103 -42.49 18.42 -55.09
CA ASP L 103 -43.00 19.79 -55.01
C ASP L 103 -42.60 20.58 -56.25
N ALA L 104 -41.39 20.33 -56.72
CA ALA L 104 -40.90 20.94 -57.96
C ALA L 104 -41.72 20.45 -59.17
N MET L 105 -42.15 19.18 -59.14
CA MET L 105 -42.94 18.60 -60.23
C MET L 105 -44.42 19.00 -60.22
N LEU L 106 -45.01 19.19 -59.03
CA LEU L 106 -46.41 19.63 -58.94
C LEU L 106 -46.58 21.06 -59.47
N GLU L 107 -45.60 21.91 -59.15
CA GLU L 107 -45.60 23.31 -59.58
C GLU L 107 -45.39 23.45 -61.09
N GLY L 108 -44.66 22.50 -61.67
CA GLY L 108 -44.49 22.42 -63.11
C GLY L 108 -45.74 21.91 -63.78
N ILE L 109 -46.42 20.97 -63.13
CA ILE L 109 -47.67 20.39 -63.65
C ILE L 109 -48.84 21.39 -63.71
N GLU L 110 -48.96 22.25 -62.71
CA GLU L 110 -50.01 23.28 -62.72
C GLU L 110 -49.64 24.45 -63.63
N TYR L 111 -48.34 24.63 -63.85
CA TYR L 111 -47.85 25.61 -64.83
C TYR L 111 -48.30 25.24 -66.24
N CYS L 112 -48.37 23.93 -66.50
CA CYS L 112 -48.89 23.39 -67.74
C CYS L 112 -50.42 23.46 -67.82
N LYS L 113 -51.08 23.51 -66.67
CA LYS L 113 -52.53 23.71 -66.62
C LYS L 113 -52.89 25.16 -66.98
N GLU L 114 -51.88 26.00 -67.15
CA GLU L 114 -52.07 27.40 -67.55
C GLU L 114 -52.18 27.53 -69.07
N ASN L 115 -51.27 26.87 -69.77
CA ASN L 115 -51.15 26.97 -71.23
C ASN L 115 -51.77 25.78 -71.96
N SER L 116 -52.71 25.12 -71.28
CA SER L 116 -53.40 23.96 -71.84
C SER L 116 -54.83 24.30 -72.26
N GLY L 117 -55.82 23.65 -71.63
CA GLY L 117 -57.18 23.59 -72.15
C GLY L 117 -57.30 22.35 -73.03
N ALA L 118 -56.54 21.32 -72.68
CA ALA L 118 -56.59 20.02 -73.32
C ALA L 118 -56.93 18.92 -72.30
N THR L 119 -56.48 19.11 -71.05
CA THR L 119 -56.67 18.17 -69.92
C THR L 119 -55.48 17.20 -69.73
N PRO L 120 -54.89 17.18 -68.52
CA PRO L 120 -53.85 16.18 -68.21
C PRO L 120 -54.43 14.75 -68.17
N LYS L 121 -53.70 13.80 -68.76
CA LYS L 121 -54.12 12.40 -68.81
C LYS L 121 -53.14 11.53 -68.02
N THR L 122 -53.64 10.90 -66.96
CA THR L 122 -52.82 10.08 -66.07
C THR L 122 -53.21 8.60 -66.12
N LYS L 123 -52.30 7.75 -65.65
CA LYS L 123 -52.47 6.28 -65.69
C LYS L 123 -53.67 5.74 -64.88
N GLY L 124 -54.37 6.63 -64.17
CA GLY L 124 -55.56 6.24 -63.41
C GLY L 124 -55.78 7.13 -62.19
N THR L 125 -56.79 6.78 -61.39
CA THR L 125 -57.10 7.50 -60.15
C THR L 125 -57.04 6.58 -58.94
N VAL L 126 -56.47 7.08 -57.85
CA VAL L 126 -56.38 6.34 -56.59
C VAL L 126 -56.87 7.21 -55.43
N VAL L 127 -57.85 6.70 -54.69
CA VAL L 127 -58.31 7.38 -53.48
C VAL L 127 -57.42 6.95 -52.32
N CYS L 128 -56.99 7.93 -51.53
CA CYS L 128 -56.09 7.66 -50.40
C CYS L 128 -56.60 8.25 -49.10
N HIS L 129 -56.72 7.41 -48.08
CA HIS L 129 -57.25 7.86 -46.80
C HIS L 129 -56.55 7.14 -45.64
N VAL L 130 -56.64 7.74 -44.47
CA VAL L 130 -56.23 7.11 -43.22
C VAL L 130 -57.52 6.71 -42.49
N ALA L 131 -57.57 5.49 -41.98
CA ALA L 131 -58.74 5.00 -41.25
C ALA L 131 -59.17 5.98 -40.15
N GLU L 132 -60.45 5.96 -39.80
CA GLU L 132 -60.98 6.89 -38.80
C GLU L 132 -60.45 6.61 -37.39
N GLY L 133 -60.23 7.67 -36.63
CA GLY L 133 -59.61 7.60 -35.30
C GLY L 133 -58.11 7.83 -35.38
N ASP L 134 -57.58 7.84 -36.61
CA ASP L 134 -56.15 7.90 -36.85
C ASP L 134 -55.68 9.24 -37.44
N VAL L 135 -54.65 9.81 -36.80
CA VAL L 135 -54.07 11.09 -37.19
C VAL L 135 -52.60 10.94 -37.69
N HIS L 136 -52.22 9.70 -38.03
CA HIS L 136 -50.90 9.40 -38.58
C HIS L 136 -50.91 9.58 -40.12
N ASP L 137 -50.41 10.74 -40.56
CA ASP L 137 -50.36 11.19 -41.96
C ASP L 137 -49.22 10.55 -42.71
N ILE L 138 -48.04 10.67 -42.11
CA ILE L 138 -46.75 10.44 -42.77
C ILE L 138 -46.72 9.23 -43.71
N GLY L 139 -47.28 8.10 -43.26
CA GLY L 139 -47.39 6.91 -44.09
C GLY L 139 -48.22 7.10 -45.36
N LYS L 140 -49.42 7.68 -45.18
CA LYS L 140 -50.30 8.04 -46.30
C LYS L 140 -49.62 9.04 -47.22
N ASN L 141 -49.00 10.06 -46.62
CA ASN L 141 -48.29 11.13 -47.34
C ASN L 141 -47.15 10.63 -48.23
N ILE L 142 -46.42 9.62 -47.77
CA ILE L 142 -45.41 9.03 -48.62
C ILE L 142 -46.08 8.27 -49.76
N VAL L 143 -47.07 7.42 -49.45
CA VAL L 143 -47.84 6.73 -50.49
C VAL L 143 -48.39 7.71 -51.53
N THR L 144 -48.95 8.82 -51.07
CA THR L 144 -49.45 9.89 -51.93
C THR L 144 -48.38 10.40 -52.92
N ALA L 145 -47.20 10.73 -52.39
CA ALA L 145 -46.14 11.31 -53.20
C ALA L 145 -45.70 10.34 -54.28
N LEU L 146 -45.56 9.08 -53.86
CA LEU L 146 -45.06 8.01 -54.72
C LEU L 146 -46.09 7.56 -55.74
N LEU L 147 -47.37 7.70 -55.40
CA LEU L 147 -48.44 7.48 -56.37
C LEU L 147 -48.41 8.54 -57.47
N ARG L 148 -48.30 9.81 -57.08
CA ARG L 148 -48.17 10.95 -58.03
C ARG L 148 -46.94 10.85 -58.94
N ALA L 149 -45.79 10.56 -58.34
CA ALA L 149 -44.53 10.37 -59.08
C ALA L 149 -44.56 9.23 -60.12
N ASN L 150 -45.47 8.27 -59.91
CA ASN L 150 -45.63 7.14 -60.84
C ASN L 150 -46.75 7.34 -61.88
N GLY L 151 -47.20 8.59 -62.01
CA GLY L 151 -48.12 8.99 -63.06
C GLY L 151 -49.58 8.79 -62.72
N TYR L 152 -49.89 8.74 -61.43
CA TYR L 152 -51.26 8.55 -60.96
C TYR L 152 -51.88 9.83 -60.39
N ASN L 153 -53.20 9.96 -60.59
CA ASN L 153 -53.95 11.08 -60.05
C ASN L 153 -54.51 10.71 -58.67
N VAL L 154 -54.10 11.48 -57.67
CA VAL L 154 -54.46 11.16 -56.29
C VAL L 154 -55.40 12.20 -55.67
N VAL L 155 -56.56 11.71 -55.26
CA VAL L 155 -57.46 12.46 -54.39
C VAL L 155 -57.15 12.07 -52.94
N ASP L 156 -56.71 13.06 -52.16
CA ASP L 156 -56.24 12.86 -50.78
C ASP L 156 -57.32 13.26 -49.75
N LEU L 157 -57.95 12.25 -49.16
CA LEU L 157 -59.08 12.45 -48.23
C LEU L 157 -58.70 13.01 -46.86
N GLY L 158 -57.41 13.07 -46.58
CA GLY L 158 -56.92 13.60 -45.30
C GLY L 158 -56.77 12.53 -44.23
N ARG L 159 -57.05 12.91 -42.99
CA ARG L 159 -56.76 12.06 -41.83
C ARG L 159 -57.96 11.23 -41.35
N ASP L 160 -58.72 11.78 -40.40
CA ASP L 160 -59.76 11.06 -39.66
C ASP L 160 -60.93 10.63 -40.57
N VAL L 161 -60.60 9.94 -41.66
CA VAL L 161 -61.57 9.69 -42.74
C VAL L 161 -62.60 8.61 -42.38
N PRO L 162 -63.86 9.03 -42.18
CA PRO L 162 -64.89 8.19 -41.57
C PRO L 162 -65.80 7.44 -42.54
N ALA L 163 -65.24 6.53 -43.33
CA ALA L 163 -66.00 5.52 -44.08
C ALA L 163 -67.00 6.06 -45.12
N GLU L 164 -68.12 6.65 -44.65
CA GLU L 164 -69.17 7.23 -45.51
C GLU L 164 -68.62 8.27 -46.47
N GLU L 165 -67.49 8.86 -46.08
CA GLU L 165 -66.80 9.86 -46.88
C GLU L 165 -65.87 9.19 -47.88
N VAL L 166 -65.47 7.95 -47.57
CA VAL L 166 -64.63 7.15 -48.46
C VAL L 166 -65.50 6.64 -49.60
N LEU L 167 -66.66 6.10 -49.24
CA LEU L 167 -67.66 5.64 -50.19
C LEU L 167 -68.12 6.79 -51.09
N ALA L 168 -68.59 7.87 -50.47
CA ALA L 168 -69.03 9.08 -51.18
C ALA L 168 -67.97 9.66 -52.12
N ALA L 169 -66.73 9.16 -52.01
CA ALA L 169 -65.62 9.63 -52.84
C ALA L 169 -65.22 8.63 -53.95
N VAL L 170 -65.36 7.34 -53.66
CA VAL L 170 -65.10 6.29 -54.66
C VAL L 170 -66.08 6.42 -55.84
N GLN L 171 -67.31 6.82 -55.52
CA GLN L 171 -68.39 6.96 -56.49
C GLN L 171 -68.21 8.16 -57.44
N LYS L 172 -67.59 9.23 -56.93
CA LYS L 172 -67.32 10.43 -57.73
C LYS L 172 -66.16 10.21 -58.71
N GLU L 173 -65.05 9.67 -58.20
CA GLU L 173 -63.81 9.55 -58.98
C GLU L 173 -63.68 8.23 -59.73
N LYS L 174 -64.59 7.29 -59.47
CA LYS L 174 -64.59 5.93 -60.06
C LYS L 174 -63.17 5.37 -60.28
N PRO L 175 -62.37 5.28 -59.19
CA PRO L 175 -60.94 4.98 -59.32
C PRO L 175 -60.65 3.48 -59.53
N ILE L 176 -59.42 3.19 -59.96
CA ILE L 176 -58.99 1.82 -60.18
C ILE L 176 -58.48 1.13 -58.88
N MET L 177 -58.24 1.95 -57.85
CA MET L 177 -57.64 1.49 -56.58
C MET L 177 -57.96 2.43 -55.41
N LEU L 178 -58.08 1.85 -54.23
CA LEU L 178 -58.21 2.61 -52.98
C LEU L 178 -57.17 2.16 -51.94
N THR L 179 -56.34 3.10 -51.46
CA THR L 179 -55.43 2.79 -50.35
C THR L 179 -56.01 3.23 -49.00
N GLY L 180 -55.51 2.58 -47.95
CA GLY L 180 -55.84 2.95 -46.56
C GLY L 180 -54.62 2.74 -45.68
N THR L 181 -54.48 3.59 -44.66
CA THR L 181 -53.36 3.52 -43.70
C THR L 181 -53.87 3.51 -42.25
N ALA L 182 -53.40 2.54 -41.47
CA ALA L 182 -53.73 2.50 -40.05
C ALA L 182 -52.49 2.20 -39.21
N LEU L 183 -52.38 2.89 -38.07
CA LEU L 183 -51.20 2.80 -37.19
C LEU L 183 -51.48 2.48 -35.73
N MET L 184 -52.76 2.42 -35.36
CA MET L 184 -53.14 2.05 -34.02
C MET L 184 -53.97 0.78 -34.07
N THR L 185 -53.94 -0.02 -33.00
CA THR L 185 -54.79 -1.23 -32.90
C THR L 185 -56.22 -0.80 -32.58
N THR L 186 -56.32 0.42 -32.06
CA THR L 186 -57.57 1.07 -31.75
C THR L 186 -58.25 1.57 -33.04
N THR L 187 -57.55 1.46 -34.17
CA THR L 187 -57.94 2.10 -35.43
C THR L 187 -57.95 1.17 -36.67
N MET L 188 -57.24 0.05 -36.62
CA MET L 188 -57.13 -0.88 -37.77
C MET L 188 -58.50 -1.27 -38.31
N TYR L 189 -59.47 -1.34 -37.40
CA TYR L 189 -60.80 -1.90 -37.69
C TYR L 189 -61.79 -0.97 -38.40
N ALA L 190 -61.34 0.23 -38.77
CA ALA L 190 -62.11 1.06 -39.68
C ALA L 190 -61.96 0.53 -41.12
N PHE L 191 -60.99 -0.36 -41.30
CA PHE L 191 -60.80 -1.06 -42.56
C PHE L 191 -61.94 -2.04 -42.79
N LYS L 192 -62.57 -2.46 -41.70
CA LYS L 192 -63.79 -3.28 -41.71
C LYS L 192 -64.93 -2.56 -42.40
N GLU L 193 -65.33 -1.42 -41.82
CA GLU L 193 -66.43 -0.59 -42.34
C GLU L 193 -66.22 -0.16 -43.79
N VAL L 194 -64.97 0.08 -44.17
CA VAL L 194 -64.64 0.45 -45.56
C VAL L 194 -64.82 -0.73 -46.51
N ASN L 195 -64.26 -1.88 -46.15
CA ASN L 195 -64.43 -3.10 -46.95
C ASN L 195 -65.89 -3.49 -47.12
N ASP L 196 -66.59 -3.62 -45.99
CA ASP L 196 -67.97 -4.09 -45.94
C ASP L 196 -68.94 -3.21 -46.71
N MET L 197 -68.73 -1.89 -46.62
CA MET L 197 -69.59 -0.90 -47.28
C MET L 197 -69.39 -0.87 -48.79
N LEU L 198 -68.16 -1.11 -49.24
CA LEU L 198 -67.86 -1.22 -50.68
C LEU L 198 -68.43 -2.49 -51.30
N LEU L 199 -68.51 -3.56 -50.52
CA LEU L 199 -69.13 -4.82 -50.95
C LEU L 199 -70.65 -4.70 -51.05
N GLU L 200 -71.23 -3.92 -50.14
CA GLU L 200 -72.69 -3.71 -50.09
C GLU L 200 -73.18 -2.76 -51.17
N ASN L 201 -72.25 -2.05 -51.80
CA ASN L 201 -72.55 -1.23 -52.97
C ASN L 201 -72.06 -1.89 -54.25
N GLY L 202 -71.63 -3.14 -54.13
CA GLY L 202 -71.15 -3.93 -55.27
C GLY L 202 -69.96 -3.32 -55.98
N ILE L 203 -69.03 -2.77 -55.20
CA ILE L 203 -67.80 -2.21 -55.74
C ILE L 203 -66.69 -3.25 -55.59
N LYS L 204 -65.97 -3.54 -56.68
CA LYS L 204 -64.89 -4.53 -56.65
C LYS L 204 -63.55 -4.01 -57.19
N ILE L 205 -63.06 -2.94 -56.57
CA ILE L 205 -61.68 -2.48 -56.80
C ILE L 205 -60.80 -2.92 -55.62
N PRO L 206 -59.49 -3.11 -55.87
CA PRO L 206 -58.55 -3.51 -54.80
C PRO L 206 -58.35 -2.44 -53.72
N PHE L 207 -58.44 -2.86 -52.46
CA PHE L 207 -58.30 -1.98 -51.29
C PHE L 207 -56.94 -2.19 -50.64
N ALA L 208 -55.93 -1.48 -51.15
CA ALA L 208 -54.54 -1.61 -50.70
C ALA L 208 -54.32 -1.06 -49.28
N CYS L 209 -54.14 -1.97 -48.33
CA CYS L 209 -54.07 -1.64 -46.91
C CYS L 209 -52.63 -1.67 -46.41
N GLY L 210 -52.25 -0.67 -45.63
CA GLY L 210 -50.90 -0.56 -45.07
C GLY L 210 -50.85 0.21 -43.75
N GLY L 211 -49.63 0.43 -43.26
CA GLY L 211 -49.43 1.09 -41.97
C GLY L 211 -48.84 0.15 -40.94
N GLY L 212 -48.09 0.72 -39.99
CA GLY L 212 -47.35 -0.03 -38.97
C GLY L 212 -48.16 -0.98 -38.09
N ALA L 213 -49.46 -0.74 -37.94
CA ALA L 213 -50.34 -1.61 -37.17
C ALA L 213 -50.88 -2.78 -37.99
N VAL L 214 -50.63 -2.74 -39.28
CA VAL L 214 -51.28 -3.64 -40.21
C VAL L 214 -50.30 -4.68 -40.76
N ASN L 215 -50.77 -5.91 -40.96
CA ASN L 215 -49.99 -6.91 -41.68
C ASN L 215 -50.84 -7.79 -42.59
N GLN L 216 -50.15 -8.64 -43.35
CA GLN L 216 -50.75 -9.50 -44.36
C GLN L 216 -51.91 -10.37 -43.86
N ASP L 217 -51.73 -11.00 -42.70
CA ASP L 217 -52.79 -11.82 -42.08
C ASP L 217 -54.06 -11.00 -41.85
N PHE L 218 -53.87 -9.78 -41.36
CA PHE L 218 -54.97 -8.88 -40.99
C PHE L 218 -55.79 -8.41 -42.18
N VAL L 219 -55.14 -8.21 -43.32
CA VAL L 219 -55.82 -7.73 -44.53
C VAL L 219 -56.47 -8.86 -45.32
N SER L 220 -55.96 -10.08 -45.13
CA SER L 220 -56.47 -11.28 -45.82
C SER L 220 -57.92 -11.55 -45.49
N GLN L 221 -58.30 -11.32 -44.24
CA GLN L 221 -59.68 -11.56 -43.78
C GLN L 221 -60.73 -10.65 -44.44
N PHE L 222 -60.30 -9.51 -44.99
CA PHE L 222 -61.19 -8.63 -45.77
C PHE L 222 -61.20 -9.05 -47.25
N ALA L 223 -62.38 -9.06 -47.85
CA ALA L 223 -62.58 -9.53 -49.23
C ALA L 223 -61.74 -8.78 -50.28
N LEU L 224 -61.78 -7.45 -50.22
CA LEU L 224 -61.08 -6.60 -51.20
C LEU L 224 -59.59 -6.38 -50.88
N GLY L 225 -59.21 -6.67 -49.64
CA GLY L 225 -57.90 -6.30 -49.08
C GLY L 225 -56.67 -6.91 -49.71
N VAL L 226 -55.73 -6.04 -50.08
CA VAL L 226 -54.40 -6.45 -50.52
C VAL L 226 -53.40 -5.68 -49.68
N TYR L 227 -52.31 -6.33 -49.28
CA TYR L 227 -51.37 -5.71 -48.35
C TYR L 227 -50.05 -5.28 -48.98
N GLY L 228 -49.77 -3.98 -48.89
CA GLY L 228 -48.43 -3.45 -49.18
C GLY L 228 -47.78 -3.05 -47.87
N GLU L 229 -46.48 -3.29 -47.73
CA GLU L 229 -45.79 -2.98 -46.46
C GLU L 229 -44.82 -1.80 -46.51
N GLU L 230 -44.20 -1.59 -47.66
CA GLU L 230 -43.46 -0.36 -47.91
C GLU L 230 -44.37 0.57 -48.72
N ALA L 231 -44.14 1.88 -48.63
CA ALA L 231 -44.91 2.85 -49.41
C ALA L 231 -44.51 2.79 -50.89
N ALA L 232 -43.37 2.17 -51.16
CA ALA L 232 -42.88 1.92 -52.51
C ALA L 232 -43.76 0.89 -53.22
N ASP L 233 -44.31 -0.03 -52.43
CA ASP L 233 -45.17 -1.11 -52.95
C ASP L 233 -46.52 -0.60 -53.47
N ALA L 234 -46.81 0.69 -53.27
CA ALA L 234 -48.12 1.29 -53.60
C ALA L 234 -48.35 1.56 -55.11
N PRO L 235 -47.39 2.22 -55.79
CA PRO L 235 -47.48 2.29 -57.25
C PRO L 235 -47.33 0.93 -57.92
N LYS L 236 -46.42 0.12 -57.40
CA LYS L 236 -46.15 -1.24 -57.88
C LYS L 236 -47.41 -2.11 -57.93
N ILE L 237 -48.33 -1.89 -56.99
CA ILE L 237 -49.60 -2.65 -56.91
C ILE L 237 -50.67 -2.14 -57.89
N ALA L 238 -50.60 -0.86 -58.24
CA ALA L 238 -51.59 -0.24 -59.13
C ALA L 238 -51.31 -0.49 -60.62
N ASP L 239 -50.03 -0.72 -60.95
CA ASP L 239 -49.63 -1.10 -62.30
C ASP L 239 -50.17 -2.48 -62.68
N ALA L 240 -50.47 -3.28 -61.65
CA ALA L 240 -51.04 -4.62 -61.84
C ALA L 240 -52.49 -4.56 -62.32
N ILE L 241 -53.18 -3.47 -61.96
CA ILE L 241 -54.52 -3.19 -62.48
C ILE L 241 -54.41 -2.76 -63.95
N ILE L 242 -53.33 -2.02 -64.28
CA ILE L 242 -52.99 -1.63 -65.66
C ILE L 242 -52.64 -2.87 -66.50
N ALA L 243 -52.20 -3.94 -65.82
CA ALA L 243 -51.96 -5.23 -66.44
C ALA L 243 -53.20 -6.15 -66.41
N GLY L 244 -54.38 -5.53 -66.23
CA GLY L 244 -55.66 -6.23 -66.31
C GLY L 244 -55.95 -7.22 -65.20
N THR L 245 -55.62 -6.85 -63.98
CA THR L 245 -55.82 -7.71 -62.81
C THR L 245 -56.56 -6.93 -61.72
N THR L 246 -57.89 -7.00 -61.76
CA THR L 246 -58.74 -6.25 -60.83
C THR L 246 -59.36 -7.14 -59.76
N ASP L 247 -59.13 -8.45 -59.89
CA ASP L 247 -59.61 -9.41 -58.91
C ASP L 247 -58.59 -9.57 -57.78
N VAL L 248 -59.10 -9.71 -56.55
CA VAL L 248 -58.27 -9.67 -55.33
C VAL L 248 -57.49 -10.97 -55.07
N THR L 249 -58.15 -12.13 -55.13
CA THR L 249 -57.50 -13.43 -54.94
C THR L 249 -56.40 -13.65 -55.99
N GLU L 250 -56.55 -12.98 -57.13
CA GLU L 250 -55.54 -12.97 -58.18
C GLU L 250 -54.33 -12.14 -57.76
N LEU L 251 -54.58 -10.89 -57.37
CA LEU L 251 -53.53 -9.95 -56.97
C LEU L 251 -52.75 -10.41 -55.75
N ARG L 252 -53.46 -10.79 -54.70
CA ARG L 252 -52.86 -11.32 -53.46
C ARG L 252 -51.83 -12.40 -53.76
N GLU L 253 -52.17 -13.28 -54.71
CA GLU L 253 -51.32 -14.40 -55.09
C GLU L 253 -49.98 -13.95 -55.69
N LYS L 254 -49.88 -12.67 -56.05
CA LYS L 254 -48.63 -12.12 -56.58
C LYS L 254 -47.91 -11.16 -55.62
N PHE L 255 -48.56 -10.79 -54.52
CA PHE L 255 -48.04 -9.78 -53.59
C PHE L 255 -47.98 -10.20 -52.12
N HIS L 256 -48.89 -11.08 -51.71
CA HIS L 256 -48.93 -11.61 -50.35
C HIS L 256 -47.71 -12.48 -50.02
N LYS L 257 -47.94 -13.58 -49.30
CA LYS L 257 -46.88 -14.54 -48.93
C LYS L 257 -45.58 -13.89 -48.45
N HIS L 258 -45.61 -13.27 -47.26
CA HIS L 258 -44.41 -12.70 -46.64
C HIS L 258 -43.66 -13.73 -45.81
N ALA M 3 11.66 20.50 46.31
CA ALA M 3 10.64 21.50 46.75
C ALA M 3 9.29 21.14 46.13
N LYS M 4 9.20 21.11 44.80
CA LYS M 4 7.99 20.64 44.09
C LYS M 4 8.27 19.32 43.37
N ARG M 5 7.76 18.23 43.93
CA ARG M 5 8.19 16.89 43.53
C ARG M 5 7.41 16.29 42.37
N TYR M 6 8.07 15.53 41.51
CA TYR M 6 7.40 14.96 40.34
C TYR M 6 6.60 13.72 40.73
N THR M 7 5.34 13.64 40.27
CA THR M 7 4.48 12.48 40.56
C THR M 7 3.95 11.85 39.28
N SER M 8 4.42 12.34 38.14
CA SER M 8 4.14 11.77 36.82
C SER M 8 5.30 12.03 35.85
N MET M 9 5.27 11.34 34.71
CA MET M 9 6.31 11.44 33.68
C MET M 9 5.92 12.49 32.65
N ALA M 10 6.89 13.32 32.24
CA ALA M 10 6.65 14.37 31.27
C ALA M 10 6.35 13.81 29.88
N TYR M 11 6.93 12.66 29.56
CA TYR M 11 6.74 11.97 28.30
C TYR M 11 5.72 10.84 28.46
N ALA M 12 4.84 10.67 27.49
CA ALA M 12 3.80 9.61 27.59
C ALA M 12 4.38 8.21 27.61
N ASN M 13 5.55 8.04 26.98
CA ASN M 13 6.25 6.76 26.85
C ASN M 13 7.68 6.98 26.34
N ALA M 14 8.51 5.95 26.43
CA ALA M 14 9.90 6.03 26.06
C ALA M 14 10.06 6.45 24.59
N ASP M 15 9.24 5.87 23.72
CA ASP M 15 9.34 6.12 22.30
C ASP M 15 9.19 7.60 21.92
N GLU M 16 8.60 8.39 22.79
CA GLU M 16 8.46 9.79 22.54
C GLU M 16 9.77 10.55 22.65
N MET M 17 10.75 10.00 23.38
CA MET M 17 12.02 10.69 23.65
C MET M 17 13.05 10.57 22.52
N THR M 18 13.80 11.64 22.28
CA THR M 18 14.81 11.64 21.24
C THR M 18 15.89 12.65 21.57
N PHE M 19 16.97 12.65 20.80
CA PHE M 19 18.09 13.55 21.08
C PHE M 19 17.83 14.97 20.50
N GLY M 20 18.40 16.00 21.12
CA GLY M 20 18.29 17.38 20.60
C GLY M 20 16.94 18.08 20.79
N VAL M 21 15.92 17.31 21.22
CA VAL M 21 14.64 17.92 21.58
C VAL M 21 14.23 17.51 22.98
N SER M 22 13.77 18.49 23.74
CA SER M 22 13.06 18.20 24.96
C SER M 22 11.74 18.95 25.00
N LYS M 23 10.90 18.53 25.94
CA LYS M 23 9.55 19.04 26.09
C LYS M 23 9.61 20.54 26.43
N TYR M 24 10.55 20.89 27.32
CA TYR M 24 10.71 22.27 27.79
C TYR M 24 12.09 22.86 27.44
N PRO M 25 12.24 23.38 26.22
CA PRO M 25 13.54 23.95 25.76
C PRO M 25 14.02 25.16 26.58
N VAL M 26 15.34 25.31 26.69
CA VAL M 26 15.98 26.41 27.43
C VAL M 26 16.62 27.45 26.44
N LYS M 27 16.40 28.74 26.66
CA LYS M 27 17.02 29.80 25.84
C LYS M 27 18.15 30.41 26.64
N ALA M 28 19.30 30.61 26.03
CA ALA M 28 20.44 31.06 26.79
C ALA M 28 21.55 31.60 25.92
N GLY M 29 22.42 32.38 26.56
CA GLY M 29 23.63 32.91 25.95
C GLY M 29 23.35 33.71 24.71
N LEU M 30 24.28 33.63 23.78
CA LEU M 30 24.19 34.38 22.56
C LEU M 30 23.35 33.66 21.51
N ASP M 31 22.04 33.87 21.58
CA ASP M 31 21.08 33.40 20.56
C ASP M 31 20.95 31.87 20.50
N LEU M 32 21.37 31.18 21.55
CA LEU M 32 21.35 29.72 21.59
C LEU M 32 20.06 29.13 22.21
N GLU M 33 19.57 28.06 21.61
CA GLU M 33 18.46 27.33 22.21
C GLU M 33 18.84 25.87 22.48
N ILE M 34 18.55 25.41 23.68
CA ILE M 34 18.88 24.05 24.07
C ILE M 34 17.60 23.19 24.10
N GLY M 35 17.67 22.04 23.44
CA GLY M 35 16.55 21.10 23.41
C GLY M 35 15.49 21.53 22.41
N ALA M 36 15.90 22.34 21.45
CA ALA M 36 14.95 23.00 20.57
C ALA M 36 14.96 22.44 19.13
N GLY M 37 15.39 21.19 18.99
CA GLY M 37 15.46 20.56 17.68
C GLY M 37 16.87 20.45 17.11
N TYR M 38 17.88 20.70 17.93
CA TYR M 38 19.25 20.45 17.55
C TYR M 38 20.17 20.22 18.73
N THR M 39 21.16 19.35 18.50
CA THR M 39 22.11 19.01 19.52
C THR M 39 23.26 19.99 19.41
N ILE M 40 23.98 20.18 20.53
CA ILE M 40 25.00 21.19 20.64
C ILE M 40 26.24 20.60 21.33
N PRO M 41 27.44 20.83 20.77
CA PRO M 41 28.62 20.31 21.44
C PRO M 41 28.98 21.15 22.69
N GLU M 42 29.47 20.48 23.74
CA GLU M 42 29.86 21.22 24.94
C GLU M 42 31.29 20.86 25.34
N ILE M 43 32.21 21.77 25.08
CA ILE M 43 33.63 21.52 25.30
C ILE M 43 34.05 21.81 26.72
N ASN M 44 34.74 20.85 27.31
CA ASN M 44 35.34 20.97 28.64
C ASN M 44 36.85 20.91 28.54
N TYR M 45 37.51 21.39 29.58
CA TYR M 45 38.94 21.63 29.53
C TYR M 45 39.44 21.97 30.94
N ALA M 46 40.76 21.82 31.11
CA ALA M 46 41.41 22.10 32.37
C ALA M 46 42.71 22.83 32.07
N PRO M 47 42.94 23.96 32.74
CA PRO M 47 44.22 24.67 32.60
C PRO M 47 45.41 23.79 33.03
N ARG M 48 46.58 24.01 32.44
CA ARG M 48 47.80 23.34 32.87
C ARG M 48 48.15 23.74 34.32
N PRO M 49 48.95 22.95 35.04
CA PRO M 49 49.18 23.41 36.42
C PRO M 49 49.81 24.80 36.55
N GLU M 50 50.72 25.16 35.64
CA GLU M 50 51.44 26.44 35.69
C GLU M 50 50.53 27.66 35.68
N ALA M 51 49.36 27.52 35.05
CA ALA M 51 48.39 28.61 34.97
C ALA M 51 47.70 28.88 36.31
N GLY M 52 47.87 27.95 37.26
CA GLY M 52 47.27 28.08 38.58
C GLY M 52 48.05 28.96 39.55
N ALA M 53 49.13 29.60 39.09
CA ALA M 53 49.98 30.43 39.96
C ALA M 53 49.30 31.75 40.39
N SER M 54 49.02 32.63 39.43
CA SER M 54 48.31 33.87 39.71
C SER M 54 46.95 33.83 39.04
N LYS M 55 46.10 34.79 39.37
CA LYS M 55 44.81 34.95 38.74
C LYS M 55 44.99 35.35 37.27
N GLU M 56 46.04 36.12 37.00
CA GLU M 56 46.35 36.63 35.65
C GLU M 56 46.72 35.51 34.69
N LYS M 57 47.49 34.55 35.19
CA LYS M 57 47.96 33.44 34.39
C LYS M 57 46.81 32.49 34.04
N LEU M 58 45.82 32.47 34.94
CA LEU M 58 44.66 31.62 34.82
C LEU M 58 43.66 32.24 33.84
N ILE M 59 43.38 33.53 33.99
CA ILE M 59 42.54 34.26 33.03
C ILE M 59 43.12 34.05 31.64
N LYS M 60 44.42 34.26 31.50
CA LYS M 60 45.12 34.13 30.22
C LYS M 60 44.93 32.76 29.56
N GLU M 61 45.11 31.71 30.35
CA GLU M 61 44.91 30.34 29.89
C GLU M 61 43.46 30.16 29.39
N TYR M 62 42.49 30.62 30.17
CA TYR M 62 41.08 30.55 29.77
C TYR M 62 40.76 31.35 28.50
N GLU M 63 41.56 32.38 28.23
CA GLU M 63 41.40 33.17 27.04
C GLU M 63 41.91 32.43 25.80
N ARG M 64 43.04 31.77 25.96
CA ARG M 64 43.59 30.96 24.90
C ARG M 64 42.57 29.88 24.57
N ILE M 65 42.13 29.19 25.61
CA ILE M 65 41.19 28.09 25.47
C ILE M 65 39.96 28.56 24.68
N THR M 66 39.37 29.68 25.09
CA THR M 66 38.15 30.19 24.46
C THR M 66 38.36 30.56 22.98
N THR M 67 39.47 31.26 22.69
CA THR M 67 39.84 31.62 21.31
C THR M 67 40.04 30.38 20.44
N ASP M 68 40.84 29.43 20.92
CA ASP M 68 41.04 28.19 20.20
C ASP M 68 39.74 27.47 19.77
N VAL M 69 38.75 27.40 20.68
CA VAL M 69 37.47 26.76 20.42
C VAL M 69 36.69 27.51 19.35
N MET M 70 36.42 28.79 19.63
CA MET M 70 35.61 29.61 18.75
C MET M 70 36.18 29.61 17.34
N GLU M 71 37.49 29.71 17.25
CA GLU M 71 38.16 29.78 15.97
C GLU M 71 37.95 28.49 15.20
N ARG M 72 38.14 27.37 15.87
CA ARG M 72 38.02 26.10 15.24
C ARG M 72 36.60 25.88 14.75
N MET M 73 35.63 26.26 15.59
CA MET M 73 34.22 26.09 15.29
C MET M 73 33.81 26.77 13.97
N VAL M 74 34.16 28.06 13.83
CA VAL M 74 33.93 28.80 12.58
C VAL M 74 34.76 28.30 11.36
N GLN M 75 35.94 27.70 11.60
CA GLN M 75 36.76 27.19 10.49
C GLN M 75 36.19 25.92 9.82
N VAL M 76 35.38 25.18 10.57
CA VAL M 76 34.84 23.94 10.04
C VAL M 76 33.36 24.13 9.74
N GLY M 77 32.81 25.25 10.21
CA GLY M 77 31.44 25.62 9.85
C GLY M 77 30.33 25.13 10.77
N PHE M 78 30.66 24.97 12.05
CA PHE M 78 29.70 24.55 13.05
C PHE M 78 28.82 25.71 13.46
N PRO M 79 27.48 25.50 13.48
CA PRO M 79 26.58 26.62 13.83
C PRO M 79 26.53 26.97 15.31
N ALA M 80 26.92 26.05 16.18
CA ALA M 80 26.71 26.25 17.62
C ALA M 80 27.72 25.59 18.55
N ILE M 81 27.94 26.23 19.70
CA ILE M 81 28.86 25.68 20.68
C ILE M 81 28.63 26.18 22.11
N ILE M 82 28.83 25.28 23.06
CA ILE M 82 28.82 25.63 24.46
C ILE M 82 30.19 25.36 25.04
N LEU M 83 30.70 26.32 25.84
CA LEU M 83 31.94 26.13 26.59
C LEU M 83 31.63 25.91 28.07
N GLU M 84 32.18 24.85 28.65
CA GLU M 84 32.05 24.67 30.08
C GLU M 84 33.38 24.84 30.76
N THR M 85 33.36 25.68 31.77
CA THR M 85 34.50 25.91 32.61
C THR M 85 34.16 25.32 33.97
N GLU M 86 34.91 24.27 34.32
CA GLU M 86 34.85 23.69 35.66
C GLU M 86 35.85 24.43 36.51
N HIS M 87 35.36 25.13 37.53
CA HIS M 87 36.24 25.84 38.44
C HIS M 87 37.35 24.99 39.01
N VAL M 88 38.57 25.50 38.98
CA VAL M 88 39.59 25.01 39.89
C VAL M 88 39.25 25.66 41.23
N GLN M 89 39.67 25.05 42.34
CA GLN M 89 39.30 25.50 43.69
C GLN M 89 39.41 27.01 43.91
N GLN M 90 40.50 27.60 43.41
CA GLN M 90 40.79 29.00 43.69
C GLN M 90 39.80 29.97 43.03
N MET M 91 39.12 29.52 41.97
CA MET M 91 38.07 30.29 41.29
C MET M 91 36.78 30.38 42.11
N SER M 92 36.60 29.40 42.99
CA SER M 92 35.42 29.32 43.82
C SER M 92 35.69 29.82 45.22
N ASN M 93 36.84 29.48 45.79
CA ASN M 93 37.24 30.10 47.06
C ASN M 93 37.41 31.62 46.98
N ASN M 94 37.83 32.12 45.82
CA ASN M 94 37.89 33.55 45.57
C ASN M 94 36.87 33.94 44.50
N PRO M 95 35.60 34.12 44.88
CA PRO M 95 34.53 34.39 43.92
C PRO M 95 34.85 35.36 42.75
N SER M 96 35.57 36.45 43.02
CA SER M 96 35.88 37.38 41.93
C SER M 96 36.81 36.77 40.87
N TRP M 97 37.68 35.83 41.25
CA TRP M 97 38.54 35.15 40.28
C TRP M 97 37.70 34.51 39.18
N GLY M 98 36.75 33.67 39.58
CA GLY M 98 35.91 32.94 38.63
C GLY M 98 35.11 33.90 37.77
N ALA M 99 34.55 34.93 38.40
CA ALA M 99 33.78 35.95 37.68
C ALA M 99 34.61 36.60 36.60
N GLU M 100 35.89 36.83 36.90
CA GLU M 100 36.77 37.51 35.95
C GLU M 100 37.07 36.62 34.75
N VAL M 101 37.35 35.35 35.03
CA VAL M 101 37.47 34.38 33.96
C VAL M 101 36.18 34.41 33.12
N ALA M 102 35.03 34.29 33.78
CA ALA M 102 33.76 34.29 33.06
C ALA M 102 33.62 35.50 32.10
N HIS M 103 33.96 36.69 32.60
CA HIS M 103 33.90 37.94 31.83
C HIS M 103 34.84 37.90 30.63
N ALA M 104 36.06 37.42 30.84
CA ALA M 104 37.07 37.40 29.80
C ALA M 104 36.68 36.42 28.70
N GLN M 105 36.17 35.25 29.10
CA GLN M 105 35.65 34.27 28.14
C GLN M 105 34.47 34.87 27.35
N LYS M 106 33.49 35.44 28.05
CA LYS M 106 32.32 35.97 27.38
C LYS M 106 32.68 37.10 26.41
N THR M 107 33.64 37.94 26.77
CA THR M 107 34.13 38.98 25.85
C THR M 107 34.49 38.38 24.48
N ILE M 108 35.34 37.35 24.51
CA ILE M 108 35.81 36.69 23.29
C ILE M 108 34.68 36.04 22.51
N MET M 109 33.77 35.38 23.22
CA MET M 109 32.63 34.75 22.56
C MET M 109 31.75 35.75 21.83
N GLU M 110 31.56 36.93 22.44
CA GLU M 110 30.80 38.04 21.87
C GLU M 110 31.42 38.52 20.56
N LYS M 111 32.76 38.63 20.53
CA LYS M 111 33.45 39.12 19.35
C LYS M 111 33.14 38.19 18.16
N TYR M 112 33.27 36.88 18.40
CA TYR M 112 33.02 35.83 17.41
C TYR M 112 31.55 35.78 16.97
N HIS M 113 30.65 35.99 17.92
CA HIS M 113 29.22 36.00 17.63
C HIS M 113 28.88 37.20 16.74
N ASP M 114 29.41 38.39 17.08
CA ASP M 114 29.16 39.60 16.30
C ASP M 114 29.72 39.44 14.88
N GLU M 115 30.92 38.86 14.80
CA GLU M 115 31.60 38.66 13.54
C GLU M 115 30.98 37.58 12.65
N TYR M 116 30.57 36.47 13.24
CA TYR M 116 30.18 35.33 12.42
C TYR M 116 28.75 34.87 12.60
N GLY M 117 28.13 35.24 13.72
CA GLY M 117 26.78 34.78 13.99
C GLY M 117 26.69 33.39 14.59
N ILE M 118 27.83 32.82 14.99
CA ILE M 118 27.84 31.53 15.68
C ILE M 118 27.08 31.59 17.02
N LYS M 119 26.12 30.69 17.19
CA LYS M 119 25.35 30.63 18.43
C LYS M 119 26.19 30.01 19.52
N CYS M 120 26.11 30.52 20.75
CA CYS M 120 26.94 30.01 21.83
C CYS M 120 26.52 30.44 23.22
N ALA M 121 26.94 29.66 24.21
CA ALA M 121 26.63 29.95 25.60
C ALA M 121 27.77 29.49 26.51
N LEU M 122 27.85 30.08 27.69
CA LEU M 122 28.89 29.75 28.65
C LEU M 122 28.33 29.09 29.90
N ARG M 123 28.96 28.00 30.31
CA ARG M 123 28.57 27.30 31.54
C ARG M 123 29.71 27.34 32.54
N HIS M 124 29.42 27.84 33.73
CA HIS M 124 30.35 27.75 34.85
C HIS M 124 29.83 26.75 35.88
N THR M 125 30.68 25.82 36.26
CA THR M 125 30.36 24.78 37.19
C THR M 125 31.24 25.03 38.42
N ILE M 126 30.62 25.58 39.46
CA ILE M 126 31.33 26.09 40.61
C ILE M 126 31.78 24.87 41.41
N GLY M 127 32.92 25.00 42.10
CA GLY M 127 33.38 23.92 42.94
C GLY M 127 32.56 23.89 44.21
N ASP M 128 32.11 22.70 44.61
CA ASP M 128 31.52 22.55 45.92
C ASP M 128 32.65 22.66 46.92
N ILE M 129 32.88 23.87 47.41
CA ILE M 129 33.99 24.14 48.30
C ILE M 129 33.66 23.98 49.78
N ARG M 130 32.49 23.43 50.08
CA ARG M 130 31.95 23.32 51.46
C ARG M 130 32.49 22.13 52.30
N GLU M 131 33.81 22.09 52.47
CA GLU M 131 34.47 21.04 53.28
C GLU M 131 35.86 21.54 53.70
N ASN M 132 36.42 20.97 54.77
CA ASN M 132 37.84 21.23 55.12
C ASN M 132 38.70 19.97 55.11
N ARG M 133 39.88 20.06 55.73
CA ARG M 133 40.86 18.97 55.74
C ARG M 133 40.32 17.75 56.49
N GLU M 134 39.52 17.99 57.54
CA GLU M 134 38.98 16.89 58.36
C GLU M 134 37.59 16.36 57.93
N PHE M 135 36.55 17.20 57.92
CA PHE M 135 35.22 16.75 57.49
C PHE M 135 34.50 17.68 56.52
N LEU M 136 33.37 17.23 55.97
CA LEU M 136 32.49 18.08 55.17
C LEU M 136 31.92 19.20 56.01
N GLN M 137 31.51 20.28 55.36
CA GLN M 137 30.96 21.45 56.05
C GLN M 137 29.77 22.02 55.30
N LEU M 138 28.74 21.21 55.12
CA LEU M 138 27.70 21.52 54.13
C LEU M 138 26.87 22.76 54.41
N ARG M 139 26.84 23.20 55.67
CA ARG M 139 26.07 24.39 56.04
C ARG M 139 26.88 25.43 56.83
N GLY M 140 28.21 25.31 56.76
CA GLY M 140 29.14 26.11 57.55
C GLY M 140 29.60 27.45 56.98
N ASP M 141 30.82 27.82 57.35
CA ASP M 141 31.37 29.15 57.05
C ASP M 141 31.52 29.40 55.57
N LYS M 142 31.91 28.34 54.85
CA LYS M 142 32.14 28.40 53.41
C LYS M 142 30.86 28.52 52.58
N TYR M 143 29.69 28.38 53.21
CA TYR M 143 28.42 28.36 52.46
C TYR M 143 28.07 29.67 51.77
N SER M 144 28.41 30.80 52.39
CA SER M 144 28.13 32.12 51.80
C SER M 144 29.04 32.39 50.61
N VAL M 145 30.25 31.85 50.68
CA VAL M 145 31.26 32.00 49.63
C VAL M 145 30.86 31.22 48.37
N PHE M 146 30.29 30.02 48.62
CA PHE M 146 29.77 29.11 47.63
C PHE M 146 28.72 29.82 46.78
N LEU M 147 27.84 30.57 47.46
CA LEU M 147 26.77 31.34 46.80
C LEU M 147 27.30 32.56 46.03
N GLU M 148 28.22 33.29 46.68
CA GLU M 148 28.88 34.44 46.05
C GLU M 148 29.45 33.98 44.72
N ALA M 149 30.07 32.80 44.74
CA ALA M 149 30.67 32.19 43.56
C ALA M 149 29.67 32.08 42.42
N PHE M 150 28.45 31.64 42.72
CA PHE M 150 27.44 31.49 41.68
C PHE M 150 27.06 32.85 41.13
N GLU M 151 26.66 33.75 42.01
CA GLU M 151 26.15 35.04 41.56
C GLU M 151 27.20 35.96 40.91
N GLN M 152 28.45 35.88 41.34
CA GLN M 152 29.51 36.66 40.70
C GLN M 152 29.68 36.23 39.25
N CYS M 153 29.70 34.91 39.05
CA CYS M 153 29.78 34.35 37.70
C CYS M 153 28.54 34.69 36.88
N ALA M 154 27.37 34.54 37.51
CA ALA M 154 26.08 34.91 36.93
C ALA M 154 25.97 36.36 36.43
N GLU M 155 26.62 37.30 37.12
CA GLU M 155 26.58 38.72 36.75
C GLU M 155 27.74 39.14 35.85
N ASN M 156 28.65 38.20 35.58
CA ASN M 156 29.85 38.49 34.80
C ASN M 156 30.03 37.63 33.53
N GLY M 157 28.95 37.02 33.03
CA GLY M 157 29.01 36.34 31.74
C GLY M 157 28.61 34.86 31.65
N ALA M 158 28.52 34.18 32.79
CA ALA M 158 28.08 32.80 32.78
C ALA M 158 26.58 32.74 32.47
N ASP M 159 26.20 31.90 31.51
CA ASP M 159 24.79 31.72 31.16
C ASP M 159 24.14 30.56 31.88
N LEU M 160 24.94 29.55 32.18
CA LEU M 160 24.43 28.35 32.84
C LEU M 160 25.24 28.11 34.11
N LEU M 161 24.53 27.72 35.17
CA LEU M 161 25.15 27.49 36.47
C LEU M 161 24.98 26.05 36.92
N SER M 162 26.10 25.40 37.21
CA SER M 162 26.08 24.03 37.70
C SER M 162 27.05 23.81 38.85
N VAL M 163 26.96 22.64 39.47
CA VAL M 163 27.89 22.22 40.51
C VAL M 163 27.80 20.71 40.62
N GLU M 164 28.91 20.07 40.98
CA GLU M 164 28.90 18.65 41.34
C GLU M 164 28.98 18.60 42.88
N SER M 165 27.81 18.59 43.51
CA SER M 165 27.70 18.67 44.96
C SER M 165 28.08 17.39 45.71
N MET M 166 28.34 17.54 47.02
CA MET M 166 29.00 16.49 47.80
C MET M 166 28.14 15.83 48.87
N GLY M 167 26.86 16.18 48.89
CA GLY M 167 25.96 15.70 49.92
C GLY M 167 25.96 14.19 49.98
N GLY M 168 26.37 13.63 51.11
CA GLY M 168 26.37 12.17 51.28
C GLY M 168 27.65 11.47 50.86
N LYS M 169 28.58 12.21 50.26
CA LYS M 169 29.87 11.65 49.79
C LYS M 169 30.57 10.82 50.87
N GLU M 170 30.46 11.25 52.12
CA GLU M 170 31.21 10.63 53.22
C GLU M 170 30.71 9.21 53.56
N VAL M 171 29.41 9.06 53.80
CA VAL M 171 28.81 7.72 54.01
C VAL M 171 28.98 6.88 52.72
N PHE M 172 28.81 7.53 51.57
CA PHE M 172 28.99 6.83 50.30
C PHE M 172 30.37 6.18 50.21
N ASP M 173 31.42 6.94 50.53
CA ASP M 173 32.81 6.48 50.38
C ASP M 173 33.07 5.26 51.25
N TYR M 174 32.41 5.22 52.39
CA TYR M 174 32.54 4.11 53.31
C TYR M 174 31.77 2.89 52.80
N ALA M 175 30.52 3.14 52.34
CA ALA M 175 29.61 2.06 51.90
C ALA M 175 30.08 1.33 50.64
N VAL M 176 30.61 2.09 49.67
CA VAL M 176 30.89 1.57 48.34
C VAL M 176 32.03 0.57 48.36
N LEU M 177 32.81 0.61 49.43
CA LEU M 177 33.95 -0.26 49.61
C LEU M 177 33.53 -1.55 50.30
N ARG M 178 32.26 -1.64 50.72
CA ARG M 178 31.84 -2.76 51.55
C ARG M 178 30.62 -3.55 51.04
N ASN M 179 30.09 -3.19 49.88
CA ASN M 179 28.84 -3.75 49.35
C ASN M 179 27.73 -3.44 50.30
N ASP M 180 27.78 -2.26 50.91
CA ASP M 180 26.71 -1.80 51.80
C ASP M 180 25.62 -1.07 51.01
N ILE M 181 24.69 -1.86 50.46
CA ILE M 181 23.65 -1.35 49.59
C ILE M 181 22.73 -0.40 50.34
N PRO M 182 22.26 -0.81 51.55
CA PRO M 182 21.50 0.15 52.33
C PRO M 182 22.28 1.45 52.52
N GLY M 183 23.59 1.36 52.62
CA GLY M 183 24.39 2.58 52.84
C GLY M 183 24.41 3.47 51.60
N LEU M 184 24.39 2.79 50.44
CA LEU M 184 24.29 3.47 49.17
C LEU M 184 22.92 4.17 49.08
N LEU M 185 21.88 3.46 49.49
CA LEU M 185 20.53 4.00 49.47
C LEU M 185 20.44 5.27 50.31
N TYR M 186 21.06 5.22 51.49
CA TYR M 186 20.93 6.29 52.45
C TYR M 186 21.80 7.45 51.99
N SER M 187 23.03 7.14 51.57
CA SER M 187 24.01 8.20 51.26
C SER M 187 23.59 8.99 50.04
N ILE M 188 23.27 8.27 48.97
CA ILE M 188 22.89 8.89 47.70
C ILE M 188 21.42 9.33 47.73
N GLY M 189 20.51 8.41 48.08
CA GLY M 189 19.09 8.69 47.98
C GLY M 189 18.51 9.64 49.02
N CYS M 190 19.07 9.62 50.23
CA CYS M 190 18.50 10.38 51.35
C CYS M 190 19.34 11.61 51.69
N LEU M 191 20.54 11.41 52.22
CA LEU M 191 21.48 12.50 52.45
C LEU M 191 21.61 13.40 51.21
N GLY M 192 21.94 12.80 50.06
CA GLY M 192 22.09 13.56 48.82
C GLY M 192 20.85 14.36 48.46
N SER M 193 19.70 13.70 48.46
CA SER M 193 18.44 14.40 48.12
C SER M 193 18.20 15.61 49.01
N ILE M 194 18.58 15.48 50.29
CA ILE M 194 18.35 16.52 51.29
C ILE M 194 19.22 17.74 51.00
N ASP M 195 20.51 17.50 50.82
CA ASP M 195 21.46 18.56 50.50
C ASP M 195 21.11 19.26 49.20
N MET M 196 20.72 18.45 48.19
CA MET M 196 20.34 18.94 46.89
C MET M 196 19.24 19.98 46.97
N GLU M 197 18.21 19.69 47.76
CA GLU M 197 17.12 20.66 47.95
C GLU M 197 17.66 21.99 48.51
N LEU M 198 18.59 21.90 49.48
CA LEU M 198 19.14 23.09 50.12
C LEU M 198 19.79 23.95 49.04
N ILE M 199 20.87 23.43 48.43
CA ILE M 199 21.66 24.20 47.47
C ILE M 199 20.86 24.66 46.24
N TRP M 200 20.01 23.80 45.70
CA TRP M 200 19.35 24.14 44.45
C TRP M 200 18.26 25.17 44.56
N THR M 201 17.65 25.25 45.74
CA THR M 201 16.77 26.35 46.12
C THR M 201 17.51 27.70 46.03
N ASP M 202 18.68 27.78 46.63
CA ASP M 202 19.49 28.98 46.60
C ASP M 202 20.12 29.30 45.24
N ILE M 203 20.62 28.28 44.54
CA ILE M 203 21.22 28.47 43.23
C ILE M 203 20.18 29.02 42.24
N SER M 204 19.01 28.40 42.21
CA SER M 204 17.91 28.86 41.36
C SER M 204 17.53 30.29 41.65
N LYS M 205 17.54 30.67 42.92
CA LYS M 205 17.20 32.02 43.35
C LYS M 205 18.20 32.99 42.73
N ILE M 206 19.48 32.74 42.97
CA ILE M 206 20.55 33.48 42.32
C ILE M 206 20.38 33.57 40.80
N ALA M 207 19.95 32.48 40.18
CA ALA M 207 19.77 32.43 38.74
C ALA M 207 18.63 33.32 38.27
N LYS M 208 17.49 33.21 38.93
CA LYS M 208 16.34 34.03 38.58
C LYS M 208 16.71 35.50 38.77
N LYS M 209 17.44 35.77 39.85
CA LYS M 209 17.81 37.11 40.22
C LYS M 209 18.68 37.74 39.13
N THR M 210 19.61 36.97 38.56
CA THR M 210 20.55 37.53 37.57
C THR M 210 20.15 37.34 36.10
N GLY M 211 19.00 36.73 35.85
CA GLY M 211 18.53 36.49 34.48
C GLY M 211 19.27 35.36 33.78
N THR M 212 19.98 34.53 34.53
CA THR M 212 20.69 33.41 33.94
C THR M 212 19.92 32.12 34.21
N ILE M 213 20.57 30.97 33.97
CA ILE M 213 19.87 29.69 33.98
C ILE M 213 20.41 28.71 35.03
N SER M 214 19.48 28.20 35.83
CA SER M 214 19.83 27.23 36.85
C SER M 214 19.81 25.89 36.13
N ALA M 215 21.01 25.40 35.79
CA ALA M 215 21.17 24.33 34.81
C ALA M 215 21.04 22.92 35.39
N GLY M 216 21.93 22.54 36.30
CA GLY M 216 21.74 21.30 37.01
C GLY M 216 23.01 20.72 37.62
N ASP M 217 22.84 19.56 38.26
CA ASP M 217 23.86 18.92 39.10
C ASP M 217 24.31 17.57 38.45
N THR M 218 25.10 16.78 39.18
CA THR M 218 25.52 15.46 38.76
C THR M 218 25.76 14.72 40.03
N ASP M 219 25.34 13.45 40.08
CA ASP M 219 25.75 12.64 41.23
C ASP M 219 27.18 12.14 41.04
N CYS M 220 28.00 12.97 40.41
CA CYS M 220 29.36 12.56 40.11
C CYS M 220 30.11 12.01 41.30
N ALA M 221 30.08 12.71 42.44
CA ALA M 221 30.83 12.28 43.62
C ALA M 221 30.39 10.93 44.20
N GLN M 222 29.24 10.41 43.76
CA GLN M 222 28.78 9.11 44.26
C GLN M 222 28.71 8.06 43.14
N ALA M 223 27.70 8.18 42.27
CA ALA M 223 27.49 7.20 41.20
C ALA M 223 28.70 7.06 40.24
N ASN M 224 29.33 8.18 39.89
CA ASN M 224 30.51 8.10 39.04
C ASN M 224 31.70 7.42 39.72
N THR M 225 31.89 7.74 41.00
CA THR M 225 32.96 7.10 41.79
C THR M 225 32.77 5.58 41.78
N ALA M 226 31.54 5.11 41.97
CA ALA M 226 31.25 3.67 41.87
C ALA M 226 31.65 3.13 40.48
N MET M 227 31.20 3.82 39.43
CA MET M 227 31.52 3.41 38.04
C MET M 227 33.04 3.27 37.81
N PHE M 228 33.84 4.18 38.35
CA PHE M 228 35.29 4.14 38.13
C PHE M 228 35.98 3.05 38.92
N ILE M 229 35.66 2.91 40.20
CA ILE M 229 36.14 1.77 40.97
C ILE M 229 35.77 0.48 40.21
N GLY M 230 34.56 0.44 39.66
CA GLY M 230 34.10 -0.71 38.87
C GLY M 230 34.97 -0.97 37.65
N GLY M 231 35.36 0.09 36.94
CA GLY M 231 36.37 0.03 35.91
C GLY M 231 35.94 -0.75 34.69
N GLY M 232 36.90 -1.31 33.96
CA GLY M 232 36.59 -2.04 32.75
C GLY M 232 35.97 -3.40 33.04
N LEU M 233 35.64 -4.09 31.96
CA LEU M 233 35.04 -5.39 32.02
C LEU M 233 35.77 -6.36 32.94
N LEU M 234 37.10 -6.23 33.02
CA LEU M 234 37.93 -7.23 33.71
C LEU M 234 38.42 -6.80 35.07
N ASN M 235 37.98 -5.64 35.56
CA ASN M 235 38.43 -5.20 36.88
C ASN M 235 37.78 -6.01 38.00
N LYS M 236 38.35 -5.93 39.19
CA LYS M 236 37.86 -6.73 40.30
C LYS M 236 37.77 -5.86 41.57
N ASN M 237 37.39 -4.60 41.39
CA ASN M 237 37.24 -3.70 42.55
C ASN M 237 35.80 -3.32 42.92
N LEU M 238 34.87 -3.58 42.00
CA LEU M 238 33.44 -3.39 42.27
C LEU M 238 32.61 -4.06 41.19
N ALA M 239 31.77 -5.01 41.60
CA ALA M 239 30.77 -5.61 40.76
C ALA M 239 29.98 -4.56 39.99
N HIS M 240 29.86 -4.77 38.68
CA HIS M 240 29.16 -3.81 37.85
C HIS M 240 27.66 -3.84 38.13
N THR M 241 27.13 -4.99 38.52
CA THR M 241 25.75 -5.06 38.99
C THR M 241 25.52 -4.19 40.21
N ILE M 242 26.57 -3.85 40.98
CA ILE M 242 26.39 -2.95 42.12
C ILE M 242 26.52 -1.48 41.73
N ALA M 243 27.51 -1.20 40.88
CA ALA M 243 27.69 0.14 40.31
C ALA M 243 26.39 0.65 39.68
N VAL M 244 25.64 -0.25 39.04
CA VAL M 244 24.42 0.17 38.34
C VAL M 244 23.26 0.48 39.29
N ILE M 245 23.20 -0.18 40.45
CA ILE M 245 22.21 0.15 41.48
C ILE M 245 22.42 1.55 42.03
N ALA M 246 23.68 1.88 42.29
CA ALA M 246 24.05 3.23 42.69
C ALA M 246 23.60 4.25 41.68
N ARG M 247 23.74 3.92 40.39
CA ARG M 247 23.27 4.82 39.33
C ARG M 247 21.76 5.03 39.37
N ALA M 248 21.00 3.96 39.58
CA ALA M 248 19.54 4.07 39.71
C ALA M 248 19.15 4.97 40.89
N ILE M 249 19.81 4.78 42.02
CA ILE M 249 19.49 5.58 43.21
C ILE M 249 19.84 7.03 42.98
N SER M 250 20.86 7.29 42.15
CA SER M 250 21.31 8.65 41.86
C SER M 250 20.33 9.44 41.01
N ALA M 251 19.51 8.75 40.24
CA ALA M 251 18.47 9.44 39.47
C ALA M 251 17.54 10.32 40.33
N PRO M 252 16.86 9.74 41.35
CA PRO M 252 16.02 10.63 42.17
C PRO M 252 16.78 11.68 43.02
N ARG M 253 18.04 11.42 43.34
CA ARG M 253 18.88 12.40 44.00
C ARG M 253 19.05 13.62 43.07
N SER M 254 19.50 13.37 41.84
CA SER M 254 19.76 14.45 40.88
C SER M 254 18.46 15.09 40.39
N LEU M 255 17.35 14.34 40.47
CA LEU M 255 16.04 14.89 40.14
C LEU M 255 15.70 16.13 41.00
N VAL M 256 16.28 16.17 42.20
CA VAL M 256 15.95 17.19 43.18
C VAL M 256 16.27 18.61 42.69
N ALA M 257 17.39 18.78 41.99
CA ALA M 257 17.74 20.10 41.48
C ALA M 257 16.60 20.70 40.65
N TYR M 258 16.00 19.85 39.82
CA TYR M 258 14.96 20.25 38.89
C TYR M 258 13.64 20.52 39.62
N GLU M 259 13.39 19.74 40.69
CA GLU M 259 12.22 19.88 41.53
C GLU M 259 12.32 21.22 42.25
N ALA M 260 13.54 21.70 42.44
CA ALA M 260 13.82 22.89 43.23
C ALA M 260 14.28 24.09 42.38
N GLY M 261 14.00 24.05 41.08
CA GLY M 261 14.09 25.26 40.27
C GLY M 261 14.98 25.21 39.05
N ALA M 262 15.87 24.24 39.00
CA ALA M 262 16.72 24.04 37.83
C ALA M 262 15.86 23.61 36.64
N VAL M 263 16.26 24.03 35.43
CA VAL M 263 15.47 23.79 34.20
C VAL M 263 16.25 23.01 33.12
N GLY M 264 17.51 22.67 33.41
CA GLY M 264 18.39 22.04 32.43
C GLY M 264 19.15 23.08 31.61
N PRO M 265 20.22 22.65 30.86
CA PRO M 265 20.70 21.28 30.67
C PRO M 265 21.43 20.74 31.88
N GLY M 266 21.17 19.49 32.26
CA GLY M 266 21.92 18.86 33.33
C GLY M 266 23.39 18.67 32.98
N LYS M 267 24.20 18.39 33.99
CA LYS M 267 25.63 18.20 33.81
C LYS M 267 25.96 16.92 33.04
N ASP M 268 26.99 17.05 32.21
CA ASP M 268 27.49 15.99 31.35
C ASP M 268 27.77 14.66 32.03
N CYS M 269 28.47 14.66 33.15
CA CYS M 269 28.77 13.39 33.81
C CYS M 269 27.59 12.77 34.56
N GLY M 270 26.43 13.42 34.51
CA GLY M 270 25.19 12.84 35.05
C GLY M 270 24.62 11.80 34.09
N TYR M 271 25.21 10.60 34.07
CA TYR M 271 24.69 9.53 33.22
C TYR M 271 23.23 9.21 33.54
N GLU M 272 22.84 9.47 34.79
CA GLU M 272 21.46 9.27 35.23
C GLU M 272 20.48 10.26 34.58
N ASN M 273 21.03 11.32 33.99
CA ASN M 273 20.25 12.36 33.28
C ASN M 273 19.24 11.80 32.31
N ILE M 274 19.52 10.63 31.77
CA ILE M 274 18.55 10.01 30.89
C ILE M 274 17.27 9.70 31.68
N ILE M 275 17.41 9.25 32.93
CA ILE M 275 16.23 8.95 33.74
C ILE M 275 15.54 10.26 34.08
N VAL M 276 16.36 11.29 34.33
CA VAL M 276 15.86 12.59 34.69
C VAL M 276 15.11 13.24 33.52
N LYS M 277 15.60 13.11 32.29
CA LYS M 277 14.86 13.64 31.14
C LYS M 277 13.46 12.99 30.99
N ALA M 278 13.39 11.67 31.16
CA ALA M 278 12.11 10.97 31.03
C ALA M 278 11.06 11.52 32.00
N ILE M 279 11.49 11.85 33.21
CA ILE M 279 10.61 12.38 34.24
C ILE M 279 10.26 13.86 34.02
N THR M 280 11.29 14.67 33.77
CA THR M 280 11.12 16.11 33.81
C THR M 280 10.79 16.72 32.47
N GLY M 281 11.22 16.09 31.37
CA GLY M 281 11.06 16.70 30.03
C GLY M 281 12.00 17.88 29.73
N MET M 282 13.04 18.03 30.56
CA MET M 282 14.04 19.10 30.40
C MET M 282 15.30 18.60 29.67
N PRO M 283 16.09 19.51 29.08
CA PRO M 283 17.27 19.06 28.36
C PRO M 283 18.42 18.60 29.27
N MET M 284 19.26 17.71 28.76
CA MET M 284 20.42 17.23 29.52
C MET M 284 21.63 17.14 28.60
N THR M 285 22.80 17.44 29.15
CA THR M 285 24.07 17.13 28.48
C THR M 285 24.47 15.70 28.86
N MET M 286 25.07 14.99 27.91
CA MET M 286 25.61 13.66 28.18
C MET M 286 27.07 13.57 27.74
N GLU M 287 27.75 12.52 28.19
CA GLU M 287 29.10 12.31 27.78
C GLU M 287 29.28 10.82 27.60
N GLY M 288 30.14 10.43 26.65
CA GLY M 288 30.39 9.03 26.36
C GLY M 288 31.63 8.84 25.54
N LYS M 289 31.44 8.36 24.31
CA LYS M 289 32.52 7.88 23.46
C LYS M 289 33.52 8.96 23.03
N THR M 290 33.09 10.23 23.09
CA THR M 290 33.94 11.35 22.77
C THR M 290 34.31 12.07 24.10
N SER M 291 34.25 11.37 25.22
CA SER M 291 34.85 11.89 26.46
C SER M 291 35.96 10.98 26.99
N THR M 292 36.55 10.18 26.09
CA THR M 292 37.70 9.31 26.42
C THR M 292 38.98 10.08 26.83
N CYS M 293 39.14 11.32 26.36
CA CYS M 293 40.21 12.15 26.93
C CYS M 293 40.15 12.16 28.47
N ALA M 294 38.95 12.09 29.05
CA ALA M 294 38.75 12.08 30.50
C ALA M 294 38.77 10.69 31.17
N HIS M 295 38.07 9.72 30.60
CA HIS M 295 37.92 8.38 31.20
C HIS M 295 37.24 7.40 30.25
N SER M 296 37.48 6.13 30.49
CA SER M 296 36.79 5.09 29.78
C SER M 296 35.37 4.95 30.32
N ASP M 297 34.44 4.58 29.46
CA ASP M 297 33.16 4.08 29.93
C ASP M 297 32.63 2.99 29.02
N VAL M 298 31.50 2.42 29.42
CA VAL M 298 30.99 1.19 28.85
C VAL M 298 29.61 1.41 28.17
N MET M 299 29.27 2.69 27.98
CA MET M 299 28.03 3.10 27.28
C MET M 299 28.29 4.25 26.30
N GLY M 300 29.37 4.13 25.55
CA GLY M 300 29.89 5.19 24.68
C GLY M 300 28.94 5.75 23.62
N ASN M 301 28.15 4.88 22.97
CA ASN M 301 27.11 5.37 22.05
C ASN M 301 25.75 5.51 22.70
N LEU M 302 25.35 4.55 23.53
CA LEU M 302 24.03 4.59 24.16
C LEU M 302 23.64 5.97 24.74
N VAL M 303 24.58 6.66 25.38
CA VAL M 303 24.24 7.95 26.02
C VAL M 303 23.81 9.08 25.06
N MET M 304 24.11 8.96 23.77
CA MET M 304 23.72 10.00 22.83
C MET M 304 22.22 9.91 22.57
N GLN M 305 21.65 8.76 22.95
CA GLN M 305 20.31 8.37 22.56
C GLN M 305 19.28 9.48 22.71
N CYS M 306 19.34 10.22 23.80
CA CYS M 306 18.45 11.37 23.97
C CYS M 306 19.19 12.56 24.52
N CYS M 307 20.45 12.71 24.12
CA CYS M 307 21.22 13.81 24.65
C CYS M 307 20.73 15.08 23.98
N ASP M 308 20.86 16.23 24.66
CA ASP M 308 20.65 17.55 24.01
C ASP M 308 21.95 18.31 23.82
N CYS M 309 22.92 18.03 24.69
CA CYS M 309 24.27 18.57 24.55
C CYS M 309 25.27 17.43 24.70
N TRP M 310 26.42 17.56 24.06
CA TRP M 310 27.37 16.43 23.92
C TRP M 310 28.78 16.86 24.33
N SER M 311 29.26 16.30 25.44
CA SER M 311 30.43 16.80 26.11
C SER M 311 31.59 15.83 26.05
N ASN M 312 32.81 16.39 26.09
CA ASN M 312 34.02 15.60 26.20
C ASN M 312 34.52 15.45 27.66
N GLU M 313 33.70 15.91 28.62
CA GLU M 313 33.99 15.82 30.07
C GLU M 313 35.14 16.68 30.57
N SER M 314 36.34 16.40 30.07
CA SER M 314 37.54 17.09 30.51
C SER M 314 38.76 16.63 29.73
N VAL M 315 39.63 17.57 29.40
CA VAL M 315 40.94 17.31 28.82
C VAL M 315 41.86 18.46 29.23
N GLU M 316 43.13 18.19 29.49
CA GLU M 316 44.07 19.29 29.73
C GLU M 316 44.34 20.07 28.44
N TYR M 317 44.32 21.40 28.56
CA TYR M 317 44.80 22.28 27.48
C TYR M 317 46.30 22.05 27.29
N HIS M 318 46.65 21.34 26.22
CA HIS M 318 48.02 21.29 25.70
C HIS M 318 47.93 21.06 24.20
N GLY M 319 49.07 20.86 23.54
CA GLY M 319 49.11 20.72 22.09
C GLY M 319 49.12 19.27 21.62
N GLU M 320 48.51 19.05 20.45
CA GLU M 320 48.47 17.76 19.75
C GLU M 320 48.91 18.06 18.31
N PHE M 321 49.18 17.03 17.51
CA PHE M 321 49.52 17.26 16.10
C PHE M 321 48.49 18.11 15.38
N GLY M 322 47.21 17.86 15.65
CA GLY M 322 46.12 18.51 14.89
C GLY M 322 45.69 19.86 15.44
N GLY M 323 46.45 20.33 16.42
CA GLY M 323 46.18 21.59 17.05
C GLY M 323 46.05 21.41 18.54
N THR M 324 45.45 22.40 19.15
CA THR M 324 45.22 22.43 20.57
C THR M 324 44.18 21.39 21.00
N THR M 325 44.46 20.80 22.13
CA THR M 325 43.59 19.79 22.67
C THR M 325 42.09 20.09 22.59
N VAL M 326 41.69 21.32 22.89
CA VAL M 326 40.27 21.63 22.92
C VAL M 326 39.70 21.82 21.51
N GLN M 327 40.58 22.09 20.56
CA GLN M 327 40.14 22.20 19.18
C GLN M 327 39.87 20.81 18.63
N CYS M 328 40.76 19.87 18.97
CA CYS M 328 40.63 18.49 18.54
C CYS M 328 39.30 17.94 19.00
N TRP M 329 39.03 18.03 20.31
CA TRP M 329 37.83 17.40 20.87
C TRP M 329 36.57 18.15 20.53
N SER M 330 36.66 19.47 20.38
CA SER M 330 35.42 20.16 20.07
C SER M 330 35.00 19.87 18.63
N GLU M 331 35.96 19.70 17.73
CA GLU M 331 35.62 19.28 16.39
C GLU M 331 34.95 17.90 16.34
N THR M 332 35.29 16.98 17.25
CA THR M 332 34.69 15.65 17.21
C THR M 332 33.28 15.72 17.76
N LEU M 333 33.20 16.31 18.96
CA LEU M 333 31.94 16.65 19.57
C LEU M 333 31.01 17.27 18.56
N ALA M 334 31.57 18.22 17.81
CA ALA M 334 30.76 18.99 16.87
C ALA M 334 30.27 18.14 15.71
N TYR M 335 31.11 17.24 15.20
CA TYR M 335 30.68 16.35 14.08
C TYR M 335 29.64 15.33 14.52
N ASP M 336 29.80 14.79 15.74
CA ASP M 336 28.78 13.93 16.36
C ASP M 336 27.42 14.60 16.33
N CYS M 337 27.37 15.87 16.75
CA CYS M 337 26.13 16.63 16.74
C CYS M 337 25.59 16.89 15.32
N ALA M 338 26.47 17.08 14.34
CA ALA M 338 26.03 17.25 12.95
C ALA M 338 25.29 15.98 12.46
N LEU M 339 25.83 14.82 12.84
CA LEU M 339 25.21 13.54 12.51
C LEU M 339 23.80 13.48 13.08
N MET M 340 23.66 13.77 14.37
CA MET M 340 22.36 13.76 15.00
C MET M 340 21.42 14.75 14.34
N ASN M 341 21.90 15.97 14.10
CA ASN M 341 21.03 17.03 13.60
C ASN M 341 20.56 16.74 12.21
N THR M 342 21.42 16.10 11.44
CA THR M 342 21.05 15.62 10.12
C THR M 342 19.92 14.59 10.25
N ALA M 343 19.93 13.78 11.31
CA ALA M 343 18.85 12.80 11.50
C ALA M 343 17.54 13.49 11.88
N LEU M 344 17.64 14.53 12.72
CA LEU M 344 16.48 15.39 13.06
C LEU M 344 15.87 16.03 11.83
N GLU M 345 16.70 16.72 11.07
CA GLU M 345 16.23 17.41 9.86
C GLU M 345 15.59 16.50 8.83
N THR M 346 15.97 15.22 8.80
CA THR M 346 15.45 14.31 7.78
C THR M 346 14.50 13.27 8.34
N LYS M 347 14.12 13.42 9.61
CA LYS M 347 13.18 12.51 10.27
C LYS M 347 13.73 11.10 10.46
N ASN M 348 15.03 11.00 10.71
CA ASN M 348 15.61 9.69 10.94
C ASN M 348 16.24 9.57 12.31
N ASP M 349 15.88 10.48 13.23
CA ASP M 349 16.46 10.50 14.56
C ASP M 349 16.11 9.27 15.37
N LYS M 350 14.86 8.78 15.24
CA LYS M 350 14.46 7.67 16.08
C LYS M 350 15.21 6.38 15.76
N VAL M 351 15.42 6.09 14.48
CA VAL M 351 16.17 4.89 14.10
C VAL M 351 17.63 5.03 14.61
N LEU M 352 18.17 6.24 14.51
CA LEU M 352 19.53 6.47 14.96
C LEU M 352 19.63 6.37 16.48
N ARG M 353 18.68 6.99 17.18
CA ARG M 353 18.51 6.83 18.63
C ARG M 353 18.56 5.35 19.05
N ASP M 354 17.83 4.50 18.33
CA ASP M 354 17.79 3.07 18.62
C ASP M 354 19.11 2.37 18.28
N LEU M 355 19.75 2.82 17.21
CA LEU M 355 21.05 2.28 16.84
C LEU M 355 22.08 2.56 17.96
N MET M 356 22.07 3.77 18.51
CA MET M 356 23.00 4.18 19.52
C MET M 356 22.75 3.38 20.79
N MET M 357 21.49 3.33 21.22
CA MET M 357 21.06 2.55 22.36
C MET M 357 21.53 1.11 22.22
N LEU M 358 21.20 0.50 21.08
CA LEU M 358 21.43 -0.94 20.85
C LEU M 358 22.89 -1.33 20.85
N SER M 359 23.74 -0.42 20.39
CA SER M 359 25.19 -0.59 20.36
C SER M 359 25.71 -1.09 21.71
N ASP M 360 25.24 -0.49 22.81
CA ASP M 360 25.74 -0.85 24.14
C ASP M 360 24.73 -1.50 25.08
N ARG M 361 23.47 -1.69 24.66
CA ARG M 361 22.49 -2.26 25.58
C ARG M 361 23.04 -3.47 26.33
N TYR M 362 23.85 -4.29 25.64
CA TYR M 362 24.31 -5.54 26.21
C TYR M 362 25.77 -5.55 26.67
N ARG M 363 26.41 -4.39 26.61
CA ARG M 363 27.84 -4.29 26.91
C ARG M 363 28.11 -4.51 28.40
N ASP M 364 27.14 -4.13 29.23
CA ASP M 364 27.33 -4.09 30.67
C ASP M 364 25.96 -3.83 31.32
N PRO M 365 25.77 -4.30 32.58
CA PRO M 365 24.53 -3.92 33.26
C PRO M 365 24.39 -2.40 33.40
N GLN M 366 25.50 -1.68 33.54
CA GLN M 366 25.47 -0.23 33.68
C GLN M 366 24.90 0.46 32.48
N ALA M 367 25.05 -0.19 31.33
CA ALA M 367 24.51 0.34 30.09
C ALA M 367 23.07 -0.14 29.92
N TYR M 368 22.82 -1.42 30.22
CA TYR M 368 21.50 -2.03 29.99
C TYR M 368 20.41 -1.18 30.61
N MET M 369 20.62 -0.73 31.84
CA MET M 369 19.61 0.06 32.58
C MET M 369 19.40 1.47 32.03
N LEU M 370 20.46 2.05 31.49
CA LEU M 370 20.43 3.39 30.99
C LEU M 370 19.89 3.44 29.57
N ALA M 371 19.71 2.29 28.94
CA ALA M 371 19.00 2.29 27.65
C ALA M 371 17.66 3.04 27.88
N TYR M 372 17.27 3.95 26.97
CA TYR M 372 16.12 4.86 27.20
C TYR M 372 14.77 4.19 27.59
N ASP M 373 14.50 2.99 27.12
CA ASP M 373 13.23 2.32 27.48
C ASP M 373 13.25 1.87 28.93
N ASN M 374 14.39 1.36 29.37
CA ASN M 374 14.61 0.97 30.77
C ASN M 374 14.72 2.19 31.67
N ALA M 375 15.36 3.24 31.16
CA ALA M 375 15.52 4.47 31.93
C ALA M 375 14.14 5.00 32.24
N TYR M 376 13.27 4.97 31.22
CA TYR M 376 11.91 5.42 31.37
C TYR M 376 11.27 4.55 32.46
N ARG M 377 11.40 3.23 32.34
CA ARG M 377 10.89 2.32 33.39
C ARG M 377 11.32 2.62 34.83
N VAL M 378 12.60 2.94 35.05
CA VAL M 378 13.09 3.38 36.36
C VAL M 378 12.43 4.67 36.79
N GLY M 379 12.24 5.59 35.86
CA GLY M 379 11.54 6.84 36.12
C GLY M 379 10.11 6.62 36.57
N GLN M 380 9.45 5.59 36.05
CA GLN M 380 8.08 5.30 36.46
C GLN M 380 8.02 4.87 37.91
N SER M 381 9.02 4.08 38.33
CA SER M 381 9.11 3.56 39.70
C SER M 381 9.43 4.67 40.71
N ILE M 382 10.10 5.72 40.23
CA ILE M 382 10.42 6.88 41.08
C ILE M 382 9.15 7.71 41.32
N VAL M 383 8.44 8.07 40.25
CA VAL M 383 7.34 9.05 40.38
C VAL M 383 6.13 8.46 41.06
N LYS M 384 5.93 7.15 40.95
CA LYS M 384 4.80 6.52 41.62
C LYS M 384 4.79 6.77 43.12
N ASP M 385 5.97 7.04 43.72
CA ASP M 385 6.07 7.56 45.09
C ASP M 385 6.86 8.87 45.15
N GLY M 386 6.66 9.74 44.16
CA GLY M 386 7.37 11.01 44.04
C GLY M 386 7.63 11.86 45.27
N ASP M 387 6.68 11.89 46.20
CA ASP M 387 6.78 12.75 47.40
C ASP M 387 7.77 12.21 48.47
N ASN M 388 8.10 10.93 48.39
CA ASN M 388 8.91 10.32 49.43
C ASN M 388 10.34 10.12 48.93
N ILE M 389 11.25 10.98 49.36
CA ILE M 389 12.64 10.86 48.89
C ILE M 389 13.23 9.46 49.14
N TYR M 390 12.81 8.81 50.21
CA TYR M 390 13.38 7.54 50.56
C TYR M 390 12.86 6.40 49.69
N LEU M 391 11.53 6.30 49.59
CA LEU M 391 10.88 5.18 48.92
C LEU M 391 11.05 5.29 47.43
N ARG M 392 11.03 6.53 46.90
CA ARG M 392 11.30 6.71 45.46
C ARG M 392 12.72 6.22 45.10
N ALA M 393 13.73 6.51 45.93
CA ALA M 393 15.04 5.92 45.70
C ALA M 393 15.05 4.38 45.86
N LYS M 394 14.41 3.86 46.90
CA LYS M 394 14.40 2.40 47.09
C LYS M 394 13.67 1.73 45.92
N ASN M 395 12.54 2.30 45.49
CA ASN M 395 11.85 1.86 44.28
C ASN M 395 12.77 1.75 43.07
N ALA M 396 13.54 2.82 42.87
CA ALA M 396 14.46 2.91 41.74
C ALA M 396 15.48 1.81 41.81
N ALA M 397 15.92 1.50 43.04
CA ALA M 397 16.98 0.53 43.24
C ALA M 397 16.46 -0.87 42.97
N ILE M 398 15.26 -1.16 43.46
CA ILE M 398 14.68 -2.48 43.27
C ILE M 398 14.23 -2.65 41.82
N GLU M 399 13.67 -1.62 41.23
CA GLU M 399 13.29 -1.69 39.80
C GLU M 399 14.53 -1.95 38.95
N CYS M 400 15.63 -1.21 39.22
CA CYS M 400 16.93 -1.57 38.64
C CYS M 400 17.25 -3.09 38.70
N CYS M 401 17.18 -3.67 39.90
CA CYS M 401 17.45 -5.10 40.03
C CYS M 401 16.56 -5.93 39.11
N ASN M 402 15.28 -5.57 39.03
CA ASN M 402 14.34 -6.34 38.21
C ASN M 402 14.69 -6.19 36.75
N ILE M 403 15.05 -4.97 36.34
CA ILE M 403 15.39 -4.72 34.95
C ILE M 403 16.60 -5.57 34.56
N ILE M 404 17.63 -5.58 35.43
CA ILE M 404 18.85 -6.35 35.17
C ILE M 404 18.59 -7.85 35.11
N GLU M 405 17.70 -8.34 35.99
CA GLU M 405 17.32 -9.77 36.01
C GLU M 405 16.69 -10.21 34.72
N GLU M 406 15.70 -9.43 34.29
CA GLU M 406 15.03 -9.66 33.02
C GLU M 406 16.00 -9.68 31.84
N GLY M 407 16.91 -8.71 31.81
CA GLY M 407 17.90 -8.68 30.76
C GLY M 407 18.71 -9.94 30.76
N ALA M 408 19.10 -10.34 31.97
CA ALA M 408 19.97 -11.48 32.19
C ALA M 408 19.32 -12.77 31.70
N ALA M 409 18.01 -12.89 31.83
CA ALA M 409 17.30 -14.08 31.36
C ALA M 409 17.16 -14.06 29.83
N GLY M 410 17.30 -12.87 29.23
CA GLY M 410 17.37 -12.74 27.76
C GLY M 410 18.83 -12.81 27.34
N LYS M 411 19.34 -11.73 26.75
CA LYS M 411 20.66 -11.74 26.17
C LYS M 411 21.76 -11.02 26.97
N LEU M 412 21.41 -10.37 28.07
CA LEU M 412 22.42 -9.74 28.91
C LEU M 412 23.20 -10.86 29.59
N GLU M 413 24.48 -10.93 29.29
CA GLU M 413 25.34 -12.04 29.66
C GLU M 413 26.16 -11.67 30.90
N LEU M 414 25.64 -11.97 32.09
CA LEU M 414 26.34 -11.66 33.35
C LEU M 414 27.27 -12.78 33.78
N SER M 415 28.38 -12.44 34.42
CA SER M 415 29.21 -13.47 35.05
C SER M 415 28.50 -14.03 36.29
N ARG M 416 28.96 -15.19 36.74
CA ARG M 416 28.40 -15.76 37.96
C ARG M 416 28.58 -14.80 39.12
N PHE M 417 29.70 -14.08 39.12
CA PHE M 417 29.97 -13.15 40.17
C PHE M 417 28.96 -12.01 40.19
N GLU M 418 28.71 -11.44 39.01
CA GLU M 418 27.80 -10.31 38.87
C GLU M 418 26.37 -10.71 39.24
N THR M 419 25.99 -11.93 38.85
CA THR M 419 24.68 -12.50 39.09
C THR M 419 24.44 -12.58 40.57
N LYS M 420 25.50 -13.00 41.28
CA LYS M 420 25.48 -13.17 42.73
C LYS M 420 25.46 -11.85 43.48
N ALA M 421 26.38 -10.95 43.15
CA ALA M 421 26.31 -9.61 43.74
C ALA M 421 24.95 -8.94 43.59
N LEU M 422 24.29 -9.12 42.43
CA LEU M 422 22.96 -8.56 42.17
C LEU M 422 21.92 -9.22 43.05
N ALA M 423 21.93 -10.56 43.14
CA ALA M 423 20.99 -11.24 44.03
C ALA M 423 21.18 -10.82 45.50
N ASP M 424 22.42 -10.74 45.96
CA ASP M 424 22.69 -10.19 47.29
C ASP M 424 22.11 -8.79 47.48
N ALA M 425 22.30 -7.92 46.49
CA ALA M 425 21.87 -6.52 46.60
C ALA M 425 20.34 -6.41 46.60
N LYS M 426 19.69 -7.19 45.74
CA LYS M 426 18.21 -7.27 45.74
C LYS M 426 17.67 -7.72 47.11
N ALA M 427 18.24 -8.80 47.64
CA ALA M 427 17.82 -9.28 48.97
C ALA M 427 18.03 -8.19 50.04
N ALA M 428 19.20 -7.54 50.02
CA ALA M 428 19.44 -6.45 50.93
C ALA M 428 18.39 -5.34 50.80
N LEU M 429 17.97 -5.00 49.58
CA LEU M 429 16.94 -3.96 49.39
C LEU M 429 15.52 -4.37 49.77
N GLU M 430 15.15 -5.63 49.51
CA GLU M 430 13.79 -6.08 49.81
C GLU M 430 13.53 -6.16 51.31
N ALA M 431 14.59 -6.37 52.10
CA ALA M 431 14.47 -6.51 53.55
C ALA M 431 14.24 -5.16 54.21
N LEU M 432 14.41 -4.07 53.49
CA LEU M 432 14.33 -2.78 54.12
C LEU M 432 12.87 -2.38 54.36
N PRO M 433 12.60 -1.63 55.45
CA PRO M 433 11.22 -1.19 55.66
C PRO M 433 10.81 -0.17 54.60
N ASP M 434 9.58 -0.28 54.08
CA ASP M 434 9.00 0.80 53.26
C ASP M 434 8.99 2.16 53.96
N ASP M 435 8.82 2.13 55.29
CA ASP M 435 8.69 3.35 56.09
C ASP M 435 9.96 4.21 56.16
N MET M 436 9.87 5.47 55.72
CA MET M 436 11.03 6.37 55.74
C MET M 436 11.66 6.67 57.12
N ASP M 437 10.84 7.02 58.10
CA ASP M 437 11.34 7.39 59.45
C ASP M 437 12.17 6.29 60.10
N LYS M 438 11.64 5.06 60.00
CA LYS M 438 12.28 3.87 60.49
C LYS M 438 13.68 3.79 59.90
N PHE M 439 13.77 3.86 58.56
CA PHE M 439 15.04 3.77 57.85
C PHE M 439 16.01 4.89 58.20
N MET M 440 15.53 6.13 58.12
CA MET M 440 16.36 7.28 58.48
C MET M 440 16.95 7.16 59.87
N ASP M 441 16.16 6.71 60.83
CA ASP M 441 16.61 6.64 62.21
C ASP M 441 17.59 5.48 62.43
N ASP M 442 17.31 4.35 61.79
CA ASP M 442 18.22 3.21 61.77
C ASP M 442 19.62 3.55 61.18
N CYS M 443 19.65 4.23 60.04
CA CYS M 443 20.91 4.61 59.39
C CYS M 443 21.69 5.68 60.16
N LEU M 444 20.96 6.66 60.70
CA LEU M 444 21.56 7.69 61.55
C LEU M 444 22.40 7.08 62.68
N THR M 445 21.85 6.12 63.41
CA THR M 445 22.61 5.60 64.52
C THR M 445 23.72 4.67 63.98
N LYS M 446 23.44 3.91 62.95
CA LYS M 446 24.44 3.02 62.35
C LYS M 446 25.66 3.77 61.80
N TYR M 447 25.43 4.82 61.02
CA TYR M 447 26.57 5.53 60.41
C TYR M 447 27.25 6.54 61.33
N LYS M 448 26.51 7.01 62.33
CA LYS M 448 27.09 7.81 63.40
C LYS M 448 28.12 6.91 64.09
N SER M 449 27.73 5.67 64.30
CA SER M 449 28.60 4.69 64.93
C SER M 449 29.74 4.27 64.01
N GLU M 450 29.44 3.98 62.75
CA GLU M 450 30.41 3.37 61.84
C GLU M 450 31.38 4.30 61.09
N VAL M 451 31.00 5.57 60.96
CA VAL M 451 31.77 6.52 60.15
C VAL M 451 32.08 7.78 60.96
N LYS M 452 33.29 7.83 61.52
CA LYS M 452 33.68 8.95 62.40
C LYS M 452 33.58 10.36 61.79
N VAL M 453 33.80 10.47 60.48
CA VAL M 453 33.71 11.77 59.78
C VAL M 453 32.27 12.18 59.44
N PHE M 454 31.33 11.24 59.55
CA PHE M 454 29.90 11.56 59.42
C PHE M 454 29.42 12.59 60.46
N LYS M 455 28.95 13.75 59.97
CA LYS M 455 28.48 14.86 60.80
C LYS M 455 27.02 15.17 60.46
N PRO M 456 26.06 14.60 61.20
CA PRO M 456 24.62 14.71 60.96
C PRO M 456 24.11 16.13 60.77
N GLU M 457 24.73 17.09 61.46
CA GLU M 457 24.35 18.50 61.32
C GLU M 457 24.54 19.04 59.89
N ASN M 458 25.30 18.31 59.08
CA ASN M 458 25.45 18.62 57.65
C ASN M 458 24.14 18.49 56.85
N TYR M 459 23.18 17.76 57.42
CA TYR M 459 21.89 17.50 56.76
C TYR M 459 20.71 18.02 57.62
N GLY M 460 21.05 18.99 58.49
CA GLY M 460 20.13 19.58 59.44
C GLY M 460 19.59 18.62 60.48
N PHE M 461 20.45 17.70 60.96
CA PHE M 461 20.00 16.67 61.90
C PHE M 461 20.50 16.92 63.32
N MET N 1 11.14 -0.22 18.23
CA MET N 1 12.56 -0.15 18.70
C MET N 1 13.34 -1.42 18.36
N LEU N 2 14.63 -1.25 18.12
CA LEU N 2 15.47 -2.31 17.60
C LEU N 2 16.04 -3.23 18.65
N ASP N 3 16.21 -4.49 18.25
CA ASP N 3 16.94 -5.47 19.03
C ASP N 3 17.83 -6.31 18.11
N PHE N 4 18.81 -6.97 18.73
CA PHE N 4 19.71 -7.91 18.07
C PHE N 4 19.11 -9.32 18.14
N THR N 5 19.43 -10.14 17.14
CA THR N 5 19.41 -11.60 17.27
C THR N 5 20.62 -12.01 18.14
N GLU N 6 20.61 -13.24 18.67
CA GLU N 6 21.80 -13.75 19.38
C GLU N 6 23.08 -13.68 18.52
N ALA N 7 22.98 -14.11 17.25
CA ALA N 7 24.12 -14.09 16.32
C ALA N 7 24.71 -12.68 16.15
N SER N 8 23.83 -11.70 16.03
CA SER N 8 24.24 -10.33 15.91
C SER N 8 24.96 -9.79 17.11
N LEU N 9 24.48 -10.10 18.33
CA LEU N 9 25.11 -9.60 19.56
C LEU N 9 26.53 -10.13 19.59
N LYS N 10 26.66 -11.43 19.29
CA LYS N 10 27.95 -12.08 19.41
C LYS N 10 29.01 -11.38 18.55
N LYS N 11 28.56 -10.86 17.40
CA LYS N 11 29.41 -10.22 16.41
C LYS N 11 29.85 -8.83 16.82
N VAL N 12 28.97 -8.11 17.49
CA VAL N 12 29.17 -6.71 17.80
C VAL N 12 30.03 -6.43 19.07
N LEU N 13 29.85 -7.20 20.13
CA LEU N 13 30.68 -7.01 21.33
C LEU N 13 30.88 -8.35 22.07
N THR N 14 31.87 -8.37 22.94
CA THR N 14 32.17 -9.55 23.73
C THR N 14 32.38 -9.08 25.15
N ARG N 15 31.66 -9.68 26.10
CA ARG N 15 31.91 -9.38 27.51
C ARG N 15 33.02 -10.31 27.98
N TYR N 16 34.26 -9.90 27.74
CA TYR N 16 35.41 -10.82 27.84
C TYR N 16 35.57 -11.48 29.20
N ASN N 17 35.04 -10.85 30.24
CA ASN N 17 35.10 -11.35 31.60
C ASN N 17 34.28 -12.61 31.81
N VAL N 18 33.23 -12.81 31.00
CA VAL N 18 32.37 -13.98 31.13
C VAL N 18 33.09 -15.31 30.84
N ALA N 19 33.62 -15.49 29.64
CA ALA N 19 34.45 -16.68 29.38
C ALA N 19 35.62 -16.90 30.39
N LEU N 20 36.23 -15.84 30.92
CA LEU N 20 37.44 -16.00 31.78
C LEU N 20 37.21 -16.52 33.20
N GLU N 21 35.99 -16.40 33.69
CA GLU N 21 35.63 -16.78 35.05
C GLU N 21 35.86 -18.28 35.38
N LYS N 22 36.53 -18.53 36.49
CA LYS N 22 36.79 -19.88 36.97
C LYS N 22 35.51 -20.63 37.32
N ALA N 23 35.52 -21.93 37.05
CA ALA N 23 34.41 -22.84 37.32
C ALA N 23 33.85 -22.75 38.74
N LEU N 24 34.75 -22.75 39.73
CA LEU N 24 34.38 -22.81 41.14
C LEU N 24 33.80 -21.52 41.68
N THR N 25 32.79 -21.67 42.54
CA THR N 25 32.23 -20.55 43.31
C THR N 25 33.28 -20.02 44.28
N PRO N 26 33.16 -18.75 44.70
CA PRO N 26 34.07 -18.26 45.74
C PRO N 26 34.04 -19.12 46.99
N GLU N 27 32.86 -19.66 47.33
CA GLU N 27 32.71 -20.52 48.52
C GLU N 27 33.58 -21.76 48.39
N GLU N 28 33.34 -22.55 47.35
CA GLU N 28 34.12 -23.75 47.03
C GLU N 28 35.63 -23.48 46.98
N ALA N 29 36.01 -22.31 46.49
CA ALA N 29 37.42 -21.93 46.37
C ALA N 29 38.04 -21.69 47.75
N ALA N 30 37.28 -21.04 48.62
CA ALA N 30 37.71 -20.81 49.99
C ALA N 30 37.80 -22.13 50.77
N GLU N 31 36.82 -23.00 50.54
CA GLU N 31 36.73 -24.31 51.19
C GLU N 31 38.03 -25.09 51.05
N GLU N 32 38.58 -25.11 49.83
CA GLU N 32 39.84 -25.81 49.54
C GLU N 32 41.02 -25.20 50.29
N LEU N 33 41.01 -23.88 50.44
CA LEU N 33 42.13 -23.17 51.09
C LEU N 33 42.03 -23.11 52.61
N TYR N 34 40.90 -23.52 53.17
CA TYR N 34 40.64 -23.46 54.62
C TYR N 34 41.52 -24.43 55.38
N PRO N 35 42.36 -23.91 56.31
CA PRO N 35 43.13 -24.77 57.23
C PRO N 35 42.23 -25.80 57.92
N LYS N 36 42.68 -27.06 57.96
CA LYS N 36 41.88 -28.16 58.50
C LYS N 36 41.98 -28.34 60.03
N ASP N 37 42.58 -27.35 60.70
CA ASP N 37 42.78 -27.38 62.16
C ASP N 37 41.50 -27.69 62.97
N GLU N 38 40.33 -27.47 62.36
CA GLU N 38 39.04 -27.76 63.01
C GLU N 38 38.78 -26.86 64.24
N LEU N 39 39.84 -26.57 65.00
CA LEU N 39 39.84 -25.50 65.98
C LEU N 39 39.74 -24.17 65.24
N ILE N 40 40.67 -23.92 64.32
CA ILE N 40 40.76 -22.65 63.56
C ILE N 40 39.68 -22.47 62.46
N TYR N 41 39.29 -23.56 61.80
CA TYR N 41 38.32 -23.56 60.68
C TYR N 41 37.13 -22.58 60.80
N PRO N 42 36.33 -22.65 61.88
CA PRO N 42 35.23 -21.68 61.95
C PRO N 42 35.69 -20.22 62.04
N ILE N 43 36.88 -19.98 62.59
CA ILE N 43 37.49 -18.64 62.63
C ILE N 43 37.80 -18.13 61.21
N ALA N 44 38.54 -18.95 60.45
CA ALA N 44 38.91 -18.62 59.07
C ALA N 44 37.70 -18.40 58.14
N LYS N 45 36.72 -19.30 58.21
CA LYS N 45 35.48 -19.22 57.42
C LYS N 45 34.62 -17.99 57.77
N ALA N 46 34.75 -17.50 58.99
CA ALA N 46 34.03 -16.30 59.40
C ALA N 46 34.69 -15.03 58.82
N ILE N 47 36.02 -14.99 58.83
CA ILE N 47 36.77 -13.91 58.18
C ILE N 47 36.38 -13.79 56.70
N PHE N 48 36.36 -14.91 56.00
CA PHE N 48 35.97 -14.91 54.59
C PHE N 48 34.58 -14.32 54.42
N GLU N 49 33.63 -14.79 55.24
CA GLU N 49 32.24 -14.35 55.13
C GLU N 49 32.00 -12.90 55.56
N GLY N 50 33.06 -12.24 56.05
CA GLY N 50 33.00 -10.85 56.53
C GLY N 50 32.15 -10.62 57.78
N GLU N 51 31.93 -11.70 58.55
CA GLU N 51 31.01 -11.67 59.70
C GLU N 51 31.75 -11.61 61.05
N GLU N 52 31.83 -10.40 61.62
CA GLU N 52 32.62 -10.14 62.84
C GLU N 52 32.09 -10.80 64.11
N ASP N 53 30.78 -11.04 64.17
CA ASP N 53 30.16 -11.66 65.34
C ASP N 53 30.48 -13.14 65.46
N ASP N 54 30.78 -13.76 64.33
CA ASP N 54 31.21 -15.16 64.31
C ASP N 54 32.73 -15.27 64.52
N VAL N 55 33.45 -14.19 64.19
CA VAL N 55 34.91 -14.13 64.40
C VAL N 55 35.25 -14.03 65.90
N VAL N 56 34.48 -13.22 66.63
CA VAL N 56 34.66 -13.04 68.07
C VAL N 56 34.21 -14.32 68.81
N GLU N 57 33.07 -14.88 68.38
CA GLU N 57 32.49 -16.10 68.95
C GLU N 57 33.34 -17.36 68.67
N GLY N 58 34.00 -17.37 67.51
CA GLY N 58 34.90 -18.45 67.14
C GLY N 58 36.25 -18.34 67.81
N LEU N 59 36.61 -17.14 68.26
CA LEU N 59 37.83 -16.92 69.04
C LEU N 59 37.66 -17.37 70.50
N GLN N 60 36.41 -17.41 70.97
CA GLN N 60 36.07 -17.79 72.35
C GLN N 60 36.00 -19.29 72.59
N ALA N 61 35.69 -20.06 71.55
CA ALA N 61 35.82 -21.52 71.59
C ALA N 61 37.30 -21.93 71.57
N ALA N 62 38.17 -21.02 71.13
CA ALA N 62 39.61 -21.28 70.93
C ALA N 62 40.50 -21.08 72.17
N ILE N 63 40.27 -20.01 72.92
CA ILE N 63 40.91 -19.85 74.24
C ILE N 63 40.25 -20.72 75.32
N GLU N 64 39.13 -21.37 74.99
CA GLU N 64 38.43 -22.23 75.95
C GLU N 64 38.74 -23.72 75.80
N ALA N 65 38.66 -24.24 74.59
CA ALA N 65 39.08 -25.62 74.33
C ALA N 65 40.61 -25.74 74.39
N GLY N 66 41.29 -24.73 73.86
CA GLY N 66 42.75 -24.63 73.94
C GLY N 66 43.14 -23.34 74.64
N LYS N 67 44.24 -22.74 74.19
CA LYS N 67 44.74 -21.49 74.78
C LYS N 67 44.91 -20.38 73.73
N ASP N 68 46.03 -19.65 73.83
CA ASP N 68 46.49 -18.64 72.86
C ASP N 68 45.79 -17.27 72.96
N PRO N 69 46.41 -16.33 73.70
CA PRO N 69 45.85 -14.96 73.80
C PRO N 69 46.21 -14.10 72.60
N ILE N 70 47.51 -13.93 72.35
CA ILE N 70 48.03 -13.05 71.31
C ILE N 70 48.42 -13.83 70.05
N ASP N 71 48.41 -15.16 70.17
CA ASP N 71 48.96 -16.05 69.13
C ASP N 71 47.90 -16.52 68.12
N LEU N 72 46.63 -16.28 68.44
CA LEU N 72 45.52 -16.51 67.50
C LEU N 72 45.43 -15.40 66.45
N ILE N 73 46.30 -14.41 66.58
CA ILE N 73 46.49 -13.36 65.56
C ILE N 73 47.17 -13.96 64.32
N ASP N 74 48.23 -14.72 64.54
CA ASP N 74 49.06 -15.25 63.47
C ASP N 74 48.60 -16.62 62.98
N ASP N 75 47.78 -17.30 63.80
CA ASP N 75 47.38 -18.69 63.55
C ASP N 75 45.95 -18.82 63.03
N ALA N 76 45.09 -17.85 63.36
CA ALA N 76 43.66 -17.96 63.08
C ALA N 76 43.07 -16.80 62.25
N LEU N 77 43.49 -15.57 62.57
CA LEU N 77 42.97 -14.39 61.88
C LEU N 77 43.84 -13.98 60.69
N MET N 78 45.14 -14.18 60.80
CA MET N 78 46.07 -13.90 59.71
C MET N 78 46.02 -14.98 58.63
N VAL N 79 45.94 -16.24 59.05
CA VAL N 79 45.82 -17.37 58.12
C VAL N 79 44.47 -17.29 57.43
N GLY N 80 43.43 -16.98 58.20
CA GLY N 80 42.09 -16.73 57.66
C GLY N 80 42.12 -15.65 56.59
N MET N 81 42.80 -14.55 56.90
CA MET N 81 42.99 -13.45 55.97
C MET N 81 43.84 -13.85 54.76
N GLY N 82 44.81 -14.73 54.98
CA GLY N 82 45.68 -15.22 53.90
C GLY N 82 44.92 -15.88 52.77
N VAL N 83 43.85 -16.59 53.12
CA VAL N 83 42.92 -17.15 52.13
C VAL N 83 42.30 -16.02 51.30
N VAL N 84 41.74 -15.04 52.01
CA VAL N 84 41.10 -13.86 51.43
C VAL N 84 42.03 -13.10 50.48
N ILE N 85 43.23 -12.76 50.94
CA ILE N 85 44.21 -12.05 50.11
C ILE N 85 44.57 -12.85 48.85
N ARG N 86 44.60 -14.18 49.01
CA ARG N 86 44.98 -15.09 47.96
C ARG N 86 43.90 -15.18 46.88
N LEU N 87 42.66 -15.38 47.33
CA LEU N 87 41.51 -15.45 46.45
C LEU N 87 41.31 -14.16 45.65
N TYR N 88 41.66 -13.03 46.27
CA TYR N 88 41.65 -11.73 45.60
C TYR N 88 42.72 -11.57 44.49
N ASP N 89 43.92 -12.09 44.73
CA ASP N 89 44.96 -12.06 43.70
C ASP N 89 44.52 -12.84 42.46
N GLU N 90 43.86 -13.98 42.67
CA GLU N 90 43.41 -14.89 41.61
C GLU N 90 42.16 -14.41 40.89
N GLY N 91 41.58 -13.33 41.41
CA GLY N 91 40.40 -12.72 40.82
C GLY N 91 39.08 -13.41 41.11
N VAL N 92 39.04 -14.30 42.12
CA VAL N 92 37.77 -15.00 42.44
C VAL N 92 36.85 -14.22 43.37
N ILE N 93 37.39 -13.28 44.15
CA ILE N 93 36.59 -12.30 44.90
C ILE N 93 37.04 -10.88 44.54
N PHE N 94 36.30 -9.85 44.96
CA PHE N 94 36.59 -8.44 44.59
C PHE N 94 37.05 -7.59 45.79
N LEU N 95 37.44 -6.34 45.55
CA LEU N 95 37.85 -5.43 46.61
C LEU N 95 36.92 -5.47 47.84
N PRO N 96 35.62 -5.12 47.68
CA PRO N 96 34.78 -5.03 48.87
C PRO N 96 34.82 -6.26 49.76
N ASN N 97 34.88 -7.44 49.17
CA ASN N 97 34.90 -8.70 49.94
C ASN N 97 36.11 -8.78 50.88
N VAL N 98 37.22 -8.23 50.43
CA VAL N 98 38.42 -8.11 51.23
C VAL N 98 38.14 -7.13 52.37
N MET N 99 37.65 -5.94 52.03
CA MET N 99 37.26 -4.96 53.04
C MET N 99 36.37 -5.57 54.12
N MET N 100 35.29 -6.26 53.69
CA MET N 100 34.39 -6.97 54.62
C MET N 100 35.17 -7.94 55.52
N SER N 101 36.12 -8.65 54.91
CA SER N 101 36.98 -9.58 55.62
C SER N 101 37.96 -8.87 56.54
N ALA N 102 38.41 -7.67 56.17
CA ALA N 102 39.33 -6.88 56.99
C ALA N 102 38.64 -6.27 58.21
N ASP N 103 37.41 -5.77 58.00
CA ASP N 103 36.59 -5.22 59.10
C ASP N 103 36.23 -6.28 60.12
N ALA N 104 36.13 -7.53 59.65
CA ALA N 104 35.90 -8.68 60.51
C ALA N 104 37.18 -9.12 61.22
N MET N 105 38.33 -8.72 60.66
CA MET N 105 39.64 -9.11 61.22
C MET N 105 40.24 -8.04 62.13
N LEU N 106 40.24 -6.77 61.72
CA LEU N 106 40.76 -5.70 62.58
C LEU N 106 40.01 -5.63 63.92
N GLU N 107 38.71 -5.94 63.87
CA GLU N 107 37.86 -6.03 65.05
C GLU N 107 38.15 -7.31 65.87
N GLY N 108 38.75 -8.30 65.22
CA GLY N 108 39.24 -9.50 65.89
C GLY N 108 40.59 -9.25 66.56
N ILE N 109 41.44 -8.47 65.88
CA ILE N 109 42.78 -8.11 66.39
C ILE N 109 42.76 -7.21 67.64
N GLU N 110 41.66 -6.47 67.82
CA GLU N 110 41.46 -5.64 69.03
C GLU N 110 40.71 -6.37 70.16
N TYR N 111 40.06 -7.48 69.82
CA TYR N 111 39.46 -8.36 70.82
C TYR N 111 40.53 -9.13 71.60
N CYS N 112 41.67 -9.35 70.94
CA CYS N 112 42.82 -10.07 71.50
C CYS N 112 43.65 -9.22 72.46
N LYS N 113 43.66 -7.89 72.23
CA LYS N 113 44.39 -6.96 73.09
C LYS N 113 43.82 -6.94 74.52
N GLU N 114 42.49 -7.09 74.62
CA GLU N 114 41.77 -7.13 75.91
C GLU N 114 42.18 -8.33 76.75
N ASN N 115 42.28 -9.49 76.10
CA ASN N 115 42.67 -10.74 76.76
C ASN N 115 44.19 -10.96 76.80
N SER N 116 44.96 -9.87 76.71
CA SER N 116 46.42 -9.93 76.79
C SER N 116 47.05 -8.69 77.46
N GLY N 117 47.60 -7.80 76.64
CA GLY N 117 48.50 -6.74 77.10
C GLY N 117 49.94 -7.21 77.00
N ALA N 118 50.31 -7.73 75.82
CA ALA N 118 51.66 -8.19 75.53
C ALA N 118 52.37 -7.26 74.52
N THR N 119 52.18 -7.52 73.22
CA THR N 119 52.69 -6.68 72.12
C THR N 119 52.03 -7.15 70.80
N PRO N 120 51.68 -6.21 69.90
CA PRO N 120 51.29 -6.62 68.54
C PRO N 120 52.45 -7.30 67.79
N LYS N 121 52.12 -8.27 66.93
CA LYS N 121 53.11 -8.96 66.09
C LYS N 121 52.92 -8.60 64.60
N THR N 122 53.60 -7.55 64.16
CA THR N 122 53.57 -7.10 62.76
C THR N 122 54.98 -6.99 62.16
N LYS N 123 55.12 -7.39 60.89
CA LYS N 123 56.42 -7.45 60.21
C LYS N 123 56.97 -6.08 59.77
N GLY N 124 56.66 -5.02 60.53
CA GLY N 124 57.16 -3.67 60.22
C GLY N 124 56.08 -2.58 60.18
N THR N 125 56.51 -1.34 60.34
CA THR N 125 55.59 -0.19 60.35
C THR N 125 55.70 0.57 59.04
N VAL N 126 54.55 0.77 58.37
CA VAL N 126 54.47 1.56 57.12
C VAL N 126 53.62 2.82 57.35
N VAL N 127 54.13 3.95 56.85
CA VAL N 127 53.42 5.22 56.96
C VAL N 127 52.72 5.52 55.63
N CYS N 128 51.51 6.06 55.70
CA CYS N 128 50.73 6.32 54.49
C CYS N 128 50.14 7.72 54.46
N HIS N 129 50.22 8.35 53.29
CA HIS N 129 49.73 9.71 53.12
C HIS N 129 49.30 10.01 51.69
N VAL N 130 48.60 11.12 51.56
CA VAL N 130 48.19 11.63 50.27
C VAL N 130 48.87 13.00 50.08
N ALA N 131 49.39 13.23 48.88
CA ALA N 131 50.12 14.48 48.56
C ALA N 131 49.33 15.72 48.99
N GLU N 132 50.03 16.78 49.37
CA GLU N 132 49.35 17.98 49.89
C GLU N 132 48.53 18.71 48.84
N GLY N 133 47.28 19.00 49.20
CA GLY N 133 46.29 19.59 48.28
C GLY N 133 45.25 18.59 47.77
N ASP N 134 45.52 17.30 47.99
CA ASP N 134 44.74 16.22 47.38
C ASP N 134 43.72 15.59 48.34
N VAL N 135 42.49 15.42 47.85
CA VAL N 135 41.38 14.86 48.66
C VAL N 135 41.08 13.39 48.26
N HIS N 136 41.80 12.89 47.26
CA HIS N 136 41.53 11.55 46.73
C HIS N 136 41.93 10.44 47.69
N ASP N 137 40.92 9.93 48.40
CA ASP N 137 41.08 8.97 49.51
C ASP N 137 41.20 7.53 49.05
N ILE N 138 40.32 7.12 48.13
CA ILE N 138 40.10 5.70 47.84
C ILE N 138 41.41 4.96 47.57
N GLY N 139 42.20 5.46 46.61
CA GLY N 139 43.52 4.90 46.31
C GLY N 139 44.34 4.60 47.55
N LYS N 140 44.53 5.63 48.38
CA LYS N 140 45.24 5.50 49.66
C LYS N 140 44.53 4.50 50.61
N ASN N 141 43.21 4.63 50.73
CA ASN N 141 42.39 3.68 51.53
C ASN N 141 42.59 2.22 51.12
N ILE N 142 42.70 1.97 49.82
CA ILE N 142 42.88 0.61 49.31
C ILE N 142 44.28 0.10 49.71
N VAL N 143 45.27 1.00 49.61
CA VAL N 143 46.63 0.72 50.08
C VAL N 143 46.67 0.46 51.62
N THR N 144 45.97 1.30 52.37
CA THR N 144 45.79 1.11 53.81
C THR N 144 45.21 -0.28 54.10
N ALA N 145 44.10 -0.57 53.43
CA ALA N 145 43.34 -1.80 53.60
C ALA N 145 44.18 -3.04 53.38
N LEU N 146 44.94 -3.05 52.30
CA LEU N 146 45.75 -4.21 51.95
C LEU N 146 47.02 -4.37 52.80
N LEU N 147 47.46 -3.28 53.42
CA LEU N 147 48.61 -3.37 54.34
C LEU N 147 48.20 -3.98 55.70
N ARG N 148 47.13 -3.48 56.29
CA ARG N 148 46.52 -4.07 57.50
C ARG N 148 46.00 -5.51 57.31
N ALA N 149 45.71 -5.89 56.07
CA ALA N 149 45.27 -7.25 55.74
C ALA N 149 46.44 -8.23 55.55
N ASN N 150 47.66 -7.69 55.38
CA ASN N 150 48.88 -8.48 55.14
C ASN N 150 49.79 -8.71 56.37
N GLY N 151 49.53 -7.98 57.45
CA GLY N 151 50.33 -8.08 58.67
C GLY N 151 51.27 -6.91 58.79
N TYR N 152 50.74 -5.71 58.51
CA TYR N 152 51.55 -4.50 58.52
C TYR N 152 50.92 -3.39 59.36
N ASN N 153 51.78 -2.57 59.97
CA ASN N 153 51.32 -1.51 60.86
C ASN N 153 51.19 -0.15 60.19
N VAL N 154 49.95 0.19 59.84
CA VAL N 154 49.66 1.39 59.06
C VAL N 154 49.26 2.57 59.94
N VAL N 155 50.10 3.60 59.93
CA VAL N 155 49.71 4.90 60.43
C VAL N 155 49.26 5.73 59.22
N ASP N 156 48.07 6.33 59.33
CA ASP N 156 47.40 6.95 58.19
C ASP N 156 47.25 8.45 58.39
N LEU N 157 48.05 9.23 57.66
CA LEU N 157 48.10 10.68 57.83
C LEU N 157 46.91 11.45 57.21
N GLY N 158 45.96 10.72 56.62
CA GLY N 158 44.79 11.33 56.00
C GLY N 158 45.02 11.85 54.58
N ARG N 159 44.57 13.07 54.32
CA ARG N 159 44.51 13.59 52.97
C ARG N 159 45.47 14.74 52.74
N ASP N 160 45.01 15.96 53.05
CA ASP N 160 45.76 17.19 52.82
C ASP N 160 47.01 17.23 53.72
N VAL N 161 47.95 16.31 53.47
CA VAL N 161 49.15 16.14 54.31
C VAL N 161 50.34 16.93 53.76
N PRO N 162 50.83 17.91 54.55
CA PRO N 162 51.78 18.91 54.08
C PRO N 162 53.26 18.52 54.08
N ALA N 163 53.55 17.22 54.22
CA ALA N 163 54.94 16.71 54.12
C ALA N 163 55.77 16.89 55.39
N GLU N 164 55.69 18.07 56.02
CA GLU N 164 56.39 18.31 57.28
C GLU N 164 55.77 17.47 58.37
N GLU N 165 54.49 17.14 58.18
CA GLU N 165 53.77 16.23 59.03
C GLU N 165 54.16 14.80 58.69
N VAL N 166 54.56 14.60 57.43
CA VAL N 166 55.17 13.34 56.98
C VAL N 166 56.53 13.16 57.66
N LEU N 167 57.30 14.25 57.74
CA LEU N 167 58.60 14.24 58.40
C LEU N 167 58.43 14.00 59.92
N ALA N 168 57.52 14.76 60.54
CA ALA N 168 57.22 14.64 61.98
C ALA N 168 56.32 13.44 62.32
N ALA N 169 56.36 12.40 61.49
CA ALA N 169 55.65 11.16 61.76
C ALA N 169 56.47 9.94 61.32
N VAL N 170 57.40 10.15 60.37
CA VAL N 170 58.36 9.12 59.96
C VAL N 170 59.39 8.93 61.08
N GLN N 171 59.58 9.98 61.89
CA GLN N 171 60.50 9.93 63.03
C GLN N 171 59.86 9.36 64.30
N LYS N 172 58.55 9.55 64.46
CA LYS N 172 57.83 9.01 65.62
C LYS N 172 57.66 7.50 65.51
N GLU N 173 57.76 6.97 64.28
CA GLU N 173 57.36 5.58 63.98
C GLU N 173 58.45 4.70 63.33
N LYS N 174 59.63 5.28 63.04
CA LYS N 174 60.78 4.57 62.41
C LYS N 174 60.41 3.46 61.42
N PRO N 175 59.78 3.82 60.29
CA PRO N 175 59.16 2.81 59.43
C PRO N 175 60.12 2.19 58.41
N ILE N 176 59.73 1.03 57.88
CA ILE N 176 60.49 0.39 56.80
C ILE N 176 60.10 0.93 55.41
N MET N 177 59.06 1.76 55.37
CA MET N 177 58.52 2.28 54.10
C MET N 177 57.48 3.40 54.29
N LEU N 178 57.52 4.37 53.37
CA LEU N 178 56.48 5.39 53.24
C LEU N 178 55.77 5.24 51.89
N THR N 179 54.45 5.50 51.86
CA THR N 179 53.68 5.55 50.58
C THR N 179 53.15 6.95 50.28
N GLY N 180 52.87 7.17 49.00
CA GLY N 180 52.32 8.44 48.54
C GLY N 180 51.30 8.22 47.45
N THR N 181 50.22 9.00 47.48
CA THR N 181 49.18 8.91 46.46
C THR N 181 48.74 10.28 45.97
N ALA N 182 49.11 10.59 44.73
CA ALA N 182 48.65 11.80 44.05
C ALA N 182 47.79 11.44 42.84
N LEU N 183 46.72 12.21 42.62
CA LEU N 183 45.77 11.94 41.53
C LEU N 183 45.54 13.13 40.61
N MET N 184 45.89 14.32 41.07
CA MET N 184 45.81 15.51 40.22
C MET N 184 47.20 15.86 39.67
N THR N 185 47.23 16.63 38.58
CA THR N 185 48.49 17.17 38.05
C THR N 185 48.98 18.32 38.94
N THR N 186 48.01 19.11 39.39
CA THR N 186 48.25 20.21 40.32
C THR N 186 48.63 19.73 41.75
N THR N 187 49.16 18.51 41.86
CA THR N 187 49.36 17.86 43.18
C THR N 187 50.55 16.90 43.25
N MET N 188 50.87 16.24 42.13
CA MET N 188 51.95 15.23 42.10
C MET N 188 53.24 15.78 42.66
N TYR N 189 53.48 17.08 42.45
CA TYR N 189 54.71 17.76 42.85
C TYR N 189 54.84 18.07 44.35
N ALA N 190 53.95 17.48 45.14
CA ALA N 190 54.06 17.45 46.60
C ALA N 190 54.84 16.20 47.03
N PHE N 191 55.03 15.26 46.10
CA PHE N 191 55.94 14.12 46.27
C PHE N 191 57.38 14.62 46.41
N LYS N 192 57.69 15.70 45.68
CA LYS N 192 58.99 16.39 45.72
C LYS N 192 59.42 16.69 47.15
N GLU N 193 58.66 17.55 47.81
CA GLU N 193 58.92 17.95 49.19
C GLU N 193 59.11 16.75 50.14
N VAL N 194 58.31 15.69 49.94
CA VAL N 194 58.43 14.47 50.76
C VAL N 194 59.78 13.75 50.59
N ASN N 195 60.28 13.69 49.36
CA ASN N 195 61.57 13.07 49.11
C ASN N 195 62.76 14.00 49.39
N ASP N 196 62.59 15.29 49.10
CA ASP N 196 63.62 16.29 49.34
C ASP N 196 63.98 16.44 50.82
N MET N 197 62.96 16.36 51.67
CA MET N 197 63.09 16.59 53.11
C MET N 197 63.54 15.33 53.85
N LEU N 198 63.19 14.17 53.30
CA LEU N 198 63.73 12.90 53.78
C LEU N 198 65.21 12.78 53.44
N LEU N 199 65.63 13.48 52.38
CA LEU N 199 67.04 13.48 51.98
C LEU N 199 67.90 14.44 52.81
N GLU N 200 67.43 15.67 53.01
CA GLU N 200 68.15 16.66 53.81
C GLU N 200 68.07 16.42 55.32
N ASN N 201 67.22 15.47 55.71
CA ASN N 201 67.19 14.95 57.06
C ASN N 201 67.96 13.63 57.15
N GLY N 202 68.34 13.09 55.99
CA GLY N 202 69.16 11.88 55.92
C GLY N 202 68.47 10.58 56.29
N ILE N 203 67.24 10.39 55.81
CA ILE N 203 66.52 9.13 55.95
C ILE N 203 66.50 8.42 54.59
N LYS N 204 66.87 7.14 54.58
CA LYS N 204 66.94 6.35 53.35
C LYS N 204 66.05 5.10 53.42
N ILE N 205 64.75 5.31 53.17
CA ILE N 205 63.77 4.21 53.11
C ILE N 205 62.89 4.32 51.85
N PRO N 206 62.37 3.17 51.36
CA PRO N 206 61.50 3.11 50.18
C PRO N 206 60.19 3.94 50.28
N PHE N 207 59.93 4.72 49.23
CA PHE N 207 58.81 5.66 49.18
C PHE N 207 57.91 5.30 47.98
N ALA N 208 57.15 4.21 48.15
CA ALA N 208 56.29 3.66 47.09
C ALA N 208 55.18 4.63 46.66
N CYS N 209 55.22 5.02 45.39
CA CYS N 209 54.33 6.05 44.84
C CYS N 209 53.31 5.49 43.85
N GLY N 210 52.09 6.01 43.96
CA GLY N 210 50.99 5.61 43.08
C GLY N 210 49.93 6.69 42.94
N GLY N 211 48.94 6.40 42.10
CA GLY N 211 47.90 7.36 41.79
C GLY N 211 47.71 7.50 40.30
N GLY N 212 46.48 7.83 39.90
CA GLY N 212 46.08 8.01 38.50
C GLY N 212 46.89 9.01 37.69
N ALA N 213 47.53 9.97 38.36
CA ALA N 213 48.36 10.98 37.69
C ALA N 213 49.87 10.75 37.86
N VAL N 214 50.23 9.61 38.45
CA VAL N 214 51.62 9.27 38.69
C VAL N 214 52.01 7.98 37.96
N ASN N 215 53.10 8.04 37.21
CA ASN N 215 53.63 6.86 36.52
C ASN N 215 55.12 6.59 36.82
N GLN N 216 55.66 5.52 36.23
CA GLN N 216 57.06 5.11 36.44
C GLN N 216 58.09 6.20 36.11
N ASP N 217 58.01 6.74 34.88
CA ASP N 217 58.89 7.84 34.40
C ASP N 217 58.82 9.08 35.31
N PHE N 218 57.92 9.06 36.29
CA PHE N 218 57.72 10.21 37.17
C PHE N 218 58.35 9.98 38.54
N VAL N 219 58.15 8.79 39.10
CA VAL N 219 58.72 8.45 40.41
C VAL N 219 60.24 8.34 40.35
N SER N 220 60.75 8.00 39.16
CA SER N 220 62.17 7.70 38.94
C SER N 220 63.09 8.92 39.06
N GLN N 221 62.57 10.10 38.70
CA GLN N 221 63.30 11.36 38.85
C GLN N 221 63.56 11.72 40.33
N PHE N 222 62.97 10.94 41.24
CA PHE N 222 63.23 11.07 42.67
C PHE N 222 64.22 10.01 43.15
N ALA N 223 64.91 10.31 44.25
CA ALA N 223 65.97 9.44 44.78
C ALA N 223 65.44 8.12 45.36
N LEU N 224 64.44 8.19 46.22
CA LEU N 224 63.87 7.01 46.87
C LEU N 224 62.68 6.43 46.09
N GLY N 225 62.27 7.16 45.06
CA GLY N 225 61.05 6.87 44.29
C GLY N 225 60.90 5.48 43.69
N VAL N 226 59.85 4.79 44.10
CA VAL N 226 59.46 3.50 43.52
C VAL N 226 57.99 3.61 43.07
N TYR N 227 57.67 3.00 41.93
CA TYR N 227 56.33 3.15 41.34
C TYR N 227 55.43 1.92 41.41
N GLY N 228 54.35 2.04 42.19
CA GLY N 228 53.27 1.06 42.18
C GLY N 228 52.07 1.61 41.42
N GLU N 229 51.37 0.73 40.72
CA GLU N 229 50.17 1.14 39.99
C GLU N 229 48.94 0.40 40.45
N GLU N 230 49.13 -0.79 41.03
CA GLU N 230 48.07 -1.48 41.74
C GLU N 230 48.28 -1.27 43.24
N ALA N 231 47.19 -1.27 44.01
CA ALA N 231 47.28 -1.19 45.46
C ALA N 231 47.61 -2.55 46.06
N ALA N 232 47.63 -3.57 45.20
CA ALA N 232 48.09 -4.91 45.53
C ALA N 232 49.62 -4.96 45.51
N ASP N 233 50.22 -3.93 44.92
CA ASP N 233 51.67 -3.83 44.78
C ASP N 233 52.33 -3.16 45.96
N ALA N 234 51.54 -2.63 46.89
CA ALA N 234 52.06 -2.01 48.11
C ALA N 234 52.63 -3.04 49.12
N PRO N 235 51.87 -4.11 49.42
CA PRO N 235 52.46 -5.12 50.31
C PRO N 235 53.27 -6.18 49.56
N LYS N 236 53.30 -6.08 48.24
CA LYS N 236 54.16 -6.88 47.38
C LYS N 236 55.58 -6.29 47.42
N ILE N 237 55.63 -4.96 47.60
CA ILE N 237 56.89 -4.18 47.70
C ILE N 237 57.37 -4.07 49.15
N ALA N 238 56.44 -4.19 50.10
CA ALA N 238 56.77 -4.12 51.52
C ALA N 238 57.54 -5.36 51.97
N ASP N 239 57.25 -6.50 51.32
CA ASP N 239 57.94 -7.76 51.55
C ASP N 239 59.37 -7.74 51.04
N ALA N 240 59.63 -6.90 50.04
CA ALA N 240 60.96 -6.75 49.43
C ALA N 240 62.00 -6.15 50.38
N ILE N 241 61.52 -5.44 51.40
CA ILE N 241 62.37 -4.90 52.46
C ILE N 241 62.56 -5.95 53.56
N ILE N 242 61.54 -6.78 53.74
CA ILE N 242 61.61 -7.96 54.62
C ILE N 242 62.54 -9.02 54.01
N ALA N 243 62.66 -8.99 52.68
CA ALA N 243 63.64 -9.79 51.94
C ALA N 243 65.05 -9.28 52.20
N GLY N 244 65.17 -7.98 52.46
CA GLY N 244 66.45 -7.38 52.84
C GLY N 244 66.98 -6.35 51.87
N THR N 245 66.12 -5.89 50.96
CA THR N 245 66.52 -4.90 49.95
C THR N 245 66.03 -3.50 50.34
N THR N 246 66.93 -2.70 50.91
CA THR N 246 66.63 -1.33 51.34
C THR N 246 67.17 -0.32 50.32
N ASP N 247 67.69 -0.84 49.20
CA ASP N 247 68.25 -0.03 48.12
C ASP N 247 67.15 0.33 47.11
N VAL N 248 67.22 1.55 46.57
CA VAL N 248 66.20 2.05 45.62
C VAL N 248 66.40 1.50 44.20
N THR N 249 67.63 1.62 43.69
CA THR N 249 67.99 1.18 42.33
C THR N 249 67.95 -0.34 42.19
N GLU N 250 68.18 -1.04 43.31
CA GLU N 250 68.11 -2.50 43.34
C GLU N 250 66.66 -2.99 43.28
N LEU N 251 65.75 -2.26 43.93
CA LEU N 251 64.33 -2.57 43.89
C LEU N 251 63.70 -2.15 42.56
N ARG N 252 64.19 -1.03 42.01
CA ARG N 252 63.83 -0.58 40.67
C ARG N 252 64.19 -1.64 39.62
N GLU N 253 65.22 -2.42 39.90
CA GLU N 253 65.61 -3.53 39.03
C GLU N 253 64.65 -4.72 39.12
N LYS N 254 63.76 -4.71 40.11
CA LYS N 254 62.79 -5.81 40.28
C LYS N 254 61.34 -5.43 39.96
N PHE N 255 61.04 -4.13 39.94
CA PHE N 255 59.66 -3.68 39.74
C PHE N 255 59.45 -2.59 38.67
N HIS N 256 60.44 -1.72 38.50
CA HIS N 256 60.42 -0.69 37.43
C HIS N 256 60.47 -1.30 36.00
N LYS N 257 60.50 -0.43 35.00
CA LYS N 257 60.53 -0.80 33.56
C LYS N 257 59.28 -1.58 33.10
N HIS N 258 58.29 -0.84 32.61
CA HIS N 258 57.00 -1.41 32.20
C HIS N 258 57.01 -1.95 30.76
N ALA O 3 49.37 -2.38 -13.81
CA ALA O 3 49.58 -3.43 -14.85
C ALA O 3 48.26 -3.81 -15.54
N LYS O 4 47.26 -4.26 -14.78
CA LYS O 4 45.97 -4.61 -15.38
C LYS O 4 44.93 -3.58 -15.00
N ARG O 5 44.37 -2.88 -15.98
CA ARG O 5 43.58 -1.69 -15.69
C ARG O 5 42.08 -1.93 -15.58
N TYR O 6 41.41 -1.08 -14.81
CA TYR O 6 39.96 -1.14 -14.66
C TYR O 6 39.26 -0.43 -15.81
N THR O 7 38.31 -1.11 -16.43
CA THR O 7 37.54 -0.47 -17.50
C THR O 7 36.03 -0.57 -17.22
N SER O 8 35.69 -1.06 -16.02
CA SER O 8 34.31 -1.08 -15.52
C SER O 8 34.28 -0.94 -13.99
N MET O 9 33.09 -0.74 -13.45
CA MET O 9 32.87 -0.55 -12.01
C MET O 9 32.53 -1.89 -11.35
N ALA O 10 32.94 -2.05 -10.09
CA ALA O 10 32.62 -3.24 -9.31
C ALA O 10 31.18 -3.20 -8.81
N TYR O 11 30.64 -2.00 -8.66
CA TYR O 11 29.26 -1.81 -8.25
C TYR O 11 28.42 -1.33 -9.44
N ALA O 12 27.20 -1.85 -9.53
CA ALA O 12 26.26 -1.44 -10.60
C ALA O 12 25.71 -0.05 -10.36
N ASN O 13 25.86 0.49 -9.15
CA ASN O 13 25.51 1.88 -8.85
C ASN O 13 25.90 2.29 -7.43
N ALA O 14 25.89 3.59 -7.19
CA ALA O 14 26.31 4.16 -5.92
C ALA O 14 25.55 3.53 -4.75
N ASP O 15 24.29 3.19 -4.97
CA ASP O 15 23.43 2.74 -3.90
C ASP O 15 23.73 1.34 -3.35
N GLU O 16 24.59 0.57 -4.02
CA GLU O 16 24.91 -0.78 -3.56
C GLU O 16 26.11 -0.75 -2.63
N MET O 17 26.69 0.44 -2.50
CA MET O 17 27.87 0.70 -1.70
C MET O 17 27.49 1.02 -0.24
N THR O 18 28.26 0.50 0.70
CA THR O 18 28.01 0.77 2.11
C THR O 18 29.26 0.49 2.95
N PHE O 19 29.20 0.80 4.25
CA PHE O 19 30.38 0.57 5.12
C PHE O 19 30.47 -0.87 5.70
N GLY O 20 31.70 -1.33 5.96
CA GLY O 20 31.96 -2.62 6.59
C GLY O 20 31.85 -3.80 5.65
N VAL O 21 31.29 -3.57 4.46
CA VAL O 21 31.24 -4.56 3.40
C VAL O 21 31.86 -4.07 2.08
N SER O 22 32.67 -4.94 1.50
CA SER O 22 33.08 -4.74 0.14
C SER O 22 32.97 -6.02 -0.66
N LYS O 23 32.90 -5.85 -1.97
CA LYS O 23 32.74 -6.96 -2.87
C LYS O 23 33.85 -8.04 -2.67
N TYR O 24 35.10 -7.62 -2.49
CA TYR O 24 36.25 -8.52 -2.31
C TYR O 24 36.86 -8.40 -0.93
N PRO O 25 36.29 -9.07 0.07
CA PRO O 25 36.87 -8.97 1.43
C PRO O 25 38.32 -9.45 1.54
N VAL O 26 39.04 -9.02 2.59
CA VAL O 26 40.43 -9.40 2.80
C VAL O 26 40.54 -10.15 4.11
N LYS O 27 41.17 -11.34 4.09
CA LYS O 27 41.38 -12.10 5.31
C LYS O 27 42.84 -11.90 5.73
N ALA O 28 43.10 -11.72 7.03
CA ALA O 28 44.46 -11.43 7.51
C ALA O 28 44.62 -11.49 9.03
N GLY O 29 45.88 -11.50 9.47
CA GLY O 29 46.27 -11.39 10.88
C GLY O 29 45.70 -12.48 11.74
N LEU O 30 45.20 -12.11 12.91
CA LEU O 30 44.76 -13.13 13.86
C LEU O 30 43.26 -13.18 13.82
N ASP O 31 42.78 -14.01 12.90
CA ASP O 31 41.35 -14.29 12.74
C ASP O 31 40.50 -13.11 12.22
N LEU O 32 41.15 -12.15 11.56
CA LEU O 32 40.49 -10.92 11.13
C LEU O 32 40.00 -10.94 9.66
N GLU O 33 38.87 -10.31 9.40
CA GLU O 33 38.36 -10.22 8.03
C GLU O 33 37.94 -8.78 7.82
N ILE O 34 38.30 -8.23 6.65
CA ILE O 34 38.09 -6.81 6.32
C ILE O 34 37.12 -6.66 5.19
N GLY O 35 36.05 -5.90 5.39
CA GLY O 35 35.04 -5.71 4.35
C GLY O 35 34.08 -6.89 4.34
N ALA O 36 34.01 -7.60 5.46
CA ALA O 36 33.25 -8.86 5.56
C ALA O 36 32.01 -8.73 6.43
N GLY O 37 31.42 -7.53 6.45
CA GLY O 37 30.19 -7.29 7.21
C GLY O 37 30.38 -6.66 8.58
N TYR O 38 31.58 -6.12 8.87
CA TYR O 38 31.82 -5.31 10.05
C TYR O 38 32.96 -4.31 9.83
N THR O 39 32.78 -3.09 10.34
CA THR O 39 33.82 -2.09 10.34
C THR O 39 34.78 -2.38 11.50
N ILE O 40 36.05 -2.06 11.31
CA ILE O 40 37.11 -2.35 12.28
C ILE O 40 37.87 -1.05 12.58
N PRO O 41 38.15 -0.74 13.87
CA PRO O 41 39.00 0.44 14.17
C PRO O 41 40.47 0.24 13.87
N GLU O 42 41.12 1.24 13.25
CA GLU O 42 42.57 1.21 13.01
C GLU O 42 43.29 2.35 13.73
N ILE O 43 43.98 1.99 14.81
CA ILE O 43 44.65 2.98 15.64
C ILE O 43 46.06 3.28 15.15
N ASN O 44 46.36 4.58 15.03
CA ASN O 44 47.68 5.08 14.66
C ASN O 44 48.32 5.85 15.83
N TYR O 45 49.63 6.04 15.76
CA TYR O 45 50.42 6.58 16.86
C TYR O 45 51.85 6.99 16.42
N ALA O 46 52.40 8.01 17.08
CA ALA O 46 53.81 8.37 16.89
C ALA O 46 54.57 8.28 18.22
N PRO O 47 55.70 7.56 18.23
CA PRO O 47 56.54 7.54 19.42
C PRO O 47 57.00 8.94 19.80
N ARG O 48 57.28 9.13 21.08
CA ARG O 48 57.84 10.40 21.57
C ARG O 48 59.28 10.55 21.04
N PRO O 49 59.74 11.79 20.82
CA PRO O 49 61.07 11.99 20.21
C PRO O 49 62.20 11.25 20.95
N GLU O 50 62.20 11.28 22.28
CA GLU O 50 63.21 10.58 23.07
C GLU O 50 63.27 9.12 22.69
N ALA O 51 62.12 8.54 22.35
CA ALA O 51 62.03 7.12 22.02
C ALA O 51 62.86 6.75 20.77
N GLY O 52 63.21 7.75 19.98
CA GLY O 52 63.99 7.55 18.77
C GLY O 52 65.49 7.44 18.98
N ALA O 53 65.95 7.66 20.22
CA ALA O 53 67.40 7.66 20.54
C ALA O 53 68.16 6.35 20.27
N SER O 54 67.47 5.21 20.31
CA SER O 54 68.05 3.90 19.96
C SER O 54 66.96 2.90 19.56
N LYS O 55 67.36 1.81 18.90
CA LYS O 55 66.44 0.77 18.44
C LYS O 55 65.69 0.13 19.60
N GLU O 56 66.39 -0.05 20.72
CA GLU O 56 65.79 -0.62 21.92
C GLU O 56 64.73 0.28 22.56
N LYS O 57 65.00 1.58 22.65
CA LYS O 57 64.07 2.53 23.26
C LYS O 57 62.80 2.64 22.43
N LEU O 58 62.99 2.51 21.11
CA LEU O 58 61.91 2.62 20.15
C LEU O 58 61.00 1.40 20.22
N ILE O 59 61.62 0.21 20.29
CA ILE O 59 60.88 -1.02 20.49
C ILE O 59 60.09 -0.92 21.79
N LYS O 60 60.75 -0.47 22.85
CA LYS O 60 60.09 -0.32 24.14
C LYS O 60 58.81 0.51 24.01
N GLU O 61 58.93 1.68 23.40
CA GLU O 61 57.81 2.58 23.16
C GLU O 61 56.63 1.87 22.49
N TYR O 62 56.91 1.19 21.38
CA TYR O 62 55.87 0.54 20.62
C TYR O 62 55.23 -0.61 21.40
N GLU O 63 56.01 -1.25 22.26
CA GLU O 63 55.47 -2.29 23.15
C GLU O 63 54.39 -1.72 24.08
N ARG O 64 54.66 -0.54 24.59
CA ARG O 64 53.73 0.12 25.50
C ARG O 64 52.49 0.53 24.73
N ILE O 65 52.72 1.12 23.56
CA ILE O 65 51.65 1.48 22.68
C ILE O 65 50.74 0.26 22.44
N THR O 66 51.32 -0.88 22.07
CA THR O 66 50.56 -2.07 21.71
C THR O 66 49.83 -2.64 22.91
N THR O 67 50.51 -2.66 24.05
CA THR O 67 49.91 -3.19 25.28
C THR O 67 48.74 -2.30 25.70
N ASP O 68 48.95 -0.99 25.69
CA ASP O 68 47.89 -0.06 26.10
C ASP O 68 46.62 -0.24 25.27
N VAL O 69 46.78 -0.39 23.95
CA VAL O 69 45.67 -0.56 23.01
C VAL O 69 44.94 -1.89 23.23
N MET O 70 45.69 -3.00 23.18
CA MET O 70 45.06 -4.31 23.36
C MET O 70 44.28 -4.37 24.67
N GLU O 71 44.88 -3.82 25.72
CA GLU O 71 44.26 -3.76 27.05
C GLU O 71 42.95 -2.95 27.05
N ARG O 72 42.95 -1.80 26.41
CA ARG O 72 41.75 -0.98 26.33
C ARG O 72 40.65 -1.72 25.60
N MET O 73 40.98 -2.36 24.47
CA MET O 73 39.98 -3.06 23.66
C MET O 73 39.25 -4.14 24.44
N VAL O 74 40.00 -4.94 25.18
CA VAL O 74 39.34 -6.04 25.92
C VAL O 74 38.57 -5.51 27.10
N GLN O 75 38.99 -4.37 27.68
CA GLN O 75 38.35 -3.80 28.88
C GLN O 75 36.94 -3.23 28.56
N VAL O 76 36.73 -2.81 27.31
CA VAL O 76 35.48 -2.24 26.87
C VAL O 76 34.66 -3.21 25.98
N GLY O 77 35.21 -4.38 25.67
CA GLY O 77 34.43 -5.43 25.04
C GLY O 77 34.39 -5.31 23.54
N PHE O 78 35.39 -4.67 22.96
CA PHE O 78 35.44 -4.53 21.51
C PHE O 78 35.93 -5.79 20.87
N PRO O 79 35.31 -6.19 19.76
CA PRO O 79 35.71 -7.52 19.24
C PRO O 79 36.94 -7.51 18.33
N ALA O 80 37.45 -6.35 17.93
CA ALA O 80 38.43 -6.30 16.85
C ALA O 80 39.22 -5.02 16.84
N ILE O 81 40.44 -5.06 16.30
CA ILE O 81 41.29 -3.91 16.27
C ILE O 81 42.43 -4.09 15.29
N ILE O 82 42.78 -3.03 14.58
CA ILE O 82 44.00 -3.01 13.78
C ILE O 82 44.93 -1.95 14.36
N LEU O 83 46.21 -2.28 14.43
CA LEU O 83 47.20 -1.27 14.78
C LEU O 83 48.02 -0.93 13.56
N GLU O 84 48.17 0.35 13.28
CA GLU O 84 49.04 0.75 12.17
C GLU O 84 50.29 1.43 12.70
N THR O 85 51.44 0.94 12.27
CA THR O 85 52.70 1.58 12.64
C THR O 85 53.30 2.28 11.42
N GLU O 86 53.20 3.61 11.36
CA GLU O 86 53.90 4.38 10.31
C GLU O 86 55.34 4.51 10.75
N HIS O 87 56.24 3.92 10.00
CA HIS O 87 57.65 3.94 10.31
C HIS O 87 58.17 5.36 10.50
N VAL O 88 59.01 5.55 11.53
CA VAL O 88 59.85 6.73 11.56
C VAL O 88 60.93 6.46 10.55
N GLN O 89 61.61 7.49 10.09
CA GLN O 89 62.57 7.31 8.99
C GLN O 89 63.63 6.24 9.29
N GLN O 90 64.10 6.17 10.53
CA GLN O 90 65.13 5.21 10.89
C GLN O 90 64.64 3.75 10.88
N MET O 91 63.34 3.53 11.04
CA MET O 91 62.78 2.17 10.92
C MET O 91 62.76 1.63 9.49
N SER O 92 62.67 2.52 8.51
CA SER O 92 62.71 2.12 7.12
C SER O 92 64.12 2.17 6.54
N ASN O 93 64.92 3.16 6.95
CA ASN O 93 66.31 3.17 6.50
C ASN O 93 67.13 2.00 7.07
N ASN O 94 66.68 1.42 8.19
CA ASN O 94 67.28 0.20 8.72
C ASN O 94 66.23 -0.90 8.83
N PRO O 95 66.06 -1.69 7.76
CA PRO O 95 65.02 -2.73 7.68
C PRO O 95 64.82 -3.55 8.98
N SER O 96 65.90 -4.01 9.61
CA SER O 96 65.80 -4.77 10.84
C SER O 96 65.10 -4.01 12.01
N TRP O 97 65.16 -2.68 12.03
CA TRP O 97 64.48 -1.90 13.10
C TRP O 97 62.97 -1.99 12.96
N GLY O 98 62.47 -1.83 11.74
CA GLY O 98 61.05 -1.99 11.45
C GLY O 98 60.68 -3.44 11.72
N ALA O 99 61.54 -4.35 11.30
CA ALA O 99 61.25 -5.75 11.44
C ALA O 99 61.12 -6.13 12.90
N GLU O 100 61.97 -5.59 13.76
CA GLU O 100 61.95 -5.95 15.18
C GLU O 100 60.77 -5.34 15.94
N VAL O 101 60.41 -4.11 15.60
CA VAL O 101 59.19 -3.49 16.12
C VAL O 101 57.97 -4.38 15.82
N ALA O 102 57.83 -4.77 14.54
CA ALA O 102 56.66 -5.52 14.10
C ALA O 102 56.56 -6.85 14.86
N HIS O 103 57.72 -7.48 15.03
CA HIS O 103 57.82 -8.67 15.83
C HIS O 103 57.38 -8.40 17.26
N ALA O 104 57.91 -7.33 17.86
CA ALA O 104 57.65 -7.03 19.27
C ALA O 104 56.16 -6.73 19.49
N GLN O 105 55.49 -6.15 18.48
CA GLN O 105 54.07 -5.81 18.53
C GLN O 105 53.20 -7.05 18.33
N LYS O 106 53.58 -7.90 17.37
CA LYS O 106 52.79 -9.08 17.06
C LYS O 106 52.77 -10.04 18.23
N THR O 107 53.89 -10.14 18.93
CA THR O 107 54.01 -10.96 20.13
C THR O 107 52.94 -10.61 21.18
N ILE O 108 52.85 -9.32 21.51
CA ILE O 108 51.84 -8.83 22.45
C ILE O 108 50.43 -9.11 21.92
N MET O 109 50.23 -8.86 20.63
CA MET O 109 48.96 -9.13 19.95
C MET O 109 48.53 -10.58 20.02
N GLU O 110 49.46 -11.50 19.73
CA GLU O 110 49.21 -12.94 19.81
C GLU O 110 48.79 -13.32 21.23
N LYS O 111 49.38 -12.65 22.22
CA LYS O 111 49.14 -13.05 23.60
C LYS O 111 47.72 -12.68 23.95
N TYR O 112 47.31 -11.48 23.58
CA TYR O 112 45.94 -11.04 23.82
C TYR O 112 44.93 -11.88 23.04
N HIS O 113 45.26 -12.18 21.78
CA HIS O 113 44.41 -13.03 20.93
C HIS O 113 44.23 -14.43 21.55
N ASP O 114 45.33 -15.01 22.01
CA ASP O 114 45.29 -16.32 22.69
C ASP O 114 44.46 -16.36 23.97
N GLU O 115 44.52 -15.30 24.77
CA GLU O 115 43.78 -15.25 26.03
C GLU O 115 42.32 -14.90 25.87
N TYR O 116 42.03 -13.94 25.02
CA TYR O 116 40.69 -13.35 24.95
C TYR O 116 39.91 -13.68 23.69
N GLY O 117 40.63 -14.01 22.61
CA GLY O 117 39.98 -14.29 21.33
C GLY O 117 39.69 -13.05 20.52
N ILE O 118 40.31 -11.92 20.88
CA ILE O 118 40.13 -10.68 20.13
C ILE O 118 40.75 -10.77 18.72
N LYS O 119 40.00 -10.38 17.70
CA LYS O 119 40.51 -10.38 16.33
C LYS O 119 41.37 -9.12 16.07
N CYS O 120 42.48 -9.30 15.35
CA CYS O 120 43.37 -8.17 15.07
C CYS O 120 44.39 -8.51 14.03
N ALA O 121 45.09 -7.45 13.61
CA ALA O 121 46.05 -7.50 12.52
C ALA O 121 46.91 -6.28 12.66
N LEU O 122 48.10 -6.36 12.11
CA LEU O 122 49.10 -5.31 12.22
C LEU O 122 49.40 -4.77 10.83
N ARG O 123 49.39 -3.45 10.71
CA ARG O 123 49.76 -2.75 9.50
C ARG O 123 51.10 -2.07 9.69
N HIS O 124 52.00 -2.27 8.74
CA HIS O 124 53.21 -1.50 8.73
C HIS O 124 53.22 -0.66 7.47
N THR O 125 53.35 0.65 7.67
CA THR O 125 53.49 1.57 6.57
C THR O 125 54.94 2.05 6.48
N ILE O 126 55.65 1.52 5.51
CA ILE O 126 57.07 1.85 5.28
C ILE O 126 57.21 3.30 4.81
N GLY O 127 58.32 3.93 5.20
CA GLY O 127 58.59 5.31 4.81
C GLY O 127 59.16 5.28 3.41
N ASP O 128 58.70 6.17 2.55
CA ASP O 128 59.24 6.23 1.20
C ASP O 128 60.54 6.99 1.35
N ILE O 129 61.61 6.23 1.42
CA ILE O 129 62.91 6.77 1.76
C ILE O 129 63.75 7.18 0.53
N ARG O 130 63.17 7.00 -0.66
CA ARG O 130 63.86 7.20 -1.94
C ARG O 130 64.10 8.71 -2.27
N GLU O 131 64.92 9.37 -1.47
CA GLU O 131 65.07 10.83 -1.51
C GLU O 131 66.28 11.30 -0.66
N ASN O 132 67.09 12.18 -1.23
CA ASN O 132 68.08 12.84 -0.40
C ASN O 132 67.70 14.31 -0.18
N ARG O 133 68.53 15.00 0.61
CA ARG O 133 68.42 16.44 0.86
C ARG O 133 68.05 17.28 -0.37
N GLU O 134 68.68 17.02 -1.51
CA GLU O 134 68.44 17.83 -2.71
C GLU O 134 67.39 17.31 -3.71
N PHE O 135 67.26 15.99 -3.91
CA PHE O 135 66.18 15.44 -4.75
C PHE O 135 65.63 14.05 -4.44
N LEU O 136 64.51 13.76 -5.10
CA LEU O 136 63.95 12.42 -5.18
C LEU O 136 64.91 11.50 -5.91
N GLN O 137 64.95 10.24 -5.48
CA GLN O 137 65.75 9.23 -6.15
C GLN O 137 64.94 7.93 -6.27
N LEU O 138 63.79 8.03 -6.94
CA LEU O 138 62.76 6.96 -6.96
C LEU O 138 63.22 5.60 -7.49
N ARG O 139 64.32 5.59 -8.24
CA ARG O 139 64.87 4.36 -8.84
C ARG O 139 66.35 4.15 -8.50
N GLY O 140 66.86 4.93 -7.55
CA GLY O 140 68.28 4.89 -7.16
C GLY O 140 68.69 3.85 -6.13
N ASP O 141 69.69 4.19 -5.32
CA ASP O 141 70.42 3.24 -4.45
C ASP O 141 69.57 2.65 -3.34
N LYS O 142 68.65 3.47 -2.86
CA LYS O 142 67.84 3.23 -1.68
C LYS O 142 66.60 2.40 -2.01
N TYR O 143 66.38 2.17 -3.31
CA TYR O 143 65.25 1.36 -3.77
C TYR O 143 65.25 0.01 -3.12
N SER O 144 66.34 -0.72 -3.27
CA SER O 144 66.44 -2.05 -2.70
C SER O 144 66.26 -2.04 -1.17
N VAL O 145 66.66 -0.95 -0.50
CA VAL O 145 66.45 -0.86 0.94
C VAL O 145 64.95 -0.72 1.23
N PHE O 146 64.27 0.04 0.37
CA PHE O 146 62.82 0.26 0.41
C PHE O 146 62.14 -1.10 0.45
N LEU O 147 62.46 -1.92 -0.53
CA LEU O 147 61.93 -3.25 -0.63
C LEU O 147 62.31 -4.10 0.57
N GLU O 148 63.56 -3.96 1.03
CA GLU O 148 64.02 -4.71 2.20
C GLU O 148 63.17 -4.43 3.41
N ALA O 149 62.77 -3.17 3.58
CA ALA O 149 61.91 -2.80 4.69
C ALA O 149 60.60 -3.61 4.65
N PHE O 150 59.88 -3.52 3.53
CA PHE O 150 58.70 -4.34 3.28
C PHE O 150 58.90 -5.80 3.65
N GLU O 151 59.86 -6.48 3.01
CA GLU O 151 59.93 -7.91 3.25
C GLU O 151 60.39 -8.30 4.64
N GLN O 152 61.22 -7.47 5.27
CA GLN O 152 61.68 -7.73 6.64
C GLN O 152 60.50 -7.67 7.60
N CYS O 153 59.69 -6.63 7.46
CA CYS O 153 58.50 -6.48 8.29
C CYS O 153 57.48 -7.61 8.07
N ALA O 154 57.18 -7.90 6.81
CA ALA O 154 56.26 -8.97 6.41
C ALA O 154 56.67 -10.31 6.98
N GLU O 155 57.98 -10.52 7.08
CA GLU O 155 58.48 -11.77 7.61
C GLU O 155 58.41 -11.84 9.12
N ASN O 156 58.25 -10.68 9.76
CA ASN O 156 58.27 -10.60 11.23
C ASN O 156 57.01 -10.08 11.91
N GLY O 157 55.84 -10.29 11.31
CA GLY O 157 54.59 -10.06 12.02
C GLY O 157 53.66 -9.01 11.47
N ALA O 158 54.13 -8.20 10.54
CA ALA O 158 53.26 -7.31 9.83
C ALA O 158 52.33 -8.12 8.88
N ASP O 159 51.03 -7.81 8.91
CA ASP O 159 50.01 -8.49 8.10
C ASP O 159 49.63 -7.70 6.86
N LEU O 160 49.66 -6.37 7.01
CA LEU O 160 49.25 -5.48 5.95
C LEU O 160 50.42 -4.59 5.63
N LEU O 161 50.66 -4.40 4.33
CA LEU O 161 51.78 -3.62 3.86
C LEU O 161 51.33 -2.36 3.14
N SER O 162 51.82 -1.22 3.59
CA SER O 162 51.56 0.05 2.92
C SER O 162 52.76 0.99 2.79
N VAL O 163 52.53 2.06 2.02
CA VAL O 163 53.42 3.21 1.95
C VAL O 163 52.57 4.37 1.45
N GLU O 164 53.00 5.59 1.76
CA GLU O 164 52.48 6.84 1.18
C GLU O 164 53.58 7.38 0.26
N SER O 165 53.55 7.00 -1.00
CA SER O 165 54.69 7.19 -1.91
C SER O 165 54.79 8.60 -2.47
N MET O 166 55.95 8.97 -3.01
CA MET O 166 56.22 10.37 -3.41
C MET O 166 56.27 10.64 -4.94
N GLY O 167 55.81 9.70 -5.75
CA GLY O 167 55.81 9.92 -7.18
C GLY O 167 55.14 11.22 -7.52
N GLY O 168 55.89 12.11 -8.18
CA GLY O 168 55.37 13.40 -8.65
C GLY O 168 55.27 14.46 -7.58
N LYS O 169 55.94 14.26 -6.47
CA LYS O 169 55.85 15.18 -5.33
C LYS O 169 56.51 16.53 -5.64
N GLU O 170 57.69 16.46 -6.26
CA GLU O 170 58.50 17.64 -6.60
C GLU O 170 57.72 18.61 -7.52
N VAL O 171 57.12 18.10 -8.58
CA VAL O 171 56.37 18.94 -9.50
C VAL O 171 55.06 19.41 -8.88
N PHE O 172 54.48 18.57 -8.02
CA PHE O 172 53.29 18.95 -7.28
C PHE O 172 53.59 20.15 -6.38
N ASP O 173 54.71 20.11 -5.65
CA ASP O 173 55.02 21.17 -4.68
C ASP O 173 55.10 22.53 -5.36
N TYR O 174 55.55 22.49 -6.61
CA TYR O 174 55.73 23.67 -7.40
C TYR O 174 54.39 24.15 -7.95
N ALA O 175 53.63 23.25 -8.54
CA ALA O 175 52.36 23.60 -9.19
C ALA O 175 51.26 24.01 -8.21
N VAL O 176 51.18 23.41 -7.01
CA VAL O 176 50.08 23.71 -6.06
C VAL O 176 50.20 25.13 -5.47
N LEU O 177 51.42 25.63 -5.45
CA LEU O 177 51.71 26.94 -4.93
C LEU O 177 51.45 28.04 -5.97
N ARG O 178 50.94 27.68 -7.15
CA ARG O 178 50.85 28.61 -8.28
C ARG O 178 49.60 28.46 -9.15
N ASN O 179 48.60 27.76 -8.63
CA ASN O 179 47.40 27.44 -9.43
C ASN O 179 47.65 26.84 -10.82
N ASP O 180 48.77 26.14 -10.97
CA ASP O 180 49.12 25.43 -12.20
C ASP O 180 48.35 24.12 -12.26
N ILE O 181 47.12 24.17 -12.77
CA ILE O 181 46.28 22.95 -12.86
C ILE O 181 46.87 21.89 -13.78
N PRO O 182 47.28 22.25 -15.03
CA PRO O 182 47.92 21.20 -15.81
C PRO O 182 49.08 20.52 -15.07
N GLY O 183 49.85 21.27 -14.28
CA GLY O 183 50.95 20.67 -13.53
C GLY O 183 50.47 19.65 -12.49
N LEU O 184 49.36 20.01 -11.83
CA LEU O 184 48.65 19.09 -10.97
C LEU O 184 48.29 17.82 -11.74
N LEU O 185 47.66 17.97 -12.91
CA LEU O 185 47.25 16.81 -13.73
C LEU O 185 48.47 15.95 -13.98
N TYR O 186 49.54 16.61 -14.37
CA TYR O 186 50.80 15.97 -14.69
C TYR O 186 51.43 15.24 -13.52
N SER O 187 51.67 15.98 -12.44
CA SER O 187 52.37 15.45 -11.26
C SER O 187 51.60 14.30 -10.59
N ILE O 188 50.35 14.56 -10.21
CA ILE O 188 49.48 13.53 -9.65
C ILE O 188 49.09 12.40 -10.64
N GLY O 189 48.43 12.76 -11.74
CA GLY O 189 47.87 11.77 -12.68
C GLY O 189 48.82 10.99 -13.58
N CYS O 190 49.92 11.60 -13.98
CA CYS O 190 50.90 10.91 -14.82
C CYS O 190 52.10 10.45 -14.03
N LEU O 191 52.88 11.38 -13.48
CA LEU O 191 54.10 11.01 -12.79
C LEU O 191 53.80 10.04 -11.65
N GLY O 192 52.79 10.39 -10.86
CA GLY O 192 52.28 9.58 -9.77
C GLY O 192 51.94 8.18 -10.26
N SER O 193 50.99 8.11 -11.19
CA SER O 193 50.57 6.82 -11.74
C SER O 193 51.77 5.96 -12.16
N ILE O 194 52.73 6.58 -12.89
CA ILE O 194 53.91 5.85 -13.37
C ILE O 194 54.69 5.23 -12.24
N ASP O 195 55.07 6.04 -11.23
CA ASP O 195 55.84 5.52 -10.08
C ASP O 195 55.05 4.51 -9.23
N MET O 196 53.73 4.70 -9.17
CA MET O 196 52.83 3.77 -8.48
C MET O 196 52.94 2.38 -9.08
N GLU O 197 52.88 2.30 -10.40
CA GLU O 197 52.98 1.01 -11.03
C GLU O 197 54.32 0.30 -10.76
N LEU O 198 55.39 1.07 -10.70
CA LEU O 198 56.68 0.50 -10.42
C LEU O 198 56.70 -0.14 -9.01
N ILE O 199 56.37 0.63 -7.98
CA ILE O 199 56.53 0.15 -6.62
C ILE O 199 55.53 -0.92 -6.19
N TRP O 200 54.29 -0.83 -6.70
CA TRP O 200 53.25 -1.73 -6.26
C TRP O 200 53.35 -3.11 -6.87
N THR O 201 53.93 -3.16 -8.07
CA THR O 201 54.31 -4.43 -8.71
C THR O 201 55.27 -5.19 -7.79
N ASP O 202 56.34 -4.53 -7.35
CA ASP O 202 57.30 -5.13 -6.42
C ASP O 202 56.76 -5.43 -5.00
N ILE O 203 55.93 -4.53 -4.46
CA ILE O 203 55.32 -4.72 -3.13
C ILE O 203 54.38 -5.92 -3.13
N SER O 204 53.48 -5.99 -4.10
CA SER O 204 52.59 -7.16 -4.22
C SER O 204 53.38 -8.46 -4.33
N LYS O 205 54.49 -8.43 -5.06
CA LYS O 205 55.35 -9.61 -5.21
C LYS O 205 55.91 -10.04 -3.85
N ILE O 206 56.36 -9.07 -3.06
CA ILE O 206 56.87 -9.36 -1.71
C ILE O 206 55.77 -9.88 -0.79
N ALA O 207 54.57 -9.30 -0.96
CA ALA O 207 53.43 -9.68 -0.13
C ALA O 207 53.08 -11.13 -0.42
N LYS O 208 53.01 -11.48 -1.69
CA LYS O 208 52.71 -12.83 -2.09
C LYS O 208 53.74 -13.86 -1.53
N LYS O 209 55.03 -13.55 -1.68
CA LYS O 209 56.08 -14.47 -1.28
C LYS O 209 56.11 -14.72 0.22
N THR O 210 55.76 -13.70 1.00
CA THR O 210 55.76 -13.76 2.46
C THR O 210 54.39 -14.11 3.06
N GLY O 211 53.39 -14.34 2.20
CA GLY O 211 52.05 -14.70 2.65
C GLY O 211 51.35 -13.58 3.40
N THR O 212 51.63 -12.34 3.03
CA THR O 212 50.97 -11.22 3.70
C THR O 212 50.17 -10.42 2.71
N ILE O 213 49.67 -9.28 3.16
CA ILE O 213 48.74 -8.53 2.32
C ILE O 213 49.25 -7.20 1.76
N SER O 214 49.21 -7.11 0.44
CA SER O 214 49.55 -5.90 -0.26
C SER O 214 48.34 -4.99 -0.14
N ALA O 215 48.40 -4.04 0.80
CA ALA O 215 47.22 -3.30 1.21
C ALA O 215 46.91 -2.09 0.31
N GLY O 216 47.84 -1.13 0.22
CA GLY O 216 47.62 0.03 -0.65
C GLY O 216 48.36 1.31 -0.24
N ASP O 217 48.21 2.34 -1.07
CA ASP O 217 48.95 3.56 -0.96
C ASP O 217 47.93 4.66 -0.58
N THR O 218 48.31 5.93 -0.76
CA THR O 218 47.52 7.14 -0.46
C THR O 218 48.17 8.29 -1.20
N ASP O 219 47.39 9.18 -1.79
CA ASP O 219 47.97 10.38 -2.36
C ASP O 219 48.31 11.46 -1.35
N CYS O 220 48.64 11.05 -0.14
CA CYS O 220 48.91 11.96 0.96
C CYS O 220 49.91 13.06 0.60
N ALA O 221 50.97 12.71 -0.13
CA ALA O 221 52.02 13.65 -0.47
C ALA O 221 51.64 14.70 -1.53
N GLN O 222 50.43 14.62 -2.08
CA GLN O 222 49.95 15.65 -3.01
C GLN O 222 48.57 16.12 -2.60
N ALA O 223 47.57 15.28 -2.84
CA ALA O 223 46.19 15.60 -2.47
C ALA O 223 46.04 16.12 -1.03
N ASN O 224 46.66 15.47 -0.04
CA ASN O 224 46.51 15.96 1.37
C ASN O 224 47.22 17.30 1.63
N THR O 225 48.48 17.44 1.18
CA THR O 225 49.15 18.74 1.12
C THR O 225 48.22 19.84 0.58
N ALA O 226 47.54 19.58 -0.53
CA ALA O 226 46.59 20.57 -1.08
C ALA O 226 45.49 20.91 -0.08
N MET O 227 44.86 19.89 0.48
CA MET O 227 43.79 20.06 1.45
C MET O 227 44.30 20.83 2.65
N PHE O 228 45.51 20.55 3.09
CA PHE O 228 45.99 21.20 4.29
C PHE O 228 46.27 22.69 4.09
N ILE O 229 46.96 22.99 3.00
CA ILE O 229 47.21 24.36 2.63
C ILE O 229 45.86 25.06 2.48
N GLY O 230 44.89 24.33 1.96
CA GLY O 230 43.52 24.84 1.82
C GLY O 230 42.95 25.23 3.17
N GLY O 231 43.35 24.51 4.22
CA GLY O 231 42.93 24.78 5.59
C GLY O 231 41.43 24.87 5.78
N GLY O 232 41.00 25.67 6.77
CA GLY O 232 39.58 25.79 7.12
C GLY O 232 38.78 26.65 6.17
N LEU O 233 37.48 26.76 6.41
CA LEU O 233 36.63 27.60 5.58
C LEU O 233 37.19 29.02 5.40
N LEU O 234 37.88 29.58 6.39
CA LEU O 234 38.31 30.98 6.33
C LEU O 234 39.76 31.18 5.91
N ASN O 235 40.44 30.14 5.47
CA ASN O 235 41.83 30.31 5.08
C ASN O 235 41.97 31.05 3.76
N LYS O 236 43.21 31.39 3.41
CA LYS O 236 43.51 32.15 2.20
C LYS O 236 44.76 31.64 1.47
N ASN O 237 45.04 30.35 1.58
CA ASN O 237 46.24 29.78 0.97
C ASN O 237 45.99 28.85 -0.23
N LEU O 238 44.76 28.35 -0.38
CA LEU O 238 44.36 27.63 -1.58
C LEU O 238 42.85 27.52 -1.66
N ALA O 239 42.30 28.00 -2.78
CA ALA O 239 40.89 27.81 -3.10
C ALA O 239 40.51 26.34 -2.90
N HIS O 240 39.47 26.10 -2.11
CA HIS O 240 39.00 24.75 -1.88
C HIS O 240 38.54 24.07 -3.17
N THR O 241 38.13 24.87 -4.16
CA THR O 241 37.76 24.35 -5.47
C THR O 241 38.97 23.85 -6.25
N ILE O 242 40.16 24.32 -5.92
CA ILE O 242 41.34 23.69 -6.52
C ILE O 242 41.75 22.43 -5.70
N ALA O 243 41.63 22.54 -4.38
CA ALA O 243 41.88 21.39 -3.52
C ALA O 243 41.11 20.15 -4.01
N VAL O 244 39.83 20.32 -4.28
CA VAL O 244 38.94 19.21 -4.65
C VAL O 244 39.34 18.60 -5.98
N ILE O 245 39.86 19.42 -6.89
CA ILE O 245 40.33 18.91 -8.19
C ILE O 245 41.59 18.04 -7.98
N ALA O 246 42.49 18.50 -7.11
CA ALA O 246 43.66 17.67 -6.80
C ALA O 246 43.19 16.30 -6.32
N ARG O 247 42.09 16.29 -5.57
CA ARG O 247 41.58 15.05 -5.00
C ARG O 247 41.09 14.12 -6.10
N ALA O 248 40.26 14.67 -7.01
CA ALA O 248 39.72 13.87 -8.11
C ALA O 248 40.86 13.27 -8.93
N ILE O 249 41.88 14.09 -9.23
CA ILE O 249 43.04 13.56 -9.94
C ILE O 249 43.73 12.42 -9.19
N SER O 250 43.72 12.47 -7.87
CA SER O 250 44.45 11.48 -7.08
C SER O 250 43.87 10.07 -7.17
N ALA O 251 42.56 9.97 -7.37
CA ALA O 251 41.89 8.66 -7.43
C ALA O 251 42.44 7.70 -8.51
N PRO O 252 42.56 8.12 -9.78
CA PRO O 252 43.22 7.18 -10.70
C PRO O 252 44.71 6.95 -10.39
N ARG O 253 45.34 7.88 -9.69
CA ARG O 253 46.71 7.62 -9.26
C ARG O 253 46.70 6.52 -8.22
N SER O 254 45.87 6.66 -7.18
CA SER O 254 45.86 5.67 -6.09
C SER O 254 45.31 4.34 -6.57
N LEU O 255 44.42 4.40 -7.55
CA LEU O 255 43.92 3.23 -8.25
C LEU O 255 45.01 2.26 -8.71
N VAL O 256 46.16 2.80 -9.08
CA VAL O 256 47.21 2.00 -9.71
C VAL O 256 47.72 0.93 -8.76
N ALA O 257 47.73 1.22 -7.46
CA ALA O 257 48.15 0.23 -6.47
C ALA O 257 47.41 -1.06 -6.69
N TYR O 258 46.10 -0.95 -6.92
CA TYR O 258 45.23 -2.12 -6.98
C TYR O 258 45.29 -2.78 -8.34
N GLU O 259 45.42 -2.00 -9.41
CA GLU O 259 45.75 -2.53 -10.73
C GLU O 259 47.09 -3.31 -10.70
N ALA O 260 48.01 -2.90 -9.84
CA ALA O 260 49.30 -3.59 -9.74
C ALA O 260 49.37 -4.69 -8.67
N GLY O 261 48.24 -5.04 -8.07
CA GLY O 261 48.19 -6.24 -7.24
C GLY O 261 47.84 -6.05 -5.77
N ALA O 262 47.61 -4.80 -5.36
CA ALA O 262 47.14 -4.52 -4.01
C ALA O 262 45.68 -4.96 -3.92
N VAL O 263 45.22 -5.24 -2.70
CA VAL O 263 43.84 -5.77 -2.53
C VAL O 263 43.03 -5.02 -1.47
N GLY O 264 43.62 -4.02 -0.82
CA GLY O 264 42.96 -3.32 0.29
C GLY O 264 43.33 -3.96 1.62
N PRO O 265 43.01 -3.29 2.75
CA PRO O 265 42.33 -1.97 2.75
C PRO O 265 43.28 -0.84 2.42
N GLY O 266 42.87 0.13 1.59
CA GLY O 266 43.68 1.31 1.36
C GLY O 266 44.00 2.12 2.60
N LYS O 267 45.03 2.97 2.50
CA LYS O 267 45.47 3.77 3.65
C LYS O 267 44.44 4.80 4.05
N ASP O 268 44.25 4.93 5.36
CA ASP O 268 43.31 5.87 5.96
C ASP O 268 43.30 7.30 5.40
N CYS O 269 44.47 7.86 5.14
CA CYS O 269 44.50 9.26 4.70
C CYS O 269 44.21 9.40 3.18
N GLY O 270 43.96 8.28 2.51
CA GLY O 270 43.46 8.31 1.14
C GLY O 270 41.99 8.66 1.12
N TYR O 271 41.68 9.93 1.25
CA TYR O 271 40.30 10.35 1.21
C TYR O 271 39.67 9.91 -0.12
N GLU O 272 40.46 9.93 -1.20
CA GLU O 272 40.05 9.45 -2.54
C GLU O 272 39.62 7.98 -2.56
N ASN O 273 39.96 7.25 -1.48
CA ASN O 273 39.64 5.81 -1.38
C ASN O 273 38.14 5.52 -1.69
N ILE O 274 37.25 6.51 -1.48
CA ILE O 274 35.85 6.27 -1.69
C ILE O 274 35.61 6.01 -3.17
N ILE O 275 36.22 6.83 -4.03
CA ILE O 275 36.21 6.65 -5.48
C ILE O 275 36.88 5.34 -5.86
N VAL O 276 37.99 4.99 -5.19
CA VAL O 276 38.70 3.76 -5.55
C VAL O 276 37.83 2.52 -5.25
N LYS O 277 37.13 2.57 -4.12
CA LYS O 277 36.26 1.48 -3.71
C LYS O 277 35.13 1.27 -4.73
N ALA O 278 34.50 2.36 -5.16
CA ALA O 278 33.48 2.30 -6.20
C ALA O 278 33.99 1.53 -7.40
N ILE O 279 35.22 1.83 -7.81
CA ILE O 279 35.81 1.20 -8.99
C ILE O 279 36.16 -0.26 -8.71
N THR O 280 36.97 -0.49 -7.68
CA THR O 280 37.58 -1.79 -7.42
C THR O 280 36.78 -2.81 -6.62
N GLY O 281 35.80 -2.35 -5.82
CA GLY O 281 35.11 -3.24 -4.87
C GLY O 281 35.95 -3.76 -3.70
N MET O 282 37.12 -3.18 -3.51
CA MET O 282 38.04 -3.57 -2.44
C MET O 282 37.85 -2.71 -1.17
N PRO O 283 38.11 -3.29 0.01
CA PRO O 283 37.91 -2.55 1.27
C PRO O 283 38.86 -1.34 1.44
N MET O 284 38.43 -0.31 2.16
CA MET O 284 39.24 0.90 2.36
C MET O 284 39.19 1.41 3.82
N THR O 285 40.33 1.88 4.34
CA THR O 285 40.31 2.63 5.58
C THR O 285 40.07 4.11 5.30
N MET O 286 39.31 4.78 6.17
CA MET O 286 39.05 6.22 6.07
C MET O 286 39.37 6.92 7.39
N GLU O 287 39.47 8.25 7.35
CA GLU O 287 39.65 9.06 8.56
C GLU O 287 38.83 10.34 8.45
N GLY O 288 38.39 10.86 9.59
CA GLY O 288 37.51 12.02 9.60
C GLY O 288 37.40 12.54 11.00
N LYS O 289 36.17 12.65 11.50
CA LYS O 289 35.90 13.33 12.76
C LYS O 289 36.69 12.79 13.93
N THR O 290 37.11 11.52 13.85
CA THR O 290 37.88 10.91 14.94
C THR O 290 39.37 10.84 14.63
N SER O 291 39.84 11.68 13.70
CA SER O 291 41.28 11.92 13.49
C SER O 291 41.68 13.37 13.79
N THR O 292 40.86 14.09 14.53
CA THR O 292 41.16 15.48 14.86
C THR O 292 42.41 15.62 15.71
N CYS O 293 42.86 14.52 16.32
CA CYS O 293 44.18 14.50 16.97
C CYS O 293 45.33 14.78 16.00
N ALA O 294 45.10 14.51 14.72
CA ALA O 294 46.08 14.71 13.66
C ALA O 294 45.88 16.01 12.90
N HIS O 295 44.67 16.23 12.40
CA HIS O 295 44.39 17.41 11.58
C HIS O 295 42.90 17.65 11.50
N SER O 296 42.53 18.83 11.05
CA SER O 296 41.14 19.20 10.87
C SER O 296 40.74 18.83 9.45
N ASP O 297 39.46 18.53 9.23
CA ASP O 297 38.98 18.35 7.88
C ASP O 297 37.54 18.75 7.82
N VAL O 298 37.02 18.74 6.61
CA VAL O 298 35.76 19.38 6.33
C VAL O 298 34.74 18.33 5.86
N MET O 299 35.14 17.05 6.02
CA MET O 299 34.30 15.88 5.67
C MET O 299 34.24 14.81 6.76
N GLY O 300 34.10 15.26 8.00
CA GLY O 300 34.25 14.46 9.21
C GLY O 300 33.40 13.22 9.37
N ASN O 301 32.14 13.28 8.99
CA ASN O 301 31.26 12.12 9.03
C ASN O 301 31.17 11.43 7.67
N LEU O 302 31.10 12.23 6.60
CA LEU O 302 30.88 11.71 5.26
C LEU O 302 31.83 10.59 4.87
N VAL O 303 33.10 10.68 5.28
CA VAL O 303 34.12 9.66 4.99
C VAL O 303 33.78 8.28 5.59
N MET O 304 32.85 8.26 6.54
CA MET O 304 32.44 7.00 7.14
C MET O 304 31.49 6.26 6.20
N GLN O 305 30.84 7.03 5.31
CA GLN O 305 29.78 6.52 4.44
C GLN O 305 29.98 5.08 3.92
N CYS O 306 31.19 4.72 3.50
CA CYS O 306 31.45 3.39 2.95
C CYS O 306 32.81 2.86 3.44
N CYS O 307 33.27 3.34 4.59
CA CYS O 307 34.55 2.87 5.13
C CYS O 307 34.46 1.39 5.54
N ASP O 308 35.57 0.67 5.49
CA ASP O 308 35.67 -0.69 6.07
C ASP O 308 36.48 -0.67 7.36
N CYS O 309 37.38 0.30 7.47
CA CYS O 309 38.18 0.54 8.66
C CYS O 309 38.18 2.03 8.92
N TRP O 310 38.45 2.40 10.17
CA TRP O 310 38.20 3.75 10.64
C TRP O 310 39.39 4.19 11.48
N SER O 311 40.15 5.17 11.01
CA SER O 311 41.42 5.51 11.61
C SER O 311 41.46 6.90 12.25
N ASN O 312 42.38 7.07 13.22
CA ASN O 312 42.63 8.32 13.88
C ASN O 312 43.84 9.06 13.29
N GLU O 313 44.39 8.50 12.20
CA GLU O 313 45.52 9.07 11.45
C GLU O 313 46.85 9.06 12.22
N SER O 314 46.87 9.73 13.37
CA SER O 314 48.09 9.83 14.14
C SER O 314 47.86 10.59 15.43
N VAL O 315 48.55 10.19 16.49
CA VAL O 315 48.62 10.96 17.71
C VAL O 315 49.93 10.59 18.40
N GLU O 316 50.59 11.55 19.04
CA GLU O 316 51.76 11.24 19.85
C GLU O 316 51.37 10.35 21.02
N TYR O 317 52.21 9.38 21.32
CA TYR O 317 52.02 8.63 22.56
C TYR O 317 52.35 9.51 23.78
N HIS O 318 51.33 9.92 24.54
CA HIS O 318 51.51 10.56 25.86
C HIS O 318 50.23 10.41 26.70
N GLY O 319 50.25 10.94 27.92
CA GLY O 319 49.16 10.76 28.87
C GLY O 319 48.06 11.80 28.77
N GLU O 320 46.84 11.39 29.07
CA GLU O 320 45.71 12.29 29.18
C GLU O 320 45.09 11.85 30.47
N PHE O 321 44.10 12.61 30.94
CA PHE O 321 43.36 12.23 32.13
C PHE O 321 42.83 10.82 32.00
N GLY O 322 42.19 10.54 30.86
CA GLY O 322 41.48 9.28 30.62
C GLY O 322 42.34 8.07 30.34
N GLY O 323 43.65 8.25 30.31
CA GLY O 323 44.55 7.14 30.06
C GLY O 323 45.50 7.57 28.99
N THR O 324 46.17 6.59 28.41
CA THR O 324 47.11 6.87 27.37
C THR O 324 46.44 7.37 26.11
N THR O 325 47.14 8.21 25.40
CA THR O 325 46.66 8.81 24.16
C THR O 325 46.03 7.79 23.18
N VAL O 326 46.69 6.64 23.00
CA VAL O 326 46.21 5.64 22.03
C VAL O 326 45.07 4.82 22.63
N GLN O 327 44.88 4.91 23.94
CA GLN O 327 43.75 4.26 24.59
C GLN O 327 42.49 5.07 24.37
N CYS O 328 42.58 6.38 24.61
CA CYS O 328 41.48 7.29 24.41
C CYS O 328 40.96 7.19 22.99
N TRP O 329 41.82 7.42 21.99
CA TRP O 329 41.37 7.40 20.60
C TRP O 329 40.92 6.01 20.08
N SER O 330 41.52 4.92 20.58
CA SER O 330 41.04 3.64 20.09
C SER O 330 39.62 3.34 20.57
N GLU O 331 39.30 3.78 21.79
CA GLU O 331 37.93 3.60 22.30
C GLU O 331 36.92 4.35 21.43
N THR O 332 37.24 5.57 21.04
CA THR O 332 36.32 6.37 20.26
C THR O 332 36.13 5.80 18.83
N LEU O 333 37.23 5.44 18.18
CA LEU O 333 37.16 4.72 16.92
C LEU O 333 36.31 3.45 17.06
N ALA O 334 36.58 2.67 18.10
CA ALA O 334 35.93 1.37 18.28
C ALA O 334 34.44 1.51 18.52
N TYR O 335 34.05 2.57 19.21
CA TYR O 335 32.63 2.90 19.36
C TYR O 335 31.98 3.33 18.05
N ASP O 336 32.63 4.20 17.31
CA ASP O 336 32.12 4.61 16.01
C ASP O 336 31.83 3.36 15.19
N CYS O 337 32.74 2.37 15.31
CA CYS O 337 32.53 1.13 14.57
C CYS O 337 31.39 0.31 15.18
N ALA O 338 31.19 0.39 16.48
CA ALA O 338 30.08 -0.35 17.08
C ALA O 338 28.75 0.18 16.53
N LEU O 339 28.66 1.49 16.35
CA LEU O 339 27.44 2.09 15.85
C LEU O 339 27.16 1.57 14.44
N MET O 340 28.20 1.60 13.59
CA MET O 340 28.08 1.14 12.23
C MET O 340 27.64 -0.33 12.18
N ASN O 341 28.23 -1.15 13.05
CA ASN O 341 28.02 -2.61 13.02
C ASN O 341 26.64 -2.97 13.51
N THR O 342 26.14 -2.15 14.43
CA THR O 342 24.75 -2.26 14.88
C THR O 342 23.83 -1.96 13.68
N ALA O 343 24.21 -0.98 12.86
CA ALA O 343 23.40 -0.62 11.69
C ALA O 343 23.40 -1.78 10.70
N LEU O 344 24.56 -2.33 10.42
CA LEU O 344 24.72 -3.50 9.56
C LEU O 344 23.90 -4.67 10.03
N GLU O 345 23.87 -4.91 11.35
CA GLU O 345 23.27 -6.13 11.88
C GLU O 345 21.75 -6.06 11.85
N THR O 346 21.23 -4.85 12.03
CA THR O 346 19.78 -4.64 12.08
C THR O 346 19.25 -4.12 10.73
N LYS O 347 20.08 -4.23 9.68
CA LYS O 347 19.73 -3.74 8.31
C LYS O 347 19.39 -2.25 8.22
N ASN O 348 20.11 -1.41 8.95
CA ASN O 348 19.92 0.04 8.85
C ASN O 348 21.17 0.79 8.37
N ASP O 349 22.07 0.09 7.69
CA ASP O 349 23.32 0.69 7.26
C ASP O 349 23.16 1.76 6.17
N LYS O 350 22.25 1.54 5.23
CA LYS O 350 22.09 2.51 4.14
C LYS O 350 21.48 3.84 4.61
N VAL O 351 20.54 3.80 5.53
CA VAL O 351 19.99 5.05 6.05
C VAL O 351 21.13 5.77 6.76
N LEU O 352 21.85 5.07 7.65
CA LEU O 352 22.97 5.65 8.37
C LEU O 352 24.06 6.16 7.41
N ARG O 353 24.39 5.37 6.39
CA ARG O 353 25.30 5.81 5.35
C ARG O 353 24.89 7.17 4.76
N ASP O 354 23.61 7.30 4.40
CA ASP O 354 23.06 8.55 3.84
C ASP O 354 23.17 9.74 4.82
N LEU O 355 22.96 9.47 6.11
CA LEU O 355 23.03 10.50 7.15
C LEU O 355 24.45 11.06 7.25
N MET O 356 25.42 10.15 7.31
CA MET O 356 26.82 10.51 7.40
C MET O 356 27.18 11.34 6.20
N MET O 357 26.86 10.84 5.01
CA MET O 357 27.07 11.59 3.80
C MET O 357 26.42 12.96 3.88
N LEU O 358 25.15 13.01 4.28
CA LEU O 358 24.43 14.29 4.21
C LEU O 358 24.95 15.31 5.22
N SER O 359 25.46 14.84 6.36
CA SER O 359 26.04 15.75 7.34
C SER O 359 26.95 16.76 6.64
N ASP O 360 27.76 16.29 5.70
CA ASP O 360 28.82 17.11 5.13
C ASP O 360 28.71 17.41 3.65
N ARG O 361 27.75 16.83 2.92
CA ARG O 361 27.74 17.00 1.45
C ARG O 361 27.91 18.48 1.08
N TYR O 362 27.32 19.36 1.87
CA TYR O 362 27.26 20.79 1.54
C TYR O 362 28.27 21.66 2.28
N ARG O 363 29.12 21.03 3.11
CA ARG O 363 30.04 21.75 3.99
C ARG O 363 31.16 22.41 3.19
N ASP O 364 31.53 21.82 2.07
CA ASP O 364 32.68 22.27 1.26
C ASP O 364 32.72 21.55 -0.10
N PRO O 365 33.29 22.17 -1.14
CA PRO O 365 33.24 21.36 -2.35
C PRO O 365 34.06 20.08 -2.21
N GLN O 366 35.05 20.11 -1.32
CA GLN O 366 35.92 18.96 -1.08
C GLN O 366 35.13 17.78 -0.54
N ALA O 367 34.11 18.06 0.28
CA ALA O 367 33.25 17.04 0.82
C ALA O 367 32.21 16.67 -0.23
N TYR O 368 31.73 17.68 -0.95
CA TYR O 368 30.66 17.49 -1.91
C TYR O 368 30.98 16.41 -2.91
N MET O 369 32.16 16.48 -3.51
CA MET O 369 32.55 15.50 -4.52
C MET O 369 32.74 14.09 -3.96
N LEU O 370 33.03 14.00 -2.67
CA LEU O 370 33.43 12.75 -2.06
C LEU O 370 32.22 11.96 -1.60
N ALA O 371 31.05 12.62 -1.57
CA ALA O 371 29.79 11.94 -1.29
C ALA O 371 29.71 10.73 -2.19
N TYR O 372 29.33 9.59 -1.63
CA TYR O 372 29.44 8.31 -2.36
C TYR O 372 28.79 8.33 -3.77
N ASP O 373 27.71 9.08 -3.98
CA ASP O 373 27.07 9.08 -5.31
C ASP O 373 27.95 9.80 -6.35
N ASN O 374 28.51 10.94 -5.95
CA ASN O 374 29.41 11.72 -6.77
C ASN O 374 30.72 11.01 -6.95
N ALA O 375 31.22 10.43 -5.86
CA ALA O 375 32.44 9.64 -5.95
C ALA O 375 32.26 8.48 -6.93
N TYR O 376 31.10 7.84 -6.90
CA TYR O 376 30.82 6.80 -7.91
C TYR O 376 30.88 7.38 -9.31
N ARG O 377 30.38 8.60 -9.47
CA ARG O 377 30.31 9.26 -10.76
C ARG O 377 31.69 9.62 -11.31
N VAL O 378 32.61 10.01 -10.41
CA VAL O 378 34.00 10.25 -10.75
C VAL O 378 34.63 8.94 -11.15
N GLY O 379 34.31 7.89 -10.41
CA GLY O 379 34.75 6.56 -10.83
C GLY O 379 34.38 6.23 -12.26
N GLN O 380 33.15 6.55 -12.67
CA GLN O 380 32.67 6.26 -14.03
C GLN O 380 33.52 6.95 -15.08
N SER O 381 33.80 8.24 -14.85
CA SER O 381 34.57 9.02 -15.79
C SER O 381 36.01 8.51 -15.93
N ILE O 382 36.54 7.91 -14.85
CA ILE O 382 37.84 7.25 -14.91
C ILE O 382 37.82 5.98 -15.78
N VAL O 383 36.89 5.07 -15.55
CA VAL O 383 36.94 3.77 -16.23
C VAL O 383 36.56 3.78 -17.73
N LYS O 384 35.74 4.75 -18.16
CA LYS O 384 35.43 4.85 -19.60
C LYS O 384 36.67 5.10 -20.45
N ASP O 385 37.81 5.40 -19.80
CA ASP O 385 39.11 5.50 -20.48
C ASP O 385 40.22 4.86 -19.64
N GLY O 386 39.87 3.78 -18.95
CA GLY O 386 40.73 3.19 -17.94
C GLY O 386 42.13 2.79 -18.34
N ASP O 387 42.34 2.52 -19.63
CA ASP O 387 43.66 2.13 -20.16
C ASP O 387 44.64 3.28 -20.30
N ASN O 388 44.13 4.51 -20.28
CA ASN O 388 44.91 5.69 -20.52
C ASN O 388 45.13 6.49 -19.23
N ILE O 389 46.31 6.38 -18.62
CA ILE O 389 46.56 6.99 -17.32
C ILE O 389 46.32 8.49 -17.29
N TYR O 390 46.54 9.14 -18.43
CA TYR O 390 46.41 10.59 -18.57
C TYR O 390 44.97 11.00 -18.84
N LEU O 391 44.37 10.42 -19.87
CA LEU O 391 43.01 10.81 -20.23
C LEU O 391 42.03 10.45 -19.09
N ARG O 392 42.27 9.32 -18.41
CA ARG O 392 41.41 8.92 -17.28
C ARG O 392 41.50 9.95 -16.14
N ALA O 393 42.72 10.40 -15.82
CA ALA O 393 42.91 11.45 -14.83
C ALA O 393 42.25 12.77 -15.27
N LYS O 394 42.40 13.12 -16.54
CA LYS O 394 41.83 14.33 -17.07
C LYS O 394 40.31 14.24 -17.01
N ASN O 395 39.76 13.07 -17.39
CA ASN O 395 38.32 12.78 -17.25
C ASN O 395 37.85 13.09 -15.82
N ALA O 396 38.57 12.51 -14.84
CA ALA O 396 38.29 12.71 -13.42
C ALA O 396 38.27 14.18 -13.02
N ALA O 397 39.30 14.93 -13.36
CA ALA O 397 39.32 16.37 -13.06
C ALA O 397 38.15 17.14 -13.69
N ILE O 398 37.88 16.92 -14.98
CA ILE O 398 36.78 17.62 -15.64
C ILE O 398 35.45 17.16 -15.05
N GLU O 399 35.29 15.86 -14.80
CA GLU O 399 34.05 15.41 -14.15
C GLU O 399 33.84 16.02 -12.76
N CYS O 400 34.91 16.08 -11.95
CA CYS O 400 34.88 16.82 -10.67
C CYS O 400 34.31 18.24 -10.86
N CYS O 401 34.91 18.98 -11.79
CA CYS O 401 34.46 20.32 -12.15
C CYS O 401 32.97 20.37 -12.40
N ASN O 402 32.47 19.51 -13.28
CA ASN O 402 31.03 19.49 -13.59
C ASN O 402 30.19 19.21 -12.38
N ILE O 403 30.70 18.37 -11.47
CA ILE O 403 29.96 17.96 -10.28
C ILE O 403 29.81 19.14 -9.35
N ILE O 404 30.89 19.86 -9.10
CA ILE O 404 30.82 21.09 -8.27
C ILE O 404 29.90 22.15 -8.85
N GLU O 405 29.93 22.34 -10.17
CA GLU O 405 29.05 23.33 -10.82
C GLU O 405 27.60 22.96 -10.64
N GLU O 406 27.29 21.67 -10.71
CA GLU O 406 25.94 21.20 -10.47
C GLU O 406 25.51 21.41 -9.03
N GLY O 407 26.43 21.08 -8.11
CA GLY O 407 26.27 21.42 -6.71
C GLY O 407 25.98 22.90 -6.51
N ALA O 408 26.83 23.77 -7.04
CA ALA O 408 26.63 25.24 -6.89
C ALA O 408 25.29 25.73 -7.43
N ALA O 409 24.82 25.12 -8.51
CA ALA O 409 23.53 25.46 -9.07
C ALA O 409 22.41 25.09 -8.09
N GLY O 410 22.64 24.03 -7.30
CA GLY O 410 21.73 23.63 -6.23
C GLY O 410 22.06 24.37 -4.94
N LYS O 411 22.39 23.63 -3.89
CA LYS O 411 22.48 24.18 -2.52
C LYS O 411 23.90 24.36 -2.02
N LEU O 412 24.89 23.89 -2.79
CA LEU O 412 26.29 24.12 -2.44
C LEU O 412 26.56 25.60 -2.59
N GLU O 413 26.96 26.21 -1.48
CA GLU O 413 27.16 27.64 -1.40
C GLU O 413 28.66 28.00 -1.52
N LEU O 414 29.09 28.33 -2.73
CA LEU O 414 30.48 28.73 -2.96
C LEU O 414 30.67 30.23 -2.88
N SER O 415 31.82 30.67 -2.36
CA SER O 415 32.19 32.07 -2.46
C SER O 415 32.39 32.42 -3.93
N ARG O 416 32.40 33.71 -4.22
CA ARG O 416 32.72 34.20 -5.57
C ARG O 416 34.16 33.84 -5.96
N PHE O 417 35.07 33.90 -5.00
CA PHE O 417 36.46 33.49 -5.23
C PHE O 417 36.59 32.00 -5.59
N GLU O 418 35.87 31.13 -4.88
CA GLU O 418 35.86 29.69 -5.15
C GLU O 418 35.22 29.38 -6.50
N THR O 419 34.11 30.07 -6.79
CA THR O 419 33.41 29.96 -8.07
C THR O 419 34.35 30.32 -9.23
N LYS O 420 35.14 31.35 -9.05
CA LYS O 420 36.05 31.82 -10.09
C LYS O 420 37.26 30.88 -10.37
N ALA O 421 37.95 30.44 -9.31
CA ALA O 421 39.07 29.49 -9.43
C ALA O 421 38.69 28.18 -10.13
N LEU O 422 37.42 27.78 -9.97
CA LEU O 422 36.89 26.60 -10.62
C LEU O 422 36.71 26.80 -12.12
N ALA O 423 36.00 27.84 -12.52
CA ALA O 423 35.85 28.19 -13.94
C ALA O 423 37.21 28.22 -14.64
N ASP O 424 38.22 28.79 -13.96
CA ASP O 424 39.58 28.90 -14.50
C ASP O 424 40.24 27.53 -14.65
N ALA O 425 40.08 26.71 -13.63
CA ALA O 425 40.60 25.35 -13.62
C ALA O 425 39.98 24.55 -14.73
N LYS O 426 38.65 24.63 -14.84
CA LYS O 426 37.90 23.92 -15.88
C LYS O 426 38.37 24.34 -17.28
N ALA O 427 38.35 25.64 -17.57
CA ALA O 427 38.90 26.16 -18.83
C ALA O 427 40.31 25.61 -19.13
N ALA O 428 41.22 25.66 -18.15
CA ALA O 428 42.59 25.18 -18.34
C ALA O 428 42.62 23.70 -18.77
N LEU O 429 41.77 22.90 -18.14
CA LEU O 429 41.67 21.48 -18.43
C LEU O 429 40.97 21.21 -19.77
N GLU O 430 39.95 22.01 -20.12
CA GLU O 430 39.25 21.80 -21.40
C GLU O 430 40.10 22.15 -22.63
N ALA O 431 41.16 22.93 -22.40
CA ALA O 431 42.07 23.41 -23.43
C ALA O 431 43.16 22.41 -23.78
N LEU O 432 43.33 21.40 -22.92
CA LEU O 432 44.46 20.48 -23.03
C LEU O 432 44.28 19.49 -24.18
N PRO O 433 45.39 18.93 -24.70
CA PRO O 433 45.20 17.98 -25.79
C PRO O 433 44.55 16.66 -25.33
N ASP O 434 43.76 16.01 -26.18
CA ASP O 434 43.22 14.70 -25.82
C ASP O 434 44.27 13.60 -25.89
N ASP O 435 45.19 13.71 -26.85
CA ASP O 435 46.35 12.82 -27.00
C ASP O 435 47.28 12.87 -25.79
N MET O 436 47.71 11.69 -25.31
CA MET O 436 48.57 11.60 -24.11
C MET O 436 50.02 11.99 -24.41
N ASP O 437 50.57 11.45 -25.48
CA ASP O 437 51.97 11.71 -25.88
C ASP O 437 52.25 13.22 -26.02
N LYS O 438 51.27 13.96 -26.51
CA LYS O 438 51.37 15.40 -26.67
C LYS O 438 51.47 16.09 -25.31
N PHE O 439 50.59 15.74 -24.39
CA PHE O 439 50.63 16.32 -23.05
C PHE O 439 51.95 15.94 -22.38
N MET O 440 52.34 14.67 -22.46
CA MET O 440 53.54 14.19 -21.78
C MET O 440 54.81 14.91 -22.25
N ASP O 441 54.96 15.10 -23.56
CA ASP O 441 56.11 15.83 -24.10
C ASP O 441 56.10 17.29 -23.68
N ASP O 442 54.95 17.95 -23.83
CA ASP O 442 54.81 19.35 -23.46
C ASP O 442 55.24 19.62 -22.01
N CYS O 443 54.80 18.75 -21.09
CA CYS O 443 55.09 18.92 -19.67
C CYS O 443 56.54 18.64 -19.36
N LEU O 444 57.07 17.57 -19.95
CA LEU O 444 58.46 17.18 -19.70
C LEU O 444 59.42 18.34 -19.95
N THR O 445 59.22 19.05 -21.06
CA THR O 445 60.11 20.14 -21.41
C THR O 445 59.83 21.41 -20.57
N LYS O 446 58.56 21.70 -20.34
CA LYS O 446 58.15 22.77 -19.41
C LYS O 446 58.68 22.57 -17.99
N TYR O 447 58.47 21.40 -17.41
CA TYR O 447 58.82 21.25 -16.00
C TYR O 447 60.31 21.04 -15.77
N LYS O 448 60.99 20.44 -16.73
CA LYS O 448 62.46 20.38 -16.76
C LYS O 448 63.03 21.79 -16.63
N SER O 449 62.36 22.74 -17.27
CA SER O 449 62.78 24.13 -17.28
C SER O 449 62.30 24.97 -16.07
N GLU O 450 61.04 24.82 -15.68
CA GLU O 450 60.53 25.58 -14.52
C GLU O 450 60.93 25.00 -13.15
N VAL O 451 61.21 23.69 -13.10
CA VAL O 451 61.46 22.99 -11.84
C VAL O 451 62.84 22.34 -11.86
N LYS O 452 63.77 22.89 -11.12
CA LYS O 452 65.17 22.49 -11.22
C LYS O 452 65.48 21.15 -10.58
N VAL O 453 64.71 20.80 -9.55
CA VAL O 453 64.96 19.55 -8.82
C VAL O 453 64.36 18.34 -9.56
N PHE O 454 63.51 18.61 -10.56
CA PHE O 454 62.85 17.57 -11.36
C PHE O 454 63.86 16.73 -12.15
N LYS O 455 64.00 15.46 -11.76
CA LYS O 455 64.84 14.51 -12.48
C LYS O 455 63.98 13.51 -13.24
N PRO O 456 63.87 13.68 -14.57
CA PRO O 456 63.05 12.77 -15.38
C PRO O 456 63.45 11.29 -15.30
N GLU O 457 64.72 11.02 -15.03
CA GLU O 457 65.17 9.64 -14.86
C GLU O 457 64.44 8.95 -13.71
N ASN O 458 63.85 9.75 -12.82
CA ASN O 458 62.97 9.22 -11.76
C ASN O 458 61.69 8.55 -12.25
N TYR O 459 61.39 8.65 -13.55
CA TYR O 459 60.14 8.13 -14.09
C TYR O 459 60.39 7.25 -15.33
N GLY O 460 61.66 6.90 -15.54
CA GLY O 460 62.04 6.14 -16.73
C GLY O 460 62.09 6.98 -18.00
N PHE O 461 62.27 8.28 -17.83
CA PHE O 461 62.52 9.17 -18.97
C PHE O 461 64.03 9.40 -19.05
N MET P 1 18.03 8.11 -1.77
CA MET P 1 19.11 8.72 -0.93
C MET P 1 18.67 10.05 -0.33
N LEU P 2 19.16 10.33 0.87
CA LEU P 2 18.72 11.50 1.60
C LEU P 2 19.17 12.84 1.01
N ASP P 3 18.32 13.87 1.20
CA ASP P 3 18.69 15.26 0.93
C ASP P 3 18.04 16.23 1.93
N PHE P 4 18.70 17.37 2.13
CA PHE P 4 18.16 18.46 2.94
C PHE P 4 17.16 19.34 2.17
N THR P 5 16.21 19.94 2.87
CA THR P 5 15.53 21.10 2.32
C THR P 5 16.48 22.28 2.52
N GLU P 6 16.22 23.42 1.87
CA GLU P 6 17.00 24.64 2.10
C GLU P 6 16.99 25.13 3.57
N ALA P 7 15.82 25.06 4.20
CA ALA P 7 15.67 25.43 5.61
C ALA P 7 16.52 24.53 6.52
N SER P 8 16.49 23.22 6.28
CA SER P 8 17.29 22.29 7.08
C SER P 8 18.81 22.54 6.98
N LEU P 9 19.30 22.70 5.75
CA LEU P 9 20.72 22.91 5.49
C LEU P 9 21.20 24.15 6.25
N LYS P 10 20.36 25.18 6.28
CA LYS P 10 20.72 26.43 6.93
C LYS P 10 20.98 26.24 8.42
N LYS P 11 20.20 25.35 9.05
CA LYS P 11 20.34 25.02 10.47
C LYS P 11 21.58 24.16 10.78
N VAL P 12 21.92 23.24 9.88
CA VAL P 12 22.92 22.20 10.17
C VAL P 12 24.35 22.69 10.10
N LEU P 13 24.68 23.53 9.12
CA LEU P 13 26.02 24.08 9.04
C LEU P 13 26.00 25.47 8.42
N THR P 14 27.15 26.15 8.47
CA THR P 14 27.28 27.50 7.92
C THR P 14 28.65 27.68 7.28
N ARG P 15 28.70 27.96 5.98
CA ARG P 15 29.97 28.28 5.32
C ARG P 15 30.29 29.75 5.56
N TYR P 16 30.80 30.03 6.76
CA TYR P 16 31.07 31.40 7.25
C TYR P 16 31.87 32.31 6.31
N ASN P 17 32.74 31.73 5.48
CA ASN P 17 33.56 32.49 4.54
C ASN P 17 32.71 33.25 3.52
N VAL P 18 31.58 32.64 3.16
CA VAL P 18 30.70 33.19 2.12
C VAL P 18 30.12 34.58 2.46
N ALA P 19 29.44 34.73 3.59
CA ALA P 19 28.94 36.02 4.05
C ALA P 19 30.05 37.07 4.25
N LEU P 20 31.24 36.62 4.65
CA LEU P 20 32.36 37.53 4.91
C LEU P 20 33.05 38.08 3.68
N GLU P 21 32.73 37.57 2.50
CA GLU P 21 33.45 37.95 1.29
C GLU P 21 33.13 39.40 0.83
N LYS P 22 34.17 40.23 0.68
CA LYS P 22 34.00 41.62 0.21
C LYS P 22 33.39 41.69 -1.20
N ALA P 23 32.57 42.72 -1.43
CA ALA P 23 31.81 42.83 -2.67
C ALA P 23 32.71 43.08 -3.85
N LEU P 24 33.81 43.80 -3.62
CA LEU P 24 34.80 44.10 -4.66
C LEU P 24 35.47 42.87 -5.22
N THR P 25 35.67 42.83 -6.55
CA THR P 25 36.45 41.77 -7.16
C THR P 25 37.94 42.06 -6.92
N PRO P 26 38.81 41.01 -6.98
CA PRO P 26 40.22 41.23 -6.70
C PRO P 26 40.80 42.30 -7.61
N GLU P 27 40.42 42.23 -8.89
CA GLU P 27 40.78 43.22 -9.91
C GLU P 27 40.39 44.66 -9.51
N GLU P 28 39.13 44.85 -9.14
CA GLU P 28 38.64 46.18 -8.74
C GLU P 28 39.41 46.70 -7.54
N ALA P 29 39.70 45.80 -6.60
CA ALA P 29 40.38 46.13 -5.35
C ALA P 29 41.83 46.54 -5.59
N ALA P 30 42.47 45.84 -6.52
CA ALA P 30 43.83 46.16 -6.97
C ALA P 30 43.85 47.49 -7.72
N GLU P 31 42.80 47.74 -8.51
CA GLU P 31 42.65 48.95 -9.31
C GLU P 31 42.62 50.22 -8.47
N GLU P 32 42.00 50.16 -7.29
CA GLU P 32 42.01 51.29 -6.37
C GLU P 32 43.42 51.53 -5.86
N LEU P 33 44.20 50.47 -5.73
CA LEU P 33 45.48 50.52 -5.05
C LEU P 33 46.65 50.86 -5.96
N TYR P 34 46.43 50.74 -7.27
CA TYR P 34 47.47 50.95 -8.27
C TYR P 34 48.09 52.36 -8.24
N PRO P 35 49.43 52.44 -8.35
CA PRO P 35 50.10 53.69 -8.63
C PRO P 35 49.73 54.14 -10.04
N LYS P 36 49.08 55.28 -10.11
CA LYS P 36 48.51 55.79 -11.35
C LYS P 36 49.49 56.81 -11.97
N ASP P 37 50.73 56.35 -12.14
CA ASP P 37 51.80 57.15 -12.70
C ASP P 37 52.04 56.72 -14.15
N GLU P 38 50.95 56.34 -14.83
CA GLU P 38 50.93 56.16 -16.29
C GLU P 38 51.99 55.15 -16.83
N LEU P 39 53.24 55.35 -16.42
CA LEU P 39 54.36 54.51 -16.86
C LEU P 39 54.59 53.39 -15.85
N ILE P 40 54.39 53.70 -14.57
CA ILE P 40 54.51 52.70 -13.50
C ILE P 40 53.31 51.72 -13.55
N TYR P 41 52.13 52.27 -13.82
CA TYR P 41 50.85 51.53 -13.82
C TYR P 41 50.82 50.19 -14.55
N PRO P 42 51.39 50.11 -15.77
CA PRO P 42 51.32 48.79 -16.42
C PRO P 42 52.22 47.76 -15.73
N ILE P 43 53.27 48.23 -15.05
CA ILE P 43 54.22 47.34 -14.37
C ILE P 43 53.58 46.73 -13.12
N ALA P 44 52.97 47.57 -12.29
CA ALA P 44 52.24 47.16 -11.10
C ALA P 44 51.10 46.19 -11.38
N LYS P 45 50.32 46.48 -12.44
CA LYS P 45 49.21 45.63 -12.87
C LYS P 45 49.70 44.30 -13.44
N ALA P 46 50.90 44.29 -14.00
CA ALA P 46 51.48 43.05 -14.48
C ALA P 46 52.01 42.23 -13.30
N ILE P 47 52.56 42.90 -12.29
CA ILE P 47 52.94 42.21 -11.05
C ILE P 47 51.73 41.51 -10.42
N PHE P 48 50.63 42.24 -10.25
CA PHE P 48 49.40 41.68 -9.68
C PHE P 48 48.85 40.46 -10.45
N GLU P 49 48.98 40.49 -11.77
CA GLU P 49 48.44 39.44 -12.61
C GLU P 49 49.41 38.28 -12.79
N GLY P 50 50.62 38.43 -12.24
CA GLY P 50 51.67 37.41 -12.31
C GLY P 50 52.14 37.10 -13.72
N GLU P 51 51.98 38.08 -14.62
CA GLU P 51 52.29 37.95 -16.02
C GLU P 51 53.69 38.55 -16.25
N GLU P 52 54.72 37.72 -16.08
CA GLU P 52 56.12 38.16 -16.14
C GLU P 52 56.50 38.89 -17.44
N ASP P 53 55.98 38.40 -18.57
CA ASP P 53 56.25 38.98 -19.89
C ASP P 53 55.75 40.43 -19.99
N ASP P 54 54.63 40.71 -19.34
CA ASP P 54 54.09 42.05 -19.29
C ASP P 54 54.88 42.95 -18.33
N VAL P 55 55.55 42.34 -17.35
CA VAL P 55 56.38 43.09 -16.40
C VAL P 55 57.64 43.63 -17.09
N VAL P 56 58.35 42.74 -17.78
CA VAL P 56 59.57 43.08 -18.50
C VAL P 56 59.28 44.08 -19.63
N GLU P 57 58.33 43.72 -20.49
CA GLU P 57 57.89 44.57 -21.59
C GLU P 57 57.36 45.92 -21.11
N GLY P 58 56.72 45.93 -19.94
CA GLY P 58 56.24 47.18 -19.33
C GLY P 58 57.40 48.02 -18.82
N LEU P 59 58.45 47.34 -18.34
CA LEU P 59 59.67 47.99 -17.88
C LEU P 59 60.48 48.60 -19.03
N GLN P 60 60.55 47.88 -20.16
CA GLN P 60 61.31 48.35 -21.34
C GLN P 60 60.91 49.77 -21.74
N ALA P 61 59.61 50.02 -21.85
CA ALA P 61 59.06 51.33 -22.20
C ALA P 61 59.31 52.39 -21.13
N ALA P 62 59.69 51.96 -19.93
CA ALA P 62 59.91 52.87 -18.79
C ALA P 62 61.32 53.44 -18.71
N ILE P 63 62.32 52.62 -19.02
CA ILE P 63 63.70 53.11 -19.17
C ILE P 63 63.86 53.87 -20.48
N GLU P 64 62.88 53.70 -21.39
CA GLU P 64 62.88 54.42 -22.66
C GLU P 64 62.26 55.81 -22.58
N ALA P 65 60.98 55.90 -22.22
CA ALA P 65 60.30 57.20 -22.09
C ALA P 65 60.66 57.93 -20.79
N GLY P 66 61.38 57.22 -19.91
CA GLY P 66 61.95 57.82 -18.72
C GLY P 66 63.37 57.30 -18.60
N LYS P 67 63.75 56.90 -17.39
CA LYS P 67 65.07 56.35 -17.11
C LYS P 67 64.99 55.32 -15.98
N ASP P 68 65.90 55.43 -15.00
CA ASP P 68 65.87 54.67 -13.74
C ASP P 68 66.08 53.17 -13.90
N PRO P 69 67.33 52.75 -14.12
CA PRO P 69 67.56 51.32 -14.36
C PRO P 69 67.45 50.50 -13.08
N ILE P 70 67.69 51.15 -11.95
CA ILE P 70 67.83 50.50 -10.65
C ILE P 70 66.82 51.06 -9.66
N ASP P 71 66.16 52.14 -10.07
CA ASP P 71 65.18 52.82 -9.23
C ASP P 71 63.80 52.21 -9.40
N LEU P 72 63.56 51.61 -10.57
CA LEU P 72 62.28 50.97 -10.88
C LEU P 72 62.02 49.75 -10.00
N ILE P 73 63.09 49.26 -9.36
CA ILE P 73 63.00 48.20 -8.37
C ILE P 73 62.14 48.69 -7.22
N ASP P 74 62.49 49.83 -6.63
CA ASP P 74 61.69 50.40 -5.56
C ASP P 74 60.42 51.09 -6.07
N ASP P 75 60.52 51.75 -7.23
CA ASP P 75 59.46 52.64 -7.74
C ASP P 75 58.30 51.93 -8.44
N ALA P 76 58.60 50.83 -9.13
CA ALA P 76 57.57 50.09 -9.85
C ALA P 76 57.31 48.71 -9.24
N LEU P 77 58.36 47.89 -9.17
CA LEU P 77 58.24 46.50 -8.78
C LEU P 77 57.82 46.30 -7.31
N MET P 78 58.49 47.00 -6.39
CA MET P 78 58.14 46.97 -4.97
C MET P 78 56.76 47.56 -4.65
N VAL P 79 56.36 48.59 -5.38
CA VAL P 79 55.07 49.26 -5.15
C VAL P 79 53.93 48.38 -5.63
N GLY P 80 54.17 47.69 -6.74
CA GLY P 80 53.19 46.78 -7.32
C GLY P 80 53.07 45.57 -6.42
N MET P 81 54.19 45.23 -5.78
CA MET P 81 54.27 44.09 -4.90
C MET P 81 53.65 44.38 -3.54
N GLY P 82 53.79 45.62 -3.08
CA GLY P 82 53.12 46.07 -1.85
C GLY P 82 51.61 46.01 -1.96
N VAL P 83 51.09 46.17 -3.17
CA VAL P 83 49.65 46.02 -3.42
C VAL P 83 49.24 44.56 -3.20
N VAL P 84 50.02 43.66 -3.76
CA VAL P 84 49.73 42.25 -3.72
C VAL P 84 49.76 41.74 -2.27
N ILE P 85 50.71 42.24 -1.48
CA ILE P 85 50.80 41.84 -0.06
C ILE P 85 49.61 42.37 0.75
N ARG P 86 49.24 43.62 0.46
CA ARG P 86 48.10 44.27 1.06
C ARG P 86 46.85 43.42 0.85
N LEU P 87 46.52 43.12 -0.41
CA LEU P 87 45.34 42.35 -0.76
C LEU P 87 45.32 40.96 -0.14
N TYR P 88 46.50 40.38 0.02
CA TYR P 88 46.67 39.11 0.73
C TYR P 88 46.32 39.24 2.22
N ASP P 89 46.81 40.30 2.87
CA ASP P 89 46.48 40.60 4.27
C ASP P 89 45.01 40.87 4.51
N GLU P 90 44.37 41.52 3.53
CA GLU P 90 42.93 41.73 3.53
C GLU P 90 42.13 40.48 3.14
N GLY P 91 42.84 39.45 2.67
CA GLY P 91 42.22 38.19 2.27
C GLY P 91 41.52 38.19 0.92
N VAL P 92 41.75 39.21 0.07
CA VAL P 92 41.02 39.27 -1.20
C VAL P 92 41.75 38.49 -2.28
N ILE P 93 43.05 38.29 -2.11
CA ILE P 93 43.75 37.23 -2.88
C ILE P 93 44.28 36.12 -1.94
N PHE P 94 44.66 34.99 -2.52
CA PHE P 94 45.19 33.83 -1.79
C PHE P 94 46.70 33.68 -2.03
N LEU P 95 47.35 32.75 -1.32
CA LEU P 95 48.80 32.48 -1.50
C LEU P 95 49.26 32.38 -2.96
N PRO P 96 48.63 31.48 -3.76
CA PRO P 96 49.08 31.30 -5.17
C PRO P 96 49.21 32.60 -5.98
N ASN P 97 48.22 33.48 -5.90
CA ASN P 97 48.33 34.81 -6.48
C ASN P 97 49.61 35.52 -6.06
N VAL P 98 49.88 35.54 -4.76
CA VAL P 98 51.07 36.16 -4.20
C VAL P 98 52.33 35.56 -4.82
N MET P 99 52.34 34.24 -4.99
CA MET P 99 53.51 33.54 -5.51
C MET P 99 53.71 33.75 -7.00
N MET P 100 52.61 33.81 -7.75
CA MET P 100 52.67 34.15 -9.16
C MET P 100 53.25 35.57 -9.28
N SER P 101 52.83 36.45 -8.36
CA SER P 101 53.31 37.84 -8.33
C SER P 101 54.78 37.95 -7.96
N ALA P 102 55.20 37.27 -6.90
CA ALA P 102 56.59 37.32 -6.46
C ALA P 102 57.53 36.80 -7.55
N ASP P 103 57.06 35.77 -8.27
CA ASP P 103 57.80 35.19 -9.40
C ASP P 103 57.99 36.23 -10.49
N ALA P 104 56.90 36.86 -10.93
CA ALA P 104 56.94 37.87 -11.98
C ALA P 104 57.81 39.08 -11.61
N MET P 105 57.84 39.42 -10.32
CA MET P 105 58.64 40.52 -9.83
C MET P 105 60.13 40.18 -9.82
N LEU P 106 60.47 39.01 -9.29
CA LEU P 106 61.87 38.54 -9.27
C LEU P 106 62.48 38.45 -10.66
N GLU P 107 61.64 38.28 -11.68
CA GLU P 107 62.07 38.31 -13.08
C GLU P 107 62.31 39.75 -13.52
N GLY P 108 61.53 40.67 -12.95
CA GLY P 108 61.71 42.08 -13.17
C GLY P 108 63.03 42.55 -12.60
N ILE P 109 63.38 42.02 -11.43
CA ILE P 109 64.61 42.42 -10.74
C ILE P 109 65.87 41.93 -11.48
N GLU P 110 65.85 40.68 -11.94
CA GLU P 110 66.98 40.15 -12.72
C GLU P 110 67.10 40.85 -14.09
N TYR P 111 66.02 41.50 -14.52
CA TYR P 111 66.05 42.29 -15.75
C TYR P 111 66.62 43.69 -15.51
N CYS P 112 66.54 44.16 -14.26
CA CYS P 112 67.17 45.41 -13.86
C CYS P 112 68.64 45.19 -13.47
N LYS P 113 69.02 43.94 -13.26
CA LYS P 113 70.41 43.57 -13.00
C LYS P 113 71.22 43.60 -14.30
N GLU P 114 70.53 43.48 -15.43
CA GLU P 114 71.16 43.52 -16.75
C GLU P 114 71.38 44.95 -17.25
N ASN P 115 70.71 45.90 -16.60
CA ASN P 115 70.87 47.33 -16.89
C ASN P 115 71.54 48.04 -15.71
N SER P 116 72.19 47.25 -14.86
CA SER P 116 72.69 47.75 -13.58
C SER P 116 74.07 48.37 -13.67
N GLY P 117 75.11 47.58 -13.39
CA GLY P 117 76.46 48.11 -13.16
C GLY P 117 76.50 49.06 -11.96
N ALA P 118 75.38 49.12 -11.22
CA ALA P 118 75.20 50.01 -10.06
C ALA P 118 74.94 49.24 -8.75
N THR P 119 74.32 48.05 -8.85
CA THR P 119 74.01 47.15 -7.72
C THR P 119 72.79 47.60 -6.89
N PRO P 120 71.73 46.77 -6.85
CA PRO P 120 70.55 47.15 -6.05
C PRO P 120 70.87 47.08 -4.56
N LYS P 121 70.18 47.90 -3.77
CA LYS P 121 70.28 47.84 -2.31
C LYS P 121 68.93 47.46 -1.70
N THR P 122 68.95 46.56 -0.72
CA THR P 122 67.73 46.10 -0.03
C THR P 122 67.64 46.64 1.40
N LYS P 123 66.57 46.31 2.12
CA LYS P 123 66.43 46.73 3.52
C LYS P 123 67.37 45.97 4.47
N GLY P 124 68.13 45.01 3.93
CA GLY P 124 69.09 44.21 4.70
C GLY P 124 68.90 42.72 4.47
N THR P 125 69.96 41.94 4.69
CA THR P 125 69.95 40.49 4.43
C THR P 125 69.29 39.65 5.52
N VAL P 126 68.63 38.57 5.08
CA VAL P 126 68.02 37.56 5.95
C VAL P 126 68.31 36.14 5.43
N VAL P 127 68.75 35.29 6.34
CA VAL P 127 69.08 33.90 6.05
C VAL P 127 67.94 32.99 6.52
N CYS P 128 67.47 32.13 5.62
CA CYS P 128 66.31 31.28 5.87
C CYS P 128 66.68 29.81 5.67
N HIS P 129 66.27 28.95 6.62
CA HIS P 129 66.52 27.52 6.52
C HIS P 129 65.42 26.69 7.17
N VAL P 130 65.33 25.43 6.79
CA VAL P 130 64.48 24.47 7.48
C VAL P 130 65.45 23.71 8.37
N ALA P 131 65.02 23.42 9.60
CA ALA P 131 65.83 22.70 10.57
C ALA P 131 66.34 21.36 10.00
N GLU P 132 67.45 20.88 10.56
CA GLU P 132 68.02 19.63 10.07
C GLU P 132 67.19 18.43 10.51
N GLY P 133 66.93 17.55 9.55
CA GLY P 133 66.14 16.34 9.76
C GLY P 133 64.79 16.56 9.12
N ASP P 134 64.56 17.78 8.67
CA ASP P 134 63.25 18.22 8.26
C ASP P 134 63.25 18.62 6.81
N VAL P 135 62.19 18.21 6.12
CA VAL P 135 62.03 18.37 4.66
C VAL P 135 60.81 19.25 4.30
N HIS P 136 60.01 19.63 5.30
CA HIS P 136 58.84 20.50 5.10
C HIS P 136 59.21 21.94 4.71
N ASP P 137 58.72 22.34 3.53
CA ASP P 137 59.24 23.45 2.74
C ASP P 137 58.30 24.63 2.70
N ILE P 138 57.01 24.31 2.61
CA ILE P 138 55.99 25.25 2.17
C ILE P 138 55.96 26.52 3.01
N GLY P 139 56.11 26.34 4.31
CA GLY P 139 56.12 27.44 5.28
C GLY P 139 57.33 28.33 5.15
N LYS P 140 58.52 27.74 4.97
CA LYS P 140 59.74 28.51 4.68
C LYS P 140 59.55 29.33 3.38
N ASN P 141 59.04 28.68 2.34
CA ASN P 141 58.81 29.33 1.04
C ASN P 141 57.82 30.48 1.12
N ILE P 142 56.90 30.42 2.07
CA ILE P 142 56.03 31.58 2.32
C ILE P 142 56.81 32.67 3.06
N VAL P 143 57.60 32.28 4.07
CA VAL P 143 58.48 33.21 4.78
C VAL P 143 59.49 33.84 3.79
N THR P 144 60.02 33.00 2.90
CA THR P 144 60.92 33.44 1.85
C THR P 144 60.30 34.55 1.02
N ALA P 145 59.16 34.24 0.39
CA ALA P 145 58.51 35.16 -0.53
C ALA P 145 58.13 36.48 0.14
N LEU P 146 57.43 36.41 1.28
CA LEU P 146 56.98 37.60 2.03
C LEU P 146 58.10 38.53 2.51
N LEU P 147 59.29 37.97 2.69
CA LEU P 147 60.47 38.74 3.04
C LEU P 147 60.96 39.58 1.85
N ARG P 148 61.11 38.90 0.70
CA ARG P 148 61.48 39.52 -0.57
C ARG P 148 60.45 40.58 -0.95
N ALA P 149 59.19 40.28 -0.67
CA ALA P 149 58.07 41.15 -0.95
C ALA P 149 58.06 42.39 -0.04
N ASN P 150 58.79 42.32 1.07
CA ASN P 150 58.88 43.46 2.00
C ASN P 150 60.23 44.18 2.01
N GLY P 151 60.94 44.14 0.87
CA GLY P 151 62.15 44.92 0.67
C GLY P 151 63.45 44.25 1.09
N TYR P 152 63.36 42.98 1.49
CA TYR P 152 64.52 42.24 2.01
C TYR P 152 65.19 41.30 1.02
N ASN P 153 66.50 41.19 1.18
CA ASN P 153 67.32 40.25 0.44
C ASN P 153 67.46 39.00 1.26
N VAL P 154 66.97 37.89 0.71
CA VAL P 154 66.92 36.62 1.40
C VAL P 154 67.80 35.58 0.71
N VAL P 155 68.61 34.86 1.48
CA VAL P 155 69.27 33.68 0.94
C VAL P 155 68.69 32.41 1.54
N ASP P 156 68.14 31.57 0.67
CA ASP P 156 67.51 30.30 1.02
C ASP P 156 68.59 29.24 1.18
N LEU P 157 68.63 28.63 2.36
CA LEU P 157 69.59 27.56 2.66
C LEU P 157 69.05 26.18 2.31
N GLY P 158 67.78 26.12 1.93
CA GLY P 158 67.17 24.84 1.55
C GLY P 158 66.48 24.09 2.68
N ARG P 159 66.76 22.79 2.78
CA ARG P 159 65.93 21.86 3.55
C ARG P 159 66.56 21.29 4.81
N ASP P 160 67.36 20.25 4.67
CA ASP P 160 67.89 19.54 5.82
C ASP P 160 69.15 20.27 6.29
N VAL P 161 68.99 21.49 6.80
CA VAL P 161 70.14 22.40 7.01
C VAL P 161 70.85 22.18 8.35
N PRO P 162 72.06 21.60 8.30
CA PRO P 162 72.70 21.00 9.48
C PRO P 162 73.52 21.93 10.40
N ALA P 163 73.09 23.18 10.56
CA ALA P 163 73.60 24.09 11.61
C ALA P 163 74.90 24.85 11.29
N GLU P 164 76.01 24.11 11.19
CA GLU P 164 77.31 24.68 10.81
C GLU P 164 77.17 25.39 9.47
N GLU P 165 76.32 24.83 8.62
CA GLU P 165 76.01 25.44 7.34
C GLU P 165 75.27 26.77 7.57
N VAL P 166 74.45 26.83 8.61
CA VAL P 166 73.75 28.06 9.01
C VAL P 166 74.75 29.04 9.62
N LEU P 167 75.61 28.53 10.50
CA LEU P 167 76.71 29.30 11.10
C LEU P 167 77.55 30.00 10.05
N ALA P 168 78.00 29.26 9.06
CA ALA P 168 78.80 29.76 7.96
C ALA P 168 78.04 30.83 7.18
N ALA P 169 76.75 30.62 6.98
CA ALA P 169 75.93 31.52 6.17
C ALA P 169 75.77 32.87 6.84
N VAL P 170 75.64 32.85 8.15
CA VAL P 170 75.51 34.07 8.95
C VAL P 170 76.84 34.84 8.92
N GLN P 171 77.95 34.11 8.87
CA GLN P 171 79.25 34.76 8.83
C GLN P 171 79.54 35.42 7.47
N LYS P 172 79.00 34.85 6.40
CA LYS P 172 79.27 35.32 5.03
C LYS P 172 78.40 36.50 4.59
N GLU P 173 77.14 36.54 5.05
CA GLU P 173 76.19 37.53 4.54
C GLU P 173 75.85 38.58 5.59
N LYS P 174 76.29 38.33 6.83
CA LYS P 174 76.09 39.22 7.98
C LYS P 174 74.65 39.73 8.15
N PRO P 175 73.66 38.81 8.14
CA PRO P 175 72.26 39.22 8.05
C PRO P 175 71.80 39.92 9.33
N ILE P 176 70.69 40.63 9.22
CA ILE P 176 70.13 41.34 10.35
C ILE P 176 69.24 40.38 11.15
N MET P 177 68.88 39.28 10.49
CA MET P 177 67.98 38.27 11.03
C MET P 177 68.15 36.93 10.33
N LEU P 178 67.90 35.86 11.08
CA LEU P 178 67.86 34.50 10.59
C LEU P 178 66.45 33.95 10.87
N THR P 179 65.86 33.23 9.91
CA THR P 179 64.65 32.44 10.21
C THR P 179 64.93 30.94 10.17
N GLY P 180 64.16 30.19 10.94
CA GLY P 180 64.21 28.73 10.93
C GLY P 180 62.80 28.19 11.02
N THR P 181 62.56 27.05 10.38
CA THR P 181 61.28 26.41 10.40
C THR P 181 61.47 24.95 10.77
N ALA P 182 60.57 24.41 11.59
CA ALA P 182 60.52 23.00 11.94
C ALA P 182 59.06 22.54 12.09
N LEU P 183 58.76 21.34 11.65
CA LEU P 183 57.40 20.87 11.61
C LEU P 183 57.16 19.60 12.36
N MET P 184 58.21 19.08 12.97
CA MET P 184 58.12 17.80 13.67
C MET P 184 58.73 17.91 15.06
N THR P 185 58.11 17.20 16.01
CA THR P 185 58.63 17.13 17.38
C THR P 185 60.04 16.54 17.36
N THR P 186 60.32 15.80 16.30
CA THR P 186 61.53 15.03 16.13
C THR P 186 62.70 15.89 15.61
N THR P 187 62.43 17.19 15.45
CA THR P 187 63.21 18.07 14.62
C THR P 187 63.39 19.46 15.24
N MET P 188 62.48 19.83 16.15
CA MET P 188 62.47 21.12 16.82
C MET P 188 63.84 21.53 17.39
N TYR P 189 64.59 20.56 17.89
CA TYR P 189 65.81 20.89 18.63
C TYR P 189 67.00 21.37 17.81
N ALA P 190 66.88 21.24 16.49
CA ALA P 190 67.86 21.78 15.57
C ALA P 190 67.95 23.29 15.76
N PHE P 191 66.86 23.89 16.25
CA PHE P 191 66.82 25.31 16.61
C PHE P 191 67.79 25.56 17.75
N LYS P 192 67.76 24.66 18.74
CA LYS P 192 68.63 24.70 19.91
C LYS P 192 70.09 24.65 19.47
N GLU P 193 70.40 23.69 18.61
CA GLU P 193 71.73 23.55 18.01
C GLU P 193 72.19 24.81 17.28
N VAL P 194 71.27 25.47 16.58
CA VAL P 194 71.59 26.65 15.80
C VAL P 194 71.77 27.83 16.76
N ASN P 195 70.97 27.86 17.81
CA ASN P 195 71.01 28.93 18.80
C ASN P 195 72.33 28.94 19.56
N ASP P 196 72.63 27.84 20.25
CA ASP P 196 73.86 27.68 21.02
C ASP P 196 75.13 27.87 20.19
N MET P 197 75.18 27.22 19.03
CA MET P 197 76.35 27.32 18.15
C MET P 197 76.59 28.77 17.72
N LEU P 198 75.51 29.55 17.61
CA LEU P 198 75.61 30.97 17.27
C LEU P 198 76.20 31.80 18.40
N LEU P 199 75.78 31.51 19.63
CA LEU P 199 76.27 32.26 20.80
C LEU P 199 77.76 31.97 21.03
N GLU P 200 78.16 30.72 20.83
CA GLU P 200 79.54 30.30 21.05
C GLU P 200 80.48 30.83 19.96
N ASN P 201 80.00 31.78 19.17
CA ASN P 201 80.80 32.45 18.15
C ASN P 201 80.56 33.95 18.20
N GLY P 202 79.94 34.41 19.28
CA GLY P 202 79.75 35.83 19.51
C GLY P 202 78.68 36.49 18.66
N ILE P 203 77.70 35.72 18.22
CA ILE P 203 76.65 36.29 17.40
C ILE P 203 75.40 36.56 18.24
N LYS P 204 74.83 37.74 18.06
CA LYS P 204 73.61 38.11 18.77
C LYS P 204 72.63 38.74 17.79
N ILE P 205 72.19 37.95 16.81
CA ILE P 205 71.12 38.41 15.93
C ILE P 205 69.82 37.66 16.24
N PRO P 206 68.67 38.32 16.06
CA PRO P 206 67.42 37.62 16.34
C PRO P 206 67.19 36.43 15.40
N PHE P 207 66.66 35.35 15.99
CA PHE P 207 66.45 34.07 15.33
C PHE P 207 64.94 33.80 15.25
N ALA P 208 64.33 34.25 14.15
CA ALA P 208 62.88 34.13 13.95
C ALA P 208 62.41 32.69 13.65
N CYS P 209 61.84 32.03 14.67
CA CYS P 209 61.52 30.59 14.61
C CYS P 209 60.04 30.31 14.46
N GLY P 210 59.70 29.48 13.48
CA GLY P 210 58.30 29.12 13.25
C GLY P 210 58.15 27.68 12.85
N GLY P 211 56.98 27.34 12.33
CA GLY P 211 56.62 25.96 12.04
C GLY P 211 55.52 25.42 12.95
N GLY P 212 54.72 24.49 12.41
CA GLY P 212 53.58 23.92 13.10
C GLY P 212 53.88 23.22 14.41
N ALA P 213 55.10 22.69 14.55
CA ALA P 213 55.48 21.96 15.75
C ALA P 213 56.04 22.88 16.84
N VAL P 214 56.05 24.18 16.55
CA VAL P 214 56.72 25.15 17.40
C VAL P 214 55.73 26.16 17.97
N ASN P 215 55.91 26.46 19.25
CA ASN P 215 55.11 27.50 19.89
C ASN P 215 55.97 28.48 20.72
N GLN P 216 55.32 29.47 21.32
CA GLN P 216 56.04 30.55 21.98
C GLN P 216 56.98 30.08 23.08
N ASP P 217 56.44 29.30 24.01
CA ASP P 217 57.20 28.82 25.15
C ASP P 217 58.41 28.03 24.68
N PHE P 218 58.23 27.23 23.62
CA PHE P 218 59.35 26.51 23.04
C PHE P 218 60.51 27.42 22.66
N VAL P 219 60.28 28.42 21.79
CA VAL P 219 61.40 29.21 21.31
C VAL P 219 61.94 30.14 22.38
N SER P 220 61.12 30.44 23.38
CA SER P 220 61.54 31.35 24.45
C SER P 220 62.66 30.77 25.30
N GLN P 221 62.82 29.45 25.30
CA GLN P 221 63.85 28.80 26.09
C GLN P 221 65.26 28.93 25.46
N PHE P 222 65.31 29.51 24.25
CA PHE P 222 66.57 29.78 23.53
C PHE P 222 66.83 31.28 23.54
N ALA P 223 68.05 31.67 23.89
CA ALA P 223 68.34 33.09 24.11
C ALA P 223 68.04 33.99 22.90
N LEU P 224 68.27 33.49 21.69
CA LEU P 224 68.18 34.31 20.49
C LEU P 224 66.81 34.30 19.84
N GLY P 225 65.94 33.42 20.32
CA GLY P 225 64.67 33.11 19.66
C GLY P 225 63.51 34.07 19.85
N VAL P 226 62.88 34.39 18.73
CA VAL P 226 61.65 35.16 18.62
C VAL P 226 60.63 34.26 17.92
N TYR P 227 59.48 34.00 18.55
CA TYR P 227 58.46 33.16 17.92
C TYR P 227 57.61 33.92 16.90
N GLY P 228 57.53 33.38 15.70
CA GLY P 228 56.58 33.86 14.71
C GLY P 228 55.62 32.75 14.36
N GLU P 229 54.32 33.04 14.33
CA GLU P 229 53.36 31.99 13.96
C GLU P 229 52.84 32.11 12.53
N GLU P 230 52.60 33.33 12.08
CA GLU P 230 52.17 33.57 10.70
C GLU P 230 53.39 33.94 9.86
N ALA P 231 53.40 33.52 8.60
CA ALA P 231 54.49 33.86 7.68
C ALA P 231 54.76 35.37 7.65
N ALA P 232 53.69 36.15 7.54
CA ALA P 232 53.73 37.61 7.59
C ALA P 232 54.42 38.16 8.86
N ASP P 233 54.61 37.31 9.87
CA ASP P 233 55.30 37.72 11.11
C ASP P 233 56.81 37.87 10.90
N ALA P 234 57.34 37.22 9.86
CA ALA P 234 58.76 37.33 9.53
C ALA P 234 59.15 38.76 9.13
N PRO P 235 58.46 39.36 8.11
CA PRO P 235 58.73 40.75 7.73
C PRO P 235 58.42 41.76 8.85
N LYS P 236 57.42 41.47 9.66
CA LYS P 236 57.05 42.33 10.77
C LYS P 236 58.17 42.33 11.81
N ILE P 237 58.70 41.15 12.11
CA ILE P 237 59.86 41.06 13.01
C ILE P 237 61.13 41.65 12.34
N ALA P 238 61.24 41.48 11.02
CA ALA P 238 62.38 42.01 10.26
C ALA P 238 62.44 43.54 10.29
N ASP P 239 61.29 44.18 10.13
CA ASP P 239 61.21 45.64 10.13
C ASP P 239 61.49 46.22 11.50
N ALA P 240 61.20 45.44 12.54
CA ALA P 240 61.44 45.87 13.93
C ALA P 240 62.92 46.06 14.24
N ILE P 241 63.80 45.32 13.55
CA ILE P 241 65.25 45.49 13.71
C ILE P 241 65.71 46.73 12.97
N ILE P 242 65.10 46.97 11.82
CA ILE P 242 65.34 48.14 10.97
C ILE P 242 65.11 49.43 11.78
N ALA P 243 63.96 49.50 12.47
CA ALA P 243 63.64 50.63 13.36
C ALA P 243 64.57 50.77 14.59
N GLY P 244 65.47 49.80 14.78
CA GLY P 244 66.54 49.93 15.80
C GLY P 244 66.51 48.93 16.95
N THR P 245 65.39 48.22 17.10
CA THR P 245 65.21 47.25 18.18
C THR P 245 65.90 45.91 17.86
N THR P 246 66.99 45.64 18.58
CA THR P 246 67.82 44.47 18.34
C THR P 246 67.74 43.49 19.51
N ASP P 247 67.66 44.02 20.72
CA ASP P 247 67.55 43.23 21.94
C ASP P 247 66.41 42.21 21.82
N VAL P 248 66.70 40.96 22.12
CA VAL P 248 65.72 39.88 21.98
C VAL P 248 64.51 40.11 22.88
N THR P 249 64.77 40.44 24.14
CA THR P 249 63.74 40.67 25.15
C THR P 249 62.79 41.78 24.72
N GLU P 250 63.36 42.81 24.11
CA GLU P 250 62.66 43.99 23.59
C GLU P 250 61.69 43.60 22.47
N LEU P 251 62.15 42.70 21.59
CA LEU P 251 61.36 42.18 20.48
C LEU P 251 60.27 41.23 20.99
N ARG P 252 60.61 40.47 22.01
CA ARG P 252 59.71 39.50 22.60
C ARG P 252 58.44 40.14 23.11
N GLU P 253 58.56 41.31 23.75
CA GLU P 253 57.36 42.01 24.21
C GLU P 253 56.43 42.37 23.07
N LYS P 254 57.02 42.74 21.93
CA LYS P 254 56.24 43.11 20.76
C LYS P 254 55.55 41.91 20.10
N PHE P 255 56.19 40.74 20.16
CA PHE P 255 55.73 39.61 19.36
C PHE P 255 55.23 38.40 20.13
N HIS P 256 55.70 38.21 21.34
CA HIS P 256 55.17 37.18 22.23
C HIS P 256 53.77 37.57 22.78
N LYS P 257 53.45 37.07 23.97
CA LYS P 257 52.09 37.17 24.57
C LYS P 257 51.01 36.51 23.72
N HIS P 258 50.96 35.19 23.78
CA HIS P 258 50.07 34.38 22.95
C HIS P 258 49.04 33.64 23.77
#